data_5VHI
#
_entry.id   5VHI
#
loop_
_entity.id
_entity.type
_entity.pdbx_description
1 polymer '26S proteasome regulatory subunit 7'
2 polymer '26S proteasome regulatory subunit 4'
3 polymer '26S proteasome regulatory subunit 8'
4 polymer '26S proteasome regulatory subunit 6B'
5 polymer '26S proteasome regulatory subunit 10B'
6 polymer '26S proteasome regulatory subunit 6A'
7 polymer '26S proteasome non-ATPase regulatory subunit 1'
8 polymer '26S proteasome non-ATPase regulatory subunit 3'
9 polymer '26S proteasome non-ATPase regulatory subunit 12'
10 polymer '26S proteasome non-ATPase regulatory subunit 11'
11 polymer '26S proteasome non-ATPase regulatory subunit 6'
12 polymer '26S proteasome non-ATPase regulatory subunit 7'
13 polymer '26S proteasome non-ATPase regulatory subunit 13'
14 polymer '26S proteasome non-ATPase regulatory subunit 4'
15 polymer '26S proteasome non-ATPase regulatory subunit 14'
16 polymer '26S proteasome non-ATPase regulatory subunit 8'
17 polymer '26S proteasome non-ATPase regulatory subunit 10'
18 polymer '26S proteasome complex subunit SEM1'
19 polymer '26S proteasome non-ATPase regulatory subunit 2'
20 non-polymer 'ZINC ION'
#
loop_
_entity_poly.entity_id
_entity_poly.type
_entity_poly.pdbx_seq_one_letter_code
_entity_poly.pdbx_strand_id
1 'polypeptide(L)'
;APPALWDLAADKQTLQSEQPLQVARCTKIINADSEDPKYIINVKQFAKFVVDLSDQVAPTDIEEGMRVGVDRNKYQIHIP
LPPKIDPTVTMMQVEEKPDVTYSDVGGCKEQIEKLREVVETPLLHPERFVNLGIEPPKGVLLFGPPGTGKTLCARAVANR
TDACFIRVIGSELVQKYVGEGARMVRELFEMARTKKACLIFFDEIDAIGGARFDDGAGGDNEVQRTMLELINQLDGFDPR
GNIKVLMATNRPDTLDPALMRPGRLDRKIEFSLPDLEGRTHIFKIHARSMSVERDIRFELLARLCPNSTGAEIRSVCTEA
GMFAIRARRKIATEKDFLEAVNKVIKSYAKFS
;
A
2 'polypeptide(L)'
;EEERSKVDDLRGTPMSVGTLEEIIDDNHAIVSTSVGSEHYVSILSFVDKDLLEPGCSVLLNHKVHAVIGVLMDDTDPLVT
VMKVEKAPQETYADIGGLDNQIQEIKESVELPLTHPEYYEEMGIKPPKGVILYGPPGTGKTLLAKAVANQTSATFLRVVG
SELIQKYLGDGPKLVRELFRVAEEHAPSIVFIDEIDAIGTKRYDSNSGGEREIQRTMLELLNQLDGFDSRGDVKVIMATN
RIETLDPALIRPGRIDRKIEFPLPDEKTKKRIFQIHTSRMTLADDVTLDDLIMAKDDLSGADIKAICTEAGLMALRERRM
KVTNEDFKKSKENVLYKKQEG
;
B
3 'polypeptide(L)'
;LEEGKAGSGLRQYYLSKIEELQLIVNDKSQNLRRLQAQRNELNAKVRLLREELQLLQEQGSYVGEVVRAMDKKKVLVKVH
PEGKFVVDVDKNIDINDVTPNCRVALRNDSYTLHKILPNKVDPLVSLMMVEKVPDSTYEMIGGLDKQIKEIKEVIELPVK
HPELFEALGIAQPKGVLLYGPPGTGKTLLARAVAHHTDCTFIRVSGSELVQKFIGEGARMVRELFVMAREHAPSIIFMDE
IDSIGSSRLEGGSGGDSEVQRTMLELLNQLDGFEATKNIKVIMATNRIDILDSALLRPGRIDRKIEFPPPNEEARLDILK
IHSRKMNLTRGINLRKIAELMPGASGAEVKGVCTEAGMYALRERRVHVTQEDFEMAVAKVMQKDS
;
C
4 'polypeptide(L)'
;DLYSRYKKLQQELEFLEVQEEYIKDEQKNLKKEFLHAQEEVKRIQSIPLVIGQFLEAVDQNTAIVGSTTGSNYYVRILST
IDRELLKPNASVALHKHSNALVDVLPPEADSSIMMLTSDQKPDVMYADIGGMDIQKQEVREAVELPLTHFELYKQIGIDP
PRGVLMYGPPGCGKTMLAKAVAHHTTAAFIRVVGSEFVQKYLGEGPRMVRDVFRLAKENAPAIIFIDEIDAIATKRFDAQ
TGADREVQRILLELLNQMDGFDQNVNVKVIMATNRADTLDPALLRPGRLDRKIEFPLPDRRQKRLIFSTITSKMNLSEEV
DLEDYVARPDKISGADINSICQESGMLAVRENRYIVLAKDFEKAYKTV
;
D
5 'polypeptide(L)'
;DYRKKLLEHKEIDGRLKELREQLKELTKQYEKSENDLKALQSVGQIVGEVLKQLTEEKFIVKATNGPRYVVGCRRQLDKS
KLKPGTRVALDMTTLTIMRYLPREVDPLVYNMSHEDPGNVSYSEIGGLSEQIRELREVIELPLTNPELFQRVGIIPPKGC
LLYGPPGTGKTLLARAVASQLDCNFLKVVSSSIVDKYIGESARLIREMFNYARDHQPCIIFMDEIDAIGGRRFSEGTSAD
REIQRTLMELLNQMDGFDTLHRVKMIMATNRPDTLDPALLRPGRLDRKIHIDLPNEQARLDILKIHAGPITKHGEIDYEA
IVKLSDGFNGADLRNVCTEAGMFAIRADHDFVVQEDFMKAVRKVADSKKLESKLDYKPV
;
E
6 'polypeptide(L)'
;KIMKSEVLRVTHELQAMKDKIKENSEKIKVNKTLPYLVSNVIELLDVDPNDQEEDGANIDLDSQRKGKCAVIKTSTRQTY
FLPVIGLVDAEKLKPGDLVGVNKDSYLILETLPTEYDSRVKAMEVDERPTEQYSDIGGLDKQIQELVEAIVLPMNHKEKF
ENLGIQPPKGVLMYGPPGTGKTLLARACAAQTKATFLKLAGPQLVQMFIGDGAKLVRDAFALAKEKAPSIIFIDELDAIG
TKRFDSEKAGDREVQRTMLELLNQLDGFQPNTQVKVIAATNRVDILDPALLRSGRLDRKIEFPMPNEEARARIMQIHSRK
MNVSPDVNYEELARCTDDFNGAQCKAVCVEAGMIALRRGATELTHEDYMEGILEVQAKKK
;
F
7 'polypeptide(L)'
;MITSAAGIISLLDEDEPQLKEFALHKLNAVVNDFWAEISESVDKIEVLYEDEGFRSRQFAALVASKVFYHLGAFEESLNY
ALGAGDLFNVNDNSEYVETIIAKCIDHYTKQCVENADLPEGEKKPIDQRLEGIVNKMFQRCLDDHKYKQAIGIALETRRL
DVFEKTILESNDVPGMLAYSLKLCMSLMQNKQFRNKVLRVLVKIYMNLEKPDFINVCQCLIFLDDPQAVSDILEKLVKED
NLLMAYQICFDLYESASQQFLSSVIQNLRTVGTPIASVPGSTNTGTVPGSEKDSDSMETEEKTSSAFVGKTPEASPEPKD
QTLKMIKILSGEMAIELHLQFLIRNNNTDLMILKNTKDAVRNSVCHTATVIANSFMHCGTTSDQFLRDNLEWLARATNWA
KFTATASLGVIHKGHEKEALQLMATYLPKDTSPGSAYQEGGGLYALGLIHANHGGDIIDYLLNQLKNASNDIVRHGGSLG
LGLAAMGTARQDVYDLLKTNLYQDDAVTGEAAGLALGLVMLGSKNAQAIEDMVGYAQETQHEKILRGLAVGIALVMYGRM
EEADALIESLCRDKDPILRRSGMYTVAMAYCGSGNNKAIRRLLHVAVSDVNDDVRRAAVESLGFILFRTPEQCPSVVSLL
SESYNPHVRYGAAMALGICCAGTGNKEAINLLEPMTNDPVNYVRQGALIASALIMIQQTEITCPKVNQFRQLYSKVINDK
HDDVMAKFGAILAQGILDAGGHNVTISLQSRTGHTHMPSVVGVLVFTQFWFWFPLSHFLSLAYTPTCVIGLNKDLKMPKV
QYKSNCKPSTFAYPAPLEVPKEKEKEKVSTAVLSITAKAKKKEKEKEKKEEEKMEVDEAEKKEEKEKKKEPEPNFQLLDN
PARVMPAQLKVLTMPETCRYQPFKPLSIGGIIILKDTSEDIEELVEPVAAHGPKI
;
U
8 'polypeptide(L)'
;PPGGGEQEPPPPPAPQDVEMKEEAATGGGSTGEADGKTAAAAAEHSQRELDTVTLEDIKEHVKQLEKAVSGKEPRFVLRA
LRMLPSTSRRLNHYVLYKAVQGFFTSNNATRDFLLPFLEEPMDTEADLQFRPRTGKAASTPLLPEVEAYLQLLVVIFMMN
SKRYKEAQKISDDLMQKISTQNRRALDLVAAKCYYYHARVYEFLDKLDVVRSFLHARLRTATLRHDADGQATLLNLLLRN
YLHYSLYDQAEKLVSKSVFPEQANNNEWARYLYYTGRIKAIQLEYSEARRTMTNALRKAPQHTAVGFKQTVHKLLIVVEL
LLGEIPDRLQFRQPSLKRSLMPYFLLTQAVRTGNLAKFNQVLDQFGEKFQADGTYTLIIRLRHNVIKTGVRMISLSYSRI
SLADIAQKLQLDSPEDAEFIVAKAIRDGVIEASINHEKGYVQSKEMIDIYSTREPQLAFHQRISFCLDIHNMSVKAMRFP
PKSYNKDL
;
V
9 'polypeptide(L)'
;MADGGSERADGRIVKMEVDYSATVDQRLPECAKLAKEGRLQEVIETLLSLEKQTRTASDMVSTSRILVAVVKMCYEAKEW
DLLNENIMLLSKRRSQLKQAVAKMVQQCCTYVEEITDLPIKLRLIDTLRMVTEGKIYVEIERARLTKTLATIKEQNGDVK
EAASILQELQVETYGSMEKKERVEFILEQMRLCLAVKDYIRTQIISKKINTKFFQEENTEKLKLKYYNLMIQLDQHEGSY
LSICKHYRAIYDTPCIQAESEKWQQALKSVVLYVILAPFDNEQSDLVHRISGDKKLEEIPKYKDLLKLFTTMELMRWSTL
VEDYGMELRKGSLESPATDVFGSTEEGEKRWKDLKNRVVEHNIRIMAKYYTRITMKRMAQLLDLSVDESEAFLSNLVVNK
TIFAKVDRLAGIINFQRPKDPNNLLNDWSQKLNSLMSLVNKTTHLIAKEEMIHNLQ
;
W
10 'polypeptide(L)'
;NDEEAVQVKEQSILELGSLLAKTGQAAELGGLLKYVRPFLNSISKAKAARLVRSLLDLFLDMEAATGQEVELCLECIEWA
KSEKRTFLRQALEARLVSLYFDTKRYQEALHLGSQLLRELKKMDDKALLVEVQLLESKTYHALSNLPKARAALTSARTTA
NAIYCPPKLQATLDMQSGIIHAAEEKDWKTAYSYFYEAFEGYDSIDSPKAITSLKYMLLCKIMLNTPEDVQALVSGKLAL
RYAGRQTEALKCVAQASKNRSLADFEKALTDYRAELRDDPIISTHLAKLYDNLLEQNLIRVIEPFSRVQIEHISSLIKLS
KADVERKLSQMILDKKFHGILDQGEGVLIIFDEPPVDKTYEAALETIQNMSKVVDSLYNKAKKLT
;
X
11 'polypeptide(L)'
;PKNPDLRIAQLRFLLSLPEHRGDAAVRDELMAAVRDNNMAPYYEALCKSLDWQIDVDLLNKMKKANEDELKRLDEELEDA
EKNLGESEIRDAMMAKAEYLCRIGDKEGALTAFRKTYDKTVALGHRLDIVFYLLRIGLFYMDNDLITRNTEKAKSLIEEG
GDWDRRNRLKVYQGLYCVAIRDFKQAAELFLDTVSTFTSYELMDYKTFVTYTVYVSMIALERPDLREKVIKGAEILEVLH
SLPAVRQYLFSLYECRYSVFFQSLAVVEQEMKKDWLFAPHYRYYVREMRIHAYSQLLESYRSLTLGYMAEAFGVGVEFID
QELSRFIAAGRLHCKIDKVNEIVETNRPDSKNWQYQETIKKGDLLLNRVQKLSRVINM
;
Y
12 'polypeptide(L)'
;AVQKVVVHPLVLLSVVDHFNRIGKVGNQKRVVGVLLGSWQKKVLDVSNSFAVPFDEDDKDDSVWFLDHDYLENMYGMFKK
VNARERIVGWYHTGPKLHKNDIAINELMKRYCPNSVLVIIDVKPKDLGLPTEAYISVEEVHDDGTPTSKTFEHVTSEIGA
EEAEEVGVEHLLRDIKDTTVGTLSQRITNQVHGLKGLNSKLLDIRSYLEKVATGKLPINHQIIYQLQDVFNLLPDVSLQE
FVKAFYLKTNDQMVVVYLASLIRSVVALHNLINNKIANRDAEKKEG
;
Z
13 'polypeptide(L)'
;DVPGFLQQSQNSGPGQPAVWHRLEELYTKKLWHQLTLQVLDFVQDPCFAQGDGLIKLYENFISEFEHRVNPLSLVEIILH
VVRQMTDPNVALTFLEKTREKVKSSDEAVILCKTAIGALKLNIGDLQVTKETIEDVEEMLNNLPGVTSVHSRFYDLSSKY
YQTIGNHASYYKDALRFLGCVDIKDLPVSEQQERAFTLGLAGLLGEGVFNFGELLMHPVLESLRNTDRQWLIDTLYAFNS
GNVERFQTLKTAWGQQPDLAANEAQLLRKIQLLCLMEMTFTRPANHRQLTFEEIAKSAKITVNEVELLVMKALSVGLVKG
SIDEVDKRVHMTWVQPRVLDLQQIKGMKDRLEFWCTDVKSMEMLVEHQAHDILT
;
a
14 'polypeptide(L)'
;MVLESTMVCVDNSEYMRNGDFLPTRLQAQQDAVNIVCHSKTRSNPENNVGLITLANDCEVLTTLTPDTGRILSKLHTVQP
KGKITFCTGIRVAHLALKHRQGKNHKMRIIAFVGSPVEDNEKDLVKLAKRLKKEKVNVDIINFGEEEVNTEKLTAFVNTL
NGKDGTGSHLVTVPPGPSLADALISSPILAG
;
b
15 'polypeptide(L)'
;AVDTAEQVYISSLALLKMLKHGRAGVPMEVMGLMLGEFVDDYTVRVIDVFAMPQSGTGVSVEAVDPVFQAKMLDMLKQTG
RPEMVVGWYHSHPGFGCWLSGVDINTQQSFEALSERAVAVVVDPIQSVKGKVVIDAFRLINANMMVLGHEPRQTTSNLGH
LNKPSIQALIHGLNRHYYSITINYRKNELEQKMLLNLHKKSWMEGLTLQDYSEHCKHNESVVKEMLELAKNYNKAVEEED
KMTPEQLAIKNVGKQDPKRHLEEHVDVLMTSNIVQCLAAMLDTVVFK
;
c
16 'polypeptide(L)'
;MYEQLKGEWNRKSPNLSKCGEELGRLKLVLLELNFLPTTGTKLTKQQLILARDILEIGAQWSILRKDIPSFERYMAQLKC
YYFDYKEQLPESAYMHQLLGLNLLFLLSQNRVAEFHTELERLPAKDIQTNVYIKHPVSLEQYLMEGSYNKVFLAKGNIPA
ESYTFFIDILLDTIRDEIAGCIEKAYEKILFTEATRILFFNTPKKMTDYAKKRGWVLGPNNYYSFASQQQKPEDTTIPST
ELAKQVIEYARQLEMIV
;
d
17 'polypeptide(L)'
;MEGCVSNLMVCNLAYSGKLEELKESILADKSLATRTDQDSRTALHWACSAGHTEIVEFLLQLGVPVNDKDDAGWSPLHIA
ASAGRDEIVKALLGKGAQVNAVNQNGCTPLHYAASKNRHEIAVMLLEGGANPDAKDHYEATAMHRAAAKGNLKMIHILLY
YKASTNIQDTEGNTPLHLACDEERVEEAKLLVSQGASIYIENKEEKTPLQVAKGGLGLILKRMVEG
;
G
18 'polypeptide(L)' MSEKKQPVDLGLLEEDDEFEEFPAEDWAGLDEDEDAHVWEDNWDDDNVEDDFSNQLRAELEKHGYKMETS e
19 'polypeptide(L)'
;RDKAPVQPQQSPAAAPGGTDEKPSGKERRDAGDKDKEQELSEEDKQLQDELEMLVERLGEKDTSLYRPALEELRRQIRSS
TTSMTSVPKPLKFLRPHYGKLKEIYENMAPGENKRFAADIISVLAMTMSGERECLKYRLVGSQEELASWGHEYVRHLAGE
VAKEWQELDDAEKVQREPLLTLVKEIVPYNMAHNAEHEACDLLMEIEQVDMLEKDIDENAYAKVCLYLTSCVNYVPEPEN
SALLRCALGVFRKFSRFPEALRLALMLNDMELVEDIFTSCKDVVVQKQMAFMLGRHGVFLELSEDVEEYEDLTEIMSNVQ
LNSNFLALARELDIMEPKVPDDIYKTHLENNRFGGSGSQVDSARMNLASSFVNGFVNAAFGQDKLLTDDGNKWLYKNKDH
GMLSAAASLGMILLWDVDGGLTQIDKYLYSSEDYIKSGALLACGIVNSGVRNECDPALALLSDYVLHNSNTMRLGSIFGL
GLAYAGSNREDVLTLLLPVMGDSKSSMEVAGVTALACGMIAVGSCNGDVTSTILQTIMEKSETELKDTYARWLPLGLGLN
HLGKGEAIEAILAALEVVSEPFRSFANTLVDVCAYAGSGNVLKVQQLLHICSEHFDSKEKEEDKDKKEKKDKDKKEAPAD
MGAHQGVAVLGIALIAMGEEIGAEMALRTFGHLLRYGEPTLRRAVPLALALISVSNPRLNILDTLSKFSHDADPEVSYNS
IFAMGMVGSGTNNARLAAMLRQLAQYHAKDPNNLFMVRLAQGLTHLGKGTLTLCPYHSDRQLMSQVAVAGLLTVLVSFLD
VRNIILGKSHYVLYGLVAAMQPRMLVTFDEELRPLPVSVRVGQAVDVV
;
f
#
loop_
_chem_comp.id
_chem_comp.type
_chem_comp.name
_chem_comp.formula
ZN non-polymer 'ZINC ION' 'Zn 2'
#
# COMPACT_ATOMS: atom_id res chain seq x y z
N ALA A 1 -8.79 -16.46 -52.42
CA ALA A 1 -7.48 -17.10 -52.26
C ALA A 1 -6.69 -17.19 -53.57
N PRO A 2 -7.34 -17.56 -54.69
CA PRO A 2 -6.56 -17.51 -55.94
C PRO A 2 -6.01 -16.13 -56.33
N PRO A 3 -6.79 -15.03 -56.15
CA PRO A 3 -6.14 -13.75 -56.46
C PRO A 3 -5.04 -13.39 -55.47
N ALA A 4 -5.10 -13.99 -54.28
CA ALA A 4 -4.10 -13.70 -53.24
C ALA A 4 -2.93 -14.67 -53.32
N LEU A 5 -2.98 -15.59 -54.28
CA LEU A 5 -1.96 -16.61 -54.44
C LEU A 5 -0.69 -16.00 -55.03
N TRP A 6 -0.79 -15.50 -56.25
CA TRP A 6 0.33 -14.84 -56.92
C TRP A 6 0.88 -13.67 -56.10
N ASP A 7 0.00 -13.02 -55.34
CA ASP A 7 0.40 -11.92 -54.48
C ASP A 7 1.18 -12.45 -53.28
N LEU A 8 0.77 -13.60 -52.76
CA LEU A 8 1.48 -14.25 -51.66
C LEU A 8 2.86 -14.68 -52.14
N ALA A 9 2.95 -15.09 -53.39
CA ALA A 9 4.22 -15.46 -54.00
C ALA A 9 5.06 -14.21 -54.27
N ALA A 10 4.38 -13.07 -54.41
CA ALA A 10 5.05 -11.80 -54.64
C ALA A 10 5.31 -11.09 -53.32
N ASP A 11 4.98 -11.74 -52.21
CA ASP A 11 5.17 -11.18 -50.89
C ASP A 11 6.58 -11.47 -50.37
N LYS A 12 7.37 -12.17 -51.17
CA LYS A 12 8.72 -12.55 -50.77
C LYS A 12 9.67 -11.37 -50.68
N GLN A 13 9.65 -10.50 -51.70
CA GLN A 13 10.56 -9.36 -51.74
C GLN A 13 10.06 -8.21 -50.87
N THR A 14 8.83 -8.35 -50.34
CA THR A 14 8.26 -7.34 -49.47
C THR A 14 9.01 -7.26 -48.14
N LEU A 15 9.66 -8.36 -47.77
CA LEU A 15 10.47 -8.39 -46.56
C LEU A 15 11.71 -7.52 -46.73
N GLN A 16 12.29 -7.55 -47.93
CA GLN A 16 13.46 -6.73 -48.24
C GLN A 16 13.04 -5.31 -48.59
N SER A 17 11.76 -5.13 -48.90
CA SER A 17 11.21 -3.82 -49.20
C SER A 17 10.57 -3.21 -47.95
N GLU A 18 10.64 -3.94 -46.84
CA GLU A 18 10.02 -3.51 -45.60
C GLU A 18 10.84 -2.44 -44.89
N GLN A 19 12.16 -2.44 -45.12
CA GLN A 19 13.06 -1.53 -44.45
C GLN A 19 12.75 -0.04 -44.72
N PRO A 20 12.53 0.34 -46.00
CA PRO A 20 12.12 1.74 -46.16
C PRO A 20 10.62 1.92 -46.10
N LEU A 21 10.16 3.17 -46.17
CA LEU A 21 8.74 3.51 -46.30
C LEU A 21 7.90 3.10 -45.08
N GLN A 22 8.51 2.37 -44.15
CA GLN A 22 7.78 1.78 -43.03
C GLN A 22 7.42 2.80 -41.95
N VAL A 23 8.14 3.92 -41.95
CA VAL A 23 7.97 4.92 -40.89
C VAL A 23 6.74 5.80 -41.11
N ALA A 24 5.90 5.89 -40.08
CA ALA A 24 4.71 6.72 -40.15
C ALA A 24 4.52 7.54 -38.87
N ARG A 25 4.53 8.86 -39.01
CA ARG A 25 4.28 9.77 -37.89
C ARG A 25 2.80 10.15 -37.87
N CYS A 26 2.03 9.49 -38.73
CA CYS A 26 0.58 9.70 -38.85
C CYS A 26 0.25 11.06 -39.43
N THR A 27 1.08 11.53 -40.36
CA THR A 27 0.80 12.71 -41.19
C THR A 27 0.40 13.96 -40.39
N LYS A 28 1.35 14.53 -39.67
CA LYS A 28 1.11 15.78 -38.95
C LYS A 28 1.06 16.94 -39.93
N ILE A 29 0.08 17.83 -39.76
CA ILE A 29 -0.11 18.95 -40.68
C ILE A 29 0.59 20.22 -40.18
N ILE A 30 1.16 20.98 -41.11
CA ILE A 30 1.88 22.20 -40.76
C ILE A 30 0.93 23.38 -40.60
N ASN A 31 1.49 24.54 -40.28
CA ASN A 31 0.71 25.76 -40.12
C ASN A 31 1.28 26.91 -40.94
N ALA A 32 2.46 27.39 -40.55
CA ALA A 32 3.13 28.46 -41.26
C ALA A 32 4.64 28.32 -41.13
N ASP A 33 5.38 29.24 -41.74
CA ASP A 33 6.84 29.21 -41.69
C ASP A 33 7.42 30.57 -41.36
N SER A 34 8.10 30.65 -40.21
CA SER A 34 8.77 31.88 -39.82
C SER A 34 10.10 32.02 -40.54
N GLU A 35 10.80 30.91 -40.68
CA GLU A 35 12.09 30.87 -41.37
C GLU A 35 12.29 29.53 -42.06
N ASP A 36 13.10 29.52 -43.12
CA ASP A 36 13.28 28.31 -43.93
C ASP A 36 13.93 27.09 -43.25
N PRO A 37 14.95 27.28 -42.39
CA PRO A 37 15.52 26.07 -41.78
C PRO A 37 14.56 25.34 -40.85
N LYS A 38 13.80 26.08 -40.04
CA LYS A 38 12.93 25.47 -39.05
C LYS A 38 11.45 25.75 -39.32
N TYR A 39 10.65 24.68 -39.35
CA TYR A 39 9.21 24.81 -39.58
C TYR A 39 8.43 24.32 -38.36
N ILE A 40 7.28 24.95 -38.12
CA ILE A 40 6.41 24.56 -37.02
C ILE A 40 5.24 23.71 -37.53
N ILE A 41 5.12 22.50 -36.98
CA ILE A 41 4.11 21.55 -37.43
C ILE A 41 3.20 21.13 -36.26
N ASN A 42 1.89 21.12 -36.51
CA ASN A 42 0.92 20.76 -35.48
C ASN A 42 0.22 19.43 -35.77
N VAL A 43 0.48 18.44 -34.94
CA VAL A 43 -0.13 17.12 -35.09
C VAL A 43 -1.59 17.17 -34.67
N LYS A 44 -2.37 16.19 -35.11
CA LYS A 44 -3.81 16.14 -34.81
C LYS A 44 -4.08 15.91 -33.32
N GLN A 45 -3.02 15.60 -32.57
CA GLN A 45 -3.13 15.41 -31.13
C GLN A 45 -2.95 16.73 -30.39
N PHE A 46 -2.87 17.81 -31.16
CA PHE A 46 -2.69 19.16 -30.65
C PHE A 46 -1.34 19.32 -29.97
N ALA A 47 -0.32 18.69 -30.54
CA ALA A 47 1.05 18.84 -30.06
C ALA A 47 1.93 19.41 -31.18
N LYS A 48 2.45 20.61 -30.96
CA LYS A 48 3.26 21.27 -31.98
C LYS A 48 4.68 20.73 -32.01
N PHE A 49 5.12 20.27 -33.19
CA PHE A 49 6.45 19.73 -33.35
C PHE A 49 7.26 20.57 -34.34
N VAL A 50 8.58 20.59 -34.17
CA VAL A 50 9.47 21.34 -35.04
C VAL A 50 10.57 20.45 -35.60
N VAL A 51 10.77 20.50 -36.91
CA VAL A 51 11.82 19.72 -37.56
C VAL A 51 12.33 20.44 -38.82
N ASP A 52 13.61 20.25 -39.10
CA ASP A 52 14.22 20.84 -40.29
C ASP A 52 13.85 20.05 -41.54
N LEU A 53 13.81 20.72 -42.68
CA LEU A 53 13.46 20.07 -43.94
C LEU A 53 14.61 19.21 -44.46
N SER A 54 14.29 18.02 -44.93
CA SER A 54 15.30 17.11 -45.47
C SER A 54 15.75 17.55 -46.85
N ASP A 55 16.69 16.79 -47.43
CA ASP A 55 17.22 17.10 -48.75
C ASP A 55 16.43 16.40 -49.84
N GLN A 56 15.52 15.51 -49.44
CA GLN A 56 14.72 14.76 -50.39
C GLN A 56 13.48 15.55 -50.83
N VAL A 57 13.17 16.61 -50.09
CA VAL A 57 12.02 17.45 -50.39
C VAL A 57 12.42 18.90 -50.61
N ALA A 58 12.08 19.43 -51.78
CA ALA A 58 12.38 20.81 -52.11
C ALA A 58 11.49 21.77 -51.32
N PRO A 59 12.06 22.91 -50.89
CA PRO A 59 11.32 23.91 -50.11
C PRO A 59 10.25 24.61 -50.94
N THR A 60 10.38 24.55 -52.26
CA THR A 60 9.42 25.19 -53.15
C THR A 60 8.20 24.29 -53.37
N ASP A 61 8.31 23.04 -52.95
CA ASP A 61 7.22 22.08 -53.09
C ASP A 61 6.34 22.04 -51.84
N ILE A 62 6.66 22.89 -50.87
CA ILE A 62 5.90 22.95 -49.63
C ILE A 62 4.81 24.01 -49.70
N GLU A 63 3.57 23.60 -49.43
CA GLU A 63 2.44 24.52 -49.45
C GLU A 63 1.87 24.70 -48.05
N GLU A 64 1.30 25.88 -47.80
CA GLU A 64 0.72 26.20 -46.50
C GLU A 64 -0.51 25.34 -46.23
N GLY A 65 -0.52 24.66 -45.09
CA GLY A 65 -1.62 23.79 -44.72
C GLY A 65 -1.72 22.58 -45.61
N MET A 66 -0.60 21.90 -45.82
CA MET A 66 -0.57 20.72 -46.68
C MET A 66 -0.14 19.48 -45.91
N ARG A 67 -0.84 18.37 -46.14
CA ARG A 67 -0.53 17.11 -45.47
C ARG A 67 0.50 16.31 -46.25
N VAL A 68 1.60 15.97 -45.60
CA VAL A 68 2.67 15.19 -46.23
C VAL A 68 3.17 14.08 -45.32
N GLY A 69 3.69 13.02 -45.93
CA GLY A 69 4.26 11.90 -45.17
C GLY A 69 5.52 12.31 -44.44
N VAL A 70 5.58 12.00 -43.15
CA VAL A 70 6.70 12.41 -42.32
C VAL A 70 7.21 11.25 -41.46
N ASP A 71 8.53 11.11 -41.38
CA ASP A 71 9.16 10.06 -40.58
C ASP A 71 8.85 10.24 -39.09
N ARG A 72 8.65 9.12 -38.40
CA ARG A 72 8.40 9.15 -36.96
C ARG A 72 9.68 8.93 -36.18
N ASN A 73 10.78 8.71 -36.89
CA ASN A 73 12.07 8.45 -36.26
C ASN A 73 13.04 9.61 -36.46
N LYS A 74 13.42 9.85 -37.70
CA LYS A 74 14.30 10.96 -38.04
C LYS A 74 13.55 12.28 -38.04
N TYR A 75 12.22 12.18 -37.92
CA TYR A 75 11.31 13.32 -37.82
C TYR A 75 11.25 14.16 -39.09
N GLN A 76 12.10 13.85 -40.07
CA GLN A 76 12.15 14.60 -41.31
C GLN A 76 11.08 14.12 -42.30
N ILE A 77 11.04 14.75 -43.46
CA ILE A 77 10.07 14.39 -44.49
C ILE A 77 10.75 13.66 -45.65
N HIS A 78 10.49 12.36 -45.76
CA HIS A 78 11.08 11.56 -46.82
C HIS A 78 10.41 11.81 -48.17
N ILE A 79 9.08 11.73 -48.18
CA ILE A 79 8.32 11.93 -49.40
C ILE A 79 6.99 12.65 -49.09
N PRO A 80 6.56 13.55 -50.00
CA PRO A 80 5.23 14.15 -49.86
C PRO A 80 4.15 13.31 -50.54
N LEU A 81 2.90 13.76 -50.45
CA LEU A 81 1.80 13.04 -51.08
C LEU A 81 0.77 14.02 -51.67
N PRO A 82 0.19 13.65 -52.82
CA PRO A 82 -0.81 14.49 -53.51
C PRO A 82 -2.07 14.82 -52.68
N PRO A 83 -2.68 13.86 -51.98
CA PRO A 83 -3.85 14.30 -51.23
C PRO A 83 -3.48 15.03 -49.94
N CYS A 108 -34.66 37.40 -72.34
CA CYS A 108 -34.22 38.79 -72.35
C CYS A 108 -33.60 39.16 -73.70
N LYS A 109 -33.29 40.43 -73.87
CA LYS A 109 -32.69 40.93 -75.12
C LYS A 109 -31.43 41.73 -74.84
N GLU A 110 -31.59 42.88 -74.20
CA GLU A 110 -30.46 43.73 -73.87
C GLU A 110 -29.69 43.21 -72.66
N GLN A 111 -30.44 42.82 -71.62
CA GLN A 111 -29.84 42.36 -70.37
C GLN A 111 -29.03 41.08 -70.57
N ILE A 112 -29.57 40.15 -71.34
CA ILE A 112 -28.89 38.88 -71.61
C ILE A 112 -27.59 39.13 -72.37
N GLU A 113 -27.57 40.16 -73.22
CA GLU A 113 -26.38 40.53 -73.97
C GLU A 113 -25.36 41.16 -73.04
N LYS A 114 -25.83 42.02 -72.14
CA LYS A 114 -24.98 42.69 -71.18
C LYS A 114 -24.31 41.70 -70.23
N LEU A 115 -25.03 40.64 -69.87
CA LEU A 115 -24.45 39.63 -69.00
C LEU A 115 -23.68 38.56 -69.79
N ARG A 116 -23.89 38.52 -71.10
CA ARG A 116 -23.15 37.61 -71.95
C ARG A 116 -21.77 38.16 -72.30
N GLU A 117 -21.69 39.49 -72.43
CA GLU A 117 -20.45 40.15 -72.83
C GLU A 117 -19.47 40.25 -71.66
N VAL A 118 -19.92 39.89 -70.46
CA VAL A 118 -19.05 39.90 -69.30
C VAL A 118 -18.47 38.51 -69.02
N VAL A 119 -18.91 37.52 -69.80
CA VAL A 119 -18.44 36.15 -69.64
C VAL A 119 -17.80 35.62 -70.92
N GLU A 120 -18.57 35.57 -72.01
CA GLU A 120 -18.11 34.96 -73.25
C GLU A 120 -17.08 35.83 -73.96
N THR A 121 -17.48 37.03 -74.36
CA THR A 121 -16.61 37.98 -75.06
C THR A 121 -15.21 38.17 -74.44
N PRO A 122 -15.09 38.30 -73.10
CA PRO A 122 -13.73 38.43 -72.57
C PRO A 122 -12.88 37.18 -72.78
N LEU A 123 -13.48 36.01 -72.62
CA LEU A 123 -12.77 34.75 -72.79
C LEU A 123 -12.41 34.50 -74.25
N LEU A 124 -13.28 34.95 -75.16
CA LEU A 124 -13.07 34.76 -76.58
C LEU A 124 -11.90 35.58 -77.09
N HIS A 125 -11.80 36.81 -76.62
CA HIS A 125 -10.70 37.70 -77.01
C HIS A 125 -10.11 38.42 -75.80
N PRO A 126 -9.23 37.73 -75.07
CA PRO A 126 -8.57 38.29 -73.87
C PRO A 126 -7.66 39.48 -74.21
N GLU A 127 -6.92 39.37 -75.31
CA GLU A 127 -5.96 40.41 -75.69
C GLU A 127 -6.67 41.67 -76.17
N ARG A 128 -7.85 41.50 -76.75
CA ARG A 128 -8.63 42.61 -77.28
C ARG A 128 -8.98 43.62 -76.19
N PHE A 129 -9.36 43.13 -75.03
CA PHE A 129 -9.72 44.01 -73.91
C PHE A 129 -8.48 44.63 -73.29
N VAL A 130 -7.33 44.01 -73.51
CA VAL A 130 -6.06 44.55 -73.02
C VAL A 130 -5.58 45.70 -73.89
N ASN A 131 -5.75 45.55 -75.20
CA ASN A 131 -5.32 46.57 -76.15
C ASN A 131 -6.30 47.74 -76.24
N LEU A 132 -7.59 47.43 -76.24
CA LEU A 132 -8.63 48.43 -76.43
C LEU A 132 -9.00 49.15 -75.13
N GLY A 133 -8.55 48.61 -74.00
CA GLY A 133 -8.88 49.19 -72.72
C GLY A 133 -7.84 48.94 -71.64
N ILE A 134 -8.09 49.48 -70.45
CA ILE A 134 -7.15 49.35 -69.34
C ILE A 134 -7.29 47.98 -68.67
N GLU A 135 -8.49 47.41 -68.72
CA GLU A 135 -8.79 46.15 -68.05
C GLU A 135 -10.20 45.67 -68.36
N PRO A 136 -10.40 44.35 -68.43
CA PRO A 136 -11.72 43.75 -68.68
C PRO A 136 -12.69 43.99 -67.53
N PRO A 137 -14.01 43.91 -67.79
CA PRO A 137 -15.01 44.12 -66.75
C PRO A 137 -14.97 43.07 -65.65
N LYS A 138 -15.84 43.21 -64.65
CA LYS A 138 -15.86 42.30 -63.52
C LYS A 138 -17.01 41.30 -63.61
N GLY A 139 -18.23 41.79 -63.38
CA GLY A 139 -19.41 40.94 -63.42
C GLY A 139 -20.70 41.71 -63.34
N VAL A 140 -21.80 41.00 -63.10
CA VAL A 140 -23.11 41.63 -63.01
C VAL A 140 -23.78 41.30 -61.67
N LEU A 141 -25.01 41.79 -61.49
CA LEU A 141 -25.75 41.57 -60.25
C LEU A 141 -27.18 41.10 -60.56
N LEU A 142 -27.60 40.06 -59.86
CA LEU A 142 -28.95 39.51 -60.05
C LEU A 142 -29.74 39.54 -58.74
N PHE A 143 -30.85 40.26 -58.74
CA PHE A 143 -31.70 40.35 -57.56
C PHE A 143 -33.18 40.28 -57.95
N GLY A 144 -34.05 40.42 -56.94
CA GLY A 144 -35.48 40.35 -57.17
C GLY A 144 -35.98 38.93 -57.27
N PRO A 145 -37.10 38.73 -57.98
CA PRO A 145 -37.68 37.40 -58.17
C PRO A 145 -36.76 36.48 -58.97
N PRO A 146 -36.80 35.16 -58.70
CA PRO A 146 -35.96 34.18 -59.38
C PRO A 146 -36.17 34.19 -60.90
N GLY A 147 -37.42 34.20 -61.33
CA GLY A 147 -37.76 34.25 -62.74
C GLY A 147 -37.13 33.15 -63.56
N THR A 148 -36.41 33.54 -64.61
CA THR A 148 -35.75 32.59 -65.50
C THR A 148 -34.33 32.29 -65.00
N GLY A 149 -34.00 32.83 -63.83
CA GLY A 149 -32.68 32.66 -63.25
C GLY A 149 -32.27 31.21 -63.04
N LYS A 150 -30.95 30.99 -63.00
CA LYS A 150 -30.32 29.68 -62.80
C LYS A 150 -30.40 28.82 -64.06
N THR A 151 -31.26 29.20 -64.99
CA THR A 151 -31.32 28.55 -66.29
C THR A 151 -30.23 29.11 -67.19
N LEU A 152 -30.03 30.42 -67.11
CA LEU A 152 -29.03 31.12 -67.90
C LEU A 152 -27.62 30.68 -67.54
N CYS A 153 -27.45 30.23 -66.30
CA CYS A 153 -26.16 29.72 -65.83
C CYS A 153 -25.83 28.40 -66.53
N ALA A 154 -26.78 27.48 -66.52
CA ALA A 154 -26.63 26.20 -67.20
C ALA A 154 -26.47 26.41 -68.70
N ARG A 155 -27.14 27.43 -69.22
CA ARG A 155 -27.00 27.81 -70.62
C ARG A 155 -25.58 28.27 -70.90
N ALA A 156 -25.02 29.04 -69.97
CA ALA A 156 -23.64 29.52 -70.08
C ALA A 156 -22.66 28.35 -70.02
N VAL A 157 -23.00 27.34 -69.23
CA VAL A 157 -22.20 26.12 -69.17
C VAL A 157 -22.27 25.38 -70.50
N ALA A 158 -23.45 25.41 -71.11
CA ALA A 158 -23.65 24.75 -72.41
C ALA A 158 -22.92 25.48 -73.52
N ASN A 159 -22.73 26.79 -73.35
CA ASN A 159 -22.06 27.62 -74.35
C ASN A 159 -20.55 27.71 -74.10
N ARG A 160 -20.07 26.98 -73.11
CA ARG A 160 -18.65 26.99 -72.78
C ARG A 160 -17.80 26.49 -73.94
N THR A 161 -16.77 27.26 -74.29
CA THR A 161 -15.94 26.95 -75.44
C THR A 161 -14.89 25.87 -75.16
N ASP A 162 -14.43 25.79 -73.92
CA ASP A 162 -13.36 24.86 -73.57
C ASP A 162 -13.77 23.85 -72.50
N ALA A 163 -13.84 24.32 -71.26
CA ALA A 163 -14.15 23.45 -70.12
C ALA A 163 -15.07 24.14 -69.12
N CYS A 164 -16.11 23.43 -68.69
CA CYS A 164 -17.07 23.97 -67.75
C CYS A 164 -16.42 24.35 -66.42
N PHE A 165 -16.92 25.40 -65.79
CA PHE A 165 -16.39 25.88 -64.53
C PHE A 165 -17.01 25.15 -63.34
N ILE A 166 -16.64 25.55 -62.14
CA ILE A 166 -17.16 24.95 -60.92
C ILE A 166 -18.03 25.95 -60.15
N ARG A 167 -19.30 25.59 -59.97
CA ARG A 167 -20.24 26.46 -59.27
C ARG A 167 -20.32 26.12 -57.78
N VAL A 168 -20.40 27.15 -56.95
CA VAL A 168 -20.47 26.96 -55.50
C VAL A 168 -21.67 27.71 -54.91
N ILE A 169 -22.56 26.98 -54.27
CA ILE A 169 -23.75 27.57 -53.66
C ILE A 169 -23.40 28.22 -52.32
N GLY A 170 -24.42 28.75 -51.65
CA GLY A 170 -24.22 29.42 -50.37
C GLY A 170 -24.58 28.56 -49.18
N SER A 171 -25.15 27.37 -49.45
CA SER A 171 -25.54 26.46 -48.39
C SER A 171 -24.33 25.73 -47.82
N GLU A 172 -23.28 25.63 -48.62
CA GLU A 172 -22.06 24.94 -48.20
C GLU A 172 -21.22 25.80 -47.26
N LEU A 173 -21.46 27.11 -47.30
CA LEU A 173 -20.72 28.05 -46.46
C LEU A 173 -21.12 27.92 -44.99
N VAL A 174 -22.43 27.85 -44.75
CA VAL A 174 -22.93 27.72 -43.39
C VAL A 174 -23.19 26.26 -43.03
N GLN A 175 -22.38 25.75 -42.10
CA GLN A 175 -22.51 24.36 -41.64
C GLN A 175 -22.26 24.27 -40.14
N LYS A 176 -22.60 23.13 -39.55
CA LYS A 176 -22.33 22.89 -38.13
C LYS A 176 -20.83 22.85 -37.89
N TYR A 177 -20.42 23.14 -36.66
CA TYR A 177 -19.01 23.22 -36.29
C TYR A 177 -18.31 24.25 -37.17
N VAL A 178 -18.60 25.52 -36.92
CA VAL A 178 -18.11 26.61 -37.75
C VAL A 178 -16.59 26.75 -37.71
N GLY A 179 -16.04 27.39 -38.73
CA GLY A 179 -14.60 27.51 -38.87
C GLY A 179 -14.07 26.66 -40.00
N GLU A 180 -14.90 25.72 -40.46
CA GLU A 180 -14.55 24.88 -41.60
C GLU A 180 -14.77 25.63 -42.91
N GLY A 181 -15.70 26.58 -42.88
CA GLY A 181 -16.02 27.37 -44.06
C GLY A 181 -14.86 28.21 -44.56
N ALA A 182 -14.02 28.65 -43.63
CA ALA A 182 -12.84 29.43 -43.98
C ALA A 182 -11.85 28.57 -44.76
N ARG A 183 -11.55 27.40 -44.22
CA ARG A 183 -10.65 26.46 -44.89
C ARG A 183 -11.24 26.02 -46.23
N MET A 184 -12.57 25.94 -46.29
CA MET A 184 -13.26 25.53 -47.50
C MET A 184 -13.13 26.57 -48.60
N VAL A 185 -13.43 27.82 -48.28
CA VAL A 185 -13.36 28.90 -49.27
C VAL A 185 -11.92 29.16 -49.67
N ARG A 186 -10.98 28.97 -48.73
CA ARG A 186 -9.58 29.17 -49.02
C ARG A 186 -9.02 28.05 -49.89
N GLU A 187 -9.51 26.83 -49.70
CA GLU A 187 -9.03 25.70 -50.48
C GLU A 187 -9.67 25.68 -51.87
N LEU A 188 -10.90 26.19 -51.99
CA LEU A 188 -11.54 26.26 -53.30
C LEU A 188 -10.97 27.44 -54.07
N PHE A 189 -10.57 28.49 -53.36
CA PHE A 189 -9.87 29.60 -54.00
C PHE A 189 -8.47 29.17 -54.41
N GLU A 190 -7.90 28.24 -53.64
CA GLU A 190 -6.61 27.66 -53.97
C GLU A 190 -6.73 26.82 -55.24
N MET A 191 -7.82 26.06 -55.33
CA MET A 191 -8.11 25.30 -56.54
C MET A 191 -8.37 26.24 -57.71
N ALA A 192 -8.91 27.42 -57.41
CA ALA A 192 -9.14 28.44 -58.43
C ALA A 192 -7.80 28.99 -58.92
N ARG A 193 -6.82 29.06 -58.01
CA ARG A 193 -5.48 29.49 -58.39
C ARG A 193 -4.79 28.41 -59.22
N THR A 194 -5.11 27.15 -58.92
CA THR A 194 -4.59 26.03 -59.69
C THR A 194 -5.22 26.01 -61.07
N LYS A 195 -6.43 26.55 -61.15
CA LYS A 195 -7.19 26.61 -62.40
C LYS A 195 -6.90 27.90 -63.16
N LYS A 196 -5.93 28.67 -62.66
CA LYS A 196 -5.50 29.96 -63.21
C LYS A 196 -6.68 30.86 -63.60
N ALA A 197 -7.35 31.37 -62.56
CA ALA A 197 -8.49 32.26 -62.70
C ALA A 197 -9.64 31.64 -63.47
N CYS A 198 -10.22 30.59 -62.90
CA CYS A 198 -11.42 29.98 -63.45
C CYS A 198 -12.67 30.77 -63.06
N LEU A 199 -13.72 30.66 -63.86
CA LEU A 199 -14.98 31.35 -63.57
C LEU A 199 -15.60 30.82 -62.29
N ILE A 200 -15.98 31.72 -61.40
CA ILE A 200 -16.57 31.35 -60.12
C ILE A 200 -18.01 31.84 -60.00
N PHE A 201 -18.91 30.94 -59.64
CA PHE A 201 -20.32 31.28 -59.50
C PHE A 201 -20.79 31.16 -58.06
N PHE A 202 -21.50 32.19 -57.58
CA PHE A 202 -22.05 32.18 -56.24
C PHE A 202 -23.58 32.18 -56.30
N ASP A 203 -24.20 31.59 -55.28
CA ASP A 203 -25.66 31.50 -55.22
C ASP A 203 -26.16 31.66 -53.79
N GLU A 204 -27.35 32.25 -53.65
CA GLU A 204 -28.00 32.44 -52.36
C GLU A 204 -27.12 33.23 -51.38
N ILE A 205 -26.93 34.51 -51.67
CA ILE A 205 -26.14 35.38 -50.80
C ILE A 205 -26.95 35.76 -49.56
N ASP A 206 -28.26 35.54 -49.63
CA ASP A 206 -29.15 35.87 -48.52
C ASP A 206 -28.98 34.91 -47.35
N ALA A 207 -28.46 33.72 -47.64
CA ALA A 207 -28.23 32.72 -46.61
C ALA A 207 -27.12 33.14 -45.66
N ILE A 208 -26.02 33.62 -46.24
CA ILE A 208 -24.87 34.09 -45.45
C ILE A 208 -24.95 35.58 -45.21
N GLY A 209 -26.02 36.21 -45.69
CA GLY A 209 -26.21 37.64 -45.53
C GLY A 209 -27.06 37.98 -44.33
N GLY A 210 -27.79 39.09 -44.43
CA GLY A 210 -28.64 39.54 -43.35
C GLY A 210 -27.86 40.14 -42.20
N ALA A 211 -26.88 40.98 -42.53
CA ALA A 211 -26.04 41.63 -41.52
C ALA A 211 -26.81 42.73 -40.81
N GLY A 219 -25.49 35.22 -31.73
CA GLY A 219 -25.70 33.95 -32.39
C GLY A 219 -25.51 34.02 -33.89
N ASP A 220 -25.67 35.22 -34.44
CA ASP A 220 -25.51 35.43 -35.88
C ASP A 220 -24.09 35.85 -36.23
N ASN A 221 -23.23 35.93 -35.21
CA ASN A 221 -21.84 36.33 -35.41
C ASN A 221 -21.06 35.32 -36.22
N GLU A 222 -21.44 34.04 -36.10
CA GLU A 222 -20.80 32.97 -36.84
C GLU A 222 -21.01 33.15 -38.34
N VAL A 223 -22.14 33.73 -38.70
CA VAL A 223 -22.43 34.05 -40.10
C VAL A 223 -21.71 35.33 -40.51
N GLN A 224 -21.63 36.28 -39.57
CA GLN A 224 -20.97 37.55 -39.80
C GLN A 224 -19.50 37.37 -40.16
N ARG A 225 -18.82 36.48 -39.43
CA ARG A 225 -17.42 36.20 -39.69
C ARG A 225 -17.23 35.63 -41.09
N THR A 226 -18.12 34.72 -41.48
CA THR A 226 -18.04 34.07 -42.79
C THR A 226 -18.30 35.04 -43.94
N MET A 227 -19.30 35.90 -43.77
CA MET A 227 -19.63 36.85 -44.83
C MET A 227 -18.60 37.97 -44.93
N LEU A 228 -18.05 38.38 -43.79
CA LEU A 228 -17.01 39.41 -43.79
C LEU A 228 -15.72 38.85 -44.38
N GLU A 229 -15.43 37.59 -44.10
CA GLU A 229 -14.27 36.93 -44.70
C GLU A 229 -14.49 36.76 -46.20
N LEU A 230 -15.74 36.52 -46.58
CA LEU A 230 -16.10 36.37 -47.98
C LEU A 230 -15.88 37.68 -48.74
N ILE A 231 -16.36 38.78 -48.17
CA ILE A 231 -16.15 40.10 -48.76
C ILE A 231 -14.67 40.44 -48.79
N ASN A 232 -13.95 40.04 -47.74
CA ASN A 232 -12.51 40.27 -47.66
C ASN A 232 -11.75 39.54 -48.76
N GLN A 233 -12.19 38.32 -49.07
CA GLN A 233 -11.55 37.53 -50.11
C GLN A 233 -11.98 37.98 -51.51
N LEU A 234 -13.16 38.59 -51.59
CA LEU A 234 -13.66 39.12 -52.86
C LEU A 234 -12.95 40.41 -53.23
N ASP A 235 -13.12 41.44 -52.42
CA ASP A 235 -12.46 42.72 -52.63
C ASP A 235 -10.94 42.58 -52.59
N GLY A 236 -10.47 41.57 -51.87
CA GLY A 236 -9.04 41.28 -51.81
C GLY A 236 -8.51 40.82 -53.15
N PHE A 237 -7.45 41.47 -53.62
CA PHE A 237 -6.87 41.17 -54.92
C PHE A 237 -5.78 40.11 -54.82
N ASP A 238 -5.60 39.57 -53.62
CA ASP A 238 -4.54 38.60 -53.35
C ASP A 238 -4.59 37.38 -54.28
N PRO A 239 -5.72 36.63 -54.30
CA PRO A 239 -5.70 35.53 -55.27
C PRO A 239 -5.63 36.04 -56.72
N ARG A 240 -6.49 37.00 -57.05
CA ARG A 240 -6.52 37.74 -58.32
C ARG A 240 -7.72 38.68 -58.30
N GLY A 241 -7.70 39.69 -59.16
CA GLY A 241 -8.85 40.58 -59.29
C GLY A 241 -9.60 40.37 -60.59
N ASN A 242 -9.07 39.49 -61.44
CA ASN A 242 -9.61 39.28 -62.78
C ASN A 242 -10.56 38.10 -62.90
N ILE A 243 -10.89 37.45 -61.79
CA ILE A 243 -11.58 36.17 -61.86
C ILE A 243 -13.05 36.30 -62.27
N LYS A 244 -13.90 36.78 -61.35
CA LYS A 244 -15.33 36.97 -61.62
C LYS A 244 -16.06 37.45 -60.37
N VAL A 245 -17.22 38.07 -60.57
CA VAL A 245 -18.16 38.35 -59.49
C VAL A 245 -19.59 38.09 -59.93
N LEU A 246 -20.29 37.20 -59.24
CA LEU A 246 -21.67 36.91 -59.57
C LEU A 246 -22.50 36.71 -58.29
N MET A 247 -23.63 37.40 -58.21
CA MET A 247 -24.51 37.28 -57.06
C MET A 247 -25.98 37.14 -57.48
N ALA A 248 -26.64 36.10 -56.99
CA ALA A 248 -28.04 35.86 -57.29
C ALA A 248 -28.83 35.50 -56.04
N THR A 249 -29.85 36.30 -55.73
CA THR A 249 -30.66 36.07 -54.54
C THR A 249 -32.11 36.49 -54.77
N ASN A 250 -33.02 35.86 -54.03
CA ASN A 250 -34.43 36.18 -54.13
C ASN A 250 -34.78 37.46 -53.37
N ARG A 251 -34.22 37.59 -52.17
CA ARG A 251 -34.49 38.76 -51.33
C ARG A 251 -33.23 39.60 -51.13
N PRO A 252 -33.20 40.80 -51.73
CA PRO A 252 -32.07 41.73 -51.57
C PRO A 252 -32.17 42.53 -50.27
N ASP A 253 -32.28 41.83 -49.15
CA ASP A 253 -32.44 42.48 -47.85
C ASP A 253 -31.10 42.68 -47.14
N THR A 254 -30.01 42.30 -47.81
CA THR A 254 -28.67 42.41 -47.23
C THR A 254 -28.09 43.80 -47.43
N LEU A 255 -27.84 44.50 -46.32
CA LEU A 255 -27.34 45.87 -46.38
C LEU A 255 -25.83 45.93 -46.61
N ASP A 256 -25.08 45.08 -45.93
CA ASP A 256 -23.62 45.12 -45.98
C ASP A 256 -23.03 44.79 -47.36
N PRO A 257 -23.48 43.69 -48.00
CA PRO A 257 -22.94 43.45 -49.35
C PRO A 257 -23.33 44.55 -50.34
N ALA A 258 -24.48 45.17 -50.10
CA ALA A 258 -24.97 46.24 -50.97
C ALA A 258 -24.08 47.47 -50.91
N LEU A 259 -23.62 47.82 -49.70
CA LEU A 259 -22.74 48.97 -49.53
C LEU A 259 -21.29 48.64 -49.87
N MET A 260 -20.92 47.36 -49.74
CA MET A 260 -19.56 46.93 -50.04
C MET A 260 -19.30 46.73 -51.53
N ARG A 261 -20.32 46.33 -52.27
CA ARG A 261 -20.16 46.00 -53.69
C ARG A 261 -19.75 47.14 -54.64
N PRO A 262 -20.24 48.39 -54.43
CA PRO A 262 -19.91 49.39 -55.47
C PRO A 262 -18.42 49.72 -55.55
N GLY A 263 -17.67 49.41 -54.50
CA GLY A 263 -16.23 49.65 -54.49
C GLY A 263 -15.49 48.82 -55.51
N ARG A 264 -16.03 47.63 -55.79
CA ARG A 264 -15.41 46.72 -56.75
C ARG A 264 -16.44 46.25 -57.78
N LEU A 265 -17.45 45.54 -57.32
CA LEU A 265 -18.50 45.03 -58.20
C LEU A 265 -19.26 46.17 -58.87
N ASP A 266 -19.77 45.90 -60.07
CA ASP A 266 -20.49 46.93 -60.82
C ASP A 266 -21.48 46.29 -61.80
N ARG A 267 -22.05 47.10 -62.68
CA ARG A 267 -23.01 46.65 -63.69
C ARG A 267 -24.21 45.95 -63.07
N LYS A 268 -25.05 46.73 -62.39
CA LYS A 268 -26.28 46.21 -61.80
C LYS A 268 -27.48 46.46 -62.71
N ILE A 269 -28.21 45.41 -63.03
CA ILE A 269 -29.36 45.51 -63.92
C ILE A 269 -30.60 44.87 -63.29
N GLU A 270 -31.77 45.21 -63.85
CA GLU A 270 -33.03 44.65 -63.38
C GLU A 270 -33.30 43.30 -64.02
N PHE A 271 -33.71 42.33 -63.20
CA PHE A 271 -33.99 40.98 -63.69
C PHE A 271 -35.47 40.76 -63.90
N SER A 272 -36.24 40.83 -62.81
CA SER A 272 -37.69 40.65 -62.83
C SER A 272 -38.09 39.28 -63.38
N LEU A 273 -38.96 39.28 -64.37
CA LEU A 273 -39.47 38.03 -64.94
C LEU A 273 -39.16 37.93 -66.43
N PRO A 274 -39.46 36.78 -67.07
CA PRO A 274 -39.29 36.71 -68.52
C PRO A 274 -40.36 37.49 -69.27
N ASP A 275 -39.98 38.07 -70.41
CA ASP A 275 -40.90 38.85 -71.22
C ASP A 275 -41.73 37.94 -72.13
N LEU A 276 -42.61 38.55 -72.92
CA LEU A 276 -43.50 37.78 -73.79
C LEU A 276 -42.75 37.15 -74.97
N GLU A 277 -41.95 37.96 -75.66
CA GLU A 277 -41.22 37.49 -76.82
C GLU A 277 -39.83 36.95 -76.44
N GLY A 278 -39.56 36.90 -75.14
CA GLY A 278 -38.28 36.42 -74.66
C GLY A 278 -38.19 34.91 -74.56
N ARG A 279 -39.35 34.25 -74.54
CA ARG A 279 -39.39 32.80 -74.37
C ARG A 279 -39.04 32.04 -75.65
N THR A 280 -39.19 32.72 -76.79
CA THR A 280 -38.91 32.09 -78.08
C THR A 280 -37.42 31.81 -78.25
N HIS A 281 -36.59 32.49 -77.46
CA HIS A 281 -35.16 32.24 -77.47
C HIS A 281 -34.86 30.91 -76.79
N ILE A 282 -35.51 30.68 -75.64
CA ILE A 282 -35.40 29.41 -74.93
C ILE A 282 -35.99 28.30 -75.79
N PHE A 283 -37.05 28.61 -76.53
CA PHE A 283 -37.65 27.65 -77.44
C PHE A 283 -36.68 27.28 -78.56
N LYS A 284 -35.98 28.28 -79.10
CA LYS A 284 -35.03 28.06 -80.19
C LYS A 284 -33.78 27.33 -79.71
N ILE A 285 -33.39 27.53 -78.46
CA ILE A 285 -32.24 26.83 -77.92
C ILE A 285 -32.65 25.43 -77.46
N HIS A 286 -33.96 25.22 -77.30
CA HIS A 286 -34.50 23.90 -76.99
C HIS A 286 -34.97 23.21 -78.26
N ALA A 287 -34.76 23.85 -79.41
CA ALA A 287 -35.17 23.29 -80.70
C ALA A 287 -34.28 22.12 -81.11
N ARG A 288 -33.23 21.87 -80.34
CA ARG A 288 -32.33 20.76 -80.61
C ARG A 288 -32.87 19.46 -80.00
N SER A 289 -34.04 19.56 -79.37
CA SER A 289 -34.71 18.41 -78.78
C SER A 289 -35.48 17.64 -79.85
N MET A 290 -36.33 16.72 -79.40
CA MET A 290 -37.15 15.91 -80.29
C MET A 290 -37.93 16.78 -81.29
N SER A 291 -38.01 16.30 -82.53
CA SER A 291 -38.58 17.07 -83.64
C SER A 291 -39.99 17.59 -83.35
N VAL A 292 -40.18 18.88 -83.62
CA VAL A 292 -41.46 19.53 -83.38
C VAL A 292 -42.10 19.93 -84.71
N GLU A 293 -43.40 19.67 -84.84
CA GLU A 293 -44.14 19.99 -86.05
C GLU A 293 -44.12 21.49 -86.33
N ARG A 294 -44.00 21.85 -87.60
CA ARG A 294 -43.93 23.25 -88.01
C ARG A 294 -45.26 23.97 -87.84
N ASP A 295 -46.33 23.19 -87.67
CA ASP A 295 -47.66 23.76 -87.47
C ASP A 295 -47.79 24.40 -86.10
N ILE A 296 -46.92 23.99 -85.18
CA ILE A 296 -46.93 24.51 -83.82
C ILE A 296 -46.22 25.86 -83.74
N ARG A 297 -46.95 26.87 -83.25
CA ARG A 297 -46.39 28.21 -83.10
C ARG A 297 -45.74 28.38 -81.73
N PHE A 298 -44.55 28.97 -81.72
CA PHE A 298 -43.81 29.17 -80.48
C PHE A 298 -44.39 30.30 -79.64
N GLU A 299 -44.77 31.39 -80.31
CA GLU A 299 -45.32 32.56 -79.62
C GLU A 299 -46.66 32.24 -78.98
N LEU A 300 -47.42 31.34 -79.59
CA LEU A 300 -48.70 30.91 -79.06
C LEU A 300 -48.52 30.19 -77.73
N LEU A 301 -47.64 29.19 -77.74
CA LEU A 301 -47.34 28.42 -76.53
C LEU A 301 -46.68 29.32 -75.47
N ALA A 302 -45.99 30.35 -75.94
CA ALA A 302 -45.32 31.29 -75.03
C ALA A 302 -46.33 32.19 -74.33
N ARG A 303 -47.36 32.62 -75.06
CA ARG A 303 -48.37 33.52 -74.52
C ARG A 303 -49.50 32.77 -73.83
N LEU A 304 -49.54 31.45 -74.01
CA LEU A 304 -50.57 30.63 -73.38
C LEU A 304 -50.28 30.38 -71.90
N CYS A 305 -49.02 30.55 -71.50
CA CYS A 305 -48.63 30.35 -70.11
C CYS A 305 -47.82 31.52 -69.58
N PRO A 306 -48.50 32.53 -69.03
CA PRO A 306 -47.85 33.71 -68.45
C PRO A 306 -47.05 33.37 -67.20
N ASN A 307 -46.02 34.17 -66.91
CA ASN A 307 -45.15 33.96 -65.75
C ASN A 307 -44.54 32.57 -65.74
N SER A 308 -43.93 32.17 -66.86
CA SER A 308 -43.35 30.85 -66.99
C SER A 308 -41.82 30.92 -67.05
N THR A 309 -41.16 30.23 -66.12
CA THR A 309 -39.71 30.17 -66.09
C THR A 309 -39.18 29.27 -67.19
N GLY A 310 -37.92 29.43 -67.54
CA GLY A 310 -37.28 28.61 -68.57
C GLY A 310 -37.31 27.13 -68.22
N ALA A 311 -37.11 26.82 -66.95
CA ALA A 311 -37.15 25.44 -66.48
C ALA A 311 -38.58 24.92 -66.49
N GLU A 312 -39.54 25.83 -66.33
CA GLU A 312 -40.96 25.47 -66.32
C GLU A 312 -41.41 25.06 -67.72
N ILE A 313 -41.06 25.87 -68.72
CA ILE A 313 -41.39 25.55 -70.10
C ILE A 313 -40.52 24.40 -70.61
N ARG A 314 -39.37 24.21 -69.97
CA ARG A 314 -38.53 23.05 -70.26
C ARG A 314 -39.25 21.80 -69.78
N SER A 315 -39.90 21.89 -68.62
CA SER A 315 -40.70 20.80 -68.09
C SER A 315 -41.96 20.61 -68.95
N VAL A 316 -42.42 21.69 -69.56
CA VAL A 316 -43.56 21.62 -70.47
C VAL A 316 -43.17 20.82 -71.71
N CYS A 317 -42.00 21.12 -72.27
CA CYS A 317 -41.48 20.37 -73.41
C CYS A 317 -41.21 18.93 -73.02
N THR A 318 -40.84 18.71 -71.76
CA THR A 318 -40.63 17.38 -71.23
C THR A 318 -41.94 16.60 -71.22
N GLU A 319 -43.02 17.27 -70.82
CA GLU A 319 -44.35 16.67 -70.82
C GLU A 319 -44.81 16.36 -72.25
N ALA A 320 -44.51 17.28 -73.16
CA ALA A 320 -44.88 17.13 -74.56
C ALA A 320 -44.18 15.92 -75.17
N GLY A 321 -42.88 15.79 -74.90
CA GLY A 321 -42.11 14.67 -75.40
C GLY A 321 -42.55 13.36 -74.77
N MET A 322 -42.82 13.39 -73.48
CA MET A 322 -43.27 12.21 -72.74
C MET A 322 -44.58 11.69 -73.29
N PHE A 323 -45.55 12.58 -73.46
CA PHE A 323 -46.84 12.21 -74.01
C PHE A 323 -46.75 11.89 -75.49
N ALA A 324 -45.68 12.36 -76.12
CA ALA A 324 -45.40 12.00 -77.52
C ALA A 324 -44.95 10.54 -77.58
N ILE A 325 -44.17 10.13 -76.58
CA ILE A 325 -43.74 8.75 -76.46
C ILE A 325 -44.92 7.85 -76.12
N ARG A 326 -45.77 8.32 -75.21
CA ARG A 326 -46.92 7.55 -74.77
C ARG A 326 -48.01 7.47 -75.84
N ALA A 327 -47.93 8.35 -76.83
CA ALA A 327 -48.87 8.34 -77.94
C ALA A 327 -48.43 7.36 -79.02
N ARG A 328 -47.24 6.79 -78.83
CA ARG A 328 -46.67 5.78 -79.73
C ARG A 328 -46.48 6.32 -81.15
N ARG A 329 -46.36 7.64 -81.28
CA ARG A 329 -46.14 8.26 -82.58
C ARG A 329 -44.69 8.74 -82.72
N LYS A 330 -44.35 9.25 -83.90
CA LYS A 330 -43.01 9.75 -84.16
C LYS A 330 -42.92 11.27 -84.01
N ILE A 331 -44.05 11.91 -83.76
CA ILE A 331 -44.11 13.37 -83.67
C ILE A 331 -45.10 13.82 -82.59
N ALA A 332 -45.01 15.10 -82.22
CA ALA A 332 -45.90 15.66 -81.21
C ALA A 332 -46.62 16.90 -81.75
N THR A 333 -47.94 16.92 -81.59
CA THR A 333 -48.74 18.06 -82.02
C THR A 333 -49.24 18.84 -80.80
N GLU A 334 -49.28 20.17 -80.92
CA GLU A 334 -49.65 21.04 -79.81
C GLU A 334 -51.05 20.76 -79.28
N LYS A 335 -51.95 20.32 -80.16
CA LYS A 335 -53.32 20.05 -79.79
C LYS A 335 -53.41 18.91 -78.78
N ASP A 336 -52.43 18.01 -78.84
CA ASP A 336 -52.39 16.87 -77.94
C ASP A 336 -51.97 17.26 -76.52
N PHE A 337 -50.84 17.96 -76.41
CA PHE A 337 -50.28 18.25 -75.09
C PHE A 337 -50.62 19.63 -74.52
N LEU A 338 -51.47 20.39 -75.22
CA LEU A 338 -51.89 21.69 -74.69
C LEU A 338 -52.61 21.51 -73.34
N GLU A 339 -53.32 20.39 -73.22
CA GLU A 339 -53.97 20.03 -71.97
C GLU A 339 -52.91 19.80 -70.89
N ALA A 340 -51.84 19.11 -71.26
CA ALA A 340 -50.72 18.90 -70.34
C ALA A 340 -50.10 20.23 -69.94
N VAL A 341 -50.18 21.21 -70.83
CA VAL A 341 -49.61 22.52 -70.59
C VAL A 341 -50.43 23.29 -69.56
N ASN A 342 -51.69 23.57 -69.90
CA ASN A 342 -52.55 24.32 -68.98
C ASN A 342 -52.69 23.59 -67.64
N LYS A 343 -52.71 22.27 -67.67
CA LYS A 343 -52.76 21.49 -66.44
C LYS A 343 -51.49 21.68 -65.61
N VAL A 344 -50.33 21.54 -66.24
CA VAL A 344 -49.08 21.59 -65.49
C VAL A 344 -48.79 23.00 -64.97
N ILE A 345 -49.29 24.03 -65.66
CA ILE A 345 -49.09 25.39 -65.17
C ILE A 345 -50.11 25.76 -64.07
N LYS A 346 -51.36 25.36 -64.25
CA LYS A 346 -52.40 25.71 -63.28
C LYS A 346 -52.24 24.94 -61.98
N SER A 347 -51.94 23.65 -62.08
CA SER A 347 -51.76 22.80 -60.91
C SER A 347 -50.61 23.31 -60.03
N TYR A 348 -49.57 23.81 -60.68
CA TYR A 348 -48.43 24.36 -59.95
C TYR A 348 -48.71 25.80 -59.52
N ALA A 349 -49.71 26.41 -60.15
CA ALA A 349 -50.11 27.77 -59.79
C ALA A 349 -51.04 27.76 -58.57
N LYS A 350 -51.65 26.61 -58.30
CA LYS A 350 -52.58 26.50 -57.18
C LYS A 350 -51.89 26.71 -55.83
N PHE A 351 -50.90 25.87 -55.53
CA PHE A 351 -50.16 26.00 -54.27
C PHE A 351 -49.08 27.07 -54.38
N SER A 352 -48.57 27.27 -55.59
CA SER A 352 -47.53 28.27 -55.82
C SER A 352 -47.84 29.11 -57.06
N GLU B 1 1.82 -24.35 -48.57
CA GLU B 1 1.41 -24.50 -47.17
C GLU B 1 2.33 -23.72 -46.25
N GLU B 2 3.64 -23.83 -46.49
CA GLU B 2 4.63 -23.13 -45.68
C GLU B 2 4.55 -21.61 -45.89
N GLU B 3 4.42 -21.21 -47.15
CA GLU B 3 4.31 -19.79 -47.49
C GLU B 3 2.98 -19.23 -47.00
N ARG B 4 1.99 -20.11 -46.84
CA ARG B 4 0.69 -19.70 -46.33
C ARG B 4 0.73 -19.59 -44.80
N SER B 5 1.57 -20.40 -44.18
CA SER B 5 1.68 -20.43 -42.72
C SER B 5 2.80 -19.55 -42.18
N LYS B 6 3.52 -18.88 -43.09
CA LYS B 6 4.63 -18.02 -42.67
C LYS B 6 4.15 -16.60 -42.39
N VAL B 7 2.86 -16.36 -42.60
CA VAL B 7 2.28 -15.04 -42.37
C VAL B 7 1.70 -14.92 -40.97
N ASP B 8 1.90 -15.98 -40.17
CA ASP B 8 1.36 -16.04 -38.82
C ASP B 8 1.97 -14.99 -37.88
N ASP B 9 3.04 -14.35 -38.32
CA ASP B 9 3.72 -13.34 -37.52
C ASP B 9 2.89 -12.05 -37.45
N LEU B 10 2.27 -11.69 -38.57
CA LEU B 10 1.49 -10.47 -38.65
C LEU B 10 0.11 -10.64 -38.01
N ARG B 11 -0.47 -11.82 -38.16
CA ARG B 11 -1.79 -12.12 -37.60
C ARG B 11 -1.68 -12.70 -36.19
N GLY B 12 -0.46 -12.72 -35.66
CA GLY B 12 -0.20 -13.29 -34.35
C GLY B 12 -0.47 -12.31 -33.22
N THR B 13 0.24 -12.47 -32.12
CA THR B 13 0.07 -11.65 -30.92
C THR B 13 0.05 -10.13 -31.20
N PRO B 14 1.01 -9.60 -31.96
CA PRO B 14 0.91 -8.16 -32.20
C PRO B 14 -0.18 -7.83 -33.23
N MET B 15 -1.43 -7.79 -32.79
CA MET B 15 -2.56 -7.53 -33.68
C MET B 15 -3.61 -6.65 -33.03
N SER B 16 -4.17 -5.73 -33.80
CA SER B 16 -5.17 -4.79 -33.30
C SER B 16 -6.29 -4.57 -34.31
N VAL B 17 -7.37 -3.92 -33.88
CA VAL B 17 -8.48 -3.62 -34.77
C VAL B 17 -8.56 -2.11 -35.04
N GLY B 18 -8.23 -1.72 -36.26
CA GLY B 18 -8.29 -0.32 -36.66
C GLY B 18 -9.45 -0.03 -37.59
N THR B 19 -9.48 1.20 -38.12
CA THR B 19 -10.52 1.61 -39.05
C THR B 19 -9.90 2.29 -40.28
N LEU B 20 -10.10 1.69 -41.45
CA LEU B 20 -9.56 2.23 -42.69
C LEU B 20 -10.41 3.41 -43.18
N GLU B 21 -9.75 4.40 -43.79
CA GLU B 21 -10.45 5.58 -44.28
C GLU B 21 -10.71 5.48 -45.78
N GLU B 22 -9.64 5.48 -46.57
CA GLU B 22 -9.78 5.39 -48.02
C GLU B 22 -8.64 4.58 -48.65
N ILE B 23 -8.85 4.13 -49.88
CA ILE B 23 -7.83 3.39 -50.62
C ILE B 23 -7.15 4.29 -51.65
N ILE B 24 -5.83 4.35 -51.60
CA ILE B 24 -5.06 5.23 -52.48
C ILE B 24 -4.41 4.44 -53.62
N ASP B 25 -4.33 5.05 -54.79
CA ASP B 25 -3.71 4.43 -55.96
C ASP B 25 -2.19 4.34 -55.81
N ASP B 26 -1.67 4.93 -54.73
CA ASP B 26 -0.24 4.94 -54.47
C ASP B 26 0.17 3.70 -53.67
N ASN B 27 -0.78 2.79 -53.50
CA ASN B 27 -0.60 1.45 -52.90
C ASN B 27 -0.33 1.49 -51.39
N HIS B 28 -0.19 2.69 -50.83
CA HIS B 28 -0.08 2.84 -49.38
C HIS B 28 -1.38 3.44 -48.84
N ALA B 29 -2.14 2.63 -48.09
CA ALA B 29 -3.44 3.04 -47.61
C ALA B 29 -3.36 3.87 -46.33
N ILE B 30 -4.51 4.28 -45.83
CA ILE B 30 -4.58 5.09 -44.62
C ILE B 30 -5.65 4.54 -43.67
N VAL B 31 -5.25 4.27 -42.43
CA VAL B 31 -6.18 3.75 -41.43
C VAL B 31 -6.40 4.77 -40.31
N SER B 32 -7.22 4.39 -39.33
CA SER B 32 -7.54 5.28 -38.22
C SER B 32 -7.91 4.49 -36.96
N THR B 33 -7.86 5.17 -35.82
CA THR B 33 -8.21 4.54 -34.55
C THR B 33 -8.79 5.57 -33.59
N SER B 34 -8.92 5.19 -32.31
CA SER B 34 -9.46 6.07 -31.28
C SER B 34 -8.72 7.41 -31.22
N VAL B 35 -7.39 7.36 -31.35
CA VAL B 35 -6.59 8.58 -31.36
C VAL B 35 -6.34 9.06 -32.80
N GLY B 36 -6.89 8.31 -33.76
CA GLY B 36 -6.76 8.68 -35.16
C GLY B 36 -5.35 8.60 -35.70
N SER B 37 -4.72 7.44 -35.56
CA SER B 37 -3.38 7.23 -36.07
C SER B 37 -3.42 6.76 -37.52
N GLU B 38 -2.50 7.27 -38.33
CA GLU B 38 -2.42 6.91 -39.75
C GLU B 38 -1.13 6.18 -40.07
N HIS B 39 -1.24 5.04 -40.76
CA HIS B 39 -0.08 4.27 -41.15
C HIS B 39 -0.15 3.84 -42.61
N TYR B 40 0.84 4.26 -43.40
CA TYR B 40 0.88 3.90 -44.81
C TYR B 40 1.89 2.79 -45.07
N VAL B 41 1.39 1.62 -45.42
CA VAL B 41 2.22 0.45 -45.70
C VAL B 41 1.77 -0.20 -47.01
N SER B 42 2.72 -0.78 -47.74
CA SER B 42 2.41 -1.50 -48.97
C SER B 42 1.41 -2.63 -48.71
N ILE B 43 0.53 -2.86 -49.69
CA ILE B 43 -0.54 -3.84 -49.52
C ILE B 43 -0.02 -5.28 -49.55
N LEU B 44 -0.81 -6.18 -48.95
CA LEU B 44 -0.50 -7.60 -48.93
C LEU B 44 -1.68 -8.41 -49.45
N SER B 45 -1.59 -9.73 -49.34
CA SER B 45 -2.63 -10.61 -49.85
C SER B 45 -3.87 -10.63 -48.95
N PHE B 46 -4.81 -11.51 -49.30
CA PHE B 46 -6.03 -11.78 -48.52
C PHE B 46 -7.02 -10.61 -48.52
N VAL B 47 -6.65 -9.48 -49.11
CA VAL B 47 -7.55 -8.34 -49.18
C VAL B 47 -8.20 -8.23 -50.57
N ASP B 48 -9.47 -7.83 -50.59
CA ASP B 48 -10.20 -7.68 -51.84
C ASP B 48 -9.87 -6.37 -52.53
N LYS B 49 -9.78 -5.30 -51.73
CA LYS B 49 -9.37 -3.95 -52.16
C LYS B 49 -10.39 -3.30 -53.12
N ASP B 50 -11.38 -4.06 -53.56
CA ASP B 50 -12.40 -3.56 -54.48
C ASP B 50 -13.75 -3.47 -53.79
N LEU B 51 -14.29 -4.62 -53.39
CA LEU B 51 -15.59 -4.70 -52.74
C LEU B 51 -15.46 -4.42 -51.24
N LEU B 52 -14.22 -4.15 -50.82
CA LEU B 52 -13.91 -3.88 -49.41
C LEU B 52 -14.77 -2.77 -48.80
N GLU B 53 -15.20 -1.82 -49.66
CA GLU B 53 -16.03 -0.69 -49.23
C GLU B 53 -15.39 0.06 -48.06
N PRO B 54 -14.34 0.85 -48.36
CA PRO B 54 -13.55 1.59 -47.37
C PRO B 54 -14.40 2.48 -46.45
N GLY B 55 -13.89 2.75 -45.26
CA GLY B 55 -14.62 3.50 -44.26
C GLY B 55 -15.18 2.59 -43.18
N CYS B 56 -14.72 1.35 -43.16
CA CYS B 56 -15.13 0.38 -42.14
C CYS B 56 -13.94 -0.02 -41.28
N SER B 57 -14.19 -0.95 -40.34
CA SER B 57 -13.14 -1.41 -39.44
C SER B 57 -12.23 -2.42 -40.12
N VAL B 58 -10.93 -2.32 -39.86
CA VAL B 58 -9.95 -3.23 -40.44
C VAL B 58 -9.01 -3.79 -39.38
N LEU B 59 -8.01 -4.56 -39.83
CA LEU B 59 -7.08 -5.23 -38.92
C LEU B 59 -5.73 -4.50 -38.86
N LEU B 60 -5.34 -4.10 -37.66
CA LEU B 60 -4.06 -3.42 -37.45
C LEU B 60 -3.14 -4.24 -36.55
N ASN B 61 -1.96 -3.71 -36.26
CA ASN B 61 -0.96 -4.40 -35.46
C ASN B 61 -0.24 -3.48 -34.48
N HIS B 62 0.47 -4.08 -33.54
CA HIS B 62 1.40 -3.33 -32.68
C HIS B 62 2.71 -3.15 -33.46
N LYS B 63 2.78 -3.87 -34.57
CA LYS B 63 3.90 -3.79 -35.50
C LYS B 63 3.75 -2.60 -36.43
N VAL B 64 4.50 -2.62 -37.53
CA VAL B 64 4.52 -1.55 -38.51
C VAL B 64 3.15 -1.33 -39.18
N HIS B 65 2.18 -2.18 -38.83
CA HIS B 65 0.81 -2.12 -39.32
C HIS B 65 0.70 -2.48 -40.81
N ALA B 66 1.47 -3.47 -41.22
CA ALA B 66 1.28 -4.07 -42.53
C ALA B 66 0.04 -4.96 -42.49
N VAL B 67 -0.92 -4.67 -43.36
CA VAL B 67 -2.20 -5.37 -43.32
C VAL B 67 -2.09 -6.79 -43.87
N ILE B 68 -2.44 -7.77 -43.03
CA ILE B 68 -2.39 -9.17 -43.43
C ILE B 68 -3.74 -9.61 -43.98
N GLY B 69 -4.74 -8.75 -43.83
CA GLY B 69 -6.09 -9.05 -44.28
C GLY B 69 -7.13 -8.15 -43.64
N VAL B 70 -8.39 -8.35 -44.00
CA VAL B 70 -9.48 -7.55 -43.47
C VAL B 70 -10.54 -8.42 -42.82
N LEU B 71 -11.37 -7.80 -41.97
CA LEU B 71 -12.43 -8.51 -41.28
C LEU B 71 -13.77 -7.82 -41.51
N MET B 72 -14.70 -8.50 -42.17
CA MET B 72 -16.01 -7.95 -42.45
C MET B 72 -16.90 -7.99 -41.22
N ASP B 73 -17.85 -7.05 -41.15
CA ASP B 73 -18.78 -6.98 -40.02
C ASP B 73 -20.15 -6.48 -40.47
N GLY B 97 -59.05 7.44 -61.00
CA GLY B 97 -58.74 8.28 -62.15
C GLY B 97 -57.26 8.57 -62.27
N LEU B 98 -56.45 7.80 -61.54
CA LEU B 98 -54.99 7.97 -61.57
C LEU B 98 -54.33 7.06 -62.59
N ASP B 99 -55.15 6.37 -63.39
CA ASP B 99 -54.64 5.47 -64.43
C ASP B 99 -53.60 6.16 -65.31
N ASN B 100 -53.93 7.35 -65.80
CA ASN B 100 -53.00 8.14 -66.59
C ASN B 100 -51.84 8.64 -65.75
N GLN B 101 -52.10 8.82 -64.46
CA GLN B 101 -51.07 9.22 -63.51
C GLN B 101 -50.18 8.04 -63.13
N ILE B 102 -50.80 6.88 -62.90
CA ILE B 102 -50.07 5.72 -62.45
C ILE B 102 -49.28 5.06 -63.57
N GLN B 103 -49.69 5.30 -64.82
CA GLN B 103 -48.95 4.75 -65.96
C GLN B 103 -47.70 5.58 -66.22
N GLU B 104 -47.76 6.87 -65.86
CA GLU B 104 -46.63 7.76 -66.02
C GLU B 104 -45.57 7.46 -64.98
N ILE B 105 -46.00 7.25 -63.74
CA ILE B 105 -45.08 6.88 -62.67
C ILE B 105 -44.62 5.44 -62.88
N LYS B 106 -45.42 4.66 -63.61
CA LYS B 106 -45.02 3.33 -64.04
C LYS B 106 -43.83 3.45 -64.99
N GLU B 107 -43.95 4.37 -65.94
CA GLU B 107 -42.91 4.58 -66.94
C GLU B 107 -41.79 5.41 -66.34
N SER B 108 -41.96 5.81 -65.08
CA SER B 108 -40.92 6.51 -64.35
C SER B 108 -40.06 5.54 -63.54
N VAL B 109 -40.66 4.92 -62.53
CA VAL B 109 -39.92 4.04 -61.63
C VAL B 109 -39.68 2.63 -62.20
N GLU B 110 -40.59 2.17 -63.05
CA GLU B 110 -40.44 0.84 -63.65
C GLU B 110 -39.73 0.92 -64.99
N LEU B 111 -39.27 2.12 -65.33
CA LEU B 111 -38.53 2.35 -66.56
C LEU B 111 -37.27 1.47 -66.67
N PRO B 112 -36.43 1.41 -65.62
CA PRO B 112 -35.31 0.47 -65.76
C PRO B 112 -35.70 -0.94 -65.32
N LEU B 113 -36.80 -1.45 -65.87
CA LEU B 113 -37.35 -2.74 -65.48
C LEU B 113 -38.04 -3.41 -66.67
N THR B 114 -38.84 -4.44 -66.39
CA THR B 114 -39.46 -5.27 -67.41
C THR B 114 -40.23 -4.47 -68.47
N HIS B 115 -40.27 -5.03 -69.67
CA HIS B 115 -40.81 -4.37 -70.87
C HIS B 115 -40.03 -3.10 -71.22
N PRO B 116 -38.72 -3.25 -71.52
CA PRO B 116 -37.82 -2.12 -71.78
C PRO B 116 -38.00 -1.45 -73.14
N GLU B 117 -38.64 -2.12 -74.09
CA GLU B 117 -38.62 -1.68 -75.50
C GLU B 117 -39.24 -0.31 -75.76
N TYR B 118 -39.94 0.24 -74.77
CA TYR B 118 -40.47 1.60 -74.91
C TYR B 118 -39.48 2.62 -74.37
N TYR B 119 -38.30 2.15 -73.97
CA TYR B 119 -37.26 3.01 -73.41
C TYR B 119 -36.00 3.03 -74.25
N GLU B 120 -35.36 1.88 -74.39
CA GLU B 120 -34.04 1.77 -75.01
C GLU B 120 -33.97 2.24 -76.46
N GLU B 121 -35.13 2.44 -77.09
CA GLU B 121 -35.18 2.96 -78.45
C GLU B 121 -34.61 4.38 -78.52
N MET B 122 -34.99 5.21 -77.55
CA MET B 122 -34.46 6.57 -77.45
C MET B 122 -33.94 6.83 -76.03
N GLY B 123 -34.85 6.87 -75.07
CA GLY B 123 -34.50 7.01 -73.67
C GLY B 123 -34.61 8.43 -73.14
N ILE B 124 -34.93 8.54 -71.86
CA ILE B 124 -35.03 9.82 -71.18
C ILE B 124 -34.21 9.79 -69.89
N LYS B 125 -34.62 8.94 -68.97
CA LYS B 125 -33.94 8.74 -67.68
C LYS B 125 -33.77 10.04 -66.88
N PRO B 126 -34.88 10.57 -66.32
CA PRO B 126 -34.87 11.70 -65.39
C PRO B 126 -34.90 11.29 -63.91
N PRO B 127 -33.77 10.81 -63.37
CA PRO B 127 -33.83 10.24 -62.01
C PRO B 127 -33.89 11.30 -60.90
N LYS B 128 -34.84 12.23 -61.02
CA LYS B 128 -35.03 13.25 -60.00
C LYS B 128 -36.13 12.86 -59.00
N GLY B 129 -36.75 11.71 -59.25
CA GLY B 129 -37.83 11.23 -58.40
C GLY B 129 -39.13 11.99 -58.62
N VAL B 130 -40.18 11.55 -57.94
CA VAL B 130 -41.50 12.18 -58.06
C VAL B 130 -42.07 12.53 -56.68
N ILE B 131 -43.26 13.11 -56.69
CA ILE B 131 -43.94 13.49 -55.45
C ILE B 131 -45.39 13.00 -55.44
N LEU B 132 -45.76 12.24 -54.42
CA LEU B 132 -47.11 11.71 -54.30
C LEU B 132 -47.82 12.24 -53.07
N TYR B 133 -49.06 12.66 -53.24
CA TYR B 133 -49.86 13.18 -52.13
C TYR B 133 -51.35 13.11 -52.44
N GLY B 134 -52.17 13.55 -51.50
CA GLY B 134 -53.61 13.59 -51.69
C GLY B 134 -54.38 14.01 -50.45
N PRO B 135 -55.64 14.43 -50.64
CA PRO B 135 -56.51 14.85 -49.54
C PRO B 135 -56.79 13.79 -48.45
N PRO B 136 -57.09 12.52 -48.83
CA PRO B 136 -57.31 11.56 -47.74
C PRO B 136 -56.04 11.30 -46.92
N GLY B 137 -54.92 11.17 -47.60
CA GLY B 137 -53.64 10.91 -46.95
C GLY B 137 -53.60 9.59 -46.20
N THR B 138 -52.98 9.62 -45.03
CA THR B 138 -52.85 8.45 -44.15
C THR B 138 -52.11 7.32 -44.87
N GLY B 139 -51.30 7.69 -45.85
CA GLY B 139 -50.45 6.75 -46.56
C GLY B 139 -51.15 5.59 -47.26
N LYS B 140 -52.46 5.72 -47.46
CA LYS B 140 -53.23 4.65 -48.11
C LYS B 140 -52.83 4.45 -49.56
N THR B 141 -52.93 5.53 -50.34
CA THR B 141 -52.60 5.48 -51.75
C THR B 141 -51.09 5.35 -51.94
N LEU B 142 -50.34 5.92 -50.99
CA LEU B 142 -48.89 5.86 -51.02
C LEU B 142 -48.40 4.42 -50.88
N LEU B 143 -48.94 3.71 -49.89
CA LEU B 143 -48.61 2.31 -49.68
C LEU B 143 -49.21 1.46 -50.78
N ALA B 144 -50.32 1.92 -51.36
CA ALA B 144 -50.95 1.22 -52.46
C ALA B 144 -50.04 1.19 -53.68
N LYS B 145 -49.40 2.33 -53.96
CA LYS B 145 -48.48 2.43 -55.08
C LYS B 145 -47.12 1.81 -54.74
N ALA B 146 -46.78 1.80 -53.46
CA ALA B 146 -45.50 1.28 -53.02
C ALA B 146 -45.47 -0.25 -53.02
N VAL B 147 -46.62 -0.86 -52.71
CA VAL B 147 -46.70 -2.31 -52.60
C VAL B 147 -46.72 -2.96 -53.99
N ALA B 148 -47.02 -2.17 -55.01
CA ALA B 148 -47.07 -2.67 -56.38
C ALA B 148 -45.67 -2.97 -56.91
N ASN B 149 -44.67 -2.26 -56.37
CA ASN B 149 -43.29 -2.44 -56.78
C ASN B 149 -42.56 -3.44 -55.90
N GLN B 150 -43.29 -4.05 -54.97
CA GLN B 150 -42.70 -4.97 -53.99
C GLN B 150 -42.70 -6.42 -54.49
N THR B 151 -43.12 -6.63 -55.74
CA THR B 151 -43.12 -7.97 -56.33
C THR B 151 -41.72 -8.57 -56.27
N SER B 152 -40.80 -8.05 -57.08
CA SER B 152 -39.39 -8.40 -56.96
C SER B 152 -38.55 -7.13 -56.91
N ALA B 153 -37.96 -6.87 -55.74
CA ALA B 153 -37.19 -5.66 -55.49
C ALA B 153 -36.68 -5.63 -54.05
N THR B 154 -35.88 -4.61 -53.74
CA THR B 154 -35.48 -4.36 -52.36
C THR B 154 -36.13 -3.08 -51.88
N PHE B 155 -37.09 -3.20 -50.96
CA PHE B 155 -37.89 -2.07 -50.51
C PHE B 155 -37.36 -1.45 -49.24
N LEU B 156 -37.39 -0.12 -49.18
CA LEU B 156 -36.96 0.62 -47.99
C LEU B 156 -38.01 1.65 -47.60
N ARG B 157 -38.56 1.51 -46.40
CA ARG B 157 -39.60 2.42 -45.92
C ARG B 157 -39.08 3.36 -44.85
N VAL B 158 -39.23 4.67 -45.10
CA VAL B 158 -38.81 5.68 -44.14
C VAL B 158 -39.99 6.55 -43.72
N VAL B 159 -40.34 6.49 -42.42
CA VAL B 159 -41.47 7.25 -41.91
C VAL B 159 -41.03 8.26 -40.85
N GLY B 160 -41.39 9.51 -41.05
CA GLY B 160 -41.04 10.57 -40.11
C GLY B 160 -39.93 11.47 -40.62
N SER B 161 -39.81 12.65 -40.01
CA SER B 161 -38.78 13.61 -40.40
C SER B 161 -37.91 13.99 -39.22
N ASP B 170 -27.79 18.70 -34.32
CA ASP B 170 -27.32 17.36 -34.63
C ASP B 170 -27.08 17.20 -36.13
N GLY B 171 -27.99 17.74 -36.93
CA GLY B 171 -27.89 17.65 -38.38
C GLY B 171 -28.47 16.37 -38.93
N PRO B 172 -28.66 16.30 -40.25
CA PRO B 172 -29.20 15.12 -40.92
C PRO B 172 -28.17 14.01 -41.10
N LYS B 173 -27.53 13.61 -40.00
CA LYS B 173 -26.52 12.56 -40.04
C LYS B 173 -27.13 11.21 -40.44
N LEU B 174 -28.26 10.88 -39.81
CA LEU B 174 -28.97 9.66 -40.12
C LEU B 174 -29.49 9.68 -41.55
N VAL B 175 -29.83 10.88 -42.03
CA VAL B 175 -30.28 11.06 -43.39
C VAL B 175 -29.14 10.81 -44.36
N ARG B 176 -27.93 11.21 -43.97
CA ARG B 176 -26.74 10.95 -44.77
C ARG B 176 -26.42 9.46 -44.80
N GLU B 177 -26.60 8.79 -43.66
CA GLU B 177 -26.39 7.36 -43.56
C GLU B 177 -27.36 6.61 -44.46
N LEU B 178 -28.62 7.05 -44.44
CA LEU B 178 -29.64 6.46 -45.30
C LEU B 178 -29.32 6.75 -46.76
N PHE B 179 -28.71 7.90 -47.02
CA PHE B 179 -28.35 8.30 -48.37
C PHE B 179 -27.24 7.42 -48.94
N ARG B 180 -26.22 7.14 -48.14
CA ARG B 180 -25.11 6.33 -48.59
C ARG B 180 -25.47 4.84 -48.62
N VAL B 181 -26.33 4.42 -47.70
CA VAL B 181 -26.77 3.02 -47.70
C VAL B 181 -27.73 2.80 -48.87
N ALA B 182 -28.39 3.87 -49.30
CA ALA B 182 -29.23 3.80 -50.50
C ALA B 182 -28.35 3.97 -51.74
N GLU B 183 -27.15 4.49 -51.54
CA GLU B 183 -26.17 4.57 -52.62
C GLU B 183 -25.59 3.20 -52.89
N GLU B 184 -25.47 2.41 -51.82
CA GLU B 184 -25.06 1.01 -51.96
C GLU B 184 -26.25 0.15 -52.40
N HIS B 185 -27.45 0.59 -52.04
CA HIS B 185 -28.68 -0.10 -52.42
C HIS B 185 -29.25 0.45 -53.73
N ALA B 186 -28.47 1.29 -54.40
CA ALA B 186 -28.90 2.00 -55.62
C ALA B 186 -29.68 1.17 -56.64
N PRO B 187 -29.26 -0.09 -56.91
CA PRO B 187 -30.13 -0.86 -57.81
C PRO B 187 -31.41 -1.36 -57.14
N SER B 188 -32.20 -0.44 -56.60
CA SER B 188 -33.47 -0.77 -55.96
C SER B 188 -34.41 0.43 -55.97
N ILE B 189 -35.52 0.32 -55.25
CA ILE B 189 -36.48 1.42 -55.17
C ILE B 189 -36.64 1.91 -53.73
N VAL B 190 -36.36 3.20 -53.52
CA VAL B 190 -36.46 3.81 -52.20
C VAL B 190 -37.75 4.62 -52.07
N PHE B 191 -38.52 4.35 -51.02
CA PHE B 191 -39.79 5.03 -50.82
C PHE B 191 -39.85 5.70 -49.44
N ILE B 192 -39.96 7.02 -49.44
CA ILE B 192 -40.06 7.79 -48.21
C ILE B 192 -41.51 8.16 -47.93
N ASP B 193 -41.99 7.84 -46.73
CA ASP B 193 -43.38 8.07 -46.38
C ASP B 193 -43.52 9.06 -45.22
N GLU B 194 -44.66 9.73 -45.15
CA GLU B 194 -44.95 10.72 -44.12
C GLU B 194 -43.92 11.83 -44.06
N ILE B 195 -43.90 12.67 -45.10
CA ILE B 195 -42.99 13.80 -45.15
C ILE B 195 -43.69 15.08 -44.70
N ASP B 196 -43.24 15.63 -43.57
CA ASP B 196 -43.83 16.85 -43.02
C ASP B 196 -42.76 17.90 -42.75
N GLY B 209 -34.95 23.94 -33.52
CA GLY B 209 -36.32 24.41 -33.49
C GLY B 209 -36.98 24.36 -34.85
N GLU B 210 -37.77 25.38 -35.16
CA GLU B 210 -38.46 25.44 -36.44
C GLU B 210 -37.51 25.86 -37.56
N ARG B 211 -36.55 26.69 -37.22
CA ARG B 211 -35.57 27.17 -38.20
C ARG B 211 -34.60 26.06 -38.61
N GLU B 212 -34.45 25.06 -37.74
CA GLU B 212 -33.58 23.92 -38.04
C GLU B 212 -34.19 23.03 -39.10
N ILE B 213 -35.52 22.91 -39.07
CA ILE B 213 -36.25 22.10 -40.04
C ILE B 213 -36.07 22.64 -41.45
N GLN B 214 -36.07 23.97 -41.57
CA GLN B 214 -35.92 24.61 -42.87
C GLN B 214 -34.52 24.39 -43.46
N ARG B 215 -33.49 24.55 -42.62
CA ARG B 215 -32.12 24.42 -43.08
C ARG B 215 -31.75 22.95 -43.33
N THR B 216 -32.35 22.04 -42.58
CA THR B 216 -32.11 20.62 -42.82
C THR B 216 -32.93 20.16 -44.02
N MET B 217 -33.97 20.93 -44.35
CA MET B 217 -34.75 20.69 -45.55
C MET B 217 -33.96 21.15 -46.77
N LEU B 218 -33.24 22.25 -46.61
CA LEU B 218 -32.37 22.77 -47.66
C LEU B 218 -31.18 21.82 -47.84
N GLU B 219 -30.69 21.27 -46.74
CA GLU B 219 -29.59 20.32 -46.78
C GLU B 219 -30.04 19.02 -47.46
N LEU B 220 -31.25 18.58 -47.12
CA LEU B 220 -31.82 17.38 -47.74
C LEU B 220 -32.04 17.60 -49.23
N LEU B 221 -32.48 18.82 -49.59
CA LEU B 221 -32.70 19.18 -50.98
C LEU B 221 -31.38 19.19 -51.75
N ASN B 222 -30.34 19.72 -51.13
CA ASN B 222 -29.02 19.77 -51.74
C ASN B 222 -28.42 18.38 -51.92
N GLN B 223 -28.65 17.52 -50.93
CA GLN B 223 -28.11 16.16 -50.96
C GLN B 223 -28.86 15.29 -51.97
N LEU B 224 -30.16 15.53 -52.10
CA LEU B 224 -30.98 14.76 -53.03
C LEU B 224 -30.78 15.25 -54.46
N ASP B 225 -30.30 16.48 -54.59
CA ASP B 225 -30.11 17.10 -55.91
C ASP B 225 -28.99 16.41 -56.69
N GLY B 226 -28.09 15.74 -55.98
CA GLY B 226 -26.97 15.06 -56.62
C GLY B 226 -25.99 16.03 -57.24
N PHE B 227 -25.48 16.96 -56.43
CA PHE B 227 -24.51 17.94 -56.89
C PHE B 227 -23.21 17.29 -57.34
N ASP B 228 -22.59 16.53 -56.44
CA ASP B 228 -21.31 15.91 -56.71
C ASP B 228 -21.42 14.48 -57.22
N SER B 229 -22.66 13.98 -57.33
CA SER B 229 -22.89 12.62 -57.77
C SER B 229 -23.93 12.54 -58.89
N ARG B 230 -23.77 11.55 -59.75
CA ARG B 230 -24.71 11.33 -60.86
C ARG B 230 -25.93 10.56 -60.38
N GLY B 231 -26.76 10.13 -61.33
CA GLY B 231 -27.94 9.35 -61.02
C GLY B 231 -27.62 8.08 -60.27
N ASP B 232 -28.26 7.90 -59.11
CA ASP B 232 -27.97 6.76 -58.25
C ASP B 232 -29.20 5.88 -58.05
N VAL B 233 -30.16 6.37 -57.27
CA VAL B 233 -31.37 5.61 -56.98
C VAL B 233 -32.61 6.50 -57.03
N LYS B 234 -33.71 5.94 -57.51
CA LYS B 234 -34.97 6.67 -57.57
C LYS B 234 -35.56 6.89 -56.19
N VAL B 235 -35.83 8.15 -55.86
CA VAL B 235 -36.40 8.50 -54.56
C VAL B 235 -37.83 9.00 -54.72
N ILE B 236 -38.77 8.30 -54.09
CA ILE B 236 -40.18 8.65 -54.19
C ILE B 236 -40.66 9.41 -52.96
N MET B 237 -40.98 10.68 -53.14
CA MET B 237 -41.47 11.51 -52.04
C MET B 237 -42.97 11.34 -51.86
N ALA B 238 -43.38 11.05 -50.63
CA ALA B 238 -44.79 10.83 -50.34
C ALA B 238 -45.23 11.61 -49.09
N THR B 239 -46.31 12.37 -49.23
CA THR B 239 -46.82 13.17 -48.13
C THR B 239 -48.35 13.26 -48.17
N ASN B 240 -48.90 14.12 -47.32
CA ASN B 240 -50.35 14.31 -47.26
C ASN B 240 -50.79 15.59 -47.96
N ARG B 241 -50.48 16.72 -47.35
CA ARG B 241 -50.85 18.02 -47.91
C ARG B 241 -49.67 18.69 -48.61
N ILE B 242 -49.90 19.12 -49.85
CA ILE B 242 -48.85 19.76 -50.63
C ILE B 242 -48.76 21.25 -50.30
N GLU B 243 -49.77 21.77 -49.62
CA GLU B 243 -49.82 23.18 -49.26
C GLU B 243 -48.83 23.50 -48.14
N THR B 244 -48.53 22.50 -47.32
CA THR B 244 -47.60 22.69 -46.20
C THR B 244 -46.16 22.70 -46.67
N LEU B 245 -45.89 22.03 -47.79
CA LEU B 245 -44.54 21.97 -48.33
C LEU B 245 -44.15 23.25 -49.04
N ASP B 246 -42.90 23.67 -48.86
CA ASP B 246 -42.38 24.86 -49.51
C ASP B 246 -42.11 24.60 -50.99
N PRO B 247 -42.21 25.66 -51.82
CA PRO B 247 -41.97 25.54 -53.27
C PRO B 247 -40.58 25.05 -53.63
N ALA B 248 -39.64 25.11 -52.68
CA ALA B 248 -38.28 24.64 -52.90
C ALA B 248 -38.22 23.12 -52.96
N LEU B 249 -39.31 22.46 -52.59
CA LEU B 249 -39.38 21.01 -52.64
C LEU B 249 -40.01 20.51 -53.93
N ILE B 250 -40.39 21.44 -54.80
CA ILE B 250 -41.07 21.08 -56.04
C ILE B 250 -40.14 21.22 -57.25
N ARG B 251 -39.72 22.44 -57.55
CA ARG B 251 -38.91 22.70 -58.73
C ARG B 251 -37.51 22.07 -58.67
N PRO B 252 -36.74 22.32 -57.58
CA PRO B 252 -35.42 21.68 -57.55
C PRO B 252 -35.49 20.16 -57.40
N GLY B 253 -36.45 19.69 -56.61
CA GLY B 253 -36.57 18.28 -56.30
C GLY B 253 -36.92 17.40 -57.49
N ARG B 254 -38.02 17.71 -58.15
CA ARG B 254 -38.48 16.93 -59.29
C ARG B 254 -38.63 17.78 -60.55
N ILE B 255 -37.89 17.41 -61.60
CA ILE B 255 -37.91 18.14 -62.85
C ILE B 255 -38.86 17.49 -63.87
N ASP B 256 -39.50 16.39 -63.47
CA ASP B 256 -40.27 15.61 -64.44
C ASP B 256 -41.77 15.86 -64.37
N ARG B 257 -42.45 15.32 -63.37
CA ARG B 257 -43.90 15.46 -63.28
C ARG B 257 -44.44 15.35 -61.86
N LYS B 258 -45.56 16.02 -61.60
CA LYS B 258 -46.29 15.87 -60.34
C LYS B 258 -47.78 15.96 -60.63
N ILE B 259 -48.56 15.07 -60.03
CA ILE B 259 -49.98 14.98 -60.31
C ILE B 259 -50.84 15.09 -59.05
N GLU B 260 -51.85 15.94 -59.09
CA GLU B 260 -52.79 16.09 -57.98
C GLU B 260 -53.67 14.85 -57.89
N PHE B 261 -54.23 14.60 -56.70
CA PHE B 261 -55.02 13.40 -56.46
C PHE B 261 -56.50 13.69 -56.72
N PRO B 262 -57.03 13.16 -57.83
CA PRO B 262 -58.38 13.47 -58.33
C PRO B 262 -59.53 12.89 -57.50
N LEU B 263 -59.30 11.73 -56.89
CA LEU B 263 -60.36 11.03 -56.16
C LEU B 263 -59.78 9.95 -55.26
N PRO B 264 -60.61 9.30 -54.43
CA PRO B 264 -60.10 8.24 -53.54
C PRO B 264 -59.46 7.04 -54.25
N ASP B 265 -59.73 6.87 -55.54
CA ASP B 265 -59.19 5.76 -56.32
C ASP B 265 -59.57 4.42 -55.72
N GLU B 266 -60.84 4.06 -55.85
CA GLU B 266 -61.35 2.79 -55.31
C GLU B 266 -60.83 1.57 -56.07
N LYS B 267 -60.14 1.81 -57.19
CA LYS B 267 -59.68 0.72 -58.05
C LYS B 267 -58.51 -0.04 -57.44
N THR B 268 -57.38 0.65 -57.26
CA THR B 268 -56.20 0.03 -56.65
C THR B 268 -56.52 -0.53 -55.27
N LYS B 269 -57.40 0.16 -54.55
CA LYS B 269 -57.84 -0.30 -53.24
C LYS B 269 -58.65 -1.59 -53.36
N LYS B 270 -59.46 -1.68 -54.41
CA LYS B 270 -60.22 -2.90 -54.70
C LYS B 270 -59.25 -4.04 -55.03
N ARG B 271 -58.16 -3.70 -55.70
CA ARG B 271 -57.13 -4.69 -56.02
C ARG B 271 -56.45 -5.20 -54.76
N ILE B 272 -56.14 -4.28 -53.86
CA ILE B 272 -55.52 -4.63 -52.58
C ILE B 272 -56.45 -5.54 -51.76
N PHE B 273 -57.71 -5.15 -51.67
CA PHE B 273 -58.71 -5.93 -50.96
C PHE B 273 -58.87 -7.32 -51.59
N GLN B 274 -58.73 -7.37 -52.91
CA GLN B 274 -58.80 -8.63 -53.63
C GLN B 274 -57.60 -9.51 -53.30
N ILE B 275 -56.45 -8.88 -53.12
CA ILE B 275 -55.23 -9.59 -52.77
C ILE B 275 -55.34 -10.17 -51.35
N HIS B 276 -55.83 -9.36 -50.43
CA HIS B 276 -55.99 -9.81 -49.04
C HIS B 276 -57.08 -10.88 -48.89
N THR B 277 -58.11 -10.78 -49.72
CA THR B 277 -59.22 -11.73 -49.65
C THR B 277 -59.03 -12.90 -50.63
N SER B 278 -57.89 -12.92 -51.30
CA SER B 278 -57.58 -13.99 -52.25
C SER B 278 -57.52 -15.34 -51.56
N ARG B 279 -56.91 -15.37 -50.39
CA ARG B 279 -56.81 -16.61 -49.60
C ARG B 279 -58.12 -16.89 -48.86
N MET B 280 -58.92 -15.85 -48.69
CA MET B 280 -60.21 -15.98 -48.01
C MET B 280 -61.32 -16.35 -48.99
N THR B 281 -62.53 -16.50 -48.47
CA THR B 281 -63.68 -16.84 -49.29
C THR B 281 -64.81 -15.82 -49.15
N LEU B 282 -65.59 -15.66 -50.21
CA LEU B 282 -66.71 -14.72 -50.20
C LEU B 282 -67.79 -15.14 -51.18
N ALA B 283 -69.01 -14.66 -50.96
CA ALA B 283 -70.14 -15.00 -51.82
C ALA B 283 -70.34 -13.94 -52.90
N ASP B 284 -71.38 -14.12 -53.70
CA ASP B 284 -71.65 -13.22 -54.82
C ASP B 284 -72.52 -12.04 -54.41
N ASP B 285 -73.09 -12.11 -53.20
CA ASP B 285 -73.96 -11.04 -52.72
C ASP B 285 -73.16 -9.95 -52.00
N VAL B 286 -71.85 -10.13 -51.93
CA VAL B 286 -70.98 -9.18 -51.28
C VAL B 286 -70.38 -8.19 -52.28
N THR B 287 -70.75 -6.93 -52.15
CA THR B 287 -70.24 -5.89 -53.04
C THR B 287 -69.03 -5.20 -52.43
N LEU B 288 -67.96 -5.09 -53.21
CA LEU B 288 -66.73 -4.47 -52.75
C LEU B 288 -66.80 -2.94 -52.80
N ASP B 289 -67.61 -2.43 -53.72
CA ASP B 289 -67.68 -0.99 -53.99
C ASP B 289 -68.08 -0.17 -52.77
N ASP B 290 -69.22 -0.47 -52.19
CA ASP B 290 -69.72 0.29 -51.04
C ASP B 290 -68.82 0.09 -49.82
N LEU B 291 -68.20 -1.07 -49.73
CA LEU B 291 -67.29 -1.38 -48.63
C LEU B 291 -66.04 -0.52 -48.68
N ILE B 292 -65.40 -0.46 -49.85
CA ILE B 292 -64.19 0.32 -50.01
C ILE B 292 -64.50 1.82 -50.06
N MET B 293 -65.76 2.15 -50.37
CA MET B 293 -66.18 3.54 -50.39
C MET B 293 -66.46 4.04 -48.97
N ALA B 294 -66.94 3.15 -48.11
CA ALA B 294 -67.27 3.49 -46.74
C ALA B 294 -66.02 3.70 -45.90
N LYS B 295 -65.02 2.85 -46.10
CA LYS B 295 -63.78 2.93 -45.34
C LYS B 295 -62.98 4.18 -45.71
N ASP B 296 -62.46 4.86 -44.68
CA ASP B 296 -61.67 6.07 -44.89
C ASP B 296 -60.44 6.09 -44.00
N ASP B 297 -59.29 6.34 -44.62
CA ASP B 297 -58.00 6.40 -43.91
C ASP B 297 -57.67 5.11 -43.17
N LEU B 298 -57.40 4.05 -43.92
CA LEU B 298 -56.99 2.77 -43.34
C LEU B 298 -55.63 2.34 -43.87
N SER B 299 -54.88 1.62 -43.04
CA SER B 299 -53.57 1.10 -43.44
C SER B 299 -53.65 -0.39 -43.70
N GLY B 300 -52.51 -1.00 -44.03
CA GLY B 300 -52.44 -2.43 -44.27
C GLY B 300 -52.74 -3.23 -43.02
N ALA B 301 -52.17 -2.80 -41.90
CA ALA B 301 -52.42 -3.45 -40.62
C ALA B 301 -53.87 -3.28 -40.20
N ASP B 302 -54.47 -2.16 -40.58
CA ASP B 302 -55.85 -1.87 -40.27
C ASP B 302 -56.81 -2.80 -41.02
N ILE B 303 -56.63 -2.90 -42.34
CA ILE B 303 -57.48 -3.76 -43.14
C ILE B 303 -57.22 -5.23 -42.80
N LYS B 304 -55.98 -5.56 -42.45
CA LYS B 304 -55.66 -6.90 -42.00
C LYS B 304 -56.38 -7.20 -40.69
N ALA B 305 -56.49 -6.19 -39.84
CA ALA B 305 -57.17 -6.33 -38.56
C ALA B 305 -58.67 -6.51 -38.74
N ILE B 306 -59.27 -5.71 -39.61
CA ILE B 306 -60.72 -5.79 -39.82
C ILE B 306 -61.09 -7.06 -40.58
N CYS B 307 -60.16 -7.57 -41.38
CA CYS B 307 -60.38 -8.85 -42.06
C CYS B 307 -60.24 -10.00 -41.08
N THR B 308 -59.27 -9.86 -40.16
CA THR B 308 -59.06 -10.86 -39.11
C THR B 308 -60.29 -10.95 -38.21
N GLU B 309 -60.84 -9.80 -37.84
CA GLU B 309 -62.04 -9.77 -37.01
C GLU B 309 -63.27 -10.12 -37.82
N ALA B 310 -63.17 -9.99 -39.14
CA ALA B 310 -64.26 -10.41 -40.02
C ALA B 310 -64.36 -11.93 -40.01
N GLY B 311 -63.22 -12.59 -40.16
CA GLY B 311 -63.17 -14.04 -40.09
C GLY B 311 -63.49 -14.54 -38.69
N LEU B 312 -63.06 -13.78 -37.69
CA LEU B 312 -63.31 -14.12 -36.30
C LEU B 312 -64.80 -14.04 -35.97
N MET B 313 -65.46 -13.04 -36.55
CA MET B 313 -66.90 -12.87 -36.34
C MET B 313 -67.67 -13.82 -37.24
N ALA B 314 -67.01 -14.34 -38.27
CA ALA B 314 -67.59 -15.35 -39.13
C ALA B 314 -67.39 -16.73 -38.52
N LEU B 315 -66.55 -16.80 -37.50
CA LEU B 315 -66.29 -18.04 -36.78
C LEU B 315 -67.37 -18.26 -35.71
N ARG B 316 -68.15 -17.22 -35.44
CA ARG B 316 -69.23 -17.29 -34.46
C ARG B 316 -70.27 -18.34 -34.86
N GLU B 317 -70.64 -18.32 -36.14
CA GLU B 317 -71.59 -19.29 -36.67
C GLU B 317 -70.87 -20.49 -37.27
N ARG B 318 -69.54 -20.50 -37.10
CA ARG B 318 -68.69 -21.56 -37.63
C ARG B 318 -68.82 -21.70 -39.14
N ARG B 319 -68.76 -20.57 -39.84
CA ARG B 319 -68.86 -20.55 -41.29
C ARG B 319 -67.54 -20.14 -41.92
N MET B 320 -67.17 -20.81 -43.01
CA MET B 320 -65.92 -20.52 -43.71
C MET B 320 -66.11 -19.40 -44.73
N LYS B 321 -67.33 -18.88 -44.82
CA LYS B 321 -67.65 -17.82 -45.77
C LYS B 321 -68.05 -16.54 -45.05
N VAL B 322 -67.47 -15.42 -45.47
CA VAL B 322 -67.77 -14.13 -44.86
C VAL B 322 -68.75 -13.33 -45.72
N THR B 323 -69.87 -12.95 -45.12
CA THR B 323 -70.89 -12.18 -45.84
C THR B 323 -70.62 -10.69 -45.76
N ASN B 324 -71.49 -9.91 -46.39
CA ASN B 324 -71.34 -8.45 -46.41
C ASN B 324 -71.77 -7.80 -45.09
N GLU B 325 -72.93 -8.21 -44.58
CA GLU B 325 -73.46 -7.67 -43.35
C GLU B 325 -72.55 -8.00 -42.16
N ASP B 326 -71.95 -9.18 -42.18
CA ASP B 326 -71.02 -9.60 -41.14
C ASP B 326 -69.73 -8.78 -41.25
N PHE B 327 -69.35 -8.44 -42.47
CA PHE B 327 -68.15 -7.64 -42.71
C PHE B 327 -68.35 -6.22 -42.20
N LYS B 328 -69.52 -5.65 -42.45
CA LYS B 328 -69.83 -4.30 -41.98
C LYS B 328 -69.98 -4.29 -40.46
N LYS B 329 -70.64 -5.30 -39.92
CA LYS B 329 -70.85 -5.41 -38.47
C LYS B 329 -69.52 -5.59 -37.75
N SER B 330 -68.60 -6.31 -38.37
CA SER B 330 -67.26 -6.50 -37.81
C SER B 330 -66.45 -5.21 -37.91
N LYS B 331 -66.60 -4.52 -39.05
CA LYS B 331 -65.89 -3.27 -39.29
C LYS B 331 -66.33 -2.18 -38.31
N GLU B 332 -67.59 -2.27 -37.87
CA GLU B 332 -68.16 -1.32 -36.92
C GLU B 332 -67.37 -1.30 -35.62
N ASN B 333 -66.81 -2.44 -35.25
CA ASN B 333 -66.03 -2.56 -34.03
C ASN B 333 -64.79 -1.66 -34.04
N VAL B 334 -63.96 -1.81 -35.06
CA VAL B 334 -62.76 -0.99 -35.21
C VAL B 334 -63.12 0.46 -35.49
N LEU B 335 -64.13 0.67 -36.34
CA LEU B 335 -64.59 2.00 -36.70
C LEU B 335 -65.00 2.80 -35.46
N TYR B 336 -65.69 2.13 -34.54
CA TYR B 336 -66.11 2.77 -33.29
C TYR B 336 -64.96 2.84 -32.30
N LYS B 337 -64.01 1.91 -32.43
CA LYS B 337 -62.90 1.81 -31.49
C LYS B 337 -61.97 3.02 -31.54
N LYS B 338 -61.55 3.40 -32.74
CA LYS B 338 -60.60 4.49 -32.92
C LYS B 338 -61.26 5.86 -32.79
N GLN B 339 -62.55 5.93 -33.10
CA GLN B 339 -63.27 7.20 -33.04
C GLN B 339 -63.75 7.52 -31.63
N GLU B 340 -63.74 6.51 -30.76
CA GLU B 340 -64.15 6.69 -29.37
C GLU B 340 -63.02 7.30 -28.56
N GLY B 341 -61.80 7.15 -29.06
CA GLY B 341 -60.62 7.69 -28.39
C GLY B 341 -59.61 8.26 -29.36
N LEU C 1 28.23 -75.08 29.23
CA LEU C 1 28.36 -73.90 28.39
C LEU C 1 27.72 -72.68 29.06
N GLU C 2 26.44 -72.47 28.78
CA GLU C 2 25.66 -71.37 29.36
C GLU C 2 26.31 -70.01 29.09
N GLU C 3 26.72 -69.78 27.85
CA GLU C 3 27.34 -68.52 27.47
C GLU C 3 26.65 -67.92 26.25
N GLY C 4 26.74 -68.63 25.12
CA GLY C 4 26.15 -68.17 23.88
C GLY C 4 24.66 -67.90 23.97
N LYS C 5 23.97 -68.70 24.78
CA LYS C 5 22.54 -68.51 25.00
C LYS C 5 22.29 -67.66 26.25
N ALA C 6 23.38 -67.23 26.88
CA ALA C 6 23.29 -66.40 28.08
C ALA C 6 24.01 -65.07 27.91
N GLY C 7 25.34 -65.13 27.89
CA GLY C 7 26.16 -63.93 27.74
C GLY C 7 26.01 -63.28 26.39
N SER C 8 26.13 -64.07 25.33
CA SER C 8 25.96 -63.56 23.98
C SER C 8 24.52 -63.14 23.75
N GLY C 9 23.61 -63.78 24.48
CA GLY C 9 22.19 -63.44 24.42
C GLY C 9 21.93 -62.05 24.99
N LEU C 10 22.41 -61.81 26.20
CA LEU C 10 22.25 -60.51 26.84
C LEU C 10 23.09 -59.45 26.13
N ARG C 11 24.09 -59.90 25.38
CA ARG C 11 24.88 -59.00 24.55
C ARG C 11 24.08 -58.56 23.33
N GLN C 12 23.33 -59.51 22.76
CA GLN C 12 22.47 -59.24 21.62
C GLN C 12 21.28 -58.37 22.03
N TYR C 13 20.83 -58.56 23.27
CA TYR C 13 19.72 -57.77 23.81
C TYR C 13 20.22 -56.38 24.19
N TYR C 14 21.48 -56.30 24.61
CA TYR C 14 22.14 -55.02 24.82
C TYR C 14 22.22 -54.31 23.48
N LEU C 15 22.47 -55.09 22.43
CA LEU C 15 22.48 -54.57 21.06
C LEU C 15 21.08 -54.13 20.64
N SER C 16 20.06 -54.75 21.23
CA SER C 16 18.68 -54.36 20.96
C SER C 16 18.37 -53.03 21.63
N LYS C 17 18.92 -52.83 22.82
CA LYS C 17 18.79 -51.54 23.49
C LYS C 17 19.55 -50.47 22.69
N ILE C 18 20.67 -50.89 22.10
CA ILE C 18 21.40 -50.03 21.19
C ILE C 18 20.53 -49.69 19.99
N GLU C 19 19.72 -50.66 19.56
CA GLU C 19 18.77 -50.44 18.47
C GLU C 19 17.66 -49.49 18.91
N GLU C 20 17.41 -49.44 20.22
CA GLU C 20 16.42 -48.50 20.75
C GLU C 20 16.98 -47.08 20.74
N LEU C 21 18.24 -46.94 21.15
CA LEU C 21 18.91 -45.65 21.10
C LEU C 21 19.03 -45.16 19.67
N GLN C 22 19.34 -46.08 18.76
CA GLN C 22 19.43 -45.76 17.34
C GLN C 22 18.05 -45.60 16.73
N LEU C 23 17.01 -46.02 17.47
CA LEU C 23 15.64 -45.76 17.07
C LEU C 23 15.28 -44.32 17.45
N ILE C 24 15.82 -43.88 18.59
CA ILE C 24 15.68 -42.48 18.99
C ILE C 24 16.40 -41.60 17.97
N VAL C 25 17.61 -42.00 17.60
CA VAL C 25 18.34 -41.32 16.54
C VAL C 25 17.54 -41.36 15.24
N ASN C 26 16.89 -42.49 15.01
CA ASN C 26 16.10 -42.70 13.79
C ASN C 26 14.94 -41.72 13.66
N ASP C 27 14.05 -41.69 14.65
CA ASP C 27 12.87 -40.85 14.55
C ASP C 27 13.20 -39.38 14.80
N LYS C 28 14.30 -39.12 15.50
CA LYS C 28 14.80 -37.75 15.60
C LYS C 28 15.24 -37.27 14.21
N SER C 29 15.94 -38.13 13.49
CA SER C 29 16.34 -37.83 12.12
C SER C 29 15.11 -37.69 11.24
N GLN C 30 14.07 -38.46 11.56
CA GLN C 30 12.83 -38.43 10.80
C GLN C 30 12.11 -37.09 10.93
N ASN C 31 11.86 -36.67 12.17
CA ASN C 31 11.15 -35.41 12.38
C ASN C 31 12.02 -34.20 12.01
N LEU C 32 13.33 -34.33 12.17
CA LEU C 32 14.24 -33.28 11.76
C LEU C 32 14.26 -33.13 10.25
N ARG C 33 14.18 -34.24 9.53
CA ARG C 33 14.19 -34.20 8.07
C ARG C 33 12.81 -33.83 7.52
N ARG C 34 11.77 -34.03 8.34
CA ARG C 34 10.43 -33.61 7.97
C ARG C 34 10.29 -32.10 8.12
N LEU C 35 10.84 -31.58 9.22
CA LEU C 35 10.91 -30.14 9.42
C LEU C 35 11.81 -29.51 8.35
N GLN C 36 12.84 -30.25 7.98
CA GLN C 36 13.76 -29.83 6.92
C GLN C 36 13.02 -29.73 5.59
N ALA C 37 12.19 -30.73 5.31
CA ALA C 37 11.42 -30.76 4.08
C ALA C 37 10.35 -29.68 4.09
N GLN C 38 9.88 -29.33 5.28
CA GLN C 38 8.89 -28.26 5.44
C GLN C 38 9.51 -26.90 5.13
N ARG C 39 10.64 -26.62 5.76
CA ARG C 39 11.37 -25.37 5.51
C ARG C 39 11.82 -25.27 4.07
N ASN C 40 12.17 -26.42 3.49
CA ASN C 40 12.56 -26.47 2.08
C ASN C 40 11.37 -26.25 1.17
N GLU C 41 10.19 -26.65 1.65
CA GLU C 41 8.96 -26.45 0.90
C GLU C 41 8.56 -24.98 0.91
N LEU C 42 8.75 -24.33 2.04
CA LEU C 42 8.45 -22.90 2.15
C LEU C 42 9.46 -22.08 1.36
N ASN C 43 10.72 -22.50 1.41
CA ASN C 43 11.78 -21.85 0.65
C ASN C 43 11.55 -22.01 -0.84
N ALA C 44 11.05 -23.18 -1.24
CA ALA C 44 10.71 -23.43 -2.63
C ALA C 44 9.48 -22.62 -3.01
N LYS C 45 8.62 -22.35 -2.03
CA LYS C 45 7.42 -21.56 -2.24
C LYS C 45 7.77 -20.11 -2.54
N VAL C 46 8.62 -19.52 -1.70
CA VAL C 46 9.05 -18.15 -1.92
C VAL C 46 9.99 -18.08 -3.14
N ARG C 47 10.56 -19.22 -3.50
CA ARG C 47 11.33 -19.32 -4.73
C ARG C 47 10.39 -19.23 -5.93
N LEU C 48 9.22 -19.87 -5.81
CA LEU C 48 8.19 -19.76 -6.84
C LEU C 48 7.65 -18.34 -6.88
N LEU C 49 7.63 -17.68 -5.73
CA LEU C 49 7.22 -16.29 -5.66
C LEU C 49 8.21 -15.40 -6.39
N ARG C 50 9.50 -15.72 -6.24
CA ARG C 50 10.55 -14.97 -6.93
C ARG C 50 10.55 -15.33 -8.42
N GLU C 51 9.92 -16.46 -8.74
CA GLU C 51 9.70 -16.83 -10.13
C GLU C 51 8.51 -16.05 -10.67
N GLU C 52 7.62 -15.64 -9.77
CA GLU C 52 6.49 -14.79 -10.13
C GLU C 52 6.92 -13.33 -10.19
N LEU C 53 8.10 -13.05 -9.64
CA LEU C 53 8.64 -11.69 -9.63
C LEU C 53 8.81 -11.12 -11.02
N GLN C 54 9.11 -11.97 -12.00
CA GLN C 54 9.24 -11.54 -13.38
C GLN C 54 7.86 -11.22 -13.96
N LEU C 55 6.85 -11.91 -13.45
CA LEU C 55 5.46 -11.64 -13.85
C LEU C 55 4.96 -10.38 -13.15
N LEU C 56 5.67 -9.98 -12.09
CA LEU C 56 5.45 -8.67 -11.50
C LEU C 56 6.16 -7.61 -12.34
N GLN C 57 7.27 -8.01 -12.95
CA GLN C 57 8.02 -7.15 -13.85
C GLN C 57 7.27 -7.03 -15.18
N GLU C 58 6.30 -7.91 -15.37
CA GLU C 58 5.43 -7.89 -16.54
C GLU C 58 4.53 -6.64 -16.55
N GLN C 59 4.56 -5.90 -15.45
CA GLN C 59 3.78 -4.67 -15.28
C GLN C 59 2.27 -4.96 -15.29
N GLY C 60 1.89 -6.07 -14.67
CA GLY C 60 0.49 -6.42 -14.54
C GLY C 60 -0.14 -6.93 -15.83
N SER C 61 -1.45 -7.12 -15.80
CA SER C 61 -2.19 -7.60 -16.96
C SER C 61 -3.57 -6.96 -17.02
N TYR C 62 -4.07 -6.74 -18.23
CA TYR C 62 -5.35 -6.09 -18.44
C TYR C 62 -6.51 -7.05 -18.16
N VAL C 63 -7.73 -6.55 -18.33
CA VAL C 63 -8.92 -7.37 -18.17
C VAL C 63 -9.63 -7.54 -19.51
N GLY C 64 -9.60 -8.76 -20.05
CA GLY C 64 -10.17 -9.03 -21.35
C GLY C 64 -11.67 -9.29 -21.33
N GLU C 65 -12.35 -8.83 -22.37
CA GLU C 65 -13.78 -9.09 -22.54
C GLU C 65 -14.08 -9.48 -23.98
N VAL C 66 -14.60 -10.67 -24.19
CA VAL C 66 -14.91 -11.15 -25.54
C VAL C 66 -16.41 -11.07 -25.82
N VAL C 67 -16.78 -10.15 -26.70
CA VAL C 67 -18.19 -9.95 -27.07
C VAL C 67 -18.63 -10.92 -28.16
N ARG C 68 -17.69 -11.45 -28.93
CA ARG C 68 -18.01 -12.30 -30.06
C ARG C 68 -16.93 -13.35 -30.33
N ALA C 69 -17.36 -14.55 -30.72
CA ALA C 69 -16.44 -15.62 -31.07
C ALA C 69 -16.51 -15.92 -32.57
N MET C 70 -15.39 -16.35 -33.14
CA MET C 70 -15.31 -16.62 -34.56
C MET C 70 -14.92 -18.08 -34.83
N ASP C 71 -15.24 -18.57 -36.02
CA ASP C 71 -14.97 -19.96 -36.38
C ASP C 71 -13.53 -20.15 -36.86
N LYS C 72 -12.77 -19.06 -36.91
CA LYS C 72 -11.38 -19.10 -37.35
C LYS C 72 -10.44 -19.38 -36.18
N LYS C 73 -11.05 -19.63 -35.02
CA LYS C 73 -10.31 -19.91 -33.78
C LYS C 73 -9.44 -18.73 -33.36
N LYS C 74 -9.87 -17.52 -33.73
CA LYS C 74 -9.19 -16.30 -33.30
C LYS C 74 -10.14 -15.42 -32.50
N VAL C 75 -9.85 -15.26 -31.22
CA VAL C 75 -10.75 -14.56 -30.32
C VAL C 75 -10.51 -13.05 -30.31
N LEU C 76 -11.56 -12.29 -30.57
CA LEU C 76 -11.51 -10.83 -30.49
C LEU C 76 -11.90 -10.38 -29.09
N VAL C 77 -11.21 -9.37 -28.58
CA VAL C 77 -11.42 -8.92 -27.20
C VAL C 77 -11.75 -7.43 -27.12
N LYS C 78 -12.87 -7.10 -26.48
CA LYS C 78 -13.26 -5.72 -26.26
C LYS C 78 -12.51 -5.14 -25.06
N VAL C 79 -11.76 -4.06 -25.30
CA VAL C 79 -10.91 -3.46 -24.28
C VAL C 79 -11.11 -1.94 -24.21
N HIS C 80 -10.54 -1.34 -23.18
CA HIS C 80 -10.47 0.12 -23.04
C HIS C 80 -9.86 0.74 -24.31
N PRO C 81 -10.23 1.99 -24.63
CA PRO C 81 -9.77 2.68 -25.85
C PRO C 81 -8.28 2.52 -26.13
N GLU C 82 -7.94 2.45 -27.42
CA GLU C 82 -6.66 1.95 -27.92
C GLU C 82 -6.53 0.46 -27.60
N GLY C 83 -7.69 -0.18 -27.46
CA GLY C 83 -7.80 -1.60 -27.21
C GLY C 83 -8.15 -2.39 -28.45
N LYS C 84 -8.95 -3.44 -28.24
CA LYS C 84 -9.42 -4.31 -29.31
C LYS C 84 -8.28 -5.02 -30.03
N PHE C 85 -7.63 -5.93 -29.30
CA PHE C 85 -6.55 -6.73 -29.86
C PHE C 85 -7.06 -8.15 -30.11
N VAL C 86 -7.19 -8.51 -31.39
CA VAL C 86 -7.74 -9.82 -31.75
C VAL C 86 -6.62 -10.84 -31.99
N VAL C 87 -6.59 -11.88 -31.16
CA VAL C 87 -5.56 -12.90 -31.25
C VAL C 87 -6.09 -14.23 -30.70
N ASP C 88 -5.57 -15.34 -31.25
CA ASP C 88 -5.91 -16.67 -30.75
C ASP C 88 -5.43 -16.83 -29.31
N VAL C 89 -6.19 -17.59 -28.53
CA VAL C 89 -5.85 -17.82 -27.13
C VAL C 89 -4.73 -18.84 -26.99
N ASP C 90 -4.41 -19.18 -25.74
CA ASP C 90 -3.36 -20.16 -25.45
C ASP C 90 -3.78 -21.56 -25.88
N LYS C 91 -2.81 -22.43 -26.12
CA LYS C 91 -3.06 -23.76 -26.65
C LYS C 91 -3.61 -24.73 -25.61
N ASN C 92 -3.28 -24.49 -24.34
CA ASN C 92 -3.72 -25.38 -23.27
C ASN C 92 -5.17 -25.11 -22.85
N ILE C 93 -5.74 -24.04 -23.38
CA ILE C 93 -7.13 -23.70 -23.08
C ILE C 93 -7.96 -23.65 -24.36
N ASP C 94 -9.04 -24.43 -24.39
CA ASP C 94 -9.92 -24.49 -25.55
C ASP C 94 -10.71 -23.20 -25.74
N ILE C 95 -11.05 -22.89 -26.98
CA ILE C 95 -11.76 -21.67 -27.32
C ILE C 95 -13.26 -21.78 -27.01
N ASN C 96 -13.84 -22.93 -27.34
CA ASN C 96 -15.28 -23.12 -27.18
C ASN C 96 -15.75 -23.06 -25.73
N ASP C 97 -14.83 -23.24 -24.80
CA ASP C 97 -15.16 -23.17 -23.37
C ASP C 97 -15.48 -21.74 -22.94
N VAL C 98 -14.87 -20.77 -23.63
CA VAL C 98 -15.07 -19.37 -23.31
C VAL C 98 -16.38 -18.84 -23.90
N THR C 99 -17.25 -18.33 -23.04
CA THR C 99 -18.54 -17.81 -23.47
C THR C 99 -18.45 -16.32 -23.82
N PRO C 100 -19.12 -15.93 -24.92
CA PRO C 100 -19.16 -14.53 -25.39
C PRO C 100 -19.82 -13.59 -24.39
N ASN C 101 -19.56 -12.28 -24.54
CA ASN C 101 -20.13 -11.25 -23.69
C ASN C 101 -19.80 -11.45 -22.21
N CYS C 102 -18.58 -11.87 -21.93
CA CYS C 102 -18.13 -12.06 -20.55
C CYS C 102 -16.69 -11.59 -20.38
N ARG C 103 -16.34 -11.23 -19.16
CA ARG C 103 -14.98 -10.75 -18.86
C ARG C 103 -14.05 -11.89 -18.52
N VAL C 104 -12.81 -11.81 -19.02
CA VAL C 104 -11.80 -12.82 -18.75
C VAL C 104 -10.47 -12.18 -18.37
N ALA C 105 -9.45 -13.01 -18.14
CA ALA C 105 -8.12 -12.52 -17.81
C ALA C 105 -7.24 -12.50 -19.06
N LEU C 106 -6.67 -11.33 -19.35
CA LEU C 106 -5.85 -11.16 -20.54
C LEU C 106 -4.54 -10.43 -20.23
N ARG C 107 -3.41 -11.07 -20.53
CA ARG C 107 -2.12 -10.46 -20.31
C ARG C 107 -1.88 -9.32 -21.30
N ASN C 108 -1.05 -8.37 -20.91
CA ASN C 108 -0.84 -7.16 -21.71
C ASN C 108 0.31 -7.29 -22.71
N ASP C 109 0.93 -8.47 -22.75
CA ASP C 109 2.06 -8.71 -23.65
C ASP C 109 1.74 -9.78 -24.68
N SER C 110 1.54 -11.02 -24.21
CA SER C 110 1.26 -12.13 -25.10
C SER C 110 -0.22 -12.21 -25.48
N TYR C 111 -1.04 -11.46 -24.74
CA TYR C 111 -2.48 -11.40 -24.99
C TYR C 111 -3.13 -12.78 -24.96
N THR C 112 -2.88 -13.52 -23.87
CA THR C 112 -3.42 -14.87 -23.74
C THR C 112 -4.53 -14.93 -22.68
N LEU C 113 -5.55 -15.74 -22.95
CA LEU C 113 -6.66 -15.91 -22.03
C LEU C 113 -6.30 -16.92 -20.94
N HIS C 114 -6.81 -16.69 -19.73
CA HIS C 114 -6.54 -17.58 -18.60
C HIS C 114 -7.78 -18.35 -18.19
N LYS C 115 -8.74 -17.65 -17.60
CA LYS C 115 -9.97 -18.27 -17.11
C LYS C 115 -11.15 -17.32 -17.20
N ILE C 116 -12.36 -17.87 -17.12
CA ILE C 116 -13.58 -17.07 -17.18
C ILE C 116 -13.82 -16.36 -15.84
N LEU C 117 -14.33 -15.14 -15.91
CA LEU C 117 -14.64 -14.36 -14.72
C LEU C 117 -16.11 -13.95 -14.71
N PRO C 118 -16.74 -13.94 -13.53
CA PRO C 118 -18.14 -13.54 -13.38
C PRO C 118 -18.33 -12.04 -13.57
N LEU C 144 -62.86 -8.56 3.03
CA LEU C 144 -62.67 -8.31 1.60
C LEU C 144 -63.51 -9.26 0.77
N ASP C 145 -64.68 -9.61 1.28
CA ASP C 145 -65.57 -10.55 0.59
C ASP C 145 -66.14 -9.97 -0.69
N LYS C 146 -66.53 -8.70 -0.64
CA LYS C 146 -67.11 -8.02 -1.80
C LYS C 146 -66.10 -7.88 -2.92
N GLN C 147 -64.82 -7.75 -2.57
CA GLN C 147 -63.76 -7.59 -3.55
C GLN C 147 -63.40 -8.92 -4.21
N ILE C 148 -63.30 -9.97 -3.42
CA ILE C 148 -62.93 -11.29 -3.94
C ILE C 148 -64.10 -11.89 -4.73
N LYS C 149 -65.32 -11.52 -4.34
CA LYS C 149 -66.51 -11.98 -5.05
C LYS C 149 -66.50 -11.46 -6.49
N GLU C 150 -66.08 -10.20 -6.64
CA GLU C 150 -66.01 -9.59 -7.96
C GLU C 150 -64.76 -10.00 -8.73
N ILE C 151 -63.67 -10.27 -8.02
CA ILE C 151 -62.41 -10.59 -8.67
C ILE C 151 -62.31 -12.08 -9.03
N LYS C 152 -63.21 -12.89 -8.48
CA LYS C 152 -63.22 -14.32 -8.79
C LYS C 152 -63.51 -14.58 -10.26
N GLU C 153 -64.59 -13.98 -10.77
CA GLU C 153 -64.97 -14.16 -12.16
C GLU C 153 -63.96 -13.55 -13.12
N VAL C 154 -63.03 -12.77 -12.56
CA VAL C 154 -61.97 -12.14 -13.35
C VAL C 154 -60.74 -13.05 -13.42
N ILE C 155 -60.13 -13.30 -12.27
CA ILE C 155 -58.90 -14.08 -12.20
C ILE C 155 -59.10 -15.55 -12.57
N GLU C 156 -60.26 -16.10 -12.21
CA GLU C 156 -60.52 -17.51 -12.48
C GLU C 156 -61.13 -17.72 -13.87
N LEU C 157 -61.28 -16.63 -14.62
CA LEU C 157 -61.82 -16.70 -15.98
C LEU C 157 -60.93 -17.46 -16.96
N PRO C 158 -59.60 -17.23 -16.95
CA PRO C 158 -58.76 -17.99 -17.90
C PRO C 158 -58.80 -19.51 -17.73
N VAL C 159 -59.32 -20.00 -16.60
CA VAL C 159 -59.39 -21.43 -16.37
C VAL C 159 -60.52 -22.10 -17.16
N LYS C 160 -60.13 -23.06 -18.00
CA LYS C 160 -61.04 -23.95 -18.75
C LYS C 160 -61.92 -23.24 -19.78
N HIS C 161 -61.95 -21.91 -19.74
CA HIS C 161 -62.72 -21.12 -20.69
C HIS C 161 -62.19 -21.10 -22.14
N PRO C 162 -60.86 -20.95 -22.34
CA PRO C 162 -60.37 -20.86 -23.72
C PRO C 162 -60.69 -22.07 -24.60
N GLU C 163 -61.06 -23.19 -23.98
CA GLU C 163 -61.47 -24.37 -24.71
C GLU C 163 -62.74 -24.09 -25.51
N LEU C 164 -63.68 -23.38 -24.88
CA LEU C 164 -64.94 -23.02 -25.54
C LEU C 164 -64.90 -21.62 -26.14
N PHE C 165 -63.79 -20.91 -25.92
CA PHE C 165 -63.64 -19.57 -26.47
C PHE C 165 -63.31 -19.61 -27.96
N GLU C 166 -62.98 -20.79 -28.47
CA GLU C 166 -62.79 -20.98 -29.89
C GLU C 166 -64.14 -20.85 -30.60
N ALA C 167 -65.17 -21.38 -29.95
CA ALA C 167 -66.54 -21.26 -30.45
C ALA C 167 -67.12 -19.89 -30.11
N LEU C 168 -66.87 -19.42 -28.88
CA LEU C 168 -67.37 -18.13 -28.43
C LEU C 168 -66.70 -16.97 -29.13
N GLY C 169 -65.36 -16.97 -29.13
CA GLY C 169 -64.60 -15.92 -29.79
C GLY C 169 -64.70 -14.57 -29.10
N ILE C 170 -64.97 -14.59 -27.80
CA ILE C 170 -65.09 -13.37 -27.02
C ILE C 170 -63.71 -12.80 -26.69
N ALA C 171 -63.63 -11.49 -26.48
CA ALA C 171 -62.38 -10.84 -26.15
C ALA C 171 -62.03 -11.03 -24.67
N GLN C 172 -60.84 -11.55 -24.42
CA GLN C 172 -60.37 -11.80 -23.06
C GLN C 172 -59.99 -10.48 -22.37
N PRO C 173 -60.35 -10.34 -21.08
CA PRO C 173 -60.02 -9.16 -20.30
C PRO C 173 -58.51 -8.96 -20.14
N LYS C 174 -58.04 -7.74 -20.38
CA LYS C 174 -56.62 -7.45 -20.32
C LYS C 174 -56.14 -7.31 -18.88
N GLY C 175 -56.93 -6.65 -18.05
CA GLY C 175 -56.57 -6.45 -16.65
C GLY C 175 -57.63 -5.71 -15.85
N VAL C 176 -57.30 -5.39 -14.60
CA VAL C 176 -58.21 -4.70 -13.71
C VAL C 176 -57.46 -3.73 -12.80
N LEU C 177 -58.04 -2.54 -12.59
CA LEU C 177 -57.43 -1.56 -11.71
C LEU C 177 -58.44 -1.00 -10.72
N LEU C 178 -57.98 -0.67 -9.52
CA LEU C 178 -58.85 -0.13 -8.48
C LEU C 178 -58.38 1.27 -8.06
N TYR C 179 -59.33 2.11 -7.69
CA TYR C 179 -59.03 3.47 -7.26
C TYR C 179 -59.39 3.69 -5.78
N GLY C 180 -58.44 4.24 -5.03
CA GLY C 180 -58.65 4.49 -3.61
C GLY C 180 -57.35 4.48 -2.83
N PRO C 181 -57.46 4.67 -1.51
CA PRO C 181 -56.29 4.64 -0.62
C PRO C 181 -55.74 3.23 -0.43
N PRO C 182 -54.43 3.11 -0.16
CA PRO C 182 -53.80 1.81 0.06
C PRO C 182 -54.08 1.28 1.46
N GLY C 183 -55.35 1.08 1.79
CA GLY C 183 -55.73 0.73 3.15
C GLY C 183 -55.26 -0.62 3.65
N THR C 184 -55.65 -1.69 2.95
CA THR C 184 -55.31 -3.05 3.40
C THR C 184 -55.22 -4.04 2.24
N GLY C 185 -54.34 -5.02 2.40
CA GLY C 185 -54.26 -6.15 1.48
C GLY C 185 -54.07 -5.80 0.01
N LYS C 186 -53.23 -4.82 -0.28
CA LYS C 186 -52.96 -4.44 -1.65
C LYS C 186 -52.13 -5.51 -2.36
N THR C 187 -51.00 -5.88 -1.75
CA THR C 187 -50.13 -6.91 -2.31
C THR C 187 -50.63 -8.32 -2.00
N LEU C 188 -51.14 -8.50 -0.79
CA LEU C 188 -51.51 -9.82 -0.29
C LEU C 188 -52.69 -10.44 -1.05
N LEU C 189 -53.56 -9.60 -1.60
CA LEU C 189 -54.74 -10.07 -2.30
C LEU C 189 -54.39 -10.91 -3.53
N ALA C 190 -53.62 -10.32 -4.43
CA ALA C 190 -53.23 -10.98 -5.67
C ALA C 190 -52.44 -12.26 -5.39
N ARG C 191 -51.58 -12.20 -4.37
CA ARG C 191 -50.78 -13.36 -3.99
C ARG C 191 -51.65 -14.48 -3.43
N ALA C 192 -52.69 -14.10 -2.70
CA ALA C 192 -53.62 -15.07 -2.13
C ALA C 192 -54.45 -15.74 -3.22
N VAL C 193 -54.98 -14.93 -4.13
CA VAL C 193 -55.78 -15.46 -5.24
C VAL C 193 -54.93 -16.36 -6.13
N ALA C 194 -53.68 -15.94 -6.36
CA ALA C 194 -52.74 -16.74 -7.15
C ALA C 194 -52.39 -18.03 -6.43
N HIS C 195 -52.39 -17.97 -5.10
CA HIS C 195 -52.12 -19.15 -4.28
C HIS C 195 -53.27 -20.14 -4.36
N HIS C 196 -54.50 -19.62 -4.41
CA HIS C 196 -55.68 -20.45 -4.55
C HIS C 196 -55.83 -20.96 -5.98
N THR C 197 -55.18 -20.28 -6.91
CA THR C 197 -55.22 -20.67 -8.32
C THR C 197 -54.09 -21.65 -8.61
N ASP C 198 -53.21 -21.83 -7.64
CA ASP C 198 -52.06 -22.73 -7.75
C ASP C 198 -51.18 -22.40 -8.95
N CYS C 199 -50.82 -21.12 -9.06
CA CYS C 199 -49.96 -20.67 -10.16
C CYS C 199 -48.82 -19.79 -9.66
N THR C 200 -47.79 -19.63 -10.47
CA THR C 200 -46.63 -18.83 -10.10
C THR C 200 -46.93 -17.34 -10.15
N PHE C 201 -46.16 -16.55 -9.41
CA PHE C 201 -46.32 -15.11 -9.37
C PHE C 201 -45.08 -14.43 -9.95
N ILE C 202 -45.24 -13.78 -11.10
CA ILE C 202 -44.11 -13.16 -11.79
C ILE C 202 -44.12 -11.64 -11.69
N ARG C 203 -43.03 -11.08 -11.19
CA ARG C 203 -42.87 -9.63 -11.10
C ARG C 203 -41.91 -9.11 -12.16
N VAL C 204 -41.67 -7.80 -12.14
CA VAL C 204 -40.72 -7.18 -13.05
C VAL C 204 -39.41 -6.88 -12.31
N SER C 205 -39.46 -5.90 -11.42
CA SER C 205 -38.32 -5.52 -10.57
C SER C 205 -37.05 -5.26 -11.38
N GLY C 206 -37.05 -4.18 -12.16
CA GLY C 206 -35.89 -3.81 -12.95
C GLY C 206 -34.73 -3.42 -12.06
N SER C 207 -33.59 -4.08 -12.26
CA SER C 207 -32.40 -3.81 -11.45
C SER C 207 -31.12 -4.18 -12.21
N GLU C 208 -30.00 -4.14 -11.50
CA GLU C 208 -28.71 -4.49 -12.08
C GLU C 208 -28.59 -5.99 -12.34
N ALA C 218 -31.58 -1.97 -24.05
CA ALA C 218 -32.72 -1.53 -24.86
C ALA C 218 -34.03 -1.63 -24.09
N ARG C 219 -35.09 -2.01 -24.78
CA ARG C 219 -36.40 -2.14 -24.15
C ARG C 219 -36.43 -3.33 -23.19
N MET C 220 -36.06 -4.50 -23.71
CA MET C 220 -35.91 -5.72 -22.91
C MET C 220 -37.15 -6.10 -22.10
N VAL C 221 -38.33 -5.75 -22.62
CA VAL C 221 -39.57 -6.11 -21.95
C VAL C 221 -40.15 -7.40 -22.54
N ARG C 222 -39.47 -7.93 -23.55
CA ARG C 222 -39.93 -9.14 -24.24
C ARG C 222 -39.58 -10.39 -23.43
N GLU C 223 -38.53 -10.31 -22.62
CA GLU C 223 -38.07 -11.44 -21.82
C GLU C 223 -39.15 -11.95 -20.87
N LEU C 224 -39.91 -11.03 -20.29
CA LEU C 224 -40.99 -11.39 -19.40
C LEU C 224 -42.08 -12.15 -20.16
N PHE C 225 -42.28 -11.77 -21.41
CA PHE C 225 -43.26 -12.43 -22.27
C PHE C 225 -42.76 -13.81 -22.68
N VAL C 226 -41.44 -13.95 -22.77
CA VAL C 226 -40.82 -15.24 -23.07
C VAL C 226 -40.99 -16.19 -21.89
N MET C 227 -40.77 -15.66 -20.68
CA MET C 227 -40.99 -16.44 -19.47
C MET C 227 -42.47 -16.80 -19.34
N ALA C 228 -43.33 -15.89 -19.77
CA ALA C 228 -44.76 -16.12 -19.79
C ALA C 228 -45.11 -17.23 -20.78
N ARG C 229 -44.33 -17.32 -21.85
CA ARG C 229 -44.51 -18.39 -22.84
C ARG C 229 -44.03 -19.72 -22.25
N GLU C 230 -42.98 -19.65 -21.44
CA GLU C 230 -42.44 -20.85 -20.79
C GLU C 230 -43.44 -21.42 -19.78
N HIS C 231 -43.91 -20.58 -18.87
CA HIS C 231 -44.91 -20.99 -17.90
C HIS C 231 -46.25 -20.34 -18.21
N ALA C 232 -47.22 -21.14 -18.65
CA ALA C 232 -48.51 -20.63 -19.07
C ALA C 232 -49.31 -19.97 -17.93
N PRO C 233 -49.52 -20.68 -16.80
CA PRO C 233 -50.24 -19.96 -15.74
C PRO C 233 -49.38 -18.88 -15.10
N SER C 234 -49.92 -17.69 -14.93
CA SER C 234 -49.19 -16.61 -14.29
C SER C 234 -50.10 -15.53 -13.71
N ILE C 235 -49.58 -14.78 -12.75
CA ILE C 235 -50.27 -13.64 -12.18
C ILE C 235 -49.31 -12.46 -12.04
N ILE C 236 -49.62 -11.35 -12.70
CA ILE C 236 -48.75 -10.18 -12.67
C ILE C 236 -49.39 -9.02 -11.93
N PHE C 237 -48.86 -8.70 -10.76
CA PHE C 237 -49.32 -7.56 -9.98
C PHE C 237 -48.16 -6.63 -9.64
N MET C 238 -48.39 -5.34 -9.79
CA MET C 238 -47.34 -4.36 -9.55
C MET C 238 -47.47 -3.69 -8.19
N ASP C 239 -46.48 -3.90 -7.34
CA ASP C 239 -46.41 -3.27 -6.02
C ASP C 239 -45.98 -1.82 -6.15
N GLU C 240 -44.77 -1.64 -6.69
CA GLU C 240 -44.12 -0.33 -6.79
C GLU C 240 -44.94 0.73 -7.52
N ILE C 241 -45.94 0.31 -8.30
CA ILE C 241 -46.73 1.27 -9.08
C ILE C 241 -47.64 2.13 -8.20
N ASP C 242 -48.06 1.59 -7.05
CA ASP C 242 -48.90 2.36 -6.13
C ASP C 242 -48.00 3.30 -5.34
N SER C 243 -48.21 4.60 -5.49
CA SER C 243 -47.24 5.57 -5.01
C SER C 243 -47.83 6.77 -4.27
N ILE C 244 -47.60 6.87 -2.95
CA ILE C 244 -47.91 8.11 -2.22
C ILE C 244 -46.74 9.04 -1.81
N GLY C 245 -45.51 8.55 -1.83
CA GLY C 245 -44.40 9.26 -1.19
C GLY C 245 -43.69 10.49 -1.74
N SER C 246 -42.97 10.34 -2.85
CA SER C 246 -42.12 11.43 -3.37
C SER C 246 -42.01 11.50 -4.89
N SER C 247 -42.23 12.67 -5.46
CA SER C 247 -42.06 12.87 -6.90
C SER C 247 -41.75 14.32 -7.26
N ARG C 248 -41.13 14.52 -8.41
CA ARG C 248 -40.89 15.85 -8.94
C ARG C 248 -42.15 16.40 -9.62
N LEU C 249 -42.93 15.48 -10.20
CA LEU C 249 -44.19 15.79 -10.89
C LEU C 249 -43.96 16.57 -12.19
N GLU C 250 -42.72 17.00 -12.43
CA GLU C 250 -42.37 17.67 -13.67
C GLU C 250 -41.65 16.71 -14.61
N GLY C 251 -40.46 16.28 -14.19
CA GLY C 251 -39.72 15.26 -14.92
C GLY C 251 -40.12 13.89 -14.43
N GLY C 252 -40.65 13.83 -13.21
CA GLY C 252 -41.12 12.59 -12.63
C GLY C 252 -42.40 12.12 -13.28
N SER C 253 -43.18 13.07 -13.80
CA SER C 253 -44.40 12.74 -14.52
C SER C 253 -44.05 12.00 -15.82
N GLY C 254 -42.97 12.43 -16.46
CA GLY C 254 -42.48 11.77 -17.65
C GLY C 254 -41.80 10.46 -17.30
N GLY C 255 -41.14 10.43 -16.15
CA GLY C 255 -40.51 9.22 -15.67
C GLY C 255 -41.53 8.13 -15.41
N ASP C 256 -42.70 8.52 -14.94
CA ASP C 256 -43.81 7.60 -14.76
C ASP C 256 -44.48 7.32 -16.10
N SER C 257 -44.41 8.30 -17.00
CA SER C 257 -44.98 8.16 -18.34
C SER C 257 -44.22 7.13 -19.15
N GLU C 258 -42.97 6.88 -18.76
CA GLU C 258 -42.18 5.83 -19.40
C GLU C 258 -42.76 4.46 -19.07
N VAL C 259 -43.08 4.25 -17.81
CA VAL C 259 -43.69 3.00 -17.36
C VAL C 259 -45.10 2.87 -17.93
N GLN C 260 -45.82 3.98 -17.98
CA GLN C 260 -47.15 4.00 -18.55
C GLN C 260 -47.10 3.64 -20.03
N ARG C 261 -46.05 4.08 -20.71
CA ARG C 261 -45.84 3.75 -22.12
C ARG C 261 -45.47 2.27 -22.25
N THR C 262 -44.75 1.77 -21.25
CA THR C 262 -44.36 0.36 -21.24
C THR C 262 -45.57 -0.54 -21.13
N MET C 263 -46.46 -0.25 -20.19
CA MET C 263 -47.68 -1.04 -20.03
C MET C 263 -48.63 -0.77 -21.19
N LEU C 264 -48.50 0.39 -21.82
CA LEU C 264 -49.28 0.71 -23.00
C LEU C 264 -48.92 -0.21 -24.16
N GLU C 265 -47.63 -0.31 -24.46
CA GLU C 265 -47.16 -1.18 -25.54
C GLU C 265 -47.32 -2.64 -25.18
N LEU C 266 -47.30 -2.94 -23.88
CA LEU C 266 -47.59 -4.30 -23.42
C LEU C 266 -49.03 -4.67 -23.73
N LEU C 267 -49.95 -3.76 -23.41
CA LEU C 267 -51.36 -3.96 -23.74
C LEU C 267 -51.57 -3.99 -25.24
N ASN C 268 -50.70 -3.30 -25.97
CA ASN C 268 -50.74 -3.32 -27.43
C ASN C 268 -50.30 -4.67 -27.97
N GLN C 269 -49.39 -5.33 -27.25
CA GLN C 269 -48.94 -6.67 -27.61
C GLN C 269 -50.02 -7.70 -27.30
N LEU C 270 -50.61 -7.58 -26.11
CA LEU C 270 -51.69 -8.47 -25.70
C LEU C 270 -52.90 -8.35 -26.61
N ASP C 271 -53.22 -7.13 -27.01
CA ASP C 271 -54.33 -6.89 -27.93
C ASP C 271 -53.95 -7.30 -29.35
N GLY C 272 -52.66 -7.21 -29.66
CA GLY C 272 -52.15 -7.60 -30.95
C GLY C 272 -52.29 -9.09 -31.18
N PHE C 273 -51.76 -9.88 -30.25
CA PHE C 273 -51.86 -11.34 -30.33
C PHE C 273 -51.63 -11.98 -28.98
N GLU C 274 -51.74 -13.30 -28.92
CA GLU C 274 -51.51 -14.05 -27.69
C GLU C 274 -50.70 -15.31 -27.94
N ALA C 275 -49.55 -15.42 -27.28
CA ALA C 275 -48.73 -16.62 -27.36
C ALA C 275 -49.29 -17.69 -26.41
N THR C 276 -49.81 -17.24 -25.28
CA THR C 276 -50.37 -18.13 -24.27
C THR C 276 -51.41 -17.41 -23.43
N LYS C 277 -52.23 -18.19 -22.72
CA LYS C 277 -53.28 -17.63 -21.88
C LYS C 277 -52.77 -17.29 -20.48
N ASN C 278 -53.70 -16.96 -19.59
CA ASN C 278 -53.39 -16.61 -18.20
C ASN C 278 -52.42 -15.43 -18.08
N ILE C 279 -52.68 -14.38 -18.86
CA ILE C 279 -51.86 -13.17 -18.82
C ILE C 279 -52.72 -11.96 -18.42
N LYS C 280 -52.43 -11.40 -17.26
CA LYS C 280 -53.18 -10.25 -16.77
C LYS C 280 -52.27 -9.20 -16.13
N VAL C 281 -52.82 -8.00 -15.94
CA VAL C 281 -52.09 -6.92 -15.28
C VAL C 281 -53.00 -6.16 -14.32
N ILE C 282 -52.56 -6.01 -13.07
CA ILE C 282 -53.34 -5.31 -12.08
C ILE C 282 -52.55 -4.15 -11.46
N MET C 283 -53.00 -2.93 -11.73
CA MET C 283 -52.33 -1.75 -11.20
C MET C 283 -53.14 -1.10 -10.07
N ALA C 284 -52.57 -0.06 -9.47
CA ALA C 284 -53.26 0.69 -8.43
C ALA C 284 -52.79 2.16 -8.40
N THR C 285 -53.72 3.07 -8.14
CA THR C 285 -53.38 4.49 -8.03
C THR C 285 -54.17 5.18 -6.93
N ASN C 286 -53.46 5.89 -6.06
CA ASN C 286 -54.09 6.59 -4.94
C ASN C 286 -54.39 8.05 -5.24
N ARG C 287 -54.15 8.48 -6.47
CA ARG C 287 -54.23 9.89 -6.82
C ARG C 287 -54.89 10.16 -8.17
N ILE C 288 -54.80 11.40 -8.62
CA ILE C 288 -55.45 11.86 -9.85
C ILE C 288 -54.95 11.10 -11.10
N ASP C 289 -53.88 10.35 -10.93
CA ASP C 289 -53.32 9.56 -12.03
C ASP C 289 -54.28 8.46 -12.49
N ILE C 290 -55.37 8.28 -11.73
CA ILE C 290 -56.49 7.47 -12.19
C ILE C 290 -57.16 8.18 -13.37
N LEU C 291 -57.44 9.46 -13.19
CA LEU C 291 -58.03 10.28 -14.24
C LEU C 291 -57.03 10.50 -15.37
N ASP C 292 -55.75 10.57 -15.03
CA ASP C 292 -54.70 10.67 -16.04
C ASP C 292 -54.65 9.40 -16.87
N SER C 293 -54.86 8.26 -16.23
CA SER C 293 -54.92 6.99 -16.93
C SER C 293 -56.19 6.93 -17.77
N ALA C 294 -57.24 7.60 -17.31
CA ALA C 294 -58.47 7.71 -18.08
C ALA C 294 -58.25 8.60 -19.29
N LEU C 295 -57.26 9.48 -19.21
CA LEU C 295 -56.88 10.32 -20.34
C LEU C 295 -56.06 9.51 -21.32
N LEU C 296 -55.17 8.67 -20.78
CA LEU C 296 -54.36 7.77 -21.61
C LEU C 296 -55.21 6.63 -22.15
N ARG C 297 -56.23 6.24 -21.37
CA ARG C 297 -57.18 5.22 -21.82
C ARG C 297 -58.60 5.80 -21.82
N PRO C 298 -58.96 6.51 -22.89
CA PRO C 298 -60.27 7.17 -23.00
C PRO C 298 -61.41 6.17 -23.18
N GLY C 299 -61.59 5.29 -22.21
CA GLY C 299 -62.65 4.29 -22.27
C GLY C 299 -62.45 3.29 -23.38
N ARG C 300 -61.28 2.65 -23.39
CA ARG C 300 -60.97 1.66 -24.42
C ARG C 300 -61.13 0.25 -23.86
N ILE C 301 -60.17 -0.16 -23.02
CA ILE C 301 -60.27 -1.44 -22.31
C ILE C 301 -59.89 -1.26 -20.84
N ASP C 302 -60.86 -1.50 -19.96
CA ASP C 302 -60.63 -1.38 -18.53
C ASP C 302 -61.66 -2.16 -17.72
N ARG C 303 -61.32 -2.45 -16.48
CA ARG C 303 -62.25 -3.08 -15.54
C ARG C 303 -62.31 -2.26 -14.25
N LYS C 304 -63.47 -1.68 -13.96
CA LYS C 304 -63.60 -0.77 -12.83
C LYS C 304 -64.16 -1.46 -11.59
N ILE C 305 -63.44 -1.34 -10.49
CA ILE C 305 -63.88 -1.88 -9.20
C ILE C 305 -63.74 -0.81 -8.11
N GLU C 306 -64.86 -0.45 -7.49
CA GLU C 306 -64.84 0.55 -6.43
C GLU C 306 -64.06 0.02 -5.23
N PHE C 307 -63.24 0.87 -4.62
CA PHE C 307 -62.43 0.48 -3.47
C PHE C 307 -62.54 1.45 -2.30
N PRO C 308 -63.69 1.36 -1.53
CA PRO C 308 -63.75 2.33 -0.41
C PRO C 308 -62.72 2.05 0.67
N PRO C 309 -62.08 3.16 1.22
CA PRO C 309 -61.11 2.82 2.27
C PRO C 309 -61.79 2.33 3.54
N PRO C 310 -61.11 1.36 4.30
CA PRO C 310 -61.81 0.93 5.50
C PRO C 310 -63.33 0.71 5.50
N ASN C 311 -63.81 -0.12 4.58
CA ASN C 311 -65.24 -0.40 4.45
C ASN C 311 -65.87 -1.05 5.68
N GLU C 312 -65.17 -1.99 6.30
CA GLU C 312 -65.72 -2.66 7.48
C GLU C 312 -65.56 -4.16 7.28
N GLU C 313 -66.61 -4.94 7.51
CA GLU C 313 -66.48 -6.38 7.30
C GLU C 313 -65.20 -6.69 6.53
N ALA C 314 -64.78 -5.74 5.70
CA ALA C 314 -63.53 -5.87 4.94
C ALA C 314 -62.33 -5.54 5.83
N ARG C 315 -62.58 -4.81 6.91
CA ARG C 315 -61.54 -4.49 7.89
C ARG C 315 -61.29 -5.66 8.84
N LEU C 316 -62.36 -6.33 9.24
CA LEU C 316 -62.29 -7.41 10.23
C LEU C 316 -61.37 -8.56 9.81
N ASP C 317 -61.67 -9.15 8.64
CA ASP C 317 -60.93 -10.32 8.18
C ASP C 317 -59.46 -10.02 7.93
N ILE C 318 -59.18 -8.86 7.36
CA ILE C 318 -57.79 -8.47 7.08
C ILE C 318 -57.07 -8.10 8.37
N LEU C 319 -57.84 -7.69 9.38
CA LEU C 319 -57.28 -7.41 10.70
C LEU C 319 -56.89 -8.74 11.35
N LYS C 320 -57.70 -9.76 11.10
CA LYS C 320 -57.39 -11.10 11.58
C LYS C 320 -56.14 -11.64 10.87
N ILE C 321 -56.05 -11.39 9.57
CA ILE C 321 -54.89 -11.77 8.78
C ILE C 321 -53.63 -11.12 9.33
N HIS C 322 -53.73 -9.82 9.64
CA HIS C 322 -52.60 -9.09 10.24
C HIS C 322 -52.34 -9.57 11.66
N SER C 323 -53.35 -10.18 12.28
CA SER C 323 -53.22 -10.67 13.65
C SER C 323 -52.68 -12.10 13.67
N ARG C 324 -52.57 -12.72 12.51
CA ARG C 324 -52.03 -14.06 12.40
C ARG C 324 -50.51 -14.08 12.61
N LYS C 325 -49.83 -13.14 11.96
CA LYS C 325 -48.37 -13.07 12.05
C LYS C 325 -47.90 -12.62 13.43
N MET C 326 -48.42 -11.49 13.90
CA MET C 326 -48.04 -10.94 15.20
C MET C 326 -48.78 -11.66 16.33
N ASN C 327 -48.17 -11.65 17.52
CA ASN C 327 -48.77 -12.29 18.69
C ASN C 327 -49.91 -11.47 19.27
N LEU C 328 -51.07 -12.11 19.40
CA LEU C 328 -52.25 -11.44 19.95
C LEU C 328 -52.99 -12.36 20.92
N THR C 329 -53.44 -11.81 22.03
CA THR C 329 -54.12 -12.60 23.05
C THR C 329 -55.55 -12.94 22.64
N ARG C 330 -56.23 -13.73 23.46
CA ARG C 330 -57.60 -14.14 23.18
C ARG C 330 -58.64 -13.27 23.90
N GLY C 331 -58.15 -12.33 24.70
CA GLY C 331 -59.02 -11.48 25.50
C GLY C 331 -59.23 -10.10 24.92
N ILE C 332 -58.97 -9.95 23.63
CA ILE C 332 -59.08 -8.65 22.97
C ILE C 332 -60.27 -8.60 22.02
N ASN C 333 -60.96 -7.46 21.99
CA ASN C 333 -62.10 -7.27 21.09
C ASN C 333 -61.73 -6.42 19.88
N LEU C 334 -61.69 -7.05 18.72
CA LEU C 334 -61.27 -6.38 17.49
C LEU C 334 -62.39 -5.57 16.85
N ARG C 335 -63.64 -5.87 17.22
CA ARG C 335 -64.80 -5.27 16.58
C ARG C 335 -64.86 -3.75 16.74
N LYS C 336 -64.88 -3.29 17.99
CA LYS C 336 -65.03 -1.86 18.26
C LYS C 336 -63.79 -1.07 17.85
N ILE C 337 -62.63 -1.70 17.93
CA ILE C 337 -61.39 -1.02 17.55
C ILE C 337 -61.27 -0.95 16.03
N ALA C 338 -61.96 -1.85 15.34
CA ALA C 338 -62.05 -1.79 13.89
C ALA C 338 -63.09 -0.76 13.47
N GLU C 339 -64.10 -0.58 14.32
CA GLU C 339 -65.16 0.37 14.04
C GLU C 339 -64.85 1.76 14.62
N LEU C 340 -63.67 1.91 15.20
CA LEU C 340 -63.29 3.17 15.84
C LEU C 340 -62.66 4.17 14.86
N MET C 341 -62.35 3.71 13.65
CA MET C 341 -61.74 4.59 12.66
C MET C 341 -62.41 4.51 11.28
N PRO C 342 -63.65 5.01 11.17
CA PRO C 342 -64.30 5.04 9.86
C PRO C 342 -64.04 6.36 9.11
N GLY C 343 -64.54 6.46 7.88
CA GLY C 343 -64.50 7.70 7.14
C GLY C 343 -63.12 8.22 6.76
N ALA C 344 -62.09 7.42 7.02
CA ALA C 344 -60.72 7.85 6.74
C ALA C 344 -60.02 6.92 5.76
N SER C 345 -59.64 5.74 6.25
CA SER C 345 -58.88 4.77 5.46
C SER C 345 -58.64 3.49 6.27
N GLY C 346 -58.10 2.48 5.60
CA GLY C 346 -57.79 1.21 6.25
C GLY C 346 -56.32 1.09 6.58
N ALA C 347 -55.53 2.05 6.12
CA ALA C 347 -54.09 2.05 6.38
C ALA C 347 -53.80 2.37 7.84
N GLU C 348 -54.73 3.08 8.47
CA GLU C 348 -54.61 3.43 9.88
C GLU C 348 -54.63 2.18 10.74
N VAL C 349 -55.33 1.15 10.28
CA VAL C 349 -55.40 -0.12 10.98
C VAL C 349 -54.04 -0.82 10.94
N LYS C 350 -53.46 -0.92 9.75
CA LYS C 350 -52.14 -1.51 9.58
C LYS C 350 -51.09 -0.75 10.38
N GLY C 351 -51.25 0.57 10.43
CA GLY C 351 -50.38 1.41 11.24
C GLY C 351 -50.52 1.05 12.72
N VAL C 352 -51.77 0.94 13.17
CA VAL C 352 -52.08 0.56 14.54
C VAL C 352 -51.44 -0.78 14.91
N CYS C 353 -51.43 -1.70 13.94
CA CYS C 353 -50.88 -3.03 14.16
C CYS C 353 -49.36 -3.01 14.23
N THR C 354 -48.73 -2.60 13.13
CA THR C 354 -47.28 -2.49 13.03
C THR C 354 -46.69 -1.69 14.19
N GLU C 355 -47.41 -0.69 14.67
CA GLU C 355 -46.99 0.06 15.84
C GLU C 355 -47.19 -0.75 17.12
N ALA C 356 -48.32 -1.44 17.20
CA ALA C 356 -48.64 -2.27 18.37
C ALA C 356 -47.58 -3.34 18.60
N GLY C 357 -46.94 -3.79 17.51
CA GLY C 357 -45.81 -4.68 17.62
C GLY C 357 -44.66 -3.98 18.31
N MET C 358 -44.39 -2.76 17.88
CA MET C 358 -43.32 -1.95 18.47
C MET C 358 -43.69 -1.50 19.88
N TYR C 359 -44.97 -1.27 20.12
CA TYR C 359 -45.46 -0.94 21.45
C TYR C 359 -45.25 -2.10 22.41
N ALA C 360 -45.54 -3.31 21.93
CA ALA C 360 -45.39 -4.51 22.74
C ALA C 360 -43.91 -4.84 22.97
N LEU C 361 -43.09 -4.51 21.99
CA LEU C 361 -41.65 -4.77 22.10
C LEU C 361 -40.99 -3.77 23.05
N ARG C 362 -41.49 -2.54 23.04
CA ARG C 362 -40.94 -1.48 23.88
C ARG C 362 -41.44 -1.59 25.32
N GLU C 363 -42.67 -2.05 25.48
CA GLU C 363 -43.26 -2.22 26.81
C GLU C 363 -42.90 -3.60 27.35
N ARG C 364 -42.09 -4.32 26.58
CA ARG C 364 -41.61 -5.66 26.95
C ARG C 364 -42.75 -6.64 27.15
N ARG C 365 -43.79 -6.52 26.32
CA ARG C 365 -44.91 -7.44 26.37
C ARG C 365 -44.81 -8.51 25.29
N VAL C 366 -45.17 -9.74 25.63
CA VAL C 366 -45.13 -10.84 24.67
C VAL C 366 -46.41 -10.86 23.85
N HIS C 367 -47.42 -10.14 24.31
CA HIS C 367 -48.72 -10.09 23.63
C HIS C 367 -49.23 -8.67 23.49
N VAL C 368 -50.22 -8.49 22.64
CA VAL C 368 -50.82 -7.18 22.40
C VAL C 368 -52.21 -7.11 23.02
N THR C 369 -52.53 -5.98 23.64
CA THR C 369 -53.82 -5.82 24.30
C THR C 369 -54.70 -4.79 23.59
N GLN C 370 -55.90 -4.57 24.14
CA GLN C 370 -56.86 -3.65 23.54
C GLN C 370 -56.45 -2.19 23.77
N GLU C 371 -55.88 -1.92 24.94
CA GLU C 371 -55.42 -0.58 25.28
C GLU C 371 -54.33 -0.13 24.32
N ASP C 372 -53.50 -1.08 23.90
CA ASP C 372 -52.45 -0.81 22.92
C ASP C 372 -53.05 -0.35 21.61
N PHE C 373 -54.05 -1.09 21.13
CA PHE C 373 -54.75 -0.73 19.90
C PHE C 373 -55.44 0.61 20.02
N GLU C 374 -55.97 0.91 21.20
CA GLU C 374 -56.66 2.17 21.43
C GLU C 374 -55.69 3.34 21.35
N MET C 375 -54.59 3.24 22.07
CA MET C 375 -53.56 4.28 22.06
C MET C 375 -52.97 4.46 20.67
N ALA C 376 -52.81 3.34 19.95
CA ALA C 376 -52.31 3.37 18.59
C ALA C 376 -53.29 4.13 17.68
N VAL C 377 -54.58 3.86 17.88
CA VAL C 377 -55.64 4.56 17.15
C VAL C 377 -55.55 6.07 17.42
N ALA C 378 -55.37 6.42 18.68
CA ALA C 378 -55.22 7.82 19.07
C ALA C 378 -54.03 8.45 18.33
N LYS C 379 -52.89 7.77 18.36
CA LYS C 379 -51.66 8.27 17.75
C LYS C 379 -51.79 8.45 16.24
N VAL C 380 -52.42 7.50 15.57
CA VAL C 380 -52.58 7.59 14.13
C VAL C 380 -53.70 8.56 13.75
N MET C 381 -54.54 8.90 14.73
CA MET C 381 -55.57 9.91 14.51
C MET C 381 -55.10 11.29 14.94
N GLN C 382 -53.89 11.37 15.48
CA GLN C 382 -53.29 12.66 15.83
C GLN C 382 -52.92 13.43 14.56
N LYS C 383 -52.50 12.70 13.53
CA LYS C 383 -52.12 13.33 12.27
C LYS C 383 -53.34 13.81 11.50
N ASP C 384 -54.34 12.93 11.37
CA ASP C 384 -55.56 13.27 10.64
C ASP C 384 -56.49 14.14 11.47
N ASP D 1 25.20 -66.21 11.33
CA ASP D 1 24.44 -65.01 11.00
C ASP D 1 23.93 -64.32 12.26
N LEU D 2 23.86 -65.07 13.36
CA LEU D 2 23.38 -64.54 14.62
C LEU D 2 24.40 -63.56 15.20
N TYR D 3 25.66 -63.99 15.28
CA TYR D 3 26.72 -63.15 15.81
C TYR D 3 27.20 -62.15 14.75
N SER D 4 26.90 -62.46 13.49
CA SER D 4 27.27 -61.58 12.39
C SER D 4 26.36 -60.37 12.30
N ARG D 5 25.16 -60.51 12.88
CA ARG D 5 24.16 -59.44 12.85
C ARG D 5 24.67 -58.18 13.54
N TYR D 6 25.41 -58.36 14.63
CA TYR D 6 26.05 -57.26 15.34
C TYR D 6 26.98 -56.46 14.44
N LYS D 7 28.04 -57.12 13.98
CA LYS D 7 29.06 -56.51 13.15
C LYS D 7 28.49 -55.93 11.86
N LYS D 8 27.43 -56.55 11.35
CA LYS D 8 26.75 -56.05 10.16
C LYS D 8 25.94 -54.80 10.49
N LEU D 9 25.40 -54.76 11.71
CA LEU D 9 24.56 -53.65 12.15
C LEU D 9 25.38 -52.41 12.48
N GLN D 10 26.63 -52.62 12.89
CA GLN D 10 27.52 -51.51 13.23
C GLN D 10 27.69 -50.52 12.08
N GLN D 11 27.73 -51.05 10.86
CA GLN D 11 27.83 -50.21 9.67
C GLN D 11 26.61 -49.31 9.53
N GLU D 12 25.44 -49.87 9.83
CA GLU D 12 24.19 -49.11 9.79
C GLU D 12 24.16 -48.07 10.91
N LEU D 13 24.78 -48.41 12.03
CA LEU D 13 24.90 -47.50 13.16
C LEU D 13 25.73 -46.29 12.79
N GLU D 14 26.89 -46.52 12.20
CA GLU D 14 27.76 -45.44 11.76
C GLU D 14 27.10 -44.62 10.65
N PHE D 15 26.41 -45.31 9.76
CA PHE D 15 25.73 -44.65 8.63
C PHE D 15 24.59 -43.76 9.11
N LEU D 16 23.92 -44.17 10.18
CA LEU D 16 22.84 -43.38 10.75
C LEU D 16 23.40 -42.27 11.65
N GLU D 17 24.62 -42.48 12.13
CA GLU D 17 25.28 -41.51 13.01
C GLU D 17 25.86 -40.36 12.20
N VAL D 18 26.29 -40.64 10.98
CA VAL D 18 26.95 -39.64 10.14
C VAL D 18 25.96 -38.60 9.61
N GLN D 19 24.67 -38.90 9.71
CA GLN D 19 23.63 -38.02 9.20
C GLN D 19 23.32 -36.88 10.16
N GLU D 20 23.80 -36.99 11.39
CA GLU D 20 23.55 -35.97 12.42
C GLU D 20 24.13 -34.62 12.03
N GLU D 21 25.44 -34.59 11.78
CA GLU D 21 26.12 -33.35 11.41
C GLU D 21 25.58 -32.82 10.08
N TYR D 22 25.11 -33.75 9.25
CA TYR D 22 24.51 -33.40 7.97
C TYR D 22 23.22 -32.60 8.15
N ILE D 23 22.29 -33.15 8.93
CA ILE D 23 21.02 -32.47 9.16
C ILE D 23 21.24 -31.20 9.99
N LYS D 24 22.32 -31.19 10.77
CA LYS D 24 22.73 -29.98 11.49
C LYS D 24 23.08 -28.89 10.47
N ASP D 25 23.94 -29.24 9.53
CA ASP D 25 24.35 -28.31 8.47
C ASP D 25 23.15 -27.80 7.69
N GLU D 26 22.25 -28.72 7.32
CA GLU D 26 21.06 -28.36 6.56
C GLU D 26 20.18 -27.38 7.33
N GLN D 27 19.86 -27.71 8.58
CA GLN D 27 18.94 -26.89 9.36
C GLN D 27 19.55 -25.55 9.75
N LYS D 28 20.87 -25.50 9.89
CA LYS D 28 21.52 -24.24 10.24
C LYS D 28 21.71 -23.33 9.02
N ASN D 29 21.98 -23.93 7.87
CA ASN D 29 22.23 -23.15 6.65
C ASN D 29 20.96 -22.71 5.92
N LEU D 30 19.98 -23.61 5.82
CA LEU D 30 18.79 -23.33 5.03
C LEU D 30 17.89 -22.27 5.66
N LYS D 31 18.05 -22.03 6.97
CA LYS D 31 17.32 -20.95 7.62
C LYS D 31 17.98 -19.61 7.32
N LYS D 32 19.31 -19.63 7.20
CA LYS D 32 20.06 -18.44 6.82
C LYS D 32 19.74 -18.08 5.37
N GLU D 33 19.62 -19.12 4.54
CA GLU D 33 19.21 -18.92 3.15
C GLU D 33 17.75 -18.49 3.09
N PHE D 34 16.98 -18.93 4.09
CA PHE D 34 15.56 -18.58 4.18
C PHE D 34 15.40 -17.09 4.46
N LEU D 35 16.13 -16.58 5.45
CA LEU D 35 16.08 -15.16 5.77
C LEU D 35 16.75 -14.34 4.66
N HIS D 36 17.72 -14.95 3.98
CA HIS D 36 18.36 -14.33 2.83
C HIS D 36 17.33 -14.05 1.73
N ALA D 37 16.63 -15.10 1.32
CA ALA D 37 15.61 -14.97 0.28
C ALA D 37 14.46 -14.10 0.76
N GLN D 38 14.18 -14.15 2.06
CA GLN D 38 13.13 -13.34 2.67
C GLN D 38 13.43 -11.86 2.53
N GLU D 39 14.68 -11.48 2.80
CA GLU D 39 15.09 -10.08 2.66
C GLU D 39 15.26 -9.73 1.18
N GLU D 40 15.51 -10.74 0.36
CA GLU D 40 15.64 -10.54 -1.08
C GLU D 40 14.29 -10.16 -1.69
N VAL D 41 13.23 -10.83 -1.24
CA VAL D 41 11.89 -10.50 -1.72
C VAL D 41 11.30 -9.34 -0.93
N LYS D 42 11.91 -9.01 0.21
CA LYS D 42 11.48 -7.88 1.02
C LYS D 42 11.98 -6.58 0.43
N ARG D 43 13.22 -6.59 -0.06
CA ARG D 43 13.84 -5.39 -0.62
C ARG D 43 13.23 -5.05 -1.99
N ILE D 44 12.50 -6.01 -2.55
CA ILE D 44 11.76 -5.77 -3.78
C ILE D 44 10.72 -4.67 -3.58
N GLN D 45 10.07 -4.71 -2.43
CA GLN D 45 9.04 -3.73 -2.09
C GLN D 45 9.67 -2.39 -1.73
N SER D 46 9.28 -1.34 -2.45
CA SER D 46 9.81 -0.01 -2.21
C SER D 46 8.70 0.97 -1.86
N ILE D 47 9.05 2.02 -1.13
CA ILE D 47 8.08 3.03 -0.72
C ILE D 47 7.50 3.83 -1.90
N PRO D 48 8.36 4.40 -2.78
CA PRO D 48 7.74 5.15 -3.87
C PRO D 48 6.99 4.24 -4.84
N LEU D 49 5.76 4.62 -5.19
CA LEU D 49 4.91 3.81 -6.06
C LEU D 49 3.67 4.57 -6.52
N VAL D 50 2.81 3.88 -7.27
CA VAL D 50 1.57 4.48 -7.76
C VAL D 50 0.36 3.86 -7.06
N ILE D 51 -0.60 4.69 -6.68
CA ILE D 51 -1.77 4.21 -5.94
C ILE D 51 -2.96 3.99 -6.88
N GLY D 52 -3.47 2.77 -6.90
CA GLY D 52 -4.62 2.42 -7.71
C GLY D 52 -5.88 2.28 -6.89
N GLN D 53 -6.82 1.48 -7.39
CA GLN D 53 -8.07 1.24 -6.66
C GLN D 53 -8.55 -0.20 -6.83
N PHE D 54 -9.04 -0.79 -5.74
CA PHE D 54 -9.54 -2.16 -5.76
C PHE D 54 -10.94 -2.22 -6.34
N LEU D 55 -11.29 -3.34 -6.97
CA LEU D 55 -12.62 -3.51 -7.54
C LEU D 55 -13.35 -4.69 -6.91
N GLU D 56 -12.96 -5.90 -7.29
CA GLU D 56 -13.60 -7.12 -6.79
C GLU D 56 -12.62 -8.30 -6.76
N ALA D 57 -12.97 -9.32 -5.98
CA ALA D 57 -12.19 -10.55 -5.93
C ALA D 57 -13.01 -11.72 -6.47
N VAL D 58 -12.61 -12.23 -7.63
CA VAL D 58 -13.35 -13.28 -8.31
C VAL D 58 -13.02 -14.68 -7.76
N ASP D 59 -11.89 -14.80 -7.09
CA ASP D 59 -11.47 -16.10 -6.55
C ASP D 59 -10.58 -15.94 -5.32
N GLN D 60 -10.01 -17.06 -4.87
CA GLN D 60 -9.17 -17.07 -3.68
C GLN D 60 -7.74 -16.65 -3.97
N ASN D 61 -7.23 -15.71 -3.18
CA ASN D 61 -5.86 -15.21 -3.28
C ASN D 61 -5.56 -14.58 -4.64
N THR D 62 -6.59 -14.14 -5.33
CA THR D 62 -6.44 -13.45 -6.61
C THR D 62 -7.59 -12.47 -6.80
N ALA D 63 -7.31 -11.31 -7.38
CA ALA D 63 -8.33 -10.30 -7.61
C ALA D 63 -7.92 -9.32 -8.71
N ILE D 64 -8.81 -8.37 -9.00
CA ILE D 64 -8.52 -7.35 -10.01
C ILE D 64 -8.40 -5.97 -9.35
N VAL D 65 -7.61 -5.10 -9.96
CA VAL D 65 -7.37 -3.78 -9.40
C VAL D 65 -7.44 -2.69 -10.49
N GLY D 66 -8.27 -1.68 -10.26
CA GLY D 66 -8.42 -0.59 -11.19
C GLY D 66 -7.33 0.45 -11.03
N SER D 67 -6.94 1.08 -12.14
CA SER D 67 -5.90 2.09 -12.12
C SER D 67 -6.48 3.50 -12.05
N THR D 68 -5.61 4.50 -12.07
CA THR D 68 -6.05 5.89 -12.00
C THR D 68 -6.66 6.32 -13.33
N THR D 69 -6.15 5.77 -14.42
CA THR D 69 -6.63 6.11 -15.75
C THR D 69 -8.01 5.51 -16.02
N GLY D 70 -8.41 4.55 -15.19
CA GLY D 70 -9.70 3.91 -15.34
C GLY D 70 -9.61 2.51 -15.90
N SER D 71 -8.41 2.13 -16.33
CA SER D 71 -8.19 0.79 -16.89
C SER D 71 -7.96 -0.23 -15.78
N ASN D 72 -8.79 -1.27 -15.76
CA ASN D 72 -8.69 -2.31 -14.75
C ASN D 72 -7.52 -3.25 -15.01
N TYR D 73 -6.75 -3.54 -13.97
CA TYR D 73 -5.60 -4.43 -14.10
C TYR D 73 -5.81 -5.73 -13.33
N TYR D 74 -5.33 -6.83 -13.91
CA TYR D 74 -5.43 -8.14 -13.27
C TYR D 74 -4.09 -8.54 -12.66
N VAL D 75 -4.03 -8.55 -11.34
CA VAL D 75 -2.80 -8.88 -10.63
C VAL D 75 -3.08 -9.79 -9.44
N ARG D 76 -2.36 -10.91 -9.38
CA ARG D 76 -2.49 -11.84 -8.26
C ARG D 76 -1.80 -11.30 -7.02
N ILE D 77 -2.52 -11.27 -5.90
CA ILE D 77 -1.98 -10.77 -4.64
C ILE D 77 -1.00 -11.76 -4.02
N LEU D 78 -0.11 -11.25 -3.18
CA LEU D 78 0.89 -12.08 -2.52
C LEU D 78 0.27 -12.85 -1.36
N SER D 79 0.81 -14.04 -1.08
CA SER D 79 0.26 -14.92 -0.07
C SER D 79 0.31 -14.33 1.35
N THR D 80 1.23 -13.41 1.57
CA THR D 80 1.38 -12.76 2.88
C THR D 80 0.15 -11.93 3.22
N ILE D 81 -0.40 -11.25 2.21
CA ILE D 81 -1.58 -10.43 2.38
C ILE D 81 -2.79 -11.28 2.77
N ASP D 82 -3.45 -10.90 3.86
CA ASP D 82 -4.60 -11.65 4.35
C ASP D 82 -5.88 -11.28 3.62
N ARG D 83 -7.02 -11.76 4.12
CA ARG D 83 -8.31 -11.54 3.48
C ARG D 83 -8.92 -10.20 3.87
N GLU D 84 -8.22 -9.44 4.72
CA GLU D 84 -8.69 -8.14 5.15
C GLU D 84 -8.63 -7.13 4.01
N LEU D 85 -7.70 -7.34 3.08
CA LEU D 85 -7.52 -6.45 1.94
C LEU D 85 -8.45 -6.82 0.78
N LEU D 86 -9.27 -7.84 0.99
CA LEU D 86 -10.21 -8.30 -0.04
C LEU D 86 -11.50 -7.50 -0.02
N LYS D 87 -11.56 -6.50 0.85
CA LYS D 87 -12.72 -5.61 0.95
C LYS D 87 -13.08 -5.00 -0.41
N PRO D 88 -14.36 -5.07 -0.78
CA PRO D 88 -14.88 -4.59 -2.07
C PRO D 88 -14.47 -3.15 -2.41
N ASN D 89 -14.55 -2.26 -1.44
CA ASN D 89 -14.14 -0.87 -1.66
C ASN D 89 -13.07 -0.42 -0.68
N ALA D 90 -11.88 -0.16 -1.19
CA ALA D 90 -10.76 0.29 -0.38
C ALA D 90 -9.72 0.98 -1.23
N SER D 91 -8.84 1.76 -0.59
CA SER D 91 -7.75 2.40 -1.30
C SER D 91 -6.51 1.51 -1.27
N VAL D 92 -6.11 1.02 -2.44
CA VAL D 92 -4.99 0.10 -2.53
C VAL D 92 -3.84 0.72 -3.32
N ALA D 93 -2.62 0.43 -2.90
CA ALA D 93 -1.43 0.98 -3.56
C ALA D 93 -0.53 -0.13 -4.08
N LEU D 94 -0.40 -0.20 -5.41
CA LEU D 94 0.51 -1.16 -6.03
C LEU D 94 1.88 -0.53 -6.23
N HIS D 95 2.83 -1.30 -6.74
CA HIS D 95 4.15 -0.78 -7.07
C HIS D 95 4.13 -0.10 -8.43
N LYS D 96 5.06 0.84 -8.63
CA LYS D 96 5.18 1.54 -9.91
C LYS D 96 5.75 0.63 -10.99
N HIS D 97 6.35 -0.47 -10.56
CA HIS D 97 6.90 -1.46 -11.49
C HIS D 97 6.30 -2.84 -11.26
N SER D 98 6.54 -3.40 -10.08
CA SER D 98 6.08 -4.75 -9.75
C SER D 98 4.55 -4.82 -9.67
N ASN D 99 3.91 -3.68 -9.43
CA ASN D 99 2.46 -3.60 -9.32
C ASN D 99 1.89 -4.54 -8.26
N ALA D 100 2.56 -4.58 -7.10
CA ALA D 100 2.10 -5.42 -5.99
C ALA D 100 1.68 -4.55 -4.81
N LEU D 101 0.69 -5.01 -4.07
CA LEU D 101 0.16 -4.24 -2.95
C LEU D 101 0.81 -4.65 -1.62
N VAL D 102 1.59 -3.74 -1.04
CA VAL D 102 2.22 -3.99 0.24
C VAL D 102 1.26 -3.74 1.39
N ASP D 103 0.52 -2.64 1.31
CA ASP D 103 -0.41 -2.25 2.37
C ASP D 103 -1.48 -1.31 1.81
N VAL D 104 -2.60 -1.19 2.53
CA VAL D 104 -3.68 -0.30 2.12
C VAL D 104 -3.87 0.83 3.13
N LEU D 105 -4.38 1.96 2.66
CA LEU D 105 -4.60 3.11 3.52
C LEU D 105 -6.06 3.51 3.56
N PRO D 106 -6.54 3.99 4.72
CA PRO D 106 -7.94 4.41 4.88
C PRO D 106 -8.24 5.71 4.11
N PRO D 107 -9.43 5.80 3.53
CA PRO D 107 -9.88 6.98 2.77
C PRO D 107 -9.86 8.26 3.60
N ASP D 133 -47.15 28.95 18.05
CA ASP D 133 -47.23 28.37 19.39
C ASP D 133 -47.32 26.85 19.32
N ILE D 134 -48.10 26.35 18.38
CA ILE D 134 -48.30 24.91 18.23
C ILE D 134 -47.14 24.24 17.48
N GLN D 135 -46.55 24.95 16.53
CA GLN D 135 -45.50 24.38 15.69
C GLN D 135 -44.24 24.04 16.47
N LYS D 136 -43.67 25.04 17.13
CA LYS D 136 -42.42 24.85 17.87
C LYS D 136 -42.62 23.92 19.05
N GLN D 137 -43.83 23.92 19.62
CA GLN D 137 -44.15 23.03 20.72
C GLN D 137 -44.20 21.58 20.24
N GLU D 138 -44.87 21.37 19.12
CA GLU D 138 -45.00 20.04 18.54
C GLU D 138 -43.63 19.49 18.15
N VAL D 139 -42.82 20.32 17.50
CA VAL D 139 -41.47 19.94 17.11
C VAL D 139 -40.62 19.64 18.33
N ARG D 140 -40.73 20.49 19.36
CA ARG D 140 -39.99 20.32 20.60
C ARG D 140 -40.32 18.97 21.25
N GLU D 141 -41.61 18.67 21.31
CA GLU D 141 -42.07 17.40 21.88
C GLU D 141 -41.72 16.22 20.97
N ALA D 142 -41.44 16.50 19.70
CA ALA D 142 -41.08 15.46 18.76
C ALA D 142 -39.56 15.31 18.63
N VAL D 143 -38.81 16.15 19.33
CA VAL D 143 -37.35 16.11 19.23
C VAL D 143 -36.66 16.00 20.60
N GLU D 144 -36.78 17.03 21.43
CA GLU D 144 -36.01 17.07 22.67
C GLU D 144 -36.63 16.21 23.77
N LEU D 145 -37.96 16.06 23.74
CA LEU D 145 -38.65 15.22 24.72
C LEU D 145 -38.33 13.73 24.54
N PRO D 146 -38.34 13.21 23.30
CA PRO D 146 -37.93 11.80 23.18
C PRO D 146 -36.46 11.58 23.53
N LEU D 147 -35.66 12.63 23.42
CA LEU D 147 -34.23 12.54 23.69
C LEU D 147 -33.93 12.34 25.18
N THR D 148 -34.49 13.20 26.02
CA THR D 148 -34.20 13.17 27.44
C THR D 148 -35.16 12.30 28.24
N HIS D 149 -36.22 11.83 27.59
CA HIS D 149 -37.22 11.01 28.27
C HIS D 149 -37.43 9.66 27.58
N PHE D 150 -37.28 8.59 28.36
CA PHE D 150 -37.52 7.23 27.87
C PHE D 150 -38.55 6.53 28.73
N GLU D 151 -38.20 6.34 30.00
CA GLU D 151 -39.05 5.64 30.95
C GLU D 151 -40.41 6.31 31.12
N LEU D 152 -40.46 7.63 30.89
CA LEU D 152 -41.72 8.36 30.92
C LEU D 152 -42.62 7.88 29.78
N TYR D 153 -42.03 7.73 28.59
CA TYR D 153 -42.74 7.23 27.44
C TYR D 153 -43.14 5.77 27.64
N LYS D 154 -42.33 5.03 28.39
CA LYS D 154 -42.67 3.65 28.73
C LYS D 154 -43.84 3.60 29.71
N GLN D 155 -43.95 4.62 30.56
CA GLN D 155 -45.03 4.69 31.53
C GLN D 155 -46.34 5.11 30.89
N ILE D 156 -46.30 6.14 30.05
CA ILE D 156 -47.51 6.64 29.40
C ILE D 156 -47.94 5.73 28.25
N GLY D 157 -47.04 4.84 27.84
CA GLY D 157 -47.34 3.89 26.78
C GLY D 157 -47.49 4.55 25.42
N ILE D 158 -46.67 5.55 25.16
CA ILE D 158 -46.72 6.26 23.88
C ILE D 158 -45.35 6.26 23.20
N ASP D 159 -45.31 5.74 21.98
CA ASP D 159 -44.06 5.71 21.21
C ASP D 159 -43.77 7.09 20.62
N PRO D 160 -42.56 7.60 20.86
CA PRO D 160 -42.15 8.92 20.36
C PRO D 160 -42.05 8.96 18.83
N PRO D 161 -42.60 10.01 18.21
CA PRO D 161 -42.56 10.16 16.76
C PRO D 161 -41.15 10.42 16.24
N ARG D 162 -40.76 9.68 15.20
CA ARG D 162 -39.43 9.82 14.62
C ARG D 162 -39.35 11.00 13.64
N GLY D 163 -40.37 11.17 12.83
CA GLY D 163 -40.33 12.16 11.75
C GLY D 163 -40.92 13.52 12.05
N VAL D 164 -40.47 14.51 11.29
CA VAL D 164 -41.02 15.86 11.34
C VAL D 164 -41.24 16.36 9.92
N LEU D 165 -42.47 16.78 9.62
CA LEU D 165 -42.83 17.12 8.25
C LEU D 165 -43.04 18.62 8.02
N MET D 166 -42.63 19.09 6.85
CA MET D 166 -42.84 20.48 6.44
C MET D 166 -43.52 20.53 5.07
N TYR D 167 -44.05 21.69 4.71
CA TYR D 167 -44.77 21.82 3.45
C TYR D 167 -44.81 23.28 2.96
N GLY D 168 -45.32 23.47 1.74
CA GLY D 168 -45.56 24.80 1.17
C GLY D 168 -44.40 25.33 0.35
N PRO D 169 -44.72 26.05 -0.75
CA PRO D 169 -43.70 26.76 -1.52
C PRO D 169 -43.03 27.96 -0.81
N PRO D 170 -43.79 28.81 -0.07
CA PRO D 170 -43.05 29.90 0.58
C PRO D 170 -42.12 29.40 1.69
N GLY D 171 -42.59 28.43 2.45
CA GLY D 171 -41.81 27.89 3.55
C GLY D 171 -40.55 27.19 3.08
N CYS D 172 -39.42 27.62 3.63
CA CYS D 172 -38.13 27.01 3.30
C CYS D 172 -37.74 25.98 4.34
N GLY D 173 -37.48 26.45 5.55
CA GLY D 173 -37.06 25.57 6.63
C GLY D 173 -35.75 24.90 6.34
N LYS D 174 -35.58 23.68 6.86
CA LYS D 174 -34.42 22.83 6.57
C LYS D 174 -33.10 23.40 7.12
N THR D 175 -33.15 24.63 7.62
CA THR D 175 -31.98 25.30 8.17
C THR D 175 -32.31 25.87 9.56
N MET D 176 -33.25 26.79 9.58
CA MET D 176 -33.68 27.47 10.81
C MET D 176 -34.03 26.50 11.94
N LEU D 177 -34.81 25.47 11.62
CA LEU D 177 -35.23 24.50 12.61
C LEU D 177 -34.07 23.63 13.09
N ALA D 178 -33.20 23.25 12.15
CA ALA D 178 -32.03 22.44 12.48
C ALA D 178 -31.10 23.18 13.43
N LYS D 179 -30.87 24.45 13.15
CA LYS D 179 -30.04 25.29 14.00
C LYS D 179 -30.73 25.55 15.33
N ALA D 180 -32.05 25.62 15.31
CA ALA D 180 -32.83 25.81 16.53
C ALA D 180 -32.65 24.63 17.46
N VAL D 181 -32.76 23.42 16.92
CA VAL D 181 -32.54 22.20 17.69
C VAL D 181 -31.08 22.14 18.14
N ALA D 182 -30.18 22.61 17.28
CA ALA D 182 -28.75 22.61 17.59
C ALA D 182 -28.44 23.49 18.79
N HIS D 183 -29.13 24.63 18.89
CA HIS D 183 -28.94 25.54 20.02
C HIS D 183 -29.67 25.05 21.27
N HIS D 184 -30.84 24.44 21.07
CA HIS D 184 -31.63 23.95 22.18
C HIS D 184 -30.99 22.74 22.84
N THR D 185 -30.65 21.74 22.04
CA THR D 185 -30.02 20.51 22.54
C THR D 185 -28.62 20.33 21.98
N THR D 186 -27.72 19.83 22.82
CA THR D 186 -26.33 19.60 22.40
C THR D 186 -26.09 18.14 22.09
N ALA D 187 -25.88 17.83 20.81
CA ALA D 187 -25.65 16.47 20.37
C ALA D 187 -24.99 16.45 18.99
N ALA D 188 -24.86 15.27 18.40
CA ALA D 188 -24.31 15.13 17.07
C ALA D 188 -25.37 15.37 16.01
N PHE D 189 -25.13 16.34 15.13
CA PHE D 189 -26.08 16.68 14.08
C PHE D 189 -25.48 16.41 12.70
N ILE D 190 -26.28 15.81 11.82
CA ILE D 190 -25.82 15.49 10.48
C ILE D 190 -26.53 16.34 9.43
N ARG D 191 -25.79 17.24 8.81
CA ARG D 191 -26.33 18.09 7.75
C ARG D 191 -25.97 17.52 6.38
N VAL D 192 -26.90 17.62 5.44
CA VAL D 192 -26.69 17.05 4.11
C VAL D 192 -26.23 18.10 3.09
N VAL D 193 -25.26 17.71 2.28
CA VAL D 193 -24.72 18.55 1.22
C VAL D 193 -25.49 18.29 -0.08
N GLY D 194 -26.55 17.49 0.03
CA GLY D 194 -27.22 16.94 -1.14
C GLY D 194 -26.79 15.50 -1.32
N SER D 195 -26.96 14.97 -2.53
CA SER D 195 -26.68 13.56 -2.76
C SER D 195 -25.24 13.34 -3.22
N GLU D 196 -24.43 12.75 -2.34
CA GLU D 196 -23.05 12.39 -2.67
C GLU D 196 -22.94 10.91 -3.03
N PHE D 197 -24.06 10.20 -2.93
CA PHE D 197 -24.05 8.75 -3.13
C PHE D 197 -24.32 8.37 -4.58
N VAL D 198 -24.60 9.37 -5.42
CA VAL D 198 -24.78 9.11 -6.84
C VAL D 198 -23.46 9.34 -7.58
N GLN D 199 -22.86 8.27 -8.06
CA GLN D 199 -21.57 8.31 -8.74
C GLN D 199 -21.48 7.23 -9.81
N LYS D 200 -20.29 7.04 -10.36
CA LYS D 200 -20.05 5.98 -11.32
C LYS D 200 -20.01 4.63 -10.61
N TYR D 201 -19.74 4.66 -9.31
CA TYR D 201 -19.71 3.45 -8.49
C TYR D 201 -21.00 3.33 -7.68
N LEU D 202 -21.80 2.32 -7.97
CA LEU D 202 -23.08 2.15 -7.31
C LEU D 202 -22.99 1.27 -6.05
N GLY D 203 -21.83 0.69 -5.83
CA GLY D 203 -21.63 -0.21 -4.70
C GLY D 203 -21.16 0.51 -3.45
N GLU D 204 -20.78 1.77 -3.60
CA GLU D 204 -20.26 2.55 -2.49
C GLU D 204 -21.37 3.07 -1.57
N GLY D 205 -22.51 3.40 -2.17
CA GLY D 205 -23.63 3.99 -1.45
C GLY D 205 -24.17 3.24 -0.24
N PRO D 206 -24.57 1.97 -0.44
CA PRO D 206 -25.11 1.18 0.68
C PRO D 206 -24.12 1.05 1.83
N ARG D 207 -22.85 0.86 1.50
CA ARG D 207 -21.80 0.74 2.52
C ARG D 207 -21.59 2.07 3.23
N MET D 208 -21.73 3.17 2.49
CA MET D 208 -21.58 4.49 3.08
C MET D 208 -22.68 4.80 4.07
N VAL D 209 -23.94 4.59 3.65
CA VAL D 209 -25.07 4.87 4.53
C VAL D 209 -25.11 3.86 5.69
N ARG D 210 -24.57 2.67 5.47
CA ARG D 210 -24.47 1.69 6.53
C ARG D 210 -23.43 2.13 7.57
N ASP D 211 -22.34 2.71 7.08
CA ASP D 211 -21.30 3.24 7.96
C ASP D 211 -21.85 4.42 8.77
N VAL D 212 -22.59 5.30 8.09
CA VAL D 212 -23.20 6.45 8.74
C VAL D 212 -24.18 6.00 9.83
N PHE D 213 -25.02 5.02 9.50
CA PHE D 213 -26.00 4.51 10.45
C PHE D 213 -25.33 3.81 11.64
N ARG D 214 -24.27 3.05 11.38
CA ARG D 214 -23.62 2.29 12.44
C ARG D 214 -22.79 3.21 13.35
N LEU D 215 -22.22 4.27 12.80
CA LEU D 215 -21.50 5.23 13.62
C LEU D 215 -22.51 6.08 14.39
N ALA D 216 -23.68 6.26 13.81
CA ALA D 216 -24.76 6.98 14.47
C ALA D 216 -25.27 6.21 15.68
N LYS D 217 -25.42 4.90 15.52
CA LYS D 217 -25.89 4.06 16.62
C LYS D 217 -24.78 3.79 17.63
N GLU D 218 -23.54 3.92 17.18
CA GLU D 218 -22.39 3.68 18.06
C GLU D 218 -22.10 4.90 18.94
N ASN D 219 -22.18 6.09 18.36
CA ASN D 219 -21.79 7.31 19.07
C ASN D 219 -22.82 7.78 20.09
N ALA D 220 -23.95 8.29 19.60
CA ALA D 220 -24.97 8.86 20.48
C ALA D 220 -26.32 8.92 19.76
N PRO D 221 -27.39 9.32 20.48
CA PRO D 221 -28.65 9.55 19.76
C PRO D 221 -28.58 10.76 18.83
N ALA D 222 -27.89 10.61 17.71
CA ALA D 222 -27.73 11.70 16.75
C ALA D 222 -29.01 11.93 15.95
N ILE D 223 -29.16 13.14 15.42
CA ILE D 223 -30.32 13.50 14.61
C ILE D 223 -29.94 13.63 13.14
N ILE D 224 -30.51 12.77 12.30
CA ILE D 224 -30.20 12.75 10.88
C ILE D 224 -31.24 13.55 10.07
N PHE D 225 -30.76 14.48 9.27
CA PHE D 225 -31.63 15.30 8.43
C PHE D 225 -31.44 14.98 6.95
N ILE D 226 -32.55 15.01 6.21
CA ILE D 226 -32.51 14.77 4.76
C ILE D 226 -33.16 15.92 3.99
N ASP D 227 -32.48 16.40 2.96
CA ASP D 227 -32.99 17.51 2.17
C ASP D 227 -33.15 17.12 0.70
N GLU D 228 -34.12 17.76 0.05
CA GLU D 228 -34.39 17.56 -1.38
C GLU D 228 -34.65 16.10 -1.72
N ILE D 229 -35.72 15.55 -1.19
CA ILE D 229 -36.10 14.17 -1.45
C ILE D 229 -36.84 14.02 -2.78
N ASP D 230 -37.43 15.11 -3.25
CA ASP D 230 -38.28 15.08 -4.44
C ASP D 230 -37.51 14.70 -5.70
N ALA D 231 -36.30 15.22 -5.84
CA ALA D 231 -35.50 14.97 -7.02
C ALA D 231 -34.80 13.60 -6.96
N ILE D 232 -34.26 13.28 -5.79
CA ILE D 232 -33.45 12.08 -5.63
C ILE D 232 -34.27 10.80 -5.48
N ALA D 233 -35.46 10.90 -4.89
CA ALA D 233 -36.25 9.70 -4.62
C ALA D 233 -37.24 9.40 -5.72
N THR D 234 -37.27 10.25 -6.76
CA THR D 234 -38.18 10.05 -7.88
C THR D 234 -37.87 8.76 -8.63
N LYS D 235 -38.90 7.97 -8.90
CA LYS D 235 -38.74 6.67 -9.56
C LYS D 235 -38.27 6.83 -11.01
N ARG D 236 -37.67 5.79 -11.55
CA ARG D 236 -37.16 5.80 -12.92
C ARG D 236 -37.34 4.45 -13.59
N PHE D 237 -37.23 4.41 -14.90
CA PHE D 237 -37.45 3.19 -15.66
C PHE D 237 -36.19 2.69 -16.39
N ASP D 238 -35.70 3.49 -17.33
CA ASP D 238 -34.63 3.08 -18.23
C ASP D 238 -33.36 2.63 -17.51
N ALA D 239 -32.68 1.66 -18.12
CA ALA D 239 -31.47 1.07 -17.52
C ALA D 239 -30.29 2.04 -17.55
N GLN D 240 -30.22 2.87 -18.59
CA GLN D 240 -29.17 3.87 -18.70
C GLN D 240 -29.31 4.88 -17.56
N THR D 241 -30.54 5.16 -17.19
CA THR D 241 -30.86 6.01 -16.05
C THR D 241 -31.05 5.15 -14.81
N GLY D 242 -30.81 3.85 -14.96
CA GLY D 242 -31.03 2.87 -13.91
C GLY D 242 -30.26 3.10 -12.62
N ALA D 243 -29.26 3.97 -12.66
CA ALA D 243 -28.51 4.34 -11.46
C ALA D 243 -29.46 4.94 -10.41
N ASP D 244 -30.47 5.64 -10.90
CA ASP D 244 -31.51 6.20 -10.03
C ASP D 244 -32.31 5.09 -9.36
N ARG D 245 -32.54 4.01 -10.10
CA ARG D 245 -33.23 2.85 -9.55
C ARG D 245 -32.33 2.17 -8.51
N GLU D 246 -31.03 2.22 -8.75
CA GLU D 246 -30.07 1.64 -7.83
C GLU D 246 -30.04 2.41 -6.50
N VAL D 247 -30.02 3.74 -6.60
CA VAL D 247 -29.96 4.56 -5.40
C VAL D 247 -31.33 4.63 -4.69
N GLN D 248 -32.40 4.36 -5.43
CA GLN D 248 -33.71 4.27 -4.82
C GLN D 248 -33.86 2.92 -4.15
N ARG D 249 -33.11 1.93 -4.64
CA ARG D 249 -33.03 0.63 -3.97
C ARG D 249 -32.16 0.76 -2.73
N ILE D 250 -31.21 1.69 -2.77
CA ILE D 250 -30.44 2.05 -1.59
C ILE D 250 -31.37 2.70 -0.57
N LEU D 251 -32.25 3.56 -1.08
CA LEU D 251 -33.25 4.22 -0.25
C LEU D 251 -34.18 3.20 0.40
N LEU D 252 -34.53 2.16 -0.36
CA LEU D 252 -35.37 1.08 0.16
C LEU D 252 -34.61 0.25 1.18
N GLU D 253 -33.30 0.11 0.96
CA GLU D 253 -32.44 -0.63 1.88
C GLU D 253 -32.38 0.08 3.24
N LEU D 254 -32.09 1.37 3.21
CA LEU D 254 -32.04 2.15 4.44
C LEU D 254 -33.45 2.35 5.01
N LEU D 255 -34.46 2.12 4.18
CA LEU D 255 -35.84 2.14 4.62
C LEU D 255 -36.13 0.91 5.48
N ASN D 256 -35.65 -0.24 5.03
CA ASN D 256 -35.76 -1.47 5.79
C ASN D 256 -34.91 -1.39 7.06
N GLN D 257 -33.75 -0.77 6.93
CA GLN D 257 -32.85 -0.60 8.07
C GLN D 257 -33.46 0.30 9.14
N MET D 258 -34.09 1.39 8.71
CA MET D 258 -34.74 2.30 9.64
C MET D 258 -36.04 1.69 10.16
N ASP D 259 -36.57 0.71 9.41
CA ASP D 259 -37.69 -0.08 9.90
C ASP D 259 -37.22 -1.00 11.02
N GLY D 260 -35.95 -1.42 10.93
CA GLY D 260 -35.34 -2.21 11.98
C GLY D 260 -34.83 -1.33 13.11
N PHE D 261 -34.80 -0.03 12.86
CA PHE D 261 -34.33 0.94 13.84
C PHE D 261 -35.47 1.50 14.69
N ASP D 262 -36.67 0.98 14.48
CA ASP D 262 -37.85 1.45 15.19
C ASP D 262 -37.75 1.24 16.70
N GLN D 263 -36.91 0.30 17.11
CA GLN D 263 -36.74 0.02 18.54
C GLN D 263 -35.37 -0.59 18.81
N ASN D 264 -34.96 -0.59 20.08
CA ASN D 264 -33.69 -1.14 20.54
C ASN D 264 -32.48 -0.41 19.96
N VAL D 265 -32.69 0.85 19.58
CA VAL D 265 -31.60 1.68 19.09
C VAL D 265 -31.98 3.15 19.26
N ASN D 266 -30.99 4.03 19.27
CA ASN D 266 -31.24 5.47 19.43
C ASN D 266 -30.85 6.26 18.19
N VAL D 267 -31.84 6.78 17.49
CA VAL D 267 -31.60 7.59 16.29
C VAL D 267 -32.78 8.52 16.03
N LYS D 268 -32.55 9.60 15.30
CA LYS D 268 -33.60 10.54 14.94
C LYS D 268 -33.51 10.93 13.46
N VAL D 269 -34.59 10.71 12.72
CA VAL D 269 -34.63 11.03 11.30
C VAL D 269 -35.77 11.97 10.96
N ILE D 270 -35.45 13.15 10.46
CA ILE D 270 -36.45 14.13 10.07
C ILE D 270 -36.49 14.29 8.56
N MET D 271 -37.67 14.62 8.03
CA MET D 271 -37.88 14.69 6.59
C MET D 271 -38.22 16.10 6.13
N ALA D 272 -37.88 16.42 4.89
CA ALA D 272 -38.17 17.73 4.33
C ALA D 272 -38.71 17.62 2.90
N THR D 273 -39.89 18.19 2.67
CA THR D 273 -40.49 18.19 1.34
C THR D 273 -41.28 19.47 1.11
N ASN D 274 -41.33 19.91 -0.15
CA ASN D 274 -42.02 21.14 -0.52
C ASN D 274 -43.52 20.97 -0.67
N ARG D 275 -43.93 19.86 -1.29
CA ARG D 275 -45.34 19.63 -1.58
C ARG D 275 -45.86 18.33 -0.97
N ALA D 276 -47.17 18.26 -0.76
CA ALA D 276 -47.79 17.09 -0.15
C ALA D 276 -48.34 16.10 -1.17
N ASP D 277 -48.25 16.45 -2.45
CA ASP D 277 -48.70 15.57 -3.52
C ASP D 277 -47.52 14.77 -4.06
N THR D 278 -46.37 14.94 -3.41
CA THR D 278 -45.14 14.23 -3.74
C THR D 278 -45.43 12.73 -3.76
N LEU D 279 -45.06 12.04 -4.85
CA LEU D 279 -45.61 10.69 -5.10
C LEU D 279 -44.60 9.57 -5.41
N ASP D 280 -44.48 8.62 -4.49
CA ASP D 280 -43.75 7.36 -4.68
C ASP D 280 -44.12 6.33 -3.60
N PRO D 281 -43.65 5.09 -3.72
CA PRO D 281 -43.91 4.15 -2.61
C PRO D 281 -42.74 3.99 -1.63
N ALA D 282 -42.30 5.05 -0.97
CA ALA D 282 -41.20 4.91 -0.03
C ALA D 282 -41.44 5.56 1.33
N LEU D 283 -41.44 6.89 1.35
CA LEU D 283 -41.39 7.66 2.59
C LEU D 283 -42.73 7.85 3.31
N LEU D 284 -43.77 8.15 2.54
CA LEU D 284 -45.04 8.57 3.13
C LEU D 284 -45.96 7.41 3.50
N ARG D 285 -45.49 6.18 3.30
CA ARG D 285 -46.28 5.00 3.64
C ARG D 285 -46.62 5.00 5.13
N PRO D 286 -47.92 4.89 5.44
CA PRO D 286 -48.45 4.94 6.82
C PRO D 286 -47.75 3.94 7.75
N GLY D 287 -47.45 4.40 8.97
CA GLY D 287 -46.76 3.58 9.94
C GLY D 287 -45.31 4.01 10.14
N ARG D 288 -44.86 4.93 9.28
CA ARG D 288 -43.51 5.44 9.36
C ARG D 288 -43.46 6.80 10.05
N LEU D 289 -44.08 7.80 9.41
CA LEU D 289 -44.10 9.15 9.94
C LEU D 289 -45.30 9.35 10.86
N ASP D 290 -45.03 9.65 12.13
CA ASP D 290 -46.09 9.85 13.11
C ASP D 290 -46.46 11.33 13.22
N ARG D 291 -45.77 12.17 12.46
CA ARG D 291 -46.04 13.60 12.46
C ARG D 291 -46.13 14.16 11.05
N LYS D 292 -47.31 14.70 10.70
CA LYS D 292 -47.50 15.33 9.41
C LYS D 292 -48.02 16.75 9.58
N ILE D 293 -47.22 17.73 9.16
CA ILE D 293 -47.57 19.13 9.32
C ILE D 293 -47.57 19.87 7.98
N GLU D 294 -48.74 20.38 7.59
CA GLU D 294 -48.86 21.16 6.37
C GLU D 294 -48.67 22.64 6.71
N PHE D 295 -47.71 23.28 6.05
CA PHE D 295 -47.36 24.66 6.38
C PHE D 295 -47.22 25.55 5.14
N PRO D 296 -48.29 25.68 4.35
CA PRO D 296 -48.21 26.50 3.12
C PRO D 296 -48.13 27.99 3.40
N LEU D 297 -48.86 28.45 4.41
CA LEU D 297 -48.98 29.89 4.69
C LEU D 297 -48.78 30.17 6.17
N PRO D 298 -47.54 30.48 6.57
CA PRO D 298 -47.16 30.75 7.97
C PRO D 298 -48.09 31.75 8.66
N ASP D 299 -48.53 31.41 9.86
CA ASP D 299 -49.46 32.25 10.61
C ASP D 299 -48.73 33.18 11.56
N ARG D 300 -49.50 33.88 12.39
CA ARG D 300 -48.95 34.90 13.29
C ARG D 300 -48.10 34.31 14.40
N ARG D 301 -48.61 33.25 15.04
CA ARG D 301 -47.93 32.63 16.18
C ARG D 301 -46.56 32.09 15.79
N GLN D 302 -46.51 31.38 14.67
CA GLN D 302 -45.28 30.79 14.17
C GLN D 302 -44.23 31.85 13.86
N LYS D 303 -44.66 32.95 13.26
CA LYS D 303 -43.76 34.06 12.95
C LYS D 303 -43.25 34.71 14.23
N ARG D 304 -44.16 34.91 15.19
CA ARG D 304 -43.79 35.50 16.47
C ARG D 304 -42.74 34.66 17.18
N LEU D 305 -42.93 33.35 17.17
CA LEU D 305 -41.99 32.44 17.82
C LEU D 305 -40.65 32.35 17.09
N ILE D 306 -40.70 32.23 15.77
CA ILE D 306 -39.48 32.08 14.99
C ILE D 306 -38.66 33.37 15.00
N PHE D 307 -39.34 34.50 15.20
CA PHE D 307 -38.63 35.76 15.39
C PHE D 307 -38.18 35.92 16.84
N SER D 308 -38.85 35.22 17.75
CA SER D 308 -38.51 35.30 19.16
C SER D 308 -37.22 34.54 19.45
N THR D 309 -37.08 33.38 18.81
CA THR D 309 -35.88 32.57 19.01
C THR D 309 -34.66 33.21 18.35
N ILE D 310 -34.89 33.96 17.27
CA ILE D 310 -33.79 34.63 16.58
C ILE D 310 -33.50 36.00 17.20
N THR D 311 -34.45 36.52 17.98
CA THR D 311 -34.20 37.76 18.72
C THR D 311 -33.70 37.46 20.12
N SER D 312 -33.72 36.18 20.49
CA SER D 312 -33.24 35.76 21.80
C SER D 312 -31.72 35.78 21.85
N LYS D 313 -31.08 35.18 20.85
CA LYS D 313 -29.62 35.14 20.77
C LYS D 313 -29.06 36.50 20.35
N MET D 314 -29.62 37.05 19.28
CA MET D 314 -29.18 38.34 18.77
C MET D 314 -29.71 39.48 19.64
N ASN D 315 -29.03 40.63 19.59
CA ASN D 315 -29.45 41.79 20.36
C ASN D 315 -30.76 42.38 19.84
N LEU D 316 -31.72 42.56 20.73
CA LEU D 316 -33.03 43.09 20.36
C LEU D 316 -33.09 44.61 20.60
N SER D 317 -34.23 45.20 20.29
CA SER D 317 -34.43 46.63 20.48
C SER D 317 -35.89 46.96 20.74
N GLU D 318 -36.12 48.08 21.43
CA GLU D 318 -37.47 48.52 21.74
C GLU D 318 -38.13 49.21 20.55
N GLU D 319 -37.31 49.77 19.68
CA GLU D 319 -37.80 50.47 18.50
C GLU D 319 -38.30 49.48 17.45
N VAL D 320 -37.75 48.28 17.48
CA VAL D 320 -38.15 47.23 16.54
C VAL D 320 -39.55 46.73 16.86
N ASP D 321 -40.43 46.78 15.86
CA ASP D 321 -41.80 46.32 16.03
C ASP D 321 -41.99 44.94 15.41
N LEU D 322 -42.62 44.04 16.15
CA LEU D 322 -42.88 42.69 15.66
C LEU D 322 -44.25 42.60 14.98
N GLU D 323 -45.03 43.66 15.08
CA GLU D 323 -46.39 43.67 14.54
C GLU D 323 -46.40 43.73 13.02
N ASP D 324 -45.67 44.68 12.46
CA ASP D 324 -45.61 44.84 11.01
C ASP D 324 -44.94 43.64 10.36
N TYR D 325 -44.02 43.01 11.10
CA TYR D 325 -43.29 41.85 10.61
C TYR D 325 -44.04 40.55 10.84
N VAL D 326 -45.07 40.60 11.69
CA VAL D 326 -45.98 39.47 11.82
C VAL D 326 -47.18 39.67 10.90
N ALA D 327 -47.28 40.86 10.32
CA ALA D 327 -48.40 41.19 9.45
C ALA D 327 -48.06 41.07 7.97
N ARG D 328 -47.15 41.92 7.49
CA ARG D 328 -46.81 41.99 6.08
C ARG D 328 -46.29 40.67 5.47
N PRO D 329 -45.40 39.95 6.19
CA PRO D 329 -44.97 38.67 5.62
C PRO D 329 -46.10 37.64 5.51
N ASP D 330 -47.17 37.82 6.27
CA ASP D 330 -48.32 36.93 6.17
C ASP D 330 -49.02 37.15 4.82
N LYS D 331 -48.95 38.38 4.32
CA LYS D 331 -49.44 38.70 2.99
C LYS D 331 -48.45 38.20 1.93
N ILE D 332 -47.26 38.78 1.92
CA ILE D 332 -46.21 38.35 1.02
C ILE D 332 -45.15 37.53 1.75
N SER D 333 -45.11 36.23 1.45
CA SER D 333 -44.22 35.32 2.15
C SER D 333 -43.05 34.86 1.28
N GLY D 334 -41.84 35.14 1.73
CA GLY D 334 -40.65 34.69 1.05
C GLY D 334 -39.99 33.51 1.77
N ALA D 335 -38.91 33.01 1.21
CA ALA D 335 -38.20 31.88 1.80
C ALA D 335 -37.03 32.37 2.64
N ASP D 336 -36.32 31.41 3.25
CA ASP D 336 -35.09 31.62 4.03
C ASP D 336 -35.08 32.90 4.88
N ILE D 337 -35.96 32.93 5.88
CA ILE D 337 -36.10 34.09 6.76
C ILE D 337 -34.81 34.37 7.54
N ASN D 338 -34.23 33.31 8.10
CA ASN D 338 -33.00 33.44 8.88
C ASN D 338 -31.85 33.95 8.02
N SER D 339 -31.83 33.56 6.76
CA SER D 339 -30.81 34.02 5.81
C SER D 339 -30.99 35.52 5.56
N ILE D 340 -32.24 35.97 5.49
CA ILE D 340 -32.54 37.39 5.33
C ILE D 340 -32.08 38.14 6.57
N CYS D 341 -32.27 37.53 7.74
CA CYS D 341 -31.81 38.13 8.99
C CYS D 341 -30.29 38.24 9.00
N GLN D 342 -29.62 37.25 8.42
CA GLN D 342 -28.17 37.28 8.30
C GLN D 342 -27.72 38.37 7.34
N GLU D 343 -28.54 38.60 6.31
CA GLU D 343 -28.27 39.70 5.37
C GLU D 343 -28.42 41.03 6.08
N SER D 344 -29.39 41.11 6.98
CA SER D 344 -29.58 42.29 7.81
C SER D 344 -28.39 42.45 8.75
N GLY D 345 -27.79 41.32 9.13
CA GLY D 345 -26.57 41.33 9.92
C GLY D 345 -25.41 41.86 9.10
N MET D 346 -25.45 41.58 7.80
CA MET D 346 -24.45 42.10 6.88
C MET D 346 -24.66 43.59 6.63
N LEU D 347 -25.90 44.04 6.84
CA LEU D 347 -26.21 45.46 6.77
C LEU D 347 -25.79 46.16 8.06
N ALA D 348 -25.78 45.40 9.16
CA ALA D 348 -25.46 45.95 10.47
C ALA D 348 -23.98 45.75 10.81
N VAL D 349 -23.24 45.11 9.91
CA VAL D 349 -21.82 44.86 10.11
C VAL D 349 -21.02 46.04 9.52
N ARG D 350 -21.75 47.02 9.01
CA ARG D 350 -21.13 48.19 8.39
C ARG D 350 -20.72 49.23 9.44
N GLU D 351 -21.02 48.91 10.70
CA GLU D 351 -20.66 49.75 11.85
C GLU D 351 -21.24 51.16 11.79
N ASN D 352 -22.34 51.32 11.06
CA ASN D 352 -23.04 52.59 11.02
C ASN D 352 -23.91 52.77 12.27
N ARG D 353 -24.44 51.66 12.77
CA ARG D 353 -25.33 51.68 13.92
C ARG D 353 -25.06 50.47 14.81
N TYR D 354 -25.01 50.70 16.12
CA TYR D 354 -24.69 49.64 17.08
C TYR D 354 -25.83 48.64 17.22
N ILE D 355 -27.04 49.15 17.42
CA ILE D 355 -28.21 48.30 17.60
C ILE D 355 -29.03 48.22 16.31
N VAL D 356 -29.27 47.00 15.85
CA VAL D 356 -30.07 46.78 14.65
C VAL D 356 -31.51 47.22 14.87
N LEU D 357 -32.09 47.88 13.87
CA LEU D 357 -33.46 48.39 13.98
C LEU D 357 -34.34 47.89 12.85
N ALA D 358 -35.57 48.39 12.80
CA ALA D 358 -36.54 47.96 11.80
C ALA D 358 -36.16 48.42 10.40
N LYS D 359 -35.26 49.41 10.32
CA LYS D 359 -34.82 49.94 9.04
C LYS D 359 -34.04 48.89 8.24
N ASP D 360 -33.11 48.22 8.91
CA ASP D 360 -32.29 47.20 8.27
C ASP D 360 -33.15 46.00 7.86
N PHE D 361 -34.13 45.66 8.69
CA PHE D 361 -35.03 44.55 8.41
C PHE D 361 -35.90 44.85 7.20
N GLU D 362 -36.50 46.04 7.19
CA GLU D 362 -37.37 46.46 6.09
C GLU D 362 -36.57 46.57 4.80
N LYS D 363 -35.34 47.04 4.90
CA LYS D 363 -34.46 47.15 3.74
C LYS D 363 -34.11 45.77 3.20
N ALA D 364 -33.80 44.85 4.10
CA ALA D 364 -33.49 43.47 3.72
C ALA D 364 -34.70 42.78 3.12
N TYR D 365 -35.88 43.24 3.50
CA TYR D 365 -37.13 42.68 2.98
C TYR D 365 -37.44 43.22 1.59
N LYS D 366 -37.20 44.51 1.38
CA LYS D 366 -37.51 45.14 0.10
C LYS D 366 -36.46 44.83 -0.96
N THR D 367 -35.23 44.56 -0.53
CA THR D 367 -34.14 44.25 -1.46
C THR D 367 -34.23 42.80 -1.95
N VAL D 368 -34.55 41.89 -1.03
CA VAL D 368 -34.65 40.47 -1.38
C VAL D 368 -35.70 39.76 -0.54
N ASP E 1 68.36 62.48 -25.16
CA ASP E 1 68.31 61.23 -25.94
C ASP E 1 67.82 60.08 -25.08
N TYR E 2 68.28 60.03 -23.83
CA TYR E 2 67.88 58.98 -22.91
C TYR E 2 66.51 59.26 -22.30
N ARG E 3 66.10 60.52 -22.34
CA ARG E 3 64.84 60.94 -21.73
C ARG E 3 63.64 60.60 -22.61
N LYS E 4 63.84 60.59 -23.93
CA LYS E 4 62.74 60.32 -24.86
C LYS E 4 62.44 58.83 -24.95
N LYS E 5 63.43 58.00 -24.67
CA LYS E 5 63.27 56.55 -24.73
C LYS E 5 62.28 56.07 -23.68
N LEU E 6 62.23 56.77 -22.55
CA LEU E 6 61.29 56.44 -21.49
C LEU E 6 59.85 56.69 -21.95
N LEU E 7 59.65 57.81 -22.65
CA LEU E 7 58.34 58.15 -23.18
C LEU E 7 57.92 57.20 -24.28
N GLU E 8 58.87 56.85 -25.16
CA GLU E 8 58.61 55.91 -26.24
C GLU E 8 58.21 54.55 -25.68
N HIS E 9 59.00 54.03 -24.75
CA HIS E 9 58.71 52.76 -24.09
C HIS E 9 57.38 52.83 -23.34
N LYS E 10 57.05 54.02 -22.84
CA LYS E 10 55.77 54.23 -22.17
C LYS E 10 54.62 54.12 -23.18
N GLU E 11 54.86 54.57 -24.40
CA GLU E 11 53.87 54.48 -25.47
C GLU E 11 53.68 53.04 -25.93
N ILE E 12 54.79 52.35 -26.14
CA ILE E 12 54.75 50.95 -26.57
C ILE E 12 54.07 50.08 -25.51
N ASP E 13 54.47 50.25 -24.25
CA ASP E 13 53.86 49.50 -23.15
C ASP E 13 52.41 49.91 -22.97
N GLY E 14 52.10 51.15 -23.30
CA GLY E 14 50.73 51.65 -23.23
C GLY E 14 49.82 50.94 -24.22
N ARG E 15 50.21 50.96 -25.49
CA ARG E 15 49.41 50.30 -26.52
C ARG E 15 49.46 48.79 -26.37
N LEU E 16 50.45 48.30 -25.62
CA LEU E 16 50.54 46.88 -25.33
C LEU E 16 49.56 46.48 -24.22
N LYS E 17 49.34 47.39 -23.27
CA LYS E 17 48.45 47.11 -22.15
C LYS E 17 47.02 47.55 -22.43
N GLU E 18 46.81 48.27 -23.53
CA GLU E 18 45.48 48.75 -23.88
C GLU E 18 44.72 47.79 -24.80
N LEU E 19 45.37 46.70 -25.21
CA LEU E 19 44.73 45.73 -26.10
C LEU E 19 44.11 44.57 -25.33
N ARG E 20 44.27 44.58 -24.00
CA ARG E 20 43.73 43.51 -23.16
C ARG E 20 42.24 43.68 -22.92
N GLU E 21 41.77 44.92 -22.92
CA GLU E 21 40.38 45.23 -22.65
C GLU E 21 39.43 44.70 -23.72
N GLN E 22 39.98 44.37 -24.88
CA GLN E 22 39.20 43.82 -25.97
C GLN E 22 39.09 42.30 -25.86
N LEU E 23 39.67 41.75 -24.80
CA LEU E 23 39.70 40.30 -24.60
C LEU E 23 39.18 39.91 -23.22
N LYS E 24 39.88 40.36 -22.18
CA LYS E 24 39.60 39.98 -20.80
C LYS E 24 38.15 40.26 -20.38
N GLU E 25 37.49 41.20 -21.07
CA GLU E 25 36.11 41.53 -20.77
C GLU E 25 35.16 40.45 -21.30
N LEU E 26 35.40 39.98 -22.52
CA LEU E 26 34.53 38.97 -23.13
C LEU E 26 34.91 37.54 -22.72
N THR E 27 36.10 37.38 -22.14
CA THR E 27 36.51 36.08 -21.62
C THR E 27 35.61 35.64 -20.48
N LYS E 28 35.11 36.61 -19.72
CA LYS E 28 34.20 36.33 -18.62
C LYS E 28 32.87 35.80 -19.15
N GLN E 29 32.45 36.34 -20.30
CA GLN E 29 31.22 35.89 -20.95
C GLN E 29 31.41 34.50 -21.55
N TYR E 30 32.57 34.28 -22.16
CA TYR E 30 32.90 32.98 -22.73
C TYR E 30 32.94 31.91 -21.64
N GLU E 31 33.45 32.28 -20.47
CA GLU E 31 33.48 31.37 -19.33
C GLU E 31 32.06 31.16 -18.79
N LYS E 32 31.27 32.22 -18.81
CA LYS E 32 29.88 32.18 -18.35
C LYS E 32 29.06 31.23 -19.22
N SER E 33 29.43 31.12 -20.49
CA SER E 33 28.77 30.21 -21.41
C SER E 33 28.91 28.77 -20.94
N GLU E 34 30.15 28.36 -20.68
CA GLU E 34 30.42 27.01 -20.20
C GLU E 34 29.85 26.81 -18.80
N ASN E 35 29.78 27.89 -18.02
CA ASN E 35 29.15 27.84 -16.71
C ASN E 35 27.67 27.49 -16.83
N ASP E 36 27.02 28.09 -17.82
CA ASP E 36 25.62 27.78 -18.10
C ASP E 36 25.50 26.36 -18.62
N LEU E 37 26.47 25.94 -19.43
CA LEU E 37 26.51 24.58 -19.96
C LEU E 37 26.59 23.56 -18.83
N LYS E 38 27.28 23.93 -17.75
CA LYS E 38 27.36 23.08 -16.57
C LYS E 38 26.15 23.30 -15.67
N ALA E 39 25.40 24.37 -15.94
CA ALA E 39 24.18 24.66 -15.19
C ALA E 39 22.98 23.95 -15.82
N LEU E 40 23.17 23.42 -17.02
CA LEU E 40 22.11 22.68 -17.71
C LEU E 40 22.16 21.19 -17.39
N GLN E 41 23.06 20.80 -16.50
CA GLN E 41 23.25 19.40 -16.16
C GLN E 41 22.09 18.81 -15.35
N SER E 42 21.30 19.68 -14.73
CA SER E 42 20.18 19.23 -13.92
C SER E 42 18.88 19.22 -14.72
N VAL E 43 18.37 18.01 -14.99
CA VAL E 43 17.16 17.83 -15.78
C VAL E 43 16.31 16.68 -15.24
N GLY E 44 15.06 16.61 -15.68
CA GLY E 44 14.19 15.50 -15.33
C GLY E 44 13.33 15.73 -14.10
N GLN E 45 13.13 17.00 -13.74
CA GLN E 45 12.32 17.33 -12.58
C GLN E 45 10.83 17.42 -12.94
N ILE E 46 9.98 16.91 -12.07
CA ILE E 46 8.54 16.95 -12.29
C ILE E 46 7.86 17.59 -11.07
N VAL E 47 6.54 17.75 -11.12
CA VAL E 47 5.82 18.43 -10.05
C VAL E 47 4.91 17.48 -9.27
N GLY E 48 4.21 18.04 -8.28
CA GLY E 48 3.32 17.26 -7.44
C GLY E 48 2.64 18.13 -6.40
N GLU E 49 1.56 17.62 -5.82
CA GLU E 49 0.81 18.37 -4.82
C GLU E 49 0.44 17.48 -3.64
N VAL E 50 0.50 18.04 -2.43
CA VAL E 50 0.26 17.28 -1.21
C VAL E 50 -1.16 17.49 -0.67
N LEU E 51 -1.87 16.39 -0.45
CA LEU E 51 -3.21 16.44 0.12
C LEU E 51 -3.26 15.85 1.52
N LYS E 52 -3.15 14.53 1.60
CA LYS E 52 -3.22 13.83 2.87
C LYS E 52 -1.86 13.27 3.27
N GLN E 53 -1.49 13.43 4.54
CA GLN E 53 -0.22 12.94 5.06
C GLN E 53 -0.43 12.10 6.32
N LEU E 54 0.09 10.87 6.29
CA LEU E 54 0.02 9.97 7.43
C LEU E 54 1.33 9.97 8.20
N THR E 55 2.38 9.47 7.56
CA THR E 55 3.71 9.44 8.16
C THR E 55 4.37 10.81 8.01
N GLU E 56 5.01 11.28 9.08
CA GLU E 56 5.68 12.58 9.06
C GLU E 56 6.90 12.57 8.14
N GLU E 57 7.52 11.40 8.00
CA GLU E 57 8.69 11.26 7.15
C GLU E 57 8.32 11.14 5.67
N LYS E 58 7.29 10.37 5.39
CA LYS E 58 6.88 10.10 4.00
C LYS E 58 5.40 10.40 3.79
N PHE E 59 5.10 11.16 2.74
CA PHE E 59 3.73 11.60 2.47
C PHE E 59 3.26 11.23 1.07
N ILE E 60 2.04 11.66 0.74
CA ILE E 60 1.45 11.36 -0.56
C ILE E 60 1.46 12.60 -1.46
N VAL E 61 1.78 12.41 -2.73
CA VAL E 61 1.82 13.52 -3.67
C VAL E 61 0.79 13.35 -4.79
N LYS E 62 0.36 14.46 -5.37
CA LYS E 62 -0.62 14.46 -6.45
C LYS E 62 -0.09 15.18 -7.69
N ALA E 63 0.08 14.44 -8.78
CA ALA E 63 0.56 15.01 -10.02
C ALA E 63 -0.52 15.84 -10.70
N THR E 64 -0.10 16.74 -11.57
CA THR E 64 -1.03 17.60 -12.30
C THR E 64 -1.80 16.79 -13.34
N ASN E 65 -1.13 15.80 -13.93
CA ASN E 65 -1.74 14.96 -14.95
C ASN E 65 -2.83 14.05 -14.37
N GLY E 66 -2.85 13.92 -13.05
CA GLY E 66 -3.84 13.10 -12.37
C GLY E 66 -3.44 11.77 -11.74
N PRO E 67 -2.31 11.16 -12.13
CA PRO E 67 -1.96 9.99 -11.32
C PRO E 67 -1.39 10.38 -9.97
N ARG E 68 -1.66 9.56 -8.94
CA ARG E 68 -1.18 9.83 -7.60
C ARG E 68 0.01 8.95 -7.23
N TYR E 69 0.95 9.51 -6.50
CA TYR E 69 2.15 8.79 -6.10
C TYR E 69 2.53 9.08 -4.64
N VAL E 70 3.62 8.47 -4.19
CA VAL E 70 4.14 8.71 -2.84
C VAL E 70 5.66 8.82 -2.88
N VAL E 71 6.22 9.71 -2.07
CA VAL E 71 7.65 9.92 -2.04
C VAL E 71 8.21 9.88 -0.62
N GLY E 72 9.53 10.03 -0.50
CA GLY E 72 10.18 10.03 0.80
C GLY E 72 10.64 11.41 1.21
N CYS E 73 11.66 11.45 2.08
CA CYS E 73 12.21 12.71 2.57
C CYS E 73 13.70 12.79 2.32
N ARG E 74 14.15 13.91 1.73
CA ARG E 74 15.56 14.11 1.44
C ARG E 74 16.28 14.64 2.68
N ARG E 75 17.54 14.23 2.84
CA ARG E 75 18.32 14.61 4.02
C ARG E 75 18.64 16.09 4.07
N GLN E 76 18.53 16.76 2.92
CA GLN E 76 18.80 18.19 2.82
C GLN E 76 17.68 19.01 3.43
N LEU E 77 16.49 18.92 2.83
CA LEU E 77 15.33 19.67 3.28
C LEU E 77 14.86 19.19 4.67
N ASP E 78 14.11 20.05 5.35
CA ASP E 78 13.63 19.75 6.69
C ASP E 78 12.12 19.58 6.73
N LYS E 79 11.57 19.37 7.92
CA LYS E 79 10.15 19.13 8.08
C LYS E 79 9.36 20.45 8.17
N SER E 80 10.07 21.57 8.07
CA SER E 80 9.45 22.88 8.15
C SER E 80 8.52 23.13 6.95
N LYS E 81 9.05 22.95 5.75
CA LYS E 81 8.28 23.17 4.53
C LYS E 81 7.65 21.87 4.04
N LEU E 82 7.84 20.80 4.79
CA LEU E 82 7.32 19.49 4.42
C LEU E 82 5.83 19.38 4.72
N LYS E 83 5.33 20.33 5.51
CA LYS E 83 3.92 20.36 5.89
C LYS E 83 3.00 20.42 4.67
N PRO E 84 1.83 19.76 4.76
CA PRO E 84 0.87 19.71 3.66
C PRO E 84 0.26 21.08 3.35
N GLY E 85 -0.32 21.22 2.18
CA GLY E 85 -0.91 22.48 1.76
C GLY E 85 0.05 23.31 0.93
N THR E 86 1.15 22.69 0.51
CA THR E 86 2.16 23.38 -0.29
C THR E 86 2.59 22.52 -1.48
N ARG E 87 2.46 23.08 -2.67
CA ARG E 87 2.85 22.39 -3.89
C ARG E 87 4.36 22.21 -3.96
N VAL E 88 4.81 20.98 -4.20
CA VAL E 88 6.23 20.66 -4.23
C VAL E 88 6.68 20.14 -5.59
N ALA E 89 7.96 19.82 -5.70
CA ALA E 89 8.53 19.30 -6.93
C ALA E 89 9.15 17.92 -6.72
N LEU E 90 9.19 17.13 -7.79
CA LEU E 90 9.73 15.77 -7.71
C LEU E 90 10.72 15.51 -8.83
N ASP E 91 11.46 14.41 -8.71
CA ASP E 91 12.45 14.02 -9.72
C ASP E 91 12.05 12.71 -10.38
N MET E 92 12.50 12.51 -11.62
CA MET E 92 12.16 11.29 -12.37
C MET E 92 12.88 10.08 -11.81
N THR E 93 13.98 10.30 -11.11
CA THR E 93 14.76 9.22 -10.52
C THR E 93 14.59 9.17 -9.01
N THR E 94 14.17 8.02 -8.50
CA THR E 94 14.01 7.77 -7.06
C THR E 94 12.88 8.61 -6.44
N LEU E 95 12.31 9.51 -7.24
CA LEU E 95 11.24 10.40 -6.80
C LEU E 95 11.63 11.21 -5.57
N THR E 96 12.77 11.88 -5.64
CA THR E 96 13.24 12.71 -4.55
C THR E 96 12.71 14.13 -4.70
N ILE E 97 13.06 14.99 -3.75
CA ILE E 97 12.59 16.38 -3.77
C ILE E 97 13.74 17.37 -3.67
N MET E 98 13.95 18.14 -4.74
CA MET E 98 14.97 19.18 -4.74
C MET E 98 14.48 20.41 -3.98
N ARG E 99 13.25 20.83 -4.28
CA ARG E 99 12.64 21.98 -3.64
C ARG E 99 11.14 21.97 -3.85
N TYR E 100 10.47 23.03 -3.40
CA TYR E 100 9.02 23.12 -3.53
C TYR E 100 8.62 24.06 -4.66
N LEU E 101 7.31 24.17 -4.89
CA LEU E 101 6.79 25.02 -5.96
C LEU E 101 5.69 25.95 -5.44
N PRO E 102 6.08 27.17 -5.02
CA PRO E 102 5.14 28.15 -4.48
C PRO E 102 4.10 28.58 -5.51
N ARG E 103 2.83 28.59 -5.11
CA ARG E 103 1.74 28.98 -6.00
C ARG E 103 1.70 30.50 -6.17
N GLU E 104 1.12 30.94 -7.29
CA GLU E 104 1.01 32.37 -7.57
C GLU E 104 -0.43 32.74 -7.92
N PRO E 157 -4.34 57.46 6.15
CA PRO E 157 -4.84 57.67 4.77
C PRO E 157 -5.08 56.36 4.04
N LYS E 158 -6.27 55.79 4.23
CA LYS E 158 -6.62 54.53 3.58
C LYS E 158 -7.35 54.76 2.26
N GLY E 159 -7.55 56.02 1.92
CA GLY E 159 -8.23 56.39 0.70
C GLY E 159 -7.95 57.82 0.27
N CYS E 160 -8.16 58.11 -1.01
CA CYS E 160 -7.92 59.44 -1.54
C CYS E 160 -8.92 59.79 -2.64
N LEU E 161 -9.16 61.08 -2.83
CA LEU E 161 -10.10 61.55 -3.85
C LEU E 161 -9.50 62.66 -4.70
N LEU E 162 -9.40 62.42 -6.01
CA LEU E 162 -8.88 63.41 -6.93
C LEU E 162 -9.90 63.76 -8.00
N TYR E 163 -10.39 65.00 -7.97
CA TYR E 163 -11.32 65.47 -8.99
C TYR E 163 -10.66 66.51 -9.89
N GLY E 164 -10.76 66.29 -11.20
CA GLY E 164 -10.07 67.10 -12.19
C GLY E 164 -10.75 68.14 -13.07
N PRO E 165 -11.90 68.72 -12.64
CA PRO E 165 -12.63 69.59 -13.58
C PRO E 165 -11.81 70.67 -14.32
N PRO E 166 -10.88 71.36 -13.64
CA PRO E 166 -10.10 72.30 -14.46
C PRO E 166 -8.93 71.65 -15.18
N GLY E 167 -9.20 71.00 -16.31
CA GLY E 167 -8.14 70.42 -17.13
C GLY E 167 -7.76 69.00 -16.76
N THR E 168 -6.48 68.66 -17.00
CA THR E 168 -5.98 67.32 -16.75
C THR E 168 -4.53 67.37 -16.30
N GLY E 169 -3.86 66.21 -16.29
CA GLY E 169 -2.47 66.15 -15.88
C GLY E 169 -2.23 65.45 -14.56
N LYS E 170 -3.31 65.10 -13.86
CA LYS E 170 -3.20 64.33 -12.63
C LYS E 170 -2.57 62.96 -12.91
N THR E 171 -2.86 62.42 -14.09
CA THR E 171 -2.33 61.13 -14.50
C THR E 171 -0.83 61.23 -14.73
N LEU E 172 -0.36 62.42 -15.06
CA LEU E 172 1.07 62.67 -15.24
C LEU E 172 1.78 62.64 -13.88
N LEU E 173 1.10 63.15 -12.86
CA LEU E 173 1.64 63.13 -11.51
C LEU E 173 1.64 61.71 -10.96
N ALA E 174 0.55 60.99 -11.21
CA ALA E 174 0.45 59.59 -10.80
C ALA E 174 1.53 58.76 -11.50
N ARG E 175 1.82 59.12 -12.74
CA ARG E 175 2.86 58.46 -13.51
C ARG E 175 4.24 58.82 -12.97
N ALA E 176 4.36 60.04 -12.45
CA ALA E 176 5.61 60.49 -11.85
C ALA E 176 5.90 59.72 -10.57
N VAL E 177 4.87 59.52 -9.75
CA VAL E 177 4.99 58.74 -8.53
C VAL E 177 5.26 57.27 -8.85
N ALA E 178 4.54 56.75 -9.83
CA ALA E 178 4.68 55.36 -10.26
C ALA E 178 6.10 55.10 -10.77
N SER E 179 6.66 56.08 -11.47
CA SER E 179 8.02 55.97 -11.98
C SER E 179 9.03 56.24 -10.87
N GLN E 180 8.57 56.90 -9.80
CA GLN E 180 9.44 57.18 -8.66
C GLN E 180 9.62 55.94 -7.79
N LEU E 181 8.56 55.55 -7.08
CA LEU E 181 8.63 54.35 -6.25
C LEU E 181 7.44 53.43 -6.48
N ASP E 182 6.27 53.87 -5.98
CA ASP E 182 4.99 53.16 -6.13
C ASP E 182 4.94 51.84 -5.37
N CYS E 183 6.09 51.37 -4.91
CA CYS E 183 6.21 50.16 -4.07
C CYS E 183 5.83 48.87 -4.81
N ASN E 184 5.21 49.02 -5.98
CA ASN E 184 4.72 47.90 -6.78
C ASN E 184 4.10 48.41 -8.09
N PHE E 185 3.73 47.48 -8.96
CA PHE E 185 3.08 47.82 -10.21
C PHE E 185 1.68 47.19 -10.28
N LEU E 186 0.65 48.01 -10.23
CA LEU E 186 -0.72 47.53 -10.29
C LEU E 186 -1.65 48.56 -10.93
N LYS E 187 -2.62 48.07 -11.69
CA LYS E 187 -3.59 48.95 -12.35
C LYS E 187 -4.99 48.35 -12.29
N VAL E 188 -5.97 49.18 -11.93
CA VAL E 188 -7.37 48.74 -11.88
C VAL E 188 -8.19 49.44 -12.95
N VAL E 189 -8.81 48.63 -13.82
CA VAL E 189 -9.64 49.17 -14.89
C VAL E 189 -10.88 49.85 -14.33
N SER E 190 -11.43 50.80 -15.09
CA SER E 190 -12.63 51.52 -14.67
C SER E 190 -13.82 50.59 -14.52
N SER E 191 -14.10 49.81 -15.57
CA SER E 191 -15.21 48.86 -15.54
C SER E 191 -14.72 47.43 -15.73
N SER E 192 -14.82 46.64 -14.66
CA SER E 192 -14.46 45.23 -14.71
C SER E 192 -15.69 44.35 -14.93
N ILE E 193 -16.83 44.99 -15.13
CA ILE E 193 -18.10 44.28 -15.22
C ILE E 193 -18.25 43.54 -16.54
N VAL E 194 -18.28 44.27 -17.65
CA VAL E 194 -18.44 43.68 -18.97
C VAL E 194 -17.26 42.79 -19.36
N ASP E 195 -16.16 42.93 -18.62
CA ASP E 195 -14.91 42.16 -18.76
C ASP E 195 -14.68 41.51 -20.12
N GLY E 199 -23.23 39.54 -14.12
CA GLY E 199 -23.10 39.34 -12.69
C GLY E 199 -22.01 38.34 -12.34
N GLU E 200 -21.24 37.94 -13.34
CA GLU E 200 -20.16 36.97 -13.14
C GLU E 200 -18.84 37.67 -12.90
N SER E 201 -18.86 39.00 -12.86
CA SER E 201 -17.66 39.78 -12.65
C SER E 201 -17.41 40.02 -11.16
N ALA E 202 -18.39 39.66 -10.33
CA ALA E 202 -18.28 39.81 -8.89
C ALA E 202 -17.17 38.92 -8.34
N ARG E 203 -17.13 37.68 -8.82
CA ARG E 203 -16.09 36.74 -8.41
C ARG E 203 -14.72 37.17 -8.95
N LEU E 204 -14.74 37.94 -10.04
CA LEU E 204 -13.51 38.48 -10.60
C LEU E 204 -12.97 39.60 -9.73
N ILE E 205 -13.88 40.45 -9.24
CA ILE E 205 -13.51 41.51 -8.31
C ILE E 205 -13.00 40.91 -7.01
N ARG E 206 -13.69 39.89 -6.52
CA ARG E 206 -13.29 39.20 -5.30
C ARG E 206 -11.96 38.48 -5.50
N GLU E 207 -11.68 38.09 -6.74
CA GLU E 207 -10.41 37.46 -7.08
C GLU E 207 -9.27 38.47 -7.07
N MET E 208 -9.54 39.65 -7.64
CA MET E 208 -8.55 40.73 -7.65
C MET E 208 -8.24 41.18 -6.23
N PHE E 209 -9.28 41.28 -5.40
CA PHE E 209 -9.11 41.64 -4.01
C PHE E 209 -8.44 40.52 -3.23
N ASN E 210 -8.63 39.28 -3.70
CA ASN E 210 -7.95 38.13 -3.10
C ASN E 210 -6.46 38.20 -3.38
N TYR E 211 -6.11 38.67 -4.57
CA TYR E 211 -4.70 38.89 -4.92
C TYR E 211 -4.16 40.07 -4.11
N ALA E 212 -5.02 41.05 -3.87
CA ALA E 212 -4.65 42.21 -3.07
C ALA E 212 -4.37 41.79 -1.63
N ARG E 213 -5.07 40.77 -1.16
CA ARG E 213 -4.83 40.21 0.16
C ARG E 213 -3.61 39.29 0.14
N ASP E 214 -3.33 38.72 -1.02
CA ASP E 214 -2.17 37.84 -1.19
C ASP E 214 -0.87 38.64 -1.09
N HIS E 215 -0.78 39.70 -1.88
CA HIS E 215 0.37 40.59 -1.81
C HIS E 215 0.07 41.76 -0.88
N GLN E 216 0.80 41.82 0.24
CA GLN E 216 0.52 42.82 1.26
C GLN E 216 0.68 44.26 0.77
N PRO E 217 1.85 44.63 0.22
CA PRO E 217 1.89 46.00 -0.29
C PRO E 217 1.04 46.17 -1.55
N CYS E 218 0.22 47.22 -1.58
CA CYS E 218 -0.63 47.48 -2.74
C CYS E 218 -0.94 48.95 -2.91
N ILE E 219 -1.01 49.41 -4.16
CA ILE E 219 -1.46 50.76 -4.48
C ILE E 219 -2.40 50.72 -5.67
N ILE E 220 -3.61 51.24 -5.49
CA ILE E 220 -4.64 51.16 -6.51
C ILE E 220 -4.78 52.45 -7.31
N PHE E 221 -4.67 52.35 -8.63
CA PHE E 221 -4.85 53.48 -9.52
C PHE E 221 -6.09 53.30 -10.39
N MET E 222 -7.08 54.16 -10.19
CA MET E 222 -8.31 54.09 -10.97
C MET E 222 -8.55 55.39 -11.74
N ASP E 223 -8.52 55.31 -13.06
CA ASP E 223 -8.71 56.47 -13.92
C ASP E 223 -10.10 56.46 -14.57
N GLU E 224 -10.70 57.65 -14.65
CA GLU E 224 -12.01 57.83 -15.25
C GLU E 224 -13.07 56.95 -14.56
N ILE E 225 -13.37 57.29 -13.31
CA ILE E 225 -14.31 56.51 -12.51
C ILE E 225 -15.72 57.09 -12.61
N ASP E 226 -15.85 58.20 -13.31
CA ASP E 226 -17.14 58.88 -13.46
C ASP E 226 -18.09 58.12 -14.38
N ALA E 227 -17.55 57.15 -15.12
CA ALA E 227 -18.36 56.36 -16.05
C ALA E 227 -19.20 55.34 -15.30
N ILE E 228 -18.61 54.70 -14.30
CA ILE E 228 -19.31 53.68 -13.51
C ILE E 228 -20.05 54.30 -12.33
N GLY E 229 -19.83 55.59 -12.11
CA GLY E 229 -20.46 56.29 -11.00
C GLY E 229 -21.91 56.64 -11.28
N GLY E 230 -22.30 56.57 -12.55
CA GLY E 230 -23.67 56.88 -12.94
C GLY E 230 -24.58 55.67 -12.87
N SER E 238 -34.72 46.79 -14.95
CA SER E 238 -33.67 45.98 -14.35
C SER E 238 -32.29 46.43 -14.82
N ALA E 239 -32.25 47.51 -15.60
CA ALA E 239 -31.01 48.04 -16.11
C ALA E 239 -30.23 48.78 -15.03
N ASP E 240 -30.93 49.62 -14.28
CA ASP E 240 -30.33 50.36 -13.17
C ASP E 240 -30.20 49.47 -11.93
N ARG E 241 -31.05 48.47 -11.85
CA ARG E 241 -31.11 47.58 -10.69
C ARG E 241 -29.80 46.80 -10.53
N GLU E 242 -29.25 46.32 -11.64
CA GLU E 242 -28.00 45.58 -11.60
C GLU E 242 -26.84 46.50 -11.24
N ILE E 243 -26.92 47.75 -11.66
CA ILE E 243 -25.92 48.75 -11.32
C ILE E 243 -25.93 49.00 -9.81
N GLN E 244 -27.12 49.19 -9.26
CA GLN E 244 -27.28 49.38 -7.83
C GLN E 244 -26.81 48.15 -7.07
N ARG E 245 -27.02 46.97 -7.65
CA ARG E 245 -26.57 45.72 -7.04
C ARG E 245 -25.05 45.67 -6.99
N THR E 246 -24.40 46.08 -8.07
CA THR E 246 -22.95 46.13 -8.12
C THR E 246 -22.41 47.14 -7.11
N LEU E 247 -23.12 48.25 -6.96
CA LEU E 247 -22.75 49.25 -5.96
C LEU E 247 -22.86 48.68 -4.56
N MET E 248 -23.92 47.91 -4.31
CA MET E 248 -24.10 47.25 -3.02
C MET E 248 -22.99 46.23 -2.77
N GLU E 249 -22.54 45.58 -3.83
CA GLU E 249 -21.42 44.65 -3.74
C GLU E 249 -20.14 45.38 -3.37
N LEU E 250 -19.94 46.55 -3.97
CA LEU E 250 -18.78 47.37 -3.67
C LEU E 250 -18.81 47.83 -2.22
N LEU E 251 -19.99 48.19 -1.74
CA LEU E 251 -20.16 48.58 -0.34
C LEU E 251 -19.86 47.41 0.59
N ASN E 252 -20.34 46.23 0.22
CA ASN E 252 -20.12 45.02 1.02
C ASN E 252 -18.65 44.65 1.09
N GLN E 253 -17.93 44.88 -0.01
CA GLN E 253 -16.52 44.53 -0.09
C GLN E 253 -15.63 45.54 0.63
N MET E 254 -15.94 46.83 0.46
CA MET E 254 -15.14 47.88 1.07
C MET E 254 -15.39 47.99 2.57
N ASP E 255 -16.64 47.75 2.99
CA ASP E 255 -17.00 47.86 4.39
C ASP E 255 -16.90 46.51 5.11
N GLY E 256 -16.42 45.50 4.39
CA GLY E 256 -16.22 44.18 4.96
C GLY E 256 -14.99 44.14 5.84
N PHE E 257 -14.49 42.94 6.12
CA PHE E 257 -13.33 42.80 6.98
C PHE E 257 -12.04 42.75 6.17
N ASP E 258 -11.25 43.80 6.28
CA ASP E 258 -9.97 43.92 5.58
C ASP E 258 -9.09 44.94 6.27
N THR E 259 -7.79 44.89 6.00
CA THR E 259 -6.86 45.86 6.56
C THR E 259 -6.47 46.92 5.52
N LEU E 260 -6.95 48.14 5.73
CA LEU E 260 -6.72 49.23 4.79
C LEU E 260 -5.56 50.12 5.18
N HIS E 261 -4.89 49.79 6.29
CA HIS E 261 -3.79 50.61 6.79
C HIS E 261 -2.56 50.53 5.89
N ARG E 262 -2.53 49.50 5.04
CA ARG E 262 -1.40 49.29 4.15
C ARG E 262 -1.78 49.65 2.71
N VAL E 263 -2.73 48.90 2.15
CA VAL E 263 -3.19 49.14 0.78
C VAL E 263 -3.75 50.55 0.60
N LYS E 264 -3.36 51.19 -0.50
CA LYS E 264 -3.79 52.54 -0.81
C LYS E 264 -4.55 52.60 -2.13
N MET E 265 -5.59 53.42 -2.19
CA MET E 265 -6.39 53.55 -3.40
C MET E 265 -6.42 54.99 -3.91
N ILE E 266 -6.29 55.14 -5.23
CA ILE E 266 -6.33 56.45 -5.87
C ILE E 266 -7.38 56.48 -6.97
N MET E 267 -8.22 57.50 -6.96
CA MET E 267 -9.30 57.61 -7.94
C MET E 267 -9.16 58.87 -8.80
N ALA E 268 -9.20 58.69 -10.11
CA ALA E 268 -9.15 59.81 -11.05
C ALA E 268 -10.48 59.97 -11.77
N THR E 269 -10.88 61.21 -12.02
CA THR E 269 -12.18 61.49 -12.63
C THR E 269 -12.22 62.83 -13.34
N ASN E 270 -13.42 63.23 -13.77
CA ASN E 270 -13.60 64.48 -14.49
C ASN E 270 -14.40 65.53 -13.71
N ARG E 271 -15.70 65.29 -13.56
CA ARG E 271 -16.58 66.27 -12.93
C ARG E 271 -17.29 65.70 -11.70
N PRO E 272 -17.55 66.56 -10.70
CA PRO E 272 -18.25 66.16 -9.47
C PRO E 272 -19.76 66.10 -9.63
N ASP E 273 -20.23 65.14 -10.42
CA ASP E 273 -21.66 64.94 -10.64
C ASP E 273 -22.06 63.49 -10.37
N THR E 274 -21.49 62.58 -11.16
CA THR E 274 -21.76 61.15 -11.03
C THR E 274 -20.86 60.51 -9.96
N LEU E 275 -20.10 61.34 -9.25
CA LEU E 275 -19.08 60.85 -8.34
C LEU E 275 -19.65 60.37 -7.01
N ASP E 276 -20.96 60.50 -6.83
CA ASP E 276 -21.64 60.01 -5.64
C ASP E 276 -21.04 60.56 -4.34
N PRO E 277 -21.34 61.83 -4.03
CA PRO E 277 -20.85 62.51 -2.82
C PRO E 277 -21.07 61.69 -1.55
N ALA E 278 -22.10 60.84 -1.55
CA ALA E 278 -22.35 59.93 -0.45
C ALA E 278 -21.24 58.87 -0.36
N LEU E 279 -20.68 58.53 -1.52
CA LEU E 279 -19.56 57.58 -1.57
C LEU E 279 -18.23 58.32 -1.46
N LEU E 280 -18.29 59.64 -1.54
CA LEU E 280 -17.11 60.49 -1.35
C LEU E 280 -16.90 60.77 0.14
N ARG E 281 -17.76 60.17 0.95
CA ARG E 281 -17.80 60.35 2.40
C ARG E 281 -16.45 60.03 3.07
N PRO E 282 -16.21 60.62 4.25
CA PRO E 282 -14.97 60.40 5.01
C PRO E 282 -14.66 58.91 5.16
N GLY E 283 -15.70 58.11 5.40
CA GLY E 283 -15.53 56.68 5.55
C GLY E 283 -14.87 56.05 4.34
N ARG E 284 -15.58 56.09 3.21
CA ARG E 284 -15.07 55.53 1.96
C ARG E 284 -14.27 56.58 1.21
N LEU E 285 -13.24 57.12 1.86
CA LEU E 285 -12.38 58.14 1.26
C LEU E 285 -12.00 59.18 2.32
N ASP E 286 -10.73 59.17 2.72
CA ASP E 286 -10.25 60.04 3.79
C ASP E 286 -10.08 61.49 3.37
N ARG E 287 -9.37 61.70 2.27
CA ARG E 287 -8.98 63.04 1.86
C ARG E 287 -9.34 63.35 0.40
N LYS E 288 -9.39 64.63 0.08
CA LYS E 288 -9.65 65.07 -1.29
C LYS E 288 -8.71 66.20 -1.68
N ILE E 289 -7.99 66.01 -2.79
CA ILE E 289 -7.02 67.00 -3.25
C ILE E 289 -7.38 67.50 -4.65
N HIS E 290 -7.54 68.81 -4.77
CA HIS E 290 -7.87 69.43 -6.06
C HIS E 290 -6.64 69.98 -6.76
N ILE E 291 -6.43 69.56 -8.00
CA ILE E 291 -5.32 70.06 -8.79
C ILE E 291 -5.85 70.88 -9.98
N ASP E 292 -5.66 72.18 -9.92
CA ASP E 292 -6.08 73.07 -10.99
C ASP E 292 -5.07 73.05 -12.14
N LEU E 293 -3.79 72.95 -11.77
CA LEU E 293 -2.69 73.03 -12.72
C LEU E 293 -1.37 72.78 -11.99
N PRO E 294 -0.34 72.31 -12.71
CA PRO E 294 0.99 72.09 -12.13
C PRO E 294 1.52 73.31 -11.39
N ASN E 295 2.25 73.08 -10.29
CA ASN E 295 2.74 74.17 -9.46
C ASN E 295 3.74 75.05 -10.22
N GLU E 296 3.87 76.29 -9.78
CA GLU E 296 4.77 77.26 -10.40
C GLU E 296 6.21 76.74 -10.44
N GLN E 297 6.66 76.19 -9.32
CA GLN E 297 7.99 75.62 -9.24
C GLN E 297 8.08 74.35 -10.09
N ALA E 298 7.00 73.58 -10.11
CA ALA E 298 6.94 72.36 -10.89
C ALA E 298 6.90 72.66 -12.39
N ARG E 299 6.12 73.66 -12.76
CA ARG E 299 6.01 74.09 -14.15
C ARG E 299 7.34 74.66 -14.63
N LEU E 300 7.98 75.45 -13.77
CA LEU E 300 9.29 76.03 -14.09
C LEU E 300 10.33 74.93 -14.24
N ASP E 301 10.26 73.93 -13.37
CA ASP E 301 11.21 72.82 -13.40
C ASP E 301 11.06 72.00 -14.68
N ILE E 302 9.82 71.61 -14.97
CA ILE E 302 9.55 70.80 -16.16
C ILE E 302 9.86 71.60 -17.43
N LEU E 303 9.69 72.91 -17.36
CA LEU E 303 10.03 73.78 -18.49
C LEU E 303 11.55 73.82 -18.66
N LYS E 304 12.27 73.81 -17.55
CA LYS E 304 13.72 73.82 -17.59
C LYS E 304 14.29 72.51 -18.14
N ILE E 305 13.68 71.39 -17.75
CA ILE E 305 14.16 70.10 -18.23
C ILE E 305 13.70 69.86 -19.66
N HIS E 306 12.65 70.56 -20.08
CA HIS E 306 12.22 70.50 -21.47
C HIS E 306 13.00 71.50 -22.33
N ALA E 307 13.71 72.42 -21.67
CA ALA E 307 14.53 73.39 -22.37
C ALA E 307 15.97 72.92 -22.49
N GLY E 308 16.25 71.75 -21.94
CA GLY E 308 17.60 71.19 -21.96
C GLY E 308 18.15 70.82 -23.32
N PRO E 309 17.45 69.93 -24.05
CA PRO E 309 17.94 69.51 -25.37
C PRO E 309 17.87 70.62 -26.42
N ILE E 310 16.92 71.54 -26.27
CA ILE E 310 16.76 72.63 -27.22
C ILE E 310 17.58 73.85 -26.85
N THR E 311 18.48 74.26 -27.74
CA THR E 311 19.30 75.44 -27.52
C THR E 311 18.54 76.70 -27.94
N LYS E 312 18.77 77.79 -27.22
CA LYS E 312 18.08 79.05 -27.49
C LYS E 312 19.06 80.22 -27.52
N HIS E 313 18.51 81.43 -27.66
CA HIS E 313 19.32 82.64 -27.69
C HIS E 313 19.96 82.90 -26.33
N GLY E 314 21.03 83.70 -26.32
CA GLY E 314 21.74 84.04 -25.11
C GLY E 314 20.86 84.65 -24.05
N GLU E 315 19.89 85.44 -24.48
CA GLU E 315 18.93 86.05 -23.55
C GLU E 315 17.66 85.20 -23.47
N ILE E 316 17.42 84.61 -22.31
CA ILE E 316 16.27 83.75 -22.12
C ILE E 316 15.51 84.07 -20.84
N ASP E 317 14.18 84.12 -20.94
CA ASP E 317 13.33 84.36 -19.79
C ASP E 317 12.16 83.38 -19.76
N TYR E 318 12.11 82.53 -18.75
CA TYR E 318 11.03 81.57 -18.61
C TYR E 318 9.88 82.14 -17.81
N GLU E 319 10.12 83.30 -17.20
CA GLU E 319 9.12 83.97 -16.37
C GLU E 319 7.87 84.32 -17.17
N ALA E 320 8.08 84.78 -18.41
CA ALA E 320 6.97 85.14 -19.29
C ALA E 320 6.17 83.89 -19.68
N ILE E 321 6.88 82.82 -20.01
CA ILE E 321 6.25 81.57 -20.41
C ILE E 321 5.42 80.99 -19.27
N VAL E 322 5.93 81.08 -18.06
CA VAL E 322 5.23 80.56 -16.89
C VAL E 322 4.03 81.43 -16.52
N LYS E 323 4.24 82.75 -16.51
CA LYS E 323 3.20 83.69 -16.10
C LYS E 323 2.03 83.73 -17.10
N LEU E 324 2.34 83.70 -18.38
CA LEU E 324 1.32 83.77 -19.42
C LEU E 324 0.53 82.48 -19.54
N SER E 325 0.97 81.44 -18.83
CA SER E 325 0.29 80.15 -18.87
C SER E 325 -0.71 80.02 -17.74
N ASP E 326 -1.99 79.97 -18.09
CA ASP E 326 -3.06 79.86 -17.11
C ASP E 326 -4.04 78.75 -17.47
N GLY E 327 -4.25 77.81 -16.55
CA GLY E 327 -5.17 76.71 -16.76
C GLY E 327 -4.68 75.76 -17.84
N PHE E 328 -3.39 75.45 -17.82
CA PHE E 328 -2.79 74.58 -18.81
C PHE E 328 -2.16 73.35 -18.17
N ASN E 329 -1.91 72.32 -18.98
CA ASN E 329 -1.40 71.06 -18.47
C ASN E 329 0.02 70.78 -18.98
N GLY E 330 0.77 69.99 -18.22
CA GLY E 330 2.16 69.71 -18.53
C GLY E 330 2.41 69.08 -19.89
N ALA E 331 1.74 67.96 -20.15
CA ALA E 331 1.88 67.28 -21.44
C ALA E 331 1.37 68.15 -22.57
N ASP E 332 0.26 68.84 -22.31
CA ASP E 332 -0.32 69.75 -23.29
C ASP E 332 0.64 70.89 -23.60
N LEU E 333 1.22 71.48 -22.55
CA LEU E 333 2.18 72.56 -22.72
C LEU E 333 3.42 72.08 -23.47
N ARG E 334 3.79 70.82 -23.24
CA ARG E 334 4.91 70.21 -23.95
C ARG E 334 4.58 70.09 -25.44
N ASN E 335 3.35 69.69 -25.74
CA ASN E 335 2.88 69.64 -27.11
C ASN E 335 2.87 71.02 -27.76
N VAL E 336 2.55 72.03 -26.96
CA VAL E 336 2.58 73.41 -27.42
C VAL E 336 4.01 73.85 -27.74
N CYS E 337 4.95 73.36 -26.93
CA CYS E 337 6.37 73.65 -27.13
C CYS E 337 6.88 73.00 -28.41
N THR E 338 6.52 71.74 -28.62
CA THR E 338 6.92 71.02 -29.82
C THR E 338 6.29 71.65 -31.06
N GLU E 339 5.04 72.10 -30.93
CA GLU E 339 4.34 72.76 -32.01
C GLU E 339 5.00 74.10 -32.32
N ALA E 340 5.52 74.75 -31.29
CA ALA E 340 6.23 76.01 -31.45
C ALA E 340 7.57 75.78 -32.15
N GLY E 341 8.19 74.65 -31.85
CA GLY E 341 9.44 74.27 -32.50
C GLY E 341 9.23 73.97 -33.97
N MET E 342 8.14 73.26 -34.28
CA MET E 342 7.81 72.94 -35.65
C MET E 342 7.31 74.17 -36.40
N PHE E 343 6.85 75.17 -35.65
CA PHE E 343 6.44 76.43 -36.23
C PHE E 343 7.65 77.31 -36.52
N ALA E 344 8.68 77.16 -35.70
CA ALA E 344 9.90 77.97 -35.84
C ALA E 344 10.92 77.29 -36.74
N ILE E 345 10.65 76.05 -37.12
CA ILE E 345 11.56 75.31 -38.00
C ILE E 345 11.33 75.73 -39.46
N ARG E 346 10.24 76.46 -39.69
CA ARG E 346 9.91 76.94 -41.03
C ARG E 346 10.88 78.02 -41.48
N ALA E 347 11.52 78.68 -40.52
CA ALA E 347 12.48 79.74 -40.82
C ALA E 347 13.90 79.18 -40.99
N ASP E 348 14.00 77.85 -40.89
CA ASP E 348 15.24 77.09 -41.09
C ASP E 348 16.46 77.68 -40.37
N HIS E 349 16.24 78.26 -39.20
CA HIS E 349 17.33 78.80 -38.40
C HIS E 349 17.73 77.84 -37.29
N ASP E 350 19.02 77.76 -37.02
CA ASP E 350 19.53 76.87 -35.97
C ASP E 350 19.16 77.38 -34.58
N PHE E 351 19.05 78.69 -34.44
CA PHE E 351 18.66 79.30 -33.17
C PHE E 351 17.27 79.91 -33.27
N VAL E 352 16.52 79.82 -32.18
CA VAL E 352 15.16 80.35 -32.15
C VAL E 352 14.95 81.29 -30.96
N VAL E 353 14.55 82.52 -31.25
CA VAL E 353 14.28 83.50 -30.20
C VAL E 353 12.98 83.16 -29.47
N GLN E 354 12.83 83.69 -28.26
CA GLN E 354 11.65 83.41 -27.45
C GLN E 354 10.43 84.20 -27.93
N GLU E 355 10.64 85.18 -28.79
CA GLU E 355 9.55 85.98 -29.33
C GLU E 355 8.61 85.09 -30.14
N ASP E 356 9.18 84.36 -31.10
CA ASP E 356 8.41 83.41 -31.90
C ASP E 356 7.83 82.32 -31.00
N PHE E 357 8.59 81.95 -29.96
CA PHE E 357 8.13 80.98 -28.98
C PHE E 357 6.90 81.49 -28.24
N MET E 358 6.98 82.73 -27.75
CA MET E 358 5.86 83.33 -27.02
C MET E 358 4.62 83.46 -27.90
N LYS E 359 4.82 83.90 -29.15
CA LYS E 359 3.71 84.05 -30.08
C LYS E 359 3.05 82.71 -30.40
N ALA E 360 3.87 81.73 -30.77
CA ALA E 360 3.37 80.41 -31.11
C ALA E 360 2.65 79.75 -29.93
N VAL E 361 3.26 79.85 -28.74
CA VAL E 361 2.66 79.31 -27.54
C VAL E 361 1.32 79.97 -27.25
N ARG E 362 1.28 81.30 -27.37
CA ARG E 362 0.05 82.05 -27.15
C ARG E 362 -1.06 81.60 -28.11
N LYS E 363 -0.74 81.55 -29.40
CA LYS E 363 -1.72 81.16 -30.41
C LYS E 363 -2.24 79.73 -30.21
N VAL E 364 -1.31 78.79 -30.05
CA VAL E 364 -1.66 77.39 -29.88
C VAL E 364 -2.49 77.17 -28.61
N ALA E 365 -2.06 77.80 -27.51
CA ALA E 365 -2.79 77.69 -26.25
C ALA E 365 -4.18 78.29 -26.37
N ASP E 366 -4.31 79.38 -27.11
CA ASP E 366 -5.60 79.99 -27.37
C ASP E 366 -6.49 79.03 -28.16
N SER E 367 -5.89 78.34 -29.13
CA SER E 367 -6.61 77.34 -29.92
C SER E 367 -7.07 76.19 -29.04
N LYS E 368 -6.25 75.81 -28.07
CA LYS E 368 -6.60 74.75 -27.13
C LYS E 368 -7.72 75.20 -26.20
N LYS E 369 -7.75 76.50 -25.90
CA LYS E 369 -8.81 77.06 -25.07
C LYS E 369 -10.11 77.12 -25.85
N LEU E 370 -10.02 77.32 -27.16
CA LEU E 370 -11.20 77.33 -28.01
C LEU E 370 -11.73 75.92 -28.24
N GLU E 371 -10.81 74.95 -28.23
CA GLU E 371 -11.17 73.55 -28.42
C GLU E 371 -11.40 72.84 -27.09
N SER E 372 -11.31 73.60 -26.00
CA SER E 372 -11.45 73.05 -24.66
C SER E 372 -12.89 72.61 -24.36
N LYS E 373 -13.82 73.00 -25.22
CA LYS E 373 -15.22 72.64 -25.05
C LYS E 373 -15.43 71.14 -25.22
N LYS F 1 60.45 47.79 -19.75
CA LYS F 1 59.45 46.94 -20.39
C LYS F 1 59.58 45.49 -19.92
N ILE F 2 60.35 45.29 -18.85
CA ILE F 2 60.55 43.96 -18.30
C ILE F 2 59.32 43.50 -17.53
N MET F 3 58.57 44.45 -17.00
CA MET F 3 57.35 44.15 -16.25
C MET F 3 56.21 43.84 -17.21
N LYS F 4 56.30 44.36 -18.42
CA LYS F 4 55.26 44.17 -19.43
C LYS F 4 55.51 42.90 -20.25
N SER F 5 56.56 42.17 -19.89
CA SER F 5 56.90 40.94 -20.59
C SER F 5 56.00 39.78 -20.17
N GLU F 6 55.29 39.96 -19.06
CA GLU F 6 54.41 38.93 -18.55
C GLU F 6 53.05 38.97 -19.24
N VAL F 7 52.82 40.00 -20.04
CA VAL F 7 51.57 40.15 -20.77
C VAL F 7 51.47 39.12 -21.89
N LEU F 8 52.62 38.77 -22.46
CA LEU F 8 52.69 37.79 -23.55
C LEU F 8 52.12 36.44 -23.11
N ARG F 9 52.46 36.03 -21.90
CA ARG F 9 51.94 34.78 -21.33
C ARG F 9 50.43 34.83 -21.21
N VAL F 10 49.92 35.97 -20.76
CA VAL F 10 48.49 36.19 -20.62
C VAL F 10 47.79 36.06 -21.96
N THR F 11 48.35 36.70 -22.98
CA THR F 11 47.80 36.64 -24.34
C THR F 11 47.83 35.21 -24.88
N HIS F 12 48.88 34.48 -24.54
CA HIS F 12 49.00 33.07 -24.93
C HIS F 12 47.92 32.24 -24.27
N GLU F 13 47.62 32.55 -23.01
CA GLU F 13 46.56 31.85 -22.29
C GLU F 13 45.19 32.18 -22.88
N LEU F 14 45.02 33.41 -23.32
CA LEU F 14 43.76 33.86 -23.91
C LEU F 14 43.52 33.19 -25.25
N GLN F 15 44.55 33.16 -26.10
CA GLN F 15 44.43 32.52 -27.40
C GLN F 15 44.31 31.00 -27.24
N ALA F 16 44.88 30.48 -26.15
CA ALA F 16 44.72 29.07 -25.83
C ALA F 16 43.28 28.79 -25.45
N MET F 17 42.66 29.74 -24.77
CA MET F 17 41.24 29.65 -24.42
C MET F 17 40.40 29.67 -25.69
N LYS F 18 40.71 30.60 -26.58
CA LYS F 18 40.02 30.70 -27.87
C LYS F 18 40.18 29.44 -28.69
N ASP F 19 41.30 28.74 -28.49
CA ASP F 19 41.55 27.48 -29.17
C ASP F 19 40.79 26.32 -28.52
N LYS F 20 40.60 26.40 -27.22
CA LYS F 20 39.97 25.29 -26.48
C LYS F 20 38.45 25.44 -26.36
N ILE F 21 37.91 26.57 -26.80
CA ILE F 21 36.46 26.76 -26.78
C ILE F 21 35.84 26.28 -28.10
N LYS F 22 36.68 25.90 -29.04
CA LYS F 22 36.22 25.47 -30.35
C LYS F 22 35.27 24.27 -30.28
N GLU F 23 35.62 23.29 -29.46
CA GLU F 23 34.84 22.06 -29.34
C GLU F 23 33.50 22.30 -28.63
N ASN F 24 33.56 22.97 -27.48
CA ASN F 24 32.35 23.22 -26.70
C ASN F 24 31.41 24.18 -27.42
N SER F 25 31.96 25.03 -28.27
CA SER F 25 31.14 25.89 -29.12
C SER F 25 30.68 25.14 -30.36
N GLU F 26 31.35 24.04 -30.66
CA GLU F 26 30.99 23.22 -31.82
C GLU F 26 29.80 22.31 -31.50
N LYS F 27 29.76 21.79 -30.28
CA LYS F 27 28.69 20.86 -29.88
C LYS F 27 27.35 21.58 -29.77
N ILE F 28 27.39 22.90 -29.60
CA ILE F 28 26.17 23.70 -29.51
C ILE F 28 25.32 23.56 -30.77
N LYS F 29 25.97 23.64 -31.92
CA LYS F 29 25.27 23.58 -33.20
C LYS F 29 24.57 22.24 -33.41
N VAL F 30 25.24 21.15 -33.08
CA VAL F 30 24.67 19.82 -33.30
C VAL F 30 23.66 19.43 -32.22
N ASN F 31 23.81 19.99 -31.02
CA ASN F 31 22.87 19.70 -29.94
C ASN F 31 21.58 20.50 -30.03
N LYS F 32 21.68 21.78 -30.34
CA LYS F 32 20.53 22.68 -30.30
C LYS F 32 19.82 22.84 -31.64
N THR F 33 20.26 22.08 -32.64
CA THR F 33 19.75 22.24 -34.00
C THR F 33 18.27 21.87 -34.16
N LEU F 34 17.80 20.86 -33.43
CA LEU F 34 16.45 20.36 -33.62
C LEU F 34 15.65 20.15 -32.33
N PRO F 35 14.93 21.19 -31.90
CA PRO F 35 13.96 21.00 -30.81
C PRO F 35 12.82 20.11 -31.29
N TYR F 36 12.45 19.09 -30.50
CA TYR F 36 11.51 18.08 -30.97
C TYR F 36 10.05 18.52 -30.87
N LEU F 37 9.74 19.41 -29.94
CA LEU F 37 8.38 19.97 -29.85
C LEU F 37 8.35 21.39 -29.31
N VAL F 38 7.14 21.87 -29.05
CA VAL F 38 6.93 23.23 -28.54
C VAL F 38 6.14 23.22 -27.23
N SER F 39 6.67 23.92 -26.22
CA SER F 39 6.01 23.97 -24.92
C SER F 39 5.80 25.41 -24.47
N ASN F 40 4.78 25.61 -23.62
CA ASN F 40 4.46 26.93 -23.09
C ASN F 40 5.24 27.23 -21.82
N VAL F 41 5.82 28.43 -21.75
CA VAL F 41 6.65 28.82 -20.61
C VAL F 41 6.00 29.93 -19.79
N ILE F 42 5.88 29.69 -18.49
CA ILE F 42 5.35 30.70 -17.57
C ILE F 42 6.36 30.99 -16.46
N GLU F 43 6.73 32.26 -16.32
CA GLU F 43 7.76 32.65 -15.35
C GLU F 43 7.20 32.81 -13.95
N LEU F 44 7.80 32.10 -13.00
CA LEU F 44 7.41 32.21 -11.59
C LEU F 44 8.66 32.31 -10.71
N LEU F 45 8.75 33.39 -9.95
CA LEU F 45 9.90 33.63 -9.08
C LEU F 45 9.79 32.84 -7.78
N ASP F 46 10.79 32.00 -7.52
CA ASP F 46 10.83 31.20 -6.31
C ASP F 46 11.85 31.77 -5.33
N VAL F 47 11.95 31.15 -4.16
CA VAL F 47 12.91 31.57 -3.14
C VAL F 47 13.61 30.36 -2.52
N ASP F 48 14.93 30.33 -2.61
CA ASP F 48 15.72 29.21 -2.09
C ASP F 48 15.70 29.11 -0.56
N PRO F 49 15.96 30.21 0.17
CA PRO F 49 15.87 30.06 1.63
C PRO F 49 14.43 29.85 2.10
N GLN F 64 26.29 31.49 -3.45
CA GLN F 64 25.17 32.26 -3.95
C GLN F 64 23.84 31.68 -3.47
N ARG F 65 23.46 30.56 -4.07
CA ARG F 65 22.23 29.84 -3.73
C ARG F 65 20.99 30.74 -3.83
N LYS F 66 20.84 31.40 -4.98
CA LYS F 66 19.69 32.27 -5.22
C LYS F 66 18.51 31.47 -5.78
N GLY F 67 17.32 31.73 -5.25
CA GLY F 67 16.13 31.04 -5.69
C GLY F 67 15.73 31.38 -7.12
N LYS F 68 15.62 30.34 -7.95
CA LYS F 68 15.20 30.52 -9.33
C LYS F 68 14.36 29.35 -9.80
N CYS F 69 13.26 29.63 -10.49
CA CYS F 69 12.38 28.58 -10.99
C CYS F 69 11.50 29.06 -12.14
N ALA F 70 10.70 28.16 -12.69
CA ALA F 70 9.79 28.48 -13.78
C ALA F 70 8.65 27.47 -13.85
N VAL F 71 7.56 27.85 -14.52
CA VAL F 71 6.42 26.96 -14.70
C VAL F 71 6.26 26.61 -16.17
N ILE F 72 6.24 25.31 -16.47
CA ILE F 72 6.19 24.84 -17.85
C ILE F 72 4.83 24.20 -18.17
N LYS F 73 4.37 24.38 -19.41
CA LYS F 73 3.17 23.70 -19.88
C LYS F 73 3.43 23.05 -21.24
N THR F 74 3.37 21.73 -21.26
CA THR F 74 3.56 20.97 -22.50
C THR F 74 2.28 20.95 -23.34
N SER F 75 2.44 20.76 -24.65
CA SER F 75 1.30 20.68 -25.56
C SER F 75 0.52 19.38 -25.36
N THR F 76 1.14 18.43 -24.67
CA THR F 76 0.49 17.16 -24.35
C THR F 76 -0.24 17.25 -23.02
N ARG F 77 -0.27 18.46 -22.45
CA ARG F 77 -0.93 18.74 -21.18
C ARG F 77 -0.32 17.95 -20.03
N GLN F 78 1.00 17.97 -19.93
CA GLN F 78 1.72 17.36 -18.83
C GLN F 78 2.65 18.36 -18.17
N THR F 79 2.39 18.69 -16.92
CA THR F 79 3.16 19.70 -16.20
C THR F 79 4.43 19.11 -15.58
N TYR F 80 5.57 19.75 -15.85
CA TYR F 80 6.84 19.33 -15.29
C TYR F 80 7.48 20.44 -14.46
N PHE F 81 8.67 20.17 -13.93
CA PHE F 81 9.38 21.15 -13.12
C PHE F 81 10.75 21.46 -13.70
N LEU F 82 11.16 22.73 -13.61
CA LEU F 82 12.41 23.20 -14.19
C LEU F 82 12.67 24.67 -13.87
N PRO F 83 13.93 25.01 -13.58
CA PRO F 83 14.33 26.39 -13.30
C PRO F 83 14.60 27.18 -14.58
N VAL F 84 15.05 28.42 -14.45
CA VAL F 84 15.39 29.24 -15.60
C VAL F 84 16.86 29.10 -15.95
N ILE F 85 17.14 28.58 -17.14
CA ILE F 85 18.51 28.33 -17.57
C ILE F 85 18.71 28.71 -19.03
N GLY F 86 19.88 28.37 -19.56
CA GLY F 86 20.22 28.72 -20.94
C GLY F 86 21.18 29.88 -21.02
N LEU F 87 21.38 30.39 -22.24
CA LEU F 87 22.32 31.49 -22.47
C LEU F 87 21.74 32.82 -22.02
N VAL F 88 22.45 33.90 -22.34
CA VAL F 88 22.03 35.25 -21.97
C VAL F 88 20.67 35.60 -22.56
N ASP F 89 19.76 36.03 -21.70
CA ASP F 89 18.39 36.33 -22.12
C ASP F 89 18.12 37.83 -22.13
N ALA F 90 17.34 38.28 -23.11
CA ALA F 90 16.99 39.69 -23.22
C ALA F 90 15.47 39.86 -23.35
N GLU F 91 14.92 39.35 -24.45
CA GLU F 91 13.49 39.42 -24.71
C GLU F 91 12.77 38.23 -24.08
N LYS F 92 13.53 37.39 -23.39
CA LYS F 92 12.99 36.19 -22.77
C LYS F 92 12.32 36.50 -21.43
N LEU F 93 12.01 35.45 -20.67
CA LEU F 93 11.38 35.54 -19.36
C LEU F 93 9.91 35.99 -19.44
N LYS F 94 9.46 36.31 -20.64
CA LYS F 94 8.06 36.69 -20.86
C LYS F 94 7.22 35.45 -21.11
N PRO F 95 5.94 35.49 -20.69
CA PRO F 95 5.04 34.36 -20.90
C PRO F 95 4.69 34.14 -22.38
N GLY F 96 5.67 33.73 -23.17
CA GLY F 96 5.47 33.49 -24.58
C GLY F 96 5.42 32.02 -24.93
N ASP F 97 5.71 31.70 -26.19
CA ASP F 97 5.67 30.31 -26.66
C ASP F 97 6.82 30.06 -27.63
N LEU F 98 6.81 28.88 -28.24
CA LEU F 98 7.81 28.49 -29.24
C LEU F 98 9.23 28.53 -28.66
N VAL F 99 9.52 27.60 -27.77
CA VAL F 99 10.84 27.50 -27.16
C VAL F 99 11.53 26.18 -27.51
N GLY F 100 12.86 26.22 -27.61
CA GLY F 100 13.63 25.03 -27.91
C GLY F 100 13.71 24.06 -26.74
N VAL F 101 13.55 22.77 -27.03
CA VAL F 101 13.59 21.75 -26.00
C VAL F 101 14.18 20.45 -26.54
N ASN F 102 14.99 19.78 -25.71
CA ASN F 102 15.57 18.50 -26.10
C ASN F 102 14.84 17.35 -25.42
N LYS F 103 15.30 16.11 -25.68
CA LYS F 103 14.63 14.93 -25.14
C LYS F 103 14.82 14.81 -23.63
N ASP F 104 13.71 14.77 -22.91
CA ASP F 104 13.68 14.53 -21.46
C ASP F 104 14.36 15.63 -20.64
N SER F 105 15.03 16.56 -21.31
CA SER F 105 15.74 17.63 -20.64
C SER F 105 14.80 18.74 -20.20
N TYR F 106 13.86 19.08 -21.07
CA TYR F 106 12.87 20.13 -20.82
C TYR F 106 13.53 21.47 -20.50
N LEU F 107 14.66 21.74 -21.13
CA LEU F 107 15.38 22.99 -20.90
C LEU F 107 14.97 24.05 -21.92
N ILE F 108 15.56 25.23 -21.80
CA ILE F 108 15.26 26.33 -22.70
C ILE F 108 16.53 26.82 -23.40
N LEU F 109 16.50 26.80 -24.73
CA LEU F 109 17.67 27.21 -25.51
C LEU F 109 17.35 28.44 -26.38
N GLU F 110 16.42 28.29 -27.32
CA GLU F 110 16.07 29.38 -28.21
C GLU F 110 14.58 29.74 -28.07
N THR F 111 14.32 30.96 -27.61
CA THR F 111 12.96 31.45 -27.45
C THR F 111 12.59 32.45 -28.53
N LEU F 112 11.63 32.07 -29.35
CA LEU F 112 11.15 32.91 -30.44
C LEU F 112 9.68 33.18 -30.23
N PRO F 113 9.25 34.43 -30.34
CA PRO F 113 7.82 34.73 -30.13
C PRO F 113 7.04 34.89 -31.42
N THR F 114 6.06 34.00 -31.62
CA THR F 114 5.21 34.04 -32.80
C THR F 114 3.83 34.61 -32.45
N GLU F 115 3.70 35.07 -31.21
CA GLU F 115 2.44 35.64 -30.72
C GLU F 115 1.50 34.53 -30.27
N TYR F 116 0.30 34.91 -29.83
CA TYR F 116 -0.69 33.94 -29.38
C TYR F 116 -1.96 33.99 -30.23
N ASP F 117 -2.39 32.81 -30.69
CA ASP F 117 -3.60 32.63 -31.51
C ASP F 117 -3.51 33.35 -32.87
N SER F 118 -2.29 33.54 -33.34
CA SER F 118 -2.04 34.21 -34.61
C SER F 118 -3.30 34.05 -35.44
N ARG F 119 -3.71 35.15 -36.08
CA ARG F 119 -4.94 35.18 -36.85
C ARG F 119 -5.35 36.64 -36.85
N VAL F 120 -5.30 37.25 -35.67
CA VAL F 120 -5.59 38.66 -35.52
C VAL F 120 -4.50 39.47 -36.21
N LYS F 121 -3.27 38.99 -36.03
CA LYS F 121 -2.08 39.63 -36.57
C LYS F 121 -2.01 39.67 -38.10
N ALA F 122 -2.40 38.58 -38.76
CA ALA F 122 -2.34 38.57 -40.21
C ALA F 122 -3.60 39.23 -40.77
N MET F 123 -3.84 40.45 -40.33
CA MET F 123 -4.98 41.24 -40.76
C MET F 123 -4.89 41.60 -42.24
N GLU F 124 -3.68 41.94 -42.67
CA GLU F 124 -3.46 42.37 -44.05
C GLU F 124 -1.98 42.59 -44.32
N VAL F 125 -1.54 42.25 -45.54
CA VAL F 125 -0.16 42.45 -45.94
C VAL F 125 -0.07 43.46 -47.08
N ASP F 126 0.54 44.61 -46.78
CA ASP F 126 0.69 45.66 -47.77
C ASP F 126 2.16 46.02 -47.97
N GLU F 127 2.66 45.81 -49.19
CA GLU F 127 4.05 46.13 -49.51
C GLU F 127 4.21 47.57 -49.94
N LEU F 139 -6.64 70.60 -51.06
CA LEU F 139 -6.21 69.67 -50.02
C LEU F 139 -4.68 69.59 -49.95
N ASP F 140 -4.01 70.48 -50.67
CA ASP F 140 -2.56 70.48 -50.75
C ASP F 140 -1.89 70.91 -49.45
N LYS F 141 -2.42 71.98 -48.86
CA LYS F 141 -1.83 72.56 -47.64
C LYS F 141 -1.89 71.59 -46.46
N GLN F 142 -2.98 70.83 -46.36
CA GLN F 142 -3.15 69.89 -45.26
C GLN F 142 -2.39 68.59 -45.51
N ILE F 143 -2.33 68.16 -46.77
CA ILE F 143 -1.64 66.92 -47.11
C ILE F 143 -0.12 67.13 -47.06
N GLN F 144 0.30 68.39 -47.17
CA GLN F 144 1.71 68.72 -47.02
C GLN F 144 2.12 68.53 -45.57
N GLU F 145 1.32 69.09 -44.67
CA GLU F 145 1.55 68.95 -43.23
C GLU F 145 1.45 67.48 -42.81
N LEU F 146 0.52 66.76 -43.42
CA LEU F 146 0.36 65.33 -43.13
C LEU F 146 1.58 64.53 -43.57
N VAL F 147 2.02 64.76 -44.80
CA VAL F 147 3.19 64.09 -45.34
C VAL F 147 4.43 64.38 -44.50
N GLU F 148 4.64 65.65 -44.17
CA GLU F 148 5.76 66.03 -43.31
C GLU F 148 5.66 65.34 -41.96
N ALA F 149 4.44 65.24 -41.45
CA ALA F 149 4.19 64.63 -40.15
C ALA F 149 4.53 63.13 -40.13
N ILE F 150 4.15 62.42 -41.18
CA ILE F 150 4.43 60.99 -41.25
C ILE F 150 5.86 60.68 -41.65
N VAL F 151 6.50 61.63 -42.35
CA VAL F 151 7.89 61.45 -42.80
C VAL F 151 8.89 61.74 -41.68
N LEU F 152 8.63 62.79 -40.90
CA LEU F 152 9.59 63.25 -39.89
C LEU F 152 10.05 62.19 -38.85
N PRO F 153 9.17 61.28 -38.40
CA PRO F 153 9.73 60.33 -37.43
C PRO F 153 10.72 59.34 -38.04
N MET F 154 10.66 59.16 -39.36
CA MET F 154 11.57 58.25 -40.05
C MET F 154 12.75 59.02 -40.63
N ASN F 155 12.80 60.33 -40.36
CA ASN F 155 13.76 61.21 -40.99
C ASN F 155 14.58 62.04 -40.00
N HIS F 156 13.90 62.88 -39.23
CA HIS F 156 14.55 63.92 -38.44
C HIS F 156 15.08 63.43 -37.10
N LYS F 157 14.99 62.13 -36.83
CA LYS F 157 15.48 61.55 -35.59
C LYS F 157 16.93 61.91 -35.28
N GLU F 158 17.74 62.01 -36.32
CA GLU F 158 19.14 62.39 -36.15
C GLU F 158 19.27 63.87 -35.78
N LYS F 159 18.31 64.66 -36.24
CA LYS F 159 18.31 66.10 -35.96
C LYS F 159 17.53 66.42 -34.69
N PHE F 160 16.87 65.40 -34.13
CA PHE F 160 16.09 65.59 -32.92
C PHE F 160 16.96 65.67 -31.67
N GLU F 161 18.24 65.35 -31.81
CA GLU F 161 19.16 65.43 -30.69
C GLU F 161 19.56 66.87 -30.40
N ASN F 162 19.92 67.61 -31.45
CA ASN F 162 20.33 68.99 -31.31
C ASN F 162 19.15 69.94 -31.11
N LEU F 163 18.10 69.74 -31.91
CA LEU F 163 16.93 70.61 -31.85
C LEU F 163 16.06 70.28 -30.64
N GLY F 164 16.15 69.04 -30.17
CA GLY F 164 15.37 68.62 -29.01
C GLY F 164 13.88 68.56 -29.30
N ILE F 165 13.53 68.33 -30.56
CA ILE F 165 12.12 68.26 -30.96
C ILE F 165 11.59 66.84 -30.80
N GLN F 166 10.56 66.70 -29.97
CA GLN F 166 9.94 65.40 -29.73
C GLN F 166 8.78 65.17 -30.69
N PRO F 167 8.90 64.14 -31.54
CA PRO F 167 7.87 63.82 -32.54
C PRO F 167 6.55 63.36 -31.92
N PRO F 168 5.42 63.89 -32.41
CA PRO F 168 4.10 63.46 -31.95
C PRO F 168 3.82 62.00 -32.27
N LYS F 169 3.05 61.33 -31.42
CA LYS F 169 2.74 59.92 -31.62
C LYS F 169 1.34 59.74 -32.19
N GLY F 170 0.33 59.92 -31.34
CA GLY F 170 -1.06 59.83 -31.76
C GLY F 170 -1.47 60.99 -32.64
N VAL F 171 -2.06 60.67 -33.79
CA VAL F 171 -2.53 61.70 -34.71
C VAL F 171 -4.00 61.47 -35.06
N LEU F 172 -4.83 62.47 -34.79
CA LEU F 172 -6.26 62.37 -35.04
C LEU F 172 -6.65 63.01 -36.36
N MET F 173 -7.09 62.18 -37.31
CA MET F 173 -7.53 62.67 -38.61
C MET F 173 -9.04 62.49 -38.76
N TYR F 174 -9.76 63.61 -38.79
CA TYR F 174 -11.22 63.57 -38.86
C TYR F 174 -11.76 64.60 -39.85
N GLY F 175 -13.07 64.63 -40.00
CA GLY F 175 -13.72 65.58 -40.89
C GLY F 175 -15.11 65.11 -41.29
N PRO F 176 -15.86 65.98 -42.00
CA PRO F 176 -17.19 65.65 -42.49
C PRO F 176 -17.18 64.52 -43.50
N PRO F 177 -18.24 63.69 -43.51
CA PRO F 177 -18.37 62.57 -44.46
C PRO F 177 -18.33 63.04 -45.91
N GLY F 178 -17.73 62.23 -46.78
CA GLY F 178 -17.62 62.58 -48.18
C GLY F 178 -16.24 63.05 -48.56
N THR F 179 -15.32 63.02 -47.60
CA THR F 179 -13.95 63.46 -47.83
C THR F 179 -13.13 62.43 -48.61
N GLY F 180 -13.19 61.17 -48.20
CA GLY F 180 -12.41 60.13 -48.83
C GLY F 180 -11.04 59.98 -48.18
N LYS F 181 -10.95 60.39 -46.92
CA LYS F 181 -9.68 60.40 -46.19
C LYS F 181 -9.05 59.02 -46.03
N THR F 182 -9.86 57.97 -46.17
CA THR F 182 -9.38 56.60 -45.99
C THR F 182 -8.35 56.21 -47.05
N LEU F 183 -8.72 56.33 -48.31
CA LEU F 183 -7.82 55.99 -49.41
C LEU F 183 -6.77 57.07 -49.61
N LEU F 184 -6.98 58.23 -49.00
CA LEU F 184 -5.98 59.29 -49.02
C LEU F 184 -4.84 58.93 -48.08
N ALA F 185 -5.18 58.50 -46.87
CA ALA F 185 -4.21 58.04 -45.90
C ALA F 185 -3.56 56.75 -46.39
N ARG F 186 -4.33 55.93 -47.10
CA ARG F 186 -3.82 54.71 -47.69
C ARG F 186 -2.84 55.04 -48.81
N ALA F 187 -3.07 56.17 -49.49
CA ALA F 187 -2.18 56.64 -50.53
C ALA F 187 -0.90 57.19 -49.93
N CYS F 188 -1.02 57.83 -48.77
CA CYS F 188 0.14 58.34 -48.04
C CYS F 188 0.97 57.17 -47.49
N ALA F 189 0.29 56.07 -47.20
CA ALA F 189 0.96 54.86 -46.72
C ALA F 189 1.92 54.32 -47.78
N ALA F 190 1.55 54.49 -49.05
CA ALA F 190 2.41 54.09 -50.15
C ALA F 190 3.61 55.03 -50.25
N GLN F 191 3.42 56.26 -49.80
CA GLN F 191 4.50 57.25 -49.80
C GLN F 191 5.45 57.01 -48.64
N THR F 192 4.95 56.37 -47.59
CA THR F 192 5.78 56.03 -46.43
C THR F 192 6.72 54.87 -46.76
N LYS F 193 6.38 54.12 -47.80
CA LYS F 193 7.20 53.01 -48.33
C LYS F 193 7.29 51.84 -47.35
N ALA F 194 6.73 52.00 -46.16
CA ALA F 194 6.76 50.95 -45.15
C ALA F 194 5.55 50.02 -45.26
N THR F 195 5.47 49.04 -44.37
CA THR F 195 4.37 48.09 -44.36
C THR F 195 3.12 48.72 -43.76
N PHE F 196 1.97 48.46 -44.37
CA PHE F 196 0.72 49.03 -43.92
C PHE F 196 -0.23 47.95 -43.37
N LEU F 197 -0.96 48.29 -42.31
CA LEU F 197 -1.91 47.36 -41.71
C LEU F 197 -3.32 47.95 -41.72
N LYS F 198 -4.32 47.09 -41.63
CA LYS F 198 -5.71 47.52 -41.66
C LYS F 198 -6.51 46.97 -40.47
N LEU F 199 -7.01 47.88 -39.64
CA LEU F 199 -7.82 47.51 -38.49
C LEU F 199 -9.04 48.42 -38.38
N ALA F 200 -10.23 47.81 -38.32
CA ALA F 200 -11.47 48.58 -38.25
C ALA F 200 -12.06 48.60 -36.84
N GLY F 201 -13.17 49.32 -36.69
CA GLY F 201 -13.85 49.42 -35.42
C GLY F 201 -14.50 48.14 -34.92
N PRO F 202 -15.40 47.54 -35.73
CA PRO F 202 -16.05 46.28 -35.34
C PRO F 202 -15.09 45.11 -35.14
N GLN F 203 -13.88 45.24 -35.67
CA GLN F 203 -12.87 44.19 -35.52
C GLN F 203 -12.42 44.04 -34.06
N LEU F 204 -12.62 45.09 -33.27
CA LEU F 204 -12.27 45.05 -31.86
C LEU F 204 -13.41 44.51 -31.01
N VAL F 205 -14.58 44.34 -31.63
CA VAL F 205 -15.75 43.81 -30.94
C VAL F 205 -15.98 42.35 -31.31
N GLN F 206 -15.97 41.47 -30.30
CA GLN F 206 -16.15 40.05 -30.53
C GLN F 206 -17.13 39.44 -29.54
N MET F 207 -17.36 38.14 -29.66
CA MET F 207 -18.27 37.43 -28.77
C MET F 207 -17.61 37.15 -27.42
N PHE F 208 -16.30 36.94 -27.44
CA PHE F 208 -15.55 36.64 -26.22
C PHE F 208 -15.39 37.87 -25.35
N ILE F 209 -14.72 37.69 -24.20
CA ILE F 209 -14.51 38.78 -23.27
C ILE F 209 -13.04 38.93 -22.90
N GLY F 210 -12.65 40.14 -22.51
CA GLY F 210 -11.27 40.42 -22.12
C GLY F 210 -10.30 40.33 -23.28
N ASP F 211 -10.80 40.57 -24.49
CA ASP F 211 -9.98 40.49 -25.69
C ASP F 211 -9.11 41.73 -25.88
N GLY F 212 -9.53 42.85 -25.30
CA GLY F 212 -8.83 44.11 -25.46
C GLY F 212 -7.38 44.09 -25.06
N ALA F 213 -7.11 43.65 -23.83
CA ALA F 213 -5.74 43.60 -23.31
C ALA F 213 -4.84 42.71 -24.17
N LYS F 214 -5.35 41.53 -24.52
CA LYS F 214 -4.59 40.59 -25.33
C LYS F 214 -4.28 41.17 -26.70
N LEU F 215 -5.28 41.81 -27.32
CA LEU F 215 -5.11 42.43 -28.62
C LEU F 215 -4.08 43.55 -28.60
N VAL F 216 -4.18 44.42 -27.60
CA VAL F 216 -3.25 45.54 -27.46
C VAL F 216 -1.82 45.05 -27.21
N ARG F 217 -1.66 44.13 -26.26
CA ARG F 217 -0.34 43.60 -25.92
C ARG F 217 0.29 42.85 -27.10
N ASP F 218 -0.53 42.12 -27.85
CA ASP F 218 -0.04 41.37 -28.99
C ASP F 218 0.36 42.31 -30.13
N ALA F 219 -0.46 43.32 -30.38
CA ALA F 219 -0.18 44.31 -31.41
C ALA F 219 1.10 45.07 -31.10
N PHE F 220 1.29 45.41 -29.83
CA PHE F 220 2.49 46.10 -29.38
C PHE F 220 3.70 45.16 -29.42
N ALA F 221 3.43 43.87 -29.28
CA ALA F 221 4.49 42.86 -29.37
C ALA F 221 5.00 42.76 -30.80
N LEU F 222 4.07 42.70 -31.75
CA LEU F 222 4.43 42.67 -33.17
C LEU F 222 5.08 43.98 -33.58
N ALA F 223 4.63 45.08 -32.99
CA ALA F 223 5.22 46.39 -33.27
C ALA F 223 6.61 46.48 -32.69
N LYS F 224 6.87 45.72 -31.64
CA LYS F 224 8.17 45.68 -30.99
C LYS F 224 9.15 44.81 -31.79
N GLU F 225 8.66 43.68 -32.28
CA GLU F 225 9.52 42.73 -32.99
C GLU F 225 9.80 43.15 -34.43
N LYS F 226 8.78 43.63 -35.13
CA LYS F 226 8.91 43.95 -36.55
C LYS F 226 9.47 45.35 -36.80
N ALA F 227 9.57 45.69 -38.08
CA ALA F 227 10.10 46.98 -38.51
C ALA F 227 9.11 48.10 -38.20
N PRO F 228 9.58 49.37 -38.22
CA PRO F 228 8.68 50.50 -38.00
C PRO F 228 7.65 50.65 -39.11
N SER F 229 6.65 49.79 -39.13
CA SER F 229 5.60 49.81 -40.15
C SER F 229 4.58 50.89 -39.86
N ILE F 230 3.50 50.90 -40.65
CA ILE F 230 2.43 51.88 -40.48
C ILE F 230 1.15 51.24 -39.98
N ILE F 231 0.62 51.74 -38.87
CA ILE F 231 -0.62 51.22 -38.30
C ILE F 231 -1.71 52.29 -38.32
N PHE F 232 -2.83 51.95 -38.96
CA PHE F 232 -3.95 52.88 -39.08
C PHE F 232 -5.28 52.22 -38.71
N ILE F 233 -5.96 52.79 -37.73
CA ILE F 233 -7.26 52.29 -37.31
C ILE F 233 -8.35 53.31 -37.65
N ASP F 234 -9.57 52.83 -37.89
CA ASP F 234 -10.66 53.70 -38.30
C ASP F 234 -11.89 53.49 -37.42
N GLU F 235 -12.82 54.44 -37.48
CA GLU F 235 -14.06 54.42 -36.71
C GLU F 235 -13.81 54.27 -35.21
N LEU F 236 -13.15 55.27 -34.62
CA LEU F 236 -12.89 55.27 -33.19
C LEU F 236 -14.01 56.00 -32.45
N ASP F 237 -14.87 56.67 -33.22
CA ASP F 237 -15.97 57.44 -32.64
C ASP F 237 -17.15 56.54 -32.27
N ALA F 238 -17.42 55.55 -33.12
CA ALA F 238 -18.54 54.64 -32.91
C ALA F 238 -18.26 53.67 -31.76
N ILE F 239 -17.02 53.23 -31.65
CA ILE F 239 -16.63 52.28 -30.61
C ILE F 239 -16.17 53.00 -29.34
N GLY F 240 -16.09 54.32 -29.42
CA GLY F 240 -15.68 55.12 -28.28
C GLY F 240 -16.83 55.88 -27.65
N THR F 241 -18.05 55.51 -28.04
CA THR F 241 -19.25 56.17 -27.52
C THR F 241 -19.47 55.82 -26.05
N LYS F 242 -19.61 56.85 -25.22
CA LYS F 242 -19.78 56.66 -23.78
C LYS F 242 -21.26 56.59 -23.39
N ARG F 243 -22.13 56.59 -24.41
CA ARG F 243 -23.58 56.39 -24.27
C ARG F 243 -24.22 57.15 -23.10
N PHE F 244 -24.37 58.46 -23.28
CA PHE F 244 -25.01 59.33 -22.29
C PHE F 244 -26.32 58.75 -21.76
N ASP F 245 -27.10 58.14 -22.65
CA ASP F 245 -28.34 57.47 -22.26
C ASP F 245 -28.02 56.27 -21.38
N SER F 246 -28.69 56.19 -20.24
CA SER F 246 -28.33 55.24 -19.20
C SER F 246 -29.05 53.89 -19.28
N GLU F 247 -29.85 53.68 -20.32
CA GLU F 247 -30.68 52.48 -20.37
C GLU F 247 -29.88 51.22 -20.72
N LYS F 248 -29.43 51.08 -21.96
CA LYS F 248 -28.73 49.87 -22.38
C LYS F 248 -27.88 50.07 -23.64
N ALA F 249 -26.97 49.12 -23.86
CA ALA F 249 -26.14 49.04 -25.06
C ALA F 249 -25.28 47.78 -24.99
N GLY F 250 -24.78 47.34 -26.14
CA GLY F 250 -24.05 46.08 -26.19
C GLY F 250 -22.56 46.11 -25.90
N ASP F 251 -21.88 47.18 -26.28
CA ASP F 251 -20.42 47.21 -26.18
C ASP F 251 -19.89 48.29 -25.22
N ARG F 252 -19.42 47.86 -24.05
CA ARG F 252 -18.65 48.74 -23.17
C ARG F 252 -17.15 48.43 -23.26
N GLU F 253 -16.81 47.43 -24.06
CA GLU F 253 -15.45 46.87 -24.04
C GLU F 253 -14.38 47.79 -24.63
N VAL F 254 -14.63 48.31 -25.82
CA VAL F 254 -13.64 49.14 -26.51
C VAL F 254 -13.39 50.45 -25.75
N GLN F 255 -14.29 50.78 -24.84
CA GLN F 255 -14.11 51.94 -23.98
C GLN F 255 -12.90 51.73 -23.05
N ARG F 256 -12.93 50.64 -22.30
CA ARG F 256 -11.85 50.33 -21.37
C ARG F 256 -10.63 49.85 -22.14
N THR F 257 -10.83 49.37 -23.36
CA THR F 257 -9.73 48.98 -24.22
C THR F 257 -8.97 50.23 -24.63
N MET F 258 -9.71 51.29 -24.92
CA MET F 258 -9.12 52.58 -25.27
C MET F 258 -8.46 53.20 -24.05
N LEU F 259 -9.09 53.05 -22.88
CA LEU F 259 -8.52 53.56 -21.64
C LEU F 259 -7.18 52.88 -21.34
N GLU F 260 -7.14 51.57 -21.52
CA GLU F 260 -5.92 50.81 -21.31
C GLU F 260 -4.87 51.17 -22.34
N LEU F 261 -5.32 51.41 -23.57
CA LEU F 261 -4.44 51.83 -24.66
C LEU F 261 -3.76 53.15 -24.32
N LEU F 262 -4.55 54.09 -23.80
CA LEU F 262 -4.03 55.38 -23.37
C LEU F 262 -3.08 55.22 -22.18
N ASN F 263 -3.42 54.29 -21.29
CA ASN F 263 -2.60 54.00 -20.13
C ASN F 263 -1.22 53.51 -20.54
N GLN F 264 -1.18 52.63 -21.54
CA GLN F 264 0.08 52.11 -22.06
C GLN F 264 0.76 53.14 -22.95
N LEU F 265 0.00 54.12 -23.42
CA LEU F 265 0.54 55.22 -24.21
C LEU F 265 0.97 56.37 -23.32
N ASP F 266 0.83 56.19 -22.01
CA ASP F 266 1.20 57.22 -21.05
C ASP F 266 2.30 56.72 -20.10
N GLY F 267 1.97 55.72 -19.29
CA GLY F 267 2.87 55.25 -18.25
C GLY F 267 3.98 54.32 -18.71
N PHE F 268 4.14 54.17 -20.03
CA PHE F 268 5.16 53.29 -20.57
C PHE F 268 6.19 54.02 -21.43
N GLN F 269 7.45 53.85 -21.08
CA GLN F 269 8.56 54.34 -21.90
C GLN F 269 8.67 53.74 -23.33
N PRO F 270 8.31 52.46 -23.55
CA PRO F 270 8.39 51.97 -24.93
C PRO F 270 7.51 52.70 -25.93
N ASN F 271 6.57 53.53 -25.46
CA ASN F 271 5.63 54.23 -26.32
C ASN F 271 6.33 55.14 -27.35
N THR F 272 7.62 55.40 -27.15
CA THR F 272 8.42 56.14 -28.12
C THR F 272 8.62 55.35 -29.41
N GLN F 273 8.18 54.09 -29.41
CA GLN F 273 8.30 53.22 -30.57
C GLN F 273 7.18 53.51 -31.57
N VAL F 274 6.99 52.58 -32.51
CA VAL F 274 6.14 52.79 -33.68
C VAL F 274 4.75 53.34 -33.33
N LYS F 275 4.37 54.40 -34.04
CA LYS F 275 3.14 55.14 -33.77
C LYS F 275 1.89 54.40 -34.26
N VAL F 276 0.75 54.75 -33.68
CA VAL F 276 -0.53 54.21 -34.10
C VAL F 276 -1.48 55.34 -34.50
N ILE F 277 -1.90 55.33 -35.76
CA ILE F 277 -2.76 56.38 -36.30
C ILE F 277 -4.23 56.06 -36.11
N ALA F 278 -4.98 57.00 -35.54
CA ALA F 278 -6.40 56.82 -35.31
C ALA F 278 -7.23 57.84 -36.10
N ALA F 279 -8.44 57.45 -36.46
CA ALA F 279 -9.32 58.34 -37.22
C ALA F 279 -10.78 58.18 -36.76
N THR F 280 -11.49 59.30 -36.71
CA THR F 280 -12.89 59.32 -36.31
C THR F 280 -13.76 59.94 -37.40
N ASN F 281 -14.90 59.32 -37.68
CA ASN F 281 -15.80 59.83 -38.71
C ASN F 281 -16.66 60.99 -38.22
N ARG F 282 -17.17 60.89 -37.00
CA ARG F 282 -18.04 61.92 -36.45
C ARG F 282 -17.46 62.51 -35.17
N VAL F 283 -17.67 63.82 -34.98
CA VAL F 283 -17.12 64.53 -33.84
C VAL F 283 -18.05 64.58 -32.65
N ASP F 284 -19.19 63.89 -32.76
CA ASP F 284 -20.20 63.90 -31.70
C ASP F 284 -19.66 63.34 -30.39
N ILE F 285 -18.75 62.38 -30.48
CA ILE F 285 -18.16 61.77 -29.30
C ILE F 285 -16.65 61.99 -29.25
N LEU F 286 -16.20 62.64 -28.19
CA LEU F 286 -14.78 62.93 -28.02
C LEU F 286 -14.35 62.79 -26.57
N ASP F 287 -13.20 62.16 -26.34
CA ASP F 287 -12.67 61.96 -25.00
C ASP F 287 -11.60 63.00 -24.69
N PRO F 288 -11.85 63.84 -23.67
CA PRO F 288 -10.92 64.88 -23.22
C PRO F 288 -9.57 64.35 -22.76
N ALA F 289 -9.50 63.05 -22.49
CA ALA F 289 -8.27 62.42 -22.01
C ALA F 289 -7.38 61.97 -23.15
N LEU F 290 -7.79 62.26 -24.38
CA LEU F 290 -7.03 61.86 -25.57
C LEU F 290 -5.94 62.86 -25.91
N LEU F 291 -5.79 63.90 -25.10
CA LEU F 291 -4.81 64.95 -25.37
C LEU F 291 -3.48 64.67 -24.67
N ARG F 292 -2.46 64.40 -25.47
CA ARG F 292 -1.12 64.07 -24.98
C ARG F 292 -0.19 63.86 -26.17
N SER F 293 1.11 63.88 -25.93
CA SER F 293 2.09 63.62 -26.98
C SER F 293 2.02 62.17 -27.46
N GLY F 294 2.00 61.24 -26.52
CA GLY F 294 1.86 59.83 -26.84
C GLY F 294 0.47 59.53 -27.38
N ARG F 295 -0.52 60.21 -26.83
CA ARG F 295 -1.90 60.07 -27.28
C ARG F 295 -2.15 60.98 -28.49
N LEU F 296 -3.41 61.11 -28.88
CA LEU F 296 -3.79 61.94 -30.02
C LEU F 296 -3.32 63.39 -29.83
N ASP F 297 -2.62 63.91 -30.82
CA ASP F 297 -2.08 65.27 -30.76
C ASP F 297 -2.61 66.13 -31.90
N ARG F 298 -2.23 65.76 -33.12
CA ARG F 298 -2.62 66.53 -34.30
C ARG F 298 -4.12 66.48 -34.55
N LYS F 299 -4.74 67.64 -34.69
CA LYS F 299 -6.17 67.74 -34.98
C LYS F 299 -6.41 68.62 -36.20
N ILE F 300 -6.92 68.02 -37.27
CA ILE F 300 -7.17 68.76 -38.51
C ILE F 300 -8.62 68.61 -38.97
N GLU F 301 -9.33 69.73 -39.01
CA GLU F 301 -10.70 69.75 -39.50
C GLU F 301 -10.72 70.06 -40.99
N PHE F 302 -11.60 69.38 -41.74
CA PHE F 302 -11.68 69.58 -43.18
C PHE F 302 -12.84 70.50 -43.56
N PRO F 303 -12.51 71.72 -44.01
CA PRO F 303 -13.52 72.73 -44.36
C PRO F 303 -13.95 72.67 -45.83
N MET F 304 -14.74 71.67 -46.20
CA MET F 304 -15.26 71.52 -47.56
C MET F 304 -14.15 71.56 -48.61
N PRO F 305 -13.38 70.46 -48.73
CA PRO F 305 -12.24 70.35 -49.65
C PRO F 305 -12.56 70.80 -51.07
N ASN F 306 -11.58 71.44 -51.72
CA ASN F 306 -11.79 72.05 -53.03
C ASN F 306 -11.89 71.04 -54.18
N GLU F 307 -12.11 71.57 -55.37
CA GLU F 307 -12.27 70.75 -56.57
C GLU F 307 -10.95 70.51 -57.31
N GLU F 308 -10.31 71.60 -57.74
CA GLU F 308 -9.08 71.52 -58.53
C GLU F 308 -8.02 70.60 -57.93
N ALA F 309 -7.97 70.53 -56.60
CA ALA F 309 -7.05 69.63 -55.92
C ALA F 309 -7.42 68.17 -56.18
N ARG F 310 -8.72 67.89 -56.11
CA ARG F 310 -9.23 66.55 -56.40
C ARG F 310 -8.94 66.20 -57.87
N ALA F 311 -9.02 67.21 -58.73
CA ALA F 311 -8.69 67.03 -60.14
C ALA F 311 -7.20 66.73 -60.30
N ARG F 312 -6.39 67.34 -59.44
CA ARG F 312 -4.95 67.12 -59.47
C ARG F 312 -4.59 65.70 -59.07
N ILE F 313 -5.12 65.24 -57.93
CA ILE F 313 -4.83 63.89 -57.48
C ILE F 313 -5.45 62.85 -58.42
N MET F 314 -6.57 63.21 -59.04
CA MET F 314 -7.19 62.35 -60.03
C MET F 314 -6.31 62.25 -61.27
N GLN F 315 -5.63 63.35 -61.59
CA GLN F 315 -4.68 63.36 -62.70
C GLN F 315 -3.46 62.51 -62.37
N ILE F 316 -3.03 62.58 -61.11
CA ILE F 316 -1.90 61.78 -60.65
C ILE F 316 -2.23 60.29 -60.69
N HIS F 317 -3.48 59.95 -60.37
CA HIS F 317 -3.92 58.57 -60.38
C HIS F 317 -4.13 58.05 -61.80
N SER F 318 -4.61 58.93 -62.68
CA SER F 318 -4.96 58.55 -64.05
C SER F 318 -3.85 58.79 -65.06
N ARG F 319 -2.69 59.25 -64.58
CA ARG F 319 -1.58 59.57 -65.48
C ARG F 319 -1.00 58.31 -66.12
N LYS F 320 -1.25 57.15 -65.51
CA LYS F 320 -0.74 55.89 -66.03
C LYS F 320 -1.54 55.42 -67.23
N MET F 321 -2.87 55.56 -67.15
CA MET F 321 -3.75 55.16 -68.24
C MET F 321 -3.60 56.07 -69.45
N ASN F 322 -3.99 55.57 -70.62
CA ASN F 322 -3.90 56.34 -71.85
C ASN F 322 -5.13 57.23 -72.06
N VAL F 323 -4.91 58.54 -72.08
CA VAL F 323 -6.00 59.51 -72.23
C VAL F 323 -5.58 60.60 -73.21
N SER F 324 -6.51 60.99 -74.09
CA SER F 324 -6.27 62.10 -75.01
C SER F 324 -5.94 63.37 -74.22
N PRO F 325 -4.76 63.94 -74.48
CA PRO F 325 -4.26 65.05 -73.65
C PRO F 325 -4.93 66.40 -73.94
N ASP F 326 -6.26 66.42 -73.95
CA ASP F 326 -6.99 67.68 -73.96
C ASP F 326 -8.08 67.63 -72.89
N VAL F 327 -7.91 68.42 -71.84
CA VAL F 327 -8.87 68.46 -70.74
C VAL F 327 -9.07 69.89 -70.23
N ASN F 328 -10.32 70.33 -70.16
CA ASN F 328 -10.65 71.65 -69.63
C ASN F 328 -10.63 71.66 -68.10
N TYR F 329 -10.94 70.50 -67.52
CA TYR F 329 -10.96 70.27 -66.07
C TYR F 329 -12.09 70.99 -65.35
N GLU F 330 -12.73 71.94 -66.03
CA GLU F 330 -13.76 72.77 -65.41
C GLU F 330 -15.02 71.97 -65.14
N GLU F 331 -15.45 71.20 -66.14
CA GLU F 331 -16.65 70.40 -66.02
C GLU F 331 -16.50 69.32 -64.96
N LEU F 332 -15.37 68.63 -64.97
CA LEU F 332 -15.14 67.55 -64.01
C LEU F 332 -14.91 68.08 -62.60
N ALA F 333 -14.37 69.30 -62.49
CA ALA F 333 -14.18 69.90 -61.18
C ALA F 333 -15.52 70.40 -60.62
N ARG F 334 -16.38 70.88 -61.50
CA ARG F 334 -17.66 71.45 -61.08
C ARG F 334 -18.68 70.36 -60.76
N CYS F 335 -18.66 69.27 -61.51
CA CYS F 335 -19.64 68.21 -61.36
C CYS F 335 -19.42 67.35 -60.11
N THR F 336 -18.27 67.52 -59.47
CA THR F 336 -17.97 66.76 -58.27
C THR F 336 -18.34 67.53 -57.00
N ASP F 337 -19.34 67.04 -56.29
CA ASP F 337 -19.81 67.66 -55.06
C ASP F 337 -20.01 66.62 -53.96
N ASP F 338 -19.30 66.80 -52.85
CA ASP F 338 -19.38 65.89 -51.70
C ASP F 338 -19.08 64.44 -52.09
N PHE F 339 -17.98 64.25 -52.82
CA PHE F 339 -17.58 62.92 -53.27
C PHE F 339 -16.23 62.51 -52.68
N ASN F 340 -16.08 61.22 -52.40
CA ASN F 340 -14.84 60.70 -51.84
C ASN F 340 -13.73 60.63 -52.88
N GLY F 341 -12.54 60.21 -52.46
CA GLY F 341 -11.45 59.97 -53.37
C GLY F 341 -11.64 58.63 -54.04
N ALA F 342 -12.16 57.68 -53.29
CA ALA F 342 -12.48 56.35 -53.81
C ALA F 342 -13.60 56.44 -54.83
N GLN F 343 -14.47 57.45 -54.67
CA GLN F 343 -15.56 57.67 -55.60
C GLN F 343 -15.05 58.32 -56.88
N CYS F 344 -13.99 59.09 -56.77
CA CYS F 344 -13.35 59.69 -57.94
C CYS F 344 -12.60 58.62 -58.72
N LYS F 345 -11.92 57.74 -58.00
CA LYS F 345 -11.27 56.60 -58.61
C LYS F 345 -12.31 55.68 -59.24
N ALA F 346 -13.49 55.64 -58.62
CA ALA F 346 -14.61 54.87 -59.16
C ALA F 346 -15.15 55.53 -60.43
N VAL F 347 -15.04 56.85 -60.49
CA VAL F 347 -15.42 57.60 -61.68
C VAL F 347 -14.45 57.28 -62.82
N CYS F 348 -13.17 57.21 -62.48
CA CYS F 348 -12.14 56.85 -63.46
C CYS F 348 -12.35 55.43 -63.98
N VAL F 349 -12.58 54.50 -63.06
CA VAL F 349 -12.83 53.10 -63.41
C VAL F 349 -14.07 52.97 -64.30
N GLU F 350 -15.14 53.67 -63.91
CA GLU F 350 -16.38 53.67 -64.69
C GLU F 350 -16.15 54.25 -66.07
N ALA F 351 -15.29 55.27 -66.15
CA ALA F 351 -14.92 55.86 -67.43
C ALA F 351 -14.14 54.88 -68.28
N GLY F 352 -13.41 53.98 -67.62
CA GLY F 352 -12.66 52.95 -68.31
C GLY F 352 -13.53 51.76 -68.69
N MET F 353 -14.71 51.66 -68.06
CA MET F 353 -15.62 50.55 -68.30
C MET F 353 -16.28 50.63 -69.67
N ILE F 354 -16.90 51.77 -69.98
CA ILE F 354 -17.62 51.92 -71.24
C ILE F 354 -16.68 52.25 -72.38
N ALA F 355 -15.46 52.68 -72.05
CA ALA F 355 -14.45 53.00 -73.06
C ALA F 355 -14.02 51.75 -73.80
N LEU F 356 -14.26 50.60 -73.17
CA LEU F 356 -13.93 49.31 -73.76
C LEU F 356 -14.96 48.91 -74.81
N ARG F 357 -16.22 49.24 -74.55
CA ARG F 357 -17.30 48.88 -75.46
C ARG F 357 -17.64 50.00 -76.45
N ARG F 358 -16.97 51.14 -76.30
CA ARG F 358 -17.14 52.24 -77.25
C ARG F 358 -16.36 51.99 -78.53
N GLY F 359 -15.34 51.15 -78.44
CA GLY F 359 -14.50 50.83 -79.59
C GLY F 359 -13.25 51.68 -79.65
N ALA F 360 -13.16 52.64 -78.73
CA ALA F 360 -11.99 53.53 -78.68
C ALA F 360 -10.91 52.97 -77.77
N THR F 361 -9.67 53.05 -78.23
CA THR F 361 -8.54 52.54 -77.47
C THR F 361 -7.94 53.61 -76.57
N GLU F 362 -8.54 54.80 -76.58
CA GLU F 362 -8.05 55.91 -75.77
C GLU F 362 -9.20 56.64 -75.08
N LEU F 363 -9.03 56.90 -73.79
CA LEU F 363 -10.08 57.53 -72.98
C LEU F 363 -10.29 58.98 -73.37
N THR F 364 -11.55 59.41 -73.42
CA THR F 364 -11.89 60.77 -73.79
C THR F 364 -12.25 61.62 -72.58
N HIS F 365 -12.56 62.88 -72.81
CA HIS F 365 -12.87 63.83 -71.73
C HIS F 365 -14.28 63.66 -71.19
N GLU F 366 -15.26 63.51 -72.09
CA GLU F 366 -16.66 63.45 -71.71
C GLU F 366 -16.99 62.15 -70.97
N ASP F 367 -16.12 61.16 -71.08
CA ASP F 367 -16.33 59.88 -70.43
C ASP F 367 -16.30 60.02 -68.91
N TYR F 368 -15.50 60.98 -68.43
CA TYR F 368 -15.41 61.25 -67.01
C TYR F 368 -16.75 61.71 -66.43
N MET F 369 -17.30 62.78 -67.00
CA MET F 369 -18.57 63.33 -66.53
C MET F 369 -19.71 62.36 -66.81
N GLU F 370 -19.59 61.58 -67.88
CA GLU F 370 -20.57 60.56 -68.21
C GLU F 370 -20.60 59.51 -67.10
N GLY F 371 -19.40 59.15 -66.63
CA GLY F 371 -19.26 58.21 -65.53
C GLY F 371 -19.80 58.78 -64.23
N ILE F 372 -19.56 60.08 -64.03
CA ILE F 372 -20.09 60.78 -62.86
C ILE F 372 -21.61 60.70 -62.82
N LEU F 373 -22.24 61.03 -63.95
CA LEU F 373 -23.70 60.97 -64.06
C LEU F 373 -24.18 59.52 -64.11
N GLU F 374 -23.27 58.59 -64.30
CA GLU F 374 -23.60 57.17 -64.36
C GLU F 374 -23.71 56.58 -62.95
N VAL F 375 -22.59 56.54 -62.24
CA VAL F 375 -22.55 55.93 -60.92
C VAL F 375 -23.11 56.86 -59.85
N GLN F 376 -23.17 58.15 -60.15
CA GLN F 376 -23.67 59.13 -59.20
C GLN F 376 -24.59 60.14 -59.87
N MET G 1 21.90 -63.31 56.31
CA MET G 1 21.31 -63.27 57.65
C MET G 1 21.17 -61.83 58.14
N ILE G 2 22.29 -61.21 58.46
CA ILE G 2 22.29 -59.83 58.95
C ILE G 2 22.04 -58.85 57.80
N THR G 3 21.46 -57.70 58.13
CA THR G 3 21.14 -56.68 57.12
C THR G 3 21.72 -55.32 57.49
N SER G 4 21.18 -54.72 58.53
CA SER G 4 21.60 -53.39 58.96
C SER G 4 22.73 -53.45 59.99
N ALA G 5 23.20 -54.66 60.27
CA ALA G 5 24.26 -54.87 61.25
C ALA G 5 25.55 -54.15 60.85
N ALA G 6 26.05 -53.31 61.75
CA ALA G 6 27.27 -52.55 61.51
C ALA G 6 28.49 -53.24 62.10
N GLY G 7 28.29 -54.41 62.69
CA GLY G 7 29.35 -55.14 63.35
C GLY G 7 30.48 -55.57 62.43
N ILE G 8 30.12 -55.98 61.22
CA ILE G 8 31.10 -56.46 60.25
C ILE G 8 32.01 -55.32 59.76
N ILE G 9 31.52 -54.08 59.89
CA ILE G 9 32.34 -52.91 59.58
C ILE G 9 33.43 -52.76 60.63
N SER G 10 33.04 -52.89 61.89
CA SER G 10 33.99 -52.81 63.00
C SER G 10 34.97 -53.97 62.95
N LEU G 11 34.51 -55.12 62.45
CA LEU G 11 35.37 -56.29 62.30
C LEU G 11 36.34 -56.09 61.14
N LEU G 12 35.90 -55.36 60.12
CA LEU G 12 36.72 -55.09 58.95
C LEU G 12 37.75 -54.01 59.27
N ASP G 13 37.44 -53.18 60.26
CA ASP G 13 38.33 -52.11 60.71
C ASP G 13 39.23 -52.62 61.84
N GLU G 14 39.14 -53.91 62.12
CA GLU G 14 39.83 -54.51 63.26
C GLU G 14 41.04 -55.32 62.81
N ASP G 15 42.06 -55.37 63.67
CA ASP G 15 43.31 -56.08 63.37
C ASP G 15 43.12 -57.58 63.56
N GLU G 16 44.25 -58.30 63.57
CA GLU G 16 44.29 -59.77 63.62
C GLU G 16 43.25 -60.41 62.69
N PRO G 17 43.53 -60.36 61.37
CA PRO G 17 42.63 -60.70 60.26
C PRO G 17 42.08 -62.13 60.28
N GLN G 18 42.66 -63.02 61.09
CA GLN G 18 42.19 -64.39 61.15
C GLN G 18 40.71 -64.49 61.55
N LEU G 19 40.25 -63.52 62.36
CA LEU G 19 38.83 -63.44 62.69
C LEU G 19 38.07 -62.61 61.66
N LYS G 20 38.80 -61.90 60.83
CA LYS G 20 38.19 -61.08 59.77
C LYS G 20 37.84 -61.96 58.57
N GLU G 21 38.53 -63.08 58.44
CA GLU G 21 38.36 -63.97 57.30
C GLU G 21 36.93 -64.53 57.16
N PHE G 22 36.46 -65.19 58.20
CA PHE G 22 35.12 -65.79 58.15
C PHE G 22 34.05 -64.70 58.21
N ALA G 23 34.41 -63.55 58.75
CA ALA G 23 33.50 -62.41 58.79
C ALA G 23 33.27 -61.90 57.38
N LEU G 24 34.33 -61.88 56.58
CA LEU G 24 34.23 -61.47 55.18
C LEU G 24 33.54 -62.57 54.37
N HIS G 25 33.76 -63.82 54.77
CA HIS G 25 33.12 -64.96 54.13
C HIS G 25 31.61 -64.90 54.31
N LYS G 26 31.17 -64.48 55.50
CA LYS G 26 29.75 -64.31 55.78
C LYS G 26 29.25 -63.01 55.18
N LEU G 27 30.17 -62.07 54.96
CA LEU G 27 29.84 -60.80 54.32
C LEU G 27 29.50 -61.03 52.85
N ASN G 28 30.16 -62.02 52.25
CA ASN G 28 29.92 -62.36 50.85
C ASN G 28 28.53 -62.95 50.63
N ALA G 29 27.90 -63.39 51.72
CA ALA G 29 26.55 -63.92 51.66
C ALA G 29 25.51 -62.80 51.61
N VAL G 30 25.72 -61.75 52.40
CA VAL G 30 24.78 -60.66 52.51
C VAL G 30 25.11 -59.47 51.60
N VAL G 31 26.23 -59.57 50.88
CA VAL G 31 26.68 -58.48 50.03
C VAL G 31 25.70 -58.28 48.86
N ASN G 32 25.05 -59.36 48.44
CA ASN G 32 24.05 -59.28 47.38
C ASN G 32 22.75 -58.66 47.90
N ASP G 33 22.46 -58.92 49.17
CA ASP G 33 21.29 -58.36 49.82
C ASP G 33 21.43 -56.85 49.99
N PHE G 34 22.52 -56.43 50.62
CA PHE G 34 22.79 -55.00 50.80
C PHE G 34 24.22 -54.65 50.43
N TRP G 35 24.37 -53.85 49.37
CA TRP G 35 25.69 -53.38 48.95
C TRP G 35 26.00 -52.01 49.55
N ALA G 36 25.02 -51.40 50.20
CA ALA G 36 25.16 -50.07 50.75
C ALA G 36 25.89 -50.09 52.09
N GLU G 37 25.91 -51.25 52.73
CA GLU G 37 26.51 -51.39 54.06
C GLU G 37 28.03 -51.47 53.96
N ILE G 38 28.53 -51.86 52.80
CA ILE G 38 29.97 -52.02 52.59
C ILE G 38 30.61 -50.71 52.13
N SER G 39 29.75 -49.74 51.78
CA SER G 39 30.19 -48.47 51.22
C SER G 39 31.16 -47.71 52.14
N GLU G 40 30.93 -47.81 53.44
CA GLU G 40 31.77 -47.14 54.41
C GLU G 40 33.06 -47.94 54.67
N SER G 41 33.03 -49.23 54.34
CA SER G 41 34.19 -50.08 54.54
C SER G 41 35.03 -50.19 53.28
N VAL G 42 34.57 -49.56 52.20
CA VAL G 42 35.26 -49.60 50.91
C VAL G 42 36.70 -49.09 51.02
N ASP G 43 36.86 -47.94 51.65
CA ASP G 43 38.18 -47.32 51.79
C ASP G 43 39.16 -48.21 52.55
N LYS G 44 38.68 -48.82 53.63
CA LYS G 44 39.51 -49.71 54.44
C LYS G 44 39.86 -50.98 53.67
N ILE G 45 38.90 -51.47 52.87
CA ILE G 45 39.14 -52.60 52.00
C ILE G 45 40.26 -52.28 51.02
N GLU G 46 40.21 -51.08 50.46
CA GLU G 46 41.27 -50.61 49.56
C GLU G 46 42.61 -50.55 50.28
N VAL G 47 42.59 -50.05 51.51
CA VAL G 47 43.80 -49.94 52.32
C VAL G 47 44.45 -51.30 52.55
N LEU G 48 43.65 -52.27 52.99
CA LEU G 48 44.17 -53.61 53.25
C LEU G 48 44.49 -54.34 51.93
N TYR G 49 43.96 -53.84 50.83
CA TYR G 49 44.25 -54.39 49.52
C TYR G 49 45.60 -53.93 49.00
N GLU G 50 45.94 -52.67 49.28
CA GLU G 50 47.19 -52.08 48.80
C GLU G 50 48.41 -52.80 49.36
N ASP G 51 48.51 -52.88 50.68
CA ASP G 51 49.66 -53.51 51.33
C ASP G 51 49.65 -55.01 51.15
N GLU G 52 50.83 -55.63 51.30
CA GLU G 52 50.98 -57.07 51.13
C GLU G 52 50.78 -57.81 52.44
N GLY G 53 50.41 -57.07 53.49
CA GLY G 53 50.21 -57.65 54.80
C GLY G 53 49.22 -58.80 54.84
N PHE G 54 48.13 -58.67 54.11
CA PHE G 54 47.12 -59.72 54.05
C PHE G 54 47.52 -60.77 53.02
N ARG G 55 47.26 -62.03 53.33
CA ARG G 55 47.73 -63.14 52.49
C ARG G 55 46.91 -63.35 51.22
N SER G 56 45.62 -63.04 51.27
CA SER G 56 44.75 -63.27 50.13
C SER G 56 44.24 -61.98 49.51
N ARG G 57 44.74 -61.66 48.31
CA ARG G 57 44.35 -60.44 47.63
C ARG G 57 43.00 -60.59 46.93
N GLN G 58 42.68 -61.81 46.51
CA GLN G 58 41.45 -62.07 45.75
C GLN G 58 40.20 -61.91 46.61
N PHE G 59 40.33 -62.18 47.91
CA PHE G 59 39.19 -62.05 48.82
C PHE G 59 38.72 -60.60 48.92
N ALA G 60 39.69 -59.69 48.98
CA ALA G 60 39.38 -58.26 49.04
C ALA G 60 39.02 -57.72 47.66
N ALA G 61 39.71 -58.24 46.64
CA ALA G 61 39.50 -57.79 45.26
C ALA G 61 38.10 -58.12 44.77
N LEU G 62 37.57 -59.27 45.20
CA LEU G 62 36.23 -59.69 44.81
C LEU G 62 35.17 -58.78 45.41
N VAL G 63 35.29 -58.52 46.72
CA VAL G 63 34.36 -57.64 47.42
C VAL G 63 34.42 -56.23 46.85
N ALA G 64 35.63 -55.73 46.61
CA ALA G 64 35.82 -54.40 46.04
C ALA G 64 35.18 -54.31 44.65
N SER G 65 35.47 -55.30 43.81
CA SER G 65 34.96 -55.31 42.44
C SER G 65 33.45 -55.42 42.40
N LYS G 66 32.87 -56.18 43.31
CA LYS G 66 31.42 -56.38 43.31
C LYS G 66 30.70 -55.19 43.92
N VAL G 67 31.35 -54.47 44.83
CA VAL G 67 30.73 -53.30 45.43
C VAL G 67 30.96 -52.05 44.58
N PHE G 68 31.92 -52.10 43.67
CA PHE G 68 32.25 -50.95 42.84
C PHE G 68 31.27 -50.75 41.69
N TYR G 69 30.89 -51.84 41.03
CA TYR G 69 29.94 -51.74 39.94
C TYR G 69 28.53 -51.60 40.51
N HIS G 70 28.39 -51.88 41.79
CA HIS G 70 27.17 -51.59 42.52
C HIS G 70 27.11 -50.12 42.90
N LEU G 71 28.27 -49.54 43.17
CA LEU G 71 28.35 -48.14 43.56
C LEU G 71 28.75 -47.24 42.39
N GLY G 72 30.00 -47.35 41.96
CA GLY G 72 30.51 -46.49 40.91
C GLY G 72 30.57 -47.14 39.53
N ALA G 73 31.52 -46.67 38.72
CA ALA G 73 31.67 -47.16 37.35
C ALA G 73 32.24 -48.57 37.30
N PHE G 74 32.04 -49.24 36.17
CA PHE G 74 32.53 -50.61 35.98
C PHE G 74 34.05 -50.66 35.82
N GLU G 75 34.65 -49.51 35.52
CA GLU G 75 36.09 -49.42 35.31
C GLU G 75 36.88 -49.75 36.57
N GLU G 76 36.55 -49.05 37.66
CA GLU G 76 37.22 -49.23 38.93
C GLU G 76 37.05 -50.66 39.45
N SER G 77 35.90 -51.26 39.14
CA SER G 77 35.64 -52.65 39.51
C SER G 77 36.52 -53.59 38.69
N LEU G 78 36.62 -53.30 37.40
CA LEU G 78 37.40 -54.13 36.48
C LEU G 78 38.89 -54.07 36.80
N ASN G 79 39.33 -52.94 37.36
CA ASN G 79 40.72 -52.77 37.75
C ASN G 79 41.15 -53.81 38.79
N TYR G 80 40.37 -53.92 39.86
CA TYR G 80 40.67 -54.89 40.91
C TYR G 80 40.25 -56.30 40.50
N ALA G 81 39.29 -56.39 39.60
CA ALA G 81 38.85 -57.69 39.08
C ALA G 81 39.95 -58.36 38.29
N LEU G 82 40.59 -57.59 37.42
CA LEU G 82 41.72 -58.09 36.64
C LEU G 82 43.00 -58.05 37.46
N GLY G 83 42.97 -57.29 38.55
CA GLY G 83 44.11 -57.20 39.44
C GLY G 83 43.92 -58.08 40.67
N ALA G 84 43.03 -59.07 40.55
CA ALA G 84 42.74 -59.97 41.65
C ALA G 84 43.78 -61.09 41.74
N GLY G 85 44.68 -61.14 40.75
CA GLY G 85 45.69 -62.16 40.71
C GLY G 85 45.13 -63.52 40.34
N ASP G 86 45.58 -64.56 41.04
CA ASP G 86 45.09 -65.91 40.78
C ASP G 86 43.70 -66.11 41.36
N LEU G 87 42.76 -66.50 40.52
CA LEU G 87 41.37 -66.68 40.94
C LEU G 87 40.76 -67.92 40.30
N PHE G 88 40.10 -68.74 41.12
CA PHE G 88 39.43 -69.94 40.63
C PHE G 88 37.91 -69.79 40.75
N ASN G 89 37.24 -69.69 39.60
CA ASN G 89 35.79 -69.53 39.59
C ASN G 89 35.13 -70.41 38.53
N VAL G 90 34.20 -71.26 38.97
CA VAL G 90 33.47 -72.13 38.06
C VAL G 90 32.41 -71.34 37.29
N ASN G 91 31.99 -71.88 36.16
CA ASN G 91 30.96 -71.24 35.34
C ASN G 91 29.61 -71.22 36.06
N ASP G 92 29.00 -70.04 36.15
CA ASP G 92 27.73 -69.88 36.85
C ASP G 92 26.77 -69.03 36.03
N ASN G 93 25.47 -69.18 36.32
CA ASN G 93 24.44 -68.42 35.62
C ASN G 93 24.14 -67.10 36.31
N SER G 94 24.89 -66.81 37.37
CA SER G 94 24.70 -65.58 38.13
C SER G 94 25.01 -64.34 37.30
N GLU G 95 24.38 -63.23 37.66
CA GLU G 95 24.54 -61.97 36.93
C GLU G 95 25.95 -61.40 37.08
N TYR G 96 26.50 -61.50 38.29
CA TYR G 96 27.81 -60.91 38.60
C TYR G 96 28.91 -61.39 37.67
N VAL G 97 29.09 -62.70 37.60
CA VAL G 97 30.16 -63.28 36.79
C VAL G 97 30.01 -62.95 35.31
N GLU G 98 28.81 -63.15 34.76
CA GLU G 98 28.58 -62.93 33.34
C GLU G 98 28.75 -61.45 32.97
N THR G 99 28.40 -60.56 33.90
CA THR G 99 28.53 -59.13 33.66
C THR G 99 29.99 -58.68 33.74
N ILE G 100 30.72 -59.17 34.74
CA ILE G 100 32.12 -58.75 34.89
C ILE G 100 32.98 -59.34 33.78
N ILE G 101 32.64 -60.52 33.28
CA ILE G 101 33.36 -61.08 32.14
C ILE G 101 32.88 -60.42 30.85
N ALA G 102 31.66 -59.87 30.86
CA ALA G 102 31.17 -59.11 29.72
C ALA G 102 31.98 -57.84 29.57
N LYS G 103 32.11 -57.09 30.66
CA LYS G 103 32.91 -55.87 30.67
C LYS G 103 34.39 -56.20 30.43
N CYS G 104 34.83 -57.36 30.92
CA CYS G 104 36.20 -57.81 30.71
C CYS G 104 36.48 -58.02 29.24
N ILE G 105 35.60 -58.73 28.56
CA ILE G 105 35.75 -58.99 27.13
C ILE G 105 35.64 -57.70 26.31
N ASP G 106 34.64 -56.88 26.64
CA ASP G 106 34.43 -55.62 25.94
C ASP G 106 35.64 -54.70 26.04
N HIS G 107 36.17 -54.54 27.24
CA HIS G 107 37.34 -53.70 27.44
C HIS G 107 38.59 -54.34 26.83
N TYR G 108 38.62 -55.66 26.81
CA TYR G 108 39.74 -56.38 26.21
C TYR G 108 39.82 -56.10 24.71
N THR G 109 38.72 -56.33 24.00
CA THR G 109 38.69 -56.08 22.57
C THR G 109 38.76 -54.58 22.29
N LYS G 110 38.38 -53.77 23.26
CA LYS G 110 38.52 -52.32 23.15
C LYS G 110 40.01 -51.96 23.10
N GLN G 111 40.78 -52.52 24.03
CA GLN G 111 42.22 -52.31 24.06
C GLN G 111 42.87 -52.92 22.82
N CYS G 112 42.28 -53.99 22.30
CA CYS G 112 42.76 -54.63 21.08
C CYS G 112 42.60 -53.70 19.89
N VAL G 113 41.45 -53.02 19.82
CA VAL G 113 41.19 -52.05 18.77
C VAL G 113 42.12 -50.85 18.91
N GLU G 114 42.30 -50.40 20.14
CA GLU G 114 43.19 -49.27 20.42
C GLU G 114 44.64 -49.58 20.07
N ASN G 115 45.01 -50.86 20.20
CA ASN G 115 46.37 -51.29 19.86
C ASN G 115 46.47 -51.85 18.44
N ALA G 116 45.36 -51.84 17.71
CA ALA G 116 45.32 -52.39 16.36
C ALA G 116 46.02 -51.49 15.36
N ASP G 117 45.85 -50.17 15.52
CA ASP G 117 46.43 -49.21 14.60
C ASP G 117 47.86 -48.85 15.00
N LEU G 118 48.34 -49.45 16.08
CA LEU G 118 49.71 -49.24 16.54
C LEU G 118 50.47 -50.55 16.60
N PRO G 119 50.98 -51.01 15.44
CA PRO G 119 51.69 -52.30 15.35
C PRO G 119 53.00 -52.31 16.13
N GLU G 120 53.72 -51.19 16.14
CA GLU G 120 54.99 -51.12 16.86
C GLU G 120 55.11 -49.83 17.67
N GLY G 121 55.86 -49.89 18.76
CA GLY G 121 56.12 -48.74 19.60
C GLY G 121 55.04 -48.50 20.64
N GLU G 122 55.44 -47.93 21.77
CA GLU G 122 54.56 -47.54 22.88
C GLU G 122 53.51 -48.62 23.21
N LYS G 123 53.93 -49.88 23.19
CA LYS G 123 53.02 -50.99 23.44
C LYS G 123 52.60 -51.03 24.91
N LYS G 124 51.28 -51.09 25.12
CA LYS G 124 50.73 -51.16 26.47
C LYS G 124 50.94 -52.55 27.07
N PRO G 125 51.29 -52.61 28.36
CA PRO G 125 51.53 -53.88 29.05
C PRO G 125 50.26 -54.71 29.18
N ILE G 126 50.37 -56.00 28.87
CA ILE G 126 49.23 -56.91 28.96
C ILE G 126 49.54 -58.09 29.88
N ASP G 127 48.74 -58.24 30.93
CA ASP G 127 48.94 -59.31 31.90
C ASP G 127 48.57 -60.66 31.29
N GLN G 128 49.19 -61.73 31.80
CA GLN G 128 48.97 -63.07 31.29
C GLN G 128 47.67 -63.68 31.79
N ARG G 129 47.29 -63.33 33.02
CA ARG G 129 46.08 -63.88 33.62
C ARG G 129 44.83 -63.40 32.89
N LEU G 130 44.91 -62.21 32.30
CA LEU G 130 43.82 -61.69 31.49
C LEU G 130 43.62 -62.56 30.25
N GLU G 131 44.71 -62.82 29.55
CA GLU G 131 44.69 -63.71 28.38
C GLU G 131 44.20 -65.09 28.77
N GLY G 132 44.55 -65.53 29.97
CA GLY G 132 44.13 -66.82 30.47
C GLY G 132 42.64 -66.91 30.70
N ILE G 133 42.09 -65.98 31.46
CA ILE G 133 40.67 -66.00 31.79
C ILE G 133 39.81 -65.68 30.57
N VAL G 134 40.38 -64.96 29.60
CA VAL G 134 39.67 -64.71 28.35
C VAL G 134 39.65 -65.96 27.47
N ASN G 135 40.81 -66.57 27.29
CA ASN G 135 40.93 -67.74 26.44
C ASN G 135 40.29 -69.00 27.04
N LYS G 136 40.02 -68.97 28.35
CA LYS G 136 39.35 -70.08 29.00
C LYS G 136 37.90 -70.16 28.54
N MET G 137 37.17 -69.05 28.68
CA MET G 137 35.79 -68.98 28.22
C MET G 137 35.74 -69.00 26.69
N PHE G 138 36.77 -68.45 26.06
CA PHE G 138 36.86 -68.44 24.60
C PHE G 138 36.94 -69.86 24.06
N GLN G 139 37.79 -70.68 24.67
CA GLN G 139 37.92 -72.08 24.28
C GLN G 139 36.67 -72.86 24.68
N ARG G 140 36.09 -72.51 25.83
CA ARG G 140 34.87 -73.13 26.30
C ARG G 140 33.74 -72.94 25.29
N CYS G 141 33.73 -71.80 24.63
CA CYS G 141 32.78 -71.53 23.57
C CYS G 141 33.29 -72.07 22.23
N LEU G 142 34.58 -72.39 22.20
CA LEU G 142 35.21 -72.91 20.99
C LEU G 142 35.22 -74.43 20.94
N ASP G 143 34.59 -75.07 21.91
CA ASP G 143 34.50 -76.53 21.94
C ASP G 143 33.91 -77.07 20.64
N ASP G 144 32.61 -76.87 20.45
CA ASP G 144 31.98 -77.19 19.17
C ASP G 144 31.84 -75.94 18.30
N HIS G 145 32.22 -74.80 18.87
CA HIS G 145 32.18 -73.48 18.23
C HIS G 145 30.76 -72.99 17.94
N LYS G 146 29.79 -73.91 17.99
CA LYS G 146 28.39 -73.64 17.70
C LYS G 146 28.20 -73.05 16.30
N TYR G 147 29.22 -73.22 15.45
CA TYR G 147 29.24 -72.77 14.06
C TYR G 147 28.72 -71.34 13.83
N LYS G 148 28.90 -70.45 14.81
CA LYS G 148 28.47 -69.06 14.63
C LYS G 148 29.51 -68.03 15.06
N GLN G 149 29.78 -67.95 16.36
CA GLN G 149 30.52 -66.83 16.92
C GLN G 149 32.03 -67.04 17.01
N ALA G 150 32.48 -68.22 16.59
CA ALA G 150 33.90 -68.56 16.70
C ALA G 150 34.77 -67.60 15.90
N ILE G 151 34.51 -67.51 14.60
CA ILE G 151 35.27 -66.63 13.72
C ILE G 151 34.98 -65.17 14.02
N GLY G 152 33.80 -64.92 14.59
CA GLY G 152 33.41 -63.57 14.96
C GLY G 152 34.28 -63.02 16.06
N ILE G 153 34.37 -63.75 17.17
CA ILE G 153 35.22 -63.35 18.28
C ILE G 153 36.69 -63.45 17.88
N ALA G 154 37.00 -64.39 17.01
CA ALA G 154 38.36 -64.54 16.49
C ALA G 154 38.80 -63.28 15.74
N LEU G 155 37.86 -62.68 15.02
CA LEU G 155 38.13 -61.44 14.28
C LEU G 155 38.10 -60.21 15.18
N GLU G 156 37.18 -60.20 16.14
CA GLU G 156 36.99 -59.02 16.99
C GLU G 156 38.14 -58.83 17.98
N THR G 157 38.86 -59.90 18.29
CA THR G 157 39.97 -59.82 19.24
C THR G 157 41.23 -59.27 18.58
N ARG G 158 41.22 -59.21 17.25
CA ARG G 158 42.33 -58.67 16.47
C ARG G 158 43.66 -59.36 16.79
N ARG G 159 43.63 -60.67 16.91
CA ARG G 159 44.84 -61.44 17.21
C ARG G 159 45.23 -62.28 16.00
N LEU G 160 46.53 -62.48 15.80
CA LEU G 160 47.03 -63.12 14.58
C LEU G 160 46.87 -64.65 14.56
N ASP G 161 47.22 -65.31 15.66
CA ASP G 161 47.20 -66.77 15.71
C ASP G 161 45.93 -67.34 16.31
N VAL G 162 44.98 -66.47 16.66
CA VAL G 162 43.78 -66.89 17.37
C VAL G 162 42.84 -67.73 16.49
N PHE G 163 42.78 -67.42 15.20
CA PHE G 163 41.85 -68.08 14.30
C PHE G 163 42.46 -69.29 13.58
N GLU G 164 43.72 -69.58 13.89
CA GLU G 164 44.39 -70.73 13.29
C GLU G 164 43.97 -72.03 13.97
N LYS G 165 43.66 -71.95 15.25
CA LYS G 165 43.23 -73.12 16.01
C LYS G 165 41.73 -73.32 15.91
N THR G 166 41.04 -72.32 15.37
CA THR G 166 39.59 -72.39 15.19
C THR G 166 39.22 -73.23 13.97
N ILE G 167 40.06 -73.18 12.95
CA ILE G 167 39.81 -73.89 11.70
C ILE G 167 40.38 -75.30 11.72
N LEU G 168 40.95 -75.70 12.86
CA LEU G 168 41.51 -77.03 13.01
C LEU G 168 40.41 -78.09 12.92
N GLU G 169 39.40 -77.96 13.77
CA GLU G 169 38.24 -78.84 13.72
C GLU G 169 36.97 -78.07 13.36
N SER G 170 36.46 -78.32 12.17
CA SER G 170 35.26 -77.64 11.69
C SER G 170 34.56 -78.42 10.59
N ASN G 171 33.29 -78.09 10.36
CA ASN G 171 32.51 -78.72 9.29
C ASN G 171 32.30 -77.75 8.13
N ASP G 172 32.40 -78.28 6.91
CA ASP G 172 32.26 -77.47 5.70
C ASP G 172 33.23 -76.30 5.68
N VAL G 173 34.52 -76.61 5.55
CA VAL G 173 35.58 -75.61 5.56
C VAL G 173 35.40 -74.49 4.52
N PRO G 174 35.06 -74.83 3.25
CA PRO G 174 34.86 -73.73 2.30
C PRO G 174 33.71 -72.80 2.71
N GLY G 175 32.67 -73.37 3.31
CA GLY G 175 31.54 -72.60 3.79
C GLY G 175 31.93 -71.73 4.97
N MET G 176 32.83 -72.25 5.81
CA MET G 176 33.31 -71.50 6.97
C MET G 176 34.18 -70.32 6.54
N LEU G 177 35.00 -70.54 5.52
CA LEU G 177 35.86 -69.48 5.00
C LEU G 177 35.04 -68.43 4.23
N ALA G 178 34.02 -68.90 3.52
CA ALA G 178 33.13 -68.00 2.80
C ALA G 178 32.34 -67.13 3.76
N TYR G 179 31.84 -67.74 4.83
CA TYR G 179 31.13 -67.02 5.88
C TYR G 179 32.06 -66.05 6.60
N SER G 180 33.31 -66.48 6.77
CA SER G 180 34.33 -65.65 7.41
C SER G 180 34.60 -64.39 6.59
N LEU G 181 34.81 -64.56 5.30
CA LEU G 181 35.07 -63.43 4.41
C LEU G 181 33.85 -62.54 4.30
N LYS G 182 32.67 -63.16 4.30
CA LYS G 182 31.41 -62.41 4.26
C LYS G 182 31.24 -61.56 5.51
N LEU G 183 31.73 -62.07 6.63
CA LEU G 183 31.68 -61.34 7.90
C LEU G 183 32.73 -60.24 7.93
N CYS G 184 33.87 -60.50 7.28
CA CYS G 184 34.99 -59.57 7.30
C CYS G 184 34.80 -58.39 6.33
N MET G 185 34.02 -58.60 5.29
CA MET G 185 33.80 -57.56 4.28
C MET G 185 32.73 -56.56 4.72
N SER G 186 31.95 -56.93 5.73
CA SER G 186 30.84 -56.10 6.17
C SER G 186 31.18 -55.20 7.36
N LEU G 187 32.41 -55.30 7.85
CA LEU G 187 32.80 -54.55 9.05
C LEU G 187 33.47 -53.22 8.72
N MET G 188 33.58 -52.91 7.44
CA MET G 188 34.22 -51.67 6.98
C MET G 188 35.66 -51.59 7.49
N GLN G 189 36.50 -52.47 6.94
CA GLN G 189 37.89 -52.58 7.39
C GLN G 189 38.77 -51.44 6.89
N ASN G 190 39.85 -51.19 7.62
CA ASN G 190 40.83 -50.17 7.22
C ASN G 190 41.99 -50.78 6.43
N LYS G 191 41.88 -52.08 6.17
CA LYS G 191 42.83 -52.83 5.33
C LYS G 191 44.19 -53.04 6.02
N GLN G 192 44.35 -52.47 7.21
CA GLN G 192 45.61 -52.62 7.96
C GLN G 192 45.77 -54.04 8.49
N PHE G 193 44.66 -54.72 8.71
CA PHE G 193 44.66 -56.09 9.25
C PHE G 193 44.21 -57.09 8.19
N ARG G 194 43.01 -56.88 7.65
CA ARG G 194 42.32 -57.81 6.75
C ARG G 194 43.21 -58.43 5.67
N ASN G 195 44.10 -57.62 5.09
CA ASN G 195 45.03 -58.13 4.07
C ASN G 195 45.96 -59.20 4.65
N LYS G 196 46.52 -58.93 5.83
CA LYS G 196 47.40 -59.87 6.50
C LYS G 196 46.62 -61.10 6.95
N VAL G 197 45.38 -60.87 7.40
CA VAL G 197 44.50 -61.96 7.82
C VAL G 197 44.25 -62.93 6.66
N LEU G 198 43.91 -62.38 5.50
CA LEU G 198 43.65 -63.20 4.32
C LEU G 198 44.91 -63.90 3.83
N ARG G 199 46.01 -63.16 3.77
CA ARG G 199 47.27 -63.71 3.26
C ARG G 199 47.82 -64.80 4.18
N VAL G 200 47.42 -64.77 5.45
CA VAL G 200 47.78 -65.84 6.36
C VAL G 200 46.69 -66.90 6.39
N LEU G 201 45.53 -66.59 5.79
CA LEU G 201 44.43 -67.56 5.70
C LEU G 201 44.39 -68.29 4.37
N VAL G 202 45.30 -67.98 3.46
CA VAL G 202 45.35 -68.68 2.18
C VAL G 202 46.26 -69.91 2.24
N LYS G 203 46.80 -70.19 3.42
CA LYS G 203 47.70 -71.31 3.60
C LYS G 203 46.97 -72.59 4.01
N ILE G 204 45.67 -72.47 4.28
CA ILE G 204 44.91 -73.61 4.77
C ILE G 204 44.46 -74.56 3.66
N TYR G 205 44.02 -74.02 2.53
CA TYR G 205 43.46 -74.85 1.46
C TYR G 205 44.52 -75.52 0.60
N MET G 206 45.74 -75.00 0.63
CA MET G 206 46.83 -75.58 -0.13
C MET G 206 47.31 -76.87 0.52
N ASN G 207 47.02 -77.01 1.81
CA ASN G 207 47.39 -78.22 2.55
C ASN G 207 46.29 -79.27 2.50
N LEU G 208 45.13 -78.89 1.97
CA LEU G 208 43.99 -79.79 1.85
C LEU G 208 44.12 -80.69 0.63
N GLU G 209 43.06 -81.44 0.34
CA GLU G 209 43.07 -82.36 -0.79
C GLU G 209 42.84 -81.62 -2.11
N LYS G 210 42.05 -80.56 -2.07
CA LYS G 210 41.78 -79.76 -3.26
C LYS G 210 41.71 -78.26 -2.95
N PRO G 211 42.19 -77.43 -3.87
CA PRO G 211 42.14 -75.97 -3.73
C PRO G 211 40.75 -75.41 -4.06
N ASP G 212 40.46 -74.22 -3.54
CA ASP G 212 39.20 -73.55 -3.84
C ASP G 212 39.44 -72.24 -4.58
N PHE G 213 38.69 -72.03 -5.66
CA PHE G 213 38.88 -70.86 -6.51
C PHE G 213 38.25 -69.59 -5.93
N ILE G 214 37.14 -69.75 -5.24
CA ILE G 214 36.39 -68.61 -4.72
C ILE G 214 37.20 -67.77 -3.73
N ASN G 215 37.83 -68.43 -2.77
CA ASN G 215 38.58 -67.73 -1.73
C ASN G 215 39.85 -67.07 -2.27
N VAL G 216 40.55 -67.76 -3.15
CA VAL G 216 41.79 -67.22 -3.71
C VAL G 216 41.47 -66.06 -4.67
N CYS G 217 40.33 -66.14 -5.36
CA CYS G 217 39.90 -65.04 -6.22
C CYS G 217 39.54 -63.83 -5.36
N GLN G 218 38.68 -64.05 -4.36
CA GLN G 218 38.23 -62.98 -3.48
C GLN G 218 39.37 -62.32 -2.72
N CYS G 219 40.41 -63.09 -2.43
CA CYS G 219 41.57 -62.51 -1.75
C CYS G 219 42.46 -61.76 -2.75
N LEU G 220 42.72 -62.37 -3.90
CA LEU G 220 43.60 -61.76 -4.90
C LEU G 220 43.03 -60.47 -5.47
N ILE G 221 41.70 -60.33 -5.48
CA ILE G 221 41.08 -59.09 -5.95
C ILE G 221 41.09 -58.04 -4.83
N PHE G 222 41.51 -58.45 -3.64
CA PHE G 222 41.53 -57.56 -2.49
C PHE G 222 42.94 -57.06 -2.19
N LEU G 223 43.80 -57.96 -1.73
CA LEU G 223 45.15 -57.58 -1.32
C LEU G 223 46.04 -57.21 -2.51
N ASP G 224 45.73 -57.78 -3.67
CA ASP G 224 46.45 -57.50 -4.91
C ASP G 224 47.96 -57.70 -4.78
N ASP G 225 48.35 -58.74 -4.04
CA ASP G 225 49.76 -59.03 -3.81
C ASP G 225 50.34 -59.94 -4.89
N PRO G 226 51.43 -59.50 -5.54
CA PRO G 226 52.11 -60.28 -6.57
C PRO G 226 52.70 -61.58 -6.04
N GLN G 227 53.07 -61.59 -4.76
CA GLN G 227 53.65 -62.79 -4.15
C GLN G 227 52.58 -63.79 -3.76
N ALA G 228 51.32 -63.32 -3.70
CA ALA G 228 50.21 -64.19 -3.35
C ALA G 228 49.84 -65.12 -4.50
N VAL G 229 49.99 -64.61 -5.73
CA VAL G 229 49.70 -65.40 -6.92
C VAL G 229 50.94 -66.16 -7.37
N SER G 230 52.08 -65.81 -6.76
CA SER G 230 53.38 -66.35 -7.16
C SER G 230 53.46 -67.87 -7.06
N ASP G 231 52.88 -68.42 -6.01
CA ASP G 231 52.90 -69.87 -5.81
C ASP G 231 51.86 -70.57 -6.68
N ILE G 232 50.66 -70.00 -6.76
CA ILE G 232 49.56 -70.65 -7.47
C ILE G 232 49.74 -70.57 -8.99
N LEU G 233 50.59 -69.67 -9.46
CA LEU G 233 50.86 -69.61 -10.89
C LEU G 233 51.84 -70.69 -11.31
N GLU G 234 52.77 -71.03 -10.41
CA GLU G 234 53.76 -72.06 -10.69
C GLU G 234 53.30 -73.44 -10.23
N LYS G 235 52.18 -73.49 -9.52
CA LYS G 235 51.60 -74.76 -9.11
C LYS G 235 50.74 -75.36 -10.22
N LEU G 236 50.44 -74.56 -11.24
CA LEU G 236 49.65 -75.01 -12.37
C LEU G 236 50.37 -76.09 -13.16
N VAL G 237 51.70 -76.00 -13.20
CA VAL G 237 52.52 -76.99 -13.88
C VAL G 237 52.67 -78.24 -13.03
N LYS G 238 52.81 -78.03 -11.72
CA LYS G 238 52.99 -79.12 -10.78
C LYS G 238 51.74 -80.01 -10.68
N GLU G 239 50.56 -79.37 -10.69
CA GLU G 239 49.31 -80.10 -10.59
C GLU G 239 49.00 -80.86 -11.87
N ASP G 240 49.56 -80.37 -12.98
CA ASP G 240 49.40 -80.99 -14.30
C ASP G 240 47.92 -81.16 -14.67
N ASN G 241 47.15 -80.09 -14.48
CA ASN G 241 45.73 -80.11 -14.83
C ASN G 241 45.35 -78.86 -15.62
N LEU G 242 44.91 -79.08 -16.86
CA LEU G 242 44.61 -77.97 -17.77
C LEU G 242 43.24 -77.35 -17.51
N LEU G 243 42.24 -78.17 -17.22
CA LEU G 243 40.86 -77.71 -17.13
C LEU G 243 40.62 -76.78 -15.94
N MET G 244 41.31 -77.02 -14.83
CA MET G 244 41.12 -76.21 -13.63
C MET G 244 41.85 -74.88 -13.72
N ALA G 245 42.88 -74.83 -14.57
CA ALA G 245 43.67 -73.62 -14.74
C ALA G 245 42.95 -72.60 -15.62
N TYR G 246 42.13 -73.10 -16.54
CA TYR G 246 41.41 -72.25 -17.47
C TYR G 246 40.49 -71.27 -16.75
N GLN G 247 39.76 -71.77 -15.75
CA GLN G 247 38.82 -70.94 -14.99
C GLN G 247 39.53 -69.80 -14.28
N ILE G 248 40.52 -70.13 -13.45
CA ILE G 248 41.24 -69.13 -12.67
C ILE G 248 41.99 -68.15 -13.56
N CYS G 249 42.61 -68.64 -14.63
CA CYS G 249 43.30 -67.76 -15.57
C CYS G 249 42.31 -66.78 -16.21
N PHE G 250 41.20 -67.31 -16.68
CA PHE G 250 40.18 -66.48 -17.34
C PHE G 250 39.63 -65.41 -16.41
N ASP G 251 39.21 -65.80 -15.21
CA ASP G 251 38.55 -64.86 -14.32
C ASP G 251 39.54 -63.90 -13.64
N LEU G 252 40.81 -64.28 -13.57
CA LEU G 252 41.82 -63.37 -13.03
C LEU G 252 42.22 -62.35 -14.11
N TYR G 253 42.30 -62.79 -15.35
CA TYR G 253 42.69 -61.91 -16.45
C TYR G 253 41.50 -61.12 -17.02
N GLU G 254 40.30 -61.44 -16.55
CA GLU G 254 39.10 -60.78 -17.06
C GLU G 254 38.96 -59.35 -16.52
N SER G 255 39.09 -59.20 -15.21
CA SER G 255 38.91 -57.89 -14.57
C SER G 255 39.61 -57.79 -13.22
N ALA G 256 39.29 -56.73 -12.49
CA ALA G 256 39.74 -56.50 -11.13
C ALA G 256 41.25 -56.29 -11.00
N SER G 257 41.87 -55.79 -12.08
CA SER G 257 43.28 -55.41 -12.08
C SER G 257 43.70 -54.81 -13.43
N GLN G 258 44.79 -54.06 -13.41
CA GLN G 258 45.37 -53.53 -14.63
C GLN G 258 46.87 -53.76 -14.67
N GLN G 259 47.59 -53.07 -13.79
CA GLN G 259 49.04 -53.18 -13.71
C GLN G 259 49.45 -54.50 -13.07
N PHE G 260 48.53 -55.07 -12.29
CA PHE G 260 48.75 -56.39 -11.70
C PHE G 260 48.74 -57.44 -12.81
N LEU G 261 47.85 -57.24 -13.78
CA LEU G 261 47.79 -58.12 -14.94
C LEU G 261 48.99 -57.89 -15.85
N SER G 262 49.36 -56.62 -16.03
CA SER G 262 50.50 -56.27 -16.85
C SER G 262 51.80 -56.82 -16.25
N SER G 263 51.83 -56.98 -14.93
CA SER G 263 52.97 -57.57 -14.26
C SER G 263 52.93 -59.10 -14.33
N VAL G 264 51.75 -59.67 -14.14
CA VAL G 264 51.61 -61.12 -14.06
C VAL G 264 51.74 -61.76 -15.44
N ILE G 265 51.52 -60.99 -16.50
CA ILE G 265 51.64 -61.53 -17.84
C ILE G 265 53.10 -61.72 -18.23
N GLN G 266 53.96 -60.79 -17.82
CA GLN G 266 55.39 -60.90 -18.06
C GLN G 266 56.02 -61.85 -17.04
N ASN G 267 55.42 -61.92 -15.85
CA ASN G 267 55.85 -62.88 -14.84
C ASN G 267 55.58 -64.31 -15.30
N LEU G 268 54.45 -64.52 -15.96
CA LEU G 268 54.12 -65.82 -16.53
C LEU G 268 54.90 -66.05 -17.83
N ARG G 269 55.27 -64.96 -18.49
CA ARG G 269 56.07 -65.05 -19.71
C ARG G 269 57.48 -65.52 -19.37
N THR G 270 57.99 -65.10 -18.22
CA THR G 270 59.32 -65.48 -17.77
C THR G 270 59.36 -66.96 -17.40
N VAL G 271 58.31 -67.43 -16.73
CA VAL G 271 58.21 -68.83 -16.33
C VAL G 271 58.03 -69.73 -17.53
N GLY G 272 58.88 -70.76 -17.64
CA GLY G 272 58.80 -71.70 -18.75
C GLY G 272 59.88 -71.44 -19.78
N THR G 273 59.78 -72.12 -20.91
CA THR G 273 60.75 -71.98 -22.00
C THR G 273 60.68 -70.58 -22.63
N PRO G 274 61.84 -70.00 -22.94
CA PRO G 274 61.91 -68.68 -23.56
C PRO G 274 61.49 -68.71 -25.03
N GLU G 317 55.71 -81.44 -20.03
CA GLU G 317 54.98 -81.13 -21.24
C GLU G 317 55.38 -79.76 -21.81
N PRO G 318 56.52 -79.71 -22.51
CA PRO G 318 57.04 -78.47 -23.09
C PRO G 318 56.13 -77.88 -24.16
N LYS G 319 55.53 -78.75 -24.98
CA LYS G 319 54.67 -78.29 -26.07
C LYS G 319 53.29 -77.86 -25.57
N ASP G 320 52.84 -78.48 -24.49
CA ASP G 320 51.54 -78.16 -23.91
C ASP G 320 51.60 -76.86 -23.11
N GLN G 321 52.66 -76.70 -22.33
CA GLN G 321 52.84 -75.51 -21.51
C GLN G 321 52.91 -74.25 -22.37
N THR G 322 53.48 -74.38 -23.56
CA THR G 322 53.60 -73.26 -24.47
C THR G 322 52.23 -72.78 -24.96
N LEU G 323 51.44 -73.69 -25.51
CA LEU G 323 50.12 -73.34 -26.01
C LEU G 323 49.21 -72.88 -24.88
N LYS G 324 49.41 -73.46 -23.68
CA LYS G 324 48.68 -73.03 -22.51
C LYS G 324 48.97 -71.58 -22.16
N MET G 325 50.26 -71.28 -21.95
CA MET G 325 50.67 -69.94 -21.54
C MET G 325 50.37 -68.91 -22.62
N ILE G 326 50.28 -69.36 -23.87
CA ILE G 326 49.91 -68.47 -24.96
C ILE G 326 48.40 -68.18 -24.95
N LYS G 327 47.61 -69.22 -24.76
CA LYS G 327 46.15 -69.08 -24.84
C LYS G 327 45.53 -68.43 -23.60
N ILE G 328 46.17 -68.56 -22.45
CA ILE G 328 45.60 -68.00 -21.22
C ILE G 328 45.64 -66.48 -21.19
N LEU G 329 46.65 -65.89 -21.84
CA LEU G 329 46.77 -64.43 -21.86
C LEU G 329 46.17 -63.84 -23.13
N SER G 330 45.65 -64.71 -24.00
CA SER G 330 45.05 -64.28 -25.26
C SER G 330 43.90 -63.29 -25.03
N GLY G 331 42.79 -63.80 -24.50
CA GLY G 331 41.65 -62.96 -24.19
C GLY G 331 40.78 -62.61 -25.38
N GLU G 332 41.26 -62.91 -26.59
CA GLU G 332 40.51 -62.61 -27.80
C GLU G 332 39.35 -63.57 -28.01
N MET G 333 39.45 -64.76 -27.43
CA MET G 333 38.42 -65.78 -27.56
C MET G 333 37.09 -65.31 -26.99
N ALA G 334 37.15 -64.70 -25.80
CA ALA G 334 35.96 -64.17 -25.14
C ALA G 334 35.31 -63.10 -26.01
N ILE G 335 36.13 -62.22 -26.58
CA ILE G 335 35.64 -61.19 -27.48
C ILE G 335 34.97 -61.80 -28.71
N GLU G 336 35.54 -62.89 -29.19
CA GLU G 336 35.00 -63.59 -30.36
C GLU G 336 33.63 -64.20 -30.08
N LEU G 337 33.51 -64.95 -28.99
CA LEU G 337 32.26 -65.60 -28.65
C LEU G 337 31.19 -64.58 -28.28
N HIS G 338 31.60 -63.52 -27.59
CA HIS G 338 30.67 -62.45 -27.23
C HIS G 338 30.16 -61.73 -28.47
N LEU G 339 31.06 -61.37 -29.37
CA LEU G 339 30.69 -60.72 -30.62
C LEU G 339 29.78 -61.62 -31.44
N GLN G 340 30.03 -62.92 -31.39
CA GLN G 340 29.26 -63.89 -32.15
C GLN G 340 27.82 -64.04 -31.63
N PHE G 341 27.69 -64.29 -30.33
CA PHE G 341 26.36 -64.48 -29.75
C PHE G 341 25.59 -63.17 -29.81
N LEU G 342 26.29 -62.06 -29.67
CA LEU G 342 25.66 -60.74 -29.83
C LEU G 342 25.30 -60.48 -31.29
N ILE G 343 25.96 -61.19 -32.20
CA ILE G 343 25.64 -61.07 -33.61
C ILE G 343 24.38 -61.88 -33.93
N ARG G 344 24.19 -63.00 -33.25
CA ARG G 344 23.04 -63.86 -33.54
C ARG G 344 21.84 -63.65 -32.61
N ASN G 345 21.97 -62.81 -31.60
CA ASN G 345 20.84 -62.58 -30.69
C ASN G 345 20.01 -61.34 -31.01
N ASN G 346 20.40 -60.62 -32.05
CA ASN G 346 19.80 -59.33 -32.37
C ASN G 346 18.32 -59.38 -32.73
N ASN G 347 17.53 -58.58 -32.02
CA ASN G 347 16.11 -58.43 -32.32
C ASN G 347 15.73 -56.96 -32.33
N THR G 348 15.27 -56.47 -33.48
CA THR G 348 14.95 -55.05 -33.64
C THR G 348 13.48 -54.81 -33.99
N ASP G 349 13.01 -53.60 -33.70
CA ASP G 349 11.65 -53.22 -34.03
C ASP G 349 11.63 -51.92 -34.83
N LEU G 350 10.70 -51.81 -35.77
CA LEU G 350 10.63 -50.66 -36.66
C LEU G 350 10.01 -49.43 -35.99
N MET G 351 9.17 -49.67 -34.98
CA MET G 351 8.46 -48.59 -34.30
C MET G 351 9.41 -47.59 -33.64
N ILE G 352 10.44 -48.10 -33.00
CA ILE G 352 11.41 -47.26 -32.30
C ILE G 352 12.17 -46.35 -33.27
N LEU G 353 12.78 -46.96 -34.30
CA LEU G 353 13.55 -46.20 -35.26
C LEU G 353 12.68 -45.23 -36.05
N LYS G 354 11.45 -45.63 -36.33
CA LYS G 354 10.50 -44.75 -36.99
C LYS G 354 10.19 -43.54 -36.11
N ASN G 355 10.03 -43.80 -34.82
CA ASN G 355 9.78 -42.74 -33.85
C ASN G 355 10.96 -41.77 -33.77
N THR G 356 12.17 -42.33 -33.83
CA THR G 356 13.38 -41.50 -33.80
C THR G 356 13.48 -40.63 -35.06
N LYS G 357 13.12 -41.21 -36.20
CA LYS G 357 13.14 -40.46 -37.46
C LYS G 357 12.01 -39.43 -37.52
N ASP G 358 10.97 -39.64 -36.71
CA ASP G 358 9.88 -38.68 -36.62
C ASP G 358 10.22 -37.51 -35.70
N ALA G 359 10.91 -37.82 -34.60
CA ALA G 359 11.20 -36.81 -33.59
C ALA G 359 12.56 -36.15 -33.77
N VAL G 360 13.26 -36.51 -34.85
CA VAL G 360 14.60 -35.99 -35.09
C VAL G 360 14.61 -34.52 -35.51
N ARG G 361 15.61 -33.78 -35.01
CA ARG G 361 15.84 -32.41 -35.44
C ARG G 361 17.25 -32.27 -35.99
N ASN G 362 17.51 -31.19 -36.73
CA ASN G 362 18.79 -31.01 -37.40
C ASN G 362 19.82 -30.27 -36.55
N SER G 363 19.47 -29.97 -35.31
CA SER G 363 20.34 -29.17 -34.45
C SER G 363 20.71 -29.87 -33.14
N VAL G 364 19.71 -30.06 -32.28
CA VAL G 364 19.95 -30.55 -30.92
C VAL G 364 19.95 -32.07 -30.81
N CYS G 365 18.81 -32.69 -31.10
CA CYS G 365 18.63 -34.12 -30.86
C CYS G 365 19.23 -34.97 -31.99
N HIS G 366 19.84 -34.31 -32.97
CA HIS G 366 20.51 -35.00 -34.06
C HIS G 366 21.59 -35.93 -33.53
N THR G 367 22.26 -35.51 -32.47
CA THR G 367 23.28 -36.33 -31.82
C THR G 367 22.63 -37.41 -30.94
N ALA G 368 21.45 -37.09 -30.41
CA ALA G 368 20.72 -38.03 -29.57
C ALA G 368 20.25 -39.24 -30.36
N THR G 369 19.83 -38.98 -31.60
CA THR G 369 19.36 -40.05 -32.47
C THR G 369 20.49 -41.01 -32.84
N VAL G 370 21.65 -40.46 -33.17
CA VAL G 370 22.78 -41.29 -33.59
C VAL G 370 23.46 -41.96 -32.40
N ILE G 371 23.36 -41.36 -31.22
CA ILE G 371 23.91 -41.99 -30.02
C ILE G 371 22.96 -43.08 -29.54
N ALA G 372 21.67 -42.91 -29.82
CA ALA G 372 20.69 -43.96 -29.53
C ALA G 372 20.89 -45.12 -30.48
N ASN G 373 21.16 -44.80 -31.74
CA ASN G 373 21.49 -45.80 -32.74
C ASN G 373 22.77 -46.55 -32.37
N SER G 374 23.74 -45.81 -31.83
CA SER G 374 24.97 -46.41 -31.35
C SER G 374 24.71 -47.32 -30.17
N PHE G 375 23.73 -46.93 -29.34
CA PHE G 375 23.36 -47.73 -28.18
C PHE G 375 22.69 -49.04 -28.58
N MET G 376 21.77 -48.99 -29.54
CA MET G 376 21.03 -50.18 -29.94
C MET G 376 21.83 -51.07 -30.89
N HIS G 377 22.70 -50.48 -31.69
CA HIS G 377 23.47 -51.24 -32.68
C HIS G 377 24.85 -51.65 -32.17
N CYS G 378 25.13 -51.39 -30.89
CA CYS G 378 26.42 -51.79 -30.33
C CYS G 378 26.52 -53.31 -30.24
N GLY G 379 27.64 -53.84 -30.73
CA GLY G 379 27.90 -55.27 -30.66
C GLY G 379 27.42 -56.07 -31.84
N THR G 380 26.45 -55.55 -32.59
CA THR G 380 25.94 -56.26 -33.76
C THR G 380 26.71 -55.87 -35.03
N THR G 381 27.52 -54.82 -34.91
CA THR G 381 28.35 -54.33 -36.01
C THR G 381 27.56 -54.10 -37.30
N SER G 382 26.33 -53.63 -37.17
CA SER G 382 25.47 -53.42 -38.33
C SER G 382 25.44 -51.97 -38.76
N ASP G 383 26.01 -51.70 -39.93
CA ASP G 383 26.02 -50.35 -40.49
C ASP G 383 24.87 -50.20 -41.49
N GLN G 384 24.12 -51.29 -41.70
CA GLN G 384 23.04 -51.32 -42.67
C GLN G 384 21.93 -50.33 -42.33
N PHE G 385 21.80 -50.00 -41.05
CA PHE G 385 20.80 -49.03 -40.62
C PHE G 385 21.21 -47.62 -41.06
N LEU G 386 22.53 -47.41 -41.15
CA LEU G 386 23.06 -46.12 -41.59
C LEU G 386 23.36 -46.13 -43.08
N ARG G 387 23.15 -47.28 -43.73
CA ARG G 387 23.36 -47.38 -45.17
C ARG G 387 22.10 -46.98 -45.95
N ASP G 388 21.05 -46.60 -45.22
CA ASP G 388 19.79 -46.22 -45.84
C ASP G 388 19.92 -44.96 -46.68
N ASN G 389 20.47 -43.90 -46.08
CA ASN G 389 20.67 -42.65 -46.79
C ASN G 389 21.89 -41.88 -46.28
N LEU G 390 22.58 -41.21 -47.20
CA LEU G 390 23.74 -40.39 -46.85
C LEU G 390 23.34 -38.95 -46.56
N GLU G 391 22.07 -38.63 -46.81
CA GLU G 391 21.58 -37.27 -46.63
C GLU G 391 21.08 -37.03 -45.20
N TRP G 392 21.12 -38.08 -44.38
CA TRP G 392 20.70 -37.98 -42.99
C TRP G 392 21.90 -37.72 -42.08
N LEU G 393 23.07 -37.61 -42.68
CA LEU G 393 24.31 -37.44 -41.93
C LEU G 393 25.12 -36.24 -42.38
N ALA G 394 25.57 -36.27 -43.64
CA ALA G 394 26.50 -35.27 -44.16
C ALA G 394 25.80 -34.04 -44.73
N ARG G 395 24.47 -33.99 -44.59
CA ARG G 395 23.67 -32.88 -45.11
C ARG G 395 24.13 -31.52 -44.56
N ALA G 396 24.72 -31.53 -43.37
CA ALA G 396 25.20 -30.31 -42.75
C ALA G 396 26.52 -30.55 -42.02
N THR G 397 27.38 -29.53 -42.02
CA THR G 397 28.68 -29.65 -41.37
C THR G 397 28.63 -29.18 -39.92
N ASN G 398 28.91 -30.10 -39.00
CA ASN G 398 28.88 -29.81 -37.57
C ASN G 398 29.56 -30.92 -36.78
N TRP G 399 29.51 -30.83 -35.46
CA TRP G 399 30.06 -31.87 -34.60
C TRP G 399 29.19 -33.11 -34.60
N ALA G 400 28.00 -32.98 -35.19
CA ALA G 400 27.05 -34.09 -35.28
C ALA G 400 27.62 -35.22 -36.13
N LYS G 401 28.42 -34.87 -37.14
CA LYS G 401 29.08 -35.85 -37.98
C LYS G 401 30.18 -36.56 -37.21
N PHE G 402 30.84 -35.83 -36.33
CA PHE G 402 31.88 -36.40 -35.47
C PHE G 402 31.26 -37.40 -34.49
N THR G 403 30.14 -37.00 -33.89
CA THR G 403 29.43 -37.88 -32.97
C THR G 403 28.80 -39.06 -33.71
N ALA G 404 28.56 -38.88 -35.00
CA ALA G 404 28.01 -39.95 -35.83
C ALA G 404 29.07 -40.98 -36.17
N THR G 405 30.28 -40.50 -36.48
CA THR G 405 31.40 -41.39 -36.76
C THR G 405 31.79 -42.13 -35.49
N ALA G 406 31.79 -41.41 -34.37
CA ALA G 406 32.05 -42.01 -33.06
C ALA G 406 30.97 -43.03 -32.72
N SER G 407 29.73 -42.73 -33.11
CA SER G 407 28.61 -43.64 -32.93
C SER G 407 28.86 -44.93 -33.72
N LEU G 408 29.36 -44.76 -34.94
CA LEU G 408 29.74 -45.90 -35.77
C LEU G 408 30.84 -46.70 -35.08
N GLY G 409 31.72 -45.99 -34.39
CA GLY G 409 32.77 -46.63 -33.60
C GLY G 409 32.20 -47.43 -32.44
N VAL G 410 31.05 -46.97 -31.93
CA VAL G 410 30.36 -47.68 -30.86
C VAL G 410 29.66 -48.92 -31.41
N ILE G 411 29.16 -48.82 -32.63
CA ILE G 411 28.45 -49.92 -33.28
C ILE G 411 29.32 -51.16 -33.43
N HIS G 412 30.48 -51.01 -34.08
CA HIS G 412 31.38 -52.13 -34.28
C HIS G 412 32.61 -52.02 -33.38
N LYS G 413 32.98 -53.13 -32.76
CA LYS G 413 34.12 -53.16 -31.83
C LYS G 413 34.85 -54.49 -31.92
N GLY G 414 36.16 -54.46 -31.64
CA GLY G 414 36.97 -55.67 -31.70
C GLY G 414 37.33 -56.08 -33.12
N HIS G 415 37.74 -55.11 -33.93
CA HIS G 415 38.14 -55.39 -35.31
C HIS G 415 39.54 -54.83 -35.57
N GLU G 416 40.48 -55.72 -35.85
CA GLU G 416 41.87 -55.32 -36.10
C GLU G 416 42.11 -55.03 -37.58
N LYS G 417 41.15 -55.40 -38.41
CA LYS G 417 41.29 -55.24 -39.85
C LYS G 417 40.10 -54.49 -40.46
N GLU G 418 38.92 -55.10 -40.37
CA GLU G 418 37.71 -54.57 -40.99
C GLU G 418 37.32 -53.17 -40.49
N ALA G 419 37.87 -52.77 -39.35
CA ALA G 419 37.57 -51.46 -38.79
C ALA G 419 38.27 -50.37 -39.61
N LEU G 420 39.60 -50.38 -39.59
CA LEU G 420 40.40 -49.45 -40.37
C LEU G 420 40.08 -49.60 -41.86
N GLN G 421 39.76 -50.82 -42.27
CA GLN G 421 39.37 -51.08 -43.66
C GLN G 421 38.10 -50.33 -44.02
N LEU G 422 37.07 -50.47 -43.19
CA LEU G 422 35.79 -49.80 -43.44
C LEU G 422 35.95 -48.29 -43.35
N MET G 423 36.81 -47.82 -42.46
CA MET G 423 37.05 -46.40 -42.30
C MET G 423 37.79 -45.82 -43.50
N ALA G 424 38.63 -46.63 -44.13
CA ALA G 424 39.40 -46.19 -45.28
C ALA G 424 38.68 -46.47 -46.60
N THR G 425 37.55 -47.19 -46.52
CA THR G 425 36.79 -47.54 -47.72
C THR G 425 35.90 -46.40 -48.17
N TYR G 426 35.67 -45.44 -47.27
CA TYR G 426 34.74 -44.34 -47.55
C TYR G 426 35.22 -43.42 -48.67
N LEU G 427 36.41 -42.87 -48.52
CA LEU G 427 36.96 -41.96 -49.53
C LEU G 427 38.46 -42.13 -49.80
N PRO G 428 38.86 -43.30 -50.33
CA PRO G 428 40.27 -43.52 -50.66
C PRO G 428 40.63 -43.05 -52.08
N LYS G 429 40.34 -41.79 -52.39
CA LYS G 429 40.61 -41.28 -53.73
C LYS G 429 41.75 -40.27 -53.74
N ASP G 430 41.47 -39.06 -53.26
CA ASP G 430 42.46 -38.00 -53.23
C ASP G 430 43.13 -37.92 -51.86
N THR G 431 42.63 -38.73 -50.93
CA THR G 431 43.12 -38.76 -49.55
C THR G 431 43.05 -37.38 -48.91
N SER G 432 42.08 -36.58 -49.34
CA SER G 432 41.88 -35.24 -48.80
C SER G 432 40.40 -34.92 -48.64
N PRO G 433 39.79 -35.40 -47.55
CA PRO G 433 38.36 -35.17 -47.30
C PRO G 433 38.07 -33.72 -46.89
N GLY G 434 36.92 -33.22 -47.29
CA GLY G 434 36.52 -31.87 -46.92
C GLY G 434 36.23 -31.76 -45.44
N SER G 435 35.75 -32.85 -44.85
CA SER G 435 35.47 -32.88 -43.43
C SER G 435 36.51 -33.71 -42.69
N ALA G 436 37.25 -33.07 -41.79
CA ALA G 436 38.28 -33.74 -41.02
C ALA G 436 37.68 -34.53 -39.86
N TYR G 437 36.42 -34.24 -39.55
CA TYR G 437 35.71 -34.91 -38.47
C TYR G 437 35.58 -36.40 -38.72
N GLN G 438 35.69 -36.80 -39.99
CA GLN G 438 35.67 -38.20 -40.36
C GLN G 438 36.97 -38.89 -39.95
N GLU G 439 38.08 -38.19 -40.15
CA GLU G 439 39.40 -38.73 -39.80
C GLU G 439 39.59 -38.73 -38.29
N GLY G 440 39.28 -37.61 -37.64
CA GLY G 440 39.38 -37.51 -36.20
C GLY G 440 38.44 -38.47 -35.50
N GLY G 441 37.22 -38.56 -36.04
CA GLY G 441 36.24 -39.49 -35.51
C GLY G 441 36.66 -40.93 -35.76
N GLY G 442 37.42 -41.14 -36.82
CA GLY G 442 37.97 -42.45 -37.13
C GLY G 442 39.05 -42.83 -36.13
N LEU G 443 39.81 -41.83 -35.70
CA LEU G 443 40.85 -42.03 -34.69
C LEU G 443 40.22 -42.32 -33.33
N TYR G 444 39.17 -41.57 -33.00
CA TYR G 444 38.45 -41.76 -31.75
C TYR G 444 37.80 -43.14 -31.71
N ALA G 445 37.20 -43.53 -32.84
CA ALA G 445 36.58 -44.84 -32.98
C ALA G 445 37.63 -45.94 -32.86
N LEU G 446 38.79 -45.71 -33.45
CA LEU G 446 39.90 -46.65 -33.38
C LEU G 446 40.34 -46.83 -31.93
N GLY G 447 40.35 -45.72 -31.19
CA GLY G 447 40.69 -45.76 -29.78
C GLY G 447 39.65 -46.50 -28.98
N LEU G 448 38.39 -46.39 -29.39
CA LEU G 448 37.31 -47.11 -28.73
C LEU G 448 37.41 -48.62 -28.98
N ILE G 449 37.81 -48.99 -30.18
CA ILE G 449 37.89 -50.39 -30.59
C ILE G 449 39.11 -51.09 -29.99
N HIS G 450 40.26 -50.44 -30.06
CA HIS G 450 41.51 -51.05 -29.63
C HIS G 450 41.81 -50.84 -28.15
N ALA G 451 40.87 -50.23 -27.44
CA ALA G 451 41.02 -50.02 -26.00
C ALA G 451 41.14 -51.34 -25.26
N ASN G 452 42.08 -51.40 -24.31
CA ASN G 452 42.31 -52.58 -23.47
C ASN G 452 42.61 -53.84 -24.29
N HIS G 453 43.34 -53.68 -25.37
CA HIS G 453 43.72 -54.82 -26.21
C HIS G 453 45.24 -54.93 -26.35
N GLY G 454 45.71 -56.11 -26.71
CA GLY G 454 47.13 -56.34 -26.92
C GLY G 454 47.53 -56.21 -28.38
N GLY G 455 46.53 -55.90 -29.22
CA GLY G 455 46.75 -55.73 -30.64
C GLY G 455 46.88 -54.27 -31.02
N ASP G 456 47.28 -53.45 -30.05
CA ASP G 456 47.35 -52.01 -30.22
C ASP G 456 48.15 -51.56 -31.44
N ILE G 457 47.58 -50.61 -32.19
CA ILE G 457 48.22 -50.04 -33.37
C ILE G 457 49.02 -48.80 -32.97
N ILE G 458 49.14 -48.59 -31.66
CA ILE G 458 49.75 -47.39 -31.08
C ILE G 458 51.07 -46.98 -31.73
N ASP G 459 51.92 -47.96 -32.04
CA ASP G 459 53.19 -47.70 -32.71
C ASP G 459 52.98 -46.95 -34.01
N TYR G 460 51.92 -47.30 -34.75
CA TYR G 460 51.55 -46.59 -35.96
C TYR G 460 50.80 -45.31 -35.63
N LEU G 461 50.10 -45.32 -34.50
CA LEU G 461 49.30 -44.16 -34.09
C LEU G 461 50.17 -42.96 -33.75
N LEU G 462 51.41 -43.21 -33.36
CA LEU G 462 52.35 -42.13 -33.09
C LEU G 462 52.69 -41.38 -34.39
N ASN G 463 53.04 -42.13 -35.42
CA ASN G 463 53.37 -41.56 -36.72
C ASN G 463 52.12 -40.97 -37.40
N GLN G 464 50.97 -41.52 -37.07
CA GLN G 464 49.71 -41.03 -37.61
C GLN G 464 49.32 -39.72 -36.93
N LEU G 465 49.73 -39.58 -35.67
CA LEU G 465 49.51 -38.34 -34.92
C LEU G 465 50.58 -37.32 -35.31
N LYS G 466 51.66 -37.80 -35.90
CA LYS G 466 52.76 -36.93 -36.34
C LYS G 466 52.35 -36.13 -37.58
N ASN G 467 51.17 -36.43 -38.13
CA ASN G 467 50.67 -35.73 -39.30
C ASN G 467 50.34 -34.27 -39.00
N ALA G 468 50.30 -33.45 -40.04
CA ALA G 468 50.08 -32.01 -39.87
C ALA G 468 48.61 -31.65 -39.97
N SER G 469 48.06 -31.19 -38.85
CA SER G 469 46.67 -30.74 -38.78
C SER G 469 46.47 -29.88 -37.55
N ASN G 470 45.23 -29.51 -37.27
CA ASN G 470 44.93 -28.66 -36.13
C ASN G 470 43.92 -29.25 -35.15
N ASP G 471 42.66 -29.30 -35.56
CA ASP G 471 41.58 -29.67 -34.64
C ASP G 471 41.49 -31.16 -34.34
N ILE G 472 41.52 -31.98 -35.39
CA ILE G 472 41.24 -33.41 -35.24
C ILE G 472 42.42 -34.25 -34.74
N VAL G 473 43.62 -33.95 -35.21
CA VAL G 473 44.80 -34.72 -34.81
C VAL G 473 45.10 -34.55 -33.32
N ARG G 474 45.11 -33.30 -32.87
CA ARG G 474 45.38 -33.00 -31.47
C ARG G 474 44.32 -33.62 -30.55
N HIS G 475 43.07 -33.27 -30.80
CA HIS G 475 41.96 -33.67 -29.93
C HIS G 475 41.64 -35.16 -30.08
N GLY G 476 41.17 -35.54 -31.26
CA GLY G 476 40.86 -36.92 -31.55
C GLY G 476 42.03 -37.86 -31.34
N GLY G 477 43.24 -37.37 -31.62
CA GLY G 477 44.44 -38.15 -31.39
C GLY G 477 44.70 -38.35 -29.91
N SER G 478 44.52 -37.29 -29.13
CA SER G 478 44.70 -37.39 -27.69
C SER G 478 43.69 -38.37 -27.08
N LEU G 479 42.45 -38.30 -27.54
CA LEU G 479 41.40 -39.18 -27.05
C LEU G 479 41.67 -40.64 -27.42
N GLY G 480 41.87 -40.89 -28.71
CA GLY G 480 42.09 -42.23 -29.21
C GLY G 480 43.35 -42.89 -28.69
N LEU G 481 44.48 -42.21 -28.86
CA LEU G 481 45.76 -42.75 -28.42
C LEU G 481 45.82 -42.82 -26.90
N GLY G 482 45.17 -41.86 -26.24
CA GLY G 482 45.12 -41.85 -24.79
C GLY G 482 44.31 -42.99 -24.22
N LEU G 483 43.25 -43.36 -24.93
CA LEU G 483 42.40 -44.47 -24.51
C LEU G 483 43.06 -45.81 -24.85
N ALA G 484 43.84 -45.82 -25.93
CA ALA G 484 44.51 -47.03 -26.36
C ALA G 484 45.74 -47.33 -25.52
N ALA G 485 46.36 -46.29 -24.98
CA ALA G 485 47.56 -46.43 -24.18
C ALA G 485 47.26 -46.56 -22.69
N MET G 486 45.98 -46.60 -22.36
CA MET G 486 45.55 -46.72 -20.97
C MET G 486 46.04 -48.02 -20.33
N GLY G 487 46.71 -47.89 -19.19
CA GLY G 487 47.21 -49.05 -18.47
C GLY G 487 48.67 -49.35 -18.78
N THR G 488 49.20 -48.74 -19.83
CA THR G 488 50.58 -48.97 -20.23
C THR G 488 51.56 -48.20 -19.36
N ALA G 489 51.13 -47.02 -18.90
CA ALA G 489 51.94 -46.15 -18.05
C ALA G 489 53.29 -45.83 -18.68
N ARG G 490 53.26 -45.43 -19.95
CA ARG G 490 54.48 -45.09 -20.68
C ARG G 490 54.86 -43.62 -20.48
N GLN G 491 56.15 -43.35 -20.41
CA GLN G 491 56.63 -41.98 -20.24
C GLN G 491 56.63 -41.22 -21.56
N ASP G 492 56.62 -41.96 -22.66
CA ASP G 492 56.63 -41.36 -23.99
C ASP G 492 55.31 -40.66 -24.29
N VAL G 493 54.21 -41.38 -24.07
CA VAL G 493 52.88 -40.82 -24.28
C VAL G 493 52.66 -39.65 -23.31
N TYR G 494 53.28 -39.73 -22.15
CA TYR G 494 53.25 -38.65 -21.17
C TYR G 494 53.94 -37.41 -21.71
N ASP G 495 55.13 -37.61 -22.28
CA ASP G 495 55.90 -36.51 -22.85
C ASP G 495 55.18 -35.84 -24.02
N LEU G 496 54.69 -36.65 -24.95
CA LEU G 496 54.00 -36.09 -26.11
C LEU G 496 52.68 -35.45 -25.71
N LEU G 497 52.09 -35.94 -24.63
CA LEU G 497 50.87 -35.34 -24.09
C LEU G 497 51.20 -33.97 -23.51
N LYS G 498 52.36 -33.88 -22.85
CA LYS G 498 52.83 -32.61 -22.31
C LYS G 498 53.08 -31.59 -23.42
N THR G 499 53.80 -32.01 -24.46
CA THR G 499 54.10 -31.12 -25.57
C THR G 499 52.82 -30.84 -26.37
N ASN G 500 51.79 -31.65 -26.16
CA ASN G 500 50.48 -31.37 -26.72
C ASN G 500 49.69 -30.34 -25.90
N LEU G 501 49.96 -30.31 -24.60
CA LEU G 501 49.27 -29.34 -23.74
C LEU G 501 50.09 -28.07 -23.55
N TYR G 502 51.25 -28.01 -24.19
CA TYR G 502 52.11 -26.83 -24.08
C TYR G 502 51.68 -25.71 -25.03
N GLN G 503 50.63 -25.96 -25.82
CA GLN G 503 50.11 -24.94 -26.73
C GLN G 503 49.06 -24.07 -26.06
N ASP G 504 48.79 -24.35 -24.78
CA ASP G 504 47.90 -23.55 -23.94
C ASP G 504 46.43 -23.61 -24.38
N ASP G 505 46.15 -24.30 -25.49
CA ASP G 505 44.79 -24.43 -25.98
C ASP G 505 43.92 -25.22 -25.01
N ALA G 506 42.65 -24.84 -24.92
CA ALA G 506 41.74 -25.41 -23.93
C ALA G 506 41.21 -26.78 -24.31
N VAL G 507 40.83 -26.95 -25.58
CA VAL G 507 40.20 -28.18 -26.03
C VAL G 507 41.16 -29.37 -26.06
N THR G 508 42.29 -29.19 -26.74
CA THR G 508 43.27 -30.27 -26.86
C THR G 508 43.95 -30.53 -25.53
N GLY G 509 43.90 -29.54 -24.64
CA GLY G 509 44.44 -29.68 -23.31
C GLY G 509 43.46 -30.42 -22.42
N GLU G 510 42.17 -30.27 -22.71
CA GLU G 510 41.13 -31.00 -22.01
C GLU G 510 41.20 -32.47 -22.41
N ALA G 511 41.35 -32.71 -23.71
CA ALA G 511 41.54 -34.06 -24.21
C ALA G 511 42.84 -34.65 -23.67
N ALA G 512 43.84 -33.78 -23.51
CA ALA G 512 45.12 -34.18 -22.93
C ALA G 512 44.95 -34.59 -21.48
N GLY G 513 44.05 -33.91 -20.77
CA GLY G 513 43.75 -34.25 -19.39
C GLY G 513 43.04 -35.58 -19.29
N LEU G 514 42.02 -35.76 -20.14
CA LEU G 514 41.27 -37.00 -20.17
C LEU G 514 42.16 -38.19 -20.49
N ALA G 515 43.09 -37.99 -21.43
CA ALA G 515 44.02 -39.03 -21.83
C ALA G 515 45.04 -39.32 -20.73
N LEU G 516 45.55 -38.25 -20.12
CA LEU G 516 46.58 -38.36 -19.08
C LEU G 516 46.04 -39.10 -17.87
N GLY G 517 44.81 -38.81 -17.49
CA GLY G 517 44.17 -39.48 -16.38
C GLY G 517 44.08 -40.98 -16.61
N LEU G 518 43.88 -41.38 -17.85
CA LEU G 518 43.77 -42.78 -18.22
C LEU G 518 45.13 -43.47 -18.27
N VAL G 519 46.11 -42.84 -18.90
CA VAL G 519 47.41 -43.47 -19.10
C VAL G 519 48.28 -43.46 -17.86
N MET G 520 48.03 -42.52 -16.94
CA MET G 520 48.84 -42.40 -15.74
C MET G 520 48.26 -43.15 -14.55
N LEU G 521 47.15 -43.86 -14.77
CA LEU G 521 46.49 -44.60 -13.71
C LEU G 521 47.42 -45.65 -13.10
N GLY G 522 47.59 -45.58 -11.77
CA GLY G 522 48.45 -46.51 -11.06
C GLY G 522 49.91 -46.09 -11.03
N SER G 523 50.28 -45.18 -11.92
CA SER G 523 51.67 -44.72 -12.01
C SER G 523 52.03 -43.80 -10.83
N LYS G 524 51.20 -42.79 -10.60
CA LYS G 524 51.39 -41.82 -9.53
C LYS G 524 52.76 -41.16 -9.58
N ASN G 525 52.96 -40.31 -10.58
CA ASN G 525 54.22 -39.58 -10.73
C ASN G 525 54.33 -38.47 -9.68
N ALA G 526 55.56 -38.19 -9.23
CA ALA G 526 55.78 -37.23 -8.17
C ALA G 526 55.56 -35.79 -8.60
N GLN G 527 56.18 -35.39 -9.71
CA GLN G 527 56.14 -34.00 -10.16
C GLN G 527 54.92 -33.71 -11.03
N ALA G 528 54.19 -34.75 -11.41
CA ALA G 528 53.01 -34.58 -12.27
C ALA G 528 51.94 -33.74 -11.58
N ILE G 529 51.68 -34.03 -10.32
CA ILE G 529 50.65 -33.33 -9.54
C ILE G 529 50.97 -31.84 -9.43
N GLU G 530 52.20 -31.53 -9.03
CA GLU G 530 52.60 -30.13 -8.86
C GLU G 530 52.69 -29.41 -10.20
N ASP G 531 53.00 -30.14 -11.25
CA ASP G 531 53.05 -29.55 -12.60
C ASP G 531 51.66 -29.19 -13.09
N MET G 532 50.71 -30.10 -12.87
CA MET G 532 49.33 -29.88 -13.30
C MET G 532 48.63 -28.80 -12.47
N VAL G 533 48.82 -28.85 -11.15
CA VAL G 533 48.22 -27.85 -10.27
C VAL G 533 48.93 -26.51 -10.45
N GLY G 534 50.15 -26.56 -10.98
CA GLY G 534 50.88 -25.35 -11.31
C GLY G 534 50.42 -24.81 -12.65
N TYR G 535 49.86 -25.70 -13.46
CA TYR G 535 49.32 -25.34 -14.77
C TYR G 535 47.85 -24.97 -14.65
N ALA G 536 47.30 -25.14 -13.45
CA ALA G 536 45.87 -24.93 -13.22
C ALA G 536 45.48 -23.45 -13.16
N GLN G 537 45.96 -22.75 -12.15
CA GLN G 537 45.52 -21.37 -11.88
C GLN G 537 46.10 -20.34 -12.85
N GLU G 538 47.04 -20.77 -13.69
CA GLU G 538 47.70 -19.83 -14.60
C GLU G 538 46.96 -19.70 -15.93
N THR G 539 45.82 -20.38 -16.05
CA THR G 539 44.99 -20.30 -17.25
C THR G 539 43.53 -20.02 -16.89
N GLN G 540 42.90 -19.13 -17.64
CA GLN G 540 41.53 -18.70 -17.36
C GLN G 540 40.49 -19.59 -18.04
N HIS G 541 40.94 -20.44 -18.95
CA HIS G 541 40.02 -21.31 -19.70
C HIS G 541 39.43 -22.38 -18.78
N GLU G 542 38.12 -22.61 -18.91
CA GLU G 542 37.44 -23.59 -18.09
C GLU G 542 37.64 -25.02 -18.58
N LYS G 543 37.84 -25.16 -19.89
CA LYS G 543 37.97 -26.48 -20.50
C LYS G 543 39.26 -27.19 -20.06
N ILE G 544 40.35 -26.44 -20.01
CA ILE G 544 41.62 -26.99 -19.56
C ILE G 544 41.55 -27.28 -18.06
N LEU G 545 40.78 -26.47 -17.34
CA LEU G 545 40.60 -26.64 -15.91
C LEU G 545 39.86 -27.92 -15.58
N ARG G 546 38.74 -28.16 -16.27
CA ARG G 546 37.98 -29.38 -16.06
C ARG G 546 38.72 -30.60 -16.63
N GLY G 547 39.52 -30.36 -17.66
CA GLY G 547 40.33 -31.41 -18.27
C GLY G 547 41.36 -31.93 -17.29
N LEU G 548 42.10 -31.01 -16.68
CA LEU G 548 43.07 -31.38 -15.66
C LEU G 548 42.37 -31.86 -14.40
N ALA G 549 41.13 -31.42 -14.20
CA ALA G 549 40.32 -31.84 -13.06
C ALA G 549 40.04 -33.34 -13.14
N VAL G 550 39.45 -33.76 -14.25
CA VAL G 550 39.18 -35.19 -14.47
C VAL G 550 40.50 -35.95 -14.58
N GLY G 551 41.51 -35.28 -15.13
CA GLY G 551 42.84 -35.86 -15.27
C GLY G 551 43.45 -36.28 -13.95
N ILE G 552 43.35 -35.42 -12.94
CA ILE G 552 43.89 -35.73 -11.63
C ILE G 552 42.87 -36.51 -10.80
N ALA G 553 41.63 -36.54 -11.26
CA ALA G 553 40.57 -37.29 -10.56
C ALA G 553 40.67 -38.78 -10.83
N LEU G 554 40.86 -39.14 -12.10
CA LEU G 554 40.85 -40.55 -12.50
C LEU G 554 42.19 -41.23 -12.18
N VAL G 555 43.24 -40.43 -12.07
CA VAL G 555 44.59 -40.97 -11.86
C VAL G 555 44.78 -41.49 -10.43
N MET G 556 43.87 -41.11 -9.53
CA MET G 556 44.02 -41.44 -8.13
C MET G 556 43.32 -42.74 -7.76
N TYR G 557 44.11 -43.76 -7.42
CA TYR G 557 43.58 -45.05 -6.99
C TYR G 557 44.45 -45.67 -5.91
N GLY G 558 43.81 -46.21 -4.87
CA GLY G 558 44.53 -46.85 -3.77
C GLY G 558 45.32 -45.85 -2.94
N ARG G 559 44.98 -44.58 -3.08
CA ARG G 559 45.68 -43.50 -2.39
C ARG G 559 44.98 -43.14 -1.08
N MET G 560 43.99 -43.95 -0.70
CA MET G 560 43.20 -43.76 0.51
C MET G 560 44.07 -43.48 1.75
N GLU G 561 45.19 -44.17 1.87
CA GLU G 561 46.09 -43.98 2.99
C GLU G 561 47.19 -42.97 2.68
N GLU G 562 47.12 -42.35 1.50
CA GLU G 562 48.19 -41.49 1.00
C GLU G 562 47.73 -40.06 0.74
N ALA G 563 46.77 -39.90 -0.18
CA ALA G 563 46.45 -38.59 -0.75
C ALA G 563 45.50 -37.75 0.13
N ASP G 564 45.15 -38.26 1.30
CA ASP G 564 44.27 -37.55 2.23
C ASP G 564 44.68 -36.09 2.45
N ALA G 565 45.97 -35.89 2.73
CA ALA G 565 46.50 -34.56 2.98
C ALA G 565 46.39 -33.68 1.73
N LEU G 566 46.61 -34.29 0.57
CA LEU G 566 46.54 -33.57 -0.70
C LEU G 566 45.11 -33.09 -0.98
N ILE G 567 44.14 -33.98 -0.80
CA ILE G 567 42.74 -33.64 -1.00
C ILE G 567 42.28 -32.60 0.01
N GLU G 568 42.72 -32.75 1.25
CA GLU G 568 42.36 -31.81 2.32
C GLU G 568 42.95 -30.44 2.03
N SER G 569 44.12 -30.41 1.39
CA SER G 569 44.78 -29.16 1.06
C SER G 569 44.15 -28.50 -0.16
N LEU G 570 43.67 -29.31 -1.09
CA LEU G 570 43.07 -28.80 -2.32
C LEU G 570 41.57 -28.56 -2.16
N CYS G 571 41.04 -28.88 -0.99
CA CYS G 571 39.63 -28.68 -0.71
C CYS G 571 39.32 -27.21 -0.40
N ARG G 572 40.33 -26.51 0.10
CA ARG G 572 40.17 -25.10 0.48
C ARG G 572 40.50 -24.15 -0.67
N ASP G 573 40.79 -24.71 -1.84
CA ASP G 573 41.16 -23.91 -3.00
C ASP G 573 40.01 -23.02 -3.46
N LYS G 574 40.36 -21.89 -4.07
CA LYS G 574 39.37 -20.92 -4.52
C LYS G 574 38.60 -21.39 -5.75
N ASP G 575 39.25 -22.21 -6.56
CA ASP G 575 38.67 -22.65 -7.83
C ASP G 575 37.55 -23.66 -7.61
N PRO G 576 36.34 -23.32 -8.10
CA PRO G 576 35.18 -24.21 -8.02
C PRO G 576 35.41 -25.50 -8.81
N ILE G 577 36.06 -25.38 -9.96
CA ILE G 577 36.37 -26.53 -10.80
C ILE G 577 37.30 -27.50 -10.06
N LEU G 578 38.31 -26.95 -9.40
CA LEU G 578 39.25 -27.76 -8.64
C LEU G 578 38.59 -28.28 -7.37
N ARG G 579 37.64 -27.52 -6.85
CA ARG G 579 36.89 -27.94 -5.66
C ARG G 579 36.05 -29.18 -5.99
N ARG G 580 35.47 -29.19 -7.18
CA ARG G 580 34.75 -30.37 -7.66
C ARG G 580 35.73 -31.47 -8.01
N SER G 581 36.93 -31.07 -8.43
CA SER G 581 37.98 -32.02 -8.80
C SER G 581 38.46 -32.81 -7.60
N GLY G 582 38.43 -32.19 -6.43
CA GLY G 582 38.81 -32.86 -5.20
C GLY G 582 37.82 -33.95 -4.84
N MET G 583 36.54 -33.66 -5.08
CA MET G 583 35.47 -34.62 -4.79
C MET G 583 35.50 -35.76 -5.80
N TYR G 584 35.76 -35.44 -7.06
CA TYR G 584 35.88 -36.45 -8.11
C TYR G 584 37.13 -37.31 -7.90
N THR G 585 38.15 -36.72 -7.30
CA THR G 585 39.40 -37.42 -7.02
C THR G 585 39.24 -38.37 -5.85
N VAL G 586 38.58 -37.88 -4.80
CA VAL G 586 38.37 -38.68 -3.59
C VAL G 586 37.24 -39.69 -3.80
N ALA G 587 36.50 -39.52 -4.90
CA ALA G 587 35.40 -40.41 -5.23
C ALA G 587 35.84 -41.86 -5.38
N MET G 588 36.63 -42.14 -6.43
CA MET G 588 37.04 -43.49 -6.74
C MET G 588 38.08 -44.04 -5.76
N ALA G 589 38.75 -43.14 -5.06
CA ALA G 589 39.77 -43.55 -4.09
C ALA G 589 39.13 -44.17 -2.85
N TYR G 590 38.01 -43.62 -2.42
CA TYR G 590 37.32 -44.10 -1.21
C TYR G 590 36.21 -45.10 -1.53
N CYS G 591 36.06 -45.47 -2.79
CA CYS G 591 35.05 -46.44 -3.19
C CYS G 591 35.20 -47.76 -2.45
N GLY G 592 34.07 -48.40 -2.18
CA GLY G 592 34.06 -49.62 -1.39
C GLY G 592 33.58 -49.34 0.03
N SER G 593 33.17 -48.10 0.26
CA SER G 593 32.66 -47.66 1.55
C SER G 593 33.65 -47.93 2.68
N GLY G 594 34.89 -47.47 2.50
CA GLY G 594 35.93 -47.68 3.50
C GLY G 594 36.25 -46.43 4.30
N ASN G 595 35.62 -45.32 3.96
CA ASN G 595 35.84 -44.07 4.68
C ASN G 595 34.54 -43.31 4.93
N ASN G 596 34.27 -43.03 6.20
CA ASN G 596 33.09 -42.26 6.59
C ASN G 596 33.42 -40.79 6.80
N LYS G 597 34.69 -40.44 6.63
CA LYS G 597 35.16 -39.09 6.87
C LYS G 597 34.86 -38.15 5.70
N ALA G 598 34.90 -38.69 4.48
CA ALA G 598 34.73 -37.89 3.27
C ALA G 598 33.32 -37.31 3.15
N ILE G 599 32.31 -38.12 3.46
CA ILE G 599 30.92 -37.72 3.31
C ILE G 599 30.58 -36.52 4.21
N ARG G 600 31.34 -36.37 5.29
CA ARG G 600 31.17 -35.24 6.20
C ARG G 600 31.37 -33.92 5.47
N ARG G 601 32.54 -33.75 4.88
CA ARG G 601 32.89 -32.53 4.18
C ARG G 601 32.21 -32.47 2.81
N LEU G 602 31.81 -33.62 2.29
CA LEU G 602 31.04 -33.66 1.05
C LEU G 602 29.68 -33.00 1.25
N LEU G 603 28.94 -33.47 2.25
CA LEU G 603 27.64 -32.91 2.57
C LEU G 603 27.78 -31.48 3.11
N HIS G 604 28.87 -31.23 3.83
CA HIS G 604 29.15 -29.91 4.36
C HIS G 604 29.30 -28.89 3.24
N VAL G 605 30.17 -29.19 2.28
CA VAL G 605 30.40 -28.29 1.15
C VAL G 605 29.20 -28.31 0.20
N ALA G 606 28.36 -29.32 0.33
CA ALA G 606 27.14 -29.40 -0.47
C ALA G 606 26.10 -28.40 0.02
N VAL G 607 25.87 -28.39 1.33
CA VAL G 607 24.86 -27.52 1.91
C VAL G 607 25.33 -26.08 2.09
N SER G 608 26.57 -25.92 2.59
CA SER G 608 27.07 -24.60 2.95
C SER G 608 27.39 -23.72 1.75
N ASP G 609 28.15 -24.26 0.80
CA ASP G 609 28.60 -23.49 -0.36
C ASP G 609 27.44 -23.06 -1.25
N VAL G 610 27.44 -21.80 -1.66
CA VAL G 610 26.36 -21.23 -2.44
C VAL G 610 26.43 -21.59 -3.92
N ASN G 611 27.64 -21.87 -4.42
CA ASN G 611 27.82 -22.21 -5.82
C ASN G 611 27.24 -23.59 -6.14
N ASP G 612 26.39 -23.65 -7.15
CA ASP G 612 25.68 -24.87 -7.51
C ASP G 612 26.57 -25.91 -8.18
N ASP G 613 27.80 -25.51 -8.51
CA ASP G 613 28.73 -26.42 -9.18
C ASP G 613 29.14 -27.58 -8.27
N VAL G 614 29.66 -27.24 -7.09
CA VAL G 614 30.10 -28.25 -6.14
C VAL G 614 28.90 -28.98 -5.55
N ARG G 615 27.75 -28.32 -5.57
CA ARG G 615 26.51 -28.91 -5.05
C ARG G 615 25.99 -29.98 -6.00
N ARG G 616 26.10 -29.74 -7.30
CA ARG G 616 25.68 -30.71 -8.29
C ARG G 616 26.77 -31.77 -8.49
N ALA G 617 27.98 -31.44 -8.06
CA ALA G 617 29.10 -32.38 -8.11
C ALA G 617 29.28 -33.11 -6.78
N ALA G 618 28.37 -32.86 -5.84
CA ALA G 618 28.51 -33.36 -4.49
C ALA G 618 28.20 -34.84 -4.35
N VAL G 619 26.96 -35.23 -4.63
CA VAL G 619 26.46 -36.56 -4.30
C VAL G 619 26.88 -37.64 -5.28
N GLU G 620 27.61 -37.27 -6.33
CA GLU G 620 28.16 -38.26 -7.25
C GLU G 620 29.17 -39.14 -6.54
N SER G 621 30.10 -38.51 -5.82
CA SER G 621 31.09 -39.23 -5.03
C SER G 621 30.42 -40.01 -3.91
N LEU G 622 29.34 -39.45 -3.37
CA LEU G 622 28.55 -40.09 -2.33
C LEU G 622 27.96 -41.40 -2.85
N GLY G 623 27.38 -41.35 -4.03
CA GLY G 623 26.83 -42.55 -4.66
C GLY G 623 27.92 -43.53 -5.03
N PHE G 624 29.09 -42.98 -5.38
CA PHE G 624 30.23 -43.82 -5.74
C PHE G 624 30.75 -44.64 -4.55
N ILE G 625 30.86 -44.01 -3.39
CA ILE G 625 31.33 -44.70 -2.20
C ILE G 625 30.24 -45.55 -1.55
N LEU G 626 28.98 -45.14 -1.73
CA LEU G 626 27.85 -45.86 -1.14
C LEU G 626 27.23 -46.87 -2.09
N PHE G 627 27.86 -47.06 -3.26
CA PHE G 627 27.33 -47.96 -4.28
C PHE G 627 27.16 -49.40 -3.79
N ARG G 628 27.83 -49.73 -2.69
CA ARG G 628 27.74 -51.07 -2.10
C ARG G 628 26.31 -51.40 -1.68
N THR G 629 25.66 -50.48 -0.98
CA THR G 629 24.28 -50.68 -0.54
C THR G 629 23.32 -49.75 -1.27
N PRO G 630 22.51 -50.32 -2.18
CA PRO G 630 21.52 -49.58 -2.97
C PRO G 630 20.35 -49.08 -2.15
N GLU G 631 20.09 -49.73 -1.01
CA GLU G 631 18.90 -49.43 -0.21
C GLU G 631 19.06 -48.17 0.64
N GLN G 632 20.27 -47.93 1.14
CA GLN G 632 20.51 -46.83 2.06
C GLN G 632 20.60 -45.47 1.37
N CYS G 633 20.87 -45.47 0.07
CA CYS G 633 21.03 -44.23 -0.69
C CYS G 633 19.75 -43.39 -0.80
N PRO G 634 18.64 -43.98 -1.29
CA PRO G 634 17.45 -43.12 -1.49
C PRO G 634 16.93 -42.52 -0.20
N SER G 635 17.26 -43.14 0.94
CA SER G 635 16.84 -42.64 2.24
C SER G 635 17.54 -41.32 2.57
N VAL G 636 18.84 -41.25 2.33
CA VAL G 636 19.61 -40.05 2.65
C VAL G 636 19.57 -39.02 1.52
N VAL G 637 19.18 -39.44 0.33
CA VAL G 637 19.02 -38.50 -0.78
C VAL G 637 17.55 -38.11 -0.90
N SER G 638 16.72 -38.65 -0.01
CA SER G 638 15.30 -38.33 0.02
C SER G 638 15.08 -36.84 0.28
N LEU G 639 16.00 -36.23 1.01
CA LEU G 639 15.95 -34.79 1.26
C LEU G 639 16.44 -34.00 0.05
N LEU G 640 17.26 -34.64 -0.76
CA LEU G 640 17.79 -34.00 -1.97
C LEU G 640 16.89 -34.30 -3.17
N SER G 641 15.79 -35.02 -2.92
CA SER G 641 14.80 -35.26 -3.96
C SER G 641 14.21 -33.93 -4.43
N GLU G 642 13.69 -33.16 -3.49
CA GLU G 642 13.27 -31.79 -3.78
C GLU G 642 14.14 -30.82 -2.99
N SER G 643 15.02 -30.11 -3.70
CA SER G 643 15.95 -29.19 -3.08
C SER G 643 15.58 -27.74 -3.32
N TYR G 644 16.45 -26.84 -2.85
CA TYR G 644 16.28 -25.40 -3.08
C TYR G 644 16.62 -25.07 -4.53
N ASN G 645 17.88 -25.28 -4.90
CA ASN G 645 18.32 -25.10 -6.28
C ASN G 645 18.16 -26.38 -7.08
N PRO G 646 17.72 -26.26 -8.34
CA PRO G 646 17.43 -27.42 -9.20
C PRO G 646 18.69 -28.24 -9.54
N HIS G 647 19.85 -27.63 -9.42
CA HIS G 647 21.11 -28.31 -9.73
C HIS G 647 21.35 -29.46 -8.74
N VAL G 648 20.98 -29.24 -7.49
CA VAL G 648 21.09 -30.27 -6.46
C VAL G 648 20.13 -31.41 -6.77
N ARG G 649 18.96 -31.09 -7.28
CA ARG G 649 17.99 -32.09 -7.70
C ARG G 649 18.51 -32.89 -8.89
N TYR G 650 19.28 -32.22 -9.74
CA TYR G 650 19.87 -32.86 -10.92
C TYR G 650 20.96 -33.84 -10.51
N GLY G 651 21.86 -33.38 -9.64
CA GLY G 651 22.92 -34.23 -9.12
C GLY G 651 22.37 -35.40 -8.33
N ALA G 652 21.27 -35.15 -7.61
CA ALA G 652 20.61 -36.19 -6.84
C ALA G 652 19.92 -37.18 -7.77
N ALA G 653 19.46 -36.69 -8.91
CA ALA G 653 18.86 -37.54 -9.92
C ALA G 653 19.92 -38.45 -10.51
N MET G 654 21.10 -37.91 -10.74
CA MET G 654 22.23 -38.71 -11.20
C MET G 654 22.65 -39.71 -10.13
N ALA G 655 22.51 -39.32 -8.87
CA ALA G 655 22.85 -40.19 -7.75
C ALA G 655 21.92 -41.39 -7.69
N LEU G 656 20.62 -41.12 -7.76
CA LEU G 656 19.61 -42.19 -7.79
C LEU G 656 19.76 -43.02 -9.05
N GLY G 657 20.30 -42.41 -10.10
CA GLY G 657 20.54 -43.10 -11.35
C GLY G 657 21.66 -44.12 -11.25
N ILE G 658 22.78 -43.70 -10.67
CA ILE G 658 23.96 -44.57 -10.59
C ILE G 658 23.88 -45.58 -9.43
N CYS G 659 23.20 -45.21 -8.35
CA CYS G 659 23.14 -46.09 -7.18
C CYS G 659 22.15 -47.22 -7.36
N CYS G 660 21.01 -46.92 -7.97
CA CYS G 660 19.95 -47.90 -8.16
C CYS G 660 20.11 -48.64 -9.49
N ALA G 661 21.18 -48.32 -10.20
CA ALA G 661 21.46 -48.94 -11.49
C ALA G 661 21.74 -50.43 -11.37
N GLY G 662 21.00 -51.22 -12.14
CA GLY G 662 21.20 -52.66 -12.16
C GLY G 662 20.55 -53.39 -11.01
N THR G 663 19.95 -52.65 -10.09
CA THR G 663 19.31 -53.25 -8.92
C THR G 663 17.79 -53.29 -9.06
N GLY G 664 17.13 -53.87 -8.06
CA GLY G 664 15.68 -53.96 -8.05
C GLY G 664 15.02 -53.06 -7.02
N ASN G 665 15.80 -52.12 -6.48
CA ASN G 665 15.30 -51.24 -5.43
C ASN G 665 14.18 -50.32 -5.93
N LYS G 666 13.05 -50.34 -5.23
CA LYS G 666 11.89 -49.55 -5.61
C LYS G 666 11.82 -48.23 -4.87
N GLU G 667 12.77 -48.00 -3.97
CA GLU G 667 12.79 -46.78 -3.16
C GLU G 667 12.98 -45.54 -4.02
N ALA G 668 13.72 -45.68 -5.11
CA ALA G 668 13.84 -44.61 -6.09
C ALA G 668 12.61 -44.58 -7.01
N ILE G 669 12.18 -45.78 -7.40
CA ILE G 669 11.10 -45.96 -8.37
C ILE G 669 9.79 -45.28 -7.94
N ASN G 670 9.37 -45.53 -6.71
CA ASN G 670 8.14 -44.94 -6.21
C ASN G 670 8.29 -43.43 -5.97
N LEU G 671 9.52 -42.97 -5.92
CA LEU G 671 9.81 -41.55 -5.75
C LEU G 671 10.08 -40.86 -7.09
N LEU G 672 10.03 -41.64 -8.17
CA LEU G 672 10.24 -41.08 -9.52
C LEU G 672 9.03 -40.27 -10.00
N GLU G 673 7.87 -40.54 -9.42
CA GLU G 673 6.64 -39.87 -9.83
C GLU G 673 6.64 -38.36 -9.52
N PRO G 674 7.07 -37.94 -8.31
CA PRO G 674 7.17 -36.49 -8.12
C PRO G 674 8.29 -35.86 -8.95
N MET G 675 9.29 -36.67 -9.31
CA MET G 675 10.46 -36.17 -10.03
C MET G 675 10.22 -35.96 -11.52
N THR G 676 9.29 -36.72 -12.09
CA THR G 676 9.06 -36.68 -13.53
C THR G 676 8.39 -35.40 -14.00
N ASN G 677 7.79 -34.66 -13.07
CA ASN G 677 7.15 -33.40 -13.40
C ASN G 677 7.62 -32.25 -12.52
N ASP G 678 8.34 -31.31 -13.13
CA ASP G 678 8.85 -30.14 -12.41
C ASP G 678 8.91 -28.94 -13.36
N PRO G 679 8.70 -27.73 -12.83
CA PRO G 679 8.86 -26.51 -13.63
C PRO G 679 10.25 -26.37 -14.27
N VAL G 680 11.26 -26.99 -13.67
CA VAL G 680 12.61 -26.94 -14.21
C VAL G 680 12.89 -28.15 -15.10
N ASN G 681 13.53 -27.92 -16.24
CA ASN G 681 13.82 -28.97 -17.20
C ASN G 681 15.00 -29.86 -16.81
N TYR G 682 15.93 -29.30 -16.04
CA TYR G 682 17.13 -30.03 -15.61
C TYR G 682 16.77 -31.26 -14.79
N VAL G 683 16.02 -31.04 -13.71
CA VAL G 683 15.62 -32.10 -12.81
C VAL G 683 14.74 -33.12 -13.53
N ARG G 684 13.96 -32.65 -14.52
CA ARG G 684 13.14 -33.54 -15.33
C ARG G 684 14.02 -34.47 -16.16
N GLN G 685 15.02 -33.91 -16.84
CA GLN G 685 15.93 -34.70 -17.65
C GLN G 685 16.70 -35.70 -16.79
N GLY G 686 17.17 -35.24 -15.64
CA GLY G 686 17.87 -36.10 -14.69
C GLY G 686 16.97 -37.23 -14.21
N ALA G 687 15.68 -36.93 -14.07
CA ALA G 687 14.71 -37.93 -13.66
C ALA G 687 14.48 -38.94 -14.78
N LEU G 688 14.60 -38.47 -16.02
CA LEU G 688 14.47 -39.35 -17.17
C LEU G 688 15.65 -40.31 -17.26
N ILE G 689 16.84 -39.78 -16.99
CA ILE G 689 18.06 -40.60 -16.97
C ILE G 689 18.00 -41.61 -15.83
N ALA G 690 17.61 -41.14 -14.65
CA ALA G 690 17.49 -41.99 -13.48
C ALA G 690 16.45 -43.10 -13.70
N SER G 691 15.39 -42.76 -14.42
CA SER G 691 14.35 -43.72 -14.75
C SER G 691 14.82 -44.67 -15.85
N ALA G 692 15.80 -44.23 -16.63
CA ALA G 692 16.37 -45.04 -17.69
C ALA G 692 17.37 -46.05 -17.15
N LEU G 693 18.01 -45.70 -16.03
CA LEU G 693 19.05 -46.55 -15.45
C LEU G 693 18.51 -47.62 -14.50
N ILE G 694 17.19 -47.66 -14.33
CA ILE G 694 16.58 -48.63 -13.42
C ILE G 694 15.79 -49.71 -14.17
N MET G 695 14.77 -49.29 -14.93
CA MET G 695 13.86 -50.21 -15.60
C MET G 695 14.54 -51.21 -16.53
N ILE G 696 15.78 -50.90 -16.93
CA ILE G 696 16.55 -51.81 -17.77
C ILE G 696 16.78 -53.16 -17.07
N GLN G 697 16.62 -54.24 -17.82
CA GLN G 697 16.76 -55.60 -17.31
C GLN G 697 15.86 -55.83 -16.10
N GLN G 698 14.55 -55.79 -16.33
CA GLN G 698 13.57 -56.00 -15.27
C GLN G 698 12.30 -56.65 -15.80
N THR G 699 11.70 -57.52 -15.00
CA THR G 699 10.46 -58.18 -15.38
C THR G 699 9.25 -57.32 -15.05
N GLU G 700 8.31 -57.23 -15.98
CA GLU G 700 7.13 -56.38 -15.82
C GLU G 700 6.08 -57.01 -14.92
N ILE G 701 6.09 -58.34 -14.85
CA ILE G 701 5.06 -59.06 -14.10
C ILE G 701 5.23 -58.92 -12.58
N THR G 702 6.46 -58.69 -12.14
CA THR G 702 6.75 -58.61 -10.71
C THR G 702 6.38 -57.25 -10.12
N CYS G 703 6.66 -56.18 -10.87
CA CYS G 703 6.39 -54.83 -10.39
C CYS G 703 5.68 -53.99 -11.45
N PRO G 704 4.75 -53.12 -11.00
CA PRO G 704 3.96 -52.27 -11.91
C PRO G 704 4.75 -51.12 -12.50
N LYS G 705 5.54 -51.39 -13.54
CA LYS G 705 6.33 -50.36 -14.21
C LYS G 705 5.53 -49.70 -15.34
N VAL G 706 4.28 -50.13 -15.49
CA VAL G 706 3.41 -49.65 -16.56
C VAL G 706 3.28 -48.12 -16.55
N ASN G 707 3.14 -47.54 -15.37
CA ASN G 707 2.98 -46.11 -15.22
C ASN G 707 4.18 -45.33 -15.76
N GLN G 708 5.37 -45.67 -15.28
CA GLN G 708 6.58 -44.95 -15.68
C GLN G 708 6.93 -45.25 -17.14
N PHE G 709 6.55 -46.43 -17.62
CA PHE G 709 6.76 -46.78 -19.02
C PHE G 709 5.86 -45.92 -19.92
N ARG G 710 4.63 -45.71 -19.49
CA ARG G 710 3.69 -44.88 -20.25
C ARG G 710 4.10 -43.40 -20.22
N GLN G 711 4.54 -42.93 -19.05
CA GLN G 711 4.95 -41.53 -18.93
C GLN G 711 6.27 -41.31 -19.68
N LEU G 712 7.04 -42.38 -19.87
CA LEU G 712 8.27 -42.30 -20.64
C LEU G 712 7.95 -42.32 -22.14
N TYR G 713 6.92 -43.07 -22.51
CA TYR G 713 6.50 -43.18 -23.91
C TYR G 713 5.70 -41.95 -24.34
N SER G 714 5.27 -41.16 -23.36
CA SER G 714 4.53 -39.94 -23.66
C SER G 714 5.47 -38.78 -23.94
N LYS G 715 6.74 -38.96 -23.61
CA LYS G 715 7.75 -37.92 -23.79
C LYS G 715 7.98 -37.57 -25.24
N VAL G 716 7.82 -38.55 -26.12
CA VAL G 716 8.04 -38.32 -27.55
C VAL G 716 6.87 -37.62 -28.21
N ILE G 717 5.66 -37.84 -27.71
CA ILE G 717 4.48 -37.19 -28.24
C ILE G 717 4.27 -35.82 -27.58
N ASN G 718 4.94 -35.61 -26.45
CA ASN G 718 4.84 -34.33 -25.73
C ASN G 718 5.99 -33.38 -26.09
N ASP G 719 6.85 -33.82 -27.00
CA ASP G 719 8.03 -33.05 -27.37
C ASP G 719 7.70 -31.66 -27.91
N LYS G 720 6.54 -31.56 -28.57
CA LYS G 720 6.11 -30.29 -29.15
C LYS G 720 5.74 -29.28 -28.06
N HIS G 721 5.17 -29.77 -26.97
CA HIS G 721 4.74 -28.91 -25.88
C HIS G 721 5.80 -28.78 -24.79
N ASP G 722 6.95 -29.42 -25.00
CA ASP G 722 8.04 -29.38 -24.03
C ASP G 722 9.26 -28.63 -24.57
N ASP G 723 10.31 -28.58 -23.76
CA ASP G 723 11.54 -27.90 -24.13
C ASP G 723 12.32 -28.68 -25.18
N VAL G 724 13.22 -27.98 -25.88
CA VAL G 724 14.04 -28.60 -26.92
C VAL G 724 15.01 -29.62 -26.32
N MET G 725 15.54 -29.32 -25.14
CA MET G 725 16.45 -30.21 -24.46
C MET G 725 15.70 -31.33 -23.74
N ALA G 726 14.41 -31.10 -23.49
CA ALA G 726 13.56 -32.07 -22.82
C ALA G 726 13.41 -33.32 -23.69
N LYS G 727 13.09 -33.13 -24.96
CA LYS G 727 12.95 -34.24 -25.89
C LYS G 727 14.31 -34.89 -26.13
N PHE G 728 15.38 -34.10 -26.02
CA PHE G 728 16.74 -34.59 -26.15
C PHE G 728 17.02 -35.63 -25.06
N GLY G 729 16.85 -35.21 -23.80
CA GLY G 729 17.05 -36.10 -22.67
C GLY G 729 16.02 -37.23 -22.66
N ALA G 730 14.91 -37.01 -23.35
CA ALA G 730 13.84 -38.00 -23.42
C ALA G 730 14.27 -39.16 -24.29
N ILE G 731 14.51 -38.88 -25.58
CA ILE G 731 14.96 -39.90 -26.51
C ILE G 731 16.31 -40.49 -26.07
N LEU G 732 17.11 -39.70 -25.36
CA LEU G 732 18.38 -40.18 -24.83
C LEU G 732 18.11 -41.19 -23.72
N ALA G 733 17.07 -40.95 -22.93
CA ALA G 733 16.67 -41.89 -21.88
C ALA G 733 16.05 -43.14 -22.48
N GLN G 734 15.42 -42.98 -23.65
CA GLN G 734 14.78 -44.10 -24.33
C GLN G 734 15.81 -44.97 -25.06
N GLY G 735 16.96 -44.37 -25.36
CA GLY G 735 18.02 -45.10 -26.02
C GLY G 735 18.75 -46.04 -25.08
N ILE G 736 18.50 -45.88 -23.79
CA ILE G 736 19.15 -46.71 -22.78
C ILE G 736 18.53 -48.10 -22.71
N LEU G 737 17.21 -48.16 -22.70
CA LEU G 737 16.49 -49.44 -22.59
C LEU G 737 16.58 -50.24 -23.89
N ASP G 738 16.59 -49.54 -25.02
CA ASP G 738 16.63 -50.20 -26.32
C ASP G 738 18.06 -50.51 -26.73
N ALA G 739 19.01 -50.17 -25.88
CA ALA G 739 20.42 -50.40 -26.16
C ALA G 739 20.76 -51.89 -26.19
N GLY G 740 21.37 -52.33 -27.28
CA GLY G 740 21.82 -53.71 -27.43
C GLY G 740 20.69 -54.72 -27.56
N GLY G 741 19.45 -54.24 -27.61
CA GLY G 741 18.29 -55.10 -27.71
C GLY G 741 18.11 -55.95 -26.45
N HIS G 742 18.21 -55.29 -25.30
CA HIS G 742 18.02 -55.92 -23.99
C HIS G 742 19.11 -56.94 -23.64
N ASN G 743 20.00 -57.22 -24.58
CA ASN G 743 21.04 -58.21 -24.38
C ASN G 743 22.14 -57.73 -23.43
N VAL G 744 22.66 -56.54 -23.68
CA VAL G 744 23.75 -56.00 -22.87
C VAL G 744 23.24 -55.07 -21.78
N THR G 745 23.86 -55.14 -20.60
CA THR G 745 23.49 -54.31 -19.47
C THR G 745 24.73 -53.72 -18.80
N ILE G 746 24.52 -53.03 -17.68
CA ILE G 746 25.62 -52.42 -16.94
C ILE G 746 25.68 -52.94 -15.51
N SER G 747 26.89 -53.03 -14.97
CA SER G 747 27.09 -53.47 -13.59
C SER G 747 28.19 -52.67 -12.92
N LEU G 748 27.92 -52.20 -11.70
CA LEU G 748 28.90 -51.41 -10.96
C LEU G 748 29.95 -52.30 -10.30
N GLN G 749 29.62 -53.58 -10.14
CA GLN G 749 30.53 -54.53 -9.50
C GLN G 749 30.53 -55.87 -10.24
N SER G 750 31.53 -56.69 -9.94
CA SER G 750 31.65 -58.01 -10.56
C SER G 750 30.92 -59.07 -9.75
N ARG G 751 31.05 -60.31 -10.19
CA ARG G 751 30.42 -61.43 -9.49
C ARG G 751 31.19 -61.76 -8.22
N THR G 752 32.49 -61.48 -8.23
CA THR G 752 33.36 -61.74 -7.08
C THR G 752 33.19 -60.68 -6.00
N GLY G 753 32.49 -59.60 -6.34
CA GLY G 753 32.22 -58.54 -5.38
C GLY G 753 33.03 -57.28 -5.63
N HIS G 754 34.07 -57.39 -6.46
CA HIS G 754 34.92 -56.25 -6.77
C HIS G 754 34.26 -55.36 -7.84
N THR G 755 34.52 -54.07 -7.76
CA THR G 755 33.93 -53.12 -8.70
C THR G 755 34.78 -52.97 -9.96
N HIS G 756 34.12 -52.82 -11.10
CA HIS G 756 34.81 -52.66 -12.37
C HIS G 756 35.26 -51.21 -12.57
N MET G 757 36.55 -51.04 -12.87
CA MET G 757 37.11 -49.72 -13.12
C MET G 757 36.54 -49.06 -14.39
N PRO G 758 36.55 -49.77 -15.54
CA PRO G 758 36.01 -49.10 -16.73
C PRO G 758 34.51 -48.84 -16.66
N SER G 759 33.82 -49.55 -15.77
CA SER G 759 32.39 -49.32 -15.58
C SER G 759 32.16 -48.01 -14.82
N VAL G 760 32.91 -47.82 -13.74
CA VAL G 760 32.83 -46.60 -12.96
C VAL G 760 33.28 -45.40 -13.78
N VAL G 761 34.39 -45.56 -14.50
CA VAL G 761 34.89 -44.52 -15.39
C VAL G 761 33.85 -44.19 -16.45
N GLY G 762 33.32 -45.23 -17.08
CA GLY G 762 32.32 -45.08 -18.13
C GLY G 762 31.07 -44.35 -17.68
N VAL G 763 30.59 -44.68 -16.48
CA VAL G 763 29.35 -44.08 -15.99
C VAL G 763 29.59 -42.66 -15.45
N LEU G 764 30.78 -42.40 -14.92
CA LEU G 764 31.06 -41.06 -14.41
C LEU G 764 31.26 -40.11 -15.58
N VAL G 765 31.94 -40.58 -16.62
CA VAL G 765 32.09 -39.80 -17.85
C VAL G 765 30.73 -39.64 -18.51
N PHE G 766 29.88 -40.66 -18.36
CA PHE G 766 28.51 -40.58 -18.84
C PHE G 766 27.75 -39.48 -18.11
N THR G 767 28.09 -39.26 -16.84
CA THR G 767 27.49 -38.19 -16.06
C THR G 767 28.20 -36.87 -16.33
N GLN G 768 29.33 -36.94 -17.04
CA GLN G 768 30.07 -35.74 -17.43
C GLN G 768 29.59 -35.19 -18.76
N PHE G 769 28.55 -35.80 -19.31
CA PHE G 769 27.99 -35.38 -20.60
C PHE G 769 27.40 -33.97 -20.52
N TRP G 770 27.19 -33.48 -19.30
CA TRP G 770 26.66 -32.14 -19.08
C TRP G 770 27.53 -31.07 -19.71
N PHE G 771 28.82 -31.13 -19.42
CA PHE G 771 29.78 -30.16 -19.97
C PHE G 771 30.05 -30.43 -21.45
N TRP G 772 30.36 -31.69 -21.78
CA TRP G 772 30.65 -32.06 -23.15
C TRP G 772 29.84 -33.30 -23.55
N PHE G 773 28.94 -33.12 -24.52
CA PHE G 773 28.05 -34.19 -24.96
C PHE G 773 28.75 -35.36 -25.68
N PRO G 774 29.70 -35.08 -26.61
CA PRO G 774 30.35 -36.20 -27.30
C PRO G 774 31.10 -37.18 -26.38
N LEU G 775 31.36 -36.79 -25.14
CA LEU G 775 32.05 -37.67 -24.20
C LEU G 775 31.18 -38.83 -23.74
N SER G 776 29.91 -38.82 -24.12
CA SER G 776 28.97 -39.85 -23.73
C SER G 776 29.23 -41.19 -24.44
N HIS G 777 30.17 -41.17 -25.38
CA HIS G 777 30.50 -42.37 -26.15
C HIS G 777 31.31 -43.38 -25.35
N PHE G 778 31.71 -43.00 -24.14
CA PHE G 778 32.49 -43.87 -23.27
C PHE G 778 31.59 -44.80 -22.47
N LEU G 779 30.27 -44.68 -22.68
CA LEU G 779 29.31 -45.53 -22.00
C LEU G 779 29.37 -46.97 -22.51
N SER G 780 29.80 -47.12 -23.75
CA SER G 780 29.88 -48.44 -24.38
C SER G 780 30.92 -49.32 -23.71
N LEU G 781 31.94 -48.69 -23.13
CA LEU G 781 33.00 -49.42 -22.44
C LEU G 781 32.54 -49.89 -21.06
N ALA G 782 31.43 -49.32 -20.58
CA ALA G 782 30.89 -49.67 -19.28
C ALA G 782 29.84 -50.77 -19.38
N TYR G 783 29.59 -51.24 -20.60
CA TYR G 783 28.61 -52.28 -20.84
C TYR G 783 29.15 -53.65 -20.43
N THR G 784 28.46 -54.31 -19.51
CA THR G 784 28.85 -55.63 -19.05
C THR G 784 27.79 -56.67 -19.42
N PRO G 785 28.12 -57.56 -20.37
CA PRO G 785 27.21 -58.63 -20.80
C PRO G 785 26.95 -59.64 -19.68
N THR G 786 25.68 -60.00 -19.48
CA THR G 786 25.31 -60.97 -18.46
C THR G 786 24.97 -62.33 -19.06
N CYS G 787 25.83 -63.31 -18.82
CA CYS G 787 25.65 -64.65 -19.35
C CYS G 787 26.57 -65.64 -18.66
N VAL G 788 26.53 -66.89 -19.10
CA VAL G 788 27.41 -67.93 -18.56
C VAL G 788 28.31 -68.49 -19.65
N ILE G 789 29.20 -69.41 -19.27
CA ILE G 789 30.12 -70.02 -20.22
C ILE G 789 30.13 -71.54 -20.09
N GLY G 790 29.71 -72.22 -21.15
CA GLY G 790 29.74 -73.67 -21.18
C GLY G 790 30.85 -74.20 -22.06
N LEU G 791 31.81 -73.33 -22.37
CA LEU G 791 32.91 -73.67 -23.26
C LEU G 791 33.97 -74.52 -22.56
N ASN G 792 34.29 -75.66 -23.16
CA ASN G 792 35.32 -76.55 -22.61
C ASN G 792 36.68 -76.30 -23.27
N LYS G 793 36.77 -76.56 -24.57
CA LYS G 793 38.00 -76.37 -25.32
C LYS G 793 37.87 -75.20 -26.28
N ASP G 794 38.99 -74.56 -26.59
CA ASP G 794 38.99 -73.36 -27.42
C ASP G 794 38.40 -73.60 -28.82
N LEU G 795 38.81 -74.70 -29.45
CA LEU G 795 38.35 -75.01 -30.80
C LEU G 795 37.15 -75.96 -30.81
N LYS G 796 36.67 -76.33 -29.63
CA LYS G 796 35.52 -77.22 -29.52
C LYS G 796 34.37 -76.55 -28.77
N MET G 797 33.24 -76.40 -29.45
CA MET G 797 32.07 -75.78 -28.85
C MET G 797 30.95 -76.80 -28.61
N PRO G 798 30.69 -77.13 -27.34
CA PRO G 798 29.64 -78.07 -26.95
C PRO G 798 28.29 -77.38 -26.77
N LYS G 799 27.29 -78.15 -26.32
CA LYS G 799 25.96 -77.60 -26.06
C LYS G 799 25.46 -78.00 -24.69
N VAL G 800 25.19 -77.00 -23.85
CA VAL G 800 24.70 -77.25 -22.49
C VAL G 800 23.31 -76.67 -22.28
N GLN G 801 22.35 -77.54 -21.98
CA GLN G 801 20.97 -77.11 -21.76
C GLN G 801 20.50 -77.48 -20.36
N TYR G 802 20.23 -76.47 -19.54
CA TYR G 802 19.74 -76.69 -18.18
C TYR G 802 18.25 -76.39 -18.10
N LYS G 803 17.69 -76.51 -16.89
CA LYS G 803 16.28 -76.24 -16.67
C LYS G 803 16.07 -75.24 -15.55
N SER G 804 14.91 -74.58 -15.54
CA SER G 804 14.58 -73.59 -14.53
C SER G 804 13.30 -73.97 -13.77
N ASN G 805 13.17 -73.47 -12.55
CA ASN G 805 12.01 -73.76 -11.72
C ASN G 805 10.92 -72.71 -11.85
N CYS G 806 11.16 -71.73 -12.72
CA CYS G 806 10.20 -70.64 -12.91
C CYS G 806 9.57 -70.69 -14.30
N LYS G 807 8.69 -69.73 -14.58
CA LYS G 807 7.99 -69.67 -15.86
C LYS G 807 8.83 -68.98 -16.92
N PRO G 808 8.99 -69.63 -18.09
CA PRO G 808 9.75 -69.08 -19.21
C PRO G 808 9.07 -67.88 -19.87
N SER G 809 7.75 -67.83 -19.76
CA SER G 809 6.97 -66.75 -20.37
C SER G 809 7.19 -65.43 -19.64
N THR G 810 7.47 -65.52 -18.34
CA THR G 810 7.71 -64.34 -17.53
C THR G 810 9.10 -63.77 -17.80
N PHE G 811 10.02 -64.63 -18.20
CA PHE G 811 11.39 -64.22 -18.49
C PHE G 811 11.58 -63.91 -19.97
N ALA G 812 10.50 -64.00 -20.73
CA ALA G 812 10.55 -63.76 -22.17
C ALA G 812 10.73 -62.27 -22.49
N TYR G 813 10.79 -61.96 -23.78
CA TYR G 813 10.98 -60.58 -24.21
C TYR G 813 9.65 -59.86 -24.41
N PRO G 814 9.55 -58.64 -23.87
CA PRO G 814 8.34 -57.81 -24.00
C PRO G 814 8.23 -57.20 -25.40
N ALA G 815 7.76 -57.99 -26.36
CA ALA G 815 7.62 -57.55 -27.74
C ALA G 815 6.62 -56.41 -27.86
N PRO G 816 7.08 -55.26 -28.39
CA PRO G 816 6.24 -54.06 -28.58
C PRO G 816 5.22 -54.25 -29.70
N LEU G 817 4.50 -53.17 -30.02
CA LEU G 817 3.50 -53.20 -31.07
C LEU G 817 4.15 -53.32 -32.44
N GLU G 818 3.47 -54.00 -33.36
CA GLU G 818 3.97 -54.20 -34.71
C GLU G 818 4.27 -52.88 -35.43
N VAL G 819 3.22 -52.11 -35.70
CA VAL G 819 3.32 -50.84 -36.41
C VAL G 819 4.09 -50.99 -37.74
N PRO G 820 3.45 -51.61 -38.73
CA PRO G 820 4.10 -51.84 -40.03
C PRO G 820 4.29 -50.54 -40.82
N SER G 834 3.46 -74.29 -15.16
CA SER G 834 4.06 -73.24 -14.33
C SER G 834 5.57 -73.43 -14.21
N ILE G 835 6.10 -74.39 -14.96
CA ILE G 835 7.54 -74.67 -14.94
C ILE G 835 8.02 -75.09 -16.31
N THR G 836 9.22 -74.65 -16.68
CA THR G 836 9.80 -74.99 -17.97
C THR G 836 10.58 -76.30 -17.92
N ALA G 837 10.51 -77.07 -19.00
CA ALA G 837 11.22 -78.33 -19.08
C ALA G 837 12.72 -78.11 -19.23
N LYS G 838 13.09 -77.07 -19.98
CA LYS G 838 14.49 -76.73 -20.19
C LYS G 838 14.65 -75.25 -20.54
N ALA G 839 15.86 -74.73 -20.35
CA ALA G 839 16.15 -73.33 -20.65
C ALA G 839 16.22 -73.10 -22.15
N LYS G 840 16.03 -71.85 -22.57
CA LYS G 840 16.07 -71.49 -23.98
C LYS G 840 17.50 -71.27 -24.46
N LYS G 841 18.44 -71.32 -23.53
CA LYS G 841 19.85 -71.12 -23.87
C LYS G 841 20.47 -72.40 -24.42
N LYS G 842 20.98 -72.32 -25.65
CA LYS G 842 21.61 -73.46 -26.30
C LYS G 842 22.92 -73.07 -26.97
N GLU G 843 23.60 -74.06 -27.55
CA GLU G 843 24.86 -73.85 -28.27
C GLU G 843 25.88 -73.08 -27.43
N LYS G 844 26.36 -73.72 -26.36
CA LYS G 844 27.35 -73.10 -25.49
C LYS G 844 28.10 -74.15 -24.67
N ASN G 880 24.25 -69.81 -27.43
CA ASN G 880 23.92 -68.39 -27.40
C ASN G 880 23.07 -68.02 -26.18
N PRO G 881 23.72 -67.83 -25.03
CA PRO G 881 23.02 -67.44 -23.80
C PRO G 881 22.41 -66.04 -23.89
N ALA G 882 21.17 -65.91 -23.47
CA ALA G 882 20.48 -64.62 -23.52
C ALA G 882 20.67 -63.86 -22.22
N ARG G 883 19.94 -62.75 -22.07
CA ARG G 883 20.02 -61.94 -20.86
C ARG G 883 19.54 -62.72 -19.63
N VAL G 884 20.23 -62.53 -18.51
CA VAL G 884 19.90 -63.24 -17.29
C VAL G 884 19.96 -62.33 -16.06
N MET G 885 18.89 -62.33 -15.28
CA MET G 885 18.84 -61.55 -14.05
C MET G 885 19.60 -62.26 -12.93
N PRO G 886 20.41 -61.51 -12.18
CA PRO G 886 21.18 -62.04 -11.05
C PRO G 886 20.32 -62.77 -10.01
N ALA G 887 19.03 -62.43 -9.93
CA ALA G 887 18.12 -63.06 -9.00
C ALA G 887 17.62 -64.40 -9.54
N GLN G 888 17.88 -64.65 -10.82
CA GLN G 888 17.46 -65.89 -11.46
C GLN G 888 18.55 -66.94 -11.42
N LEU G 889 19.67 -66.61 -10.77
CA LEU G 889 20.79 -67.52 -10.66
C LEU G 889 20.56 -68.56 -9.57
N LYS G 890 19.72 -68.24 -8.60
CA LYS G 890 19.43 -69.15 -7.49
C LYS G 890 18.37 -70.18 -7.85
N VAL G 891 17.58 -69.90 -8.88
CA VAL G 891 16.45 -70.76 -9.22
C VAL G 891 16.78 -71.79 -10.30
N LEU G 892 18.01 -71.75 -10.83
CA LEU G 892 18.41 -72.69 -11.87
C LEU G 892 18.84 -74.03 -11.25
N THR G 893 18.55 -75.11 -11.98
CA THR G 893 18.90 -76.46 -11.51
C THR G 893 19.48 -77.28 -12.65
N MET G 894 20.64 -77.89 -12.42
CA MET G 894 21.30 -78.70 -13.43
C MET G 894 20.59 -80.03 -13.64
N PRO G 895 20.46 -80.46 -14.91
CA PRO G 895 19.84 -81.73 -15.26
C PRO G 895 20.65 -82.92 -14.76
N GLU G 896 19.98 -83.91 -14.18
CA GLU G 896 20.64 -85.11 -13.69
C GLU G 896 20.91 -86.09 -14.83
N THR G 897 20.18 -85.91 -15.94
CA THR G 897 20.33 -86.77 -17.10
C THR G 897 21.30 -86.18 -18.12
N CYS G 898 21.87 -85.03 -17.78
CA CYS G 898 22.81 -84.34 -18.67
C CYS G 898 24.10 -85.14 -18.83
N ARG G 899 24.60 -85.22 -20.06
CA ARG G 899 25.79 -85.98 -20.37
C ARG G 899 27.06 -85.30 -19.89
N TYR G 900 27.18 -84.01 -20.18
CA TYR G 900 28.38 -83.25 -19.83
C TYR G 900 28.16 -82.41 -18.57
N GLN G 901 29.03 -82.58 -17.58
CA GLN G 901 28.94 -81.81 -16.35
C GLN G 901 30.32 -81.34 -15.91
N PRO G 902 30.42 -80.11 -15.41
CA PRO G 902 31.69 -79.57 -14.91
C PRO G 902 32.15 -80.27 -13.63
N PHE G 903 33.43 -80.15 -13.31
CA PHE G 903 33.98 -80.74 -12.09
C PHE G 903 33.52 -79.99 -10.85
N LYS G 904 33.27 -78.69 -11.03
CA LYS G 904 32.81 -77.84 -9.94
C LYS G 904 31.31 -77.59 -10.04
N PRO G 905 30.58 -77.88 -8.95
CA PRO G 905 29.12 -77.69 -8.90
C PRO G 905 28.70 -76.25 -9.19
N LEU G 906 27.72 -76.08 -10.08
CA LEU G 906 27.25 -74.76 -10.45
C LEU G 906 26.19 -74.26 -9.48
N SER G 907 26.45 -73.10 -8.87
CA SER G 907 25.51 -72.50 -7.93
C SER G 907 25.09 -71.11 -8.40
N ILE G 908 26.06 -70.20 -8.46
CA ILE G 908 25.80 -68.84 -8.91
C ILE G 908 26.46 -68.61 -10.28
N GLY G 909 25.85 -67.77 -11.09
CA GLY G 909 26.34 -67.49 -12.43
C GLY G 909 27.73 -66.90 -12.44
N GLY G 910 28.60 -67.42 -13.30
CA GLY G 910 29.96 -66.96 -13.40
C GLY G 910 30.71 -67.60 -14.55
N ILE G 911 32.04 -67.50 -14.52
CA ILE G 911 32.87 -68.08 -15.58
C ILE G 911 33.43 -69.43 -15.17
N ILE G 912 32.98 -70.49 -15.85
CA ILE G 912 33.44 -71.84 -15.58
C ILE G 912 33.64 -72.61 -16.88
N ILE G 913 34.36 -73.73 -16.81
CA ILE G 913 34.59 -74.57 -17.97
C ILE G 913 33.72 -75.83 -17.91
N LEU G 914 33.87 -76.69 -18.91
CA LEU G 914 33.11 -77.94 -18.97
C LEU G 914 34.05 -79.14 -19.02
N LYS G 915 33.72 -80.18 -18.25
CA LYS G 915 34.51 -81.39 -18.22
C LYS G 915 33.73 -82.57 -18.80
N ASP G 916 34.40 -83.37 -19.63
CA ASP G 916 33.76 -84.52 -20.24
C ASP G 916 33.75 -85.70 -19.27
N THR G 917 32.55 -86.17 -18.95
CA THR G 917 32.39 -87.30 -18.04
C THR G 917 32.64 -88.63 -18.75
N SER G 918 32.12 -88.74 -19.97
CA SER G 918 32.23 -89.98 -20.74
C SER G 918 33.61 -90.14 -21.37
N GLU G 919 34.21 -89.03 -21.78
CA GLU G 919 35.51 -89.03 -22.46
C GLU G 919 35.50 -89.93 -23.69
N ASP G 920 34.54 -89.70 -24.58
CA ASP G 920 34.37 -90.53 -25.76
C ASP G 920 34.06 -89.68 -26.99
N ILE G 921 33.74 -90.35 -28.10
CA ILE G 921 33.45 -89.67 -29.35
C ILE G 921 32.09 -88.96 -29.31
N GLU G 922 31.72 -88.37 -30.45
CA GLU G 922 30.47 -87.62 -30.58
C GLU G 922 30.40 -86.47 -29.59
N GLU G 923 31.26 -85.47 -29.80
CA GLU G 923 31.29 -84.29 -28.94
C GLU G 923 30.29 -83.24 -29.42
N LEU G 924 29.64 -83.53 -30.55
CA LEU G 924 28.66 -82.63 -31.15
C LEU G 924 29.26 -81.27 -31.47
N VAL G 925 30.17 -81.24 -32.44
CA VAL G 925 30.84 -80.01 -32.84
C VAL G 925 30.01 -79.28 -33.90
N GLU G 926 29.97 -77.96 -33.81
CA GLU G 926 29.21 -77.14 -34.77
C GLU G 926 30.16 -76.26 -35.58
N PRO G 927 29.79 -75.98 -36.85
CA PRO G 927 30.63 -75.19 -37.76
C PRO G 927 30.75 -73.73 -37.35
N VAL G 928 31.41 -72.95 -38.19
CA VAL G 928 31.66 -71.53 -37.91
C VAL G 928 30.98 -70.66 -38.96
N ALA G 929 30.73 -69.39 -38.62
CA ALA G 929 30.05 -68.47 -39.52
C ALA G 929 30.94 -68.07 -40.69
N ALA G 930 30.42 -67.17 -41.53
CA ALA G 930 31.13 -66.75 -42.74
C ALA G 930 31.30 -65.24 -42.79
N HIS G 931 31.82 -64.75 -43.91
CA HIS G 931 32.08 -63.32 -44.09
C HIS G 931 30.81 -62.49 -43.99
N GLY G 932 30.96 -61.24 -43.55
CA GLY G 932 29.83 -60.36 -43.36
C GLY G 932 30.23 -59.08 -42.64
N PRO G 933 29.27 -58.42 -41.98
CA PRO G 933 29.50 -57.18 -41.23
C PRO G 933 30.61 -57.32 -40.19
N LYS G 934 30.72 -58.50 -39.59
CA LYS G 934 31.77 -58.75 -38.60
C LYS G 934 33.02 -59.33 -39.27
N ILE G 935 33.97 -59.77 -38.45
CA ILE G 935 35.21 -60.33 -38.96
C ILE G 935 34.96 -61.70 -39.61
N PRO H 1 -40.59 -62.40 46.85
CA PRO H 1 -39.84 -63.48 46.20
C PRO H 1 -40.14 -63.66 44.70
N PRO H 2 -41.42 -63.66 44.29
CA PRO H 2 -41.62 -63.83 42.84
C PRO H 2 -41.12 -62.64 42.03
N GLY H 3 -41.28 -61.43 42.56
CA GLY H 3 -40.84 -60.23 41.89
C GLY H 3 -39.33 -60.19 41.73
N GLY H 4 -38.62 -60.36 42.84
CA GLY H 4 -37.17 -60.38 42.83
C GLY H 4 -36.63 -61.55 42.01
N GLY H 5 -37.39 -62.63 41.96
CA GLY H 5 -37.01 -63.80 41.18
C GLY H 5 -37.13 -63.56 39.69
N GLU H 6 -38.19 -62.87 39.29
CA GLU H 6 -38.40 -62.55 37.88
C GLU H 6 -37.45 -61.44 37.43
N GLN H 7 -37.07 -60.58 38.37
CA GLN H 7 -36.16 -59.47 38.07
C GLN H 7 -34.71 -59.87 38.36
N GLU H 8 -34.50 -61.12 38.74
CA GLU H 8 -33.17 -61.61 39.11
C GLU H 8 -32.17 -61.69 37.94
N PRO H 9 -32.56 -62.29 36.79
CA PRO H 9 -31.53 -62.47 35.75
C PRO H 9 -30.90 -61.20 35.11
N PRO H 10 -31.66 -60.10 34.88
CA PRO H 10 -30.98 -59.01 34.16
C PRO H 10 -29.79 -58.31 34.86
N PRO H 11 -29.85 -58.02 36.18
CA PRO H 11 -28.74 -57.23 36.73
C PRO H 11 -27.32 -57.86 36.70
N PRO H 12 -27.16 -59.16 37.04
CA PRO H 12 -25.77 -59.62 37.20
C PRO H 12 -24.87 -59.53 35.95
N PRO H 13 -25.33 -59.95 34.76
CA PRO H 13 -24.34 -59.84 33.68
C PRO H 13 -24.34 -58.47 33.01
N ALA H 14 -24.31 -57.40 33.79
CA ALA H 14 -24.20 -56.06 33.23
C ALA H 14 -22.80 -55.75 32.67
N PRO H 15 -21.73 -55.94 33.48
CA PRO H 15 -20.41 -55.54 32.96
C PRO H 15 -19.86 -56.43 31.85
N GLN H 16 -20.42 -57.63 31.70
CA GLN H 16 -19.88 -58.64 30.78
C GLN H 16 -19.59 -58.12 29.38
N ASP H 17 -20.54 -57.41 28.79
CA ASP H 17 -20.40 -56.90 27.43
C ASP H 17 -19.23 -55.93 27.28
N VAL H 18 -19.23 -54.88 28.09
CA VAL H 18 -18.20 -53.85 27.99
C VAL H 18 -16.83 -54.35 28.44
N GLU H 19 -16.83 -55.39 29.28
CA GLU H 19 -15.57 -55.99 29.74
C GLU H 19 -14.96 -56.85 28.64
N MET H 20 -15.78 -57.68 28.02
CA MET H 20 -15.33 -58.49 26.88
C MET H 20 -14.86 -57.59 25.76
N LYS H 21 -15.62 -56.53 25.50
CA LYS H 21 -15.23 -55.54 24.49
C LYS H 21 -13.92 -54.87 24.86
N GLU H 22 -13.74 -54.62 26.16
CA GLU H 22 -12.53 -53.98 26.66
C GLU H 22 -11.30 -54.86 26.42
N GLU H 23 -11.37 -56.11 26.87
CA GLU H 23 -10.24 -57.02 26.73
C GLU H 23 -9.97 -57.37 25.26
N ALA H 24 -11.03 -57.37 24.45
CA ALA H 24 -10.88 -57.64 23.02
C ALA H 24 -10.19 -56.48 22.31
N ALA H 25 -10.60 -55.27 22.65
CA ALA H 25 -10.03 -54.06 22.05
C ALA H 25 -8.59 -53.85 22.47
N THR H 26 -8.33 -54.01 23.76
CA THR H 26 -6.98 -53.81 24.31
C THR H 26 -6.03 -54.91 23.84
N GLY H 27 -6.44 -56.17 24.02
CA GLY H 27 -5.62 -57.29 23.64
C GLY H 27 -5.40 -57.38 22.14
N GLY H 28 -6.50 -57.42 21.39
CA GLY H 28 -6.44 -57.49 19.94
C GLY H 28 -5.78 -56.27 19.33
N GLY H 29 -5.98 -55.12 19.96
CA GLY H 29 -5.38 -53.88 19.50
C GLY H 29 -3.87 -53.87 19.68
N SER H 30 -3.43 -54.18 20.89
CA SER H 30 -2.00 -54.17 21.22
C SER H 30 -1.25 -55.24 20.43
N THR H 31 -1.75 -56.48 20.49
CA THR H 31 -1.13 -57.58 19.76
C THR H 31 -1.14 -57.32 18.27
N GLY H 32 -2.29 -56.89 17.75
CA GLY H 32 -2.44 -56.58 16.35
C GLY H 32 -1.61 -55.39 15.92
N GLU H 33 -1.15 -54.61 16.89
CA GLU H 33 -0.27 -53.47 16.63
C GLU H 33 1.18 -53.93 16.54
N ALA H 34 1.69 -54.49 17.63
CA ALA H 34 3.11 -54.82 17.74
C ALA H 34 3.47 -56.13 17.04
N ASP H 35 2.48 -56.80 16.46
CA ASP H 35 2.71 -58.05 15.75
C ASP H 35 3.74 -57.90 14.63
N GLY H 36 3.58 -56.87 13.80
CA GLY H 36 4.51 -56.60 12.73
C GLY H 36 5.88 -56.23 13.27
N LYS H 37 5.91 -55.19 14.10
CA LYS H 37 7.13 -54.82 14.81
C LYS H 37 6.85 -54.63 16.29
N THR H 38 7.40 -55.53 17.11
CA THR H 38 7.29 -55.43 18.56
C THR H 38 8.32 -54.45 19.12
N ALA H 39 9.53 -54.51 18.59
CA ALA H 39 10.65 -53.71 19.10
C ALA H 39 10.52 -52.24 18.74
N ALA H 40 9.68 -51.93 17.76
CA ALA H 40 9.49 -50.56 17.31
C ALA H 40 8.64 -49.77 18.30
N ALA H 41 7.38 -50.18 18.44
CA ALA H 41 6.46 -49.53 19.36
C ALA H 41 6.90 -49.71 20.81
N ALA H 42 6.95 -48.60 21.55
CA ALA H 42 7.37 -48.64 22.95
C ALA H 42 6.41 -47.88 23.84
N ALA H 43 5.76 -48.60 24.75
CA ALA H 43 4.88 -48.02 25.78
C ALA H 43 3.77 -47.14 25.23
N GLU H 44 3.19 -47.54 24.10
CA GLU H 44 2.04 -46.82 23.54
C GLU H 44 0.75 -47.21 24.27
N HIS H 45 0.65 -48.48 24.64
CA HIS H 45 -0.54 -48.99 25.30
C HIS H 45 -0.39 -48.99 26.83
N SER H 46 0.77 -48.56 27.30
CA SER H 46 1.08 -48.56 28.73
C SER H 46 0.13 -47.65 29.53
N GLN H 47 0.02 -46.41 29.09
CA GLN H 47 -0.85 -45.45 29.77
C GLN H 47 -2.30 -45.91 29.72
N ARG H 48 -2.68 -46.57 28.64
CA ARG H 48 -4.02 -47.14 28.51
C ARG H 48 -4.21 -48.24 29.54
N GLU H 49 -3.18 -49.06 29.73
CA GLU H 49 -3.22 -50.14 30.71
C GLU H 49 -3.39 -49.62 32.12
N LEU H 50 -2.54 -48.68 32.51
CA LEU H 50 -2.60 -48.13 33.87
C LEU H 50 -3.91 -47.37 34.09
N ASP H 51 -4.42 -46.74 33.03
CA ASP H 51 -5.71 -46.05 33.11
C ASP H 51 -6.83 -47.06 33.35
N THR H 52 -6.79 -48.17 32.64
CA THR H 52 -7.79 -49.22 32.80
C THR H 52 -7.72 -49.85 34.19
N VAL H 53 -6.51 -49.95 34.73
CA VAL H 53 -6.33 -50.48 36.08
C VAL H 53 -6.92 -49.54 37.12
N THR H 54 -6.52 -48.27 37.05
CA THR H 54 -7.03 -47.26 37.97
C THR H 54 -8.54 -47.08 37.84
N LEU H 55 -9.07 -47.39 36.66
CA LEU H 55 -10.51 -47.32 36.43
C LEU H 55 -11.22 -48.54 37.01
N GLU H 56 -10.57 -49.69 36.93
CA GLU H 56 -11.16 -50.93 37.40
C GLU H 56 -10.89 -51.19 38.88
N ASP H 57 -10.18 -50.25 39.51
CA ASP H 57 -9.88 -50.37 40.93
C ASP H 57 -11.10 -50.13 41.80
N ILE H 58 -12.00 -49.27 41.34
CA ILE H 58 -13.17 -48.86 42.11
C ILE H 58 -14.38 -49.74 41.77
N LYS H 59 -14.16 -50.78 40.95
CA LYS H 59 -15.23 -51.62 40.44
C LYS H 59 -16.17 -52.17 41.51
N GLU H 60 -17.46 -51.97 41.30
CA GLU H 60 -18.51 -52.44 42.20
C GLU H 60 -19.05 -53.79 41.73
N HIS H 61 -18.37 -54.37 40.73
CA HIS H 61 -18.83 -55.53 39.98
C HIS H 61 -19.44 -56.67 40.82
N VAL H 62 -18.63 -57.29 41.66
CA VAL H 62 -19.09 -58.45 42.41
C VAL H 62 -19.67 -58.06 43.78
N LYS H 63 -20.98 -58.25 43.91
CA LYS H 63 -21.66 -58.03 45.18
C LYS H 63 -22.57 -59.20 45.54
N GLN H 64 -23.63 -59.38 44.76
CA GLN H 64 -24.56 -60.50 44.93
C GLN H 64 -24.16 -61.64 43.98
N LEU H 65 -23.04 -61.44 43.30
CA LEU H 65 -22.60 -62.37 42.25
C LEU H 65 -21.89 -63.59 42.83
N GLU H 66 -21.82 -63.67 44.16
CA GLU H 66 -21.16 -64.78 44.84
C GLU H 66 -21.81 -66.13 44.56
N LYS H 67 -23.01 -66.14 43.99
CA LYS H 67 -23.72 -67.39 43.74
C LYS H 67 -23.87 -67.68 42.25
N ALA H 68 -23.11 -68.67 41.77
CA ALA H 68 -23.21 -69.23 40.44
C ALA H 68 -23.03 -68.22 39.31
N VAL H 69 -22.40 -67.08 39.60
CA VAL H 69 -21.99 -66.14 38.57
C VAL H 69 -20.51 -66.32 38.28
N SER H 70 -19.91 -67.29 38.97
CA SER H 70 -18.47 -67.52 38.90
C SER H 70 -18.08 -68.38 37.70
N GLY H 71 -19.07 -68.72 36.88
CA GLY H 71 -18.84 -69.54 35.69
C GLY H 71 -17.87 -68.93 34.69
N LYS H 72 -17.61 -67.64 34.83
CA LYS H 72 -16.67 -66.95 33.94
C LYS H 72 -15.23 -67.24 34.34
N GLU H 73 -15.02 -67.68 35.57
CA GLU H 73 -13.68 -67.99 36.07
C GLU H 73 -13.02 -69.20 35.39
N PRO H 74 -13.74 -70.33 35.26
CA PRO H 74 -13.08 -71.48 34.60
C PRO H 74 -12.69 -71.19 33.13
N ARG H 75 -13.57 -70.51 32.41
CA ARG H 75 -13.29 -70.18 31.01
C ARG H 75 -12.21 -69.10 30.92
N PHE H 76 -11.56 -69.01 29.77
CA PHE H 76 -10.48 -68.06 29.58
C PHE H 76 -10.29 -67.68 28.11
N VAL H 77 -9.17 -67.03 27.82
CA VAL H 77 -8.86 -66.49 26.50
C VAL H 77 -9.10 -67.45 25.34
N LEU H 78 -8.29 -68.51 25.27
CA LEU H 78 -8.39 -69.52 24.20
C LEU H 78 -8.31 -68.93 22.80
N ARG H 79 -7.27 -68.15 22.51
CA ARG H 79 -7.09 -67.59 21.17
C ARG H 79 -6.01 -68.35 20.39
N ALA H 80 -6.43 -69.02 19.33
CA ALA H 80 -5.54 -69.75 18.43
C ALA H 80 -4.65 -70.75 19.17
N LEU H 81 -5.26 -71.57 20.02
CA LEU H 81 -4.52 -72.52 20.85
C LEU H 81 -4.12 -73.79 20.10
N ARG H 82 -3.00 -74.37 20.52
CA ARG H 82 -2.55 -75.70 20.14
C ARG H 82 -2.00 -75.80 18.71
N MET H 83 -2.29 -74.81 17.88
CA MET H 83 -1.74 -74.79 16.53
C MET H 83 -1.53 -73.38 16.01
N LEU H 84 -0.39 -73.15 15.36
CA LEU H 84 -0.11 -71.84 14.76
C LEU H 84 -0.96 -71.56 13.51
N PRO H 85 -0.97 -72.49 12.52
CA PRO H 85 -1.81 -72.18 11.36
C PRO H 85 -3.23 -72.70 11.49
N SER H 86 -4.04 -72.52 10.45
CA SER H 86 -5.43 -72.97 10.43
C SER H 86 -6.22 -72.40 11.59
N THR H 87 -6.39 -71.08 11.60
CA THR H 87 -7.08 -70.40 12.69
C THR H 87 -8.55 -70.17 12.38
N SER H 88 -9.01 -70.62 11.22
CA SER H 88 -10.40 -70.42 10.81
C SER H 88 -11.39 -71.23 11.66
N ARG H 89 -11.07 -72.51 11.84
CA ARG H 89 -11.91 -73.39 12.65
C ARG H 89 -12.01 -72.87 14.07
N ARG H 90 -10.94 -72.25 14.54
CA ARG H 90 -10.91 -71.65 15.88
C ARG H 90 -11.66 -70.32 15.88
N LEU H 91 -11.70 -69.64 14.74
CA LEU H 91 -12.52 -68.44 14.59
C LEU H 91 -13.99 -68.82 14.71
N ASN H 92 -14.31 -70.02 14.25
CA ASN H 92 -15.66 -70.56 14.45
C ASN H 92 -15.87 -70.99 15.91
N HIS H 93 -14.82 -71.56 16.50
CA HIS H 93 -14.88 -72.03 17.89
C HIS H 93 -15.06 -70.89 18.87
N TYR H 94 -14.63 -69.69 18.48
CA TYR H 94 -14.80 -68.50 19.33
C TYR H 94 -16.28 -68.22 19.55
N VAL H 95 -17.07 -68.41 18.51
CA VAL H 95 -18.51 -68.26 18.59
C VAL H 95 -19.13 -69.51 19.23
N LEU H 96 -18.57 -70.67 18.90
CA LEU H 96 -19.09 -71.95 19.38
C LEU H 96 -19.07 -72.07 20.90
N TYR H 97 -17.89 -71.89 21.50
CA TYR H 97 -17.74 -72.11 22.94
C TYR H 97 -18.54 -71.08 23.75
N LYS H 98 -18.80 -69.93 23.15
CA LYS H 98 -19.65 -68.92 23.78
C LYS H 98 -21.11 -69.29 23.61
N ALA H 99 -21.43 -70.00 22.53
CA ALA H 99 -22.79 -70.43 22.25
C ALA H 99 -23.18 -71.63 23.10
N VAL H 100 -22.19 -72.40 23.53
CA VAL H 100 -22.43 -73.60 24.34
C VAL H 100 -23.10 -73.25 25.67
N GLN H 101 -22.58 -72.25 26.35
CA GLN H 101 -23.12 -71.82 27.63
C GLN H 101 -24.39 -70.99 27.46
N GLY H 102 -24.73 -70.67 26.22
CA GLY H 102 -25.87 -69.83 25.92
C GLY H 102 -27.13 -70.58 25.51
N PHE H 103 -27.12 -71.89 25.66
CA PHE H 103 -28.30 -72.69 25.31
C PHE H 103 -29.33 -72.70 26.44
N PHE H 104 -29.02 -73.43 27.51
CA PHE H 104 -29.91 -73.52 28.66
C PHE H 104 -29.22 -73.08 29.94
N THR H 105 -28.34 -73.94 30.45
CA THR H 105 -27.59 -73.65 31.67
C THR H 105 -26.16 -74.14 31.56
N SER H 106 -25.38 -73.92 32.63
CA SER H 106 -23.99 -74.36 32.66
C SER H 106 -23.55 -74.70 34.08
N ASN H 107 -22.69 -75.71 34.20
CA ASN H 107 -22.16 -76.10 35.50
C ASN H 107 -21.08 -75.13 35.97
N ASN H 108 -21.29 -74.55 37.15
CA ASN H 108 -20.36 -73.54 37.67
C ASN H 108 -19.89 -73.85 39.08
N ALA H 109 -18.77 -73.27 39.46
CA ALA H 109 -18.22 -73.43 40.80
C ALA H 109 -17.35 -72.25 41.18
N THR H 110 -16.82 -72.27 42.40
CA THR H 110 -15.99 -71.17 42.90
C THR H 110 -14.63 -71.65 43.37
N ARG H 111 -14.62 -72.37 44.49
CA ARG H 111 -13.37 -72.83 45.10
C ARG H 111 -13.01 -74.24 44.65
N ASP H 112 -13.80 -74.80 43.73
CA ASP H 112 -13.57 -76.16 43.26
C ASP H 112 -12.36 -76.23 42.33
N PHE H 113 -12.48 -75.65 41.15
CA PHE H 113 -11.39 -75.63 40.19
C PHE H 113 -10.61 -74.32 40.30
N LEU H 114 -9.39 -74.40 40.83
CA LEU H 114 -8.56 -73.22 41.00
C LEU H 114 -7.13 -73.43 40.50
N LEU H 115 -6.41 -74.33 41.17
CA LEU H 115 -4.99 -74.56 40.94
C LEU H 115 -4.58 -74.89 39.50
N PRO H 116 -5.28 -75.83 38.83
CA PRO H 116 -4.78 -76.20 37.50
C PRO H 116 -4.97 -75.13 36.42
N PHE H 117 -4.42 -73.94 36.65
CA PHE H 117 -4.43 -72.88 35.65
C PHE H 117 -3.14 -72.93 34.81
N LEU H 118 -2.21 -73.77 35.23
CA LEU H 118 -0.89 -73.85 34.60
C LEU H 118 -0.83 -74.91 33.52
N GLU H 119 -1.96 -75.54 33.23
CA GLU H 119 -2.02 -76.62 32.24
C GLU H 119 -1.56 -76.17 30.86
N GLU H 120 -2.12 -75.06 30.38
CA GLU H 120 -1.77 -74.52 29.06
C GLU H 120 -0.32 -74.02 28.93
N PRO H 121 0.18 -73.25 29.92
CA PRO H 121 1.58 -72.81 29.80
C PRO H 121 2.61 -73.95 29.79
N MET H 122 2.21 -75.13 30.25
CA MET H 122 3.11 -76.28 30.24
C MET H 122 3.48 -76.69 28.82
N ASP H 123 2.59 -76.40 27.88
CA ASP H 123 2.84 -76.72 26.48
C ASP H 123 2.83 -75.45 25.62
N THR H 124 1.64 -74.91 25.40
CA THR H 124 1.48 -73.71 24.58
C THR H 124 0.55 -72.70 25.23
N GLU H 125 1.06 -71.49 25.49
CA GLU H 125 0.23 -70.43 26.05
C GLU H 125 -0.91 -70.07 25.09
N ALA H 126 -0.55 -69.60 23.91
CA ALA H 126 -1.54 -69.44 22.85
C ALA H 126 -1.08 -69.98 21.50
N ASP H 127 -0.15 -69.25 20.87
CA ASP H 127 0.31 -69.57 19.52
C ASP H 127 1.65 -70.30 19.46
N LEU H 128 2.24 -70.59 20.62
CA LEU H 128 3.56 -71.22 20.74
C LEU H 128 4.68 -70.27 20.30
N GLN H 129 4.31 -69.09 19.80
CA GLN H 129 5.28 -68.10 19.35
C GLN H 129 5.34 -66.90 20.30
N PHE H 130 4.21 -66.23 20.46
CA PHE H 130 4.10 -64.98 21.22
C PHE H 130 3.83 -65.22 22.69
N ARG H 131 3.98 -66.47 23.12
CA ARG H 131 3.58 -66.94 24.46
C ARG H 131 3.84 -66.01 25.66
N PRO H 132 5.03 -65.37 25.73
CA PRO H 132 5.21 -64.52 26.91
C PRO H 132 4.23 -63.35 27.01
N ARG H 133 4.05 -62.61 25.94
CA ARG H 133 3.20 -61.42 25.96
C ARG H 133 1.72 -61.78 25.96
N THR H 134 1.36 -62.77 25.15
CA THR H 134 -0.01 -63.25 25.11
C THR H 134 -0.35 -63.94 26.43
N GLY H 135 0.65 -64.61 27.00
CA GLY H 135 0.48 -65.29 28.27
C GLY H 135 0.25 -64.34 29.42
N LYS H 136 1.06 -63.28 29.50
CA LYS H 136 0.89 -62.30 30.57
C LYS H 136 -0.41 -61.51 30.36
N ALA H 137 -0.71 -61.19 29.10
CA ALA H 137 -1.93 -60.46 28.78
C ALA H 137 -3.16 -61.34 28.98
N ALA H 138 -2.94 -62.64 29.12
CA ALA H 138 -4.01 -63.58 29.43
C ALA H 138 -4.20 -63.68 30.94
N SER H 139 -3.16 -64.16 31.62
CA SER H 139 -3.22 -64.41 33.05
C SER H 139 -3.40 -63.15 33.90
N THR H 140 -2.51 -62.18 33.72
CA THR H 140 -2.45 -61.03 34.63
C THR H 140 -3.73 -60.19 34.78
N PRO H 141 -4.51 -59.99 33.70
CA PRO H 141 -5.71 -59.17 33.95
C PRO H 141 -6.77 -59.84 34.83
N LEU H 142 -6.93 -61.14 34.70
CA LEU H 142 -8.02 -61.84 35.39
C LEU H 142 -7.64 -62.31 36.79
N LEU H 143 -6.36 -62.23 37.13
CA LEU H 143 -5.89 -62.69 38.44
C LEU H 143 -6.41 -61.87 39.64
N PRO H 144 -6.40 -60.52 39.55
CA PRO H 144 -6.93 -59.78 40.71
C PRO H 144 -8.41 -60.01 40.94
N GLU H 145 -9.14 -60.35 39.87
CA GLU H 145 -10.56 -60.63 39.97
C GLU H 145 -10.82 -61.90 40.79
N VAL H 146 -9.97 -62.90 40.60
CA VAL H 146 -10.08 -64.16 41.33
C VAL H 146 -9.53 -64.01 42.74
N GLU H 147 -8.53 -63.14 42.89
CA GLU H 147 -7.88 -62.93 44.18
C GLU H 147 -8.57 -61.83 44.98
N ALA H 148 -9.68 -61.33 44.45
CA ALA H 148 -10.46 -60.29 45.14
C ALA H 148 -11.03 -60.81 46.45
N TYR H 149 -11.37 -59.90 47.35
CA TYR H 149 -11.82 -60.23 48.70
C TYR H 149 -10.76 -61.02 49.44
N LEU H 150 -9.68 -60.32 49.80
CA LEU H 150 -8.52 -60.91 50.47
C LEU H 150 -8.88 -61.70 51.72
N GLN H 151 -9.90 -61.25 52.44
CA GLN H 151 -10.32 -61.90 53.68
C GLN H 151 -11.03 -63.23 53.41
N LEU H 152 -11.47 -63.88 54.48
CA LEU H 152 -12.16 -65.17 54.40
C LEU H 152 -11.31 -66.26 53.74
N LEU H 153 -10.22 -66.62 54.43
CA LEU H 153 -9.35 -67.76 54.07
C LEU H 153 -8.96 -67.86 52.60
N VAL H 154 -8.75 -66.72 51.94
CA VAL H 154 -8.22 -66.73 50.58
C VAL H 154 -6.70 -66.54 50.64
N VAL H 155 -6.18 -66.40 51.85
CA VAL H 155 -4.75 -66.20 52.06
C VAL H 155 -3.93 -67.36 51.52
N ILE H 156 -4.37 -68.59 51.81
CA ILE H 156 -3.69 -69.78 51.34
C ILE H 156 -3.73 -69.86 49.81
N PHE H 157 -4.90 -69.60 49.24
CA PHE H 157 -5.06 -69.58 47.79
C PHE H 157 -4.23 -68.47 47.17
N MET H 158 -4.07 -67.38 47.91
CA MET H 158 -3.24 -66.26 47.48
C MET H 158 -1.77 -66.69 47.46
N MET H 159 -1.40 -67.55 48.40
CA MET H 159 -0.04 -68.08 48.45
C MET H 159 0.19 -69.04 47.29
N ASN H 160 -0.82 -69.84 46.97
CA ASN H 160 -0.77 -70.70 45.79
C ASN H 160 -0.58 -69.87 44.53
N SER H 161 -1.31 -68.76 44.46
CA SER H 161 -1.17 -67.83 43.34
C SER H 161 0.25 -67.27 43.29
N LYS H 162 0.80 -66.95 44.46
CA LYS H 162 2.18 -66.49 44.57
C LYS H 162 3.16 -67.47 43.96
N ARG H 163 3.23 -68.67 44.54
CA ARG H 163 4.17 -69.68 44.08
C ARG H 163 3.96 -70.06 42.61
N TYR H 164 2.71 -70.02 42.15
CA TYR H 164 2.42 -70.29 40.74
C TYR H 164 3.00 -69.20 39.85
N LYS H 165 2.72 -67.94 40.20
CA LYS H 165 3.27 -66.80 39.48
C LYS H 165 4.79 -66.87 39.41
N GLU H 166 5.41 -67.14 40.55
CA GLU H 166 6.86 -67.24 40.60
C GLU H 166 7.36 -68.33 39.67
N ALA H 167 6.87 -69.54 39.90
CA ALA H 167 7.31 -70.72 39.14
C ALA H 167 7.13 -70.57 37.64
N GLN H 168 6.05 -69.91 37.22
CA GLN H 168 5.82 -69.73 35.80
C GLN H 168 6.71 -68.62 35.23
N LYS H 169 6.93 -67.56 36.00
CA LYS H 169 7.77 -66.46 35.50
C LYS H 169 8.68 -65.79 36.53
N ILE H 170 8.08 -65.13 37.52
CA ILE H 170 8.80 -64.39 38.56
C ILE H 170 9.96 -65.05 39.31
N SER H 171 9.90 -66.36 39.54
CA SER H 171 10.95 -67.03 40.29
C SER H 171 12.28 -66.48 39.80
N ASP H 172 12.56 -66.74 38.52
CA ASP H 172 13.64 -66.07 37.81
C ASP H 172 13.09 -65.34 36.59
N ASP H 173 12.77 -66.10 35.55
CA ASP H 173 12.26 -65.59 34.28
C ASP H 173 12.07 -66.75 33.30
N LEU H 174 11.33 -66.52 32.22
CA LEU H 174 11.16 -67.53 31.19
C LEU H 174 12.37 -67.59 30.28
N MET H 175 13.05 -66.45 30.14
CA MET H 175 14.30 -66.37 29.39
C MET H 175 15.17 -65.27 30.01
N GLN H 176 16.45 -65.25 29.63
CA GLN H 176 17.40 -64.27 30.15
C GLN H 176 16.86 -62.83 30.13
N LYS H 177 16.58 -62.31 28.93
CA LYS H 177 15.98 -60.99 28.81
C LYS H 177 14.98 -60.93 27.65
N ILE H 178 13.83 -60.31 27.89
CA ILE H 178 12.82 -60.17 26.85
C ILE H 178 13.19 -59.02 25.91
N SER H 179 13.66 -57.92 26.50
CA SER H 179 14.14 -56.75 25.77
C SER H 179 13.10 -56.16 24.82
N THR H 180 11.84 -56.12 25.23
CA THR H 180 10.77 -55.57 24.41
C THR H 180 9.71 -54.80 25.19
N GLN H 181 8.67 -54.37 24.48
CA GLN H 181 7.60 -53.59 25.07
C GLN H 181 6.81 -54.39 26.11
N ASN H 182 6.68 -55.69 25.87
CA ASN H 182 6.00 -56.56 26.82
C ASN H 182 6.80 -56.70 28.11
N ARG H 183 8.12 -56.51 28.00
CA ARG H 183 8.99 -56.46 29.17
C ARG H 183 8.84 -55.13 29.90
N ARG H 184 8.85 -54.04 29.13
CA ARG H 184 8.68 -52.70 29.69
C ARG H 184 7.35 -52.59 30.43
N ALA H 185 6.35 -53.33 29.96
CA ALA H 185 5.07 -53.43 30.64
C ALA H 185 5.16 -54.41 31.82
N LEU H 186 5.93 -55.48 31.63
CA LEU H 186 6.10 -56.50 32.65
C LEU H 186 6.69 -55.92 33.92
N ASP H 187 7.51 -54.88 33.78
CA ASP H 187 8.06 -54.17 34.93
C ASP H 187 6.94 -53.66 35.85
N LEU H 188 6.13 -52.73 35.33
CA LEU H 188 5.07 -52.11 36.10
C LEU H 188 3.96 -53.10 36.47
N VAL H 189 3.78 -54.14 35.67
CA VAL H 189 2.79 -55.17 35.98
C VAL H 189 3.21 -56.01 37.17
N ALA H 190 4.44 -56.52 37.13
CA ALA H 190 4.98 -57.31 38.24
C ALA H 190 5.10 -56.46 39.50
N ALA H 191 5.42 -55.18 39.31
CA ALA H 191 5.47 -54.24 40.41
C ALA H 191 4.09 -54.09 41.05
N LYS H 192 3.08 -53.92 40.19
CA LYS H 192 1.69 -53.80 40.65
C LYS H 192 1.25 -55.05 41.40
N CYS H 193 1.72 -56.20 40.94
CA CYS H 193 1.44 -57.46 41.62
C CYS H 193 2.10 -57.48 42.99
N TYR H 194 3.32 -56.94 43.05
CA TYR H 194 4.05 -56.84 44.31
C TYR H 194 3.28 -55.97 45.30
N TYR H 195 2.74 -54.85 44.82
CA TYR H 195 1.90 -54.01 45.65
C TYR H 195 0.60 -54.72 46.01
N TYR H 196 0.19 -55.67 45.17
CA TYR H 196 -1.06 -56.38 45.38
C TYR H 196 -0.94 -57.39 46.53
N HIS H 197 0.14 -58.16 46.55
CA HIS H 197 0.33 -59.12 47.63
C HIS H 197 1.15 -58.54 48.78
N ALA H 198 1.50 -57.25 48.67
CA ALA H 198 2.18 -56.55 49.74
C ALA H 198 1.33 -56.54 51.01
N ARG H 199 0.02 -56.39 50.82
CA ARG H 199 -0.92 -56.40 51.93
C ARG H 199 -0.91 -57.76 52.62
N VAL H 200 -0.84 -58.82 51.83
CA VAL H 200 -0.78 -60.18 52.36
C VAL H 200 0.51 -60.38 53.14
N TYR H 201 1.61 -59.83 52.61
CA TYR H 201 2.89 -59.86 53.30
C TYR H 201 2.80 -59.20 54.67
N GLU H 202 2.48 -57.92 54.69
CA GLU H 202 2.42 -57.14 55.93
C GLU H 202 1.28 -57.56 56.85
N PHE H 203 0.38 -58.42 56.36
CA PHE H 203 -0.80 -58.82 57.13
C PHE H 203 -0.44 -59.55 58.43
N LEU H 204 0.30 -60.64 58.32
CA LEU H 204 0.61 -61.46 59.50
C LEU H 204 2.12 -61.71 59.65
N ASP H 205 2.72 -62.41 58.69
CA ASP H 205 4.15 -62.70 58.75
C ASP H 205 5.00 -61.51 58.31
N LYS H 206 6.31 -61.74 58.20
CA LYS H 206 7.23 -60.70 57.78
C LYS H 206 8.05 -61.18 56.58
N LEU H 207 9.04 -60.38 56.19
CA LEU H 207 9.82 -60.67 54.99
C LEU H 207 11.18 -61.26 55.31
N ASP H 208 11.34 -62.57 55.07
CA ASP H 208 12.66 -63.17 55.09
C ASP H 208 13.26 -63.45 53.71
N VAL H 209 12.49 -63.28 52.64
CA VAL H 209 12.94 -63.76 51.33
C VAL H 209 12.77 -62.81 50.13
N VAL H 210 11.51 -62.54 49.76
CA VAL H 210 11.17 -62.03 48.44
C VAL H 210 11.78 -60.68 48.07
N ARG H 211 11.51 -59.66 48.87
CA ARG H 211 11.99 -58.31 48.57
C ARG H 211 13.48 -58.21 48.85
N SER H 212 14.01 -59.16 49.62
CA SER H 212 15.44 -59.24 49.87
C SER H 212 16.15 -59.78 48.63
N PHE H 213 15.48 -60.66 47.91
CA PHE H 213 16.00 -61.20 46.66
C PHE H 213 15.67 -60.26 45.51
N LEU H 214 14.77 -59.32 45.77
CA LEU H 214 14.35 -58.34 44.77
C LEU H 214 15.48 -57.38 44.41
N HIS H 215 16.50 -57.35 45.25
CA HIS H 215 17.71 -56.57 44.96
C HIS H 215 18.51 -57.25 43.86
N ALA H 216 18.70 -58.56 44.00
CA ALA H 216 19.38 -59.36 42.99
C ALA H 216 18.55 -59.39 41.71
N ARG H 217 17.24 -59.38 41.86
CA ARG H 217 16.33 -59.31 40.72
C ARG H 217 16.39 -57.93 40.08
N LEU H 218 16.77 -56.93 40.87
CA LEU H 218 16.86 -55.56 40.39
C LEU H 218 18.15 -55.36 39.59
N ARG H 219 19.23 -55.98 40.05
CA ARG H 219 20.51 -55.84 39.38
C ARG H 219 20.81 -56.98 38.41
N THR H 220 19.85 -57.89 38.25
CA THR H 220 20.02 -59.02 37.34
C THR H 220 20.18 -58.56 35.89
N ALA H 221 18.08 -56.07 36.47
CA ALA H 221 18.03 -55.15 35.34
C ALA H 221 19.38 -54.48 35.12
N THR H 222 19.78 -54.34 33.86
CA THR H 222 21.04 -53.72 33.50
C THR H 222 21.00 -52.21 33.80
N LEU H 223 22.17 -51.60 33.96
CA LEU H 223 22.26 -50.18 34.26
C LEU H 223 21.91 -49.32 33.05
N ARG H 224 21.72 -49.95 31.90
CA ARG H 224 21.35 -49.24 30.68
C ARG H 224 19.85 -49.03 30.61
N HIS H 225 19.15 -49.51 31.65
CA HIS H 225 17.71 -49.35 31.75
C HIS H 225 17.32 -47.88 31.93
N ASP H 226 16.08 -47.54 31.61
CA ASP H 226 15.56 -46.21 31.88
C ASP H 226 15.25 -46.07 33.36
N ALA H 227 15.37 -47.19 34.08
CA ALA H 227 15.19 -47.27 35.52
C ALA H 227 13.78 -46.90 35.95
N ASP H 228 12.82 -47.04 35.04
CA ASP H 228 11.42 -46.85 35.39
C ASP H 228 10.95 -48.00 36.27
N GLY H 229 11.14 -49.21 35.76
CA GLY H 229 10.83 -50.42 36.50
C GLY H 229 11.67 -50.52 37.74
N GLN H 230 12.93 -50.08 37.64
CA GLN H 230 13.84 -50.07 38.77
C GLN H 230 13.33 -49.15 39.88
N ALA H 231 12.81 -47.99 39.48
CA ALA H 231 12.27 -47.03 40.43
C ALA H 231 10.98 -47.55 41.06
N THR H 232 10.14 -48.20 40.26
CA THR H 232 8.90 -48.78 40.76
C THR H 232 9.19 -49.89 41.77
N LEU H 233 10.24 -50.66 41.51
CA LEU H 233 10.66 -51.70 42.44
C LEU H 233 11.37 -51.10 43.64
N LEU H 234 11.85 -49.86 43.47
CA LEU H 234 12.49 -49.14 44.57
C LEU H 234 11.43 -48.56 45.51
N ASN H 235 10.26 -48.28 44.96
CA ASN H 235 9.17 -47.70 45.75
C ASN H 235 8.63 -48.65 46.81
N LEU H 236 8.52 -49.93 46.45
CA LEU H 236 8.01 -50.93 47.38
C LEU H 236 9.03 -51.22 48.47
N LEU H 237 10.31 -51.16 48.12
CA LEU H 237 11.39 -51.36 49.08
C LEU H 237 11.45 -50.19 50.05
N LEU H 238 11.28 -48.97 49.52
CA LEU H 238 11.28 -47.77 50.34
C LEU H 238 10.06 -47.74 51.26
N ARG H 239 8.95 -48.26 50.76
CA ARG H 239 7.73 -48.35 51.55
C ARG H 239 7.88 -49.42 52.62
N ASN H 240 8.68 -50.43 52.32
CA ASN H 240 8.98 -51.47 53.30
C ASN H 240 9.98 -50.95 54.33
N TYR H 241 10.71 -49.91 53.96
CA TYR H 241 11.65 -49.27 54.87
C TYR H 241 11.01 -48.06 55.55
N LEU H 242 9.75 -47.81 55.22
CA LEU H 242 9.05 -46.62 55.70
C LEU H 242 8.70 -46.71 57.18
N HIS H 243 8.06 -47.80 57.59
CA HIS H 243 7.59 -47.93 58.97
C HIS H 243 8.74 -48.00 59.97
N TYR H 244 9.66 -48.94 59.78
CA TYR H 244 10.82 -49.03 60.65
C TYR H 244 12.13 -49.17 59.87
N SER H 245 12.97 -48.15 59.96
CA SER H 245 14.33 -48.21 59.42
C SER H 245 15.32 -47.71 60.48
N LEU H 246 15.26 -46.41 60.72
CA LEU H 246 16.02 -45.74 61.79
C LEU H 246 17.54 -45.71 61.55
N TYR H 247 18.01 -46.36 60.49
CA TYR H 247 19.42 -46.26 60.14
C TYR H 247 19.61 -45.43 58.86
N ASP H 248 20.14 -44.23 59.01
CA ASP H 248 20.32 -43.32 57.89
C ASP H 248 21.74 -43.31 57.32
N GLN H 249 22.61 -44.14 57.89
CA GLN H 249 24.03 -44.08 57.56
C GLN H 249 24.38 -44.58 56.16
N ALA H 250 23.45 -45.29 55.51
CA ALA H 250 23.75 -45.87 54.21
C ALA H 250 22.84 -45.38 53.09
N GLU H 251 21.62 -45.91 53.05
CA GLU H 251 20.70 -45.67 51.93
C GLU H 251 20.50 -44.18 51.69
N LYS H 252 20.62 -43.39 52.75
CA LYS H 252 20.66 -41.95 52.58
C LYS H 252 22.05 -41.59 52.03
N LEU H 253 22.05 -40.98 50.85
CA LEU H 253 23.24 -40.60 50.09
C LEU H 253 23.92 -41.77 49.37
N VAL H 254 23.63 -43.02 49.75
CA VAL H 254 24.05 -44.12 48.87
C VAL H 254 23.03 -44.34 47.74
N SER H 255 21.74 -44.29 48.07
CA SER H 255 20.69 -44.57 47.09
C SER H 255 20.60 -43.49 46.00
N LYS H 256 21.27 -42.36 46.22
CA LYS H 256 21.31 -41.29 45.24
C LYS H 256 22.01 -41.75 43.97
N SER H 257 21.46 -41.37 42.82
CA SER H 257 21.98 -41.80 41.53
C SER H 257 21.84 -40.73 40.46
N VAL H 258 22.08 -41.11 39.21
CA VAL H 258 21.98 -40.20 38.08
C VAL H 258 20.57 -39.63 37.92
N PHE H 259 19.58 -40.38 38.38
CA PHE H 259 18.18 -39.99 38.32
C PHE H 259 17.72 -39.66 36.90
N PRO H 260 17.56 -40.70 36.05
CA PRO H 260 17.13 -40.53 34.65
C PRO H 260 15.73 -39.93 34.53
N GLU H 261 15.25 -39.77 33.30
CA GLU H 261 13.96 -39.13 33.07
C GLU H 261 12.80 -40.09 33.31
N GLN H 262 11.95 -39.73 34.28
CA GLN H 262 10.76 -40.51 34.63
C GLN H 262 9.62 -39.56 34.96
N ALA H 263 8.44 -39.80 34.40
CA ALA H 263 7.29 -38.97 34.75
C ALA H 263 6.12 -39.78 35.30
N ASN H 264 5.37 -40.44 34.40
CA ASN H 264 4.25 -41.30 34.75
C ASN H 264 3.08 -40.56 35.43
N ASN H 265 3.34 -39.31 35.83
CA ASN H 265 2.37 -38.45 36.51
C ASN H 265 1.83 -39.07 37.80
N ASN H 266 2.56 -40.04 38.33
CA ASN H 266 2.22 -40.71 39.58
C ASN H 266 3.45 -40.86 40.48
N GLU H 267 4.40 -41.62 39.95
CA GLU H 267 5.62 -42.00 40.65
C GLU H 267 6.36 -40.79 41.22
N TRP H 268 6.34 -39.67 40.51
CA TRP H 268 6.91 -38.44 41.03
C TRP H 268 6.26 -38.08 42.36
N ALA H 269 4.94 -38.02 42.35
CA ALA H 269 4.17 -37.64 43.53
C ALA H 269 4.37 -38.62 44.69
N ARG H 270 4.20 -39.91 44.44
CA ARG H 270 4.27 -40.88 45.53
C ARG H 270 5.69 -41.08 46.06
N TYR H 271 6.69 -41.01 45.18
CA TYR H 271 8.08 -41.16 45.61
C TYR H 271 8.54 -39.91 46.36
N LEU H 272 8.07 -38.75 45.92
CA LEU H 272 8.39 -37.50 46.62
C LEU H 272 7.70 -37.50 47.98
N TYR H 273 6.55 -38.17 48.05
CA TYR H 273 5.85 -38.35 49.31
C TYR H 273 6.65 -39.27 50.24
N TYR H 274 7.22 -40.32 49.67
CA TYR H 274 8.01 -41.27 50.43
C TYR H 274 9.28 -40.64 50.99
N THR H 275 10.10 -40.07 50.11
CA THR H 275 11.36 -39.48 50.51
C THR H 275 11.12 -38.20 51.31
N GLY H 276 9.94 -37.61 51.14
CA GLY H 276 9.55 -36.46 51.92
C GLY H 276 9.24 -36.88 53.35
N ARG H 277 8.56 -38.03 53.48
CA ARG H 277 8.26 -38.60 54.78
C ARG H 277 9.54 -39.02 55.49
N ILE H 278 10.49 -39.55 54.73
CA ILE H 278 11.78 -39.95 55.29
C ILE H 278 12.59 -38.73 55.72
N LYS H 279 12.53 -37.67 54.93
CA LYS H 279 13.32 -36.47 55.21
C LYS H 279 12.58 -35.48 56.11
N ALA H 280 11.39 -35.85 56.57
CA ALA H 280 10.63 -35.00 57.47
C ALA H 280 11.02 -35.24 58.92
N ILE H 281 11.82 -36.28 59.16
CA ILE H 281 12.19 -36.66 60.52
C ILE H 281 13.31 -35.77 61.08
N GLN H 282 14.13 -35.20 60.20
CA GLN H 282 15.20 -34.31 60.63
C GLN H 282 14.77 -32.85 60.56
N LEU H 283 13.52 -32.63 60.18
CA LEU H 283 12.93 -31.29 60.12
C LEU H 283 13.70 -30.35 59.18
N GLU H 284 13.62 -30.63 57.89
CA GLU H 284 14.28 -29.79 56.89
C GLU H 284 13.38 -28.61 56.50
N TYR H 285 13.85 -27.40 56.78
CA TYR H 285 13.07 -26.19 56.53
C TYR H 285 13.13 -25.74 55.08
N SER H 286 14.25 -26.01 54.41
CA SER H 286 14.48 -25.49 53.06
C SER H 286 13.94 -26.38 51.96
N GLU H 287 14.54 -27.56 51.81
CA GLU H 287 14.25 -28.45 50.69
C GLU H 287 12.91 -29.17 50.85
N ALA H 288 12.82 -29.99 51.90
CA ALA H 288 11.64 -30.82 52.15
C ALA H 288 10.34 -30.04 52.10
N ARG H 289 10.35 -28.84 52.67
CA ARG H 289 9.19 -27.95 52.69
C ARG H 289 8.66 -27.69 51.28
N ARG H 290 9.47 -27.02 50.47
CA ARG H 290 9.05 -26.60 49.14
C ARG H 290 8.82 -27.79 48.20
N THR H 291 9.61 -28.85 48.36
CA THR H 291 9.48 -29.99 47.45
C THR H 291 8.24 -30.83 47.77
N MET H 292 7.88 -30.90 49.05
CA MET H 292 6.70 -31.64 49.46
C MET H 292 5.45 -30.82 49.19
N THR H 293 5.57 -29.51 49.31
CA THR H 293 4.48 -28.61 48.98
C THR H 293 4.19 -28.68 47.48
N ASN H 294 5.27 -28.68 46.68
CA ASN H 294 5.14 -28.83 45.23
C ASN H 294 4.56 -30.19 44.89
N ALA H 295 5.01 -31.22 45.59
CA ALA H 295 4.49 -32.57 45.40
C ALA H 295 3.00 -32.61 45.71
N LEU H 296 2.57 -31.81 46.67
CA LEU H 296 1.16 -31.67 47.00
C LEU H 296 0.42 -30.96 45.87
N ARG H 297 1.09 -29.98 45.27
CA ARG H 297 0.49 -29.23 44.16
C ARG H 297 0.50 -30.05 42.87
N LYS H 298 1.17 -31.20 42.89
CA LYS H 298 1.22 -32.07 41.71
C LYS H 298 0.18 -33.18 41.76
N ALA H 299 0.25 -34.07 40.76
CA ALA H 299 -0.66 -35.21 40.61
C ALA H 299 -2.14 -34.85 40.65
N PRO H 300 -2.59 -33.96 39.74
CA PRO H 300 -4.02 -33.61 39.65
C PRO H 300 -4.87 -34.72 39.03
N GLN H 301 -4.22 -35.68 38.37
CA GLN H 301 -4.89 -36.61 37.46
C GLN H 301 -6.06 -37.39 38.04
N HIS H 302 -5.83 -38.14 39.13
CA HIS H 302 -6.86 -39.05 39.62
C HIS H 302 -7.60 -38.51 40.83
N THR H 303 -6.97 -38.61 42.00
CA THR H 303 -7.58 -38.09 43.23
C THR H 303 -6.57 -37.36 44.11
N ALA H 304 -6.81 -36.08 44.34
CA ALA H 304 -6.04 -35.33 45.33
C ALA H 304 -6.83 -35.27 46.65
N VAL H 305 -8.05 -35.79 46.62
CA VAL H 305 -8.95 -35.73 47.77
C VAL H 305 -8.62 -36.77 48.84
N GLY H 306 -8.44 -38.02 48.42
CA GLY H 306 -8.24 -39.11 49.34
C GLY H 306 -6.78 -39.54 49.49
N PHE H 307 -5.94 -39.04 48.59
CA PHE H 307 -4.53 -39.39 48.59
C PHE H 307 -3.71 -38.28 49.26
N LYS H 308 -3.76 -37.10 48.67
CA LYS H 308 -2.96 -35.95 49.13
C LYS H 308 -3.32 -35.46 50.54
N GLN H 309 -4.38 -36.01 51.12
CA GLN H 309 -4.79 -35.61 52.47
C GLN H 309 -3.73 -35.95 53.52
N THR H 310 -3.06 -37.09 53.34
CA THR H 310 -2.03 -37.52 54.28
C THR H 310 -0.79 -36.65 54.18
N VAL H 311 -0.33 -36.41 52.95
CA VAL H 311 0.84 -35.58 52.73
C VAL H 311 0.54 -34.12 53.07
N HIS H 312 -0.74 -33.78 53.09
CA HIS H 312 -1.17 -32.44 53.51
C HIS H 312 -1.12 -32.34 55.03
N LYS H 313 -1.55 -33.41 55.70
CA LYS H 313 -1.46 -33.48 57.15
C LYS H 313 0.00 -33.35 57.58
N LEU H 314 0.86 -34.16 56.97
CA LEU H 314 2.29 -34.09 57.24
C LEU H 314 2.84 -32.70 56.90
N LEU H 315 2.31 -32.11 55.82
CA LEU H 315 2.74 -30.80 55.38
C LEU H 315 2.49 -29.74 56.44
N ILE H 316 1.25 -29.62 56.90
CA ILE H 316 0.92 -28.61 57.90
C ILE H 316 1.59 -28.93 59.24
N VAL H 317 1.76 -30.21 59.53
CA VAL H 317 2.42 -30.64 60.76
C VAL H 317 3.87 -30.18 60.80
N VAL H 318 4.59 -30.31 59.68
CA VAL H 318 5.97 -29.84 59.62
C VAL H 318 6.03 -28.34 59.35
N GLU H 319 4.90 -27.76 58.96
CA GLU H 319 4.83 -26.33 58.69
C GLU H 319 4.70 -25.52 59.98
N LEU H 320 3.90 -26.02 60.93
CA LEU H 320 3.69 -25.31 62.18
C LEU H 320 4.94 -25.30 63.06
N LEU H 321 5.94 -26.08 62.68
CA LEU H 321 7.19 -26.17 63.43
C LEU H 321 8.06 -24.93 63.23
N LEU H 322 7.78 -24.17 62.16
CA LEU H 322 8.54 -22.96 61.86
C LEU H 322 7.92 -21.73 62.52
N GLY H 323 6.75 -21.92 63.13
CA GLY H 323 6.05 -20.83 63.79
C GLY H 323 4.99 -20.20 62.92
N GLU H 324 5.13 -20.37 61.61
CA GLU H 324 4.15 -19.86 60.66
C GLU H 324 3.44 -21.01 59.96
N ILE H 325 2.16 -21.19 60.27
CA ILE H 325 1.40 -22.30 59.71
C ILE H 325 0.25 -21.82 58.81
N PRO H 326 0.40 -22.05 57.50
CA PRO H 326 -0.68 -21.79 56.54
C PRO H 326 -1.76 -22.86 56.60
N ASP H 327 -3.02 -22.46 56.47
CA ASP H 327 -4.13 -23.41 56.49
C ASP H 327 -4.62 -23.74 55.09
N ARG H 328 -5.70 -24.51 55.02
CA ARG H 328 -6.30 -24.88 53.75
C ARG H 328 -7.09 -23.70 53.17
N LEU H 329 -6.75 -23.31 51.95
CA LEU H 329 -7.39 -22.15 51.33
C LEU H 329 -8.01 -22.46 49.97
N GLN H 330 -7.17 -22.75 48.98
CA GLN H 330 -7.63 -22.91 47.60
C GLN H 330 -8.34 -24.24 47.34
N PHE H 331 -7.96 -25.28 48.07
CA PHE H 331 -8.53 -26.60 47.85
C PHE H 331 -9.77 -26.82 48.71
N ARG H 332 -10.91 -27.06 48.06
CA ARG H 332 -12.14 -27.33 48.78
C ARG H 332 -12.64 -28.75 48.56
N GLN H 333 -12.52 -29.57 49.60
CA GLN H 333 -13.04 -30.94 49.55
C GLN H 333 -13.52 -31.36 50.94
N PRO H 334 -14.56 -32.20 51.00
CA PRO H 334 -15.06 -32.67 52.29
C PRO H 334 -14.31 -33.90 52.80
N SER H 335 -12.99 -33.83 52.81
CA SER H 335 -12.14 -34.89 53.35
C SER H 335 -11.07 -34.32 54.27
N LEU H 336 -10.18 -33.53 53.71
CA LEU H 336 -9.09 -32.90 54.44
C LEU H 336 -9.63 -32.03 55.57
N LYS H 337 -10.82 -31.50 55.39
CA LYS H 337 -11.48 -30.71 56.44
C LYS H 337 -11.72 -31.56 57.69
N ARG H 338 -12.46 -32.66 57.51
CA ARG H 338 -12.77 -33.55 58.61
C ARG H 338 -11.51 -34.20 59.19
N SER H 339 -10.51 -34.41 58.33
CA SER H 339 -9.25 -34.99 58.77
C SER H 339 -8.47 -34.01 59.64
N LEU H 340 -8.60 -32.72 59.35
CA LEU H 340 -7.86 -31.70 60.06
C LEU H 340 -8.67 -31.08 61.21
N MET H 341 -9.92 -31.50 61.35
CA MET H 341 -10.80 -30.96 62.37
C MET H 341 -10.26 -31.09 63.81
N PRO H 342 -9.81 -32.30 64.21
CA PRO H 342 -9.25 -32.36 65.57
C PRO H 342 -7.94 -31.62 65.71
N TYR H 343 -7.19 -31.53 64.60
CA TYR H 343 -5.87 -30.92 64.60
C TYR H 343 -5.94 -29.41 64.39
N PHE H 344 -7.10 -28.93 63.97
CA PHE H 344 -7.28 -27.51 63.65
C PHE H 344 -7.12 -26.61 64.87
N LEU H 345 -7.73 -27.02 65.98
CA LEU H 345 -7.69 -26.23 67.21
C LEU H 345 -6.26 -26.04 67.70
N LEU H 346 -5.49 -27.12 67.69
CA LEU H 346 -4.12 -27.08 68.20
C LEU H 346 -3.17 -26.40 67.21
N THR H 347 -3.37 -26.62 65.92
CA THR H 347 -2.51 -26.00 64.92
C THR H 347 -2.79 -24.50 64.86
N GLN H 348 -3.99 -24.10 65.27
CA GLN H 348 -4.32 -22.70 65.42
C GLN H 348 -3.78 -22.17 66.75
N ALA H 349 -3.64 -23.08 67.71
CA ALA H 349 -3.14 -22.73 69.03
C ALA H 349 -1.62 -22.65 69.05
N VAL H 350 -0.99 -23.07 67.96
CA VAL H 350 0.47 -23.01 67.84
C VAL H 350 0.98 -21.57 67.90
N ARG H 351 0.34 -20.69 67.14
CA ARG H 351 0.75 -19.29 67.06
C ARG H 351 0.59 -18.56 68.38
N THR H 352 -0.38 -18.98 69.18
CA THR H 352 -0.62 -18.39 70.49
C THR H 352 0.52 -18.71 71.46
N GLY H 353 0.95 -19.97 71.45
CA GLY H 353 2.08 -20.40 72.24
C GLY H 353 1.87 -20.38 73.74
N ASN H 354 0.83 -21.05 74.22
CA ASN H 354 0.60 -21.19 75.65
C ASN H 354 0.95 -22.59 76.14
N LEU H 355 2.01 -22.69 76.92
CA LEU H 355 2.51 -23.98 77.37
C LEU H 355 1.57 -24.69 78.34
N ALA H 356 1.25 -24.00 79.44
CA ALA H 356 0.56 -24.62 80.57
C ALA H 356 -0.79 -25.24 80.21
N LYS H 357 -1.68 -24.44 79.64
CA LYS H 357 -3.03 -24.91 79.31
C LYS H 357 -3.01 -25.95 78.19
N PHE H 358 -2.35 -25.63 77.10
CA PHE H 358 -2.34 -26.49 75.92
C PHE H 358 -1.62 -27.81 76.17
N ASN H 359 -0.75 -27.84 77.18
CA ASN H 359 -0.10 -29.09 77.57
C ASN H 359 -1.15 -30.12 77.98
N GLN H 360 -2.14 -29.67 78.73
CA GLN H 360 -3.25 -30.53 79.15
C GLN H 360 -4.28 -30.67 78.02
N VAL H 361 -4.47 -29.59 77.27
CA VAL H 361 -5.47 -29.58 76.19
C VAL H 361 -5.16 -30.62 75.11
N LEU H 362 -3.90 -30.71 74.71
CA LEU H 362 -3.48 -31.68 73.70
C LEU H 362 -3.81 -33.11 74.11
N ASP H 363 -3.35 -33.51 75.30
CA ASP H 363 -3.55 -34.86 75.79
C ASP H 363 -5.03 -35.13 76.11
N GLN H 364 -5.78 -34.07 76.36
CA GLN H 364 -7.19 -34.18 76.68
C GLN H 364 -7.99 -34.88 75.58
N PHE H 365 -8.15 -34.21 74.45
CA PHE H 365 -8.93 -34.75 73.33
C PHE H 365 -8.05 -35.43 72.29
N GLY H 366 -6.74 -35.48 72.54
CA GLY H 366 -5.81 -36.09 71.60
C GLY H 366 -6.08 -37.55 71.34
N GLU H 367 -6.25 -37.90 70.06
CA GLU H 367 -6.51 -39.28 69.68
C GLU H 367 -5.59 -39.77 68.56
N LYS H 368 -5.79 -39.22 67.36
CA LYS H 368 -5.11 -39.70 66.16
C LYS H 368 -3.62 -39.37 66.13
N PHE H 369 -3.28 -38.11 66.35
CA PHE H 369 -1.90 -37.68 66.27
C PHE H 369 -1.05 -38.29 67.37
N GLN H 370 -1.69 -38.71 68.46
CA GLN H 370 -1.01 -39.46 69.50
C GLN H 370 -1.12 -40.97 69.23
N ALA H 371 -1.95 -41.32 68.26
CA ALA H 371 -2.04 -42.70 67.81
C ALA H 371 -1.04 -42.96 66.69
N ASP H 372 -0.38 -41.89 66.24
CA ASP H 372 0.70 -42.00 65.28
C ASP H 372 1.83 -42.84 65.87
N GLY H 373 1.95 -42.79 67.20
CA GLY H 373 2.83 -43.66 67.94
C GLY H 373 4.16 -43.06 68.39
N THR H 374 4.59 -43.50 69.56
CA THR H 374 5.88 -43.15 70.17
C THR H 374 6.09 -41.65 70.37
N TYR H 375 4.99 -40.90 70.35
CA TYR H 375 4.94 -39.48 70.76
C TYR H 375 6.12 -38.61 70.31
N THR H 376 6.65 -38.87 69.12
CA THR H 376 7.92 -38.27 68.72
C THR H 376 7.81 -36.79 68.38
N LEU H 377 7.15 -36.50 67.26
CA LEU H 377 7.09 -35.13 66.76
C LEU H 377 6.27 -34.24 67.70
N ILE H 378 5.41 -34.86 68.51
CA ILE H 378 4.65 -34.10 69.49
C ILE H 378 5.49 -33.81 70.74
N ILE H 379 6.34 -34.74 71.16
CA ILE H 379 7.21 -34.45 72.31
C ILE H 379 8.30 -33.47 71.87
N ARG H 380 8.52 -33.37 70.56
CA ARG H 380 9.39 -32.33 70.03
C ARG H 380 8.64 -31.00 70.00
N LEU H 381 7.37 -31.07 69.59
CA LEU H 381 6.54 -29.88 69.43
C LEU H 381 6.29 -29.17 70.76
N ARG H 382 6.09 -29.94 71.82
CA ARG H 382 5.79 -29.39 73.14
C ARG H 382 6.83 -28.36 73.57
N HIS H 383 8.10 -28.67 73.36
CA HIS H 383 9.17 -27.73 73.68
C HIS H 383 9.59 -26.92 72.45
N ASN H 384 8.97 -27.21 71.32
CA ASN H 384 9.16 -26.39 70.12
C ASN H 384 8.27 -25.15 70.19
N VAL H 385 7.27 -25.21 71.06
CA VAL H 385 6.34 -24.10 71.24
C VAL H 385 7.08 -22.84 71.72
N ILE H 386 8.05 -23.03 72.63
CA ILE H 386 8.80 -21.91 73.18
C ILE H 386 9.82 -21.37 72.18
N LYS H 387 10.25 -22.23 71.25
CA LYS H 387 11.21 -21.82 70.23
C LYS H 387 10.50 -21.03 69.13
N THR H 388 9.32 -21.50 68.74
CA THR H 388 8.50 -20.77 67.78
C THR H 388 7.99 -19.49 68.41
N GLY H 389 7.82 -19.52 69.73
CA GLY H 389 7.38 -18.35 70.48
C GLY H 389 8.46 -17.29 70.55
N VAL H 390 9.68 -17.71 70.86
CA VAL H 390 10.81 -16.78 70.91
C VAL H 390 11.18 -16.34 69.50
N ARG H 391 10.77 -17.13 68.51
CA ARG H 391 10.92 -16.73 67.11
C ARG H 391 9.91 -15.64 66.80
N MET H 392 8.72 -15.76 67.39
CA MET H 392 7.70 -14.73 67.27
C MET H 392 8.17 -13.47 68.00
N ILE H 393 9.01 -13.66 69.02
CA ILE H 393 9.62 -12.53 69.72
C ILE H 393 10.68 -11.90 68.83
N SER H 394 11.37 -12.72 68.05
CA SER H 394 12.35 -12.23 67.09
C SER H 394 11.67 -11.43 65.98
N LEU H 395 10.44 -11.83 65.67
CA LEU H 395 9.62 -11.08 64.71
C LEU H 395 8.96 -9.90 65.40
N SER H 396 8.99 -9.90 66.72
CA SER H 396 8.43 -8.82 67.52
C SER H 396 9.46 -7.72 67.71
N TYR H 397 9.18 -6.79 68.63
CA TYR H 397 10.04 -5.63 68.84
C TYR H 397 11.38 -6.02 69.49
N SER H 398 12.23 -5.02 69.71
CA SER H 398 13.58 -5.26 70.22
C SER H 398 13.61 -5.30 71.74
N ARG H 399 13.27 -4.17 72.37
CA ARG H 399 13.33 -4.03 73.82
C ARG H 399 12.53 -5.11 74.55
N ILE H 400 13.20 -5.78 75.48
CA ILE H 400 12.55 -6.85 76.24
C ILE H 400 12.31 -6.43 77.69
N SER H 401 11.06 -6.52 78.12
CA SER H 401 10.67 -6.14 79.47
C SER H 401 10.94 -7.27 80.46
N LEU H 402 11.31 -6.91 81.69
CA LEU H 402 11.55 -7.89 82.74
C LEU H 402 10.23 -8.32 83.36
N ALA H 403 9.18 -7.54 83.11
CA ALA H 403 7.87 -7.80 83.70
C ALA H 403 6.82 -8.15 82.64
N ASP H 404 6.53 -7.19 81.77
CA ASP H 404 5.45 -7.33 80.78
C ASP H 404 5.58 -8.55 79.88
N ILE H 405 6.58 -8.56 79.01
CA ILE H 405 6.75 -9.64 78.05
C ILE H 405 7.16 -10.94 78.74
N ALA H 406 7.73 -10.80 79.94
CA ALA H 406 8.08 -11.97 80.74
C ALA H 406 6.83 -12.68 81.23
N GLN H 407 5.80 -11.88 81.54
CA GLN H 407 4.52 -12.41 81.96
C GLN H 407 3.73 -12.90 80.75
N LYS H 408 3.91 -12.24 79.62
CA LYS H 408 3.24 -12.62 78.38
C LYS H 408 3.74 -13.98 77.89
N LEU H 409 5.04 -14.23 78.07
CA LEU H 409 5.63 -15.49 77.68
C LEU H 409 5.58 -16.48 78.83
N GLN H 410 4.99 -16.06 79.95
CA GLN H 410 4.82 -16.87 81.16
C GLN H 410 6.16 -17.37 81.71
N LEU H 411 7.23 -16.64 81.40
CA LEU H 411 8.54 -16.97 81.94
C LEU H 411 9.23 -15.70 82.44
N ASP H 412 9.50 -15.64 83.74
CA ASP H 412 10.13 -14.47 84.33
C ASP H 412 11.44 -14.78 85.03
N SER H 413 12.54 -14.30 84.45
CA SER H 413 13.89 -14.45 85.01
C SER H 413 14.90 -13.76 84.10
N PRO H 414 15.86 -13.05 84.70
CA PRO H 414 16.89 -12.31 83.95
C PRO H 414 17.78 -13.21 83.09
N GLU H 415 18.24 -14.32 83.66
CA GLU H 415 19.22 -15.17 82.99
C GLU H 415 18.67 -15.94 81.79
N ASP H 416 17.60 -16.69 82.03
CA ASP H 416 17.07 -17.59 81.01
C ASP H 416 16.48 -16.84 79.81
N ALA H 417 16.03 -15.61 80.06
CA ALA H 417 15.54 -14.76 78.98
C ALA H 417 16.62 -14.54 77.92
N GLU H 418 17.68 -13.86 78.32
CA GLU H 418 18.79 -13.56 77.43
C GLU H 418 19.48 -14.84 76.94
N PHE H 419 19.44 -15.88 77.77
CA PHE H 419 20.04 -17.16 77.42
C PHE H 419 19.32 -17.80 76.24
N ILE H 420 18.01 -17.97 76.37
CA ILE H 420 17.18 -18.55 75.32
C ILE H 420 17.18 -17.66 74.08
N VAL H 421 17.18 -16.35 74.28
CA VAL H 421 17.28 -15.41 73.18
C VAL H 421 18.56 -15.64 72.40
N ALA H 422 19.68 -15.79 73.12
CA ALA H 422 20.96 -16.08 72.50
C ALA H 422 20.93 -17.42 71.77
N LYS H 423 20.19 -18.37 72.33
CA LYS H 423 20.03 -19.68 71.69
C LYS H 423 19.21 -19.55 70.40
N ALA H 424 18.37 -18.53 70.34
CA ALA H 424 17.61 -18.24 69.14
C ALA H 424 18.47 -17.49 68.13
N ILE H 425 19.49 -16.79 68.64
CA ILE H 425 20.40 -16.05 67.79
C ILE H 425 21.42 -16.98 67.10
N ARG H 426 21.92 -17.96 67.85
CA ARG H 426 22.93 -18.87 67.32
C ARG H 426 22.38 -19.79 66.24
N ASP H 427 21.05 -19.85 66.12
CA ASP H 427 20.41 -20.68 65.10
C ASP H 427 20.72 -20.18 63.70
N GLY H 428 20.83 -18.87 63.55
CA GLY H 428 21.14 -18.27 62.27
C GLY H 428 19.92 -18.09 61.39
N VAL H 429 18.75 -18.39 61.94
CA VAL H 429 17.50 -18.26 61.20
C VAL H 429 16.95 -16.85 61.30
N ILE H 430 17.55 -16.05 62.18
CA ILE H 430 17.13 -14.66 62.36
C ILE H 430 18.34 -13.72 62.39
N GLU H 431 18.08 -12.44 62.66
CA GLU H 431 19.14 -11.44 62.70
C GLU H 431 18.99 -10.54 63.94
N ALA H 432 20.03 -10.48 64.75
CA ALA H 432 20.00 -9.68 65.97
C ALA H 432 21.38 -9.15 66.33
N SER H 433 21.42 -7.98 66.96
CA SER H 433 22.68 -7.37 67.39
C SER H 433 22.79 -7.37 68.91
N ILE H 434 23.72 -8.16 69.44
CA ILE H 434 23.89 -8.27 70.89
C ILE H 434 24.68 -7.10 71.44
N ASN H 435 24.05 -6.35 72.35
CA ASN H 435 24.68 -5.19 72.97
C ASN H 435 24.33 -5.07 74.45
N HIS H 436 25.33 -4.74 75.26
CA HIS H 436 25.12 -4.56 76.69
C HIS H 436 25.68 -3.22 77.17
N GLU H 437 24.79 -2.35 77.64
CA GLU H 437 25.20 -1.04 78.14
C GLU H 437 24.69 -0.81 79.56
N LYS H 438 23.37 -0.67 79.68
CA LYS H 438 22.74 -0.45 80.98
C LYS H 438 22.28 -1.76 81.61
N GLY H 439 22.56 -2.86 80.92
CA GLY H 439 22.15 -4.17 81.39
C GLY H 439 21.01 -4.73 80.56
N TYR H 440 20.45 -3.89 79.69
CA TYR H 440 19.37 -4.31 78.81
C TYR H 440 19.92 -4.76 77.45
N VAL H 441 19.32 -5.80 76.88
CA VAL H 441 19.77 -6.33 75.60
C VAL H 441 18.87 -5.88 74.46
N GLN H 442 19.45 -5.13 73.53
CA GLN H 442 18.70 -4.65 72.37
C GLN H 442 19.02 -5.50 71.15
N SER H 443 18.36 -5.18 70.03
CA SER H 443 18.61 -5.87 68.76
C SER H 443 18.29 -4.97 67.58
N LYS H 444 19.01 -5.14 66.48
CA LYS H 444 18.73 -4.40 65.26
C LYS H 444 17.52 -5.02 64.56
N GLU H 445 17.42 -6.35 64.64
CA GLU H 445 16.25 -7.12 64.21
C GLU H 445 15.68 -6.70 62.85
N MET H 446 16.55 -6.39 61.91
CA MET H 446 16.11 -5.95 60.59
C MET H 446 15.71 -7.13 59.72
N ILE H 447 14.43 -7.16 59.34
CA ILE H 447 13.91 -8.22 58.48
C ILE H 447 13.86 -7.76 57.03
N ASP H 448 14.34 -6.55 56.78
CA ASP H 448 14.31 -5.94 55.45
C ASP H 448 14.94 -6.84 54.38
N ILE H 449 14.31 -6.90 53.23
CA ILE H 449 14.73 -7.78 52.15
C ILE H 449 15.95 -7.26 51.41
N TYR H 450 16.29 -7.91 50.30
CA TYR H 450 17.52 -7.62 49.56
C TYR H 450 17.36 -6.44 48.61
N SER H 451 16.18 -5.81 48.63
CA SER H 451 15.91 -4.66 47.77
C SER H 451 16.89 -3.52 48.03
N THR H 452 17.52 -3.05 46.96
CA THR H 452 18.51 -1.97 46.99
C THR H 452 19.70 -2.28 47.89
N ARG H 453 19.95 -3.56 48.14
CA ARG H 453 21.15 -3.99 48.84
C ARG H 453 21.78 -5.18 48.13
N GLU H 454 22.97 -4.97 47.58
CA GLU H 454 23.67 -5.98 46.77
C GLU H 454 22.74 -6.78 45.87
N PRO H 455 22.03 -6.10 44.95
CA PRO H 455 20.96 -6.73 44.15
C PRO H 455 21.45 -7.86 43.25
N GLN H 456 22.58 -7.64 42.58
CA GLN H 456 23.11 -8.60 41.63
C GLN H 456 23.39 -9.94 42.30
N LEU H 457 24.20 -9.92 43.34
CA LEU H 457 24.54 -11.12 44.08
C LEU H 457 23.32 -11.70 44.78
N ALA H 458 22.29 -10.88 44.97
CA ALA H 458 21.07 -11.31 45.61
C ALA H 458 20.22 -12.19 44.70
N PHE H 459 19.74 -11.62 43.59
CA PHE H 459 18.85 -12.38 42.71
C PHE H 459 19.59 -13.14 41.61
N HIS H 460 20.92 -13.15 41.66
CA HIS H 460 21.74 -13.91 40.71
C HIS H 460 21.27 -15.36 40.53
N GLN H 461 21.35 -16.13 41.61
CA GLN H 461 20.98 -17.53 41.59
C GLN H 461 19.52 -17.74 41.19
N ARG H 462 18.66 -16.79 41.56
CA ARG H 462 17.25 -16.84 41.18
C ARG H 462 17.09 -16.73 39.67
N ILE H 463 17.79 -15.77 39.07
CA ILE H 463 17.75 -15.57 37.64
C ILE H 463 18.31 -16.79 36.90
N SER H 464 19.45 -17.29 37.37
CA SER H 464 20.07 -18.46 36.76
C SER H 464 19.14 -19.67 36.79
N PHE H 465 18.64 -19.98 37.98
CA PHE H 465 17.77 -21.15 38.16
C PHE H 465 16.47 -21.03 37.38
N CYS H 466 15.81 -19.88 37.47
CA CYS H 466 14.54 -19.68 36.79
C CYS H 466 14.73 -19.74 35.27
N LEU H 467 15.85 -19.20 34.79
CA LEU H 467 16.16 -19.26 33.37
C LEU H 467 16.47 -20.69 32.94
N ASP H 468 17.04 -21.48 33.84
CA ASP H 468 17.29 -22.89 33.57
C ASP H 468 15.98 -23.65 33.45
N ILE H 469 15.04 -23.37 34.35
CA ILE H 469 13.74 -24.01 34.34
C ILE H 469 12.96 -23.62 33.08
N HIS H 470 13.01 -22.35 32.72
CA HIS H 470 12.33 -21.87 31.52
C HIS H 470 12.97 -22.42 30.26
N ASN H 471 14.28 -22.69 30.33
CA ASN H 471 15.01 -23.22 29.18
C ASN H 471 14.74 -24.71 28.97
N MET H 472 14.64 -25.45 30.07
CA MET H 472 14.26 -26.86 29.99
C MET H 472 12.78 -26.95 29.64
N SER H 473 12.05 -25.86 29.90
CA SER H 473 10.67 -25.74 29.47
C SER H 473 10.62 -25.49 27.96
N VAL H 474 11.63 -24.78 27.46
CA VAL H 474 11.79 -24.60 26.02
C VAL H 474 12.09 -25.95 25.37
N LYS H 475 12.94 -26.74 26.03
CA LYS H 475 13.19 -28.10 25.60
C LYS H 475 11.90 -28.91 25.64
N ALA H 476 11.05 -28.60 26.60
CA ALA H 476 9.78 -29.28 26.78
C ALA H 476 8.76 -28.88 25.70
N MET H 477 8.96 -27.71 25.10
CA MET H 477 8.14 -27.32 23.95
C MET H 477 8.88 -27.63 22.65
N ARG H 478 10.06 -28.22 22.78
CA ARG H 478 10.86 -28.61 21.61
C ARG H 478 10.71 -30.09 21.26
N PHE H 479 11.11 -30.97 22.18
CA PHE H 479 11.13 -32.40 21.91
C PHE H 479 9.77 -33.03 21.59
N PRO H 480 8.71 -32.72 22.37
CA PRO H 480 7.41 -33.34 22.04
C PRO H 480 6.84 -32.99 20.64
N PRO H 481 7.01 -31.75 20.14
CA PRO H 481 6.61 -31.56 18.74
C PRO H 481 7.39 -32.44 17.76
N LYS H 482 8.64 -32.76 18.09
CA LYS H 482 9.41 -33.68 17.28
C LYS H 482 8.85 -35.09 17.40
N SER H 483 8.34 -35.41 18.59
CA SER H 483 7.68 -36.69 18.83
C SER H 483 6.35 -36.74 18.08
N TYR H 484 5.83 -35.57 17.72
CA TYR H 484 4.66 -35.47 16.87
C TYR H 484 5.02 -35.63 15.40
N ASN H 485 6.17 -35.07 15.02
CA ASN H 485 6.57 -35.03 13.62
C ASN H 485 7.41 -36.24 13.21
N LYS H 486 7.61 -37.18 14.14
CA LYS H 486 8.43 -38.35 13.86
C LYS H 486 7.79 -39.29 12.84
N ASP H 487 6.46 -39.45 12.93
CA ASP H 487 5.74 -40.35 12.05
C ASP H 487 5.17 -39.65 10.82
N LEU H 488 5.36 -38.34 10.75
CA LEU H 488 4.85 -37.55 9.65
C LEU H 488 5.77 -36.38 9.32
N MET I 1 -16.78 86.32 -10.47
CA MET I 1 -15.36 86.57 -10.66
C MET I 1 -14.84 87.56 -9.61
N ALA I 2 -13.59 87.38 -9.20
CA ALA I 2 -12.98 88.19 -8.15
C ALA I 2 -12.60 89.58 -8.64
N ASP I 3 -12.72 89.82 -9.95
CA ASP I 3 -12.36 91.10 -10.54
C ASP I 3 -13.22 92.24 -9.99
N GLY I 4 -14.47 91.93 -9.66
CA GLY I 4 -15.38 92.91 -9.11
C GLY I 4 -15.16 93.13 -7.63
N GLY I 5 -14.69 92.09 -6.94
CA GLY I 5 -14.43 92.17 -5.52
C GLY I 5 -13.10 92.83 -5.21
N SER I 6 -12.19 92.80 -6.17
CA SER I 6 -10.88 93.41 -6.01
C SER I 6 -11.01 94.93 -5.86
N GLU I 7 -11.86 95.52 -6.69
CA GLU I 7 -12.12 96.96 -6.66
C GLU I 7 -12.72 97.35 -5.30
N ARG I 8 -13.60 96.48 -4.80
CA ARG I 8 -14.22 96.70 -3.50
C ARG I 8 -13.19 96.60 -2.39
N ALA I 9 -12.23 95.70 -2.53
CA ALA I 9 -11.20 95.49 -1.52
C ALA I 9 -10.20 96.64 -1.46
N ASP I 10 -9.58 96.95 -2.60
CA ASP I 10 -8.56 97.99 -2.62
C ASP I 10 -9.21 99.38 -2.52
N GLY I 11 -10.52 99.42 -2.73
CA GLY I 11 -11.28 100.62 -2.46
C GLY I 11 -11.54 100.72 -0.97
N ARG I 12 -11.75 99.56 -0.34
CA ARG I 12 -12.03 99.50 1.09
C ARG I 12 -10.82 99.90 1.92
N ILE I 13 -9.64 99.44 1.53
CA ILE I 13 -8.43 99.75 2.28
C ILE I 13 -8.13 101.25 2.24
N VAL I 14 -8.53 101.91 1.16
CA VAL I 14 -8.34 103.35 1.02
C VAL I 14 -9.42 104.14 1.76
N LYS I 15 -10.66 103.70 1.64
CA LYS I 15 -11.79 104.44 2.23
C LYS I 15 -11.92 104.23 3.73
N MET I 16 -11.35 103.15 4.25
CA MET I 16 -11.47 102.84 5.67
C MET I 16 -10.19 103.21 6.42
N GLU I 17 -10.23 104.27 7.21
CA GLU I 17 -9.08 104.67 8.01
C GLU I 17 -9.44 104.94 9.47
N VAL I 18 -10.14 106.05 9.70
CA VAL I 18 -10.47 106.49 11.06
C VAL I 18 -11.87 106.06 11.48
N ASP I 19 -12.60 105.41 10.57
CA ASP I 19 -13.98 105.01 10.85
C ASP I 19 -14.06 103.95 11.94
N TYR I 20 -15.20 103.89 12.60
CA TYR I 20 -15.40 102.96 13.71
C TYR I 20 -15.80 101.57 13.22
N SER I 21 -16.18 100.70 14.16
CA SER I 21 -16.55 99.33 13.84
C SER I 21 -17.96 99.24 13.25
N ALA I 22 -18.68 100.35 13.28
CA ALA I 22 -20.04 100.39 12.74
C ALA I 22 -20.01 100.22 11.22
N THR I 23 -18.99 100.78 10.58
CA THR I 23 -18.82 100.64 9.14
C THR I 23 -18.52 99.20 8.77
N VAL I 24 -17.87 98.48 9.69
CA VAL I 24 -17.61 97.06 9.49
C VAL I 24 -18.92 96.27 9.62
N ASP I 25 -19.76 96.70 10.56
CA ASP I 25 -21.07 96.10 10.74
C ASP I 25 -21.92 96.31 9.49
N GLN I 26 -21.73 97.46 8.84
CA GLN I 26 -22.40 97.73 7.57
C GLN I 26 -21.73 96.98 6.43
N ARG I 27 -20.47 96.58 6.65
CA ARG I 27 -19.72 95.82 5.67
C ARG I 27 -20.07 94.34 5.73
N LEU I 28 -20.68 93.92 6.84
CA LEU I 28 -21.06 92.52 7.04
C LEU I 28 -22.06 91.99 5.99
N PRO I 29 -23.16 92.71 5.75
CA PRO I 29 -24.08 92.16 4.74
C PRO I 29 -23.50 92.20 3.32
N GLU I 30 -22.55 93.11 3.10
CA GLU I 30 -21.89 93.23 1.80
C GLU I 30 -20.95 92.06 1.56
N CYS I 31 -20.23 91.66 2.60
CA CYS I 31 -19.29 90.55 2.50
C CYS I 31 -20.01 89.21 2.60
N ALA I 32 -21.22 89.22 3.14
CA ALA I 32 -22.01 88.01 3.28
C ALA I 32 -22.38 87.44 1.91
N LYS I 33 -23.01 88.27 1.08
CA LYS I 33 -23.40 87.85 -0.26
C LYS I 33 -22.17 87.60 -1.12
N LEU I 34 -21.09 88.30 -0.81
CA LEU I 34 -19.82 88.11 -1.50
C LEU I 34 -19.26 86.72 -1.20
N ALA I 35 -19.50 86.26 0.03
CA ALA I 35 -19.09 84.92 0.43
C ALA I 35 -20.05 83.88 -0.13
N LYS I 36 -21.30 84.29 -0.36
CA LYS I 36 -22.31 83.41 -0.92
C LYS I 36 -22.03 83.12 -2.40
N GLU I 37 -21.65 84.15 -3.14
CA GLU I 37 -21.34 84.01 -4.56
C GLU I 37 -19.91 83.53 -4.77
N GLY I 38 -19.46 83.56 -6.01
CA GLY I 38 -18.11 83.11 -6.33
C GLY I 38 -17.93 81.61 -6.15
N ARG I 39 -18.76 80.84 -6.84
CA ARG I 39 -18.71 79.38 -6.75
C ARG I 39 -17.39 78.83 -7.28
N LEU I 40 -16.76 79.58 -8.18
CA LEU I 40 -15.48 79.18 -8.76
C LEU I 40 -14.41 79.04 -7.68
N GLN I 41 -13.72 77.91 -7.68
CA GLN I 41 -12.71 77.63 -6.65
C GLN I 41 -11.45 78.47 -6.81
N GLU I 42 -10.87 78.46 -8.01
CA GLU I 42 -9.59 79.10 -8.25
C GLU I 42 -9.68 80.61 -8.40
N VAL I 43 -10.79 81.07 -8.98
CA VAL I 43 -10.95 82.49 -9.31
C VAL I 43 -11.03 83.38 -8.07
N ILE I 44 -11.78 82.93 -7.07
CA ILE I 44 -12.07 83.75 -5.90
C ILE I 44 -10.98 83.64 -4.83
N GLU I 45 -9.94 82.86 -5.13
CA GLU I 45 -8.80 82.72 -4.23
C GLU I 45 -8.16 84.07 -3.92
N THR I 46 -8.05 84.91 -4.92
CA THR I 46 -7.50 86.24 -4.75
C THR I 46 -8.39 87.10 -3.85
N LEU I 47 -9.69 87.02 -4.08
CA LEU I 47 -10.66 87.76 -3.29
C LEU I 47 -10.59 87.34 -1.82
N LEU I 48 -10.39 86.05 -1.59
CA LEU I 48 -10.24 85.53 -0.23
C LEU I 48 -8.88 85.91 0.34
N SER I 49 -7.93 86.21 -0.55
CA SER I 49 -6.60 86.64 -0.12
C SER I 49 -6.53 88.16 0.00
N LEU I 50 -7.66 88.82 -0.26
CA LEU I 50 -7.74 90.28 -0.14
C LEU I 50 -8.70 90.71 0.96
N GLU I 51 -9.98 90.40 0.79
CA GLU I 51 -11.04 90.83 1.70
C GLU I 51 -10.75 90.48 3.16
N LYS I 52 -10.20 89.29 3.39
CA LYS I 52 -9.84 88.85 4.73
C LYS I 52 -8.76 89.75 5.31
N GLN I 53 -7.78 90.11 4.47
CA GLN I 53 -6.73 91.02 4.88
C GLN I 53 -7.28 92.40 5.18
N THR I 54 -8.34 92.79 4.47
CA THR I 54 -8.98 94.08 4.68
C THR I 54 -9.71 94.11 6.02
N ARG I 55 -10.50 93.08 6.30
CA ARG I 55 -11.26 93.03 7.54
C ARG I 55 -10.34 92.85 8.75
N THR I 56 -9.24 92.13 8.56
CA THR I 56 -8.26 91.98 9.63
C THR I 56 -7.46 93.27 9.81
N ALA I 57 -7.38 94.06 8.74
CA ALA I 57 -6.77 95.38 8.82
C ALA I 57 -7.66 96.31 9.63
N SER I 58 -8.97 96.20 9.40
CA SER I 58 -9.95 96.96 10.16
C SER I 58 -9.90 96.55 11.64
N ASP I 59 -9.73 95.25 11.86
CA ASP I 59 -9.58 94.73 13.22
C ASP I 59 -8.31 95.27 13.86
N MET I 60 -7.27 95.46 13.04
CA MET I 60 -6.02 96.03 13.52
C MET I 60 -6.21 97.49 13.92
N VAL I 61 -7.00 98.21 13.13
CA VAL I 61 -7.34 99.60 13.44
C VAL I 61 -8.13 99.68 14.73
N SER I 62 -9.06 98.75 14.92
CA SER I 62 -9.88 98.71 16.12
C SER I 62 -9.06 98.34 17.35
N THR I 63 -8.03 97.52 17.16
CA THR I 63 -7.17 97.08 18.25
C THR I 63 -5.94 97.97 18.41
N SER I 64 -5.88 99.03 17.62
CA SER I 64 -4.72 99.93 17.63
C SER I 64 -4.68 100.81 18.87
N ARG I 65 -5.63 101.73 18.98
CA ARG I 65 -5.64 102.69 20.08
C ARG I 65 -6.50 102.23 21.25
N ILE I 66 -7.82 102.26 21.06
CA ILE I 66 -8.75 101.87 22.12
C ILE I 66 -9.47 100.57 21.75
N LEU I 67 -9.45 99.62 22.66
CA LEU I 67 -10.04 98.31 22.41
C LEU I 67 -10.92 97.82 23.57
N VAL I 68 -12.19 97.61 23.29
CA VAL I 68 -13.10 97.02 24.26
C VAL I 68 -12.92 95.50 24.26
N ALA I 69 -12.69 94.96 23.07
CA ALA I 69 -12.38 93.54 22.84
C ALA I 69 -13.55 92.59 23.13
N VAL I 70 -14.60 93.11 23.74
CA VAL I 70 -15.78 92.29 24.01
C VAL I 70 -16.55 91.99 22.73
N VAL I 71 -16.90 93.06 22.00
CA VAL I 71 -17.65 92.93 20.76
C VAL I 71 -16.81 92.22 19.70
N LYS I 72 -15.49 92.47 19.74
CA LYS I 72 -14.56 91.87 18.80
C LYS I 72 -14.57 90.35 18.87
N MET I 73 -14.54 89.81 20.09
CA MET I 73 -14.57 88.37 20.26
C MET I 73 -15.99 87.83 20.12
N CYS I 74 -16.98 88.63 20.48
CA CYS I 74 -18.38 88.22 20.38
C CYS I 74 -18.80 88.01 18.94
N TYR I 75 -18.30 88.85 18.04
CA TYR I 75 -18.62 88.73 16.62
C TYR I 75 -18.17 87.40 16.04
N GLU I 76 -16.91 87.07 16.25
CA GLU I 76 -16.36 85.81 15.77
C GLU I 76 -16.96 84.61 16.49
N ALA I 77 -17.26 84.78 17.77
CA ALA I 77 -17.85 83.69 18.56
C ALA I 77 -19.24 83.35 18.06
N LYS I 78 -20.03 84.38 17.72
CA LYS I 78 -21.38 84.17 17.23
C LYS I 78 -21.42 83.77 15.77
N GLU I 79 -20.43 84.20 15.00
CA GLU I 79 -20.41 83.91 13.57
C GLU I 79 -19.17 83.10 13.15
N TRP I 80 -19.39 81.86 12.76
CA TRP I 80 -18.33 81.01 12.23
C TRP I 80 -18.72 80.41 10.88
N ASP I 81 -19.67 79.48 10.91
CA ASP I 81 -20.16 78.82 9.70
C ASP I 81 -21.42 79.50 9.17
N LEU I 82 -21.81 80.59 9.81
CA LEU I 82 -23.03 81.32 9.47
C LEU I 82 -23.04 81.74 8.00
N LEU I 83 -21.87 82.07 7.47
CA LEU I 83 -21.75 82.47 6.07
C LEU I 83 -21.87 81.26 5.14
N ASN I 84 -21.55 80.08 5.67
CA ASN I 84 -21.61 78.85 4.88
C ASN I 84 -22.92 78.11 5.08
N GLU I 85 -23.78 78.65 5.93
CA GLU I 85 -25.07 78.04 6.20
C GLU I 85 -26.01 78.09 5.00
N ASN I 86 -25.97 79.21 4.28
CA ASN I 86 -26.84 79.40 3.12
C ASN I 86 -26.40 78.55 1.94
N ILE I 87 -25.14 78.16 1.92
CA ILE I 87 -24.59 77.37 0.83
C ILE I 87 -24.68 75.87 1.13
N MET I 88 -25.50 75.16 0.37
CA MET I 88 -25.66 73.72 0.55
C MET I 88 -24.49 72.95 -0.05
N LEU I 89 -23.92 73.48 -1.12
CA LEU I 89 -22.79 72.86 -1.79
C LEU I 89 -21.54 72.91 -0.93
N LEU I 90 -20.81 71.79 -0.86
CA LEU I 90 -19.60 71.72 -0.06
C LEU I 90 -18.49 72.54 -0.68
N SER I 91 -17.90 73.43 0.11
CA SER I 91 -16.81 74.28 -0.36
C SER I 91 -15.55 73.47 -0.62
N LYS I 92 -15.16 72.69 0.39
CA LYS I 92 -14.01 71.76 0.34
C LYS I 92 -12.76 72.37 -0.30
N ARG I 93 -12.52 73.64 -0.02
CA ARG I 93 -11.34 74.33 -0.54
C ARG I 93 -10.07 73.85 0.15
N ARG I 94 -10.08 73.91 1.49
CA ARG I 94 -8.95 73.49 2.31
C ARG I 94 -7.65 74.16 1.88
N SER I 95 -7.72 75.45 1.59
CA SER I 95 -6.55 76.20 1.15
C SER I 95 -6.36 77.48 1.96
N GLN I 96 -7.29 78.41 1.82
CA GLN I 96 -7.20 79.72 2.47
C GLN I 96 -7.39 79.63 3.98
N LEU I 97 -7.99 78.53 4.44
CA LEU I 97 -8.25 78.33 5.86
C LEU I 97 -6.96 78.31 6.68
N LYS I 98 -5.96 77.60 6.18
CA LYS I 98 -4.66 77.51 6.85
C LYS I 98 -4.03 78.88 6.98
N GLN I 99 -3.99 79.63 5.88
CA GLN I 99 -3.44 80.98 5.88
C GLN I 99 -4.26 81.91 6.77
N ALA I 100 -5.58 81.71 6.77
CA ALA I 100 -6.48 82.45 7.64
C ALA I 100 -6.09 82.30 9.11
N VAL I 101 -6.19 81.07 9.61
CA VAL I 101 -5.87 80.76 11.00
C VAL I 101 -4.44 81.17 11.35
N ALA I 102 -3.52 80.99 10.41
CA ALA I 102 -2.12 81.37 10.61
C ALA I 102 -1.98 82.88 10.80
N LYS I 103 -2.76 83.65 10.04
CA LYS I 103 -2.73 85.10 10.14
C LYS I 103 -3.37 85.56 11.44
N MET I 104 -4.48 84.91 11.82
CA MET I 104 -5.16 85.21 13.06
C MET I 104 -4.24 84.98 14.26
N VAL I 105 -3.58 83.82 14.27
CA VAL I 105 -2.68 83.48 15.35
C VAL I 105 -1.39 84.29 15.25
N GLN I 106 -1.14 84.88 14.08
CA GLN I 106 0.00 85.77 13.91
C GLN I 106 -0.27 87.10 14.60
N GLN I 107 -1.45 87.65 14.37
CA GLN I 107 -1.87 88.88 15.03
C GLN I 107 -1.96 88.65 16.54
N CYS I 108 -2.52 87.49 16.91
CA CYS I 108 -2.59 87.11 18.31
C CYS I 108 -1.20 86.94 18.91
N CYS I 109 -0.23 86.58 18.06
CA CYS I 109 1.15 86.44 18.51
C CYS I 109 1.79 87.81 18.69
N THR I 110 1.35 88.78 17.89
CA THR I 110 1.82 90.15 18.04
C THR I 110 1.24 90.77 19.31
N TYR I 111 0.03 90.33 19.67
CA TYR I 111 -0.63 90.82 20.87
C TYR I 111 -0.41 89.92 22.09
N VAL I 112 0.40 88.88 21.93
CA VAL I 112 0.54 87.86 22.97
C VAL I 112 1.44 88.32 24.12
N GLU I 113 2.20 89.39 23.92
CA GLU I 113 3.16 89.81 24.93
C GLU I 113 2.48 90.65 26.02
N GLU I 114 2.17 91.90 25.72
CA GLU I 114 1.42 92.74 26.64
C GLU I 114 0.37 93.56 25.93
N ILE I 115 -0.90 93.32 26.25
CA ILE I 115 -1.98 94.20 25.82
C ILE I 115 -2.92 94.51 26.99
N THR I 116 -3.66 93.51 27.45
CA THR I 116 -4.54 93.61 28.61
C THR I 116 -4.86 92.23 29.17
N ASP I 117 -5.27 92.16 30.43
CA ASP I 117 -5.42 90.89 31.14
C ASP I 117 -6.73 90.14 30.86
N LEU I 118 -7.84 90.86 30.81
CA LEU I 118 -9.15 90.22 30.75
C LEU I 118 -9.48 89.43 29.46
N PRO I 119 -9.33 90.05 28.27
CA PRO I 119 -9.80 89.36 27.06
C PRO I 119 -9.04 88.10 26.67
N ILE I 120 -7.73 88.05 26.95
CA ILE I 120 -6.88 86.98 26.44
C ILE I 120 -7.31 85.59 26.93
N LYS I 121 -7.79 85.50 28.17
CA LYS I 121 -8.22 84.22 28.72
C LYS I 121 -9.50 83.77 28.05
N LEU I 122 -10.33 84.73 27.65
CA LEU I 122 -11.57 84.44 26.94
C LEU I 122 -11.26 83.98 25.52
N ARG I 123 -10.30 84.63 24.89
CA ARG I 123 -9.87 84.26 23.54
C ARG I 123 -9.27 82.86 23.54
N LEU I 124 -8.47 82.56 24.54
CA LEU I 124 -7.83 81.25 24.66
C LEU I 124 -8.86 80.16 24.96
N ILE I 125 -9.74 80.42 25.92
CA ILE I 125 -10.77 79.44 26.29
C ILE I 125 -11.75 79.24 25.14
N ASP I 126 -11.84 80.23 24.25
CA ASP I 126 -12.67 80.10 23.06
C ASP I 126 -11.99 79.26 21.99
N THR I 127 -10.71 79.55 21.73
CA THR I 127 -10.00 78.91 20.64
C THR I 127 -9.64 77.46 20.97
N LEU I 128 -9.47 77.14 22.24
CA LEU I 128 -9.19 75.76 22.62
C LEU I 128 -10.43 74.90 22.40
N ARG I 129 -11.59 75.54 22.49
CA ARG I 129 -12.85 74.88 22.16
C ARG I 129 -13.02 74.82 20.64
N MET I 130 -12.49 75.83 19.96
CA MET I 130 -12.51 75.85 18.50
C MET I 130 -11.65 74.73 17.92
N VAL I 131 -10.63 74.32 18.66
CA VAL I 131 -9.80 73.19 18.26
C VAL I 131 -10.65 71.92 18.19
N THR I 132 -11.50 71.72 19.19
CA THR I 132 -12.36 70.54 19.24
C THR I 132 -13.49 70.64 18.23
N GLU I 133 -14.07 71.83 18.10
CA GLU I 133 -15.20 72.04 17.19
C GLU I 133 -14.78 71.92 15.73
N GLY I 134 -13.54 72.28 15.43
CA GLY I 134 -13.04 72.24 14.07
C GLY I 134 -12.94 70.84 13.50
N LYS I 135 -12.23 69.98 14.22
CA LYS I 135 -12.05 68.56 13.87
C LYS I 135 -11.22 68.32 12.62
N ILE I 136 -10.96 69.38 11.85
CA ILE I 136 -10.11 69.27 10.66
C ILE I 136 -9.09 70.40 10.61
N TYR I 137 -7.82 70.05 10.72
CA TYR I 137 -6.73 71.02 10.62
C TYR I 137 -5.41 70.34 10.27
N VAL I 138 -4.44 71.13 9.85
CA VAL I 138 -3.10 70.63 9.54
C VAL I 138 -2.36 70.24 10.83
N GLU I 139 -2.99 70.51 11.96
CA GLU I 139 -2.45 70.18 13.28
C GLU I 139 -1.14 70.89 13.56
N ILE I 140 -1.12 72.20 13.31
CA ILE I 140 0.04 73.03 13.61
C ILE I 140 -0.33 74.11 14.61
N GLU I 141 -1.23 75.01 14.19
CA GLU I 141 -1.68 76.11 15.03
C GLU I 141 -2.46 75.61 16.24
N ARG I 142 -3.17 74.49 16.07
CA ARG I 142 -3.93 73.88 17.15
C ARG I 142 -3.02 73.49 18.31
N ALA I 143 -1.85 72.96 17.98
CA ALA I 143 -0.85 72.61 18.98
C ALA I 143 -0.12 73.87 19.46
N ARG I 144 0.03 74.83 18.55
CA ARG I 144 0.70 76.09 18.86
C ARG I 144 0.02 76.85 19.99
N LEU I 145 -1.29 77.04 19.86
CA LEU I 145 -2.04 77.82 20.85
C LEU I 145 -2.05 77.15 22.22
N THR I 146 -2.19 75.83 22.25
CA THR I 146 -2.30 75.11 23.50
C THR I 146 -0.94 74.92 24.18
N LYS I 147 0.14 74.87 23.39
CA LYS I 147 1.46 74.77 23.98
C LYS I 147 1.96 76.14 24.44
N THR I 148 1.56 77.19 23.72
CA THR I 148 1.94 78.55 24.13
C THR I 148 1.06 78.98 25.29
N LEU I 149 -0.07 78.29 25.47
CA LEU I 149 -0.88 78.45 26.67
C LEU I 149 -0.24 77.69 27.82
N ALA I 150 0.23 76.48 27.52
CA ALA I 150 0.88 75.62 28.52
C ALA I 150 2.11 76.29 29.10
N THR I 151 2.88 76.98 28.26
CA THR I 151 4.06 77.70 28.71
C THR I 151 3.69 78.75 29.77
N ILE I 152 2.53 79.38 29.60
CA ILE I 152 2.04 80.33 30.57
C ILE I 152 1.56 79.60 31.82
N LYS I 153 0.93 78.45 31.62
CA LYS I 153 0.42 77.65 32.73
C LYS I 153 1.56 77.10 33.60
N GLU I 154 2.77 77.08 33.05
CA GLU I 154 3.94 76.64 33.79
C GLU I 154 4.24 77.58 34.95
N GLN I 155 4.34 78.88 34.66
CA GLN I 155 4.62 79.87 35.69
C GLN I 155 3.34 80.30 36.40
N ASN I 156 2.19 79.97 35.83
CA ASN I 156 0.90 80.30 36.43
C ASN I 156 0.69 79.54 37.74
N GLY I 157 1.10 78.27 37.76
CA GLY I 157 0.99 77.45 38.95
C GLY I 157 -0.20 76.52 38.93
N ASP I 158 -0.83 76.38 37.77
CA ASP I 158 -1.98 75.50 37.63
C ASP I 158 -1.61 74.23 36.88
N VAL I 159 -1.60 73.11 37.59
CA VAL I 159 -1.23 71.82 37.00
C VAL I 159 -2.46 71.05 36.55
N LYS I 160 -3.64 71.64 36.72
CA LYS I 160 -4.90 70.99 36.37
C LYS I 160 -5.11 70.89 34.87
N GLU I 161 -4.35 71.68 34.10
CA GLU I 161 -4.47 71.68 32.65
C GLU I 161 -3.53 70.67 32.00
N ALA I 162 -2.69 70.05 32.82
CA ALA I 162 -1.73 69.05 32.35
C ALA I 162 -2.46 67.87 31.71
N ALA I 163 -3.48 67.38 32.39
CA ALA I 163 -4.29 66.29 31.85
C ALA I 163 -4.93 66.69 30.53
N SER I 164 -5.32 67.96 30.44
CA SER I 164 -5.96 68.49 29.23
C SER I 164 -5.00 68.49 28.04
N ILE I 165 -3.84 69.12 28.21
CA ILE I 165 -2.87 69.22 27.12
C ILE I 165 -2.33 67.84 26.74
N LEU I 166 -2.13 66.97 27.73
CA LEU I 166 -1.63 65.62 27.45
C LEU I 166 -2.72 64.75 26.82
N GLN I 167 -3.98 65.12 27.02
CA GLN I 167 -5.08 64.43 26.37
C GLN I 167 -5.22 64.87 24.92
N GLU I 168 -5.09 66.17 24.69
CA GLU I 168 -5.22 66.74 23.36
C GLU I 168 -4.01 66.39 22.49
N LEU I 169 -2.88 66.14 23.13
CA LEU I 169 -1.66 65.79 22.42
C LEU I 169 -1.82 64.50 21.64
N GLN I 170 -2.53 63.54 22.23
CA GLN I 170 -2.79 62.25 21.60
C GLN I 170 -3.59 62.43 20.31
N VAL I 171 -4.51 63.38 20.33
CA VAL I 171 -5.33 63.67 19.15
C VAL I 171 -4.52 64.44 18.11
N GLU I 172 -3.68 65.34 18.56
CA GLU I 172 -2.89 66.19 17.67
C GLU I 172 -1.73 65.44 17.02
N THR I 173 -1.34 64.31 17.61
CA THR I 173 -0.22 63.53 17.09
C THR I 173 -0.68 62.43 16.13
N TYR I 174 -1.97 62.36 15.87
CA TYR I 174 -2.51 61.36 14.94
C TYR I 174 -3.44 62.01 13.93
N GLY I 175 -3.47 61.44 12.72
CA GLY I 175 -4.29 61.97 11.64
C GLY I 175 -3.46 62.70 10.61
N SER I 176 -2.17 62.84 10.89
CA SER I 176 -1.25 63.52 9.98
C SER I 176 0.19 63.05 10.20
N MET I 177 1.04 63.29 9.21
CA MET I 177 2.44 62.90 9.31
C MET I 177 3.35 64.14 9.40
N GLU I 178 3.94 64.33 10.57
CA GLU I 178 4.84 65.46 10.80
C GLU I 178 6.16 64.99 11.39
N LYS I 179 7.25 65.15 10.62
CA LYS I 179 8.57 64.74 11.09
C LYS I 179 9.18 65.76 12.05
N LYS I 180 9.14 67.03 11.67
CA LYS I 180 9.76 68.09 12.46
C LYS I 180 8.91 68.51 13.65
N GLU I 181 7.62 68.72 13.42
CA GLU I 181 6.72 69.27 14.43
C GLU I 181 6.49 68.32 15.60
N ARG I 182 6.37 67.02 15.30
CA ARG I 182 6.08 66.02 16.32
C ARG I 182 7.18 65.93 17.36
N VAL I 183 8.43 65.95 16.91
CA VAL I 183 9.58 65.87 17.80
C VAL I 183 9.68 67.11 18.70
N GLU I 184 9.33 68.26 18.14
CA GLU I 184 9.38 69.51 18.88
C GLU I 184 8.23 69.58 19.88
N PHE I 185 7.12 68.92 19.55
CA PHE I 185 5.94 68.97 20.39
C PHE I 185 5.85 67.78 21.35
N ILE I 186 6.81 66.86 21.27
CA ILE I 186 6.79 65.66 22.08
C ILE I 186 7.39 65.88 23.47
N LEU I 187 8.06 67.02 23.64
CA LEU I 187 8.68 67.35 24.93
C LEU I 187 7.61 67.74 25.96
N GLU I 188 6.43 68.11 25.47
CA GLU I 188 5.32 68.49 26.33
C GLU I 188 4.85 67.31 27.16
N GLN I 189 5.05 66.10 26.63
CA GLN I 189 4.70 64.88 27.33
C GLN I 189 5.45 64.75 28.66
N MET I 190 6.77 64.93 28.60
CA MET I 190 7.61 64.80 29.78
C MET I 190 7.87 66.13 30.47
N ARG I 191 7.23 67.19 29.96
CA ARG I 191 7.40 68.53 30.54
C ARG I 191 6.66 68.64 31.87
N LEU I 192 5.34 68.56 31.82
CA LEU I 192 4.52 68.67 33.01
C LEU I 192 4.44 67.34 33.76
N CYS I 193 5.02 66.30 33.17
CA CYS I 193 5.03 64.97 33.77
C CYS I 193 5.79 64.96 35.09
N LEU I 194 6.81 65.81 35.19
CA LEU I 194 7.58 65.94 36.41
C LEU I 194 6.73 66.50 37.54
N ALA I 195 5.76 67.34 37.18
CA ALA I 195 4.84 67.91 38.15
C ALA I 195 3.74 66.91 38.49
N VAL I 196 3.26 66.19 37.49
CA VAL I 196 2.17 65.23 37.69
C VAL I 196 2.62 63.98 38.45
N LYS I 197 3.71 63.37 37.97
CA LYS I 197 4.26 62.16 38.57
C LYS I 197 3.23 61.02 38.65
N ASP I 198 2.60 60.72 37.52
CA ASP I 198 1.63 59.63 37.46
C ASP I 198 2.23 58.42 36.76
N TYR I 199 2.09 57.26 37.37
CA TYR I 199 2.72 56.03 36.85
C TYR I 199 2.02 55.49 35.60
N ILE I 200 0.69 55.46 35.63
CA ILE I 200 -0.08 54.94 34.50
C ILE I 200 0.05 55.88 33.30
N ARG I 201 0.17 57.17 33.58
CA ARG I 201 0.34 58.17 32.53
C ARG I 201 1.67 57.96 31.81
N THR I 202 2.71 57.67 32.59
CA THR I 202 4.02 57.34 32.01
C THR I 202 3.97 56.01 31.30
N GLN I 203 3.09 55.12 31.76
CA GLN I 203 2.91 53.82 31.14
C GLN I 203 2.26 53.96 29.75
N ILE I 204 1.42 54.99 29.61
CA ILE I 204 0.76 55.25 28.33
C ILE I 204 1.62 56.08 27.39
N ILE I 205 1.89 57.33 27.79
CA ILE I 205 2.67 58.25 26.96
C ILE I 205 4.09 57.75 26.77
N SER I 206 6.40 55.97 27.99
CA SER I 206 7.29 55.88 26.85
C SER I 206 6.66 55.08 25.72
N LYS I 207 5.54 54.43 26.01
CA LYS I 207 4.85 53.58 25.04
C LYS I 207 4.43 54.34 23.79
N LYS I 208 3.78 55.50 23.98
CA LYS I 208 3.37 56.32 22.85
C LYS I 208 4.51 57.24 22.40
N ILE I 209 5.64 57.18 23.09
CA ILE I 209 6.79 58.02 22.76
C ILE I 209 7.75 57.35 21.78
N ASN I 210 8.33 56.23 22.20
CA ASN I 210 9.41 55.59 21.44
C ASN I 210 8.91 54.58 20.41
N THR I 211 7.59 54.53 20.22
CA THR I 211 6.96 53.53 19.35
C THR I 211 7.61 53.39 17.97
N LYS I 212 7.76 54.50 17.25
CA LYS I 212 8.45 54.44 15.96
C LYS I 212 9.57 55.47 15.84
N PHE I 213 10.81 54.98 15.85
CA PHE I 213 11.98 55.80 15.56
C PHE I 213 13.11 54.89 15.07
N PHE I 214 13.95 55.39 14.16
CA PHE I 214 15.13 54.61 13.80
C PHE I 214 16.42 55.42 13.85
N GLN I 215 16.64 56.27 12.84
CA GLN I 215 17.83 57.12 12.80
C GLN I 215 17.55 58.56 12.40
N GLU I 216 17.17 58.72 11.14
CA GLU I 216 17.15 60.02 10.47
C GLU I 216 15.84 60.79 10.59
N GLU I 217 15.74 61.83 9.76
CA GLU I 217 14.55 62.69 9.56
C GLU I 217 14.01 63.29 10.85
N ASN I 218 14.88 63.46 11.85
CA ASN I 218 14.53 64.22 13.04
C ASN I 218 15.62 65.21 13.41
N THR I 219 15.32 66.49 13.29
CA THR I 219 16.27 67.55 13.62
C THR I 219 15.60 68.70 14.35
N GLU I 220 16.14 68.93 15.53
CA GLU I 220 15.91 70.03 16.45
C GLU I 220 17.34 70.52 16.78
N LYS I 221 18.28 69.57 16.78
CA LYS I 221 19.69 69.71 17.07
C LYS I 221 19.60 69.48 18.55
N LEU I 222 20.60 68.92 19.21
CA LEU I 222 20.34 68.83 20.64
C LEU I 222 19.66 67.50 20.97
N LYS I 223 19.51 66.66 19.96
CA LYS I 223 18.77 65.41 20.07
C LYS I 223 19.27 64.50 21.19
N LEU I 224 20.59 64.38 21.32
CA LEU I 224 21.19 63.50 22.32
C LEU I 224 20.84 63.96 23.75
N LYS I 225 20.75 65.26 23.93
CA LYS I 225 20.39 65.82 25.24
C LYS I 225 18.98 65.39 25.62
N TYR I 226 18.03 65.59 24.72
CA TYR I 226 16.65 65.20 24.95
C TYR I 226 16.53 63.70 25.13
N TYR I 227 17.34 62.94 24.39
CA TYR I 227 17.40 61.49 24.54
C TYR I 227 17.85 61.12 25.95
N ASN I 228 18.76 61.92 26.50
CA ASN I 228 19.20 61.73 27.88
C ASN I 228 18.14 62.19 28.86
N LEU I 229 17.23 63.04 28.40
CA LEU I 229 16.15 63.54 29.24
C LEU I 229 14.86 62.72 29.07
N MET I 230 14.93 61.68 28.24
CA MET I 230 13.75 60.87 27.93
C MET I 230 13.51 59.74 28.91
N ILE I 231 14.38 58.73 28.87
CA ILE I 231 14.16 57.51 29.64
C ILE I 231 14.69 57.66 31.07
N GLN I 232 15.21 58.83 31.39
CA GLN I 232 15.63 59.12 32.76
C GLN I 232 14.41 59.21 33.67
N LEU I 233 13.29 59.63 33.10
CA LEU I 233 12.04 59.70 33.84
C LEU I 233 11.52 58.29 34.08
N ASP I 234 11.74 57.41 33.10
CA ASP I 234 11.39 56.01 33.23
C ASP I 234 12.32 55.33 34.23
N GLN I 235 13.49 55.91 34.42
CA GLN I 235 14.44 55.43 35.41
C GLN I 235 14.00 55.87 36.81
N HIS I 236 13.47 57.09 36.89
CA HIS I 236 12.95 57.61 38.15
C HIS I 236 11.71 56.84 38.59
N GLU I 237 10.83 56.55 37.63
CA GLU I 237 9.62 55.79 37.92
C GLU I 237 9.93 54.30 38.05
N GLY I 238 10.82 53.80 37.20
CA GLY I 238 11.25 52.41 37.25
C GLY I 238 12.32 52.21 38.30
N SER I 239 13.07 51.13 38.16
CA SER I 239 14.11 50.82 39.14
C SER I 239 15.51 50.71 38.52
N TYR I 240 15.77 49.61 37.84
CA TYR I 240 17.11 49.34 37.33
C TYR I 240 17.12 48.93 35.86
N LEU I 241 16.50 47.78 35.56
CA LEU I 241 16.52 47.18 34.23
C LEU I 241 15.96 48.10 33.13
N SER I 242 15.21 49.12 33.54
CA SER I 242 14.58 50.04 32.59
C SER I 242 15.59 50.83 31.75
N ILE I 243 16.83 50.92 32.23
CA ILE I 243 17.85 51.70 31.53
C ILE I 243 18.68 50.84 30.57
N CYS I 244 18.34 49.57 30.48
CA CYS I 244 19.08 48.63 29.63
C CYS I 244 19.07 49.04 28.17
N LYS I 245 17.90 49.46 27.69
CA LYS I 245 17.76 49.93 26.30
C LYS I 245 17.99 51.43 26.22
N HIS I 246 18.28 52.05 27.36
CA HIS I 246 18.53 53.48 27.44
C HIS I 246 20.00 53.81 27.25
N TYR I 247 20.82 53.32 28.18
CA TYR I 247 22.24 53.68 28.19
C TYR I 247 23.08 52.88 27.19
N ARG I 248 22.43 51.96 26.48
CA ARG I 248 23.14 51.18 25.46
C ARG I 248 23.18 51.93 24.13
N ALA I 249 22.35 52.96 24.00
CA ALA I 249 22.23 53.71 22.76
C ALA I 249 23.09 54.98 22.76
N ILE I 250 23.84 55.18 23.83
CA ILE I 250 24.62 56.42 23.98
C ILE I 250 26.00 56.31 23.37
N TYR I 251 26.29 55.20 22.71
CA TYR I 251 27.60 54.98 22.10
C TYR I 251 27.83 55.91 20.91
N ASP I 252 26.74 56.43 20.34
CA ASP I 252 26.84 57.35 19.21
C ASP I 252 26.96 58.80 19.67
N THR I 253 26.76 59.04 20.97
CA THR I 253 26.84 60.38 21.53
C THR I 253 28.25 61.00 21.47
N PRO I 254 29.31 60.24 21.82
CA PRO I 254 30.63 60.85 21.71
C PRO I 254 31.06 61.13 20.27
N CYS I 255 30.38 60.51 19.31
CA CYS I 255 30.70 60.72 17.90
C CYS I 255 30.16 62.05 17.39
N ILE I 256 29.01 62.45 17.91
CA ILE I 256 28.35 63.68 17.46
C ILE I 256 29.01 64.93 18.06
N GLN I 257 29.31 64.87 19.37
CA GLN I 257 29.88 66.00 20.07
C GLN I 257 31.30 65.72 20.54
N ALA I 258 31.87 66.67 21.27
CA ALA I 258 33.22 66.53 21.81
C ALA I 258 33.30 65.36 22.79
N GLU I 259 34.41 64.62 22.74
CA GLU I 259 34.59 63.45 23.57
C GLU I 259 35.18 63.80 24.94
N SER I 260 35.41 65.09 25.17
CA SER I 260 36.01 65.54 26.42
C SER I 260 35.07 65.40 27.60
N GLU I 261 33.80 65.72 27.39
CA GLU I 261 32.80 65.68 28.47
C GLU I 261 32.06 64.34 28.52
N LYS I 262 32.44 63.41 27.65
CA LYS I 262 31.79 62.12 27.59
C LYS I 262 32.33 61.16 28.66
N TRP I 263 33.47 61.53 29.24
CA TRP I 263 34.09 60.72 30.28
C TRP I 263 33.27 60.72 31.56
N GLN I 264 32.58 61.82 31.81
CA GLN I 264 31.81 61.98 33.04
C GLN I 264 30.34 61.60 32.85
N GLN I 265 29.97 61.24 31.62
CA GLN I 265 28.58 60.90 31.33
C GLN I 265 28.46 59.57 30.58
N ALA I 266 28.92 59.55 29.34
CA ALA I 266 28.80 58.37 28.48
C ALA I 266 29.56 57.18 29.04
N LEU I 267 30.85 57.36 29.28
CA LEU I 267 31.70 56.27 29.78
C LEU I 267 31.37 55.93 31.23
N LYS I 268 30.68 56.85 31.90
CA LYS I 268 30.24 56.61 33.27
C LYS I 268 29.00 55.73 33.30
N SER I 269 28.08 55.98 32.37
CA SER I 269 26.82 55.25 32.34
C SER I 269 26.85 54.04 31.40
N VAL I 270 28.00 53.81 30.76
CA VAL I 270 28.13 52.69 29.85
C VAL I 270 28.31 51.39 30.62
N VAL I 271 28.77 51.47 31.85
CA VAL I 271 28.94 50.29 32.70
C VAL I 271 27.65 49.95 33.42
N LEU I 272 26.72 50.90 33.47
CA LEU I 272 25.49 50.73 34.23
C LEU I 272 24.59 49.63 33.67
N TYR I 273 24.28 49.71 32.38
CA TYR I 273 23.38 48.74 31.78
C TYR I 273 24.02 47.37 31.65
N VAL I 274 25.35 47.34 31.54
CA VAL I 274 26.07 46.07 31.42
C VAL I 274 26.24 45.42 32.80
N ILE I 275 26.15 46.22 33.86
CA ILE I 275 26.13 45.69 35.22
C ILE I 275 24.73 45.19 35.57
N LEU I 276 23.72 45.96 35.19
CA LEU I 276 22.33 45.63 35.50
C LEU I 276 21.73 44.67 34.48
N ALA I 277 22.54 44.26 33.51
CA ALA I 277 22.10 43.31 32.49
C ALA I 277 21.74 41.96 33.11
N PRO I 278 20.67 41.33 32.61
CA PRO I 278 20.22 40.01 33.08
C PRO I 278 21.31 38.94 32.97
N PHE I 279 21.41 38.09 33.99
CA PHE I 279 22.44 37.07 34.04
C PHE I 279 22.08 35.87 33.17
N ASP I 280 20.87 35.86 32.64
CA ASP I 280 20.39 34.74 31.83
C ASP I 280 20.99 34.71 30.44
N ASN I 281 20.67 35.73 29.64
CA ASN I 281 21.07 35.75 28.23
C ASN I 281 21.96 36.94 27.86
N GLU I 282 21.41 38.15 28.01
CA GLU I 282 22.05 39.38 27.54
C GLU I 282 23.48 39.57 28.05
N GLN I 283 23.78 39.03 29.23
CA GLN I 283 25.11 39.18 29.82
C GLN I 283 26.20 38.60 28.92
N SER I 284 25.85 37.52 28.20
CA SER I 284 26.81 36.85 27.34
C SER I 284 27.25 37.71 26.15
N ASP I 285 26.28 38.16 25.36
CA ASP I 285 26.59 38.91 24.14
C ASP I 285 26.88 40.40 24.35
N LEU I 286 26.20 41.02 25.30
CA LEU I 286 26.29 42.48 25.47
C LEU I 286 27.65 42.95 25.97
N VAL I 287 28.42 42.06 26.59
CA VAL I 287 29.72 42.44 27.12
C VAL I 287 30.77 42.53 26.01
N HIS I 288 30.46 41.98 24.85
CA HIS I 288 31.36 42.02 23.70
C HIS I 288 31.18 43.30 22.90
N ARG I 289 30.11 44.03 23.19
CA ARG I 289 29.84 45.29 22.50
C ARG I 289 30.72 46.41 23.04
N ILE I 290 30.89 46.44 24.36
CA ILE I 290 31.70 47.46 25.01
C ILE I 290 33.18 47.14 24.88
N SER I 291 33.50 45.90 24.57
CA SER I 291 34.88 45.47 24.41
C SER I 291 35.45 45.95 23.08
N GLY I 292 36.77 46.10 23.02
CA GLY I 292 37.43 46.56 21.81
C GLY I 292 37.68 48.05 21.83
N ASP I 293 36.99 48.76 22.71
CA ASP I 293 37.15 50.20 22.83
C ASP I 293 38.49 50.56 23.47
N LYS I 294 39.17 51.55 22.89
CA LYS I 294 40.47 51.98 23.38
C LYS I 294 40.33 52.80 24.65
N LYS I 295 39.21 53.50 24.79
CA LYS I 295 38.96 54.34 25.95
C LYS I 295 38.50 53.51 27.15
N LEU I 296 38.26 52.23 26.92
CA LEU I 296 37.81 51.32 27.97
C LEU I 296 38.92 51.04 28.98
N GLU I 297 40.15 50.91 28.49
CA GLU I 297 41.29 50.63 29.35
C GLU I 297 41.73 51.89 30.12
N GLU I 298 41.36 53.05 29.60
CA GLU I 298 41.70 54.31 30.23
C GLU I 298 40.92 54.52 31.53
N ILE I 299 39.74 53.90 31.60
CA ILE I 299 38.89 54.00 32.77
C ILE I 299 39.47 53.18 33.93
N PRO I 300 39.60 53.80 35.11
CA PRO I 300 40.09 53.12 36.31
C PRO I 300 39.16 51.98 36.76
N LYS I 301 37.94 51.99 36.27
CA LYS I 301 36.94 50.98 36.64
C LYS I 301 37.05 49.74 35.75
N TYR I 302 38.02 49.76 34.84
CA TYR I 302 38.22 48.64 33.92
C TYR I 302 38.52 47.33 34.66
N LYS I 303 39.23 47.43 35.77
CA LYS I 303 39.55 46.26 36.58
C LYS I 303 38.29 45.74 37.28
N ASP I 304 37.41 46.65 37.66
CA ASP I 304 36.15 46.29 38.30
C ASP I 304 35.26 45.57 37.28
N LEU I 305 35.22 46.09 36.07
CA LEU I 305 34.46 45.47 34.98
C LEU I 305 35.06 44.12 34.63
N LEU I 306 36.38 44.00 34.78
CA LEU I 306 37.08 42.74 34.53
C LEU I 306 36.70 41.71 35.60
N LYS I 307 36.50 42.19 36.82
CA LYS I 307 36.08 41.31 37.92
C LYS I 307 34.61 40.96 37.80
N LEU I 308 33.84 41.80 37.11
CA LEU I 308 32.42 41.55 36.90
C LEU I 308 32.18 40.84 35.57
N PHE I 309 33.27 40.57 34.85
CA PHE I 309 33.16 39.93 33.53
C PHE I 309 32.90 38.43 33.67
N THR I 310 33.92 37.69 34.14
CA THR I 310 33.79 36.26 34.35
C THR I 310 34.79 35.75 35.36
N THR I 311 34.53 34.56 35.90
CA THR I 311 35.41 33.91 36.87
C THR I 311 35.75 34.82 38.05
N MET I 312 34.72 35.37 38.68
CA MET I 312 34.91 36.29 39.81
C MET I 312 35.54 35.60 41.01
N GLU I 313 36.60 36.20 41.54
CA GLU I 313 37.27 35.68 42.73
C GLU I 313 36.66 36.31 43.98
N LEU I 314 36.49 35.50 45.02
CA LEU I 314 35.91 36.00 46.26
C LEU I 314 36.85 36.99 46.95
N MET I 315 36.35 38.18 47.24
CA MET I 315 37.16 39.23 47.83
C MET I 315 36.33 40.14 48.73
N ARG I 316 36.99 40.88 49.60
CA ARG I 316 36.33 41.78 50.53
C ARG I 316 35.95 43.10 49.86
N TRP I 317 34.77 43.61 50.17
CA TRP I 317 34.28 44.86 49.60
C TRP I 317 34.88 46.06 50.32
N SER I 318 35.51 45.82 51.46
CA SER I 318 36.14 46.88 52.24
C SER I 318 37.25 47.55 51.45
N THR I 319 37.86 46.79 50.55
CA THR I 319 38.90 47.34 49.68
C THR I 319 38.26 48.20 48.58
N LEU I 320 37.02 47.88 48.22
CA LEU I 320 36.29 48.65 47.22
C LEU I 320 35.66 49.88 47.83
N VAL I 321 35.58 49.92 49.17
CA VAL I 321 34.99 51.06 49.86
C VAL I 321 35.75 52.37 49.58
N GLU I 322 37.06 52.34 49.79
CA GLU I 322 37.87 53.54 49.55
C GLU I 322 38.00 53.81 48.05
N ASP I 323 37.79 52.78 47.24
CA ASP I 323 37.81 52.94 45.79
C ASP I 323 36.61 53.75 45.32
N TYR I 324 35.44 53.41 45.85
CA TYR I 324 34.22 54.14 45.54
C TYR I 324 34.27 55.53 46.19
N GLY I 325 34.91 55.59 47.35
CA GLY I 325 35.08 56.85 48.06
C GLY I 325 35.91 57.84 47.25
N MET I 326 37.06 57.39 46.76
CA MET I 326 37.91 58.24 45.93
C MET I 326 37.25 58.45 44.57
N GLU I 327 36.37 57.53 44.19
CA GLU I 327 35.57 57.69 42.97
C GLU I 327 34.63 58.87 43.14
N LEU I 328 34.18 59.09 44.37
CA LEU I 328 33.38 60.27 44.70
C LEU I 328 34.28 61.50 44.84
N ARG I 329 35.51 61.28 45.28
CA ARG I 329 36.44 62.38 45.53
C ARG I 329 36.92 63.06 44.25
N LYS I 330 37.46 62.28 43.32
CA LYS I 330 38.03 62.85 42.10
C LYS I 330 36.95 63.31 41.12
N GLY I 331 37.16 64.48 40.53
CA GLY I 331 36.22 65.05 39.59
C GLY I 331 36.70 65.01 38.14
N SER I 332 37.81 64.33 37.92
CA SER I 332 38.38 64.21 36.58
C SER I 332 37.46 63.42 35.65
N LEU I 333 37.09 62.22 36.07
CA LEU I 333 36.17 61.38 35.32
C LEU I 333 35.03 60.90 36.21
N GLU I 334 33.91 60.55 35.59
CA GLU I 334 32.69 60.09 36.27
C GLU I 334 32.35 60.96 37.49
N SER I 335 32.38 62.27 37.28
CA SER I 335 32.19 63.25 38.35
C SER I 335 30.82 63.25 39.04
N PRO I 336 29.70 63.21 38.27
CA PRO I 336 28.43 63.41 38.97
C PRO I 336 27.97 62.22 39.81
N ALA I 337 28.84 61.72 40.67
CA ALA I 337 28.48 60.65 41.59
C ALA I 337 27.58 61.21 42.69
N THR I 338 27.79 62.49 43.01
CA THR I 338 26.96 63.19 43.96
C THR I 338 25.58 63.46 43.35
N ASP I 339 25.55 63.65 42.03
CA ASP I 339 24.30 63.82 41.31
C ASP I 339 23.55 62.51 41.22
N VAL I 340 24.29 61.41 41.13
CA VAL I 340 23.69 60.09 41.18
C VAL I 340 23.14 59.84 42.59
N PHE I 341 23.87 60.31 43.59
CA PHE I 341 23.46 60.16 44.99
C PHE I 341 22.61 61.32 45.47
N GLY I 342 22.25 62.22 44.56
CA GLY I 342 21.44 63.38 44.87
C GLY I 342 20.19 63.07 45.66
N SER I 343 19.55 61.95 45.34
CA SER I 343 18.39 61.50 46.10
C SER I 343 18.85 60.58 47.23
N THR I 344 18.39 60.87 48.46
CA THR I 344 18.84 60.13 49.63
C THR I 344 18.35 58.68 49.64
N GLU I 345 17.12 58.46 49.22
CA GLU I 345 16.54 57.12 49.20
C GLU I 345 17.02 56.31 48.00
N GLU I 346 17.06 56.96 46.84
CA GLU I 346 17.40 56.29 45.59
C GLU I 346 18.83 55.76 45.61
N GLY I 347 19.74 56.54 46.17
CA GLY I 347 21.14 56.14 46.28
C GLY I 347 21.31 54.89 47.14
N GLU I 348 20.65 54.90 48.30
CA GLU I 348 20.72 53.77 49.21
C GLU I 348 20.09 52.52 48.60
N LYS I 349 18.97 52.70 47.91
CA LYS I 349 18.30 51.59 47.24
C LYS I 349 19.18 50.98 46.15
N ARG I 350 19.75 51.84 45.31
CA ARG I 350 20.61 51.39 44.23
C ARG I 350 21.87 50.70 44.76
N TRP I 351 22.44 51.24 45.84
CA TRP I 351 23.64 50.68 46.43
C TRP I 351 23.37 49.31 47.04
N LYS I 352 22.33 49.25 47.88
CA LYS I 352 21.94 48.00 48.55
C LYS I 352 21.57 46.92 47.54
N ASP I 353 20.86 47.32 46.47
CA ASP I 353 20.45 46.38 45.45
C ASP I 353 21.62 46.00 44.56
N LEU I 354 22.65 46.84 44.52
CA LEU I 354 23.88 46.52 43.79
C LEU I 354 24.65 45.45 44.54
N LYS I 355 24.86 45.67 45.83
CA LYS I 355 25.52 44.69 46.69
C LYS I 355 24.75 43.38 46.70
N ASN I 356 23.43 43.48 46.72
CA ASN I 356 22.58 42.31 46.65
C ASN I 356 22.73 41.60 45.31
N ARG I 357 22.85 42.38 44.24
CA ARG I 357 22.96 41.84 42.90
C ARG I 357 24.26 41.08 42.70
N VAL I 358 25.36 41.61 43.24
CA VAL I 358 26.65 40.95 43.10
C VAL I 358 26.78 39.78 44.07
N VAL I 359 26.17 39.90 45.25
CA VAL I 359 26.22 38.82 46.24
C VAL I 359 25.31 37.67 45.81
N GLU I 360 24.37 37.96 44.91
CA GLU I 360 23.62 36.92 44.23
C GLU I 360 24.43 36.39 43.05
N HIS I 361 25.13 37.29 42.38
CA HIS I 361 25.87 36.98 41.16
C HIS I 361 26.98 35.96 41.40
N ASN I 362 27.80 36.19 42.43
CA ASN I 362 28.89 35.25 42.73
C ASN I 362 28.35 33.87 43.13
N ILE I 363 27.20 33.87 43.79
CA ILE I 363 26.52 32.62 44.14
C ILE I 363 26.07 31.90 42.89
N ARG I 364 25.55 32.65 41.91
CA ARG I 364 25.14 32.08 40.64
C ARG I 364 26.35 31.56 39.86
N ILE I 365 27.50 32.17 40.08
CA ILE I 365 28.74 31.74 39.44
C ILE I 365 29.23 30.43 40.03
N MET I 366 29.26 30.36 41.36
CA MET I 366 29.70 29.15 42.05
C MET I 366 28.65 28.05 42.02
N ALA I 367 27.46 28.40 41.53
CA ALA I 367 26.36 27.44 41.43
C ALA I 367 26.67 26.38 40.38
N LYS I 368 27.34 26.79 39.30
CA LYS I 368 27.73 25.87 38.25
C LYS I 368 28.80 24.91 38.77
N TYR I 369 29.65 25.41 39.68
CA TYR I 369 30.68 24.59 40.28
C TYR I 369 30.07 23.65 41.32
N TYR I 370 30.47 22.37 41.25
CA TYR I 370 29.96 21.35 42.16
C TYR I 370 30.86 21.23 43.39
N THR I 371 31.83 22.13 43.48
CA THR I 371 32.91 22.04 44.47
C THR I 371 32.47 22.06 45.93
N ARG I 372 31.20 22.41 46.18
CA ARG I 372 30.66 22.44 47.53
C ARG I 372 31.44 23.37 48.44
N ILE I 373 31.26 24.68 48.24
CA ILE I 373 32.07 25.69 48.91
C ILE I 373 31.63 25.92 50.35
N THR I 374 30.58 25.23 50.77
CA THR I 374 30.10 25.28 52.16
C THR I 374 29.79 26.69 52.61
N MET I 375 28.68 27.24 52.12
CA MET I 375 28.27 28.62 52.39
C MET I 375 28.16 28.94 53.89
N LYS I 376 28.03 27.90 54.72
CA LYS I 376 28.01 28.08 56.16
C LYS I 376 29.34 28.65 56.65
N ARG I 377 30.43 28.16 56.09
CA ARG I 377 31.77 28.66 56.42
C ARG I 377 32.03 29.97 55.69
N MET I 378 31.48 30.10 54.49
CA MET I 378 31.62 31.30 53.69
C MET I 378 30.99 32.50 54.40
N ALA I 379 29.91 32.25 55.13
CA ALA I 379 29.26 33.29 55.91
C ALA I 379 30.14 33.74 57.06
N GLN I 380 30.98 32.82 57.55
CA GLN I 380 31.92 33.14 58.62
C GLN I 380 33.11 33.92 58.08
N LEU I 381 33.54 33.57 56.88
CA LEU I 381 34.66 34.26 56.24
C LEU I 381 34.25 35.66 55.79
N LEU I 382 32.97 35.82 55.46
CA LEU I 382 32.46 37.11 55.01
C LEU I 382 31.96 37.95 56.19
N ASP I 383 31.93 37.33 57.36
CA ASP I 383 31.50 37.99 58.59
C ASP I 383 30.10 38.59 58.49
N LEU I 384 29.14 37.77 58.07
CA LEU I 384 27.76 38.23 57.95
C LEU I 384 26.78 37.26 58.62
N SER I 385 25.60 37.78 58.98
CA SER I 385 24.58 36.96 59.62
C SER I 385 23.91 36.03 58.62
N VAL I 386 23.30 34.96 59.12
CA VAL I 386 22.63 33.98 58.27
C VAL I 386 21.22 34.42 57.93
N ASP I 387 20.72 35.42 58.64
CA ASP I 387 19.36 35.92 58.41
C ASP I 387 19.23 36.57 57.04
N GLU I 388 20.15 37.47 56.73
CA GLU I 388 20.15 38.14 55.43
C GLU I 388 20.52 37.15 54.32
N SER I 389 21.15 36.05 54.71
CA SER I 389 21.44 34.96 53.78
C SER I 389 20.16 34.22 53.44
N GLU I 390 19.31 34.05 54.44
CA GLU I 390 17.99 33.45 54.24
C GLU I 390 17.11 34.39 53.42
N ALA I 391 17.36 35.69 53.57
CA ALA I 391 16.69 36.68 52.74
C ALA I 391 17.17 36.56 51.30
N PHE I 392 18.46 36.29 51.14
CA PHE I 392 19.05 36.06 49.83
C PHE I 392 18.49 34.77 49.22
N LEU I 393 18.07 33.86 50.08
CA LEU I 393 17.40 32.64 49.63
C LEU I 393 15.97 32.97 49.22
N SER I 394 15.37 33.93 49.92
CA SER I 394 14.04 34.41 49.58
C SER I 394 14.08 35.11 48.23
N ASN I 395 15.25 35.65 47.88
CA ASN I 395 15.48 36.15 46.54
C ASN I 395 15.81 35.02 45.57
N LEU I 396 16.37 33.94 46.11
CA LEU I 396 16.78 32.81 45.30
C LEU I 396 15.59 32.00 44.80
N VAL I 397 14.49 32.01 45.54
CA VAL I 397 13.31 31.25 45.13
C VAL I 397 12.69 31.87 43.88
N VAL I 398 12.80 33.18 43.73
CA VAL I 398 12.36 33.84 42.50
C VAL I 398 13.53 33.95 41.53
N ASN I 399 14.73 33.59 42.01
CA ASN I 399 15.90 33.47 41.15
C ASN I 399 16.03 32.06 40.61
N LYS I 400 15.00 31.25 40.88
CA LYS I 400 14.94 29.84 40.47
C LYS I 400 16.06 29.01 41.10
N THR I 401 16.00 28.87 42.42
CA THR I 401 16.89 28.00 43.16
C THR I 401 16.27 26.62 43.35
N ILE I 402 15.12 26.42 42.70
CA ILE I 402 14.27 25.25 42.91
C ILE I 402 14.98 23.90 42.76
N PHE I 403 16.09 23.89 42.03
CA PHE I 403 16.88 22.66 41.90
C PHE I 403 18.10 22.72 42.81
N ALA I 404 18.07 21.91 43.87
CA ALA I 404 19.11 21.88 44.88
C ALA I 404 18.82 20.81 45.92
N LYS I 405 19.78 20.57 46.81
CA LYS I 405 19.62 19.61 47.90
C LYS I 405 20.14 20.18 49.21
N VAL I 406 19.27 20.27 50.20
CA VAL I 406 19.65 20.81 51.50
C VAL I 406 19.50 19.77 52.60
N ASP I 407 19.86 20.16 53.83
CA ASP I 407 19.81 19.25 54.97
C ASP I 407 19.14 19.88 56.18
N ARG I 408 18.45 19.07 56.96
CA ARG I 408 17.77 19.54 58.17
C ARG I 408 18.75 19.71 59.33
N LEU I 409 19.72 18.82 59.42
CA LEU I 409 20.68 18.83 60.51
C LEU I 409 21.68 19.96 60.34
N ALA I 410 22.52 19.84 59.31
CA ALA I 410 23.52 20.86 59.02
C ALA I 410 22.99 21.89 58.03
N GLY I 411 23.82 22.89 57.72
CA GLY I 411 23.44 23.92 56.77
C GLY I 411 24.11 23.74 55.43
N ILE I 412 24.69 22.56 55.21
CA ILE I 412 25.38 22.27 53.96
C ILE I 412 24.39 22.16 52.81
N ILE I 413 24.63 22.94 51.76
CA ILE I 413 23.75 22.95 50.60
C ILE I 413 24.39 22.22 49.42
N ASN I 414 23.55 21.55 48.63
CA ASN I 414 24.02 20.81 47.46
C ASN I 414 23.28 21.23 46.20
N PHE I 415 24.00 21.83 45.26
CA PHE I 415 23.41 22.27 44.01
C PHE I 415 23.48 21.18 42.95
N GLN I 416 23.95 20.01 43.35
CA GLN I 416 24.15 18.89 42.44
C GLN I 416 23.87 17.57 43.17
N ARG I 417 24.25 16.46 42.55
CA ARG I 417 23.95 15.11 43.05
C ARG I 417 22.44 14.89 43.20
N PRO I 418 21.72 14.79 42.07
CA PRO I 418 20.28 14.49 42.05
C PRO I 418 20.02 13.01 42.29
N LYS I 419 18.78 12.58 42.08
CA LYS I 419 18.41 11.17 42.18
C LYS I 419 19.22 10.31 41.21
N ASP I 420 19.80 10.95 40.19
CA ASP I 420 20.67 10.29 39.21
C ASP I 420 20.02 9.09 38.52
N PRO I 421 19.06 9.34 37.63
CA PRO I 421 18.48 8.27 36.82
C PRO I 421 19.53 7.54 35.98
N ASN I 422 19.49 6.23 35.98
CA ASN I 422 20.50 5.42 35.30
C ASN I 422 20.49 5.60 33.78
N ASN I 423 19.33 5.98 33.24
CA ASN I 423 19.18 6.14 31.81
C ASN I 423 19.39 7.57 31.31
N LEU I 424 19.73 8.48 32.23
CA LEU I 424 19.86 9.88 31.88
C LEU I 424 21.25 10.45 32.16
N LEU I 425 21.57 10.66 33.43
CA LEU I 425 22.77 11.39 33.81
C LEU I 425 24.04 10.57 33.58
N ASN I 426 24.20 9.49 34.33
CA ASN I 426 25.37 8.63 34.18
C ASN I 426 25.43 8.01 32.78
N ASP I 427 24.27 7.86 32.16
CA ASP I 427 24.19 7.34 30.79
C ASP I 427 24.81 8.33 29.82
N TRP I 428 24.41 9.59 29.92
CA TRP I 428 24.93 10.65 29.06
C TRP I 428 26.42 10.87 29.30
N SER I 429 26.81 10.88 30.57
CA SER I 429 28.20 11.05 30.95
C SER I 429 29.08 9.94 30.40
N GLN I 430 28.66 8.70 30.60
CA GLN I 430 29.39 7.55 30.08
C GLN I 430 29.43 7.57 28.56
N LYS I 431 28.34 8.02 27.95
CA LYS I 431 28.29 8.21 26.51
C LYS I 431 29.40 9.14 26.02
N LEU I 432 29.35 10.39 26.45
CA LEU I 432 30.34 11.38 26.03
C LEU I 432 31.77 10.94 26.34
N ASN I 433 31.98 10.46 27.57
CA ASN I 433 33.30 10.04 28.01
C ASN I 433 33.87 8.91 27.15
N SER I 434 33.11 7.83 27.03
CA SER I 434 33.56 6.66 26.27
C SER I 434 33.74 6.97 24.79
N LEU I 435 32.80 7.71 24.22
CA LEU I 435 32.88 8.06 22.80
C LEU I 435 34.09 8.93 22.51
N MET I 436 34.27 9.98 23.32
CA MET I 436 35.40 10.88 23.15
C MET I 436 36.71 10.13 23.33
N SER I 437 36.75 9.24 24.33
CA SER I 437 37.93 8.41 24.57
C SER I 437 38.25 7.55 23.36
N LEU I 438 37.22 6.93 22.78
CA LEU I 438 37.39 6.04 21.63
C LEU I 438 37.88 6.78 20.40
N VAL I 439 37.24 7.90 20.07
CA VAL I 439 37.63 8.64 18.87
C VAL I 439 38.99 9.30 19.02
N ASN I 440 39.30 9.77 20.23
CA ASN I 440 40.60 10.39 20.49
C ASN I 440 41.71 9.34 20.42
N LYS I 441 41.43 8.16 20.98
CA LYS I 441 42.37 7.05 20.90
C LYS I 441 42.51 6.59 19.46
N THR I 442 41.47 6.83 18.66
CA THR I 442 41.48 6.43 17.26
C THR I 442 42.31 7.40 16.42
N THR I 443 42.32 8.67 16.79
CA THR I 443 42.99 9.69 15.99
C THR I 443 44.53 9.66 16.12
N HIS I 444 45.04 10.05 17.29
CA HIS I 444 46.48 10.23 17.45
C HIS I 444 47.29 8.94 17.34
N LEU I 445 46.63 7.80 17.54
CA LEU I 445 47.25 6.51 17.34
C LEU I 445 47.75 6.35 15.90
N ILE I 446 46.81 6.30 14.97
CA ILE I 446 47.12 6.15 13.56
C ILE I 446 47.83 7.39 13.01
N ALA I 447 47.62 8.53 13.68
CA ALA I 447 48.35 9.74 13.34
C ALA I 447 49.83 9.54 13.57
N LYS I 448 50.17 8.97 14.73
CA LYS I 448 51.54 8.63 15.05
C LYS I 448 52.05 7.55 14.10
N GLU I 449 51.16 6.61 13.75
CA GLU I 449 51.50 5.56 12.80
C GLU I 449 51.91 6.17 11.46
N GLU I 450 51.32 7.31 11.14
CA GLU I 450 51.70 8.05 9.94
C GLU I 450 52.96 8.88 10.17
N MET I 451 53.19 9.27 11.42
CA MET I 451 54.35 10.11 11.76
C MET I 451 55.65 9.33 11.74
N ILE I 452 55.58 8.04 12.10
CA ILE I 452 56.78 7.20 12.14
C ILE I 452 57.24 6.78 10.75
N HIS I 453 56.42 7.07 9.75
CA HIS I 453 56.77 6.77 8.37
C HIS I 453 57.77 7.79 7.82
N ASN I 454 57.83 8.95 8.47
CA ASN I 454 58.74 10.01 8.04
C ASN I 454 60.20 9.68 8.37
N LEU I 455 60.39 8.74 9.30
CA LEU I 455 61.73 8.32 9.70
C LEU I 455 62.37 7.44 8.63
N GLN I 456 61.53 6.70 7.90
CA GLN I 456 62.02 5.82 6.85
C GLN I 456 62.31 6.60 5.57
N ASN J 1 -72.83 53.10 49.16
CA ASN J 1 -73.48 51.79 49.13
C ASN J 1 -72.85 50.82 50.12
N ASP J 2 -73.14 49.53 49.94
CA ASP J 2 -72.60 48.49 50.81
C ASP J 2 -71.14 48.20 50.47
N GLU J 3 -70.78 48.39 49.20
CA GLU J 3 -69.42 48.16 48.75
C GLU J 3 -68.43 49.09 49.44
N GLU J 4 -68.86 50.32 49.68
CA GLU J 4 -68.04 51.29 50.39
C GLU J 4 -67.84 50.87 51.84
N ALA J 5 -68.89 50.32 52.44
CA ALA J 5 -68.83 49.83 53.81
C ALA J 5 -67.87 48.65 53.92
N VAL J 6 -67.92 47.76 52.93
CA VAL J 6 -67.01 46.62 52.87
C VAL J 6 -65.57 47.11 52.69
N GLN J 7 -65.39 48.13 51.86
CA GLN J 7 -64.07 48.70 51.60
C GLN J 7 -63.46 49.31 52.87
N VAL J 8 -64.22 50.17 53.54
CA VAL J 8 -63.72 50.82 54.75
C VAL J 8 -63.57 49.80 55.88
N LYS J 9 -64.33 48.71 55.81
CA LYS J 9 -64.17 47.62 56.76
C LYS J 9 -62.85 46.91 56.52
N GLU J 10 -62.50 46.74 55.24
CA GLU J 10 -61.24 46.12 54.87
C GLU J 10 -60.05 46.97 55.28
N GLN J 11 -60.13 48.27 55.00
CA GLN J 11 -59.04 49.18 55.39
C GLN J 11 -58.99 49.31 56.91
N SER J 12 -60.12 49.04 57.57
CA SER J 12 -60.15 48.99 59.02
C SER J 12 -59.42 47.74 59.52
N ILE J 13 -59.57 46.65 58.79
CA ILE J 13 -58.86 45.41 59.11
C ILE J 13 -57.36 45.59 58.92
N LEU J 14 -56.97 46.27 57.84
CA LEU J 14 -55.57 46.56 57.58
C LEU J 14 -54.99 47.51 58.62
N GLU J 15 -55.76 48.51 59.00
CA GLU J 15 -55.32 49.50 59.99
C GLU J 15 -55.14 48.87 61.37
N LEU J 16 -56.18 48.20 61.85
CA LEU J 16 -56.13 47.55 63.16
C LEU J 16 -55.08 46.44 63.17
N GLY J 17 -54.93 45.76 62.04
CA GLY J 17 -53.92 44.73 61.91
C GLY J 17 -52.52 45.30 61.98
N SER J 18 -52.36 46.49 61.40
CA SER J 18 -51.08 47.20 61.46
C SER J 18 -50.79 47.65 62.88
N LEU J 19 -51.83 48.06 63.60
CA LEU J 19 -51.70 48.45 65.00
C LEU J 19 -51.29 47.26 65.86
N LEU J 20 -51.90 46.11 65.60
CA LEU J 20 -51.56 44.89 66.32
C LEU J 20 -50.15 44.43 65.96
N ALA J 21 -49.71 44.76 64.75
CA ALA J 21 -48.36 44.44 64.30
C ALA J 21 -47.34 45.33 64.99
N LYS J 22 -47.73 46.57 65.26
CA LYS J 22 -46.84 47.52 65.92
C LYS J 22 -46.78 47.26 67.42
N THR J 23 -47.88 46.77 67.99
CA THR J 23 -47.94 46.47 69.42
C THR J 23 -47.40 45.07 69.71
N GLY J 24 -47.08 44.33 68.65
CA GLY J 24 -46.52 42.99 68.79
C GLY J 24 -47.49 41.97 69.35
N GLN J 25 -48.67 41.87 68.73
CA GLN J 25 -49.67 40.90 69.15
C GLN J 25 -49.60 39.64 68.29
N ALA J 26 -49.67 38.48 68.93
CA ALA J 26 -49.57 37.20 68.23
C ALA J 26 -50.93 36.51 68.12
N ALA J 27 -51.48 36.14 69.27
CA ALA J 27 -52.75 35.41 69.32
C ALA J 27 -53.91 36.24 68.77
N GLU J 28 -53.83 37.55 68.97
CA GLU J 28 -54.87 38.46 68.50
C GLU J 28 -54.84 38.58 66.97
N LEU J 29 -53.67 38.87 66.43
CA LEU J 29 -53.50 39.01 64.99
C LEU J 29 -53.66 37.65 64.30
N GLY J 30 -53.23 36.59 64.97
CA GLY J 30 -53.35 35.25 64.45
C GLY J 30 -54.80 34.79 64.45
N GLY J 31 -55.56 35.28 65.41
CA GLY J 31 -56.98 34.95 65.51
C GLY J 31 -57.84 35.87 64.68
N LEU J 32 -57.26 36.96 64.21
CA LEU J 32 -57.97 37.91 63.37
C LEU J 32 -58.36 37.28 62.04
N LEU J 33 -57.46 36.49 61.47
CA LEU J 33 -57.71 35.79 60.21
C LEU J 33 -58.86 34.79 60.37
N LYS J 34 -58.98 34.23 61.57
CA LYS J 34 -60.06 33.31 61.87
C LYS J 34 -61.36 34.07 62.12
N TYR J 35 -61.22 35.31 62.57
CA TYR J 35 -62.38 36.15 62.88
C TYR J 35 -62.99 36.76 61.62
N VAL J 36 -62.17 36.96 60.59
CA VAL J 36 -62.63 37.57 59.35
C VAL J 36 -63.09 36.53 58.34
N ARG J 37 -63.09 35.26 58.73
CA ARG J 37 -63.51 34.17 57.86
C ARG J 37 -64.93 34.33 57.28
N PRO J 38 -65.93 34.65 58.13
CA PRO J 38 -67.27 34.82 57.53
C PRO J 38 -67.36 36.06 56.64
N PHE J 39 -66.47 37.03 56.86
CA PHE J 39 -66.48 38.27 56.10
C PHE J 39 -65.93 38.06 54.69
N LEU J 40 -65.12 37.02 54.52
CA LEU J 40 -64.51 36.72 53.23
C LEU J 40 -65.48 36.05 52.27
N ASN J 41 -66.63 35.62 52.80
CA ASN J 41 -67.64 34.96 51.98
C ASN J 41 -68.62 35.96 51.37
N SER J 42 -68.52 37.22 51.79
CA SER J 42 -69.41 38.26 51.29
C SER J 42 -68.83 38.96 50.07
N ILE J 43 -67.58 38.65 49.74
CA ILE J 43 -66.91 39.26 48.60
C ILE J 43 -66.24 38.23 47.70
N SER J 44 -65.52 38.71 46.70
CA SER J 44 -64.86 37.84 45.72
C SER J 44 -63.73 37.04 46.35
N LYS J 45 -63.38 35.92 45.72
CA LYS J 45 -62.34 35.04 46.22
C LYS J 45 -60.95 35.63 46.01
N ALA J 46 -60.83 36.51 45.02
CA ALA J 46 -59.54 37.13 44.70
C ALA J 46 -59.09 38.05 45.83
N LYS J 47 -59.95 38.99 46.21
CA LYS J 47 -59.63 39.93 47.28
C LYS J 47 -59.49 39.21 48.62
N ALA J 48 -60.26 38.15 48.79
CA ALA J 48 -60.21 37.34 50.01
C ALA J 48 -58.85 36.65 50.14
N ALA J 49 -58.44 35.97 49.07
CA ALA J 49 -57.16 35.28 49.05
C ALA J 49 -56.00 36.26 49.19
N ARG J 50 -56.14 37.42 48.55
CA ARG J 50 -55.13 38.47 48.64
C ARG J 50 -54.99 38.97 50.07
N LEU J 51 -56.13 39.13 50.74
CA LEU J 51 -56.16 39.56 52.13
C LEU J 51 -55.52 38.52 53.04
N VAL J 52 -55.85 37.25 52.81
CA VAL J 52 -55.29 36.15 53.58
C VAL J 52 -53.77 36.09 53.44
N ARG J 53 -53.29 36.15 52.19
CA ARG J 53 -51.86 36.12 51.92
C ARG J 53 -51.15 37.33 52.53
N SER J 54 -51.79 38.49 52.44
CA SER J 54 -51.22 39.72 52.98
C SER J 54 -51.07 39.63 54.50
N LEU J 55 -52.16 39.29 55.18
CA LEU J 55 -52.14 39.17 56.63
C LEU J 55 -51.17 38.08 57.10
N LEU J 56 -51.10 36.99 56.35
CA LEU J 56 -50.21 35.90 56.67
C LEU J 56 -48.75 36.34 56.56
N ASP J 57 -48.43 37.03 55.47
CA ASP J 57 -47.07 37.53 55.26
C ASP J 57 -46.68 38.54 56.34
N LEU J 58 -47.57 39.48 56.62
CA LEU J 58 -47.32 40.49 57.64
C LEU J 58 -47.21 39.85 59.03
N PHE J 59 -47.86 38.72 59.22
CA PHE J 59 -47.79 38.01 60.49
C PHE J 59 -46.48 37.24 60.62
N LEU J 60 -46.01 36.69 59.50
CA LEU J 60 -44.76 35.92 59.49
C LEU J 60 -43.53 36.83 59.51
N ASP J 61 -43.72 38.07 59.11
CA ASP J 61 -42.62 39.04 59.10
C ASP J 61 -42.29 39.50 60.52
N MET J 62 -43.20 39.26 61.45
CA MET J 62 -43.00 39.65 62.84
C MET J 62 -42.07 38.67 63.55
N GLU J 63 -42.08 37.42 63.09
CA GLU J 63 -41.26 36.35 63.66
C GLU J 63 -41.47 36.20 65.16
N ALA J 64 -42.68 35.78 65.53
CA ALA J 64 -43.02 35.56 66.93
C ALA J 64 -43.85 34.29 67.11
N ALA J 65 -43.41 33.42 68.01
CA ALA J 65 -44.09 32.16 68.30
C ALA J 65 -44.32 31.33 67.03
N THR J 66 -43.23 30.83 66.45
CA THR J 66 -43.30 30.07 65.21
C THR J 66 -43.91 28.68 65.41
N GLY J 67 -44.11 28.30 66.66
CA GLY J 67 -44.68 26.99 66.98
C GLY J 67 -46.14 26.88 66.59
N GLN J 68 -46.92 27.93 66.89
CA GLN J 68 -48.34 27.93 66.60
C GLN J 68 -48.62 28.42 65.18
N GLU J 69 -47.61 28.97 64.53
CA GLU J 69 -47.76 29.51 63.18
C GLU J 69 -48.07 28.41 62.16
N VAL J 70 -47.32 27.31 62.23
CA VAL J 70 -47.51 26.20 61.31
C VAL J 70 -48.88 25.55 61.51
N GLU J 71 -49.30 25.41 62.76
CA GLU J 71 -50.59 24.82 63.08
C GLU J 71 -51.72 25.74 62.59
N LEU J 72 -51.52 27.03 62.75
CA LEU J 72 -52.48 28.01 62.26
C LEU J 72 -52.59 27.94 60.74
N CYS J 73 -51.45 27.73 60.08
CA CYS J 73 -51.42 27.55 58.64
C CYS J 73 -52.19 26.29 58.24
N LEU J 74 -52.05 25.24 59.05
CA LEU J 74 -52.79 24.00 58.81
C LEU J 74 -54.29 24.24 58.95
N GLU J 75 -54.66 25.10 59.91
CA GLU J 75 -56.05 25.48 60.09
C GLU J 75 -56.56 26.27 58.89
N CYS J 76 -55.70 27.10 58.33
CA CYS J 76 -56.05 27.90 57.16
C CYS J 76 -56.25 27.01 55.93
N ILE J 77 -55.40 26.00 55.80
CA ILE J 77 -55.51 25.05 54.70
C ILE J 77 -56.77 24.20 54.84
N GLU J 78 -57.06 23.78 56.07
CA GLU J 78 -58.24 22.98 56.35
C GLU J 78 -59.51 23.78 56.07
N TRP J 79 -59.49 25.07 56.42
CA TRP J 79 -60.63 25.95 56.18
C TRP J 79 -60.80 26.23 54.70
N ALA J 80 -59.70 26.44 53.99
CA ALA J 80 -59.72 26.68 52.56
C ALA J 80 -60.24 25.45 51.82
N LYS J 81 -59.91 24.27 52.34
CA LYS J 81 -60.41 23.03 51.76
C LYS J 81 -61.88 22.84 52.12
N SER J 82 -62.28 23.37 53.27
CA SER J 82 -63.66 23.29 53.70
C SER J 82 -64.56 24.16 52.83
N GLU J 83 -64.06 25.33 52.42
CA GLU J 83 -64.81 26.22 51.55
C GLU J 83 -64.50 25.94 50.08
N LYS J 84 -63.70 24.91 49.84
CA LYS J 84 -63.36 24.44 48.50
C LYS J 84 -62.74 25.53 47.63
N ARG J 85 -61.68 26.16 48.13
CA ARG J 85 -60.91 27.12 47.35
C ARG J 85 -59.54 26.57 47.02
N THR J 86 -59.31 26.27 45.75
CA THR J 86 -58.06 25.64 45.32
C THR J 86 -56.87 26.59 45.33
N PHE J 87 -57.05 27.77 44.74
CA PHE J 87 -55.97 28.75 44.64
C PHE J 87 -55.51 29.22 46.01
N LEU J 88 -56.48 29.38 46.92
CA LEU J 88 -56.18 29.84 48.27
C LEU J 88 -55.31 28.85 49.03
N ARG J 89 -55.72 27.58 49.03
CA ARG J 89 -54.97 26.54 49.74
C ARG J 89 -53.63 26.27 49.06
N GLN J 90 -53.58 26.47 47.74
CA GLN J 90 -52.33 26.32 47.00
C GLN J 90 -51.35 27.43 47.40
N ALA J 91 -51.87 28.62 47.62
CA ALA J 91 -51.05 29.74 48.07
C ALA J 91 -50.58 29.52 49.51
N LEU J 92 -51.48 28.98 50.33
CA LEU J 92 -51.18 28.70 51.72
C LEU J 92 -50.10 27.62 51.84
N GLU J 93 -50.15 26.64 50.95
CA GLU J 93 -49.12 25.60 50.91
C GLU J 93 -47.83 26.14 50.33
N ALA J 94 -47.96 27.10 49.42
CA ALA J 94 -46.80 27.74 48.81
C ALA J 94 -46.03 28.56 49.85
N ARG J 95 -46.77 29.13 50.80
CA ARG J 95 -46.17 29.86 51.90
C ARG J 95 -45.67 28.88 52.97
N LEU J 96 -46.38 27.77 53.11
CA LEU J 96 -46.07 26.76 54.12
C LEU J 96 -44.74 26.07 53.83
N VAL J 97 -44.51 25.74 52.57
CA VAL J 97 -43.26 25.09 52.17
C VAL J 97 -42.10 26.06 52.36
N SER J 98 -42.38 27.36 52.26
CA SER J 98 -41.40 28.39 52.54
C SER J 98 -41.12 28.46 54.04
N LEU J 99 -42.16 28.24 54.83
CA LEU J 99 -42.04 28.22 56.28
C LEU J 99 -41.17 27.06 56.73
N TYR J 100 -41.40 25.88 56.13
CA TYR J 100 -40.57 24.72 56.40
C TYR J 100 -39.16 24.91 55.86
N PHE J 101 -39.05 25.68 54.79
CA PHE J 101 -37.74 26.01 54.22
C PHE J 101 -36.95 26.88 55.19
N ASP J 102 -37.66 27.74 55.91
CA ASP J 102 -37.05 28.56 56.95
C ASP J 102 -36.84 27.76 58.23
N THR J 103 -37.55 26.64 58.33
CA THR J 103 -37.45 25.77 59.50
C THR J 103 -36.40 24.69 59.26
N LYS J 104 -35.77 24.74 58.10
CA LYS J 104 -34.72 23.79 57.71
C LYS J 104 -35.20 22.34 57.75
N ARG J 105 -36.44 22.13 57.32
CA ARG J 105 -37.00 20.78 57.23
C ARG J 105 -37.25 20.41 55.78
N TYR J 106 -36.47 19.47 55.26
CA TYR J 106 -36.48 19.15 53.84
C TYR J 106 -37.37 17.96 53.49
N GLN J 107 -38.04 17.39 54.48
CA GLN J 107 -38.85 16.20 54.25
C GLN J 107 -40.26 16.53 53.77
N GLU J 108 -41.09 17.06 54.67
CA GLU J 108 -42.48 17.38 54.35
C GLU J 108 -42.58 18.56 53.40
N ALA J 109 -41.55 19.39 53.37
CA ALA J 109 -41.51 20.52 52.46
C ALA J 109 -41.38 20.04 51.01
N LEU J 110 -40.50 19.06 50.81
CA LEU J 110 -40.28 18.49 49.48
C LEU J 110 -41.42 17.56 49.10
N HIS J 111 -41.99 16.87 50.08
CA HIS J 111 -43.08 15.95 49.84
C HIS J 111 -44.36 16.70 49.45
N LEU J 112 -44.77 17.64 50.29
CA LEU J 112 -45.95 18.45 50.03
C LEU J 112 -45.69 19.38 48.85
N GLY J 113 -44.44 19.74 48.64
CA GLY J 113 -44.05 20.56 47.51
C GLY J 113 -44.25 19.79 46.21
N SER J 114 -43.87 18.52 46.21
CA SER J 114 -44.04 17.66 45.06
C SER J 114 -45.53 17.41 44.80
N GLN J 115 -46.26 17.13 45.87
CA GLN J 115 -47.71 16.93 45.78
C GLN J 115 -48.40 18.18 45.25
N LEU J 116 -47.82 19.34 45.55
CA LEU J 116 -48.33 20.60 45.03
C LEU J 116 -48.01 20.74 43.56
N LEU J 117 -46.81 20.34 43.18
CA LEU J 117 -46.36 20.40 41.79
C LEU J 117 -47.23 19.51 40.89
N ARG J 118 -47.64 18.35 41.42
CA ARG J 118 -48.46 17.41 40.66
C ARG J 118 -49.77 18.04 40.22
N GLU J 119 -50.45 18.73 41.14
CA GLU J 119 -51.72 19.36 40.82
C GLU J 119 -51.52 20.73 40.16
N LEU J 120 -50.32 21.27 40.26
CA LEU J 120 -50.01 22.56 39.65
C LEU J 120 -49.75 22.42 38.15
N LYS J 121 -49.06 21.35 37.77
CA LYS J 121 -48.74 21.12 36.36
C LYS J 121 -49.99 20.81 35.54
N LYS J 122 -50.98 20.21 36.19
CA LYS J 122 -52.22 19.83 35.52
C LYS J 122 -53.16 21.03 35.34
N MET J 123 -53.04 22.01 36.23
CA MET J 123 -53.93 23.17 36.20
C MET J 123 -53.29 24.36 35.48
N ASP J 124 -54.00 25.48 35.48
CA ASP J 124 -53.53 26.70 34.82
C ASP J 124 -52.60 27.51 35.71
N ASP J 125 -52.31 28.73 35.28
CA ASP J 125 -51.43 29.65 36.00
C ASP J 125 -50.04 29.05 36.21
N LYS J 126 -49.30 28.93 35.11
CA LYS J 126 -47.95 28.36 35.16
C LYS J 126 -46.96 29.31 35.83
N ALA J 127 -47.37 30.57 36.00
CA ALA J 127 -46.52 31.57 36.64
C ALA J 127 -46.32 31.26 38.12
N LEU J 128 -47.31 30.59 38.71
CA LEU J 128 -47.25 30.21 40.12
C LEU J 128 -46.26 29.07 40.33
N LEU J 129 -46.08 28.25 39.30
CA LEU J 129 -45.16 27.12 39.37
C LEU J 129 -43.70 27.59 39.44
N VAL J 130 -43.43 28.75 38.87
CA VAL J 130 -42.08 29.31 38.86
C VAL J 130 -41.54 29.51 40.27
N GLU J 131 -42.41 29.98 41.16
CA GLU J 131 -42.03 30.24 42.54
C GLU J 131 -41.66 28.97 43.29
N VAL J 132 -42.54 27.97 43.24
CA VAL J 132 -42.31 26.73 43.97
C VAL J 132 -41.19 25.89 43.35
N GLN J 133 -40.97 26.06 42.05
CA GLN J 133 -39.85 25.39 41.40
C GLN J 133 -38.53 26.08 41.75
N LEU J 134 -38.60 27.40 41.94
CA LEU J 134 -37.44 28.16 42.37
C LEU J 134 -37.05 27.77 43.79
N LEU J 135 -38.05 27.69 44.67
CA LEU J 135 -37.83 27.26 46.03
C LEU J 135 -37.37 25.80 46.07
N GLU J 136 -37.83 25.03 45.09
CA GLU J 136 -37.39 23.65 44.93
C GLU J 136 -35.90 23.61 44.61
N SER J 137 -35.48 24.50 43.73
CA SER J 137 -34.07 24.63 43.38
C SER J 137 -33.26 25.10 44.59
N LYS J 138 -33.90 25.90 45.44
CA LYS J 138 -33.25 26.40 46.65
C LYS J 138 -33.01 25.30 47.67
N THR J 139 -34.05 24.50 47.92
CA THR J 139 -33.93 23.42 48.90
C THR J 139 -33.07 22.27 48.37
N TYR J 140 -33.05 22.10 47.05
CA TYR J 140 -32.17 21.12 46.44
C TYR J 140 -30.73 21.63 46.44
N HIS J 141 -30.58 22.96 46.48
CA HIS J 141 -29.26 23.55 46.64
C HIS J 141 -28.80 23.39 48.09
N ALA J 142 -29.75 23.42 49.01
CA ALA J 142 -29.47 23.16 50.42
C ALA J 142 -29.07 21.71 50.62
N LEU J 143 -29.70 20.83 49.84
CA LEU J 143 -29.33 19.42 49.83
C LEU J 143 -28.15 19.18 48.88
N SER J 144 -27.78 20.23 48.16
CA SER J 144 -26.66 20.21 47.22
C SER J 144 -26.82 19.12 46.16
N ASN J 145 -27.85 19.26 45.34
CA ASN J 145 -28.07 18.33 44.22
C ASN J 145 -28.08 19.08 42.89
N LEU J 146 -27.05 18.85 42.08
CA LEU J 146 -26.89 19.58 40.82
C LEU J 146 -27.91 19.23 39.73
N PRO J 147 -28.09 17.93 39.39
CA PRO J 147 -28.95 17.62 38.25
C PRO J 147 -30.41 18.06 38.41
N LYS J 148 -31.00 17.81 39.57
CA LYS J 148 -32.41 18.13 39.80
C LYS J 148 -32.64 19.64 39.90
N ALA J 149 -31.67 20.34 40.49
CA ALA J 149 -31.76 21.79 40.61
C ALA J 149 -31.60 22.45 39.25
N ARG J 150 -30.73 21.89 38.43
CA ARG J 150 -30.50 22.41 37.08
C ARG J 150 -31.71 22.13 36.19
N ALA J 151 -32.31 20.95 36.35
CA ALA J 151 -33.50 20.58 35.59
C ALA J 151 -34.68 21.44 35.98
N ALA J 152 -34.83 21.69 37.29
CA ALA J 152 -35.89 22.55 37.79
C ALA J 152 -35.68 23.98 37.35
N LEU J 153 -34.41 24.38 37.25
CA LEU J 153 -34.06 25.72 36.80
C LEU J 153 -34.43 25.91 35.33
N THR J 154 -34.05 24.95 34.50
CA THR J 154 -34.35 24.99 33.08
C THR J 154 -35.86 24.96 32.86
N SER J 155 -36.55 24.13 33.64
CA SER J 155 -38.00 24.03 33.58
C SER J 155 -38.65 25.36 33.95
N ALA J 156 -38.10 26.02 34.97
CA ALA J 156 -38.60 27.31 35.39
C ALA J 156 -38.36 28.37 34.32
N ARG J 157 -37.24 28.23 33.60
CA ARG J 157 -36.91 29.18 32.54
C ARG J 157 -37.84 29.02 31.35
N THR J 158 -38.08 27.78 30.93
CA THR J 158 -38.95 27.53 29.78
C THR J 158 -40.41 27.72 30.15
N THR J 159 -40.71 27.72 31.45
CA THR J 159 -42.06 28.03 31.91
C THR J 159 -42.29 29.54 31.95
N ALA J 160 -41.28 30.28 32.41
CA ALA J 160 -41.40 31.72 32.60
C ALA J 160 -40.92 32.52 31.40
N ASN J 161 -40.56 31.84 30.32
CA ASN J 161 -40.08 32.51 29.12
C ASN J 161 -41.15 33.39 28.46
N ALA J 162 -42.37 32.87 28.38
CA ALA J 162 -43.46 33.59 27.74
C ALA J 162 -44.06 34.67 28.63
N ILE J 163 -44.24 34.36 29.90
CA ILE J 163 -44.85 35.28 30.85
C ILE J 163 -43.78 36.16 31.51
N TYR J 164 -44.03 37.46 31.55
CA TYR J 164 -43.07 38.39 32.14
C TYR J 164 -43.14 38.37 33.65
N CYS J 165 -42.02 38.03 34.28
CA CYS J 165 -41.94 37.94 35.74
C CYS J 165 -41.52 39.27 36.36
N PRO J 166 -42.00 39.54 37.58
CA PRO J 166 -41.59 40.74 38.33
C PRO J 166 -40.10 40.71 38.65
N PRO J 167 -39.48 41.89 38.87
CA PRO J 167 -38.05 41.98 39.15
C PRO J 167 -37.64 41.24 40.42
N LYS J 168 -38.60 40.97 41.30
CA LYS J 168 -38.33 40.25 42.53
C LYS J 168 -38.01 38.78 42.24
N LEU J 169 -38.90 38.14 41.49
CA LEU J 169 -38.76 36.71 41.18
C LEU J 169 -37.75 36.47 40.05
N GLN J 170 -37.73 37.37 39.07
CA GLN J 170 -36.87 37.20 37.89
C GLN J 170 -35.40 37.26 38.25
N ALA J 171 -35.02 38.21 39.10
CA ALA J 171 -33.63 38.38 39.48
C ALA J 171 -33.17 37.26 40.42
N THR J 172 -34.12 36.67 41.14
CA THR J 172 -33.82 35.59 42.07
C THR J 172 -33.38 34.35 41.29
N LEU J 173 -33.91 34.19 40.08
CA LEU J 173 -33.54 33.08 39.21
C LEU J 173 -32.06 33.14 38.85
N ASP J 174 -31.61 34.31 38.42
CA ASP J 174 -30.21 34.51 38.05
C ASP J 174 -29.31 34.50 39.29
N MET J 175 -29.84 34.99 40.40
CA MET J 175 -29.10 35.01 41.65
C MET J 175 -28.80 33.59 42.12
N GLN J 176 -29.81 32.71 42.02
CA GLN J 176 -29.64 31.32 42.40
C GLN J 176 -28.77 30.59 41.38
N SER J 177 -28.98 30.89 40.10
CA SER J 177 -28.21 30.29 39.03
C SER J 177 -26.72 30.57 39.17
N GLY J 178 -26.40 31.79 39.61
CA GLY J 178 -25.02 32.17 39.83
C GLY J 178 -24.35 31.31 40.89
N ILE J 179 -25.09 31.03 41.96
CA ILE J 179 -24.59 30.18 43.04
C ILE J 179 -24.46 28.74 42.55
N ILE J 180 -25.40 28.32 41.71
CA ILE J 180 -25.36 26.98 41.13
C ILE J 180 -24.09 26.79 40.30
N HIS J 181 -23.78 27.78 39.47
CA HIS J 181 -22.57 27.74 38.65
C HIS J 181 -21.32 27.94 39.48
N ALA J 182 -21.49 28.55 40.65
CA ALA J 182 -20.37 28.79 41.56
C ALA J 182 -20.10 27.57 42.43
N ALA J 183 -21.04 26.63 42.43
CA ALA J 183 -20.90 25.41 43.22
C ALA J 183 -19.87 24.47 42.59
N GLU J 184 -20.01 24.23 41.29
CA GLU J 184 -19.09 23.36 40.57
C GLU J 184 -17.85 24.14 40.12
N GLU J 185 -17.95 25.46 40.18
CA GLU J 185 -16.87 26.36 39.79
C GLU J 185 -16.40 26.11 38.37
N LYS J 186 -17.35 26.07 37.43
CA LYS J 186 -17.04 25.87 36.02
C LYS J 186 -16.48 27.14 35.40
N ASP J 187 -17.33 28.16 35.30
CA ASP J 187 -16.92 29.45 34.75
C ASP J 187 -17.38 30.58 35.65
N TRP J 188 -16.43 31.40 36.10
CA TRP J 188 -16.73 32.50 37.02
C TRP J 188 -17.30 33.70 36.29
N LYS J 189 -17.06 33.78 34.98
CA LYS J 189 -17.52 34.91 34.18
C LYS J 189 -19.03 34.90 34.02
N THR J 190 -19.57 33.76 33.59
CA THR J 190 -21.00 33.60 33.41
C THR J 190 -21.74 33.78 34.74
N ALA J 191 -21.16 33.23 35.80
CA ALA J 191 -21.72 33.38 37.14
C ALA J 191 -21.75 34.85 37.55
N TYR J 192 -20.66 35.56 37.26
CA TYR J 192 -20.57 36.99 37.55
C TYR J 192 -21.61 37.76 36.76
N SER J 193 -21.92 37.28 35.56
CA SER J 193 -22.96 37.88 34.73
C SER J 193 -24.33 37.67 35.34
N TYR J 194 -24.58 36.46 35.84
CA TYR J 194 -25.84 36.15 36.51
C TYR J 194 -26.03 37.00 37.76
N PHE J 195 -24.97 37.15 38.54
CA PHE J 195 -25.02 37.99 39.73
C PHE J 195 -25.14 39.46 39.36
N TYR J 196 -24.67 39.81 38.17
CA TYR J 196 -24.77 41.18 37.68
C TYR J 196 -26.23 41.51 37.33
N GLU J 197 -26.86 40.64 36.56
CA GLU J 197 -28.27 40.81 36.21
C GLU J 197 -29.14 40.75 37.46
N ALA J 198 -28.78 39.85 38.38
CA ALA J 198 -29.48 39.74 39.65
C ALA J 198 -29.34 41.03 40.45
N PHE J 199 -28.18 41.67 40.34
CA PHE J 199 -27.97 42.95 41.01
C PHE J 199 -28.80 44.04 40.35
N GLU J 200 -28.98 43.91 39.04
CA GLU J 200 -29.80 44.86 38.29
C GLU J 200 -31.28 44.73 38.68
N GLY J 201 -31.71 43.51 38.97
CA GLY J 201 -33.08 43.28 39.39
C GLY J 201 -33.33 43.59 40.84
N TYR J 202 -32.31 43.39 41.67
CA TYR J 202 -32.40 43.64 43.11
C TYR J 202 -31.99 45.06 43.47
N ASP J 203 -31.72 45.89 42.46
CA ASP J 203 -31.19 47.22 42.71
C ASP J 203 -32.21 48.15 43.34
N SER J 204 -31.84 48.68 44.51
CA SER J 204 -32.59 49.72 45.21
C SER J 204 -34.04 49.36 45.55
N ILE J 205 -34.34 48.07 45.61
CA ILE J 205 -35.65 47.64 46.09
C ILE J 205 -35.68 47.59 47.62
N ASP J 206 -34.60 47.08 48.21
CA ASP J 206 -34.48 46.99 49.66
C ASP J 206 -33.01 46.98 50.06
N SER J 207 -32.72 47.44 51.27
CA SER J 207 -31.33 47.53 51.74
C SER J 207 -30.65 46.16 51.93
N PRO J 208 -31.28 45.22 52.66
CA PRO J 208 -30.59 43.93 52.83
C PRO J 208 -30.38 43.18 51.53
N LYS J 209 -31.38 43.22 50.63
CA LYS J 209 -31.28 42.55 49.35
C LYS J 209 -30.17 43.15 48.50
N ALA J 210 -30.02 44.47 48.57
CA ALA J 210 -28.99 45.17 47.81
C ALA J 210 -27.60 44.88 48.35
N ILE J 211 -27.45 44.94 49.67
CA ILE J 211 -26.14 44.75 50.29
C ILE J 211 -25.71 43.28 50.15
N THR J 212 -26.67 42.36 50.14
CA THR J 212 -26.34 40.95 49.95
C THR J 212 -26.13 40.67 48.47
N SER J 213 -26.69 41.54 47.62
CA SER J 213 -26.47 41.42 46.18
C SER J 213 -25.02 41.80 45.85
N LEU J 214 -24.59 42.95 46.37
CA LEU J 214 -23.21 43.38 46.16
C LEU J 214 -22.25 42.47 46.93
N LYS J 215 -22.74 41.87 48.00
CA LYS J 215 -21.96 40.88 48.74
C LYS J 215 -21.70 39.66 47.86
N TYR J 216 -22.75 39.20 47.18
CA TYR J 216 -22.63 38.07 46.27
C TYR J 216 -21.74 38.43 45.08
N MET J 217 -21.82 39.67 44.63
CA MET J 217 -20.98 40.16 43.55
C MET J 217 -19.51 40.11 43.94
N LEU J 218 -19.17 40.72 45.06
CA LEU J 218 -17.80 40.75 45.55
C LEU J 218 -17.29 39.34 45.84
N LEU J 219 -18.18 38.47 46.30
CA LEU J 219 -17.82 37.08 46.58
C LEU J 219 -17.46 36.32 45.30
N CYS J 220 -18.37 36.32 44.33
CA CYS J 220 -18.16 35.59 43.09
C CYS J 220 -17.00 36.18 42.30
N LYS J 221 -16.78 37.49 42.46
CA LYS J 221 -15.69 38.15 41.75
C LYS J 221 -14.35 37.97 42.47
N ILE J 222 -14.39 37.64 43.76
CA ILE J 222 -13.17 37.37 44.50
C ILE J 222 -12.86 35.87 44.44
N MET J 223 -13.81 35.10 43.91
CA MET J 223 -13.57 33.68 43.65
C MET J 223 -12.46 33.51 42.61
N LEU J 224 -12.37 34.47 41.69
CA LEU J 224 -11.33 34.46 40.68
C LEU J 224 -10.11 35.28 41.11
N ASN J 225 -10.17 35.77 42.35
CA ASN J 225 -9.04 36.45 42.99
C ASN J 225 -8.49 37.67 42.27
N THR J 226 -9.36 38.64 42.01
CA THR J 226 -8.92 39.92 41.45
C THR J 226 -9.38 41.08 42.35
N PRO J 227 -8.53 41.47 43.30
CA PRO J 227 -8.82 42.52 44.29
C PRO J 227 -8.87 43.93 43.68
N GLU J 228 -8.27 44.10 42.51
CA GLU J 228 -8.24 45.40 41.85
C GLU J 228 -9.66 45.86 41.50
N ASP J 229 -10.44 44.95 40.94
CA ASP J 229 -11.82 45.25 40.57
C ASP J 229 -12.68 45.41 41.82
N VAL J 230 -12.29 44.74 42.91
CA VAL J 230 -12.95 44.91 44.19
C VAL J 230 -12.78 46.35 44.66
N GLN J 231 -11.55 46.83 44.61
CA GLN J 231 -11.24 48.21 44.97
C GLN J 231 -11.99 49.18 44.06
N ALA J 232 -12.04 48.84 42.77
CA ALA J 232 -12.74 49.66 41.78
C ALA J 232 -14.23 49.76 42.09
N LEU J 233 -14.79 48.68 42.63
CA LEU J 233 -16.22 48.65 42.97
C LEU J 233 -16.51 49.39 44.28
N VAL J 234 -15.65 49.21 45.27
CA VAL J 234 -15.86 49.84 46.57
C VAL J 234 -15.47 51.33 46.53
N SER J 235 -14.80 51.74 45.45
CA SER J 235 -14.46 53.14 45.27
C SER J 235 -15.63 53.91 44.68
N GLY J 236 -16.65 53.18 44.24
CA GLY J 236 -17.82 53.80 43.64
C GLY J 236 -18.73 54.48 44.64
N LYS J 237 -19.35 55.57 44.22
CA LYS J 237 -20.25 56.32 45.09
C LYS J 237 -21.61 55.65 45.19
N LEU J 238 -21.97 54.90 44.15
CA LEU J 238 -23.26 54.22 44.10
C LEU J 238 -23.36 53.13 45.17
N ALA J 239 -22.27 52.40 45.36
CA ALA J 239 -22.24 51.32 46.34
C ALA J 239 -21.72 51.82 47.69
N LEU J 240 -21.45 53.12 47.76
CA LEU J 240 -20.93 53.72 48.99
C LEU J 240 -22.03 53.88 50.03
N ARG J 241 -23.24 54.18 49.57
CA ARG J 241 -24.38 54.36 50.47
C ARG J 241 -24.95 53.02 50.91
N TYR J 242 -24.61 51.96 50.18
CA TYR J 242 -25.05 50.61 50.52
C TYR J 242 -24.01 49.88 51.35
N ALA J 243 -22.92 50.58 51.67
CA ALA J 243 -21.84 50.00 52.47
C ALA J 243 -22.28 49.75 53.91
N GLY J 244 -21.57 48.86 54.59
CA GLY J 244 -21.89 48.50 55.96
C GLY J 244 -20.90 47.52 56.56
N ARG J 245 -21.31 46.86 57.64
CA ARG J 245 -20.44 45.91 58.32
C ARG J 245 -20.26 44.63 57.52
N GLN J 246 -21.13 44.42 56.53
CA GLN J 246 -21.08 43.22 55.71
C GLN J 246 -19.94 43.25 54.69
N THR J 247 -19.75 44.42 54.07
CA THR J 247 -18.75 44.55 53.01
C THR J 247 -17.34 44.74 53.56
N GLU J 248 -17.25 45.08 54.84
CA GLU J 248 -15.95 45.29 55.48
C GLU J 248 -15.15 43.99 55.54
N ALA J 249 -15.83 42.90 55.86
CA ALA J 249 -15.19 41.59 55.89
C ALA J 249 -14.71 41.19 54.50
N LEU J 250 -15.48 41.55 53.48
CA LEU J 250 -15.11 41.30 52.10
C LEU J 250 -13.88 42.12 51.72
N LYS J 251 -13.80 43.34 52.26
CA LYS J 251 -12.64 44.19 52.04
C LYS J 251 -11.41 43.61 52.72
N CYS J 252 -11.64 42.96 53.86
CA CYS J 252 -10.55 42.28 54.57
C CYS J 252 -10.07 41.07 53.80
N VAL J 253 -11.01 40.37 53.15
CA VAL J 253 -10.68 39.21 52.33
C VAL J 253 -9.88 39.66 51.10
N ALA J 254 -10.33 40.75 50.48
CA ALA J 254 -9.64 41.29 49.31
C ALA J 254 -8.24 41.79 49.68
N GLN J 255 -8.13 42.40 50.85
CA GLN J 255 -6.84 42.90 51.34
C GLN J 255 -5.90 41.74 51.61
N ALA J 256 -6.42 40.68 52.23
CA ALA J 256 -5.63 39.50 52.53
C ALA J 256 -5.22 38.78 51.25
N SER J 257 -6.03 38.94 50.21
CA SER J 257 -5.74 38.31 48.92
C SER J 257 -4.65 39.07 48.18
N LYS J 258 -4.75 40.39 48.16
CA LYS J 258 -3.78 41.22 47.45
C LYS J 258 -2.45 41.28 48.19
N ASN J 259 -2.50 41.13 49.52
CA ASN J 259 -1.28 41.13 50.32
C ASN J 259 -0.73 39.71 50.48
N ARG J 260 -1.52 38.73 50.05
CA ARG J 260 -1.16 37.31 50.14
C ARG J 260 -0.81 36.92 51.57
N SER J 261 -1.62 37.38 52.53
CA SER J 261 -1.38 37.10 53.94
C SER J 261 -2.31 36.02 54.45
N LEU J 262 -1.80 35.19 55.36
CA LEU J 262 -2.56 34.08 55.93
C LEU J 262 -3.16 34.45 57.28
N ALA J 263 -2.28 34.74 58.24
CA ALA J 263 -2.69 35.08 59.60
C ALA J 263 -3.67 36.26 59.65
N ASP J 264 -3.54 37.17 58.70
CA ASP J 264 -4.46 38.31 58.62
C ASP J 264 -5.84 37.85 58.18
N PHE J 265 -5.87 36.88 57.26
CA PHE J 265 -7.13 36.30 56.81
C PHE J 265 -7.77 35.52 57.96
N GLU J 266 -6.94 34.89 58.77
CA GLU J 266 -7.41 34.20 59.97
C GLU J 266 -7.98 35.20 60.97
N LYS J 267 -7.37 36.38 61.01
CA LYS J 267 -7.87 37.47 61.86
C LYS J 267 -9.23 37.95 61.35
N ALA J 268 -9.38 37.95 60.03
CA ALA J 268 -10.66 38.29 59.41
C ALA J 268 -11.69 37.23 59.72
N LEU J 269 -11.24 36.00 59.90
CA LEU J 269 -12.12 34.90 60.29
C LEU J 269 -12.25 34.82 61.80
N THR J 270 -11.59 35.74 62.50
CA THR J 270 -11.59 35.76 63.96
C THR J 270 -12.49 36.86 64.50
N ASP J 271 -12.14 38.11 64.21
CA ASP J 271 -12.89 39.26 64.73
C ASP J 271 -14.27 39.36 64.08
N TYR J 272 -14.35 39.02 62.81
CA TYR J 272 -15.59 39.20 62.04
C TYR J 272 -16.48 37.97 62.02
N ARG J 273 -16.08 36.91 62.73
CA ARG J 273 -16.87 35.67 62.73
C ARG J 273 -18.17 35.84 63.52
N ALA J 274 -18.21 36.85 64.38
CA ALA J 274 -19.43 37.13 65.11
C ALA J 274 -20.47 37.29 64.02
N GLU J 275 -20.07 37.96 62.95
CA GLU J 275 -20.92 38.17 61.78
C GLU J 275 -20.83 36.85 61.03
N LEU J 276 -19.82 36.70 60.18
CA LEU J 276 -19.65 35.43 59.48
C LEU J 276 -20.40 34.30 60.17
N ARG J 277 -21.11 34.63 61.24
CA ARG J 277 -21.92 33.65 61.94
C ARG J 277 -23.21 33.36 61.16
N ASP J 278 -23.75 34.39 60.53
CA ASP J 278 -24.96 34.26 59.72
C ASP J 278 -24.61 33.95 58.27
N ASP J 279 -23.32 33.78 58.01
CA ASP J 279 -22.82 33.51 56.66
C ASP J 279 -23.42 32.25 56.07
N PRO J 280 -23.78 32.30 54.78
CA PRO J 280 -24.41 31.17 54.07
C PRO J 280 -23.47 29.99 53.84
N ILE J 281 -23.91 29.02 53.05
CA ILE J 281 -23.16 27.81 52.77
C ILE J 281 -21.86 28.09 52.02
N ILE J 282 -21.72 29.32 51.51
CA ILE J 282 -20.53 29.72 50.77
C ILE J 282 -19.27 29.74 51.63
N SER J 283 -19.45 29.57 52.95
CA SER J 283 -18.33 29.47 53.88
C SER J 283 -17.40 28.33 53.51
N THR J 284 -17.96 27.28 52.91
CA THR J 284 -17.17 26.16 52.41
C THR J 284 -16.25 26.61 51.28
N HIS J 285 -16.77 27.48 50.43
CA HIS J 285 -15.99 28.04 49.33
C HIS J 285 -14.93 29.00 49.87
N LEU J 286 -15.27 29.69 50.96
CA LEU J 286 -14.31 30.58 51.63
C LEU J 286 -13.15 29.77 52.18
N ALA J 287 -13.47 28.66 52.82
CA ALA J 287 -12.45 27.75 53.35
C ALA J 287 -11.67 27.10 52.21
N LYS J 288 -12.32 26.97 51.06
CA LYS J 288 -11.68 26.41 49.87
C LYS J 288 -10.64 27.40 49.33
N LEU J 289 -10.97 28.68 49.41
CA LEU J 289 -10.06 29.73 48.97
C LEU J 289 -8.90 29.85 49.96
N TYR J 290 -9.22 29.73 51.24
CA TYR J 290 -8.21 29.75 52.29
C TYR J 290 -7.22 28.60 52.11
N ASP J 291 -7.75 27.41 51.85
CA ASP J 291 -6.93 26.24 51.61
C ASP J 291 -6.18 26.35 50.29
N ASN J 292 -6.73 27.14 49.36
CA ASN J 292 -6.09 27.39 48.08
C ASN J 292 -4.83 28.23 48.27
N LEU J 293 -4.98 29.36 48.96
CA LEU J 293 -3.85 30.23 49.25
C LEU J 293 -2.83 29.49 50.13
N LEU J 294 -3.34 28.67 51.03
CA LEU J 294 -2.50 27.83 51.87
C LEU J 294 -1.66 26.89 51.02
N GLU J 295 -2.30 26.29 50.02
CA GLU J 295 -1.60 25.41 49.09
C GLU J 295 -0.54 26.19 48.31
N GLN J 296 -0.86 27.42 47.94
CA GLN J 296 0.08 28.28 47.23
C GLN J 296 1.33 28.51 48.08
N ASN J 297 1.13 28.88 49.34
CA ASN J 297 2.24 29.10 50.26
C ASN J 297 3.06 27.83 50.48
N LEU J 298 2.35 26.71 50.65
CA LEU J 298 3.00 25.43 50.89
C LEU J 298 3.83 24.96 49.71
N ILE J 299 3.38 25.23 48.50
CA ILE J 299 4.16 24.89 47.32
C ILE J 299 5.15 26.01 46.99
N ARG J 300 5.09 27.09 47.77
CA ARG J 300 6.02 28.20 47.60
C ARG J 300 7.27 28.00 48.44
N VAL J 301 7.12 28.01 49.76
CA VAL J 301 8.28 27.98 50.65
C VAL J 301 8.90 26.60 50.86
N ILE J 302 8.09 25.54 50.77
CA ILE J 302 8.59 24.19 51.01
C ILE J 302 9.38 23.66 49.82
N GLU J 303 8.87 23.91 48.61
CA GLU J 303 9.43 23.37 47.37
C GLU J 303 10.96 23.50 47.23
N PRO J 304 11.53 24.69 47.47
CA PRO J 304 12.98 24.77 47.31
C PRO J 304 13.76 23.98 48.37
N PHE J 305 13.10 23.67 49.48
CA PHE J 305 13.75 22.93 50.55
C PHE J 305 13.46 21.43 50.45
N SER J 306 14.51 20.66 50.18
CA SER J 306 14.38 19.21 50.13
C SER J 306 14.15 18.65 51.52
N ARG J 307 15.03 19.02 52.45
CA ARG J 307 14.86 18.66 53.86
C ARG J 307 15.24 19.84 54.73
N VAL J 308 14.33 20.24 55.62
CA VAL J 308 14.55 21.43 56.45
C VAL J 308 13.71 21.37 57.72
N GLN J 309 14.07 22.18 58.71
CA GLN J 309 13.33 22.25 59.97
C GLN J 309 11.91 22.76 59.72
N ILE J 310 10.94 22.11 60.38
CA ILE J 310 9.55 22.50 60.23
C ILE J 310 9.23 23.75 61.05
N GLU J 311 9.86 23.88 62.21
CA GLU J 311 9.63 25.02 63.09
C GLU J 311 10.24 26.30 62.49
N HIS J 312 11.32 26.13 61.74
CA HIS J 312 11.98 27.27 61.11
C HIS J 312 11.16 27.81 59.94
N ILE J 313 10.56 26.90 59.17
CA ILE J 313 9.75 27.29 58.03
C ILE J 313 8.36 27.72 58.47
N SER J 314 7.96 27.30 59.67
CA SER J 314 6.68 27.73 60.23
C SER J 314 6.86 28.98 61.08
N SER J 315 8.11 29.37 61.30
CA SER J 315 8.41 30.57 62.08
C SER J 315 8.01 31.83 61.31
N LEU J 316 8.03 31.74 59.98
CA LEU J 316 7.67 32.87 59.13
C LEU J 316 6.16 33.04 59.08
N ILE J 317 5.42 31.94 59.10
CA ILE J 317 3.97 31.97 59.04
C ILE J 317 3.37 32.13 60.44
N LYS J 318 4.24 31.96 61.45
CA LYS J 318 3.89 32.12 62.87
C LYS J 318 2.57 31.46 63.27
N LEU J 319 2.31 30.27 62.72
CA LEU J 319 1.11 29.51 63.04
C LEU J 319 1.47 28.11 63.50
N SER J 320 0.51 27.44 64.14
CA SER J 320 0.72 26.08 64.62
C SER J 320 0.96 25.10 63.48
N LYS J 321 1.72 24.05 63.75
CA LYS J 321 2.07 23.06 62.73
C LYS J 321 1.06 21.92 62.68
N ALA J 322 0.02 22.02 63.50
CA ALA J 322 -0.97 20.95 63.60
C ALA J 322 -1.86 20.89 62.37
N ASP J 323 -2.66 21.95 62.16
CA ASP J 323 -3.53 22.03 60.99
C ASP J 323 -2.71 21.97 59.70
N VAL J 324 -1.50 22.52 59.74
CA VAL J 324 -0.60 22.48 58.60
C VAL J 324 -0.23 21.05 58.24
N GLU J 325 0.20 20.28 59.24
CA GLU J 325 0.54 18.89 59.04
C GLU J 325 -0.68 18.07 58.60
N ARG J 326 -1.84 18.43 59.11
CA ARG J 326 -3.09 17.78 58.74
C ARG J 326 -3.41 17.97 57.27
N LYS J 327 -3.42 19.22 56.82
CA LYS J 327 -3.70 19.54 55.43
C LYS J 327 -2.65 18.94 54.50
N LEU J 328 -1.39 19.05 54.88
CA LEU J 328 -0.28 18.49 54.11
C LEU J 328 -0.46 16.99 53.92
N SER J 329 -0.56 16.27 55.03
CA SER J 329 -0.74 14.82 54.99
C SER J 329 -1.98 14.42 54.20
N GLN J 330 -3.02 15.25 54.30
CA GLN J 330 -4.23 15.02 53.52
C GLN J 330 -3.94 15.13 52.03
N MET J 331 -3.10 16.08 51.66
CA MET J 331 -2.74 16.27 50.26
C MET J 331 -1.83 15.16 49.74
N ILE J 332 -0.98 14.61 50.62
CA ILE J 332 -0.18 13.46 50.26
C ILE J 332 -1.09 12.25 50.06
N LEU J 333 -2.08 12.10 50.92
CA LEU J 333 -3.07 11.04 50.78
C LEU J 333 -3.90 11.23 49.51
N ASP J 334 -4.02 12.47 49.07
CA ASP J 334 -4.70 12.77 47.80
C ASP J 334 -3.77 12.52 46.62
N LYS J 335 -2.48 12.40 46.92
CA LYS J 335 -1.45 12.08 45.93
C LYS J 335 -1.41 13.08 44.77
N LYS J 336 -1.48 14.37 45.09
CA LYS J 336 -1.38 15.40 44.07
C LYS J 336 0.09 15.67 43.72
N PHE J 337 0.98 15.26 44.62
CA PHE J 337 2.41 15.45 44.42
C PHE J 337 3.21 14.32 45.07
N HIS J 338 4.52 14.39 44.97
CA HIS J 338 5.40 13.39 45.56
C HIS J 338 6.09 13.91 46.81
N GLY J 339 5.77 13.30 47.96
CA GLY J 339 6.36 13.70 49.22
C GLY J 339 5.78 12.95 50.40
N ILE J 340 6.49 13.01 51.54
CA ILE J 340 6.03 12.35 52.75
C ILE J 340 6.45 13.17 53.98
N LEU J 341 5.56 13.23 54.98
CA LEU J 341 5.83 14.05 56.16
C LEU J 341 6.57 13.26 57.25
N ASP J 342 6.88 13.95 58.34
CA ASP J 342 7.54 13.33 59.48
C ASP J 342 7.20 14.11 60.76
N GLN J 343 7.29 13.44 61.90
CA GLN J 343 6.95 14.07 63.17
C GLN J 343 8.19 14.31 64.03
N GLY J 344 8.75 13.24 64.57
CA GLY J 344 9.90 13.34 65.47
C GLY J 344 11.15 13.85 64.79
N GLU J 345 11.55 13.19 63.71
CA GLU J 345 12.76 13.56 63.00
C GLU J 345 12.54 14.79 62.12
N GLY J 346 11.38 14.87 61.49
CA GLY J 346 11.04 15.98 60.63
C GLY J 346 11.76 15.93 59.30
N VAL J 347 12.07 14.72 58.85
CA VAL J 347 12.77 14.53 57.59
C VAL J 347 11.81 14.50 56.39
N LEU J 348 12.04 15.40 55.44
CA LEU J 348 11.22 15.46 54.24
C LEU J 348 11.88 14.75 53.07
N ILE J 349 11.22 13.71 52.56
CA ILE J 349 11.78 12.92 51.47
C ILE J 349 10.91 13.00 50.22
N ILE J 350 11.52 13.36 49.10
CA ILE J 350 10.81 13.45 47.83
C ILE J 350 11.39 12.47 46.81
N PHE J 351 10.54 11.60 46.27
CA PHE J 351 10.98 10.62 45.29
C PHE J 351 9.87 10.28 44.29
N ASP J 352 10.26 9.81 43.11
CA ASP J 352 9.30 9.46 42.07
C ASP J 352 9.69 8.16 41.38
N GLU J 353 8.73 7.56 40.69
CA GLU J 353 8.96 6.29 40.01
C GLU J 353 8.54 6.37 38.53
N PRO J 354 9.48 6.76 37.66
CA PRO J 354 9.24 6.92 36.22
C PRO J 354 8.76 5.67 35.46
N PRO J 355 9.33 4.47 35.69
CA PRO J 355 8.86 3.38 34.82
C PRO J 355 7.50 2.82 35.21
N VAL J 356 6.45 3.60 34.98
CA VAL J 356 5.09 3.20 35.33
C VAL J 356 4.50 2.24 34.31
N ASP J 357 4.74 2.50 33.04
CA ASP J 357 4.13 1.76 31.95
C ASP J 357 4.75 0.36 31.77
N LYS J 358 5.86 0.12 32.42
CA LYS J 358 6.56 -1.16 32.29
C LYS J 358 5.86 -2.28 33.07
N THR J 359 5.85 -2.15 34.39
CA THR J 359 5.28 -3.16 35.27
C THR J 359 3.80 -3.40 35.02
N TYR J 360 3.09 -2.37 34.59
CA TYR J 360 1.67 -2.48 34.30
C TYR J 360 1.43 -3.39 33.10
N GLU J 361 2.07 -3.09 31.98
CA GLU J 361 1.94 -3.89 30.77
C GLU J 361 2.47 -5.30 30.98
N ALA J 362 3.54 -5.41 31.77
CA ALA J 362 4.11 -6.71 32.10
C ALA J 362 3.11 -7.56 32.86
N ALA J 363 2.51 -6.97 33.90
CA ALA J 363 1.51 -7.66 34.72
C ALA J 363 0.30 -8.05 33.88
N LEU J 364 -0.12 -7.15 32.99
CA LEU J 364 -1.24 -7.43 32.11
C LEU J 364 -0.92 -8.61 31.19
N GLU J 365 0.31 -8.65 30.68
CA GLU J 365 0.76 -9.75 29.84
C GLU J 365 0.73 -11.07 30.61
N THR J 366 1.24 -11.05 31.84
CA THR J 366 1.25 -12.24 32.68
C THR J 366 -0.17 -12.75 32.93
N ILE J 367 -1.04 -11.87 33.39
CA ILE J 367 -2.42 -12.22 33.70
C ILE J 367 -3.16 -12.76 32.48
N GLN J 368 -2.98 -12.09 31.35
CA GLN J 368 -3.63 -12.53 30.11
C GLN J 368 -3.12 -13.89 29.65
N ASN J 369 -1.81 -14.11 29.77
CA ASN J 369 -1.22 -15.38 29.36
C ASN J 369 -1.60 -16.52 30.30
N MET J 370 -1.85 -16.20 31.57
CA MET J 370 -2.31 -17.18 32.54
C MET J 370 -3.60 -17.84 32.06
N SER J 371 -4.52 -17.02 31.54
CA SER J 371 -5.77 -17.52 31.00
C SER J 371 -5.52 -18.46 29.82
N LYS J 372 -4.52 -18.14 29.01
CA LYS J 372 -4.17 -18.95 27.86
C LYS J 372 -3.68 -20.33 28.30
N VAL J 373 -2.76 -20.34 29.27
CA VAL J 373 -2.20 -21.59 29.76
C VAL J 373 -3.26 -22.43 30.46
N VAL J 374 -4.11 -21.78 31.27
CA VAL J 374 -5.18 -22.48 31.97
C VAL J 374 -6.18 -23.10 30.99
N ASP J 375 -6.60 -22.32 30.00
CA ASP J 375 -7.50 -22.81 28.97
C ASP J 375 -6.86 -23.96 28.19
N SER J 376 -5.55 -23.88 27.99
CA SER J 376 -4.81 -24.95 27.33
C SER J 376 -4.87 -26.23 28.18
N LEU J 377 -4.72 -26.06 29.49
CA LEU J 377 -4.82 -27.18 30.42
C LEU J 377 -6.21 -27.79 30.39
N TYR J 378 -7.22 -26.94 30.20
CA TYR J 378 -8.60 -27.41 30.08
C TYR J 378 -8.79 -28.22 28.80
N ASN J 379 -8.20 -27.73 27.71
CA ASN J 379 -8.28 -28.42 26.43
C ASN J 379 -7.59 -29.78 26.47
N LYS J 380 -6.42 -29.83 27.11
CA LYS J 380 -5.69 -31.09 27.23
C LYS J 380 -6.41 -32.07 28.16
N ALA J 381 -6.95 -31.56 29.26
CA ALA J 381 -7.71 -32.38 30.19
C ALA J 381 -8.99 -32.90 29.53
N LYS J 382 -9.48 -32.15 28.55
CA LYS J 382 -10.67 -32.56 27.80
C LYS J 382 -10.33 -33.62 26.76
N LYS J 383 -9.18 -33.46 26.11
CA LYS J 383 -8.79 -34.37 25.03
C LYS J 383 -8.18 -35.67 25.56
N LEU J 384 -7.77 -35.66 26.83
CA LEU J 384 -7.16 -36.85 27.42
C LEU J 384 -8.14 -37.63 28.29
N THR J 385 -8.45 -37.08 29.46
CA THR J 385 -9.35 -37.75 30.40
C THR J 385 -10.78 -37.22 30.28
N PRO K 1 -42.48 -13.58 50.83
CA PRO K 1 -43.41 -12.81 49.99
C PRO K 1 -43.08 -11.33 49.97
N LYS K 2 -43.94 -10.53 49.33
CA LYS K 2 -43.73 -9.08 49.25
C LYS K 2 -44.33 -8.39 50.47
N ASN K 3 -44.96 -9.17 51.34
CA ASN K 3 -45.57 -8.64 52.55
C ASN K 3 -44.55 -8.36 53.63
N PRO K 4 -44.84 -7.40 54.53
CA PRO K 4 -43.97 -7.07 55.67
C PRO K 4 -43.75 -8.25 56.61
N ASP K 5 -44.61 -9.27 56.51
CA ASP K 5 -44.49 -10.47 57.32
C ASP K 5 -43.17 -11.18 57.06
N LEU K 6 -42.59 -10.93 55.88
CA LEU K 6 -41.28 -11.46 55.55
C LEU K 6 -40.21 -10.88 56.48
N ARG K 7 -40.27 -9.56 56.68
CA ARG K 7 -39.33 -8.89 57.57
C ARG K 7 -39.64 -9.23 59.03
N ILE K 8 -40.92 -9.33 59.35
CA ILE K 8 -41.35 -9.72 60.70
C ILE K 8 -40.79 -11.10 61.05
N ALA K 9 -40.79 -12.00 60.07
CA ALA K 9 -40.23 -13.32 60.26
C ALA K 9 -38.70 -13.29 60.11
N GLN K 10 -38.19 -12.17 59.59
CA GLN K 10 -36.75 -11.99 59.45
C GLN K 10 -36.16 -11.42 60.74
N LEU K 11 -37.03 -10.98 61.64
CA LEU K 11 -36.60 -10.44 62.92
C LEU K 11 -36.41 -11.56 63.95
N ARG K 12 -36.61 -12.80 63.52
CA ARG K 12 -36.48 -13.96 64.41
C ARG K 12 -35.07 -14.11 64.95
N PHE K 13 -34.09 -13.58 64.22
CA PHE K 13 -32.69 -13.67 64.63
C PHE K 13 -32.45 -12.87 65.91
N LEU K 14 -32.94 -11.63 65.93
CA LEU K 14 -32.83 -10.78 67.10
C LEU K 14 -33.90 -11.14 68.12
N LEU K 15 -34.88 -11.93 67.69
CA LEU K 15 -35.92 -12.41 68.59
C LEU K 15 -35.41 -13.59 69.40
N SER K 16 -34.42 -14.29 68.86
CA SER K 16 -33.94 -15.54 69.46
C SER K 16 -32.83 -15.34 70.50
N LEU K 17 -31.63 -15.00 70.03
CA LEU K 17 -30.45 -14.99 70.87
C LEU K 17 -30.50 -13.98 72.04
N PRO K 18 -30.70 -12.68 71.75
CA PRO K 18 -30.69 -11.78 72.91
C PRO K 18 -31.98 -11.85 73.72
N GLU K 19 -31.86 -11.73 75.04
CA GLU K 19 -33.04 -11.74 75.90
C GLU K 19 -33.50 -10.32 76.22
N HIS K 20 -32.71 -9.34 75.77
CA HIS K 20 -33.04 -7.93 76.00
C HIS K 20 -34.11 -7.43 75.04
N ARG K 21 -33.95 -7.76 73.76
CA ARG K 21 -34.87 -7.32 72.73
C ARG K 21 -35.96 -8.36 72.45
N GLY K 22 -35.95 -9.44 73.23
CA GLY K 22 -36.89 -10.53 73.04
C GLY K 22 -38.30 -10.21 73.51
N ASP K 23 -38.52 -8.98 73.96
CA ASP K 23 -39.83 -8.55 74.41
C ASP K 23 -40.66 -7.97 73.26
N ALA K 24 -40.19 -6.86 72.71
CA ALA K 24 -40.89 -6.20 71.60
C ALA K 24 -40.91 -7.08 70.35
N ALA K 25 -39.86 -7.89 70.20
CA ALA K 25 -39.75 -8.80 69.07
C ALA K 25 -40.88 -9.82 69.07
N VAL K 26 -41.07 -10.50 70.19
CA VAL K 26 -42.16 -11.47 70.30
C VAL K 26 -43.50 -10.74 70.38
N ARG K 27 -43.45 -9.46 70.75
CA ARG K 27 -44.65 -8.65 70.84
C ARG K 27 -45.25 -8.39 69.46
N ASP K 28 -44.44 -7.87 68.54
CA ASP K 28 -44.95 -7.59 67.20
C ASP K 28 -44.92 -8.85 66.34
N GLU K 29 -44.21 -9.88 66.81
CA GLU K 29 -44.29 -11.19 66.17
C GLU K 29 -45.68 -11.78 66.41
N LEU K 30 -46.11 -11.73 67.67
CA LEU K 30 -47.44 -12.22 68.04
C LEU K 30 -48.52 -11.30 67.47
N MET K 31 -48.19 -10.02 67.36
CA MET K 31 -49.14 -9.06 66.80
C MET K 31 -49.35 -9.28 65.30
N ALA K 32 -48.27 -9.62 64.60
CA ALA K 32 -48.34 -9.86 63.17
C ALA K 32 -48.60 -11.34 62.87
N ALA K 33 -48.78 -12.13 63.92
CA ALA K 33 -49.02 -13.56 63.77
C ALA K 33 -50.40 -13.84 63.18
N VAL K 34 -51.30 -12.85 63.29
CA VAL K 34 -52.66 -12.99 62.79
C VAL K 34 -52.78 -12.50 61.35
N ARG K 35 -51.65 -12.08 60.78
CA ARG K 35 -51.64 -11.54 59.42
C ARG K 35 -50.83 -12.41 58.47
N ASP K 36 -51.32 -12.54 57.24
CA ASP K 36 -50.63 -13.25 56.17
C ASP K 36 -50.34 -14.71 56.50
N ASN K 37 -51.20 -15.30 57.33
CA ASN K 37 -51.08 -16.71 57.71
C ASN K 37 -49.70 -17.06 58.26
N ASN K 38 -49.40 -16.51 59.44
CA ASN K 38 -48.08 -16.67 60.06
C ASN K 38 -48.00 -17.90 60.97
N MET K 39 -49.06 -18.70 60.98
CA MET K 39 -49.19 -19.84 61.88
C MET K 39 -47.98 -20.78 61.87
N ALA K 40 -47.65 -21.31 60.69
CA ALA K 40 -46.57 -22.29 60.57
C ALA K 40 -45.17 -21.75 60.91
N PRO K 41 -44.82 -20.54 60.43
CA PRO K 41 -43.49 -20.02 60.79
C PRO K 41 -43.26 -19.87 62.30
N TYR K 42 -44.24 -19.33 63.02
CA TYR K 42 -44.07 -19.12 64.45
C TYR K 42 -44.37 -20.42 65.21
N TYR K 43 -44.97 -21.38 64.53
CA TYR K 43 -45.14 -22.72 65.10
C TYR K 43 -43.80 -23.45 65.07
N GLU K 44 -43.01 -23.20 64.03
CA GLU K 44 -41.68 -23.76 63.92
C GLU K 44 -40.71 -22.98 64.82
N ALA K 45 -40.98 -21.70 65.00
CA ALA K 45 -40.15 -20.84 65.84
C ALA K 45 -40.65 -20.84 67.28
N LEU K 46 -41.65 -21.67 67.56
CA LEU K 46 -42.27 -21.75 68.88
C LEU K 46 -41.26 -22.12 69.97
N CYS K 47 -40.19 -22.82 69.59
CA CYS K 47 -39.14 -23.19 70.53
C CYS K 47 -38.46 -21.95 71.11
N LYS K 48 -38.41 -20.89 70.31
CA LYS K 48 -37.85 -19.62 70.74
C LYS K 48 -38.95 -18.71 71.29
N SER K 49 -40.16 -19.25 71.37
CA SER K 49 -41.32 -18.48 71.80
C SER K 49 -41.85 -18.97 73.15
N LEU K 50 -42.97 -18.40 73.56
CA LEU K 50 -43.55 -18.70 74.88
C LEU K 50 -44.22 -20.08 74.90
N ASP K 51 -44.91 -20.37 75.99
CA ASP K 51 -45.50 -21.69 76.21
C ASP K 51 -46.69 -21.96 75.31
N TRP K 52 -47.31 -23.13 75.47
CA TRP K 52 -48.40 -23.57 74.60
C TRP K 52 -49.76 -23.14 75.13
N GLN K 53 -49.76 -22.39 76.24
CA GLN K 53 -51.00 -21.95 76.86
C GLN K 53 -51.83 -21.05 75.93
N ILE K 54 -51.23 -19.96 75.49
CA ILE K 54 -51.91 -19.03 74.59
C ILE K 54 -51.65 -19.38 73.13
N ASP K 55 -50.74 -20.34 72.92
CA ASP K 55 -50.34 -20.73 71.57
C ASP K 55 -51.41 -21.53 70.85
N VAL K 56 -51.94 -22.56 71.51
CA VAL K 56 -52.88 -23.48 70.89
C VAL K 56 -54.26 -22.87 70.65
N ASP K 57 -54.47 -21.66 71.17
CA ASP K 57 -55.77 -20.99 71.03
C ASP K 57 -56.06 -20.58 69.59
N LEU K 58 -55.12 -19.87 68.98
CA LEU K 58 -55.31 -19.34 67.63
C LEU K 58 -55.04 -20.39 66.55
N LEU K 59 -54.36 -21.46 66.92
CA LEU K 59 -54.00 -22.50 65.97
C LEU K 59 -55.23 -23.15 65.34
N ASN K 60 -56.26 -23.35 66.16
CA ASN K 60 -57.50 -23.98 65.69
C ASN K 60 -58.20 -23.15 64.62
N LYS K 61 -58.13 -21.84 64.76
CA LYS K 61 -58.74 -20.93 63.79
C LYS K 61 -57.88 -20.79 62.53
N MET K 62 -56.57 -20.67 62.74
CA MET K 62 -55.64 -20.47 61.64
C MET K 62 -55.54 -21.71 60.75
N LYS K 63 -55.68 -22.89 61.34
CA LYS K 63 -55.55 -24.13 60.58
C LYS K 63 -56.77 -24.37 59.69
N LYS K 64 -57.95 -23.98 60.16
CA LYS K 64 -59.15 -24.13 59.36
C LYS K 64 -59.26 -23.00 58.34
N ALA K 65 -58.76 -21.83 58.70
CA ALA K 65 -58.72 -20.69 57.78
C ALA K 65 -57.78 -21.00 56.62
N ASN K 66 -56.64 -21.60 56.94
CA ASN K 66 -55.66 -22.01 55.93
C ASN K 66 -56.25 -23.03 54.97
N GLU K 67 -56.95 -24.02 55.52
CA GLU K 67 -57.56 -25.08 54.72
C GLU K 67 -58.66 -24.52 53.82
N ASP K 68 -59.48 -23.64 54.38
CA ASP K 68 -60.57 -23.02 53.62
C ASP K 68 -60.02 -22.16 52.47
N GLU K 69 -59.03 -21.32 52.78
CA GLU K 69 -58.43 -20.48 51.75
C GLU K 69 -57.75 -21.31 50.68
N LEU K 70 -57.08 -22.37 51.09
CA LEU K 70 -56.35 -23.24 50.17
C LEU K 70 -57.32 -23.99 49.25
N LYS K 71 -58.41 -24.49 49.80
CA LYS K 71 -59.39 -25.21 49.00
C LYS K 71 -60.18 -24.25 48.11
N ARG K 72 -60.24 -22.99 48.52
CA ARG K 72 -60.85 -21.96 47.67
C ARG K 72 -59.93 -21.65 46.50
N LEU K 73 -58.64 -21.63 46.76
CA LEU K 73 -57.64 -21.44 45.70
C LEU K 73 -57.67 -22.62 44.73
N ASP K 74 -57.87 -23.81 45.28
CA ASP K 74 -58.00 -25.01 44.46
C ASP K 74 -59.28 -24.96 43.62
N GLU K 75 -60.34 -24.41 44.21
CA GLU K 75 -61.61 -24.25 43.51
C GLU K 75 -61.46 -23.29 42.34
N GLU K 76 -60.79 -22.17 42.59
CA GLU K 76 -60.52 -21.19 41.55
C GLU K 76 -59.63 -21.78 40.46
N LEU K 77 -58.68 -22.61 40.88
CA LEU K 77 -57.78 -23.28 39.96
C LEU K 77 -58.55 -24.23 39.05
N GLU K 78 -59.52 -24.94 39.62
CA GLU K 78 -60.35 -25.86 38.85
C GLU K 78 -61.28 -25.09 37.93
N ASP K 79 -61.72 -23.91 38.37
CA ASP K 79 -62.56 -23.05 37.55
C ASP K 79 -61.77 -22.52 36.35
N ALA K 80 -60.48 -22.27 36.57
CA ALA K 80 -59.60 -21.80 35.50
C ALA K 80 -59.17 -22.97 34.61
N GLU K 81 -59.12 -24.16 35.19
CA GLU K 81 -58.71 -25.35 34.45
C GLU K 81 -59.82 -25.81 33.51
N LYS K 82 -59.44 -26.59 32.49
CA LYS K 82 -60.36 -27.08 31.47
C LYS K 82 -61.05 -25.93 30.73
N ASN K 83 -60.38 -24.80 30.64
CA ASN K 83 -60.92 -23.63 29.95
C ASN K 83 -59.87 -22.98 29.04
N LEU K 84 -60.34 -22.21 28.07
CA LEU K 84 -59.43 -21.53 27.14
C LEU K 84 -58.89 -20.25 27.76
N GLY K 85 -57.57 -20.16 27.85
CA GLY K 85 -56.91 -18.99 28.42
C GLY K 85 -55.44 -19.24 28.70
N GLU K 86 -54.72 -18.15 29.00
CA GLU K 86 -53.29 -18.23 29.27
C GLU K 86 -52.94 -17.55 30.59
N SER K 87 -53.14 -16.23 30.64
CA SER K 87 -52.78 -15.43 31.80
C SER K 87 -53.64 -15.76 33.02
N GLU K 88 -54.79 -16.37 32.80
CA GLU K 88 -55.68 -16.73 33.89
C GLU K 88 -55.06 -17.80 34.79
N ILE K 89 -54.64 -18.91 34.18
CA ILE K 89 -54.01 -20.00 34.89
C ILE K 89 -52.68 -19.54 35.47
N ARG K 90 -51.99 -18.66 34.74
CA ARG K 90 -50.71 -18.11 35.19
C ARG K 90 -50.88 -17.32 36.48
N ASP K 91 -51.83 -16.40 36.49
CA ASP K 91 -52.08 -15.55 37.66
C ASP K 91 -52.65 -16.36 38.83
N ALA K 92 -53.47 -17.37 38.49
CA ALA K 92 -54.05 -18.24 39.52
C ALA K 92 -52.96 -19.03 40.23
N MET K 93 -52.11 -19.68 39.45
CA MET K 93 -51.01 -20.47 40.00
C MET K 93 -49.99 -19.58 40.72
N MET K 94 -49.82 -18.36 40.22
CA MET K 94 -48.91 -17.40 40.82
C MET K 94 -49.40 -16.97 42.20
N ALA K 95 -50.67 -16.58 42.28
CA ALA K 95 -51.26 -16.15 43.54
C ALA K 95 -51.30 -17.32 44.54
N LYS K 96 -51.64 -18.50 44.04
CA LYS K 96 -51.64 -19.71 44.86
C LYS K 96 -50.25 -19.96 45.44
N ALA K 97 -49.23 -19.81 44.61
CA ALA K 97 -47.84 -19.97 45.04
C ALA K 97 -47.46 -18.90 46.06
N GLU K 98 -48.03 -17.71 45.90
CA GLU K 98 -47.79 -16.61 46.84
C GLU K 98 -48.36 -16.96 48.20
N TYR K 99 -49.56 -17.54 48.22
CA TYR K 99 -50.17 -17.98 49.46
C TYR K 99 -49.37 -19.13 50.07
N LEU K 100 -48.79 -19.96 49.21
CA LEU K 100 -47.94 -21.06 49.64
C LEU K 100 -46.64 -20.51 50.24
N CYS K 101 -46.27 -19.30 49.83
CA CYS K 101 -45.15 -18.61 50.44
C CYS K 101 -45.58 -17.94 51.74
N ARG K 102 -46.87 -17.64 51.84
CA ARG K 102 -47.42 -17.02 53.04
C ARG K 102 -47.51 -18.02 54.19
N ILE K 103 -47.95 -19.24 53.89
CA ILE K 103 -48.03 -20.28 54.91
C ILE K 103 -46.64 -20.72 55.35
N GLY K 104 -45.67 -20.61 54.45
CA GLY K 104 -44.30 -20.98 54.76
C GLY K 104 -43.94 -22.37 54.31
N ASP K 105 -44.73 -22.94 53.42
CA ASP K 105 -44.44 -24.27 52.88
C ASP K 105 -43.57 -24.15 51.62
N LYS K 106 -42.35 -24.65 51.72
CA LYS K 106 -41.38 -24.54 50.63
C LYS K 106 -41.62 -25.55 49.51
N GLU K 107 -42.17 -26.70 49.86
CA GLU K 107 -42.41 -27.77 48.89
C GLU K 107 -43.51 -27.38 47.91
N GLY K 108 -44.66 -26.99 48.46
CA GLY K 108 -45.79 -26.57 47.65
C GLY K 108 -45.45 -25.38 46.79
N ALA K 109 -44.71 -24.44 47.37
CA ALA K 109 -44.25 -23.27 46.63
C ALA K 109 -43.31 -23.68 45.51
N LEU K 110 -42.49 -24.70 45.79
CA LEU K 110 -41.53 -25.20 44.80
C LEU K 110 -42.25 -25.79 43.60
N THR K 111 -43.19 -26.71 43.85
CA THR K 111 -43.89 -27.36 42.76
C THR K 111 -44.83 -26.41 42.03
N ALA K 112 -45.41 -25.46 42.75
CA ALA K 112 -46.30 -24.48 42.14
C ALA K 112 -45.53 -23.54 41.22
N PHE K 113 -44.45 -22.97 41.76
CA PHE K 113 -43.60 -22.08 40.98
C PHE K 113 -42.93 -22.81 39.83
N ARG K 114 -42.75 -24.12 39.98
CA ARG K 114 -42.21 -24.95 38.90
C ARG K 114 -43.25 -25.12 37.80
N LYS K 115 -44.49 -25.35 38.18
CA LYS K 115 -45.59 -25.48 37.23
C LYS K 115 -45.76 -24.18 36.44
N THR K 116 -45.80 -23.06 37.15
CA THR K 116 -45.96 -21.77 36.49
C THR K 116 -44.69 -21.39 35.73
N TYR K 117 -43.57 -22.01 36.11
CA TYR K 117 -42.32 -21.85 35.36
C TYR K 117 -42.45 -22.54 34.01
N ASP K 118 -43.08 -23.70 34.01
CA ASP K 118 -43.35 -24.43 32.78
C ASP K 118 -44.45 -23.73 31.99
N LYS K 119 -45.24 -22.92 32.67
CA LYS K 119 -46.33 -22.18 32.03
C LYS K 119 -45.92 -20.77 31.58
N THR K 120 -44.64 -20.44 31.73
CA THR K 120 -44.16 -19.10 31.36
C THR K 120 -44.20 -18.88 29.85
N VAL K 121 -44.92 -17.85 29.44
CA VAL K 121 -45.02 -17.48 28.04
C VAL K 121 -43.82 -16.63 27.61
N ALA K 122 -43.19 -15.98 28.59
CA ALA K 122 -42.08 -15.08 28.31
C ALA K 122 -40.98 -15.21 29.37
N LEU K 123 -39.81 -14.63 29.06
CA LEU K 123 -38.67 -14.68 29.97
C LEU K 123 -38.81 -13.64 31.07
N GLY K 124 -39.62 -12.62 30.84
CA GLY K 124 -39.86 -11.58 31.82
C GLY K 124 -40.65 -12.11 33.01
N HIS K 125 -41.74 -12.79 32.71
CA HIS K 125 -42.56 -13.42 33.75
C HIS K 125 -41.76 -14.50 34.47
N ARG K 126 -40.90 -15.17 33.71
CA ARG K 126 -39.99 -16.16 34.27
C ARG K 126 -39.05 -15.50 35.28
N LEU K 127 -38.55 -14.33 34.95
CA LEU K 127 -37.69 -13.57 35.84
C LEU K 127 -38.46 -13.11 37.07
N ASP K 128 -39.75 -12.81 36.88
CA ASP K 128 -40.61 -12.44 38.00
C ASP K 128 -40.76 -13.61 38.97
N ILE K 129 -40.91 -14.81 38.41
CA ILE K 129 -40.99 -16.03 39.21
C ILE K 129 -39.66 -16.25 39.95
N VAL K 130 -38.56 -16.03 39.24
CA VAL K 130 -37.23 -16.11 39.84
C VAL K 130 -37.14 -15.20 41.06
N PHE K 131 -37.55 -13.95 40.90
CA PHE K 131 -37.57 -12.99 42.00
C PHE K 131 -38.47 -13.47 43.14
N TYR K 132 -39.58 -14.11 42.78
CA TYR K 132 -40.49 -14.68 43.76
C TYR K 132 -39.81 -15.78 44.56
N LEU K 133 -38.85 -16.45 43.94
CA LEU K 133 -38.03 -17.43 44.64
C LEU K 133 -36.94 -16.74 45.46
N LEU K 134 -36.54 -15.55 45.02
CA LEU K 134 -35.47 -14.81 45.69
C LEU K 134 -35.94 -14.19 47.00
N ARG K 135 -37.17 -13.67 47.02
CA ARG K 135 -37.71 -13.02 48.20
C ARG K 135 -37.88 -14.00 49.36
N ILE K 136 -38.30 -15.21 49.05
CA ILE K 136 -38.37 -16.26 50.07
C ILE K 136 -36.99 -16.87 50.29
N GLY K 137 -36.12 -16.69 49.29
CA GLY K 137 -34.75 -17.15 49.38
C GLY K 137 -33.97 -16.35 50.41
N LEU K 138 -34.39 -15.11 50.62
CA LEU K 138 -33.77 -14.26 51.63
C LEU K 138 -34.11 -14.77 53.02
N PHE K 139 -35.31 -15.33 53.16
CA PHE K 139 -35.76 -15.89 54.43
C PHE K 139 -35.13 -17.25 54.70
N TYR K 140 -35.05 -18.07 53.65
CA TYR K 140 -34.47 -19.41 53.78
C TYR K 140 -32.94 -19.35 53.73
N MET K 141 -32.42 -18.16 53.40
CA MET K 141 -30.98 -17.88 53.33
C MET K 141 -30.17 -18.95 52.61
N ASP K 142 -30.74 -19.52 51.55
CA ASP K 142 -30.03 -20.46 50.70
C ASP K 142 -29.03 -19.73 49.81
N ASN K 143 -28.03 -20.46 49.32
CA ASN K 143 -26.96 -19.85 48.54
C ASN K 143 -26.99 -20.21 47.06
N ASP K 144 -26.72 -21.48 46.76
CA ASP K 144 -26.64 -21.93 45.38
C ASP K 144 -28.01 -21.93 44.71
N LEU K 145 -29.05 -22.18 45.50
CA LEU K 145 -30.41 -22.27 44.98
C LEU K 145 -30.90 -20.96 44.38
N ILE K 146 -30.65 -19.85 45.07
CA ILE K 146 -31.11 -18.54 44.60
C ILE K 146 -30.23 -18.01 43.49
N THR K 147 -29.00 -18.50 43.40
CA THR K 147 -28.10 -18.09 42.32
C THR K 147 -28.28 -18.95 41.08
N ARG K 148 -28.96 -20.08 41.23
CA ARG K 148 -29.16 -21.02 40.13
C ARG K 148 -30.10 -20.46 39.07
N ASN K 149 -31.29 -20.03 39.50
CA ASN K 149 -32.28 -19.51 38.57
C ASN K 149 -31.88 -18.15 38.00
N THR K 150 -31.10 -17.40 38.76
CA THR K 150 -30.61 -16.11 38.29
C THR K 150 -29.50 -16.30 37.27
N GLU K 151 -28.65 -17.30 37.49
CA GLU K 151 -27.60 -17.62 36.52
C GLU K 151 -28.22 -18.21 35.26
N LYS K 152 -29.33 -18.92 35.43
CA LYS K 152 -30.05 -19.51 34.30
C LYS K 152 -30.78 -18.45 33.49
N ALA K 153 -31.31 -17.44 34.17
CA ALA K 153 -32.05 -16.37 33.52
C ALA K 153 -31.12 -15.22 33.12
N LYS K 154 -29.85 -15.36 33.43
CA LYS K 154 -28.86 -14.34 33.11
C LYS K 154 -28.62 -14.28 31.60
N SER K 155 -28.47 -15.44 30.98
CA SER K 155 -28.25 -15.54 29.54
C SER K 155 -29.54 -15.36 28.77
N LEU K 156 -29.42 -14.90 27.52
CA LEU K 156 -30.55 -14.74 26.61
C LEU K 156 -31.62 -13.80 27.18
N ILE K 157 -31.29 -12.52 27.28
CA ILE K 157 -32.24 -11.50 27.73
C ILE K 157 -32.76 -10.71 26.54
N GLU K 158 -31.87 -9.89 25.96
CA GLU K 158 -32.13 -9.17 24.72
C GLU K 158 -33.23 -8.11 24.82
N GLU K 159 -33.93 -8.05 25.94
CA GLU K 159 -34.99 -7.07 26.12
C GLU K 159 -34.47 -5.81 26.82
N GLY K 160 -33.21 -5.84 27.22
CA GLY K 160 -32.59 -4.72 27.89
C GLY K 160 -33.10 -4.49 29.30
N GLY K 161 -32.47 -3.55 30.00
CA GLY K 161 -32.87 -3.22 31.36
C GLY K 161 -34.16 -2.43 31.44
N ASP K 162 -35.05 -2.84 32.33
CA ASP K 162 -36.30 -2.12 32.56
C ASP K 162 -36.14 -1.11 33.68
N TRP K 163 -37.24 -0.53 34.12
CA TRP K 163 -37.21 0.50 35.16
C TRP K 163 -37.01 -0.10 36.55
N ASP K 164 -38.04 -0.76 37.07
CA ASP K 164 -37.97 -1.33 38.41
C ASP K 164 -37.48 -2.77 38.40
N ARG K 165 -37.41 -3.38 37.22
CA ARG K 165 -37.00 -4.77 37.10
C ARG K 165 -35.49 -4.90 37.27
N ARG K 166 -34.75 -4.30 36.35
CA ARG K 166 -33.29 -4.29 36.42
C ARG K 166 -32.82 -3.64 37.72
N ASN K 167 -33.59 -2.69 38.22
CA ASN K 167 -33.29 -2.02 39.48
C ASN K 167 -33.41 -2.97 40.66
N ARG K 168 -34.55 -3.65 40.77
CA ARG K 168 -34.78 -4.59 41.87
C ARG K 168 -33.79 -5.75 41.80
N LEU K 169 -33.48 -6.18 40.58
CA LEU K 169 -32.49 -7.24 40.38
C LEU K 169 -31.12 -6.77 40.82
N LYS K 170 -30.81 -5.50 40.56
CA LYS K 170 -29.54 -4.91 40.97
C LYS K 170 -29.49 -4.85 42.50
N VAL K 171 -30.62 -4.58 43.12
CA VAL K 171 -30.73 -4.58 44.57
C VAL K 171 -30.47 -5.97 45.12
N TYR K 172 -31.03 -6.97 44.47
CA TYR K 172 -30.80 -8.37 44.84
C TYR K 172 -29.32 -8.72 44.74
N GLN K 173 -28.68 -8.25 43.67
CA GLN K 173 -27.25 -8.45 43.49
C GLN K 173 -26.48 -7.80 44.64
N GLY K 174 -26.92 -6.61 45.03
CA GLY K 174 -26.34 -5.91 46.14
C GLY K 174 -26.48 -6.69 47.44
N LEU K 175 -27.61 -7.38 47.59
CA LEU K 175 -27.89 -8.16 48.78
C LEU K 175 -27.04 -9.43 48.85
N TYR K 176 -26.95 -10.16 47.74
CA TYR K 176 -26.17 -11.38 47.74
C TYR K 176 -24.68 -11.05 47.77
N CYS K 177 -24.34 -9.82 47.40
CA CYS K 177 -22.97 -9.33 47.55
C CYS K 177 -22.75 -8.75 48.93
N VAL K 178 -23.83 -8.53 49.68
CA VAL K 178 -23.74 -8.19 51.09
C VAL K 178 -23.47 -9.46 51.87
N ALA K 179 -24.16 -10.53 51.48
CA ALA K 179 -23.94 -11.85 52.08
C ALA K 179 -22.50 -12.30 51.91
N ILE K 180 -22.04 -12.36 50.67
CA ILE K 180 -20.65 -12.69 50.37
C ILE K 180 -19.76 -11.50 50.72
N ARG K 181 -18.47 -11.75 50.90
CA ARG K 181 -17.54 -10.70 51.30
C ARG K 181 -16.94 -9.94 50.12
N ASP K 182 -17.41 -10.26 48.92
CA ASP K 182 -16.96 -9.57 47.71
C ASP K 182 -17.32 -8.09 47.78
N PHE K 183 -16.32 -7.23 47.56
CA PHE K 183 -16.49 -5.79 47.71
C PHE K 183 -16.20 -5.02 46.42
N LYS K 184 -14.95 -5.10 45.96
CA LYS K 184 -14.50 -4.34 44.79
C LYS K 184 -15.36 -4.59 43.56
N GLN K 185 -15.80 -5.83 43.37
CA GLN K 185 -16.66 -6.18 42.24
C GLN K 185 -18.10 -5.76 42.51
N ALA K 186 -18.42 -5.55 43.78
CA ALA K 186 -19.77 -5.15 44.18
C ALA K 186 -19.89 -3.64 44.32
N ALA K 187 -18.81 -2.93 44.01
CA ALA K 187 -18.77 -1.49 44.16
C ALA K 187 -19.56 -0.77 43.06
N GLU K 188 -19.92 -1.51 42.02
CA GLU K 188 -20.69 -0.96 40.91
C GLU K 188 -22.19 -1.13 41.13
N LEU K 189 -22.55 -1.87 42.18
CA LEU K 189 -23.94 -2.24 42.43
C LEU K 189 -24.79 -1.13 43.02
N PHE K 190 -24.20 -0.32 43.89
CA PHE K 190 -24.97 0.70 44.62
C PHE K 190 -25.02 2.02 43.86
N LEU K 191 -24.46 2.04 42.65
CA LEU K 191 -24.46 3.24 41.82
C LEU K 191 -25.85 3.53 41.26
N ASP K 192 -26.77 2.58 41.42
CA ASP K 192 -28.13 2.73 40.90
C ASP K 192 -29.06 3.40 41.90
N THR K 193 -28.50 3.82 43.03
CA THR K 193 -29.28 4.40 44.13
C THR K 193 -30.09 5.62 43.73
N VAL K 194 -29.72 6.24 42.61
CA VAL K 194 -30.43 7.41 42.10
C VAL K 194 -31.86 7.06 41.69
N SER K 195 -32.01 5.94 40.99
CA SER K 195 -33.31 5.52 40.48
C SER K 195 -34.08 4.66 41.46
N THR K 196 -33.45 4.32 42.58
CA THR K 196 -34.09 3.48 43.60
C THR K 196 -35.18 4.24 44.34
N PHE K 197 -36.28 3.56 44.63
CA PHE K 197 -37.40 4.15 45.35
C PHE K 197 -37.72 3.31 46.58
N THR K 198 -38.71 3.74 47.37
CA THR K 198 -39.12 3.02 48.55
C THR K 198 -39.71 1.66 48.19
N SER K 199 -39.19 0.60 48.81
CA SER K 199 -39.64 -0.76 48.53
C SER K 199 -40.07 -1.47 49.81
N TYR K 200 -41.34 -1.85 49.88
CA TYR K 200 -41.87 -2.54 51.04
C TYR K 200 -41.84 -4.06 50.83
N GLU K 201 -41.39 -4.49 49.66
CA GLU K 201 -41.34 -5.89 49.32
C GLU K 201 -40.17 -6.60 49.98
N LEU K 202 -39.00 -5.96 49.97
CA LEU K 202 -37.80 -6.54 50.56
C LEU K 202 -37.22 -5.65 51.65
N MET K 203 -36.60 -4.54 51.25
CA MET K 203 -35.96 -3.63 52.19
C MET K 203 -36.28 -2.17 51.86
N ASP K 204 -36.42 -1.36 52.90
CA ASP K 204 -36.70 0.06 52.72
C ASP K 204 -35.47 0.79 52.19
N TYR K 205 -35.68 1.96 51.60
CA TYR K 205 -34.61 2.75 51.02
C TYR K 205 -33.56 3.14 52.07
N LYS K 206 -34.01 3.68 53.19
CA LYS K 206 -33.12 4.11 54.26
C LYS K 206 -32.36 2.92 54.85
N THR K 207 -32.99 1.76 54.86
CA THR K 207 -32.35 0.55 55.36
C THR K 207 -31.29 0.07 54.37
N PHE K 208 -31.57 0.24 53.07
CA PHE K 208 -30.63 -0.12 52.03
C PHE K 208 -29.40 0.79 52.10
N VAL K 209 -29.63 2.08 52.31
CA VAL K 209 -28.54 3.04 52.47
C VAL K 209 -27.74 2.72 53.72
N THR K 210 -28.44 2.38 54.80
CA THR K 210 -27.80 2.03 56.07
C THR K 210 -26.96 0.77 55.92
N TYR K 211 -27.38 -0.13 55.03
CA TYR K 211 -26.64 -1.37 54.80
C TYR K 211 -25.43 -1.16 53.89
N THR K 212 -25.58 -0.32 52.88
CA THR K 212 -24.51 -0.10 51.91
C THR K 212 -23.49 0.94 52.38
N VAL K 213 -23.82 1.67 53.44
CA VAL K 213 -22.93 2.69 53.95
C VAL K 213 -21.68 2.04 54.56
N TYR K 214 -21.81 0.80 54.99
CA TYR K 214 -20.69 0.06 55.57
C TYR K 214 -19.65 -0.27 54.50
N VAL K 215 -20.10 -0.91 53.42
CA VAL K 215 -19.19 -1.27 52.35
C VAL K 215 -18.66 -0.04 51.64
N SER K 216 -19.50 1.00 51.53
CA SER K 216 -19.09 2.24 50.88
C SER K 216 -18.02 2.98 51.68
N MET K 217 -18.19 3.01 53.00
CA MET K 217 -17.26 3.74 53.87
C MET K 217 -15.97 2.96 54.11
N ILE K 218 -16.09 1.65 54.25
CA ILE K 218 -14.93 0.81 54.56
C ILE K 218 -14.22 0.29 53.30
N ALA K 219 -14.93 -0.49 52.49
CA ALA K 219 -14.32 -1.18 51.35
C ALA K 219 -13.81 -0.22 50.28
N LEU K 220 -14.35 0.99 50.26
CA LEU K 220 -13.92 1.99 49.28
C LEU K 220 -12.97 3.00 49.91
N GLU K 221 -11.85 3.24 49.25
CA GLU K 221 -10.85 4.19 49.74
C GLU K 221 -11.22 5.63 49.37
N ARG K 222 -10.40 6.58 49.79
CA ARG K 222 -10.68 8.00 49.59
C ARG K 222 -10.82 8.43 48.12
N PRO K 223 -9.94 7.93 47.22
CA PRO K 223 -10.17 8.28 45.81
C PRO K 223 -11.50 7.75 45.29
N ASP K 224 -11.89 6.56 45.74
CA ASP K 224 -13.17 5.97 45.35
C ASP K 224 -14.34 6.79 45.90
N LEU K 225 -14.17 7.30 47.11
CA LEU K 225 -15.18 8.12 47.74
C LEU K 225 -15.36 9.43 46.97
N ARG K 226 -14.25 10.09 46.67
CA ARG K 226 -14.25 11.35 45.95
C ARG K 226 -14.79 11.16 44.53
N GLU K 227 -14.56 9.99 43.96
CA GLU K 227 -15.01 9.69 42.61
C GLU K 227 -16.50 9.35 42.58
N LYS K 228 -17.00 8.77 43.67
CA LYS K 228 -18.37 8.28 43.69
C LYS K 228 -19.29 9.07 44.62
N VAL K 229 -19.14 8.87 45.93
CA VAL K 229 -20.11 9.41 46.88
C VAL K 229 -19.91 10.91 47.17
N ILE K 230 -18.67 11.35 47.23
CA ILE K 230 -18.38 12.76 47.51
C ILE K 230 -18.80 13.62 46.33
N LYS K 231 -18.52 13.15 45.12
CA LYS K 231 -18.94 13.83 43.91
C LYS K 231 -20.44 13.74 43.73
N GLY K 232 -21.01 12.63 44.18
CA GLY K 232 -22.44 12.40 44.09
C GLY K 232 -23.23 13.17 45.13
N ALA K 233 -24.48 13.46 44.83
CA ALA K 233 -25.34 14.21 45.74
C ALA K 233 -26.22 13.30 46.59
N GLU K 234 -26.09 11.99 46.37
CA GLU K 234 -26.92 11.02 47.08
C GLU K 234 -26.69 11.05 48.58
N ILE K 235 -25.43 10.93 48.98
CA ILE K 235 -25.07 10.97 50.40
C ILE K 235 -25.35 12.35 50.98
N LEU K 236 -25.27 13.37 50.12
CA LEU K 236 -25.58 14.74 50.54
C LEU K 236 -27.05 14.88 50.88
N GLU K 237 -27.89 14.14 50.16
CA GLU K 237 -29.33 14.15 50.41
C GLU K 237 -29.70 13.27 51.61
N VAL K 238 -29.05 12.14 51.74
CA VAL K 238 -29.44 11.17 52.77
C VAL K 238 -28.66 11.31 54.08
N LEU K 239 -27.77 12.30 54.17
CA LEU K 239 -27.06 12.53 55.42
C LEU K 239 -27.96 13.22 56.44
N HIS K 240 -29.04 13.83 55.94
CA HIS K 240 -30.00 14.53 56.80
C HIS K 240 -30.92 13.55 57.53
N SER K 241 -30.87 12.29 57.13
CA SER K 241 -31.68 11.25 57.77
C SER K 241 -31.23 11.02 59.20
N LEU K 242 -29.94 10.74 59.38
CA LEU K 242 -29.38 10.58 60.72
C LEU K 242 -28.06 11.35 60.85
N PRO K 243 -27.85 11.96 62.02
CA PRO K 243 -26.62 12.72 62.29
C PRO K 243 -25.40 11.82 62.45
N ALA K 244 -25.63 10.54 62.71
CA ALA K 244 -24.54 9.60 62.97
C ALA K 244 -23.66 9.36 61.75
N VAL K 245 -24.29 9.04 60.62
CA VAL K 245 -23.58 8.70 59.40
C VAL K 245 -22.65 9.83 58.93
N ARG K 246 -23.16 11.05 58.96
CA ARG K 246 -22.38 12.22 58.54
C ARG K 246 -21.13 12.39 59.39
N GLN K 247 -21.27 12.18 60.69
CA GLN K 247 -20.15 12.27 61.61
C GLN K 247 -19.16 11.14 61.37
N TYR K 248 -19.67 9.95 61.08
CA TYR K 248 -18.82 8.79 60.80
C TYR K 248 -17.99 9.02 59.54
N LEU K 249 -18.59 9.65 58.55
CA LEU K 249 -17.89 9.94 57.30
C LEU K 249 -16.88 11.06 57.46
N PHE K 250 -17.29 12.14 58.12
CA PHE K 250 -16.41 13.30 58.30
C PHE K 250 -15.22 12.99 59.20
N SER K 251 -15.44 12.20 60.24
CA SER K 251 -14.38 11.85 61.17
C SER K 251 -13.32 10.97 60.50
N LEU K 252 -13.76 10.11 59.60
CA LEU K 252 -12.85 9.22 58.88
C LEU K 252 -12.13 9.96 57.77
N TYR K 253 -12.83 10.87 57.12
CA TYR K 253 -12.25 11.64 56.01
C TYR K 253 -11.26 12.67 56.53
N GLU K 254 -11.49 13.16 57.75
CA GLU K 254 -10.61 14.14 58.37
C GLU K 254 -9.56 13.44 59.24
N CYS K 255 -9.65 12.11 59.29
CA CYS K 255 -8.72 11.28 60.04
C CYS K 255 -8.69 11.64 61.52
N ARG K 256 -9.87 11.71 62.14
CA ARG K 256 -9.98 11.99 63.56
C ARG K 256 -10.53 10.78 64.31
N TYR K 257 -9.68 10.15 65.11
CA TYR K 257 -10.06 8.94 65.85
C TYR K 257 -10.61 9.27 67.22
N SER K 258 -10.52 10.52 67.62
CA SER K 258 -11.00 10.96 68.92
C SER K 258 -12.50 10.75 69.09
N VAL K 259 -13.27 11.34 68.17
CA VAL K 259 -14.73 11.18 68.19
C VAL K 259 -15.11 9.83 67.59
N PHE K 260 -14.25 9.29 66.73
CA PHE K 260 -14.50 8.02 66.07
C PHE K 260 -14.55 6.86 67.05
N PHE K 261 -13.56 6.81 67.95
CA PHE K 261 -13.51 5.76 68.95
C PHE K 261 -14.57 5.98 70.03
N GLN K 262 -15.02 7.22 70.17
CA GLN K 262 -16.06 7.56 71.13
C GLN K 262 -17.42 7.07 70.63
N SER K 263 -17.65 7.21 69.32
CA SER K 263 -18.90 6.78 68.71
C SER K 263 -18.80 5.36 68.17
N LEU K 264 -17.65 4.73 68.38
CA LEU K 264 -17.39 3.39 67.87
C LEU K 264 -18.32 2.35 68.52
N ALA K 265 -18.73 2.62 69.74
CA ALA K 265 -19.62 1.71 70.47
C ALA K 265 -20.97 1.60 69.77
N VAL K 266 -21.49 2.74 69.32
CA VAL K 266 -22.76 2.77 68.60
C VAL K 266 -22.66 2.00 67.28
N VAL K 267 -21.52 2.17 66.61
CA VAL K 267 -21.26 1.47 65.36
C VAL K 267 -21.20 -0.03 65.57
N GLU K 268 -20.59 -0.43 66.68
CA GLU K 268 -20.47 -1.85 67.02
C GLU K 268 -21.81 -2.47 67.37
N GLN K 269 -22.62 -1.74 68.13
CA GLN K 269 -23.94 -2.21 68.53
C GLN K 269 -24.89 -2.28 67.34
N GLU K 270 -24.72 -1.35 66.40
CA GLU K 270 -25.54 -1.32 65.19
C GLU K 270 -25.08 -2.39 64.21
N MET K 271 -23.80 -2.75 64.27
CA MET K 271 -23.23 -3.74 63.38
C MET K 271 -23.81 -5.13 63.65
N LYS K 272 -23.90 -5.50 64.92
CA LYS K 272 -24.44 -6.80 65.30
C LYS K 272 -25.96 -6.76 65.34
N LYS K 273 -26.55 -7.86 65.80
CA LYS K 273 -28.00 -8.01 65.91
C LYS K 273 -28.70 -7.76 64.57
N ASP K 274 -28.10 -8.27 63.49
CA ASP K 274 -28.66 -8.14 62.16
C ASP K 274 -28.78 -9.52 61.50
N TRP K 275 -29.78 -9.66 60.64
CA TRP K 275 -30.05 -10.94 59.98
C TRP K 275 -28.86 -11.46 59.16
N LEU K 276 -28.57 -10.81 58.05
CA LEU K 276 -27.54 -11.27 57.14
C LEU K 276 -26.17 -10.65 57.43
N PHE K 277 -26.15 -9.64 58.29
CA PHE K 277 -24.93 -8.91 58.58
C PHE K 277 -24.23 -9.43 59.82
N ALA K 278 -24.80 -10.47 60.42
CA ALA K 278 -24.29 -11.03 61.68
C ALA K 278 -22.90 -11.69 61.56
N PRO K 279 -22.71 -12.63 60.61
CA PRO K 279 -21.42 -13.34 60.62
C PRO K 279 -20.22 -12.47 60.26
N HIS K 280 -20.47 -11.34 59.61
CA HIS K 280 -19.39 -10.49 59.10
C HIS K 280 -18.98 -9.38 60.06
N TYR K 281 -19.58 -9.35 61.26
CA TYR K 281 -19.31 -8.28 62.20
C TYR K 281 -17.86 -8.30 62.71
N ARG K 282 -17.23 -9.46 62.60
CA ARG K 282 -15.82 -9.60 62.97
C ARG K 282 -14.88 -9.08 61.89
N TYR K 283 -15.31 -9.20 60.64
CA TYR K 283 -14.47 -8.85 59.49
C TYR K 283 -14.40 -7.35 59.25
N TYR K 284 -15.55 -6.67 59.32
CA TYR K 284 -15.62 -5.25 59.02
C TYR K 284 -14.82 -4.41 60.02
N VAL K 285 -14.84 -4.81 61.28
CA VAL K 285 -14.08 -4.10 62.32
C VAL K 285 -12.59 -4.15 62.03
N ARG K 286 -12.06 -5.36 61.89
CA ARG K 286 -10.64 -5.56 61.62
C ARG K 286 -10.22 -4.89 60.32
N GLU K 287 -11.06 -5.01 59.29
CA GLU K 287 -10.79 -4.40 57.99
C GLU K 287 -10.72 -2.88 58.10
N MET K 288 -11.63 -2.30 58.85
CA MET K 288 -11.66 -0.85 59.03
C MET K 288 -10.46 -0.37 59.84
N ARG K 289 -10.07 -1.16 60.84
CA ARG K 289 -8.93 -0.83 61.67
C ARG K 289 -7.62 -0.87 60.88
N ILE K 290 -7.44 -1.93 60.09
CA ILE K 290 -6.22 -2.08 59.31
C ILE K 290 -6.20 -1.09 58.14
N HIS K 291 -7.39 -0.69 57.69
CA HIS K 291 -7.50 0.30 56.62
C HIS K 291 -7.13 1.68 57.16
N ALA K 292 -7.59 1.97 58.37
CA ALA K 292 -7.27 3.23 59.03
C ALA K 292 -5.78 3.31 59.36
N TYR K 293 -5.22 2.20 59.82
CA TYR K 293 -3.80 2.12 60.14
C TYR K 293 -2.94 2.28 58.89
N SER K 294 -3.37 1.63 57.81
CA SER K 294 -2.64 1.73 56.54
C SER K 294 -2.74 3.14 55.98
N GLN K 295 -3.89 3.76 56.16
CA GLN K 295 -4.11 5.13 55.69
C GLN K 295 -3.25 6.12 56.45
N LEU K 296 -3.16 5.93 57.77
CA LEU K 296 -2.38 6.81 58.62
C LEU K 296 -0.88 6.61 58.41
N LEU K 297 -0.50 5.36 58.12
CA LEU K 297 0.90 5.03 57.92
C LEU K 297 1.32 5.25 56.47
N GLU K 298 0.35 5.60 55.63
CA GLU K 298 0.63 5.87 54.21
C GLU K 298 1.41 7.16 54.04
N SER K 299 0.93 8.23 54.67
CA SER K 299 1.55 9.54 54.54
C SER K 299 2.56 9.81 55.66
N TYR K 300 2.68 8.87 56.60
CA TYR K 300 3.58 9.03 57.73
C TYR K 300 4.62 7.92 57.78
N ARG K 301 5.87 8.30 58.04
CA ARG K 301 6.95 7.33 58.15
C ARG K 301 7.39 7.17 59.61
N SER K 302 8.04 8.20 60.15
CA SER K 302 8.48 8.19 61.53
C SER K 302 7.45 8.84 62.45
N LEU K 303 6.86 8.03 63.32
CA LEU K 303 5.79 8.50 64.20
C LEU K 303 6.17 8.38 65.68
N THR K 304 6.06 9.48 66.41
CA THR K 304 6.32 9.48 67.84
C THR K 304 5.14 8.89 68.59
N LEU K 305 5.41 8.34 69.78
CA LEU K 305 4.38 7.69 70.58
C LEU K 305 3.39 8.70 71.16
N GLY K 306 3.88 9.90 71.45
CA GLY K 306 3.06 10.95 72.05
C GLY K 306 1.94 11.43 71.16
N TYR K 307 2.29 11.85 69.95
CA TYR K 307 1.30 12.35 69.00
C TYR K 307 0.30 11.27 68.61
N MET K 308 0.77 10.02 68.56
CA MET K 308 -0.09 8.88 68.24
C MET K 308 -1.07 8.62 69.36
N ALA K 309 -0.58 8.64 70.60
CA ALA K 309 -1.42 8.41 71.77
C ALA K 309 -2.44 9.53 71.95
N GLU K 310 -2.06 10.74 71.53
CA GLU K 310 -2.97 11.88 71.60
C GLU K 310 -4.00 11.83 70.47
N ALA K 311 -3.60 11.30 69.33
CA ALA K 311 -4.48 11.19 68.17
C ALA K 311 -5.55 10.13 68.38
N PHE K 312 -5.11 8.92 68.76
CA PHE K 312 -6.04 7.81 68.95
C PHE K 312 -6.74 7.88 70.30
N GLY K 313 -6.14 8.60 71.24
CA GLY K 313 -6.69 8.73 72.58
C GLY K 313 -6.75 7.39 73.30
N VAL K 314 -5.77 6.54 73.04
CA VAL K 314 -5.73 5.21 73.62
C VAL K 314 -4.32 4.91 74.15
N GLY K 315 -4.22 3.95 75.06
CA GLY K 315 -2.95 3.58 75.65
C GLY K 315 -1.95 3.04 74.65
N VAL K 316 -0.67 3.13 74.98
CA VAL K 316 0.40 2.68 74.11
C VAL K 316 0.56 1.16 74.17
N GLU K 317 0.22 0.58 75.30
CA GLU K 317 0.37 -0.86 75.50
C GLU K 317 -0.57 -1.67 74.62
N PHE K 318 -1.71 -1.09 74.27
CA PHE K 318 -2.70 -1.78 73.44
C PHE K 318 -2.31 -1.75 71.97
N ILE K 319 -1.87 -0.57 71.50
CA ILE K 319 -1.43 -0.43 70.12
C ILE K 319 -0.09 -1.12 69.92
N ASP K 320 0.61 -1.37 71.02
CA ASP K 320 1.83 -2.16 71.01
C ASP K 320 1.54 -3.55 70.43
N GLN K 321 0.73 -4.32 71.15
CA GLN K 321 0.35 -5.66 70.72
C GLN K 321 -0.48 -5.63 69.44
N GLU K 322 -1.25 -4.56 69.26
CA GLU K 322 -2.00 -4.37 68.02
C GLU K 322 -1.08 -4.41 66.81
N LEU K 323 -0.20 -3.41 66.72
CA LEU K 323 0.77 -3.33 65.62
C LEU K 323 1.64 -4.57 65.55
N SER K 324 1.99 -5.11 66.71
CA SER K 324 2.80 -6.32 66.77
C SER K 324 2.12 -7.49 66.06
N ARG K 325 0.80 -7.55 66.19
CA ARG K 325 0.02 -8.57 65.49
C ARG K 325 -0.17 -8.22 64.02
N PHE K 326 -0.27 -6.91 63.74
CA PHE K 326 -0.44 -6.43 62.37
C PHE K 326 0.83 -6.53 61.55
N ILE K 327 1.94 -6.86 62.21
CA ILE K 327 3.19 -7.11 61.51
C ILE K 327 3.15 -8.48 60.83
N ALA K 328 3.02 -9.53 61.64
CA ALA K 328 2.98 -10.90 61.13
C ALA K 328 1.62 -11.22 60.51
N ALA K 329 0.58 -11.22 61.35
CA ALA K 329 -0.76 -11.61 60.90
C ALA K 329 -1.37 -10.57 59.95
N GLY K 330 -1.10 -9.30 60.22
CA GLY K 330 -1.64 -8.23 59.41
C GLY K 330 -1.01 -8.13 58.04
N ARG K 331 0.32 -8.16 58.01
CA ARG K 331 1.10 -8.04 56.78
C ARG K 331 0.74 -6.76 56.01
N LEU K 332 1.12 -5.63 56.58
CA LEU K 332 0.85 -4.33 55.96
C LEU K 332 2.12 -3.63 55.52
N HIS K 333 3.00 -3.32 56.47
CA HIS K 333 4.24 -2.61 56.17
C HIS K 333 5.46 -3.37 56.70
N CYS K 334 6.63 -2.74 56.60
CA CYS K 334 7.87 -3.38 56.99
C CYS K 334 8.03 -3.47 58.50
N LYS K 335 9.18 -3.97 58.94
CA LYS K 335 9.46 -4.17 60.36
C LYS K 335 9.57 -2.86 61.12
N ILE K 336 8.98 -2.84 62.31
CA ILE K 336 9.03 -1.67 63.19
C ILE K 336 9.96 -1.93 64.38
N ASP K 337 10.84 -0.96 64.66
CA ASP K 337 11.80 -1.12 65.75
C ASP K 337 11.54 -0.12 66.88
N LYS K 338 11.53 -0.62 68.11
CA LYS K 338 11.21 0.20 69.28
C LYS K 338 12.46 0.74 69.97
N VAL K 339 13.63 0.48 69.40
CA VAL K 339 14.90 0.86 70.02
C VAL K 339 15.00 2.37 70.33
N ASN K 340 14.38 3.19 69.50
CA ASN K 340 14.40 4.64 69.69
C ASN K 340 13.17 5.13 70.44
N GLU K 341 12.32 4.20 70.85
CA GLU K 341 11.05 4.50 71.52
C GLU K 341 10.16 5.37 70.64
N ILE K 342 10.39 5.29 69.33
CA ILE K 342 9.63 6.05 68.35
C ILE K 342 9.39 5.17 67.13
N VAL K 343 8.15 5.13 66.64
CA VAL K 343 7.83 4.30 65.50
C VAL K 343 8.48 4.84 64.23
N GLU K 344 9.31 4.01 63.60
CA GLU K 344 9.98 4.38 62.37
C GLU K 344 9.94 3.24 61.36
N THR K 345 9.33 3.50 60.21
CA THR K 345 9.23 2.47 59.17
C THR K 345 10.19 2.75 58.02
N ASN K 346 10.18 1.85 57.03
CA ASN K 346 10.99 1.99 55.84
C ASN K 346 10.10 1.84 54.60
N ARG K 347 9.49 0.67 54.48
CA ARG K 347 8.54 0.37 53.41
C ARG K 347 9.12 0.55 52.01
N PRO K 348 10.03 -0.36 51.61
CA PRO K 348 10.50 -0.37 50.22
C PRO K 348 9.55 -1.15 49.32
N ASP K 349 8.27 -0.82 49.38
CA ASP K 349 7.24 -1.55 48.66
C ASP K 349 6.97 -0.95 47.27
N SER K 350 7.75 0.05 46.91
CA SER K 350 7.54 0.75 45.65
C SER K 350 8.42 0.21 44.51
N LYS K 351 9.71 0.51 44.57
CA LYS K 351 10.57 0.38 43.40
C LYS K 351 10.85 -1.07 43.02
N ASN K 352 11.60 -1.78 43.85
CA ASN K 352 11.92 -3.18 43.57
C ASN K 352 10.70 -4.07 43.70
N TRP K 353 9.81 -3.69 44.62
CA TRP K 353 8.63 -4.50 44.91
C TRP K 353 7.61 -4.48 43.77
N GLN K 354 7.53 -3.36 43.05
CA GLN K 354 6.63 -3.30 41.90
C GLN K 354 7.03 -4.33 40.85
N TYR K 355 8.34 -4.53 40.72
CA TYR K 355 8.87 -5.55 39.82
C TYR K 355 8.80 -6.93 40.47
N GLN K 356 8.69 -6.96 41.78
CA GLN K 356 8.60 -8.22 42.53
C GLN K 356 7.15 -8.66 42.73
N GLU K 357 6.22 -7.91 42.16
CA GLU K 357 4.81 -8.29 42.23
C GLU K 357 4.51 -9.44 41.29
N THR K 358 5.37 -9.63 40.29
CA THR K 358 5.18 -10.66 39.29
C THR K 358 5.93 -11.95 39.60
N ILE K 359 6.60 -12.00 40.74
CA ILE K 359 7.37 -13.18 41.10
C ILE K 359 6.46 -14.29 41.65
N LYS K 360 5.30 -13.90 42.18
CA LYS K 360 4.34 -14.87 42.70
C LYS K 360 3.63 -15.55 41.54
N LYS K 361 3.14 -14.75 40.60
CA LYS K 361 2.51 -15.28 39.40
C LYS K 361 3.54 -15.96 38.51
N GLY K 362 4.80 -15.58 38.69
CA GLY K 362 5.90 -16.18 37.96
C GLY K 362 6.22 -17.55 38.48
N ASP K 363 6.20 -17.70 39.81
CA ASP K 363 6.40 -19.01 40.43
C ASP K 363 5.21 -19.92 40.16
N LEU K 364 4.01 -19.34 40.18
CA LEU K 364 2.80 -20.08 39.89
C LEU K 364 2.82 -20.53 38.43
N LEU K 365 3.36 -19.68 37.57
CA LEU K 365 3.49 -20.01 36.15
C LEU K 365 4.57 -21.07 35.95
N LEU K 366 5.55 -21.08 36.85
CA LEU K 366 6.62 -22.07 36.81
C LEU K 366 6.04 -23.44 37.18
N ASN K 367 5.23 -23.47 38.22
CA ASN K 367 4.55 -24.69 38.61
C ASN K 367 3.56 -25.13 37.54
N ARG K 368 3.00 -24.15 36.83
CA ARG K 368 1.99 -24.44 35.81
C ARG K 368 2.62 -24.96 34.52
N VAL K 369 3.85 -24.55 34.23
CA VAL K 369 4.57 -25.11 33.09
C VAL K 369 5.27 -26.39 33.49
N GLN K 370 5.39 -26.62 34.80
CA GLN K 370 5.79 -27.92 35.31
C GLN K 370 4.63 -28.89 35.15
N LYS K 371 3.42 -28.36 35.29
CA LYS K 371 2.20 -29.11 35.00
C LYS K 371 2.11 -29.39 33.50
N LEU K 372 2.45 -28.38 32.70
CA LEU K 372 2.47 -28.50 31.25
C LEU K 372 3.49 -29.54 30.81
N SER K 373 4.58 -29.64 31.56
CA SER K 373 5.60 -30.64 31.32
C SER K 373 5.14 -32.00 31.86
N ARG K 374 4.18 -31.97 32.78
CA ARG K 374 3.64 -33.17 33.38
C ARG K 374 2.64 -33.84 32.43
N VAL K 375 1.95 -33.03 31.63
CA VAL K 375 1.00 -33.56 30.65
C VAL K 375 1.73 -34.28 29.51
N ILE K 376 3.00 -33.95 29.32
CA ILE K 376 3.81 -34.51 28.24
C ILE K 376 3.88 -36.04 28.28
N ASN K 377 3.60 -36.65 27.13
CA ASN K 377 3.72 -38.09 26.91
C ASN K 377 2.73 -38.95 27.70
N MET K 378 1.98 -38.34 28.61
CA MET K 378 0.98 -39.06 29.39
C MET K 378 0.00 -38.10 30.06
N ALA L 1 37.48 22.26 7.79
CA ALA L 1 36.73 22.39 6.54
C ALA L 1 35.81 21.20 6.33
N VAL L 2 36.37 20.09 5.89
CA VAL L 2 35.61 18.87 5.65
C VAL L 2 35.60 17.96 6.87
N GLN L 3 34.41 17.72 7.41
CA GLN L 3 34.27 16.88 8.59
C GLN L 3 34.43 15.40 8.26
N LYS L 4 33.77 14.97 7.19
CA LYS L 4 33.84 13.57 6.77
C LYS L 4 33.74 13.44 5.25
N VAL L 5 34.26 12.35 4.72
CA VAL L 5 34.22 12.10 3.28
C VAL L 5 33.56 10.76 2.96
N VAL L 6 33.15 10.59 1.71
CA VAL L 6 32.53 9.35 1.26
C VAL L 6 33.35 8.69 0.16
N VAL L 7 33.85 7.49 0.44
CA VAL L 7 34.68 6.77 -0.52
C VAL L 7 33.98 5.52 -1.04
N HIS L 8 33.74 5.50 -2.36
CA HIS L 8 33.09 4.36 -2.99
C HIS L 8 34.10 3.26 -3.31
N PRO L 9 33.66 1.99 -3.23
CA PRO L 9 34.50 0.82 -3.50
C PRO L 9 35.07 0.77 -4.93
N LEU L 10 34.50 1.57 -5.83
CA LEU L 10 34.89 1.55 -7.23
C LEU L 10 36.36 1.90 -7.45
N VAL L 11 36.86 2.87 -6.69
CA VAL L 11 38.25 3.30 -6.84
C VAL L 11 39.22 2.24 -6.30
N LEU L 12 38.85 1.58 -5.21
CA LEU L 12 39.67 0.52 -4.64
C LEU L 12 39.64 -0.70 -5.55
N LEU L 13 38.54 -0.88 -6.26
CA LEU L 13 38.44 -1.96 -7.25
C LEU L 13 39.24 -1.58 -8.48
N SER L 14 39.42 -0.28 -8.69
CA SER L 14 40.30 0.20 -9.75
C SER L 14 41.75 -0.04 -9.36
N VAL L 15 42.01 -0.05 -8.05
CA VAL L 15 43.31 -0.42 -7.53
C VAL L 15 43.50 -1.94 -7.71
N VAL L 16 42.41 -2.67 -7.55
CA VAL L 16 42.41 -4.10 -7.85
C VAL L 16 42.75 -4.32 -9.33
N ASP L 17 42.27 -3.40 -10.17
CA ASP L 17 42.61 -3.42 -11.60
C ASP L 17 44.09 -3.08 -11.80
N HIS L 18 44.60 -2.21 -10.94
CA HIS L 18 46.03 -1.86 -10.97
C HIS L 18 46.87 -3.09 -10.63
N PHE L 19 46.35 -3.94 -9.76
CA PHE L 19 47.02 -5.18 -9.39
C PHE L 19 46.69 -6.28 -10.40
N ASN L 20 45.75 -5.98 -11.29
CA ASN L 20 45.32 -6.90 -12.33
C ASN L 20 46.23 -6.81 -13.56
N ARG L 21 46.30 -5.62 -14.14
CA ARG L 21 46.96 -5.42 -15.43
C ARG L 21 48.48 -5.37 -15.32
N ILE L 22 49.01 -5.58 -14.11
CA ILE L 22 50.44 -5.64 -13.86
C ILE L 22 51.16 -6.56 -14.86
N GLY L 23 50.66 -7.78 -15.01
CA GLY L 23 51.23 -8.72 -15.96
C GLY L 23 52.64 -9.18 -15.62
N LYS L 24 52.90 -9.36 -14.33
CA LYS L 24 54.19 -9.86 -13.84
C LYS L 24 55.37 -9.00 -14.29
N VAL L 25 55.47 -7.80 -13.74
CA VAL L 25 56.56 -6.89 -14.05
C VAL L 25 57.86 -7.30 -13.35
N GLY L 26 57.83 -7.33 -12.02
CA GLY L 26 59.03 -7.55 -11.23
C GLY L 26 59.48 -6.26 -10.57
N ASN L 27 58.66 -5.23 -10.70
CA ASN L 27 58.92 -3.94 -10.06
C ASN L 27 57.88 -3.67 -8.98
N GLN L 28 56.62 -3.54 -9.41
CA GLN L 28 55.44 -3.38 -8.54
C GLN L 28 55.62 -2.39 -7.39
N LYS L 29 56.16 -1.21 -7.70
CA LYS L 29 56.30 -0.16 -6.71
C LYS L 29 54.99 0.61 -6.55
N ARG L 30 55.03 1.70 -5.79
CA ARG L 30 53.84 2.52 -5.57
C ARG L 30 53.37 3.19 -6.85
N VAL L 31 52.05 3.16 -7.07
CA VAL L 31 51.46 3.78 -8.26
C VAL L 31 50.52 4.90 -7.86
N VAL L 32 50.81 6.10 -8.35
CA VAL L 32 50.01 7.28 -8.03
C VAL L 32 48.94 7.53 -9.10
N GLY L 33 47.68 7.43 -8.69
CA GLY L 33 46.56 7.69 -9.58
C GLY L 33 45.93 9.04 -9.29
N VAL L 34 44.92 9.40 -10.07
CA VAL L 34 44.22 10.67 -9.88
C VAL L 34 42.77 10.43 -9.46
N LEU L 35 42.45 10.82 -8.23
CA LEU L 35 41.10 10.65 -7.69
C LEU L 35 40.19 11.80 -8.12
N LEU L 36 38.95 11.48 -8.45
CA LEU L 36 37.98 12.49 -8.86
C LEU L 36 36.77 12.49 -7.93
N GLY L 37 36.15 13.67 -7.77
CA GLY L 37 35.00 13.79 -6.91
C GLY L 37 34.37 15.18 -6.97
N SER L 38 33.49 15.47 -6.00
CA SER L 38 32.82 16.75 -5.95
C SER L 38 33.26 17.55 -4.73
N TRP L 39 33.97 18.65 -4.97
CA TRP L 39 34.46 19.51 -3.90
C TRP L 39 33.47 20.65 -3.63
N GLN L 40 32.42 20.71 -4.43
CA GLN L 40 31.39 21.74 -4.28
C GLN L 40 30.68 21.62 -2.94
N LYS L 41 30.12 20.45 -2.67
CA LYS L 41 29.42 20.20 -1.42
C LYS L 41 30.42 20.04 -0.28
N LYS L 42 29.97 20.30 0.95
CA LYS L 42 30.82 20.19 2.13
C LYS L 42 31.36 18.76 2.29
N VAL L 43 30.50 17.78 2.12
CA VAL L 43 30.91 16.39 2.20
C VAL L 43 31.43 15.90 0.85
N LEU L 44 32.60 15.27 0.88
CA LEU L 44 33.24 14.80 -0.35
C LEU L 44 32.59 13.50 -0.83
N ASP L 45 32.34 13.41 -2.13
CA ASP L 45 31.74 12.22 -2.71
C ASP L 45 32.54 11.72 -3.90
N VAL L 46 32.96 10.46 -3.84
CA VAL L 46 33.75 9.86 -4.91
C VAL L 46 32.88 9.02 -5.85
N SER L 47 32.94 9.34 -7.13
CA SER L 47 32.19 8.60 -8.14
C SER L 47 33.10 7.62 -8.89
N ASN L 48 33.95 8.16 -9.75
CA ASN L 48 34.90 7.35 -10.50
C ASN L 48 36.23 8.07 -10.66
N SER L 49 37.21 7.42 -11.29
CA SER L 49 38.52 8.01 -11.50
C SER L 49 39.26 7.31 -12.64
N PHE L 50 40.48 7.77 -12.92
CA PHE L 50 41.32 7.16 -13.95
C PHE L 50 42.72 6.89 -13.41
N ALA L 51 43.59 6.39 -14.26
CA ALA L 51 44.94 6.01 -13.85
C ALA L 51 46.02 6.68 -14.70
N VAL L 52 47.09 7.12 -14.03
CA VAL L 52 48.22 7.73 -14.72
C VAL L 52 49.51 7.00 -14.32
N PRO L 53 50.41 6.77 -15.29
CA PRO L 53 51.70 6.12 -15.02
C PRO L 53 52.55 6.88 -14.01
N PHE L 54 53.07 6.17 -13.02
CA PHE L 54 53.92 6.79 -12.00
C PHE L 54 55.13 5.89 -11.69
N ASP L 55 56.32 6.45 -11.83
CA ASP L 55 57.56 5.69 -11.58
C ASP L 55 58.51 6.47 -10.68
N GLU L 56 59.32 5.73 -9.91
CA GLU L 56 60.31 6.33 -9.03
C GLU L 56 61.69 5.72 -9.25
N ASP L 57 62.65 6.14 -8.42
CA ASP L 57 64.01 5.62 -8.52
C ASP L 57 64.35 4.74 -7.31
N ASP L 58 65.20 3.74 -7.56
CA ASP L 58 65.65 2.83 -6.52
C ASP L 58 66.33 3.56 -5.36
N LYS L 59 67.47 4.19 -5.65
CA LYS L 59 68.26 4.87 -4.62
C LYS L 59 67.62 6.20 -4.22
N ASP L 60 67.59 7.14 -5.14
CA ASP L 60 67.07 8.47 -4.86
C ASP L 60 65.55 8.44 -4.68
N ASP L 61 65.07 8.95 -3.54
CA ASP L 61 63.66 8.94 -3.22
C ASP L 61 62.95 10.20 -3.69
N SER L 62 63.73 11.17 -4.16
CA SER L 62 63.18 12.45 -4.59
C SER L 62 62.65 12.41 -6.01
N VAL L 63 62.78 11.26 -6.66
CA VAL L 63 62.33 11.09 -8.04
C VAL L 63 60.85 10.74 -8.11
N TRP L 64 60.08 11.58 -8.81
CA TRP L 64 58.66 11.35 -9.02
C TRP L 64 58.26 11.75 -10.43
N PHE L 65 57.46 10.90 -11.09
CA PHE L 65 57.08 11.14 -12.48
C PHE L 65 55.58 11.26 -12.66
N LEU L 66 55.13 12.41 -13.16
CA LEU L 66 53.72 12.61 -13.46
C LEU L 66 53.55 13.11 -14.90
N ASP L 67 52.30 13.31 -15.31
CA ASP L 67 52.02 13.78 -16.67
C ASP L 67 50.94 14.85 -16.65
N HIS L 68 51.27 16.03 -17.18
CA HIS L 68 50.31 17.12 -17.27
C HIS L 68 49.37 16.96 -18.45
N ASP L 69 49.92 16.55 -19.59
CA ASP L 69 49.16 16.40 -20.82
C ASP L 69 48.10 15.31 -20.70
N TYR L 70 48.50 14.15 -20.22
CA TYR L 70 47.59 13.03 -20.03
C TYR L 70 46.50 13.36 -19.03
N LEU L 71 46.87 14.11 -18.00
CA LEU L 71 45.93 14.52 -16.96
C LEU L 71 44.89 15.49 -17.53
N GLU L 72 45.36 16.48 -18.28
CA GLU L 72 44.46 17.47 -18.88
C GLU L 72 43.55 16.83 -19.93
N ASN L 73 44.07 15.83 -20.63
CA ASN L 73 43.29 15.13 -21.64
C ASN L 73 42.21 14.26 -21.01
N MET L 74 42.60 13.44 -20.03
CA MET L 74 41.66 12.55 -19.35
C MET L 74 40.59 13.35 -18.61
N TYR L 75 41.02 14.35 -17.85
CA TYR L 75 40.09 15.20 -17.12
C TYR L 75 39.23 16.03 -18.07
N GLY L 76 39.80 16.36 -19.23
CA GLY L 76 39.08 17.12 -20.24
C GLY L 76 37.94 16.32 -20.85
N MET L 77 38.24 15.09 -21.24
CA MET L 77 37.23 14.21 -21.81
C MET L 77 36.20 13.80 -20.77
N PHE L 78 36.67 13.56 -19.55
CA PHE L 78 35.79 13.17 -18.46
C PHE L 78 34.83 14.32 -18.09
N LYS L 79 35.33 15.54 -18.19
CA LYS L 79 34.51 16.73 -17.96
C LYS L 79 33.56 16.94 -19.14
N LYS L 80 34.00 16.51 -20.32
CA LYS L 80 33.18 16.62 -21.52
C LYS L 80 31.97 15.70 -21.46
N VAL L 81 32.19 14.46 -21.02
CA VAL L 81 31.09 13.51 -20.91
C VAL L 81 30.26 13.75 -19.64
N ASN L 82 30.94 14.08 -18.54
CA ASN L 82 30.26 14.36 -17.28
C ASN L 82 30.76 15.64 -16.62
N ALA L 83 29.87 16.62 -16.49
CA ALA L 83 30.23 17.90 -15.89
C ALA L 83 29.90 17.95 -14.41
N ARG L 84 29.40 16.84 -13.88
CA ARG L 84 28.99 16.78 -12.48
C ARG L 84 30.13 16.36 -11.55
N GLU L 85 31.31 16.15 -12.11
CA GLU L 85 32.46 15.72 -11.33
C GLU L 85 33.75 16.38 -11.80
N ARG L 86 34.56 16.83 -10.85
CA ARG L 86 35.81 17.50 -11.15
C ARG L 86 36.98 16.90 -10.38
N ILE L 87 38.15 17.52 -10.50
CA ILE L 87 39.35 17.04 -9.81
C ILE L 87 39.32 17.41 -8.32
N VAL L 88 39.86 16.52 -7.49
CA VAL L 88 39.95 16.76 -6.06
C VAL L 88 41.37 16.54 -5.54
N GLY L 89 41.87 15.31 -5.67
CA GLY L 89 43.19 14.98 -5.18
C GLY L 89 43.70 13.66 -5.74
N TRP L 90 44.77 13.14 -5.16
CA TRP L 90 45.37 11.89 -5.63
C TRP L 90 45.48 10.86 -4.51
N TYR L 91 45.97 9.67 -4.86
CA TYR L 91 46.15 8.60 -3.89
C TYR L 91 47.25 7.64 -4.33
N HIS L 92 47.85 6.94 -3.37
CA HIS L 92 48.89 5.96 -3.66
C HIS L 92 48.60 4.65 -2.95
N THR L 93 49.14 3.55 -3.49
CA THR L 93 48.91 2.23 -2.92
C THR L 93 50.01 1.83 -1.96
N GLY L 94 50.98 2.73 -1.75
CA GLY L 94 52.09 2.47 -0.86
C GLY L 94 51.69 2.40 0.60
N PRO L 95 52.08 1.33 1.29
CA PRO L 95 51.78 1.13 2.71
C PRO L 95 52.49 2.14 3.61
N LYS L 96 53.60 2.70 3.13
CA LYS L 96 54.37 3.65 3.90
C LYS L 96 54.31 5.05 3.30
N LEU L 97 54.44 6.07 4.14
CA LEU L 97 54.39 7.46 3.68
C LEU L 97 55.79 7.99 3.40
N HIS L 98 56.08 8.23 2.13
CA HIS L 98 57.38 8.75 1.72
C HIS L 98 57.49 10.25 1.92
N LYS L 99 58.72 10.72 2.09
CA LYS L 99 58.99 12.14 2.30
C LYS L 99 58.74 12.96 1.03
N ASN L 100 58.85 12.31 -0.12
CA ASN L 100 58.68 12.97 -1.41
C ASN L 100 57.22 13.28 -1.72
N ASP L 101 56.31 12.70 -0.92
CA ASP L 101 54.88 12.85 -1.14
C ASP L 101 54.41 14.29 -1.02
N ILE L 102 55.15 15.09 -0.26
CA ILE L 102 54.81 16.52 -0.13
C ILE L 102 55.12 17.23 -1.44
N ALA L 103 56.17 16.80 -2.12
CA ALA L 103 56.55 17.38 -3.40
C ALA L 103 55.64 16.88 -4.51
N ILE L 104 55.18 15.63 -4.37
CA ILE L 104 54.24 15.06 -5.32
C ILE L 104 52.89 15.77 -5.21
N ASN L 105 52.46 16.04 -3.98
CA ASN L 105 51.20 16.70 -3.73
C ASN L 105 51.28 18.20 -3.97
N GLU L 106 52.50 18.73 -3.97
CA GLU L 106 52.72 20.15 -4.17
C GLU L 106 52.25 20.62 -5.55
N LEU L 107 52.37 19.74 -6.54
CA LEU L 107 51.95 20.04 -7.90
C LEU L 107 50.45 20.31 -7.95
N MET L 108 49.66 19.39 -7.40
CA MET L 108 48.22 19.54 -7.34
C MET L 108 47.82 20.60 -6.32
N LYS L 109 48.75 20.97 -5.47
CA LYS L 109 48.53 22.06 -4.52
C LYS L 109 48.66 23.40 -5.24
N ARG L 110 49.47 23.42 -6.30
CA ARG L 110 49.64 24.62 -7.10
C ARG L 110 48.55 24.73 -8.16
N TYR L 111 48.54 23.78 -9.10
CA TYR L 111 47.61 23.81 -10.21
C TYR L 111 46.15 23.69 -9.75
N CYS L 112 45.88 22.72 -8.90
CA CYS L 112 44.53 22.47 -8.43
C CYS L 112 44.34 23.04 -7.01
N PRO L 113 43.11 22.99 -6.48
CA PRO L 113 42.92 23.34 -5.07
C PRO L 113 43.54 22.32 -4.11
N ASN L 114 43.31 22.50 -2.81
CA ASN L 114 43.84 21.58 -1.81
C ASN L 114 43.42 20.14 -2.05
N SER L 115 44.39 19.22 -2.00
CA SER L 115 44.14 17.83 -2.32
C SER L 115 44.13 16.93 -1.09
N VAL L 116 43.30 15.91 -1.11
CA VAL L 116 43.23 14.94 -0.02
C VAL L 116 44.05 13.69 -0.38
N LEU L 117 44.81 13.18 0.58
CA LEU L 117 45.68 12.03 0.34
C LEU L 117 45.07 10.77 0.95
N VAL L 118 45.09 9.68 0.18
CA VAL L 118 44.54 8.41 0.64
C VAL L 118 45.61 7.32 0.63
N ILE L 119 45.77 6.64 1.76
CA ILE L 119 46.76 5.58 1.90
C ILE L 119 46.10 4.21 2.06
N ILE L 120 46.45 3.28 1.17
CA ILE L 120 45.93 1.92 1.24
C ILE L 120 47.07 0.91 1.22
N ASP L 121 46.72 -0.37 1.26
CA ASP L 121 47.72 -1.44 1.27
C ASP L 121 47.68 -2.23 -0.04
N VAL L 122 48.85 -2.71 -0.46
CA VAL L 122 48.95 -3.50 -1.69
C VAL L 122 48.35 -4.90 -1.50
N LYS L 123 48.49 -5.44 -0.30
CA LYS L 123 47.92 -6.74 0.03
C LYS L 123 46.84 -6.59 1.10
N PRO L 124 45.59 -6.91 0.75
CA PRO L 124 44.45 -6.75 1.67
C PRO L 124 44.47 -7.73 2.84
N LYS L 125 45.57 -7.75 3.59
CA LYS L 125 45.66 -8.58 4.78
C LYS L 125 45.22 -7.79 6.02
N ASP L 126 45.01 -6.49 5.84
CA ASP L 126 44.58 -5.62 6.92
C ASP L 126 43.09 -5.78 7.19
N LEU L 127 42.75 -6.10 8.43
CA LEU L 127 41.36 -6.29 8.82
C LEU L 127 40.67 -4.94 9.00
N GLY L 128 41.44 -3.94 9.41
CA GLY L 128 40.90 -2.61 9.64
C GLY L 128 40.52 -1.91 8.36
N LEU L 129 40.05 -0.67 8.48
CA LEU L 129 39.63 0.12 7.33
C LEU L 129 40.81 0.43 6.43
N PRO L 130 40.77 -0.06 5.18
CA PRO L 130 41.88 0.10 4.23
C PRO L 130 42.08 1.56 3.78
N THR L 131 41.01 2.34 3.82
CA THR L 131 41.06 3.71 3.33
C THR L 131 41.17 4.75 4.45
N GLU L 132 42.24 5.53 4.40
CA GLU L 132 42.43 6.64 5.35
C GLU L 132 42.50 7.97 4.61
N ALA L 133 41.53 8.84 4.86
CA ALA L 133 41.48 10.14 4.22
C ALA L 133 42.32 11.16 4.98
N TYR L 134 43.32 11.71 4.31
CA TYR L 134 44.22 12.68 4.93
C TYR L 134 44.18 14.03 4.21
N ILE L 135 43.68 15.04 4.91
CA ILE L 135 43.58 16.38 4.34
C ILE L 135 44.94 17.08 4.43
N SER L 136 45.26 17.89 3.43
CA SER L 136 46.52 18.62 3.40
C SER L 136 46.33 20.08 3.79
N VAL L 137 46.83 20.44 4.97
CA VAL L 137 46.72 21.80 5.47
C VAL L 137 47.99 22.22 6.20
N GLU L 138 48.16 23.53 6.40
CA GLU L 138 49.29 24.06 7.13
C GLU L 138 48.87 24.51 8.53
N GLU L 139 49.37 23.80 9.54
CA GLU L 139 49.01 24.09 10.92
C GLU L 139 50.18 24.66 11.70
N VAL L 140 49.88 25.56 12.65
CA VAL L 140 50.91 26.16 13.49
C VAL L 140 51.40 25.17 14.54
N HIS L 141 52.70 24.93 14.57
CA HIS L 141 53.29 23.97 15.49
C HIS L 141 53.59 24.62 16.83
N ASP L 142 53.34 23.91 17.92
CA ASP L 142 53.51 24.45 19.27
C ASP L 142 54.98 24.51 19.67
N ASP L 143 55.77 23.56 19.20
CA ASP L 143 57.20 23.49 19.56
C ASP L 143 57.98 24.63 18.91
N GLY L 144 57.46 25.17 17.82
CA GLY L 144 58.12 26.26 17.13
C GLY L 144 58.80 25.84 15.85
N THR L 145 58.66 24.56 15.49
CA THR L 145 59.24 24.03 14.25
C THR L 145 58.67 24.76 13.04
N PRO L 146 59.50 24.95 12.00
CA PRO L 146 59.10 25.63 10.77
C PRO L 146 57.82 25.06 10.16
N THR L 147 57.00 25.92 9.56
CA THR L 147 55.71 25.51 9.02
C THR L 147 55.89 24.62 7.79
N SER L 148 55.29 23.44 7.85
CA SER L 148 55.34 22.49 6.74
C SER L 148 54.00 21.80 6.55
N LYS L 149 53.83 21.11 5.42
CA LYS L 149 52.60 20.40 5.13
C LYS L 149 52.37 19.28 6.13
N THR L 150 51.19 19.28 6.74
CA THR L 150 50.84 18.28 7.75
C THR L 150 49.59 17.50 7.36
N PHE L 151 49.67 16.19 7.45
CA PHE L 151 48.55 15.33 7.09
C PHE L 151 47.67 15.03 8.31
N GLU L 152 46.43 15.49 8.28
CA GLU L 152 45.50 15.27 9.38
C GLU L 152 44.47 14.20 9.01
N HIS L 153 44.24 13.27 9.93
CA HIS L 153 43.30 12.18 9.68
C HIS L 153 41.85 12.66 9.63
N VAL L 154 41.14 12.24 8.59
CA VAL L 154 39.73 12.59 8.44
C VAL L 154 38.89 11.32 8.37
N THR L 155 37.84 11.26 9.19
CA THR L 155 36.96 10.10 9.23
C THR L 155 36.29 9.86 7.89
N SER L 156 36.05 8.59 7.58
CA SER L 156 35.45 8.22 6.30
C SER L 156 34.51 7.02 6.44
N GLU L 157 33.67 6.80 5.44
CA GLU L 157 32.76 5.68 5.43
C GLU L 157 32.65 5.06 4.04
N ILE L 158 32.50 3.75 3.98
CA ILE L 158 32.39 3.04 2.71
C ILE L 158 30.93 2.75 2.38
N GLY L 159 30.43 3.37 1.32
CA GLY L 159 29.05 3.19 0.91
C GLY L 159 28.85 3.35 -0.59
N ALA L 160 27.68 2.95 -1.06
CA ALA L 160 27.34 3.05 -2.47
C ALA L 160 26.03 3.82 -2.65
N GLU L 161 25.78 4.29 -3.87
CA GLU L 161 24.62 5.13 -4.13
C GLU L 161 23.36 4.31 -4.35
N GLU L 162 23.24 3.68 -5.51
CA GLU L 162 22.05 2.88 -5.81
C GLU L 162 22.38 1.49 -6.37
N ALA L 163 22.91 1.47 -7.60
CA ALA L 163 23.09 0.23 -8.34
C ALA L 163 24.32 -0.55 -7.90
N GLU L 164 25.30 0.16 -7.33
CA GLU L 164 26.56 -0.47 -6.93
C GLU L 164 26.33 -1.49 -5.82
N GLU L 165 25.39 -1.22 -4.93
CA GLU L 165 25.01 -2.16 -3.88
C GLU L 165 24.49 -3.45 -4.50
N VAL L 166 23.65 -3.31 -5.51
CA VAL L 166 23.08 -4.45 -6.22
C VAL L 166 24.16 -5.26 -6.92
N GLY L 167 25.07 -4.56 -7.60
CA GLY L 167 26.16 -5.20 -8.29
C GLY L 167 27.06 -5.98 -7.36
N VAL L 168 27.43 -5.37 -6.24
CA VAL L 168 28.27 -6.01 -5.24
C VAL L 168 27.58 -7.23 -4.64
N GLU L 169 26.32 -7.05 -4.23
CA GLU L 169 25.55 -8.12 -3.62
C GLU L 169 25.36 -9.30 -4.57
N HIS L 170 25.24 -9.00 -5.86
CA HIS L 170 25.06 -10.04 -6.87
C HIS L 170 26.38 -10.76 -7.16
N LEU L 171 27.47 -10.00 -7.22
CA LEU L 171 28.78 -10.57 -7.51
C LEU L 171 29.33 -11.38 -6.35
N LEU L 172 28.86 -11.08 -5.14
CA LEU L 172 29.32 -11.79 -3.96
C LEU L 172 28.49 -13.03 -3.66
N ARG L 173 27.22 -12.82 -3.30
CA ARG L 173 26.33 -13.89 -2.86
C ARG L 173 26.93 -14.66 -1.70
N ASP L 174 27.68 -13.96 -0.86
CA ASP L 174 28.34 -14.55 0.29
C ASP L 174 28.01 -13.76 1.55
N ILE L 175 28.41 -12.50 1.56
CA ILE L 175 28.19 -11.60 2.70
C ILE L 175 26.71 -11.44 3.00
N LYS L 176 26.38 -11.19 4.26
CA LYS L 176 24.99 -11.02 4.68
C LYS L 176 24.76 -9.59 5.16
N ASP L 177 23.51 -9.15 5.11
CA ASP L 177 23.15 -7.81 5.56
C ASP L 177 23.09 -7.77 7.08
N THR L 178 22.60 -6.65 7.62
CA THR L 178 22.52 -6.47 9.07
C THR L 178 21.82 -7.65 9.75
N THR L 179 20.60 -7.93 9.32
CA THR L 179 19.85 -9.11 9.76
C THR L 179 19.83 -9.27 11.28
N VAL L 180 19.10 -8.40 11.96
CA VAL L 180 19.03 -8.44 13.43
C VAL L 180 18.58 -9.81 13.93
N GLY L 181 19.38 -10.38 14.84
CA GLY L 181 19.11 -11.71 15.35
C GLY L 181 20.26 -12.24 16.19
N THR L 182 20.34 -13.57 16.30
CA THR L 182 21.35 -14.21 17.12
C THR L 182 22.73 -14.26 16.46
N LEU L 183 22.85 -14.95 15.33
CA LEU L 183 24.15 -15.20 14.71
C LEU L 183 24.84 -13.93 14.23
N SER L 184 24.09 -13.03 13.61
CA SER L 184 24.65 -11.80 13.06
C SER L 184 25.27 -10.93 14.15
N GLN L 185 24.63 -10.91 15.31
CA GLN L 185 25.12 -10.11 16.43
C GLN L 185 26.26 -10.82 17.16
N ARG L 186 26.12 -12.12 17.38
CA ARG L 186 27.10 -12.87 18.14
C ARG L 186 28.41 -13.04 17.38
N ILE L 187 28.35 -13.03 16.05
CA ILE L 187 29.56 -13.06 15.25
C ILE L 187 30.40 -11.82 15.53
N THR L 188 29.75 -10.66 15.53
CA THR L 188 30.41 -9.41 15.87
C THR L 188 30.94 -9.46 17.30
N ASN L 189 30.07 -9.89 18.22
CA ASN L 189 30.44 -9.99 19.64
C ASN L 189 31.60 -10.95 19.88
N GLN L 190 31.87 -11.82 18.92
CA GLN L 190 33.01 -12.73 19.00
C GLN L 190 34.27 -12.10 18.39
N VAL L 191 34.20 -11.83 17.09
CA VAL L 191 35.37 -11.41 16.33
C VAL L 191 35.88 -10.00 16.69
N HIS L 192 35.01 -9.16 17.25
CA HIS L 192 35.42 -7.77 17.56
C HIS L 192 36.59 -7.73 18.53
N GLY L 193 36.65 -8.72 19.42
CA GLY L 193 37.75 -8.84 20.37
C GLY L 193 39.07 -9.02 19.65
N LEU L 194 39.04 -9.80 18.57
CA LEU L 194 40.22 -10.01 17.75
C LEU L 194 40.51 -8.75 16.93
N LYS L 195 39.44 -8.06 16.52
CA LYS L 195 39.56 -6.82 15.77
C LYS L 195 40.33 -5.78 16.57
N GLY L 196 40.10 -5.74 17.87
CA GLY L 196 40.85 -4.86 18.74
C GLY L 196 42.21 -5.44 19.09
N LEU L 197 42.26 -6.76 19.19
CA LEU L 197 43.47 -7.45 19.61
C LEU L 197 44.63 -7.29 18.64
N ASN L 198 44.40 -7.65 17.38
CA ASN L 198 45.46 -7.58 16.37
C ASN L 198 45.91 -6.15 16.12
N SER L 199 44.96 -5.23 16.13
CA SER L 199 45.25 -3.82 15.93
C SER L 199 46.10 -3.26 17.06
N LYS L 200 45.65 -3.45 18.29
CA LYS L 200 46.36 -2.96 19.47
C LYS L 200 47.75 -3.59 19.57
N LEU L 201 47.83 -4.88 19.26
CA LEU L 201 49.11 -5.60 19.30
C LEU L 201 50.05 -5.07 18.23
N LEU L 202 49.51 -4.70 17.07
CA LEU L 202 50.31 -4.16 15.99
C LEU L 202 50.73 -2.73 16.27
N ASP L 203 49.99 -2.05 17.15
CA ASP L 203 50.25 -0.65 17.44
C ASP L 203 51.19 -0.44 18.63
N ILE L 204 50.77 -0.87 19.82
CA ILE L 204 51.48 -0.56 21.05
C ILE L 204 52.90 -1.11 21.12
N ARG L 205 53.20 -2.14 20.32
CA ARG L 205 54.55 -2.69 20.27
C ARG L 205 55.51 -1.73 19.58
N SER L 206 55.14 -1.32 18.37
CA SER L 206 55.94 -0.37 17.59
C SER L 206 55.97 0.98 18.31
N TYR L 207 54.88 1.29 19.00
CA TYR L 207 54.80 2.50 19.80
C TYR L 207 55.83 2.49 20.93
N LEU L 208 55.76 1.46 21.77
CA LEU L 208 56.69 1.27 22.88
C LEU L 208 58.13 1.27 22.40
N GLU L 209 58.37 0.63 21.27
CA GLU L 209 59.71 0.57 20.69
C GLU L 209 60.20 1.96 20.26
N LYS L 210 59.43 2.60 19.39
CA LYS L 210 59.86 3.86 18.78
C LYS L 210 59.92 5.03 19.75
N VAL L 211 59.18 4.95 20.86
CA VAL L 211 59.23 6.02 21.84
C VAL L 211 60.61 6.11 22.51
N ALA L 212 61.06 5.02 23.10
CA ALA L 212 62.32 4.99 23.82
C ALA L 212 63.54 4.84 22.91
N THR L 213 63.39 4.06 21.84
CA THR L 213 64.51 3.67 20.99
C THR L 213 64.73 4.59 19.79
N GLY L 214 64.05 5.73 19.76
CA GLY L 214 63.97 6.50 18.52
C GLY L 214 64.00 8.01 18.62
N LYS L 215 64.03 8.63 17.44
CA LYS L 215 64.40 10.03 17.26
C LYS L 215 63.55 10.62 16.14
N LEU L 216 63.97 11.76 15.58
CA LEU L 216 63.15 12.50 14.61
C LEU L 216 61.82 12.93 15.22
N PRO L 217 61.85 14.07 15.95
CA PRO L 217 60.84 14.62 16.88
C PRO L 217 59.50 14.90 16.22
N ILE L 218 58.69 13.84 16.15
CA ILE L 218 57.39 13.82 15.50
C ILE L 218 56.32 14.48 16.36
N ASN L 219 56.77 15.19 17.41
CA ASN L 219 55.90 15.83 18.40
C ASN L 219 55.11 14.84 19.24
N HIS L 220 55.82 14.18 20.13
CA HIS L 220 55.29 13.22 21.10
C HIS L 220 54.25 13.84 22.03
N GLN L 221 54.14 15.17 22.02
CA GLN L 221 53.26 15.90 22.93
C GLN L 221 51.82 15.39 22.97
N ILE L 222 51.31 14.94 21.82
CA ILE L 222 49.95 14.45 21.72
C ILE L 222 49.79 13.09 22.43
N ILE L 223 50.91 12.40 22.61
CA ILE L 223 50.89 11.07 23.21
C ILE L 223 50.77 11.18 24.73
N TYR L 224 51.11 12.34 25.28
CA TYR L 224 50.84 12.61 26.68
C TYR L 224 49.33 12.70 26.88
N GLN L 225 48.64 13.22 25.87
CA GLN L 225 47.19 13.27 25.88
C GLN L 225 46.62 11.88 25.64
N LEU L 226 47.33 11.07 24.85
CA LEU L 226 47.00 9.66 24.69
C LEU L 226 46.97 8.97 26.06
N GLN L 227 48.12 8.95 26.72
CA GLN L 227 48.25 8.38 28.05
C GLN L 227 47.25 8.99 29.03
N ASP L 228 46.93 10.26 28.81
CA ASP L 228 45.92 10.95 29.63
C ASP L 228 44.55 10.30 29.43
N VAL L 229 44.23 9.99 28.18
CA VAL L 229 42.99 9.29 27.86
C VAL L 229 42.99 7.92 28.50
N PHE L 230 44.15 7.27 28.50
CA PHE L 230 44.30 5.99 29.19
C PHE L 230 44.10 6.15 30.70
N ASN L 231 44.36 7.35 31.20
CA ASN L 231 44.22 7.63 32.63
C ASN L 231 42.86 8.24 32.98
N LEU L 232 42.02 8.42 31.96
CA LEU L 232 40.67 8.96 32.18
C LEU L 232 39.78 7.96 32.92
N LEU L 233 40.21 6.71 32.96
CA LEU L 233 39.47 5.67 33.67
C LEU L 233 40.36 5.05 34.76
N PRO L 234 40.41 5.70 35.93
CA PRO L 234 41.28 5.26 37.04
C PRO L 234 40.68 4.11 37.84
N ASP L 235 40.29 3.04 37.16
CA ASP L 235 39.75 1.84 37.81
C ASP L 235 38.57 2.14 38.71
N VAL L 236 37.44 2.51 38.10
CA VAL L 236 36.22 2.78 38.85
C VAL L 236 35.76 1.54 39.61
N SER L 237 35.32 1.73 40.85
CA SER L 237 34.91 0.61 41.70
C SER L 237 33.46 0.19 41.44
N LEU L 238 32.80 0.88 40.53
CA LEU L 238 31.43 0.57 40.10
C LEU L 238 30.39 0.79 41.20
N GLN L 239 30.85 1.21 42.39
CA GLN L 239 29.97 1.42 43.54
C GLN L 239 28.84 2.40 43.22
N GLU L 240 29.14 3.42 42.42
CA GLU L 240 28.13 4.38 41.99
C GLU L 240 27.28 3.81 40.86
N PHE L 241 27.85 2.87 40.13
CA PHE L 241 27.19 2.29 38.96
C PHE L 241 26.36 1.05 39.33
N VAL L 242 26.33 0.74 40.62
CA VAL L 242 25.58 -0.42 41.13
C VAL L 242 24.10 -0.32 40.77
N LYS L 243 23.53 0.87 40.92
CA LYS L 243 22.12 1.10 40.59
C LYS L 243 21.88 0.90 39.09
N ALA L 244 22.86 1.30 38.29
CA ALA L 244 22.78 1.13 36.84
C ALA L 244 22.81 -0.35 36.48
N PHE L 245 23.66 -1.10 37.16
CA PHE L 245 23.71 -2.55 36.98
C PHE L 245 22.40 -3.19 37.40
N TYR L 246 21.77 -2.63 38.42
CA TYR L 246 20.49 -3.11 38.90
C TYR L 246 19.39 -2.86 37.88
N LEU L 247 19.42 -1.71 37.25
CA LEU L 247 18.43 -1.36 36.23
C LEU L 247 18.63 -2.22 34.98
N LYS L 248 19.88 -2.42 34.61
CA LYS L 248 20.22 -3.25 33.45
C LYS L 248 19.80 -4.70 33.67
N THR L 249 20.06 -5.21 34.87
CA THR L 249 19.69 -6.58 35.22
C THR L 249 18.17 -6.69 35.35
N ASN L 250 17.53 -5.58 35.69
CA ASN L 250 16.07 -5.52 35.74
C ASN L 250 15.50 -5.64 34.33
N ASP L 251 16.13 -4.94 33.39
CA ASP L 251 15.76 -5.05 31.99
C ASP L 251 15.99 -6.47 31.49
N GLN L 252 17.06 -7.09 31.99
CA GLN L 252 17.34 -8.49 31.70
C GLN L 252 16.20 -9.38 32.20
N MET L 253 15.69 -9.06 33.39
CA MET L 253 14.57 -9.78 33.96
C MET L 253 13.32 -9.60 33.09
N VAL L 254 13.15 -8.39 32.56
CA VAL L 254 12.05 -8.11 31.63
C VAL L 254 12.18 -8.99 30.39
N VAL L 255 13.39 -9.11 29.88
CA VAL L 255 13.66 -9.98 28.74
C VAL L 255 13.32 -11.44 29.07
N VAL L 256 13.64 -11.84 30.30
CA VAL L 256 13.32 -13.19 30.77
C VAL L 256 11.81 -13.44 30.76
N TYR L 257 11.07 -12.50 31.36
CA TYR L 257 9.62 -12.61 31.42
C TYR L 257 9.00 -12.65 30.03
N LEU L 258 9.44 -11.74 29.17
CA LEU L 258 8.93 -11.69 27.79
C LEU L 258 9.20 -12.98 27.04
N ALA L 259 10.43 -13.47 27.13
CA ALA L 259 10.82 -14.71 26.46
C ALA L 259 9.98 -15.89 26.96
N SER L 260 9.94 -16.07 28.27
CA SER L 260 9.20 -17.17 28.87
C SER L 260 7.72 -17.15 28.49
N LEU L 261 7.11 -15.96 28.61
CA LEU L 261 5.69 -15.81 28.32
C LEU L 261 5.37 -16.06 26.84
N ILE L 262 6.14 -15.45 25.95
CA ILE L 262 5.93 -15.61 24.52
C ILE L 262 6.13 -17.05 24.08
N ARG L 263 7.20 -17.68 24.56
CA ARG L 263 7.45 -19.09 24.25
C ARG L 263 6.33 -19.97 24.79
N SER L 264 5.79 -19.58 25.95
CA SER L 264 4.66 -20.28 26.53
C SER L 264 3.43 -20.16 25.65
N VAL L 265 3.29 -19.01 24.98
CA VAL L 265 2.20 -18.80 24.05
C VAL L 265 2.38 -19.64 22.79
N VAL L 266 3.61 -19.70 22.30
CA VAL L 266 3.93 -20.49 21.11
C VAL L 266 3.73 -21.98 21.35
N ALA L 267 4.01 -22.42 22.57
CA ALA L 267 3.91 -23.83 22.92
C ALA L 267 2.47 -24.37 22.85
N LEU L 268 1.50 -23.46 22.82
CA LEU L 268 0.09 -23.83 22.78
C LEU L 268 -0.24 -24.72 21.59
N HIS L 269 -0.10 -24.18 20.38
CA HIS L 269 -0.45 -24.90 19.16
C HIS L 269 0.31 -26.21 19.01
N ASN L 270 1.57 -26.20 19.41
CA ASN L 270 2.41 -27.39 19.33
C ASN L 270 1.92 -28.49 20.27
N LEU L 271 1.65 -28.12 21.52
CA LEU L 271 1.26 -29.07 22.54
C LEU L 271 -0.23 -29.39 22.48
N ILE L 272 -0.91 -28.78 21.52
CA ILE L 272 -2.27 -29.20 21.17
C ILE L 272 -2.20 -30.18 20.00
N ASN L 273 -1.67 -29.71 18.88
CA ASN L 273 -1.54 -30.52 17.66
C ASN L 273 -0.84 -31.86 17.88
N ASN L 274 0.23 -31.85 18.69
CA ASN L 274 1.00 -33.07 18.95
C ASN L 274 0.12 -34.19 19.52
N LYS L 275 -0.97 -33.80 20.18
CA LYS L 275 -1.92 -34.75 20.73
C LYS L 275 -3.07 -34.98 19.75
N ILE L 276 -3.83 -33.93 19.48
CA ILE L 276 -5.07 -34.06 18.71
C ILE L 276 -4.86 -34.58 17.28
N ALA L 277 -3.73 -34.27 16.67
CA ALA L 277 -3.47 -34.75 15.31
C ALA L 277 -3.02 -36.20 15.32
N ASN L 278 -2.16 -36.54 16.28
CA ASN L 278 -1.64 -37.90 16.40
C ASN L 278 -2.71 -38.92 16.77
N ARG L 279 -3.58 -38.56 17.71
CA ARG L 279 -4.63 -39.47 18.14
C ARG L 279 -5.66 -39.71 17.03
N ASP L 280 -5.95 -38.67 16.26
CA ASP L 280 -6.90 -38.77 15.16
C ASP L 280 -6.30 -39.57 14.01
N ALA L 281 -5.03 -39.31 13.70
CA ALA L 281 -4.33 -40.05 12.66
C ALA L 281 -4.23 -41.52 13.02
N GLU L 282 -4.00 -41.80 14.30
CA GLU L 282 -3.85 -43.17 14.79
C GLU L 282 -5.19 -43.90 14.78
N LYS L 283 -6.25 -43.22 15.20
CA LYS L 283 -7.56 -43.86 15.27
C LYS L 283 -8.17 -44.03 13.88
N LYS L 284 -7.77 -43.17 12.94
CA LYS L 284 -8.25 -43.26 11.57
C LYS L 284 -7.29 -44.03 10.68
N GLU L 285 -6.17 -44.48 11.27
CA GLU L 285 -5.19 -45.26 10.53
C GLU L 285 -5.75 -46.60 10.08
N GLY L 286 -6.37 -47.33 11.01
CA GLY L 286 -6.94 -48.62 10.70
C GLY L 286 -8.46 -48.61 10.76
N ASP M 1 79.73 56.26 -15.86
CA ASP M 1 80.54 56.55 -14.68
C ASP M 1 81.54 55.43 -14.42
N VAL M 2 81.51 54.41 -15.27
CA VAL M 2 82.43 53.27 -15.14
C VAL M 2 83.91 53.66 -15.36
N PRO M 3 84.22 54.43 -16.42
CA PRO M 3 85.62 54.82 -16.55
C PRO M 3 86.04 55.82 -15.46
N GLY M 4 85.09 56.59 -14.97
CA GLY M 4 85.36 57.59 -13.94
C GLY M 4 85.42 56.99 -12.54
N PHE M 5 85.01 55.73 -12.42
CA PHE M 5 85.01 55.06 -11.13
C PHE M 5 86.42 54.59 -10.74
N LEU M 6 87.27 54.40 -11.75
CA LEU M 6 88.63 53.90 -11.53
C LEU M 6 89.45 54.80 -10.63
N GLN M 7 89.21 56.10 -10.72
CA GLN M 7 89.95 57.10 -9.95
C GLN M 7 89.77 56.91 -8.44
N GLN M 8 88.52 56.79 -8.01
CA GLN M 8 88.24 56.62 -6.58
C GLN M 8 88.30 55.16 -6.16
N SER M 9 88.33 54.25 -7.14
CA SER M 9 88.48 52.84 -6.84
C SER M 9 89.93 52.50 -6.53
N GLN M 10 90.84 53.12 -7.27
CA GLN M 10 92.27 52.89 -7.09
C GLN M 10 92.77 53.44 -5.76
N ASN M 11 92.33 54.65 -5.43
CA ASN M 11 92.74 55.29 -4.18
C ASN M 11 91.95 54.77 -2.98
N SER M 12 92.67 54.27 -1.98
CA SER M 12 92.04 53.72 -0.79
C SER M 12 93.00 53.69 0.39
N GLY M 13 92.57 53.07 1.49
CA GLY M 13 93.37 53.00 2.70
C GLY M 13 94.50 51.99 2.62
N PRO M 14 95.17 51.73 3.75
CA PRO M 14 96.29 50.78 3.84
C PRO M 14 95.91 49.34 3.52
N GLY M 15 94.81 48.86 4.07
CA GLY M 15 94.43 47.47 3.93
C GLY M 15 93.33 47.21 2.92
N GLN M 16 92.71 48.29 2.45
CA GLN M 16 91.61 48.20 1.49
C GLN M 16 91.97 47.57 0.12
N PRO M 17 93.14 47.88 -0.47
CA PRO M 17 93.44 47.29 -1.77
C PRO M 17 93.44 45.76 -1.81
N ALA M 18 93.56 45.13 -0.65
CA ALA M 18 93.51 43.67 -0.57
C ALA M 18 92.20 43.14 -1.15
N VAL M 19 91.08 43.63 -0.62
CA VAL M 19 89.77 43.24 -1.13
C VAL M 19 89.41 44.03 -2.39
N TRP M 20 90.00 45.21 -2.55
CA TRP M 20 89.70 46.06 -3.70
C TRP M 20 90.27 45.50 -5.00
N HIS M 21 91.28 44.63 -4.88
CA HIS M 21 91.84 43.97 -6.06
C HIS M 21 90.80 43.03 -6.67
N ARG M 22 90.27 42.13 -5.84
CA ARG M 22 89.24 41.21 -6.27
C ARG M 22 87.96 41.95 -6.63
N LEU M 23 87.72 43.05 -5.93
CA LEU M 23 86.55 43.89 -6.20
C LEU M 23 86.61 44.50 -7.60
N GLU M 24 87.76 45.06 -7.95
CA GLU M 24 87.93 45.70 -9.26
C GLU M 24 88.06 44.65 -10.35
N GLU M 25 88.52 43.45 -9.99
CA GLU M 25 88.59 42.35 -10.95
C GLU M 25 87.18 41.90 -11.32
N LEU M 26 86.35 41.71 -10.30
CA LEU M 26 84.95 41.34 -10.53
C LEU M 26 84.18 42.49 -11.16
N TYR M 27 84.70 43.70 -10.98
CA TYR M 27 84.10 44.89 -11.60
C TYR M 27 84.40 44.95 -13.08
N THR M 28 85.62 44.54 -13.44
CA THR M 28 86.02 44.49 -14.84
C THR M 28 85.40 43.30 -15.55
N LYS M 29 85.16 42.22 -14.81
CA LYS M 29 84.50 41.05 -15.36
C LYS M 29 82.99 41.28 -15.47
N LYS M 30 82.53 42.37 -14.87
CA LYS M 30 81.12 42.79 -14.91
C LYS M 30 80.19 41.69 -14.40
N LEU M 31 80.60 41.03 -13.33
CA LEU M 31 79.76 40.03 -12.68
C LEU M 31 79.01 40.66 -11.52
N TRP M 32 77.69 40.75 -11.65
CA TRP M 32 76.87 41.41 -10.65
C TRP M 32 76.72 40.58 -9.38
N HIS M 33 76.52 39.27 -9.56
CA HIS M 33 76.34 38.37 -8.44
C HIS M 33 77.62 38.29 -7.59
N GLN M 34 78.75 38.12 -8.26
CA GLN M 34 80.05 38.07 -7.58
C GLN M 34 80.36 39.41 -6.93
N LEU M 35 79.89 40.49 -7.55
CA LEU M 35 80.04 41.83 -6.99
C LEU M 35 79.28 41.93 -5.68
N THR M 36 78.05 41.42 -5.68
CA THR M 36 77.21 41.44 -4.49
C THR M 36 77.83 40.59 -3.38
N LEU M 37 78.34 39.42 -3.75
CA LEU M 37 79.02 38.54 -2.81
C LEU M 37 80.23 39.24 -2.19
N GLN M 38 80.98 39.93 -3.02
CA GLN M 38 82.16 40.67 -2.55
C GLN M 38 81.74 41.81 -1.61
N VAL M 39 80.59 42.41 -1.89
CA VAL M 39 80.04 43.45 -1.04
C VAL M 39 79.68 42.90 0.33
N LEU M 40 78.97 41.79 0.35
CA LEU M 40 78.58 41.14 1.59
C LEU M 40 79.80 40.69 2.38
N ASP M 41 80.82 40.24 1.68
CA ASP M 41 82.07 39.83 2.32
C ASP M 41 82.81 41.05 2.88
N PHE M 42 82.60 42.20 2.24
CA PHE M 42 83.22 43.45 2.69
C PHE M 42 82.52 43.96 3.95
N VAL M 43 81.20 43.82 3.99
CA VAL M 43 80.42 44.23 5.15
C VAL M 43 80.67 43.30 6.33
N GLN M 44 80.84 42.01 6.03
CA GLN M 44 81.11 41.02 7.05
C GLN M 44 82.42 41.31 7.78
N ASP M 45 83.39 41.87 7.06
CA ASP M 45 84.68 42.24 7.64
C ASP M 45 84.53 43.45 8.57
N PRO M 46 85.26 43.43 9.70
CA PRO M 46 85.20 44.52 10.68
C PRO M 46 85.84 45.81 10.16
N CYS M 47 85.15 46.50 9.26
CA CYS M 47 85.65 47.75 8.70
C CYS M 47 85.65 48.87 9.73
N PHE M 48 86.46 49.88 9.50
CA PHE M 48 86.56 51.02 10.42
C PHE M 48 85.35 51.94 10.31
N ALA M 49 84.58 51.77 9.23
CA ALA M 49 83.38 52.56 8.97
C ALA M 49 83.67 54.06 8.98
N GLN M 50 84.66 54.48 8.20
CA GLN M 50 85.03 55.88 8.12
C GLN M 50 84.90 56.41 6.70
N GLY M 51 85.71 55.89 5.79
CA GLY M 51 85.70 56.31 4.40
C GLY M 51 84.85 55.41 3.53
N ASP M 52 83.95 54.66 4.16
CA ASP M 52 83.08 53.74 3.42
C ASP M 52 81.81 54.43 2.96
N GLY M 53 81.65 55.70 3.35
CA GLY M 53 80.48 56.47 2.98
C GLY M 53 80.30 56.62 1.48
N LEU M 54 81.43 56.60 0.76
CA LEU M 54 81.39 56.70 -0.69
C LEU M 54 80.98 55.37 -1.33
N ILE M 55 81.59 54.28 -0.88
CA ILE M 55 81.33 52.97 -1.47
C ILE M 55 79.93 52.48 -1.13
N LYS M 56 79.39 52.94 0.00
CA LYS M 56 78.02 52.58 0.37
C LYS M 56 77.02 53.19 -0.61
N LEU M 57 77.21 54.47 -0.91
CA LEU M 57 76.35 55.17 -1.84
C LEU M 57 76.53 54.65 -3.27
N TYR M 58 77.77 54.36 -3.62
CA TYR M 58 78.09 53.82 -4.95
C TYR M 58 77.42 52.48 -5.16
N GLU M 59 77.64 51.55 -4.22
CA GLU M 59 77.03 50.23 -4.30
C GLU M 59 75.51 50.32 -4.19
N ASN M 60 75.03 51.36 -3.52
CA ASN M 60 73.59 51.61 -3.43
C ASN M 60 73.02 51.92 -4.82
N PHE M 61 73.65 52.88 -5.50
CA PHE M 61 73.24 53.25 -6.85
C PHE M 61 73.33 52.06 -7.81
N ILE M 62 74.48 51.39 -7.79
CA ILE M 62 74.70 50.20 -8.61
C ILE M 62 73.59 49.18 -8.40
N SER M 63 73.29 48.88 -7.13
CA SER M 63 72.23 47.96 -6.78
C SER M 63 70.86 48.47 -7.24
N GLU M 64 70.74 49.79 -7.36
CA GLU M 64 69.49 50.39 -7.81
C GLU M 64 69.26 50.20 -9.30
N PHE M 65 70.26 50.50 -10.13
CA PHE M 65 70.04 50.40 -11.57
C PHE M 65 70.49 49.07 -12.18
N GLU M 66 70.95 48.13 -11.36
CA GLU M 66 71.34 46.83 -11.87
C GLU M 66 70.12 45.96 -12.19
N HIS M 67 69.07 46.10 -11.38
CA HIS M 67 67.81 45.38 -11.52
C HIS M 67 68.00 43.89 -11.81
N ARG M 68 68.98 43.28 -11.15
CA ARG M 68 69.30 41.88 -11.37
C ARG M 68 69.37 41.10 -10.06
N VAL M 69 70.37 41.42 -9.24
CA VAL M 69 70.62 40.71 -7.99
C VAL M 69 69.50 40.96 -6.99
N ASN M 70 69.38 40.05 -6.02
CA ASN M 70 68.35 40.15 -4.98
C ASN M 70 68.46 41.46 -4.20
N PRO M 71 67.39 42.28 -4.26
CA PRO M 71 67.34 43.58 -3.57
C PRO M 71 67.45 43.48 -2.04
N LEU M 72 67.26 42.28 -1.50
CA LEU M 72 67.36 42.07 -0.06
C LEU M 72 68.76 42.40 0.46
N SER M 73 69.77 42.16 -0.37
CA SER M 73 71.13 42.51 -0.04
C SER M 73 71.28 44.03 0.06
N LEU M 74 70.60 44.74 -0.84
CA LEU M 74 70.57 46.19 -0.82
C LEU M 74 69.87 46.69 0.44
N VAL M 75 68.83 45.97 0.85
CA VAL M 75 68.13 46.28 2.09
C VAL M 75 69.06 46.13 3.28
N GLU M 76 69.83 45.04 3.28
CA GLU M 76 70.80 44.78 4.35
C GLU M 76 71.87 45.87 4.42
N ILE M 77 72.47 46.19 3.29
CA ILE M 77 73.56 47.16 3.26
C ILE M 77 73.06 48.57 3.56
N ILE M 78 71.82 48.87 3.19
CA ILE M 78 71.26 50.18 3.49
C ILE M 78 70.84 50.24 4.95
N LEU M 79 70.57 49.07 5.55
CA LEU M 79 70.35 48.99 6.98
C LEU M 79 71.66 49.24 7.72
N HIS M 80 72.75 48.78 7.12
CA HIS M 80 74.08 49.07 7.66
C HIS M 80 74.40 50.56 7.50
N VAL M 81 73.89 51.15 6.42
CA VAL M 81 74.07 52.58 6.17
C VAL M 81 73.32 53.41 7.21
N VAL M 82 72.06 53.06 7.46
CA VAL M 82 71.26 53.78 8.44
C VAL M 82 71.73 53.46 9.86
N ARG M 83 72.45 52.35 10.01
CA ARG M 83 73.03 51.99 11.31
C ARG M 83 74.28 52.82 11.58
N GLN M 84 75.08 53.04 10.54
CA GLN M 84 76.31 53.80 10.67
C GLN M 84 76.06 55.30 10.77
N MET M 85 75.19 55.81 9.92
CA MET M 85 74.89 57.23 9.86
C MET M 85 73.97 57.67 11.00
N THR M 86 73.09 56.75 11.42
CA THR M 86 72.10 57.01 12.47
C THR M 86 71.24 58.23 12.14
N ASP M 87 70.68 58.24 10.94
CA ASP M 87 69.83 59.35 10.50
C ASP M 87 68.45 58.85 10.07
N PRO M 88 67.50 58.79 11.02
CA PRO M 88 66.14 58.30 10.78
C PRO M 88 65.33 59.22 9.87
N ASN M 89 65.78 60.47 9.71
CA ASN M 89 65.07 61.44 8.89
C ASN M 89 65.02 61.04 7.42
N VAL M 90 66.17 60.73 6.85
CA VAL M 90 66.25 60.35 5.44
C VAL M 90 66.06 58.84 5.26
N ALA M 91 65.94 58.14 6.37
CA ALA M 91 65.76 56.69 6.35
C ALA M 91 64.44 56.31 5.69
N LEU M 92 63.38 57.05 6.01
CA LEU M 92 62.07 56.81 5.42
C LEU M 92 62.09 57.04 3.92
N THR M 93 62.78 58.10 3.50
CA THR M 93 62.90 58.43 2.08
C THR M 93 63.68 57.36 1.33
N PHE M 94 64.76 56.87 1.96
CA PHE M 94 65.58 55.83 1.36
C PHE M 94 64.81 54.52 1.22
N LEU M 95 64.15 54.11 2.30
CA LEU M 95 63.37 52.88 2.29
C LEU M 95 62.22 52.95 1.29
N GLU M 96 61.57 54.11 1.22
CA GLU M 96 60.49 54.32 0.27
C GLU M 96 61.03 54.27 -1.16
N LYS M 97 62.23 54.79 -1.34
CA LYS M 97 62.89 54.76 -2.65
C LYS M 97 63.20 53.32 -3.07
N THR M 98 63.64 52.51 -2.12
CA THR M 98 63.93 51.11 -2.39
C THR M 98 62.66 50.33 -2.69
N ARG M 99 61.58 50.67 -1.99
CA ARG M 99 60.29 50.03 -2.21
C ARG M 99 59.71 50.40 -3.58
N GLU M 100 59.96 51.63 -4.00
CA GLU M 100 59.44 52.12 -5.27
C GLU M 100 60.26 51.63 -6.45
N LYS M 101 61.56 51.47 -6.24
CA LYS M 101 62.46 51.06 -7.32
C LYS M 101 62.25 49.61 -7.74
N VAL M 102 62.15 48.72 -6.77
CA VAL M 102 61.98 47.29 -7.04
C VAL M 102 60.63 46.99 -7.68
N LYS M 103 60.66 46.18 -8.74
CA LYS M 103 59.44 45.77 -9.43
C LYS M 103 58.75 44.64 -8.67
N SER M 104 57.72 44.05 -9.28
CA SER M 104 56.98 42.98 -8.63
C SER M 104 57.22 41.63 -9.29
N SER M 105 57.96 40.78 -8.60
CA SER M 105 58.15 39.39 -8.99
C SER M 105 57.91 38.51 -7.77
N ASP M 106 58.80 38.64 -6.80
CA ASP M 106 58.62 38.04 -5.49
C ASP M 106 58.43 39.17 -4.48
N GLU M 107 57.72 38.90 -3.39
CA GLU M 107 57.37 39.97 -2.46
C GLU M 107 58.40 40.13 -1.36
N ALA M 108 59.13 41.25 -1.41
CA ALA M 108 60.10 41.61 -0.39
C ALA M 108 59.48 42.59 0.59
N VAL M 109 58.21 42.92 0.37
CA VAL M 109 57.50 43.92 1.16
C VAL M 109 57.45 43.56 2.64
N ILE M 110 57.54 42.26 2.94
CA ILE M 110 57.53 41.79 4.32
C ILE M 110 58.83 42.18 5.05
N LEU M 111 59.97 42.05 4.37
CA LEU M 111 61.24 42.45 4.94
C LEU M 111 61.42 43.96 4.90
N CYS M 112 60.79 44.59 3.91
CA CYS M 112 60.82 46.05 3.81
C CYS M 112 60.07 46.66 4.99
N LYS M 113 58.86 46.17 5.24
CA LYS M 113 58.06 46.62 6.37
C LYS M 113 58.70 46.18 7.68
N THR M 114 59.45 45.08 7.64
CA THR M 114 60.20 44.64 8.80
C THR M 114 61.28 45.67 9.15
N ALA M 115 61.98 46.16 8.14
CA ALA M 115 63.02 47.16 8.33
C ALA M 115 62.42 48.49 8.79
N ILE M 116 61.34 48.90 8.13
CA ILE M 116 60.64 50.13 8.48
C ILE M 116 60.19 50.09 9.94
N GLY M 117 59.53 49.00 10.32
CA GLY M 117 59.07 48.82 11.68
C GLY M 117 60.22 48.82 12.67
N ALA M 118 61.29 48.11 12.33
CA ALA M 118 62.48 48.02 13.17
C ALA M 118 63.08 49.39 13.44
N LEU M 119 63.12 50.22 12.40
CA LEU M 119 63.64 51.58 12.54
C LEU M 119 62.65 52.49 13.27
N LYS M 120 61.38 52.09 13.25
CA LYS M 120 60.33 52.85 13.93
C LYS M 120 60.06 52.35 15.34
N LEU M 121 60.86 51.37 15.78
CA LEU M 121 60.65 50.76 17.10
C LEU M 121 61.29 51.58 18.21
N ASN M 122 61.87 52.73 17.84
CA ASN M 122 62.46 53.63 18.81
C ASN M 122 61.37 54.34 19.62
N ILE M 123 61.79 55.26 20.50
CA ILE M 123 60.86 55.96 21.38
C ILE M 123 59.91 56.87 20.60
N GLY M 124 60.22 57.10 19.33
CA GLY M 124 59.41 57.96 18.49
C GLY M 124 57.98 57.49 18.28
N ASP M 125 57.82 56.22 17.91
CA ASP M 125 56.50 55.66 17.66
C ASP M 125 56.37 54.26 18.24
N LEU M 126 55.19 53.94 18.77
CA LEU M 126 54.96 52.64 19.40
C LEU M 126 53.71 51.94 18.87
N GLN M 127 52.55 52.54 19.09
CA GLN M 127 51.26 51.94 18.74
C GLN M 127 51.15 51.58 17.26
N VAL M 128 51.37 52.57 16.40
CA VAL M 128 51.27 52.37 14.96
C VAL M 128 52.27 51.32 14.48
N THR M 129 53.44 51.30 15.13
CA THR M 129 54.46 50.31 14.82
C THR M 129 54.00 48.91 15.18
N LYS M 130 53.28 48.80 16.30
CA LYS M 130 52.72 47.52 16.71
C LYS M 130 51.63 47.09 15.72
N GLU M 131 50.90 48.08 15.20
CA GLU M 131 49.85 47.83 14.22
C GLU M 131 50.43 47.27 12.92
N THR M 132 51.47 47.93 12.41
CA THR M 132 52.09 47.48 11.17
C THR M 132 52.89 46.21 11.38
N ILE M 133 53.26 45.94 12.64
CA ILE M 133 53.88 44.66 13.00
C ILE M 133 52.85 43.55 12.88
N GLU M 134 51.66 43.81 13.41
CA GLU M 134 50.53 42.90 13.28
C GLU M 134 50.21 42.67 11.80
N ASP M 135 50.32 43.74 11.01
CA ASP M 135 50.15 43.64 9.57
C ASP M 135 51.19 42.70 8.96
N VAL M 136 52.45 42.88 9.37
CA VAL M 136 53.55 42.06 8.89
C VAL M 136 53.34 40.59 9.19
N GLU M 137 52.95 40.27 10.42
CA GLU M 137 52.70 38.88 10.78
C GLU M 137 51.42 38.36 10.16
N GLU M 138 50.57 39.27 9.69
CA GLU M 138 49.34 38.90 9.00
C GLU M 138 49.53 38.88 7.48
N MET M 139 50.75 39.16 7.02
CA MET M 139 51.02 39.25 5.59
C MET M 139 51.05 37.89 4.90
N LEU M 140 52.06 37.09 5.20
CA LEU M 140 52.26 35.83 4.47
C LEU M 140 52.08 34.59 5.35
N ASN M 141 50.98 33.88 5.09
CA ASN M 141 50.75 32.57 5.71
C ASN M 141 51.19 31.45 4.77
N ASN M 142 51.76 31.84 3.64
CA ASN M 142 52.09 30.91 2.56
C ASN M 142 53.34 30.08 2.82
N LEU M 143 53.78 29.38 1.78
CA LEU M 143 54.92 28.45 1.83
C LEU M 143 56.25 28.98 2.40
N PRO M 144 56.60 30.26 2.16
CA PRO M 144 57.93 30.64 2.70
C PRO M 144 57.99 30.66 4.23
N GLY M 145 58.06 29.47 4.82
CA GLY M 145 58.14 29.30 6.25
C GLY M 145 59.57 29.27 6.76
N VAL M 146 60.48 29.87 5.99
CA VAL M 146 61.91 29.89 6.30
C VAL M 146 62.18 30.41 7.73
N THR M 147 61.28 31.26 8.22
CA THR M 147 61.29 31.74 9.61
C THR M 147 62.46 32.68 9.89
N SER M 148 63.36 32.84 8.93
CA SER M 148 64.46 33.81 9.05
C SER M 148 63.89 35.22 9.14
N VAL M 149 62.95 35.51 8.26
CA VAL M 149 62.22 36.77 8.30
C VAL M 149 61.42 36.84 9.61
N HIS M 150 60.93 35.69 10.05
CA HIS M 150 60.19 35.62 11.31
C HIS M 150 61.14 35.64 12.50
N SER M 151 62.42 35.37 12.24
CA SER M 151 63.45 35.50 13.26
C SER M 151 63.80 36.98 13.46
N ARG M 152 63.87 37.71 12.34
CA ARG M 152 64.02 39.15 12.40
C ARG M 152 62.79 39.75 13.06
N PHE M 153 61.64 39.13 12.80
CA PHE M 153 60.39 39.51 13.44
C PHE M 153 60.46 39.20 14.94
N TYR M 154 61.24 38.18 15.30
CA TYR M 154 61.44 37.84 16.71
C TYR M 154 62.34 38.89 17.36
N ASP M 155 63.26 39.45 16.58
CA ASP M 155 64.07 40.56 17.07
C ASP M 155 63.18 41.78 17.28
N LEU M 156 62.23 41.97 16.37
CA LEU M 156 61.23 43.03 16.51
C LEU M 156 60.38 42.81 17.76
N SER M 157 60.11 41.56 18.07
CA SER M 157 59.32 41.21 19.25
C SER M 157 60.18 41.32 20.51
N SER M 158 61.50 41.35 20.33
CA SER M 158 62.41 41.59 21.44
C SER M 158 62.46 43.07 21.75
N LYS M 159 62.50 43.89 20.70
CA LYS M 159 62.44 45.33 20.84
C LYS M 159 61.06 45.73 21.39
N TYR M 160 60.07 44.91 21.10
CA TYR M 160 58.73 45.08 21.66
C TYR M 160 58.70 44.57 23.10
N TYR M 161 59.59 43.63 23.39
CA TYR M 161 59.72 43.08 24.74
C TYR M 161 60.41 44.09 25.65
N GLN M 162 61.15 45.01 25.05
CA GLN M 162 61.72 46.13 25.79
C GLN M 162 60.61 46.92 26.48
N THR M 163 59.44 46.93 25.85
CA THR M 163 58.25 47.52 26.45
C THR M 163 57.62 46.52 27.42
N ILE M 164 57.11 47.02 28.53
CA ILE M 164 56.55 46.17 29.58
C ILE M 164 55.09 45.83 29.29
N GLY M 165 54.59 46.30 28.14
CA GLY M 165 53.20 46.13 27.77
C GLY M 165 52.71 44.70 27.73
N ASN M 166 53.36 43.86 26.94
CA ASN M 166 52.96 42.46 26.83
C ASN M 166 54.13 41.50 27.02
N HIS M 167 54.10 40.75 28.12
CA HIS M 167 55.11 39.74 28.40
C HIS M 167 54.81 38.42 27.68
N ALA M 168 53.53 38.11 27.53
CA ALA M 168 53.09 36.82 27.03
C ALA M 168 53.45 36.58 25.57
N SER M 169 53.28 37.62 24.75
CA SER M 169 53.52 37.51 23.31
C SER M 169 54.96 37.13 22.99
N TYR M 170 55.90 37.73 23.72
CA TYR M 170 57.33 37.49 23.50
C TYR M 170 57.70 36.04 23.82
N TYR M 171 56.96 35.43 24.74
CA TYR M 171 57.19 34.03 25.11
C TYR M 171 56.62 33.11 24.03
N LYS M 172 55.44 33.45 23.53
CA LYS M 172 54.80 32.70 22.46
C LYS M 172 55.67 32.73 21.21
N ASP M 173 56.35 33.85 21.00
CA ASP M 173 57.30 33.96 19.89
C ASP M 173 58.63 33.32 20.26
N ALA M 174 58.87 33.17 21.56
CA ALA M 174 60.10 32.54 22.05
C ALA M 174 60.03 31.03 21.86
N LEU M 175 58.81 30.50 21.78
CA LEU M 175 58.62 29.10 21.44
C LEU M 175 59.04 28.88 19.99
N ARG M 176 58.65 29.81 19.13
CA ARG M 176 59.03 29.78 17.72
C ARG M 176 60.54 29.94 17.57
N PHE M 177 61.12 30.80 18.39
CA PHE M 177 62.57 30.99 18.40
C PHE M 177 63.27 29.74 18.92
N LEU M 178 62.57 29.00 19.77
CA LEU M 178 63.10 27.76 20.34
C LEU M 178 63.04 26.64 19.30
N GLY M 179 62.08 26.74 18.39
CA GLY M 179 61.89 25.71 17.39
C GLY M 179 62.59 26.00 16.07
N CYS M 180 63.00 27.24 15.86
CA CYS M 180 63.64 27.64 14.61
C CYS M 180 65.16 27.54 14.67
N VAL M 181 65.68 27.05 15.80
CA VAL M 181 67.12 26.93 15.99
C VAL M 181 67.74 25.99 14.96
N ASP M 182 68.83 26.44 14.35
CA ASP M 182 69.50 25.66 13.31
C ASP M 182 70.80 25.06 13.82
N ILE M 183 71.82 25.90 13.97
CA ILE M 183 73.13 25.42 14.41
C ILE M 183 73.77 26.37 15.43
N LYS M 184 74.96 26.01 15.89
CA LYS M 184 75.66 26.74 16.94
C LYS M 184 76.63 27.78 16.38
N ASP M 185 76.63 27.95 15.06
CA ASP M 185 77.58 28.84 14.38
C ASP M 185 77.62 30.26 14.95
N LEU M 186 76.48 30.75 15.40
CA LEU M 186 76.39 32.08 15.98
C LEU M 186 77.03 32.11 17.37
N PRO M 187 77.65 33.25 17.73
CA PRO M 187 78.37 33.44 19.00
C PRO M 187 77.58 33.01 20.24
N VAL M 188 78.24 32.30 21.14
CA VAL M 188 77.63 31.85 22.38
C VAL M 188 77.58 33.00 23.38
N SER M 189 78.54 33.92 23.27
CA SER M 189 78.61 35.09 24.14
C SER M 189 77.32 35.90 24.09
N GLU M 190 76.70 35.94 22.92
CA GLU M 190 75.39 36.59 22.77
C GLU M 190 74.29 35.68 23.31
N GLN M 191 74.46 34.38 23.13
CA GLN M 191 73.50 33.39 23.61
C GLN M 191 73.36 33.41 25.12
N GLN M 192 74.39 33.93 25.80
CA GLN M 192 74.34 34.09 27.26
C GLN M 192 73.21 35.06 27.65
N GLU M 193 73.28 36.27 27.11
CA GLU M 193 72.27 37.29 27.39
C GLU M 193 70.93 36.94 26.76
N ARG M 194 70.98 36.24 25.63
CA ARG M 194 69.76 35.78 24.97
C ARG M 194 68.98 34.82 25.87
N ALA M 195 69.67 33.79 26.36
CA ALA M 195 69.08 32.82 27.26
C ALA M 195 68.78 33.44 28.63
N PHE M 196 69.44 34.57 28.90
CA PHE M 196 69.22 35.30 30.15
C PHE M 196 67.86 35.98 30.11
N THR M 197 67.69 36.91 29.16
CA THR M 197 66.41 37.58 28.97
C THR M 197 65.30 36.59 28.60
N LEU M 198 65.69 35.43 28.07
CA LEU M 198 64.74 34.37 27.80
C LEU M 198 64.28 33.73 29.10
N GLY M 199 65.21 33.58 30.03
CA GLY M 199 64.89 33.06 31.35
C GLY M 199 64.01 34.02 32.12
N LEU M 200 64.30 35.31 31.98
CA LEU M 200 63.52 36.34 32.65
C LEU M 200 62.11 36.43 32.06
N ALA M 201 62.02 36.35 30.74
CA ALA M 201 60.73 36.41 30.06
C ALA M 201 59.89 35.17 30.37
N GLY M 202 60.56 34.03 30.48
CA GLY M 202 59.90 32.78 30.81
C GLY M 202 59.40 32.76 32.24
N LEU M 203 60.21 33.30 33.15
CA LEU M 203 59.85 33.37 34.56
C LEU M 203 58.72 34.36 34.80
N LEU M 204 58.80 35.51 34.14
CA LEU M 204 57.80 36.56 34.31
C LEU M 204 56.61 36.39 33.38
N GLY M 205 56.68 35.39 32.50
CA GLY M 205 55.61 35.12 31.57
C GLY M 205 54.34 34.68 32.26
N GLU M 206 53.24 35.39 32.01
CA GLU M 206 51.95 35.06 32.61
C GLU M 206 51.10 34.21 31.67
N GLY M 207 51.63 33.94 30.48
CA GLY M 207 50.93 33.14 29.49
C GLY M 207 51.31 31.68 29.58
N VAL M 208 52.05 31.32 30.62
CA VAL M 208 52.49 29.94 30.81
C VAL M 208 52.59 29.61 32.30
N PHE M 209 52.24 28.38 32.66
CA PHE M 209 52.28 27.95 34.05
C PHE M 209 53.55 27.15 34.35
N ASN M 210 53.71 26.00 33.69
CA ASN M 210 54.88 25.16 33.89
C ASN M 210 56.04 25.57 32.98
N PHE M 211 57.25 25.55 33.52
CA PHE M 211 58.44 25.95 32.78
C PHE M 211 59.13 24.76 32.13
N GLY M 212 58.53 23.58 32.27
CA GLY M 212 59.11 22.35 31.74
C GLY M 212 59.24 22.35 30.23
N GLU M 213 58.43 23.16 29.56
CA GLU M 213 58.47 23.26 28.11
C GLU M 213 59.76 23.90 27.62
N LEU M 214 60.25 24.88 28.39
CA LEU M 214 61.48 25.57 28.05
C LEU M 214 62.69 24.68 28.32
N LEU M 215 62.58 23.83 29.33
CA LEU M 215 63.67 22.94 29.70
C LEU M 215 63.60 21.64 28.89
N MET M 216 62.52 21.48 28.14
CA MET M 216 62.30 20.28 27.34
C MET M 216 63.34 20.14 26.22
N HIS M 217 63.57 21.23 25.49
CA HIS M 217 64.51 21.18 24.37
C HIS M 217 65.95 21.17 24.88
N PRO M 218 66.75 20.20 24.40
CA PRO M 218 68.12 19.96 24.86
C PRO M 218 69.11 21.08 24.54
N VAL M 219 68.82 21.90 23.53
CA VAL M 219 69.78 22.91 23.10
C VAL M 219 70.03 23.98 24.17
N LEU M 220 68.99 24.30 24.94
CA LEU M 220 69.11 25.33 25.97
C LEU M 220 69.95 24.85 27.14
N GLU M 221 69.67 23.65 27.61
CA GLU M 221 70.42 23.08 28.73
C GLU M 221 71.84 22.72 28.30
N SER M 222 72.03 22.50 27.01
CA SER M 222 73.36 22.23 26.48
C SER M 222 74.16 23.52 26.32
N LEU M 223 73.45 24.63 26.06
CA LEU M 223 74.11 25.92 25.91
C LEU M 223 74.26 26.65 27.24
N ARG M 224 73.61 26.15 28.28
CA ARG M 224 73.70 26.77 29.61
C ARG M 224 74.79 26.13 30.45
N ASN M 225 75.55 25.21 29.87
CA ASN M 225 76.64 24.53 30.58
C ASN M 225 77.74 25.50 31.01
N THR M 226 78.01 26.50 30.17
CA THR M 226 79.03 27.49 30.47
C THR M 226 78.53 28.47 31.52
N ASP M 227 77.27 28.88 31.40
CA ASP M 227 76.66 29.82 32.32
C ASP M 227 76.46 29.18 33.70
N ARG M 228 76.31 30.03 34.71
CA ARG M 228 76.12 29.57 36.09
C ARG M 228 74.85 28.72 36.19
N GLN M 229 74.87 27.74 37.10
CA GLN M 229 73.80 26.77 37.20
C GLN M 229 72.67 27.22 38.14
N TRP M 230 72.77 28.44 38.64
CA TRP M 230 71.75 28.96 39.56
C TRP M 230 70.39 29.07 38.88
N LEU M 231 70.39 29.34 37.57
CA LEU M 231 69.16 29.44 36.81
C LEU M 231 68.62 28.05 36.45
N ILE M 232 69.52 27.16 36.05
CA ILE M 232 69.15 25.80 35.70
C ILE M 232 68.58 25.07 36.91
N ASP M 233 69.13 25.37 38.08
CA ASP M 233 68.68 24.75 39.32
C ASP M 233 67.23 25.09 39.64
N THR M 234 66.89 26.38 39.57
CA THR M 234 65.55 26.83 39.91
C THR M 234 64.56 26.52 38.78
N LEU M 235 65.03 26.44 37.55
CA LEU M 235 64.19 26.06 36.43
C LEU M 235 63.81 24.59 36.52
N TYR M 236 64.80 23.76 36.88
CA TYR M 236 64.56 22.34 37.06
C TYR M 236 63.73 22.11 38.31
N ALA M 237 63.87 23.00 39.29
CA ALA M 237 63.08 22.95 40.50
C ALA M 237 61.62 23.27 40.20
N PHE M 238 61.41 24.21 39.27
CA PHE M 238 60.06 24.57 38.84
C PHE M 238 59.49 23.50 37.92
N ASN M 239 60.37 22.75 37.27
CA ASN M 239 59.95 21.67 36.38
C ASN M 239 59.51 20.42 37.15
N SER M 240 60.29 20.06 38.16
CA SER M 240 60.00 18.86 38.95
C SER M 240 59.14 19.17 40.17
N GLY M 241 58.83 20.44 40.36
CA GLY M 241 58.02 20.86 41.49
C GLY M 241 58.83 21.19 42.72
N ASN M 242 58.25 22.02 43.59
CA ASN M 242 58.94 22.44 44.80
C ASN M 242 58.27 21.92 46.07
N VAL M 243 58.95 21.02 46.77
CA VAL M 243 58.45 20.50 48.04
C VAL M 243 58.95 21.39 49.17
N GLU M 244 59.87 22.29 48.83
CA GLU M 244 60.40 23.26 49.80
C GLU M 244 60.26 24.69 49.27
N ARG M 245 59.96 25.62 50.16
CA ARG M 245 59.78 27.02 49.79
C ARG M 245 61.09 27.80 49.92
N PHE M 246 62.11 27.17 50.47
CA PHE M 246 63.39 27.83 50.73
C PHE M 246 64.08 28.28 49.44
N GLN M 247 64.25 27.34 48.52
CA GLN M 247 64.94 27.63 47.26
C GLN M 247 64.17 28.61 46.39
N THR M 248 62.86 28.46 46.32
CA THR M 248 62.04 29.35 45.51
C THR M 248 61.97 30.73 46.15
N LEU M 249 62.17 30.79 47.46
CA LEU M 249 62.28 32.07 48.14
C LEU M 249 63.62 32.72 47.81
N LYS M 250 64.66 31.88 47.70
CA LYS M 250 65.98 32.35 47.32
C LYS M 250 65.99 32.92 45.91
N THR M 251 65.25 32.28 45.01
CA THR M 251 65.16 32.77 43.64
C THR M 251 64.12 33.88 43.54
N ALA M 252 63.30 34.03 44.58
CA ALA M 252 62.36 35.14 44.66
C ALA M 252 63.09 36.41 45.06
N TRP M 253 64.08 36.28 45.94
CA TRP M 253 64.90 37.40 46.35
C TRP M 253 66.17 37.49 45.52
N GLY M 254 66.31 36.58 44.56
CA GLY M 254 67.47 36.55 43.69
C GLY M 254 67.54 37.75 42.76
N GLN M 255 66.44 38.03 42.07
CA GLN M 255 66.37 39.17 41.17
C GLN M 255 65.57 40.31 41.80
N GLN M 256 66.25 41.39 42.13
CA GLN M 256 65.62 42.52 42.82
C GLN M 256 64.57 43.27 41.98
N PRO M 257 64.93 43.73 40.76
CA PRO M 257 63.95 44.58 40.07
C PRO M 257 62.75 43.81 39.51
N ASP M 258 61.57 44.43 39.64
CA ASP M 258 60.34 43.97 38.98
C ASP M 258 59.82 42.61 39.46
N LEU M 259 60.61 41.89 40.24
CA LEU M 259 60.21 40.58 40.72
C LEU M 259 59.41 40.68 42.02
N ALA M 260 59.47 41.84 42.66
CA ALA M 260 58.83 42.05 43.95
C ALA M 260 57.31 42.15 43.82
N ALA M 261 56.86 42.96 42.86
CA ALA M 261 55.43 43.15 42.65
C ALA M 261 54.78 41.92 42.02
N ASN M 262 55.57 41.17 41.25
CA ASN M 262 55.07 39.97 40.58
C ASN M 262 55.32 38.70 41.37
N GLU M 263 55.96 38.83 42.53
CA GLU M 263 56.29 37.68 43.37
C GLU M 263 55.05 36.89 43.78
N ALA M 264 54.06 37.59 44.33
CA ALA M 264 52.83 36.96 44.79
C ALA M 264 52.07 36.32 43.63
N GLN M 265 52.13 36.95 42.46
CA GLN M 265 51.48 36.41 41.26
C GLN M 265 52.17 35.14 40.82
N LEU M 266 53.49 35.10 40.95
CA LEU M 266 54.25 33.89 40.65
C LEU M 266 53.93 32.79 41.65
N LEU M 267 53.67 33.18 42.89
CA LEU M 267 53.27 32.22 43.92
C LEU M 267 51.91 31.62 43.56
N ARG M 268 51.00 32.47 43.11
CA ARG M 268 49.67 32.02 42.68
C ARG M 268 49.76 31.20 41.41
N LYS M 269 50.85 31.37 40.66
CA LYS M 269 51.07 30.59 39.45
C LYS M 269 51.60 29.20 39.78
N ILE M 270 52.51 29.13 40.74
CA ILE M 270 53.16 27.87 41.09
C ILE M 270 52.41 27.10 42.17
N GLN M 271 51.35 27.70 42.71
CA GLN M 271 50.55 27.01 43.71
C GLN M 271 49.72 25.91 43.06
N LEU M 272 49.48 26.05 41.75
CA LEU M 272 48.74 25.04 41.00
C LEU M 272 49.64 23.89 40.58
N LEU M 273 50.94 24.14 40.60
CA LEU M 273 51.92 23.14 40.18
C LEU M 273 51.91 21.91 41.09
N CYS M 274 51.90 22.15 42.40
CA CYS M 274 51.86 21.06 43.36
C CYS M 274 50.53 20.30 43.23
N LEU M 275 49.49 21.02 42.86
CA LEU M 275 48.17 20.41 42.66
C LEU M 275 48.17 19.45 41.47
N MET M 276 48.61 19.95 40.32
CA MET M 276 48.61 19.13 39.11
C MET M 276 49.60 17.96 39.24
N GLU M 277 50.71 18.20 39.94
CA GLU M 277 51.70 17.14 40.14
C GLU M 277 51.18 16.07 41.10
N MET M 278 50.47 16.49 42.14
CA MET M 278 49.96 15.54 43.13
C MET M 278 48.76 14.77 42.58
N THR M 279 48.01 15.38 41.67
CA THR M 279 46.89 14.66 41.05
C THR M 279 47.37 13.81 39.88
N PHE M 280 48.56 14.12 39.35
CA PHE M 280 49.14 13.31 38.29
C PHE M 280 50.14 12.31 38.87
N THR M 281 50.28 12.30 40.18
CA THR M 281 51.22 11.41 40.85
C THR M 281 50.73 9.97 40.85
N ARG M 282 49.64 9.71 41.56
CA ARG M 282 49.08 8.37 41.64
C ARG M 282 47.86 8.21 40.72
N PRO M 283 48.03 7.45 39.62
CA PRO M 283 46.95 7.18 38.67
C PRO M 283 45.88 6.26 39.24
N ALA M 284 46.24 5.53 40.30
CA ALA M 284 45.34 4.56 40.90
C ALA M 284 45.55 4.50 42.41
N ASN M 285 44.97 3.49 43.05
CA ASN M 285 45.12 3.27 44.48
C ASN M 285 44.63 4.45 45.32
N HIS M 286 43.30 4.60 45.37
CA HIS M 286 42.65 5.64 46.17
C HIS M 286 43.06 7.05 45.76
N ARG M 287 42.59 7.46 44.59
CA ARG M 287 42.80 8.81 44.07
C ARG M 287 42.36 9.90 45.06
N GLN M 288 41.36 9.56 45.87
CA GLN M 288 40.79 10.48 46.85
C GLN M 288 41.85 11.04 47.80
N LEU M 289 41.84 12.36 47.98
CA LEU M 289 42.85 13.03 48.79
C LEU M 289 42.22 14.04 49.76
N THR M 290 43.06 14.80 50.45
CA THR M 290 42.62 15.82 51.39
C THR M 290 43.44 17.10 51.26
N PHE M 291 42.94 18.18 51.84
CA PHE M 291 43.64 19.47 51.79
C PHE M 291 44.87 19.52 52.68
N GLU M 292 45.08 18.48 53.47
CA GLU M 292 46.21 18.45 54.41
C GLU M 292 47.56 18.54 53.69
N GLU M 293 47.74 17.73 52.66
CA GLU M 293 48.98 17.72 51.88
C GLU M 293 49.19 19.06 51.17
N ILE M 294 48.10 19.62 50.66
CA ILE M 294 48.14 20.90 49.96
C ILE M 294 48.57 22.03 50.90
N ALA M 295 47.98 22.05 52.09
CA ALA M 295 48.28 23.08 53.07
C ALA M 295 49.68 22.89 53.67
N LYS M 296 50.15 21.64 53.67
CA LYS M 296 51.48 21.34 54.18
C LYS M 296 52.56 21.75 53.18
N SER M 297 52.29 21.52 51.90
CA SER M 297 53.25 21.84 50.85
C SER M 297 53.27 23.33 50.53
N ALA M 298 52.10 23.94 50.48
CA ALA M 298 51.98 25.35 50.12
C ALA M 298 52.04 26.26 51.34
N LYS M 299 52.26 25.66 52.51
CA LYS M 299 52.38 26.35 53.80
C LYS M 299 51.31 27.43 54.00
N ILE M 300 50.08 27.11 53.61
CA ILE M 300 48.97 28.04 53.73
C ILE M 300 47.91 27.49 54.67
N THR M 301 47.09 28.38 55.23
CA THR M 301 46.06 27.97 56.19
C THR M 301 44.89 27.27 55.50
N VAL M 302 43.91 26.85 56.30
CA VAL M 302 42.76 26.13 55.78
C VAL M 302 41.70 27.10 55.26
N ASN M 303 41.86 28.37 55.60
CA ASN M 303 40.92 29.40 55.18
C ASN M 303 41.12 29.85 53.74
N GLU M 304 42.37 29.78 53.26
CA GLU M 304 42.70 30.29 51.93
C GLU M 304 42.69 29.23 50.84
N VAL M 305 42.43 27.98 51.21
CA VAL M 305 42.43 26.90 50.23
C VAL M 305 41.18 26.96 49.35
N GLU M 306 40.12 27.55 49.88
CA GLU M 306 38.88 27.72 49.12
C GLU M 306 39.09 28.73 48.00
N LEU M 307 39.77 29.83 48.33
CA LEU M 307 40.10 30.84 47.34
C LEU M 307 41.17 30.31 46.39
N LEU M 308 42.00 29.40 46.90
CA LEU M 308 43.05 28.78 46.10
C LEU M 308 42.44 27.92 45.00
N VAL M 309 41.51 27.03 45.39
CA VAL M 309 40.85 26.17 44.41
C VAL M 309 39.86 26.98 43.58
N MET M 310 39.42 28.12 44.11
CA MET M 310 38.57 29.03 43.35
C MET M 310 39.36 29.64 42.20
N LYS M 311 40.61 29.99 42.47
CA LYS M 311 41.52 30.49 41.44
C LYS M 311 41.88 29.38 40.48
N ALA M 312 42.04 28.17 41.01
CA ALA M 312 42.35 27.00 40.20
C ALA M 312 41.23 26.75 39.19
N LEU M 313 39.99 26.92 39.63
CA LEU M 313 38.84 26.76 38.74
C LEU M 313 38.65 28.00 37.87
N SER M 314 39.26 29.11 38.30
CA SER M 314 39.17 30.36 37.54
C SER M 314 40.09 30.32 36.32
N VAL M 315 41.23 29.66 36.46
CA VAL M 315 42.16 29.52 35.35
C VAL M 315 41.57 28.60 34.28
N GLY M 316 41.05 27.47 34.71
CA GLY M 316 40.40 26.53 33.80
C GLY M 316 41.26 25.35 33.40
N LEU M 317 42.39 25.17 34.09
CA LEU M 317 43.27 24.04 33.80
C LEU M 317 42.81 22.77 34.52
N VAL M 318 41.89 22.93 35.47
CA VAL M 318 41.37 21.80 36.23
C VAL M 318 39.85 21.83 36.30
N LYS M 319 39.23 20.70 35.99
CA LYS M 319 37.78 20.58 35.99
C LYS M 319 37.26 20.03 37.31
N GLY M 320 38.17 19.86 38.28
CA GLY M 320 37.86 19.24 39.55
C GLY M 320 36.73 19.91 40.34
N SER M 321 35.72 19.10 40.67
CA SER M 321 34.61 19.54 41.50
C SER M 321 34.30 18.49 42.55
N ILE M 322 34.41 18.87 43.82
CA ILE M 322 34.26 17.91 44.91
C ILE M 322 32.83 17.95 45.48
N ASP M 323 32.18 16.80 45.46
CA ASP M 323 30.79 16.66 45.91
C ASP M 323 30.73 16.33 47.40
N GLU M 324 31.89 16.34 48.04
CA GLU M 324 32.04 15.90 49.43
C GLU M 324 31.16 16.65 50.42
N VAL M 325 30.77 15.96 51.49
CA VAL M 325 30.08 16.57 52.61
C VAL M 325 31.07 16.71 53.77
N ASP M 326 31.52 15.57 54.30
CA ASP M 326 32.60 15.54 55.26
C ASP M 326 33.90 15.93 54.54
N LYS M 327 34.90 16.37 55.29
CA LYS M 327 36.13 16.90 54.69
C LYS M 327 36.79 15.90 53.74
N ARG M 328 36.95 16.33 52.49
CA ARG M 328 37.53 15.47 51.45
C ARG M 328 38.01 16.29 50.26
N VAL M 329 38.86 15.71 49.42
CA VAL M 329 39.30 16.35 48.18
C VAL M 329 39.24 15.37 47.01
N HIS M 330 38.44 15.71 46.00
CA HIS M 330 38.33 14.90 44.80
C HIS M 330 39.10 15.53 43.64
N MET M 331 39.72 14.68 42.82
CA MET M 331 40.56 15.16 41.72
C MET M 331 40.06 14.65 40.37
N THR M 332 40.52 15.28 39.29
CA THR M 332 40.04 14.98 37.94
C THR M 332 41.14 15.06 36.91
N TRP M 333 40.74 15.05 35.64
CA TRP M 333 41.64 15.09 34.49
C TRP M 333 42.67 16.20 34.57
N VAL M 334 43.93 15.87 34.26
CA VAL M 334 45.02 16.82 34.28
C VAL M 334 46.01 16.51 33.15
N GLN M 335 46.72 17.52 32.68
CA GLN M 335 47.65 17.37 31.56
C GLN M 335 49.06 17.01 32.02
N PRO M 336 49.64 15.96 31.43
CA PRO M 336 51.01 15.51 31.70
C PRO M 336 52.06 16.54 31.28
N ARG M 337 51.76 17.25 30.19
CA ARG M 337 52.65 18.27 29.65
C ARG M 337 54.06 17.75 29.33
N VAL M 338 55.07 18.28 30.01
CA VAL M 338 56.47 18.04 29.66
C VAL M 338 56.84 16.55 29.62
N LEU M 339 56.91 15.89 30.78
CA LEU M 339 57.27 14.47 30.86
C LEU M 339 57.26 13.97 32.31
N ASP M 340 57.11 12.64 32.46
CA ASP M 340 57.33 11.96 33.73
C ASP M 340 57.86 10.56 33.45
N LEU M 341 58.88 10.13 34.20
CA LEU M 341 59.46 8.81 33.99
C LEU M 341 58.63 7.70 34.63
N GLN M 342 58.17 7.93 35.85
CA GLN M 342 57.38 6.95 36.58
C GLN M 342 56.02 6.76 35.94
N GLN M 343 55.55 7.80 35.26
CA GLN M 343 54.28 7.73 34.54
C GLN M 343 54.46 7.05 33.19
N ILE M 344 55.71 7.00 32.71
CA ILE M 344 56.02 6.23 31.51
C ILE M 344 56.08 4.75 31.86
N LYS M 345 56.77 4.45 32.97
CA LYS M 345 56.83 3.08 33.46
C LYS M 345 55.42 2.57 33.78
N GLY M 346 54.64 3.43 34.44
CA GLY M 346 53.25 3.10 34.75
C GLY M 346 52.41 3.00 33.49
N MET M 347 52.78 3.77 32.46
CA MET M 347 52.08 3.72 31.19
C MET M 347 52.26 2.36 30.54
N LYS M 348 53.51 1.94 30.36
CA LYS M 348 53.82 0.66 29.76
C LYS M 348 53.29 -0.49 30.61
N ASP M 349 53.22 -0.27 31.92
CA ASP M 349 52.77 -1.29 32.84
C ASP M 349 51.26 -1.49 32.69
N ARG M 350 50.50 -0.45 32.98
CA ARG M 350 49.05 -0.48 32.84
C ARG M 350 48.62 -0.89 31.43
N LEU M 351 49.40 -0.49 30.43
CA LEU M 351 49.09 -0.85 29.04
C LEU M 351 49.32 -2.33 28.78
N GLU M 352 50.43 -2.86 29.29
CA GLU M 352 50.72 -4.28 29.14
C GLU M 352 49.68 -5.13 29.86
N PHE M 353 49.29 -4.69 31.05
CA PHE M 353 48.30 -5.37 31.87
C PHE M 353 46.94 -5.36 31.20
N TRP M 354 46.53 -4.19 30.71
CA TRP M 354 45.27 -4.03 30.00
C TRP M 354 45.25 -4.91 28.76
N CYS M 355 46.37 -4.92 28.04
CA CYS M 355 46.49 -5.69 26.80
C CYS M 355 46.39 -7.19 27.04
N THR M 356 47.13 -7.68 28.02
CA THR M 356 47.12 -9.12 28.32
C THR M 356 45.79 -9.55 28.93
N ASP M 357 45.10 -8.60 29.58
CA ASP M 357 43.78 -8.89 30.13
C ASP M 357 42.74 -9.00 29.02
N VAL M 358 42.75 -8.04 28.10
CA VAL M 358 41.85 -8.06 26.95
C VAL M 358 42.10 -9.30 26.11
N LYS M 359 43.38 -9.63 25.92
CA LYS M 359 43.76 -10.82 25.18
C LYS M 359 43.29 -12.10 25.87
N SER M 360 43.50 -12.17 27.18
CA SER M 360 43.09 -13.34 27.96
C SER M 360 41.59 -13.54 27.90
N MET M 361 40.82 -12.47 28.09
CA MET M 361 39.37 -12.54 28.04
C MET M 361 38.88 -12.92 26.65
N GLU M 362 39.51 -12.34 25.63
CA GLU M 362 39.15 -12.61 24.24
C GLU M 362 39.34 -14.08 23.91
N MET M 363 40.52 -14.61 24.22
CA MET M 363 40.83 -16.01 23.96
C MET M 363 39.92 -16.94 24.76
N LEU M 364 39.69 -16.57 26.03
CA LEU M 364 38.85 -17.38 26.91
C LEU M 364 37.43 -17.49 26.38
N VAL M 365 36.83 -16.36 26.03
CA VAL M 365 35.47 -16.35 25.50
C VAL M 365 35.40 -17.07 24.14
N GLU M 366 36.26 -16.64 23.22
CA GLU M 366 36.26 -17.17 21.86
C GLU M 366 36.55 -18.67 21.82
N HIS M 367 37.20 -19.17 22.87
CA HIS M 367 37.53 -20.59 22.95
C HIS M 367 36.27 -21.47 22.83
N GLN M 368 35.31 -21.25 23.72
CA GLN M 368 34.04 -21.97 23.64
C GLN M 368 33.09 -21.35 22.62
N ALA M 369 33.20 -20.03 22.43
CA ALA M 369 32.29 -19.31 21.54
C ALA M 369 32.41 -19.78 20.10
N HIS M 370 33.64 -20.06 19.66
CA HIS M 370 33.85 -20.52 18.29
C HIS M 370 33.33 -21.94 18.08
N ASP M 371 33.41 -22.76 19.12
CA ASP M 371 33.00 -24.15 19.04
C ASP M 371 31.49 -24.33 19.11
N ILE M 372 30.85 -23.66 20.06
CA ILE M 372 29.43 -23.88 20.33
C ILE M 372 28.51 -22.98 19.51
N LEU M 373 29.10 -22.01 18.81
CA LEU M 373 28.31 -21.06 18.03
C LEU M 373 28.80 -20.98 16.58
N THR M 374 30.02 -20.49 16.41
CA THR M 374 30.65 -20.29 15.10
C THR M 374 29.85 -19.34 14.20
N MET N 1 62.60 8.50 -41.76
CA MET N 1 63.58 9.45 -41.26
C MET N 1 64.26 8.92 -40.00
N VAL N 2 64.68 9.83 -39.13
CA VAL N 2 65.35 9.47 -37.89
C VAL N 2 64.38 9.51 -36.71
N LEU N 3 64.29 8.40 -35.98
CA LEU N 3 63.39 8.32 -34.83
C LEU N 3 64.16 8.47 -33.52
N GLU N 4 63.94 9.58 -32.83
CA GLU N 4 64.61 9.85 -31.56
C GLU N 4 63.82 10.84 -30.72
N SER N 5 64.10 10.85 -29.42
CA SER N 5 63.45 11.77 -28.49
C SER N 5 64.39 12.89 -28.09
N THR N 6 63.84 14.09 -27.89
CA THR N 6 64.65 15.25 -27.54
C THR N 6 64.27 15.81 -26.18
N MET N 7 65.26 15.89 -25.28
CA MET N 7 65.04 16.45 -23.96
C MET N 7 65.96 17.64 -23.73
N VAL N 8 65.37 18.82 -23.55
CA VAL N 8 66.14 20.04 -23.37
C VAL N 8 65.95 20.62 -21.96
N CYS N 9 67.07 20.94 -21.31
CA CYS N 9 67.04 21.52 -19.97
C CYS N 9 67.51 22.96 -20.01
N VAL N 10 66.69 23.87 -19.45
CA VAL N 10 67.02 25.29 -19.45
C VAL N 10 67.42 25.77 -18.06
N ASP N 11 68.31 26.75 -18.01
CA ASP N 11 68.77 27.31 -16.75
C ASP N 11 67.89 28.48 -16.32
N ASN N 12 67.23 28.33 -15.18
CA ASN N 12 66.31 29.33 -14.68
C ASN N 12 66.96 30.31 -13.70
N SER N 13 68.27 30.16 -13.49
CA SER N 13 68.98 30.99 -12.52
C SER N 13 69.14 32.43 -13.02
N GLU N 14 69.76 33.27 -12.19
CA GLU N 14 69.93 34.67 -12.52
C GLU N 14 71.30 34.93 -13.16
N TYR N 15 72.08 33.86 -13.33
CA TYR N 15 73.40 33.98 -13.92
C TYR N 15 73.34 34.19 -15.42
N MET N 16 72.17 33.96 -15.99
CA MET N 16 71.96 34.12 -17.43
C MET N 16 71.65 35.58 -17.78
N ARG N 17 71.28 36.36 -16.76
CA ARG N 17 70.88 37.75 -16.96
C ARG N 17 72.03 38.74 -16.75
N ASN N 18 73.23 38.21 -16.54
CA ASN N 18 74.40 39.03 -16.25
C ASN N 18 74.73 40.02 -17.36
N GLY N 19 75.33 41.15 -16.98
CA GLY N 19 75.56 42.25 -17.91
C GLY N 19 76.82 42.17 -18.75
N ASP N 20 77.72 41.24 -18.41
CA ASP N 20 78.94 41.04 -19.17
C ASP N 20 78.64 40.33 -20.48
N PHE N 21 78.10 39.12 -20.37
CA PHE N 21 77.70 38.33 -21.54
C PHE N 21 76.36 38.82 -22.05
N LEU N 22 75.75 38.04 -22.94
CA LEU N 22 74.50 38.40 -23.61
C LEU N 22 73.41 38.85 -22.62
N PRO N 23 72.60 39.82 -23.04
CA PRO N 23 71.53 40.43 -22.23
C PRO N 23 70.35 39.49 -22.02
N THR N 24 70.46 38.64 -21.00
CA THR N 24 69.48 37.59 -20.73
C THR N 24 69.42 36.63 -21.92
N ARG N 25 70.49 35.85 -22.06
CA ARG N 25 70.65 34.92 -23.18
C ARG N 25 69.61 33.80 -23.17
N LEU N 26 68.81 33.74 -22.11
CA LEU N 26 67.72 32.77 -22.00
C LEU N 26 66.81 32.82 -23.23
N GLN N 27 66.55 34.03 -23.71
CA GLN N 27 65.72 34.22 -24.90
C GLN N 27 66.45 33.76 -26.16
N ALA N 28 67.77 33.93 -26.17
CA ALA N 28 68.59 33.51 -27.30
C ALA N 28 68.61 32.00 -27.44
N GLN N 29 68.87 31.31 -26.34
CA GLN N 29 68.86 29.85 -26.34
C GLN N 29 67.44 29.33 -26.50
N GLN N 30 66.47 30.15 -26.13
CA GLN N 30 65.07 29.85 -26.40
C GLN N 30 64.84 29.81 -27.90
N ASP N 31 65.37 30.82 -28.59
CA ASP N 31 65.29 30.87 -30.05
C ASP N 31 66.07 29.72 -30.68
N ALA N 32 67.13 29.29 -30.00
CA ALA N 32 67.90 28.13 -30.44
C ALA N 32 67.05 26.88 -30.38
N VAL N 33 66.35 26.71 -29.25
CA VAL N 33 65.41 25.60 -29.09
C VAL N 33 64.35 25.66 -30.18
N ASN N 34 63.89 26.87 -30.49
CA ASN N 34 62.90 27.07 -31.53
C ASN N 34 63.38 26.63 -32.91
N ILE N 35 64.58 27.06 -33.28
CA ILE N 35 65.09 26.74 -34.62
C ILE N 35 65.50 25.28 -34.75
N VAL N 36 65.96 24.67 -33.66
CA VAL N 36 66.35 23.26 -33.73
C VAL N 36 65.12 22.35 -33.68
N CYS N 37 64.07 22.78 -32.99
CA CYS N 37 62.85 21.99 -32.93
C CYS N 37 62.06 22.15 -34.22
N HIS N 38 62.19 23.31 -34.85
CA HIS N 38 61.61 23.52 -36.17
C HIS N 38 62.41 22.76 -37.22
N SER N 39 63.71 22.64 -37.00
CA SER N 39 64.56 21.84 -37.88
C SER N 39 64.20 20.36 -37.79
N LYS N 40 64.04 19.88 -36.56
CA LYS N 40 63.60 18.50 -36.34
C LYS N 40 62.20 18.28 -36.88
N THR N 41 61.38 19.34 -36.85
CA THR N 41 60.03 19.30 -37.39
C THR N 41 60.09 19.13 -38.91
N ARG N 42 61.00 19.85 -39.54
CA ARG N 42 61.18 19.76 -40.99
C ARG N 42 61.73 18.39 -41.38
N SER N 43 62.62 17.84 -40.56
CA SER N 43 63.19 16.53 -40.83
C SER N 43 62.21 15.41 -40.46
N ASN N 44 61.97 15.25 -39.16
CA ASN N 44 61.05 14.23 -38.67
C ASN N 44 60.07 14.81 -37.66
N PRO N 45 58.91 15.29 -38.14
CA PRO N 45 57.88 15.95 -37.33
C PRO N 45 57.29 15.06 -36.23
N GLU N 46 57.52 13.76 -36.32
CA GLU N 46 56.93 12.82 -35.37
C GLU N 46 57.70 12.74 -34.06
N ASN N 47 58.80 13.49 -33.97
CA ASN N 47 59.60 13.52 -32.75
C ASN N 47 58.96 14.41 -31.68
N ASN N 48 59.09 14.00 -30.43
CA ASN N 48 58.53 14.75 -29.31
C ASN N 48 59.62 15.42 -28.47
N VAL N 49 59.30 16.59 -27.92
CA VAL N 49 60.26 17.37 -27.13
C VAL N 49 59.71 17.72 -25.76
N GLY N 50 60.40 17.27 -24.71
CA GLY N 50 60.02 17.58 -23.35
C GLY N 50 60.78 18.78 -22.80
N LEU N 51 60.27 19.36 -21.72
CA LEU N 51 60.90 20.53 -21.12
C LEU N 51 60.90 20.48 -19.59
N ILE N 52 62.07 20.69 -19.00
CA ILE N 52 62.21 20.71 -17.55
C ILE N 52 63.45 21.53 -17.18
N THR N 53 63.52 21.99 -15.93
CA THR N 53 64.64 22.83 -15.51
C THR N 53 65.65 22.07 -14.67
N LEU N 54 66.74 22.75 -14.31
CA LEU N 54 67.82 22.15 -13.53
C LEU N 54 67.71 22.44 -12.04
N ALA N 55 66.63 23.11 -11.63
CA ALA N 55 66.49 23.58 -10.26
C ALA N 55 66.27 22.44 -9.27
N ASN N 56 66.13 22.79 -7.99
CA ASN N 56 65.97 21.82 -6.92
C ASN N 56 64.70 20.99 -7.08
N ASP N 57 63.56 21.67 -7.23
CA ASP N 57 62.29 20.99 -7.44
C ASP N 57 62.04 20.82 -8.93
N CYS N 58 62.01 19.58 -9.38
CA CYS N 58 61.80 19.29 -10.79
C CYS N 58 60.34 19.39 -11.17
N GLU N 59 60.03 20.30 -12.10
CA GLU N 59 58.66 20.50 -12.55
C GLU N 59 58.60 20.53 -14.07
N VAL N 60 57.89 19.57 -14.65
CA VAL N 60 57.75 19.51 -16.10
C VAL N 60 56.72 20.52 -16.58
N LEU N 61 57.14 21.42 -17.46
CA LEU N 61 56.24 22.43 -18.01
C LEU N 61 55.36 21.83 -19.09
N THR N 62 55.97 21.04 -19.97
CA THR N 62 55.25 20.38 -21.05
C THR N 62 55.74 18.95 -21.26
N THR N 63 54.80 18.01 -21.29
CA THR N 63 55.12 16.62 -21.58
C THR N 63 55.56 16.50 -23.03
N LEU N 64 56.32 15.46 -23.35
CA LEU N 64 56.83 15.27 -24.71
C LEU N 64 55.69 15.17 -25.72
N THR N 65 55.72 16.04 -26.73
CA THR N 65 54.69 16.07 -27.75
C THR N 65 55.26 16.48 -29.10
N PRO N 66 54.70 15.94 -30.19
CA PRO N 66 55.15 16.32 -31.54
C PRO N 66 54.76 17.76 -31.90
N ASP N 67 53.76 18.30 -31.23
CA ASP N 67 53.29 19.65 -31.49
C ASP N 67 53.95 20.64 -30.53
N THR N 68 54.74 21.56 -31.07
CA THR N 68 55.45 22.54 -30.25
C THR N 68 54.62 23.82 -30.08
N GLY N 69 53.40 23.80 -30.62
CA GLY N 69 52.52 24.95 -30.57
C GLY N 69 52.28 25.50 -29.19
N ARG N 70 51.88 24.64 -28.26
CA ARG N 70 51.65 25.05 -26.89
C ARG N 70 52.96 25.14 -26.12
N ILE N 71 53.99 24.46 -26.62
CA ILE N 71 55.31 24.49 -26.01
C ILE N 71 55.88 25.91 -26.09
N LEU N 72 55.71 26.55 -27.24
CA LEU N 72 56.16 27.91 -27.44
C LEU N 72 55.52 28.86 -26.43
N SER N 73 54.28 28.56 -26.04
CA SER N 73 53.58 29.35 -25.04
C SER N 73 54.06 28.99 -23.64
N LYS N 74 54.51 27.75 -23.47
CA LYS N 74 55.00 27.28 -22.18
C LYS N 74 56.48 27.61 -21.98
N LEU N 75 57.08 28.26 -22.97
CA LEU N 75 58.48 28.67 -22.87
C LEU N 75 58.65 29.86 -21.94
N HIS N 76 57.54 30.53 -21.63
CA HIS N 76 57.57 31.69 -20.75
C HIS N 76 57.55 31.25 -19.29
N THR N 77 57.37 32.22 -18.38
CA THR N 77 57.32 32.02 -16.93
C THR N 77 58.34 30.99 -16.43
N VAL N 78 59.62 31.35 -16.55
CA VAL N 78 60.71 30.45 -16.19
C VAL N 78 60.83 30.27 -14.68
N GLN N 79 60.16 31.14 -13.93
CA GLN N 79 60.21 31.11 -12.46
C GLN N 79 61.64 31.13 -11.94
N PRO N 80 62.29 32.31 -12.02
CA PRO N 80 63.72 32.45 -11.69
C PRO N 80 64.03 32.24 -10.21
N LYS N 81 63.98 30.99 -9.77
CA LYS N 81 64.35 30.66 -8.39
C LYS N 81 65.38 29.52 -8.38
N GLY N 82 65.84 29.16 -7.18
CA GLY N 82 66.82 28.11 -7.03
C GLY N 82 68.18 28.49 -7.61
N LYS N 83 69.13 27.56 -7.56
CA LYS N 83 70.45 27.80 -8.14
C LYS N 83 70.79 26.75 -9.19
N ILE N 84 71.15 25.57 -8.74
CA ILE N 84 71.47 24.46 -9.66
C ILE N 84 71.26 23.11 -8.98
N THR N 85 70.97 22.09 -9.77
CA THR N 85 70.92 20.71 -9.29
C THR N 85 71.31 19.77 -10.44
N PHE N 86 72.00 18.69 -10.11
CA PHE N 86 72.57 17.81 -11.13
C PHE N 86 71.98 16.41 -11.11
N CYS N 87 72.19 15.69 -10.01
CA CYS N 87 71.83 14.28 -9.90
C CYS N 87 70.36 14.00 -10.20
N THR N 88 69.47 14.65 -9.45
CA THR N 88 68.04 14.42 -9.63
C THR N 88 67.56 15.04 -10.94
N GLY N 89 68.34 15.99 -11.46
CA GLY N 89 68.05 16.58 -12.76
C GLY N 89 68.28 15.57 -13.86
N ILE N 90 69.25 14.69 -13.64
CA ILE N 90 69.50 13.58 -14.56
C ILE N 90 68.46 12.48 -14.36
N ARG N 91 68.19 12.17 -13.11
CA ARG N 91 67.28 11.08 -12.76
C ARG N 91 65.82 11.40 -13.09
N VAL N 92 65.52 12.68 -13.32
CA VAL N 92 64.16 13.08 -13.65
C VAL N 92 63.95 13.05 -15.17
N ALA N 93 65.02 12.80 -15.89
CA ALA N 93 64.97 12.76 -17.36
C ALA N 93 65.28 11.36 -17.89
N HIS N 94 66.49 10.90 -17.65
CA HIS N 94 66.95 9.62 -18.17
C HIS N 94 66.09 8.45 -17.69
N LEU N 95 65.58 8.54 -16.47
CA LEU N 95 64.69 7.52 -15.93
C LEU N 95 63.27 7.74 -16.45
N ALA N 96 62.99 8.96 -16.90
CA ALA N 96 61.67 9.30 -17.42
C ALA N 96 61.60 9.09 -18.93
N LEU N 97 62.70 8.59 -19.50
CA LEU N 97 62.73 8.29 -20.93
C LEU N 97 61.85 7.10 -21.30
N LYS N 98 61.43 6.34 -20.29
CA LYS N 98 60.60 5.17 -20.50
C LYS N 98 59.13 5.52 -20.65
N HIS N 99 58.81 6.80 -20.44
CA HIS N 99 57.42 7.27 -20.53
C HIS N 99 57.09 7.76 -21.93
N ARG N 100 58.03 7.65 -22.86
CA ARG N 100 57.82 8.07 -24.23
C ARG N 100 56.81 7.17 -24.94
N GLN N 101 56.19 7.69 -25.99
CA GLN N 101 55.20 6.93 -26.74
C GLN N 101 55.85 5.89 -27.62
N GLY N 102 56.57 6.34 -28.65
CA GLY N 102 57.26 5.44 -29.55
C GLY N 102 58.43 4.73 -28.89
N LYS N 103 58.46 3.41 -29.00
CA LYS N 103 59.52 2.62 -28.40
C LYS N 103 60.69 2.44 -29.37
N ASN N 104 60.49 2.86 -30.62
CA ASN N 104 61.52 2.74 -31.63
C ASN N 104 62.42 3.98 -31.69
N HIS N 105 62.04 5.01 -30.94
CA HIS N 105 62.79 6.25 -30.91
C HIS N 105 64.02 6.15 -30.02
N LYS N 106 65.15 6.67 -30.49
CA LYS N 106 66.39 6.65 -29.74
C LYS N 106 66.35 7.65 -28.59
N MET N 107 67.20 7.43 -27.59
CA MET N 107 67.24 8.29 -26.41
C MET N 107 68.32 9.37 -26.52
N ARG N 108 67.89 10.62 -26.58
CA ARG N 108 68.81 11.76 -26.69
C ARG N 108 68.45 12.86 -25.70
N ILE N 109 69.38 13.21 -24.83
CA ILE N 109 69.16 14.25 -23.84
C ILE N 109 70.30 15.27 -23.84
N ILE N 110 69.97 16.54 -23.92
CA ILE N 110 70.97 17.61 -23.82
C ILE N 110 70.75 18.43 -22.56
N ALA N 111 71.64 19.39 -22.31
CA ALA N 111 71.52 20.24 -21.14
C ALA N 111 72.17 21.60 -21.34
N PHE N 112 71.61 22.62 -20.71
CA PHE N 112 72.20 23.95 -20.69
C PHE N 112 72.62 24.31 -19.27
N VAL N 113 73.93 24.37 -19.04
CA VAL N 113 74.45 24.61 -17.69
C VAL N 113 75.12 25.98 -17.58
N GLY N 114 74.49 26.88 -16.83
CA GLY N 114 75.02 28.21 -16.63
C GLY N 114 75.57 28.43 -15.23
N SER N 115 75.66 27.36 -14.45
CA SER N 115 76.11 27.46 -13.06
C SER N 115 77.15 26.40 -12.74
N PRO N 116 78.12 26.73 -11.87
CA PRO N 116 79.14 25.78 -11.43
C PRO N 116 78.55 24.55 -10.74
N VAL N 117 79.16 23.39 -10.97
CA VAL N 117 78.67 22.14 -10.40
C VAL N 117 79.04 22.02 -8.91
N GLU N 118 78.03 21.77 -8.08
CA GLU N 118 78.25 21.66 -6.64
C GLU N 118 78.61 20.24 -6.23
N ASP N 119 78.44 19.29 -7.15
CA ASP N 119 78.73 17.89 -6.87
C ASP N 119 80.20 17.56 -7.13
N ASN N 120 80.76 16.69 -6.29
CA ASN N 120 82.15 16.28 -6.43
C ASN N 120 82.37 15.34 -7.60
N GLU N 121 83.62 14.91 -7.78
CA GLU N 121 83.99 14.03 -8.89
C GLU N 121 83.35 12.65 -8.76
N LYS N 122 83.10 12.24 -7.52
CA LYS N 122 82.52 10.93 -7.25
C LYS N 122 81.14 10.78 -7.88
N ASP N 123 80.24 11.70 -7.56
CA ASP N 123 78.88 11.69 -8.12
C ASP N 123 78.91 11.81 -9.64
N LEU N 124 79.87 12.58 -10.15
CA LEU N 124 80.02 12.77 -11.58
C LEU N 124 80.38 11.47 -12.29
N VAL N 125 81.41 10.79 -11.80
CA VAL N 125 81.87 9.56 -12.45
C VAL N 125 80.87 8.42 -12.21
N LYS N 126 80.14 8.48 -11.11
CA LYS N 126 79.11 7.47 -10.82
C LYS N 126 77.93 7.61 -11.77
N LEU N 127 77.42 8.83 -11.90
CA LEU N 127 76.30 9.11 -12.80
C LEU N 127 76.71 8.88 -14.25
N ALA N 128 77.96 9.20 -14.57
CA ALA N 128 78.49 8.94 -15.91
C ALA N 128 78.56 7.45 -16.17
N LYS N 129 78.92 6.69 -15.15
CA LYS N 129 78.97 5.24 -15.24
C LYS N 129 77.56 4.68 -15.44
N ARG N 130 76.57 5.33 -14.83
CA ARG N 130 75.19 4.92 -14.97
C ARG N 130 74.67 5.18 -16.39
N LEU N 131 74.93 6.38 -16.89
CA LEU N 131 74.51 6.75 -18.24
C LEU N 131 75.22 5.90 -19.29
N LYS N 132 76.46 5.52 -18.99
CA LYS N 132 77.21 4.64 -19.87
C LYS N 132 76.67 3.22 -19.80
N LYS N 133 76.14 2.86 -18.64
CA LYS N 133 75.58 1.54 -18.42
C LYS N 133 74.26 1.37 -19.19
N GLU N 134 73.38 2.37 -19.08
CA GLU N 134 72.10 2.31 -19.76
C GLU N 134 72.21 2.81 -21.21
N LYS N 135 73.39 3.31 -21.56
CA LYS N 135 73.69 3.73 -22.93
C LYS N 135 72.72 4.79 -23.46
N VAL N 136 72.79 5.99 -22.91
CA VAL N 136 71.96 7.10 -23.38
C VAL N 136 72.83 8.25 -23.88
N ASN N 137 72.50 8.75 -25.07
CA ASN N 137 73.25 9.85 -25.67
C ASN N 137 73.12 11.14 -24.86
N VAL N 138 74.26 11.73 -24.51
CA VAL N 138 74.28 12.95 -23.71
C VAL N 138 75.17 14.02 -24.35
N ASP N 139 74.61 15.20 -24.55
CA ASP N 139 75.36 16.32 -25.10
C ASP N 139 75.50 17.43 -24.06
N ILE N 140 76.73 17.67 -23.63
CA ILE N 140 76.99 18.68 -22.60
C ILE N 140 77.26 20.06 -23.20
N ILE N 141 76.40 21.01 -22.87
CA ILE N 141 76.55 22.39 -23.33
C ILE N 141 76.58 23.35 -22.15
N ASN N 142 77.62 24.16 -22.07
CA ASN N 142 77.79 25.10 -20.97
C ASN N 142 77.82 26.55 -21.43
N PHE N 143 76.80 27.32 -21.04
CA PHE N 143 76.73 28.73 -21.37
C PHE N 143 77.20 29.59 -20.20
N GLY N 144 78.33 30.27 -20.38
CA GLY N 144 78.90 31.10 -19.34
C GLY N 144 79.74 30.29 -18.37
N GLU N 145 80.70 30.96 -17.72
CA GLU N 145 81.59 30.27 -16.80
C GLU N 145 82.17 31.23 -15.76
N GLU N 146 82.66 30.66 -14.66
CA GLU N 146 83.32 31.44 -13.62
C GLU N 146 84.76 30.97 -13.45
N GLU N 147 84.91 29.71 -13.02
CA GLU N 147 86.22 29.09 -12.89
C GLU N 147 86.68 28.58 -14.26
N VAL N 148 87.75 27.78 -14.27
CA VAL N 148 88.27 27.21 -15.50
C VAL N 148 87.20 26.39 -16.24
N ASN N 149 87.19 26.50 -17.57
CA ASN N 149 86.18 25.83 -18.39
C ASN N 149 86.14 24.32 -18.18
N THR N 150 87.19 23.63 -18.63
CA THR N 150 87.23 22.18 -18.54
C THR N 150 88.43 21.69 -17.72
N GLU N 151 88.14 21.11 -16.56
CA GLU N 151 89.18 20.50 -15.74
C GLU N 151 88.85 19.03 -15.49
N LYS N 152 87.86 18.79 -14.63
CA LYS N 152 87.37 17.44 -14.39
C LYS N 152 86.28 17.08 -15.39
N LEU N 153 85.78 18.11 -16.09
CA LEU N 153 84.71 17.92 -17.07
C LEU N 153 85.19 17.12 -18.28
N THR N 154 86.48 17.25 -18.58
CA THR N 154 87.06 16.51 -19.70
C THR N 154 87.02 15.01 -19.43
N ALA N 155 87.57 14.61 -18.28
CA ALA N 155 87.54 13.22 -17.86
C ALA N 155 86.11 12.74 -17.66
N PHE N 156 85.24 13.66 -17.23
CA PHE N 156 83.82 13.35 -17.06
C PHE N 156 83.20 12.94 -18.38
N VAL N 157 83.44 13.74 -19.42
CA VAL N 157 82.92 13.45 -20.75
C VAL N 157 83.53 12.17 -21.32
N ASN N 158 84.85 12.04 -21.17
CA ASN N 158 85.56 10.86 -21.67
C ASN N 158 85.06 9.56 -21.05
N THR N 159 84.76 9.61 -19.76
CA THR N 159 84.24 8.43 -19.07
C THR N 159 82.76 8.21 -19.36
N LEU N 160 82.04 9.29 -19.63
CA LEU N 160 80.62 9.20 -19.91
C LEU N 160 80.36 8.74 -21.35
N ASN N 161 81.29 9.06 -22.24
CA ASN N 161 81.10 8.77 -23.66
C ASN N 161 81.69 7.43 -24.07
N GLY N 162 80.83 6.49 -24.44
CA GLY N 162 81.25 5.21 -24.98
C GLY N 162 80.99 5.19 -26.48
N LYS N 163 81.40 4.11 -27.13
CA LYS N 163 81.22 3.95 -28.58
C LYS N 163 81.83 5.12 -29.34
N ASP N 164 83.17 5.17 -29.36
CA ASP N 164 83.91 6.27 -29.98
C ASP N 164 83.44 6.57 -31.40
N GLY N 165 83.14 5.53 -32.16
CA GLY N 165 82.61 5.71 -33.51
C GLY N 165 81.25 6.37 -33.49
N THR N 166 81.13 7.48 -34.22
CA THR N 166 79.89 8.26 -34.39
C THR N 166 79.12 8.46 -33.08
N GLY N 167 79.86 8.69 -32.00
CA GLY N 167 79.26 8.87 -30.68
C GLY N 167 78.87 10.31 -30.41
N SER N 168 78.74 10.65 -29.13
CA SER N 168 78.37 11.99 -28.72
C SER N 168 79.52 12.98 -28.91
N HIS N 169 79.18 14.26 -29.00
CA HIS N 169 80.18 15.31 -29.16
C HIS N 169 80.10 16.33 -28.04
N LEU N 170 81.23 16.95 -27.72
CA LEU N 170 81.29 17.96 -26.67
C LEU N 170 81.24 19.37 -27.25
N VAL N 171 80.38 20.20 -26.70
CA VAL N 171 80.23 21.58 -27.17
C VAL N 171 80.78 22.58 -26.16
N THR N 172 81.84 23.28 -26.54
CA THR N 172 82.46 24.28 -25.67
C THR N 172 82.42 25.66 -26.32
N VAL N 173 81.67 26.57 -25.72
CA VAL N 173 81.54 27.92 -26.26
C VAL N 173 82.24 28.96 -25.38
N PRO N 174 83.23 29.66 -25.94
CA PRO N 174 83.96 30.71 -25.23
C PRO N 174 83.17 32.02 -25.21
N PRO N 175 83.69 33.06 -24.51
CA PRO N 175 83.05 34.37 -24.57
C PRO N 175 83.21 35.03 -25.94
N GLY N 176 82.18 35.75 -26.38
CA GLY N 176 82.23 36.43 -27.66
C GLY N 176 80.95 37.18 -27.99
N PRO N 177 81.03 38.13 -28.92
CA PRO N 177 79.88 38.95 -29.35
C PRO N 177 78.86 38.14 -30.15
N SER N 178 79.31 37.05 -30.78
CA SER N 178 78.44 36.21 -31.59
C SER N 178 77.43 35.47 -30.71
N LEU N 179 76.30 35.09 -31.31
CA LEU N 179 75.25 34.38 -30.59
C LEU N 179 75.64 32.92 -30.35
N ALA N 180 74.78 32.20 -29.65
CA ALA N 180 75.03 30.79 -29.35
C ALA N 180 74.41 29.87 -30.40
N ASP N 181 73.65 30.45 -31.31
CA ASP N 181 72.86 29.65 -32.27
C ASP N 181 73.73 28.99 -33.30
N ALA N 182 74.40 29.79 -34.14
CA ALA N 182 75.30 29.27 -35.16
C ALA N 182 76.48 28.54 -34.52
N LEU N 183 76.73 28.81 -33.25
CA LEU N 183 77.82 28.18 -32.52
C LEU N 183 77.47 26.75 -32.09
N ILE N 184 76.23 26.54 -31.65
CA ILE N 184 75.80 25.19 -31.30
C ILE N 184 75.27 24.46 -32.53
N SER N 185 75.14 25.18 -33.64
CA SER N 185 74.70 24.57 -34.89
C SER N 185 75.88 23.98 -35.65
N SER N 186 77.08 24.24 -35.16
CA SER N 186 78.30 23.74 -35.79
C SER N 186 78.45 22.21 -35.74
N PRO N 187 78.19 21.58 -34.57
CA PRO N 187 78.31 20.12 -34.58
C PRO N 187 77.21 19.43 -35.40
N ILE N 188 77.27 18.10 -35.46
CA ILE N 188 76.31 17.33 -36.25
C ILE N 188 75.03 17.07 -35.45
N LEU N 189 75.07 17.39 -34.16
CA LEU N 189 73.92 17.18 -33.29
C LEU N 189 72.76 18.11 -33.66
N ALA N 190 73.09 19.25 -34.26
CA ALA N 190 72.09 20.23 -34.67
C ALA N 190 71.92 20.23 -36.18
N GLY N 191 70.70 19.94 -36.63
CA GLY N 191 70.41 19.91 -38.06
C GLY N 191 70.93 18.67 -38.73
N ALA O 1 31.93 -22.41 -43.02
CA ALA O 1 30.63 -22.66 -42.43
C ALA O 1 30.77 -23.47 -41.16
N VAL O 2 31.54 -22.96 -40.20
CA VAL O 2 31.74 -23.64 -38.93
C VAL O 2 31.34 -22.74 -37.76
N ASP O 3 30.64 -23.30 -36.80
CA ASP O 3 30.19 -22.54 -35.63
C ASP O 3 30.40 -23.33 -34.35
N THR O 4 30.99 -22.67 -33.35
CA THR O 4 31.25 -23.31 -32.06
C THR O 4 30.43 -22.65 -30.96
N ALA O 5 30.63 -23.10 -29.72
CA ALA O 5 29.91 -22.55 -28.58
C ALA O 5 30.70 -21.43 -27.92
N GLU O 6 30.17 -20.21 -27.99
CA GLU O 6 30.83 -19.06 -27.41
C GLU O 6 30.19 -18.65 -26.09
N GLN O 7 31.01 -18.18 -25.15
CA GLN O 7 30.52 -17.72 -23.86
C GLN O 7 31.21 -16.42 -23.47
N VAL O 8 30.43 -15.41 -23.15
CA VAL O 8 30.96 -14.07 -22.86
C VAL O 8 31.39 -13.94 -21.40
N TYR O 9 32.68 -13.67 -21.20
CA TYR O 9 33.22 -13.47 -19.86
C TYR O 9 33.02 -12.04 -19.38
N ILE O 10 32.40 -11.88 -18.22
CA ILE O 10 32.14 -10.56 -17.66
C ILE O 10 32.76 -10.42 -16.28
N SER O 11 33.59 -9.39 -16.10
CA SER O 11 34.23 -9.13 -14.82
C SER O 11 33.49 -8.04 -14.04
N SER O 12 34.01 -7.70 -12.87
CA SER O 12 33.40 -6.67 -12.03
C SER O 12 33.68 -5.28 -12.61
N LEU O 13 34.76 -5.16 -13.37
CA LEU O 13 35.13 -3.92 -14.03
C LEU O 13 34.00 -3.41 -14.92
N ALA O 14 33.74 -4.16 -15.99
CA ALA O 14 32.71 -3.82 -16.96
C ALA O 14 31.34 -3.70 -16.30
N LEU O 15 31.09 -4.52 -15.29
CA LEU O 15 29.83 -4.49 -14.55
C LEU O 15 29.62 -3.15 -13.87
N LEU O 16 30.59 -2.76 -13.05
CA LEU O 16 30.52 -1.49 -12.32
C LEU O 16 30.51 -0.30 -13.27
N LYS O 17 31.25 -0.40 -14.37
CA LYS O 17 31.28 0.66 -15.37
C LYS O 17 29.92 0.78 -16.06
N MET O 18 29.21 -0.34 -16.16
CA MET O 18 27.87 -0.35 -16.73
C MET O 18 26.83 0.06 -15.70
N LEU O 19 27.23 0.06 -14.42
CA LEU O 19 26.38 0.60 -13.37
C LEU O 19 26.48 2.11 -13.36
N LYS O 20 27.70 2.62 -13.52
CA LYS O 20 27.89 4.05 -13.69
C LYS O 20 27.25 4.51 -14.99
N HIS O 21 27.29 3.63 -15.99
CA HIS O 21 26.61 3.87 -17.25
C HIS O 21 25.09 3.75 -17.05
N GLY O 22 24.71 3.08 -15.97
CA GLY O 22 23.32 2.96 -15.59
C GLY O 22 22.84 4.27 -14.99
N ARG O 23 23.72 4.91 -14.22
CA ARG O 23 23.46 6.26 -13.72
C ARG O 23 23.50 7.25 -14.88
N ALA O 24 24.24 6.86 -15.92
CA ALA O 24 24.32 7.63 -17.15
C ALA O 24 23.23 7.18 -18.13
N GLY O 25 22.33 6.33 -17.64
CA GLY O 25 21.32 5.69 -18.48
C GLY O 25 20.08 6.54 -18.68
N VAL O 26 20.23 7.85 -18.52
CA VAL O 26 19.15 8.80 -18.78
C VAL O 26 18.59 8.61 -20.19
N PRO O 27 17.30 8.95 -20.39
CA PRO O 27 16.61 8.76 -21.68
C PRO O 27 17.37 9.27 -22.90
N MET O 28 18.25 10.26 -22.71
CA MET O 28 19.14 10.70 -23.78
C MET O 28 20.02 9.53 -24.24
N GLU O 29 20.03 9.27 -25.55
CA GLU O 29 20.77 8.15 -26.09
C GLU O 29 22.28 8.31 -25.87
N VAL O 30 22.91 7.24 -25.41
CA VAL O 30 24.33 7.28 -25.06
C VAL O 30 25.12 6.21 -25.80
N MET O 31 26.45 6.37 -25.82
CA MET O 31 27.33 5.44 -26.51
C MET O 31 28.37 4.88 -25.55
N GLY O 32 28.84 3.66 -25.82
CA GLY O 32 29.86 3.03 -25.00
C GLY O 32 30.72 2.06 -25.79
N LEU O 33 31.90 1.76 -25.28
CA LEU O 33 32.82 0.86 -25.95
C LEU O 33 33.39 -0.19 -24.99
N MET O 34 33.70 -1.37 -25.52
CA MET O 34 34.29 -2.44 -24.73
C MET O 34 35.59 -2.92 -25.34
N LEU O 35 36.59 -3.17 -24.49
CA LEU O 35 37.91 -3.61 -24.96
C LEU O 35 38.31 -4.94 -24.32
N GLY O 36 39.25 -5.61 -24.95
CA GLY O 36 39.74 -6.89 -24.45
C GLY O 36 40.70 -7.56 -25.41
N GLU O 37 41.03 -8.82 -25.14
CA GLU O 37 41.95 -9.58 -25.97
C GLU O 37 41.39 -10.96 -26.30
N PHE O 38 41.48 -11.33 -27.57
CA PHE O 38 40.96 -12.63 -28.02
C PHE O 38 42.06 -13.69 -28.03
N VAL O 39 41.95 -14.66 -27.13
CA VAL O 39 42.89 -15.76 -27.08
C VAL O 39 42.53 -16.82 -28.13
N ASP O 40 41.24 -17.03 -28.34
CA ASP O 40 40.77 -18.00 -29.33
C ASP O 40 39.37 -17.64 -29.83
N ASP O 41 38.77 -18.55 -30.59
CA ASP O 41 37.50 -18.29 -31.25
C ASP O 41 36.29 -18.36 -30.32
N TYR O 42 36.22 -19.40 -29.50
CA TYR O 42 35.02 -19.68 -28.72
C TYR O 42 34.99 -19.02 -27.34
N THR O 43 36.02 -18.24 -27.03
CA THR O 43 36.02 -17.47 -25.77
C THR O 43 36.26 -16.00 -26.02
N VAL O 44 35.59 -15.15 -25.25
CA VAL O 44 35.74 -13.70 -25.36
C VAL O 44 35.82 -13.05 -23.99
N ARG O 45 36.84 -12.22 -23.78
CA ARG O 45 37.05 -11.56 -22.50
C ARG O 45 37.07 -10.04 -22.65
N VAL O 46 36.37 -9.36 -21.75
CA VAL O 46 36.33 -7.90 -21.75
C VAL O 46 36.95 -7.34 -20.48
N ILE O 47 37.77 -6.30 -20.62
CA ILE O 47 38.45 -5.71 -19.49
C ILE O 47 38.24 -4.19 -19.42
N ASP O 48 38.71 -3.46 -20.42
CA ASP O 48 38.61 -2.00 -20.43
C ASP O 48 37.28 -1.52 -20.98
N VAL O 49 36.53 -0.81 -20.14
CA VAL O 49 35.22 -0.29 -20.52
C VAL O 49 35.06 1.16 -20.06
N PHE O 50 34.73 2.04 -20.99
CA PHE O 50 34.51 3.45 -20.66
C PHE O 50 33.22 3.97 -21.29
N ALA O 51 32.92 5.24 -21.03
CA ALA O 51 31.70 5.86 -21.55
C ALA O 51 32.01 6.83 -22.70
N MET O 52 30.96 7.44 -23.24
CA MET O 52 31.10 8.38 -24.34
C MET O 52 30.22 9.61 -24.10
N PRO O 53 30.67 10.79 -24.57
CA PRO O 53 29.90 12.03 -24.40
C PRO O 53 28.56 11.99 -25.13
N GLN O 54 27.52 12.57 -24.53
CA GLN O 54 26.19 12.55 -25.11
C GLN O 54 26.08 13.49 -26.31
N SER O 55 25.10 13.23 -27.16
CA SER O 55 24.85 14.06 -28.34
C SER O 55 23.36 14.20 -28.62
N GLY O 56 23.01 15.20 -29.42
CA GLY O 56 21.62 15.45 -29.75
C GLY O 56 21.12 14.56 -30.86
N THR O 57 22.05 14.02 -31.64
CA THR O 57 21.72 13.12 -32.74
C THR O 57 21.28 11.77 -32.21
N GLY O 58 21.85 11.37 -31.07
CA GLY O 58 21.56 10.08 -30.47
C GLY O 58 22.53 9.02 -30.92
N VAL O 59 22.10 7.76 -30.84
CA VAL O 59 22.96 6.65 -31.26
C VAL O 59 22.95 6.48 -32.77
N SER O 60 24.12 6.63 -33.38
CA SER O 60 24.27 6.49 -34.82
C SER O 60 25.72 6.17 -35.18
N VAL O 61 25.94 5.67 -36.39
CA VAL O 61 27.28 5.37 -36.87
C VAL O 61 28.04 6.67 -37.13
N GLU O 62 27.30 7.75 -37.40
CA GLU O 62 27.91 9.05 -37.63
C GLU O 62 28.31 9.71 -36.31
N ALA O 63 27.67 9.30 -35.23
CA ALA O 63 27.93 9.87 -33.92
C ALA O 63 29.32 9.54 -33.41
N VAL O 64 29.85 8.39 -33.84
CA VAL O 64 31.17 7.95 -33.42
C VAL O 64 32.26 8.66 -34.22
N ASP O 65 33.14 9.35 -33.51
CA ASP O 65 34.25 10.07 -34.14
C ASP O 65 35.47 9.15 -34.26
N PRO O 66 35.84 8.79 -35.50
CA PRO O 66 36.94 7.86 -35.76
C PRO O 66 38.29 8.36 -35.28
N VAL O 67 38.58 9.65 -35.50
CA VAL O 67 39.86 10.21 -35.09
C VAL O 67 39.97 10.30 -33.56
N PHE O 68 38.86 10.62 -32.91
CA PHE O 68 38.83 10.69 -31.45
C PHE O 68 38.94 9.28 -30.87
N GLN O 69 38.25 8.34 -31.51
CA GLN O 69 38.33 6.93 -31.15
C GLN O 69 39.77 6.44 -31.18
N ALA O 70 40.39 6.50 -32.36
CA ALA O 70 41.77 6.09 -32.54
C ALA O 70 42.73 6.84 -31.61
N LYS O 71 42.40 8.10 -31.31
CA LYS O 71 43.20 8.90 -30.40
C LYS O 71 43.18 8.32 -28.99
N MET O 72 41.99 8.09 -28.46
CA MET O 72 41.83 7.53 -27.12
C MET O 72 42.43 6.13 -27.05
N LEU O 73 42.25 5.35 -28.12
CA LEU O 73 42.81 4.00 -28.19
C LEU O 73 44.33 4.05 -28.17
N ASP O 74 44.91 5.03 -28.84
CA ASP O 74 46.35 5.22 -28.83
C ASP O 74 46.83 5.62 -27.44
N MET O 75 46.04 6.46 -26.77
CA MET O 75 46.34 6.86 -25.41
C MET O 75 46.25 5.67 -24.45
N LEU O 76 45.45 4.69 -24.83
CA LEU O 76 45.38 3.44 -24.07
C LEU O 76 46.55 2.53 -24.41
N LYS O 77 47.07 2.69 -25.62
CA LYS O 77 48.21 1.88 -26.07
C LYS O 77 49.51 2.33 -25.41
N GLN O 78 49.67 3.63 -25.24
CA GLN O 78 50.86 4.16 -24.58
C GLN O 78 50.84 3.83 -23.08
N THR O 79 49.65 3.59 -22.55
CA THR O 79 49.48 3.18 -21.16
C THR O 79 49.49 1.65 -21.04
N GLY O 80 49.10 1.16 -19.87
CA GLY O 80 49.15 -0.26 -19.59
C GLY O 80 47.92 -1.02 -20.02
N ARG O 81 47.18 -0.48 -20.99
CA ARG O 81 45.99 -1.14 -21.52
C ARG O 81 46.13 -1.47 -23.02
N PRO O 82 46.85 -2.56 -23.34
CA PRO O 82 47.06 -2.96 -24.74
C PRO O 82 45.99 -3.92 -25.25
N GLU O 83 44.73 -3.51 -25.21
CA GLU O 83 43.64 -4.36 -25.68
C GLU O 83 42.85 -3.70 -26.81
N MET O 84 42.53 -4.49 -27.83
CA MET O 84 41.73 -4.01 -28.96
C MET O 84 40.24 -4.01 -28.59
N VAL O 85 39.48 -3.14 -29.23
CA VAL O 85 38.04 -3.06 -28.98
C VAL O 85 37.32 -4.34 -29.38
N VAL O 86 36.55 -4.91 -28.45
CA VAL O 86 35.83 -6.14 -28.71
C VAL O 86 34.39 -5.89 -29.14
N GLY O 87 34.00 -4.61 -29.16
CA GLY O 87 32.64 -4.25 -29.54
C GLY O 87 32.20 -2.93 -28.92
N TRP O 88 30.89 -2.74 -28.83
CA TRP O 88 30.33 -1.52 -28.25
C TRP O 88 29.02 -1.80 -27.54
N TYR O 89 28.73 -1.01 -26.51
CA TYR O 89 27.50 -1.19 -25.73
C TYR O 89 26.73 0.12 -25.64
N HIS O 90 25.46 0.03 -25.24
CA HIS O 90 24.60 1.20 -25.15
C HIS O 90 23.42 0.96 -24.22
N SER O 91 22.51 1.93 -24.16
CA SER O 91 21.32 1.83 -23.32
C SER O 91 20.06 2.14 -24.11
N HIS O 92 18.99 1.39 -23.81
CA HIS O 92 17.71 1.56 -24.49
C HIS O 92 16.56 1.73 -23.51
N PRO O 93 16.54 2.86 -22.78
CA PRO O 93 15.57 3.07 -21.69
C PRO O 93 14.10 3.14 -22.13
N GLY O 94 13.27 2.33 -21.49
CA GLY O 94 11.83 2.48 -21.48
C GLY O 94 11.04 1.96 -22.66
N PHE O 95 11.67 1.81 -23.81
CA PHE O 95 10.99 1.21 -24.96
C PHE O 95 11.37 -0.26 -25.13
N GLY O 96 12.17 -0.76 -24.19
CA GLY O 96 12.63 -2.14 -24.23
C GLY O 96 14.10 -2.26 -24.56
N CYS O 97 14.66 -3.44 -24.30
CA CYS O 97 16.09 -3.66 -24.48
C CYS O 97 16.42 -4.17 -25.88
N TRP O 98 15.41 -4.23 -26.73
CA TRP O 98 15.60 -4.73 -28.10
C TRP O 98 16.34 -3.71 -28.97
N LEU O 99 16.59 -4.07 -30.22
CA LEU O 99 17.37 -3.23 -31.12
C LEU O 99 16.52 -2.73 -32.29
N SER O 100 16.61 -1.43 -32.57
CA SER O 100 15.87 -0.84 -33.67
C SER O 100 16.62 -0.98 -34.99
N GLY O 101 16.11 -0.32 -36.03
CA GLY O 101 16.72 -0.39 -37.35
C GLY O 101 18.09 0.25 -37.41
N VAL O 102 18.17 1.49 -36.92
CA VAL O 102 19.44 2.23 -36.91
C VAL O 102 20.48 1.50 -36.07
N ASP O 103 20.04 0.92 -34.97
CA ASP O 103 20.94 0.20 -34.07
C ASP O 103 21.54 -1.05 -34.73
N ILE O 104 20.69 -1.81 -35.42
CA ILE O 104 21.15 -3.02 -36.08
C ILE O 104 21.94 -2.68 -37.35
N ASN O 105 21.72 -1.47 -37.88
CA ASN O 105 22.47 -1.01 -39.04
C ASN O 105 23.88 -0.59 -38.66
N THR O 106 24.00 0.17 -37.58
CA THR O 106 25.32 0.58 -37.11
C THR O 106 26.04 -0.60 -36.47
N GLN O 107 25.27 -1.59 -36.04
CA GLN O 107 25.83 -2.85 -35.56
C GLN O 107 26.40 -3.63 -36.75
N GLN O 108 25.65 -3.64 -37.84
CA GLN O 108 26.10 -4.27 -39.09
C GLN O 108 27.35 -3.58 -39.62
N SER O 109 27.44 -2.27 -39.40
CA SER O 109 28.59 -1.49 -39.86
C SER O 109 29.79 -1.69 -38.95
N PHE O 110 29.55 -1.90 -37.66
CA PHE O 110 30.64 -2.06 -36.70
C PHE O 110 31.11 -3.50 -36.58
N GLU O 111 30.36 -4.43 -37.15
CA GLU O 111 30.74 -5.83 -37.11
C GLU O 111 31.54 -6.23 -38.35
N ALA O 112 31.81 -5.26 -39.20
CA ALA O 112 32.58 -5.50 -40.42
C ALA O 112 34.02 -5.88 -40.10
N LEU O 113 34.53 -5.36 -38.99
CA LEU O 113 35.89 -5.67 -38.55
C LEU O 113 35.92 -6.95 -37.72
N SER O 114 35.29 -6.91 -36.55
CA SER O 114 35.24 -8.06 -35.67
C SER O 114 34.03 -8.94 -35.97
N GLU O 115 34.27 -10.22 -36.17
CA GLU O 115 33.20 -11.18 -36.49
C GLU O 115 32.30 -11.40 -35.28
N ARG O 116 32.86 -11.27 -34.09
CA ARG O 116 32.11 -11.47 -32.85
C ARG O 116 31.18 -10.29 -32.57
N ALA O 117 31.78 -9.13 -32.26
CA ALA O 117 31.04 -7.90 -32.01
C ALA O 117 29.99 -8.07 -30.91
N VAL O 118 30.45 -8.25 -29.68
CA VAL O 118 29.56 -8.43 -28.53
C VAL O 118 28.67 -7.20 -28.32
N ALA O 119 27.36 -7.43 -28.24
CA ALA O 119 26.40 -6.36 -28.03
C ALA O 119 25.76 -6.45 -26.66
N VAL O 120 25.92 -5.40 -25.86
CA VAL O 120 25.37 -5.38 -24.50
C VAL O 120 24.45 -4.17 -24.31
N VAL O 121 23.23 -4.43 -23.84
CA VAL O 121 22.28 -3.36 -23.59
C VAL O 121 21.81 -3.36 -22.13
N VAL O 122 22.08 -2.27 -21.42
CA VAL O 122 21.71 -2.16 -20.02
C VAL O 122 20.55 -1.16 -19.83
N ASP O 123 19.54 -1.57 -19.09
CA ASP O 123 18.37 -0.72 -18.85
C ASP O 123 17.91 -0.82 -17.40
N PRO O 124 18.60 -0.11 -16.50
CA PRO O 124 18.32 -0.13 -15.05
C PRO O 124 17.00 0.55 -14.68
N ILE O 125 16.45 1.34 -15.61
CA ILE O 125 15.24 2.14 -15.33
C ILE O 125 14.06 1.28 -14.87
N GLN O 126 13.67 0.31 -15.69
CA GLN O 126 12.56 -0.56 -15.33
C GLN O 126 13.07 -1.84 -14.66
N SER O 127 14.38 -1.96 -14.56
CA SER O 127 14.99 -3.12 -13.91
C SER O 127 14.99 -2.95 -12.40
N VAL O 128 14.39 -3.91 -11.71
CA VAL O 128 14.31 -3.87 -10.25
C VAL O 128 15.70 -4.05 -9.64
N LYS O 129 15.91 -3.47 -8.47
CA LYS O 129 17.19 -3.56 -7.78
C LYS O 129 17.41 -4.95 -7.17
N GLY O 130 16.39 -5.80 -7.26
CA GLY O 130 16.49 -7.16 -6.78
C GLY O 130 17.47 -7.99 -7.58
N LYS O 131 17.53 -7.73 -8.89
CA LYS O 131 18.44 -8.47 -9.78
C LYS O 131 19.12 -7.56 -10.79
N VAL O 132 20.45 -7.64 -10.85
CA VAL O 132 21.23 -6.85 -11.78
C VAL O 132 21.53 -7.66 -13.05
N VAL O 133 21.00 -8.88 -13.09
CA VAL O 133 21.26 -9.81 -14.19
C VAL O 133 20.95 -9.20 -15.56
N ILE O 134 21.92 -9.28 -16.46
CA ILE O 134 21.79 -8.69 -17.79
C ILE O 134 22.00 -9.77 -18.86
N ASP O 135 21.43 -9.55 -20.04
CA ASP O 135 21.54 -10.51 -21.13
C ASP O 135 22.28 -9.93 -22.32
N ALA O 136 23.40 -10.54 -22.68
CA ALA O 136 24.19 -10.10 -23.84
C ALA O 136 23.49 -10.49 -25.14
N PHE O 137 23.78 -9.76 -26.21
CA PHE O 137 23.11 -9.98 -27.48
C PHE O 137 24.08 -10.36 -28.59
N ARG O 138 23.55 -11.02 -29.62
CA ARG O 138 24.35 -11.45 -30.77
C ARG O 138 23.60 -11.21 -32.07
N LEU O 139 24.31 -11.31 -33.19
CA LEU O 139 23.72 -11.08 -34.51
C LEU O 139 23.88 -12.29 -35.42
N ILE O 140 22.76 -12.88 -35.82
CA ILE O 140 22.77 -14.02 -36.73
C ILE O 140 22.94 -13.56 -38.17
N ASN O 141 23.48 -14.44 -39.01
CA ASN O 141 23.66 -14.13 -40.42
C ASN O 141 22.36 -14.23 -41.20
N ALA O 142 22.26 -13.49 -42.30
CA ALA O 142 21.05 -13.47 -43.11
C ALA O 142 21.02 -14.61 -44.13
N ASN O 143 22.17 -15.26 -44.30
CA ASN O 143 22.27 -16.36 -45.26
C ASN O 143 22.05 -17.72 -44.60
N MET O 144 21.80 -17.70 -43.29
CA MET O 144 21.59 -18.92 -42.54
C MET O 144 20.10 -19.27 -42.43
N MET O 145 19.27 -18.47 -43.09
CA MET O 145 17.82 -18.67 -43.05
C MET O 145 17.40 -19.97 -43.73
N VAL O 146 18.22 -20.43 -44.67
CA VAL O 146 17.95 -21.69 -45.37
C VAL O 146 18.19 -22.88 -44.46
N LEU O 147 19.36 -22.90 -43.82
CA LEU O 147 19.72 -23.97 -42.90
C LEU O 147 19.15 -23.68 -41.51
N GLY O 148 19.57 -24.46 -40.51
CA GLY O 148 19.13 -24.26 -39.15
C GLY O 148 19.49 -22.90 -38.60
N HIS O 149 18.81 -22.48 -37.54
CA HIS O 149 19.01 -21.16 -36.98
C HIS O 149 20.33 -21.06 -36.20
N GLU O 150 20.41 -21.75 -35.07
CA GLU O 150 21.61 -21.71 -34.25
C GLU O 150 22.28 -23.09 -34.18
N PRO O 151 23.42 -23.23 -34.87
CA PRO O 151 24.22 -24.46 -34.84
C PRO O 151 25.24 -24.46 -33.70
N ARG O 152 24.77 -24.29 -32.47
CA ARG O 152 25.64 -24.19 -31.32
C ARG O 152 25.54 -25.41 -30.41
N GLN O 153 26.68 -25.92 -29.97
CA GLN O 153 26.72 -27.05 -29.05
C GLN O 153 26.51 -26.59 -27.62
N THR O 154 26.67 -27.51 -26.67
CA THR O 154 26.48 -27.24 -25.25
C THR O 154 25.11 -26.61 -24.98
N THR O 155 24.07 -27.42 -25.12
CA THR O 155 22.70 -26.94 -24.99
C THR O 155 22.27 -26.87 -23.52
N SER O 156 23.17 -27.29 -22.63
CA SER O 156 22.87 -27.33 -21.21
C SER O 156 22.77 -25.93 -20.59
N ASN O 157 23.31 -24.93 -21.27
CA ASN O 157 23.33 -23.57 -20.76
C ASN O 157 22.13 -22.74 -21.22
N LEU O 158 21.29 -23.33 -22.07
CA LEU O 158 20.09 -22.64 -22.54
C LEU O 158 19.10 -22.42 -21.42
N GLY O 159 19.14 -23.30 -20.42
CA GLY O 159 18.30 -23.14 -19.24
C GLY O 159 18.79 -21.97 -18.41
N HIS O 160 20.08 -21.70 -18.48
CA HIS O 160 20.66 -20.53 -17.82
C HIS O 160 20.41 -19.28 -18.67
N LEU O 161 20.13 -19.51 -19.95
CA LEU O 161 19.81 -18.43 -20.88
C LEU O 161 18.29 -18.22 -20.91
N ASN O 162 17.59 -19.01 -20.10
CA ASN O 162 16.14 -18.94 -20.03
C ASN O 162 15.66 -17.87 -19.04
N LYS O 163 16.61 -17.17 -18.43
CA LYS O 163 16.30 -16.09 -17.50
C LYS O 163 15.36 -15.03 -18.08
N PRO O 164 15.59 -14.62 -19.35
CA PRO O 164 14.53 -13.79 -19.94
C PRO O 164 13.32 -14.63 -20.34
N SER O 165 12.46 -14.91 -19.36
CA SER O 165 11.34 -15.83 -19.56
C SER O 165 10.09 -15.11 -20.06
N ILE O 166 10.22 -13.82 -20.36
CA ILE O 166 9.11 -13.03 -20.87
C ILE O 166 8.49 -13.67 -22.11
N GLN O 167 7.17 -13.71 -22.14
CA GLN O 167 6.43 -14.46 -23.17
C GLN O 167 6.17 -13.65 -24.43
N ALA O 168 6.69 -12.43 -24.48
CA ALA O 168 6.45 -11.56 -25.64
C ALA O 168 7.70 -11.39 -26.50
N LEU O 169 8.68 -10.66 -25.98
CA LEU O 169 9.85 -10.24 -26.73
C LEU O 169 10.69 -11.42 -27.26
N ILE O 170 10.68 -12.53 -26.54
CA ILE O 170 11.60 -13.62 -26.85
C ILE O 170 11.22 -14.34 -28.14
N HIS O 171 10.10 -15.06 -28.14
CA HIS O 171 9.66 -15.75 -29.35
C HIS O 171 8.95 -14.79 -30.30
N GLY O 172 8.70 -13.57 -29.83
CA GLY O 172 8.16 -12.54 -30.69
C GLY O 172 9.22 -11.99 -31.63
N LEU O 173 10.38 -11.66 -31.07
CA LEU O 173 11.50 -11.15 -31.86
C LEU O 173 12.49 -12.24 -32.26
N ASN O 174 12.17 -13.49 -31.94
CA ASN O 174 13.07 -14.61 -32.19
C ASN O 174 13.51 -14.76 -33.65
N ARG O 175 12.75 -14.18 -34.57
CA ARG O 175 13.09 -14.26 -35.99
C ARG O 175 14.35 -13.46 -36.30
N HIS O 176 15.34 -14.14 -36.89
CA HIS O 176 16.62 -13.54 -37.24
C HIS O 176 17.31 -12.88 -36.05
N TYR O 177 17.08 -13.41 -34.86
CA TYR O 177 17.64 -12.83 -33.64
C TYR O 177 17.83 -13.89 -32.56
N TYR O 178 18.87 -13.73 -31.74
CA TYR O 178 19.14 -14.65 -30.64
C TYR O 178 20.07 -14.02 -29.61
N SER O 179 20.44 -14.79 -28.60
CA SER O 179 21.28 -14.29 -27.51
C SER O 179 22.40 -15.26 -27.16
N ILE O 180 23.20 -14.87 -26.17
CA ILE O 180 24.33 -15.69 -25.73
C ILE O 180 24.42 -15.71 -24.20
N THR O 181 24.94 -16.80 -23.65
CA THR O 181 25.03 -16.98 -22.20
C THR O 181 26.07 -16.05 -21.57
N ILE O 182 25.92 -15.81 -20.28
CA ILE O 182 26.82 -14.91 -19.55
C ILE O 182 27.34 -15.55 -18.26
N ASN O 183 28.66 -15.53 -18.08
CA ASN O 183 29.27 -16.02 -16.85
C ASN O 183 30.29 -15.02 -16.32
N TYR O 184 30.68 -15.18 -15.06
CA TYR O 184 31.63 -14.26 -14.43
C TYR O 184 32.94 -14.96 -14.07
N ARG O 185 33.89 -14.19 -13.56
CA ARG O 185 35.17 -14.72 -13.10
C ARG O 185 35.67 -13.97 -11.87
N LYS O 186 36.15 -14.71 -10.87
CA LYS O 186 36.66 -14.11 -9.65
C LYS O 186 37.88 -14.85 -9.11
N ASN O 187 38.90 -14.10 -8.72
CA ASN O 187 40.08 -14.68 -8.10
C ASN O 187 40.11 -14.42 -6.59
N GLU O 188 41.17 -14.87 -5.93
CA GLU O 188 41.29 -14.73 -4.48
C GLU O 188 41.49 -13.28 -4.05
N LEU O 189 42.21 -12.51 -4.86
CA LEU O 189 42.52 -11.13 -4.54
C LEU O 189 41.25 -10.28 -4.48
N GLU O 190 40.49 -10.32 -5.57
CA GLU O 190 39.24 -9.58 -5.66
C GLU O 190 38.26 -10.05 -4.58
N GLN O 191 38.20 -11.36 -4.37
CA GLN O 191 37.33 -11.95 -3.37
C GLN O 191 37.62 -11.41 -1.97
N LYS O 192 38.86 -11.57 -1.52
CA LYS O 192 39.26 -11.14 -0.19
C LYS O 192 39.14 -9.63 -0.02
N MET O 193 39.60 -8.87 -1.02
CA MET O 193 39.56 -7.42 -0.96
C MET O 193 38.14 -6.88 -0.88
N LEU O 194 37.28 -7.36 -1.77
CA LEU O 194 35.90 -6.87 -1.83
C LEU O 194 35.11 -7.33 -0.62
N LEU O 195 35.36 -8.55 -0.16
CA LEU O 195 34.68 -9.08 1.01
C LEU O 195 35.07 -8.29 2.25
N ASN O 196 36.36 -8.04 2.43
CA ASN O 196 36.85 -7.27 3.57
C ASN O 196 36.33 -5.84 3.53
N LEU O 197 36.30 -5.26 2.32
CA LEU O 197 35.85 -3.89 2.14
C LEU O 197 34.35 -3.75 2.42
N HIS O 198 33.58 -4.76 2.04
CA HIS O 198 32.14 -4.74 2.25
C HIS O 198 31.80 -4.99 3.71
N LYS O 199 32.52 -5.93 4.33
CA LYS O 199 32.36 -6.21 5.75
C LYS O 199 32.71 -4.98 6.57
N LYS O 200 33.75 -4.27 6.15
CA LYS O 200 34.15 -3.03 6.79
C LYS O 200 33.11 -1.94 6.53
N SER O 201 32.47 -2.01 5.37
CA SER O 201 31.41 -1.07 5.01
C SER O 201 30.20 -1.26 5.92
N TRP O 202 29.97 -2.50 6.33
CA TRP O 202 28.89 -2.80 7.27
C TRP O 202 29.39 -2.72 8.71
N MET O 203 30.66 -2.38 8.89
CA MET O 203 31.25 -2.27 10.22
C MET O 203 31.74 -0.85 10.46
N GLU O 204 32.38 -0.63 11.61
CA GLU O 204 32.89 0.69 11.96
C GLU O 204 34.40 0.75 11.76
N GLY O 205 34.99 1.91 12.00
CA GLY O 205 36.42 2.08 11.85
C GLY O 205 37.22 1.31 12.89
N LEU O 206 36.97 1.61 14.16
CA LEU O 206 37.61 0.88 15.25
C LEU O 206 36.72 -0.26 15.71
N THR O 207 35.49 -0.27 15.20
CA THR O 207 34.48 -1.32 15.43
C THR O 207 33.96 -1.36 16.87
N LEU O 208 34.61 -0.64 17.78
CA LEU O 208 34.16 -0.58 19.17
C LEU O 208 33.36 0.69 19.45
N GLN O 209 33.17 1.50 18.42
CA GLN O 209 32.54 2.81 18.57
C GLN O 209 31.03 2.75 18.77
N ASP O 210 30.32 2.30 17.75
CA ASP O 210 28.86 2.37 17.74
C ASP O 210 28.19 1.20 18.46
N TYR O 211 29.00 0.28 19.00
CA TYR O 211 28.46 -0.84 19.76
C TYR O 211 27.99 -0.38 21.13
N SER O 212 28.94 0.12 21.93
CA SER O 212 28.66 0.62 23.27
C SER O 212 27.60 1.71 23.26
N GLU O 213 27.48 2.41 22.13
CA GLU O 213 26.44 3.43 21.96
C GLU O 213 25.05 2.81 22.09
N HIS O 214 24.78 1.78 21.31
CA HIS O 214 23.51 1.06 21.38
C HIS O 214 23.38 0.33 22.71
N CYS O 215 24.51 -0.15 23.23
CA CYS O 215 24.53 -0.82 24.53
C CYS O 215 24.00 0.10 25.63
N LYS O 216 24.35 1.37 25.54
CA LYS O 216 23.88 2.36 26.51
C LYS O 216 22.57 2.99 26.06
N HIS O 217 22.16 2.70 24.83
CA HIS O 217 20.88 3.16 24.30
C HIS O 217 19.78 2.14 24.58
N ASN O 218 20.16 0.98 25.10
CA ASN O 218 19.20 -0.04 25.46
C ASN O 218 18.28 0.40 26.59
N GLU O 219 18.76 1.33 27.41
CA GLU O 219 18.01 1.83 28.55
C GLU O 219 17.22 3.09 28.21
N SER O 220 17.29 3.51 26.95
CA SER O 220 16.61 4.73 26.52
C SER O 220 15.74 4.48 25.29
N VAL O 221 16.40 4.14 24.18
CA VAL O 221 15.71 3.94 22.90
C VAL O 221 14.95 2.62 22.87
N VAL O 222 15.69 1.52 22.98
CA VAL O 222 15.13 0.17 22.90
C VAL O 222 13.96 -0.05 23.84
N LYS O 223 14.02 0.55 25.03
CA LYS O 223 12.96 0.41 26.02
C LYS O 223 11.59 0.79 25.47
N GLU O 224 11.52 1.91 24.76
CA GLU O 224 10.28 2.36 24.16
C GLU O 224 9.81 1.38 23.08
N MET O 225 10.77 0.86 22.32
CA MET O 225 10.47 -0.14 21.29
C MET O 225 9.99 -1.43 21.94
N LEU O 226 10.49 -1.72 23.14
CA LEU O 226 10.05 -2.89 23.89
C LEU O 226 8.63 -2.67 24.41
N GLU O 227 8.32 -1.44 24.78
CA GLU O 227 6.97 -1.10 25.24
C GLU O 227 5.97 -1.23 24.10
N LEU O 228 6.34 -0.72 22.93
CA LEU O 228 5.50 -0.84 21.75
C LEU O 228 5.35 -2.31 21.36
N ALA O 229 6.43 -3.07 21.51
CA ALA O 229 6.41 -4.51 21.24
C ALA O 229 5.42 -5.20 22.16
N LYS O 230 5.41 -4.81 23.42
CA LYS O 230 4.46 -5.36 24.39
C LYS O 230 3.04 -4.94 24.04
N ASN O 231 2.89 -3.75 23.46
CA ASN O 231 1.58 -3.26 23.04
C ASN O 231 1.02 -4.11 21.90
N TYR O 232 1.84 -4.37 20.89
CA TYR O 232 1.42 -5.20 19.76
C TYR O 232 1.19 -6.65 20.20
N ASN O 233 2.07 -7.14 21.06
CA ASN O 233 1.94 -8.50 21.58
C ASN O 233 0.65 -8.67 22.37
N LYS O 234 0.28 -7.65 23.14
CA LYS O 234 -0.97 -7.66 23.88
C LYS O 234 -2.14 -7.57 22.91
N ALA O 235 -1.97 -6.79 21.85
CA ALA O 235 -2.98 -6.65 20.80
C ALA O 235 -3.22 -8.00 20.10
N VAL O 236 -2.20 -8.85 20.12
CA VAL O 236 -2.35 -10.22 19.63
C VAL O 236 -3.01 -11.10 20.69
N GLU O 237 -2.63 -10.88 21.95
CA GLU O 237 -3.11 -11.68 23.06
C GLU O 237 -4.61 -11.54 23.30
N GLU O 238 -5.15 -10.35 23.01
CA GLU O 238 -6.58 -10.12 23.19
C GLU O 238 -7.38 -10.98 22.21
N GLU O 239 -6.79 -11.27 21.05
CA GLU O 239 -7.37 -12.19 20.08
C GLU O 239 -7.08 -13.62 20.51
N ASP O 240 -5.93 -13.82 21.14
CA ASP O 240 -5.53 -15.13 21.64
C ASP O 240 -6.44 -15.58 22.78
N LYS O 241 -7.17 -14.64 23.36
CA LYS O 241 -8.18 -14.95 24.36
C LYS O 241 -9.44 -15.47 23.68
N MET O 242 -9.67 -15.01 22.45
CA MET O 242 -10.79 -15.47 21.65
C MET O 242 -10.50 -16.80 20.96
N THR O 243 -9.21 -17.10 20.77
CA THR O 243 -8.80 -18.32 20.06
C THR O 243 -9.23 -19.67 20.70
N PRO O 244 -9.15 -19.82 22.04
CA PRO O 244 -9.48 -21.15 22.56
C PRO O 244 -10.95 -21.51 22.39
N GLU O 245 -11.81 -20.51 22.17
CA GLU O 245 -13.21 -20.76 21.88
C GLU O 245 -13.33 -21.46 20.53
N GLN O 246 -12.69 -20.89 19.51
CA GLN O 246 -12.66 -21.49 18.18
C GLN O 246 -12.00 -22.86 18.23
N LEU O 247 -10.98 -22.99 19.07
CA LEU O 247 -10.32 -24.28 19.27
C LEU O 247 -11.25 -25.26 20.00
N ALA O 248 -12.26 -24.74 20.66
CA ALA O 248 -13.25 -25.57 21.34
C ALA O 248 -14.48 -25.77 20.46
N ILE O 249 -14.49 -25.15 19.28
CA ILE O 249 -15.62 -25.27 18.37
C ILE O 249 -15.27 -26.05 17.09
N LYS O 250 -14.39 -25.50 16.27
CA LYS O 250 -14.14 -26.05 14.95
C LYS O 250 -12.93 -26.99 14.89
N ASN O 251 -11.72 -26.43 15.02
CA ASN O 251 -10.46 -27.18 14.94
C ASN O 251 -10.17 -27.77 13.57
N VAL O 252 -11.12 -27.65 12.64
CA VAL O 252 -10.95 -28.18 11.30
C VAL O 252 -10.67 -27.07 10.29
N GLY O 253 -9.45 -27.05 9.75
CA GLY O 253 -9.06 -26.05 8.78
C GLY O 253 -8.65 -24.74 9.43
N LYS O 254 -7.89 -23.94 8.69
CA LYS O 254 -7.43 -22.65 9.19
C LYS O 254 -7.95 -21.51 8.33
N GLN O 255 -8.83 -20.69 8.91
CA GLN O 255 -9.41 -19.56 8.20
C GLN O 255 -8.60 -18.28 8.49
N ASP O 256 -7.60 -18.41 9.35
CA ASP O 256 -6.77 -17.27 9.71
C ASP O 256 -5.38 -17.38 9.11
N PRO O 257 -5.08 -16.51 8.12
CA PRO O 257 -3.78 -16.48 7.45
C PRO O 257 -2.66 -16.03 8.39
N LYS O 258 -3.02 -15.35 9.47
CA LYS O 258 -2.04 -14.84 10.42
C LYS O 258 -1.41 -15.99 11.21
N ARG O 259 -0.09 -16.05 11.20
CA ARG O 259 0.64 -17.13 11.85
C ARG O 259 0.74 -16.96 13.37
N HIS O 260 0.89 -15.71 13.81
CA HIS O 260 0.92 -15.35 15.23
C HIS O 260 2.15 -15.90 15.97
N LEU O 261 2.97 -16.68 15.30
CA LEU O 261 4.11 -17.33 15.94
C LEU O 261 5.45 -16.70 15.57
N GLU O 262 5.81 -16.82 14.29
CA GLU O 262 7.12 -16.38 13.81
C GLU O 262 7.38 -14.89 14.07
N GLU O 263 6.33 -14.10 14.06
CA GLU O 263 6.46 -12.67 14.35
C GLU O 263 6.89 -12.44 15.79
N HIS O 264 6.23 -13.14 16.71
CA HIS O 264 6.59 -13.06 18.12
C HIS O 264 7.98 -13.64 18.36
N VAL O 265 8.34 -14.64 17.57
CA VAL O 265 9.69 -15.20 17.60
C VAL O 265 10.70 -14.12 17.24
N ASP O 266 10.40 -13.37 16.18
CA ASP O 266 11.25 -12.27 15.76
C ASP O 266 11.32 -11.18 16.84
N VAL O 267 10.21 -10.99 17.54
CA VAL O 267 10.17 -10.04 18.66
C VAL O 267 11.14 -10.50 19.74
N LEU O 268 11.18 -11.81 19.98
CA LEU O 268 12.14 -12.38 20.91
C LEU O 268 13.57 -12.20 20.42
N MET O 269 13.75 -12.28 19.11
CA MET O 269 15.06 -12.08 18.49
C MET O 269 15.54 -10.66 18.73
N THR O 270 14.61 -9.71 18.68
CA THR O 270 14.92 -8.32 18.96
C THR O 270 15.11 -8.11 20.47
N SER O 271 14.52 -9.01 21.25
CA SER O 271 14.63 -8.94 22.71
C SER O 271 15.95 -9.53 23.20
N ASN O 272 16.58 -10.33 22.36
CA ASN O 272 17.84 -10.98 22.72
C ASN O 272 19.03 -10.02 22.61
N ILE O 273 18.80 -8.86 22.03
CA ILE O 273 19.84 -7.84 21.88
C ILE O 273 20.37 -7.40 23.24
N VAL O 274 19.47 -7.27 24.20
CA VAL O 274 19.85 -6.89 25.57
C VAL O 274 20.77 -7.94 26.18
N GLN O 275 20.41 -9.20 26.01
CA GLN O 275 21.22 -10.31 26.53
C GLN O 275 22.59 -10.38 25.87
N CYS O 276 22.62 -10.16 24.56
CA CYS O 276 23.86 -10.23 23.81
C CYS O 276 24.80 -9.06 24.13
N LEU O 277 24.22 -7.89 24.39
CA LEU O 277 25.00 -6.70 24.70
C LEU O 277 25.31 -6.62 26.19
N ALA O 278 24.69 -7.48 26.98
CA ALA O 278 24.95 -7.53 28.41
C ALA O 278 26.39 -7.99 28.66
N ALA O 279 26.79 -9.05 27.98
CA ALA O 279 28.15 -9.56 28.08
C ALA O 279 29.15 -8.53 27.53
N MET O 280 28.70 -7.77 26.53
CA MET O 280 29.51 -6.70 25.97
C MET O 280 29.80 -5.64 27.04
N LEU O 281 28.75 -5.21 27.72
CA LEU O 281 28.88 -4.24 28.81
C LEU O 281 29.74 -4.81 29.93
N ASP O 282 29.64 -6.11 30.15
CA ASP O 282 30.47 -6.79 31.15
C ASP O 282 31.94 -6.70 30.78
N THR O 283 32.24 -6.90 29.49
CA THR O 283 33.61 -6.82 29.00
C THR O 283 34.14 -5.39 29.04
N VAL O 284 33.27 -4.43 28.79
CA VAL O 284 33.65 -3.02 28.84
C VAL O 284 33.97 -2.61 30.27
N VAL O 285 33.11 -3.02 31.21
CA VAL O 285 33.31 -2.70 32.62
C VAL O 285 34.54 -3.37 33.19
N PHE O 286 34.69 -4.67 32.91
CA PHE O 286 35.82 -5.45 33.40
C PHE O 286 37.16 -4.86 32.97
N LYS O 287 37.45 -4.93 31.67
CA LYS O 287 38.69 -4.37 31.12
C LYS O 287 38.43 -3.72 29.77
N MET P 1 28.51 -73.39 78.53
CA MET P 1 28.74 -74.66 77.84
C MET P 1 30.17 -75.14 78.03
N TYR P 2 31.13 -74.28 77.71
CA TYR P 2 32.54 -74.61 77.84
C TYR P 2 32.99 -74.60 79.29
N GLU P 3 32.58 -73.57 80.04
CA GLU P 3 32.87 -73.50 81.47
C GLU P 3 31.90 -72.54 82.17
N GLN P 4 32.14 -72.31 83.46
CA GLN P 4 31.21 -71.52 84.27
C GLN P 4 31.11 -70.07 83.83
N LEU P 5 32.26 -69.38 83.78
CA LEU P 5 32.35 -68.00 83.32
C LEU P 5 31.64 -67.01 84.23
N LYS P 6 30.90 -67.51 85.21
CA LYS P 6 30.14 -66.66 86.12
C LYS P 6 30.99 -66.20 87.29
N GLY P 7 32.17 -66.79 87.44
CA GLY P 7 33.07 -66.45 88.52
C GLY P 7 33.62 -65.04 88.43
N GLU P 8 34.20 -64.71 87.28
CA GLU P 8 34.80 -63.40 87.07
C GLU P 8 33.83 -62.43 86.41
N TRP P 9 32.60 -62.90 86.18
CA TRP P 9 31.58 -62.08 85.54
C TRP P 9 31.00 -61.06 86.51
N ASN P 10 30.32 -61.55 87.54
CA ASN P 10 29.71 -60.68 88.54
C ASN P 10 30.74 -59.96 89.41
N ARG P 11 31.93 -60.52 89.48
CA ARG P 11 33.02 -59.93 90.26
C ARG P 11 33.54 -58.65 89.61
N LYS P 12 33.61 -57.58 90.39
CA LYS P 12 34.08 -56.30 89.88
C LYS P 12 35.58 -56.12 90.16
N SER P 13 36.37 -56.08 89.10
CA SER P 13 37.82 -55.93 89.23
C SER P 13 38.29 -54.57 88.72
N PRO P 14 38.87 -53.76 89.61
CA PRO P 14 39.40 -52.44 89.27
C PRO P 14 40.47 -52.50 88.19
N ASN P 15 41.27 -53.56 88.21
CA ASN P 15 42.33 -53.74 87.22
C ASN P 15 41.80 -54.41 85.95
N LEU P 16 41.98 -53.73 84.83
CA LEU P 16 41.49 -54.24 83.54
C LEU P 16 42.58 -55.02 82.81
N SER P 17 43.73 -55.17 83.45
CA SER P 17 44.86 -55.91 82.87
C SER P 17 44.50 -57.38 82.67
N LYS P 18 43.86 -57.96 83.68
CA LYS P 18 43.41 -59.35 83.59
C LYS P 18 42.13 -59.45 82.77
N CYS P 19 41.33 -58.39 82.83
CA CYS P 19 40.08 -58.35 82.07
C CYS P 19 40.33 -58.32 80.57
N GLY P 20 41.50 -57.82 80.18
CA GLY P 20 41.89 -57.79 78.79
C GLY P 20 42.24 -59.17 78.27
N GLU P 21 42.98 -59.92 79.08
CA GLU P 21 43.34 -61.30 78.74
C GLU P 21 42.09 -62.17 78.74
N GLU P 22 41.19 -61.92 79.68
CA GLU P 22 39.92 -62.62 79.75
C GLU P 22 39.08 -62.30 78.51
N LEU P 23 39.14 -61.06 78.08
CA LEU P 23 38.41 -60.61 76.89
C LEU P 23 38.94 -61.31 75.64
N GLY P 24 40.26 -61.35 75.52
CA GLY P 24 40.89 -62.03 74.40
C GLY P 24 40.56 -63.51 74.39
N ARG P 25 40.52 -64.10 75.58
CA ARG P 25 40.13 -65.51 75.72
C ARG P 25 38.70 -65.71 75.25
N LEU P 26 37.82 -64.78 75.62
CA LEU P 26 36.43 -64.83 75.18
C LEU P 26 36.33 -64.70 73.67
N LYS P 27 37.23 -63.92 73.08
CA LYS P 27 37.28 -63.79 71.63
C LYS P 27 37.72 -65.11 70.98
N LEU P 28 38.69 -65.76 71.60
CA LEU P 28 39.20 -67.04 71.11
C LEU P 28 38.15 -68.13 71.19
N VAL P 29 37.35 -68.10 72.24
CA VAL P 29 36.28 -69.09 72.42
C VAL P 29 35.12 -68.83 71.46
N LEU P 30 34.68 -67.57 71.42
CA LEU P 30 33.56 -67.17 70.57
C LEU P 30 33.94 -67.14 69.09
N LEU P 31 35.22 -67.33 68.79
CA LEU P 31 35.74 -67.29 67.43
C LEU P 31 35.01 -68.26 66.50
N GLU P 32 34.90 -69.51 66.91
CA GLU P 32 34.24 -70.54 66.11
C GLU P 32 32.77 -70.68 66.48
N LEU P 33 32.30 -69.83 67.38
CA LEU P 33 30.95 -69.90 67.89
C LEU P 33 29.94 -69.11 67.07
N ASN P 34 30.39 -68.58 65.93
CA ASN P 34 29.51 -67.91 64.98
C ASN P 34 28.78 -66.69 65.56
N PHE P 35 29.53 -65.59 65.73
CA PHE P 35 29.01 -64.35 66.27
C PHE P 35 27.67 -63.93 65.64
N LEU P 36 27.56 -64.12 64.33
CA LEU P 36 26.33 -63.78 63.60
C LEU P 36 25.16 -64.63 64.10
N PRO P 37 23.98 -64.01 64.22
CA PRO P 37 22.76 -64.68 64.71
C PRO P 37 22.41 -65.94 63.90
N THR P 38 22.13 -67.03 64.61
CA THR P 38 21.79 -68.29 63.95
C THR P 38 20.46 -68.82 64.46
N THR P 39 19.55 -69.12 63.54
CA THR P 39 18.22 -69.62 63.89
C THR P 39 18.19 -71.15 63.90
N GLY P 40 19.34 -71.75 63.65
CA GLY P 40 19.45 -73.21 63.60
C GLY P 40 19.19 -73.88 64.93
N THR P 41 18.24 -74.81 64.94
CA THR P 41 17.91 -75.66 66.10
C THR P 41 17.27 -74.88 67.24
N LYS P 42 17.33 -73.55 67.17
CA LYS P 42 16.65 -72.63 68.09
C LYS P 42 17.14 -72.72 69.54
N LEU P 43 17.97 -73.71 69.83
CA LEU P 43 18.47 -73.92 71.19
C LEU P 43 19.76 -73.18 71.46
N THR P 44 20.22 -72.42 70.47
CA THR P 44 21.45 -71.66 70.59
C THR P 44 21.22 -70.30 71.25
N LYS P 45 19.96 -70.03 71.58
CA LYS P 45 19.58 -68.75 72.19
C LYS P 45 20.25 -68.54 73.54
N GLN P 46 20.59 -69.64 74.21
CA GLN P 46 21.24 -69.58 75.52
C GLN P 46 22.66 -69.04 75.40
N GLN P 47 23.45 -69.62 74.50
CA GLN P 47 24.82 -69.17 74.30
C GLN P 47 24.84 -67.83 73.58
N LEU P 48 23.79 -67.54 72.82
CA LEU P 48 23.68 -66.26 72.13
C LEU P 48 23.42 -65.13 73.12
N ILE P 49 22.52 -65.37 74.08
CA ILE P 49 22.20 -64.35 75.07
C ILE P 49 23.32 -64.27 76.12
N LEU P 50 24.04 -65.37 76.29
CA LEU P 50 25.20 -65.38 77.19
C LEU P 50 26.32 -64.55 76.59
N ALA P 51 26.59 -64.77 75.31
CA ALA P 51 27.57 -63.99 74.58
C ALA P 51 27.15 -62.53 74.56
N ARG P 52 25.84 -62.30 74.42
CA ARG P 52 25.29 -60.95 74.45
C ARG P 52 25.58 -60.30 75.79
N ASP P 53 25.43 -61.04 76.87
CA ASP P 53 25.68 -60.52 78.21
C ASP P 53 27.16 -60.20 78.43
N ILE P 54 28.04 -61.13 78.08
CA ILE P 54 29.47 -60.93 78.29
C ILE P 54 30.01 -59.82 77.39
N LEU P 55 29.35 -59.61 76.25
CA LEU P 55 29.72 -58.50 75.37
C LEU P 55 29.13 -57.18 75.90
N GLU P 56 28.04 -57.28 76.66
CA GLU P 56 27.45 -56.11 77.30
C GLU P 56 28.36 -55.61 78.42
N ILE P 57 28.76 -56.51 79.30
CA ILE P 57 29.67 -56.15 80.39
C ILE P 57 31.06 -55.84 79.83
N GLY P 58 31.38 -56.46 78.68
CA GLY P 58 32.61 -56.16 77.98
C GLY P 58 32.57 -54.73 77.46
N ALA P 59 31.39 -54.29 77.05
CA ALA P 59 31.19 -52.92 76.62
C ALA P 59 31.20 -51.98 77.83
N GLN P 60 30.82 -52.51 78.98
CA GLN P 60 30.89 -51.75 80.23
C GLN P 60 32.34 -51.47 80.59
N TRP P 61 33.20 -52.49 80.46
CA TRP P 61 34.62 -52.30 80.69
C TRP P 61 35.22 -51.42 79.60
N SER P 62 34.67 -51.53 78.39
CA SER P 62 35.13 -50.74 77.25
C SER P 62 34.89 -49.26 77.46
N ILE P 63 33.74 -48.93 78.06
CA ILE P 63 33.41 -47.53 78.35
C ILE P 63 34.02 -47.14 79.69
N LEU P 64 34.47 -48.13 80.45
CA LEU P 64 35.15 -47.87 81.72
C LEU P 64 36.59 -47.43 81.46
N ARG P 65 37.19 -48.00 80.42
CA ARG P 65 38.55 -47.65 80.04
C ARG P 65 38.56 -46.48 79.05
N LYS P 66 37.36 -46.00 78.72
CA LYS P 66 37.18 -44.88 77.80
C LYS P 66 37.84 -45.17 76.44
N ASP P 67 37.31 -46.16 75.73
CA ASP P 67 37.80 -46.50 74.41
C ASP P 67 36.73 -46.24 73.36
N ILE P 68 36.94 -45.23 72.52
CA ILE P 68 35.94 -44.82 71.54
C ILE P 68 35.70 -45.86 70.42
N PRO P 69 36.75 -46.36 69.75
CA PRO P 69 36.45 -47.34 68.71
C PRO P 69 35.91 -48.65 69.25
N SER P 70 36.41 -49.08 70.40
CA SER P 70 35.99 -50.34 71.01
C SER P 70 34.53 -50.29 71.43
N PHE P 71 34.10 -49.16 71.96
CA PHE P 71 32.72 -48.98 72.41
C PHE P 71 31.74 -49.16 71.27
N GLU P 72 31.92 -48.38 70.20
CA GLU P 72 31.06 -48.47 69.04
C GLU P 72 31.21 -49.81 68.34
N ARG P 73 32.37 -50.44 68.50
CA ARG P 73 32.59 -51.78 67.98
C ARG P 73 31.65 -52.79 68.64
N TYR P 74 31.72 -52.86 69.97
CA TYR P 74 30.90 -53.80 70.73
C TYR P 74 29.42 -53.45 70.66
N MET P 75 29.12 -52.16 70.47
CA MET P 75 27.73 -51.75 70.29
C MET P 75 27.20 -52.20 68.93
N ALA P 76 28.08 -52.16 67.92
CA ALA P 76 27.72 -52.62 66.59
C ALA P 76 27.58 -54.14 66.57
N GLN P 77 28.37 -54.82 67.40
CA GLN P 77 28.29 -56.27 67.51
C GLN P 77 27.05 -56.70 68.28
N LEU P 78 26.68 -55.93 69.29
CA LEU P 78 25.50 -56.24 70.10
C LEU P 78 24.21 -55.81 69.41
N LYS P 79 24.33 -54.90 68.44
CA LYS P 79 23.17 -54.45 67.67
C LYS P 79 22.63 -55.60 66.82
N CYS P 80 23.49 -56.57 66.53
CA CYS P 80 23.09 -57.76 65.81
C CYS P 80 22.12 -58.60 66.65
N TYR P 81 22.41 -58.71 67.95
CA TYR P 81 21.58 -59.46 68.85
C TYR P 81 20.37 -58.64 69.30
N TYR P 82 20.47 -57.32 69.18
CA TYR P 82 19.37 -56.44 69.56
C TYR P 82 18.28 -56.43 68.50
N PHE P 83 18.69 -56.40 67.23
CA PHE P 83 17.75 -56.48 66.13
C PHE P 83 17.81 -57.86 65.48
N ASP P 84 16.76 -58.64 65.66
CA ASP P 84 16.73 -60.00 65.14
C ASP P 84 15.36 -60.34 64.56
N TYR P 85 15.30 -61.39 63.76
CA TYR P 85 14.05 -61.82 63.14
C TYR P 85 13.08 -62.38 64.17
N LYS P 86 13.58 -63.25 65.04
CA LYS P 86 12.75 -63.87 66.07
C LYS P 86 12.55 -62.95 67.26
N GLU P 87 11.30 -62.81 67.69
CA GLU P 87 10.97 -61.97 68.84
C GLU P 87 10.93 -62.79 70.12
N GLN P 88 11.27 -64.08 70.00
CA GLN P 88 11.26 -64.98 71.15
C GLN P 88 12.33 -64.64 72.17
N LEU P 89 13.34 -63.87 71.74
CA LEU P 89 14.41 -63.44 72.62
C LEU P 89 13.90 -62.50 73.71
N PRO P 90 14.16 -62.86 74.98
CA PRO P 90 13.71 -62.05 76.12
C PRO P 90 14.45 -60.73 76.24
N GLU P 91 13.75 -59.68 76.69
CA GLU P 91 14.34 -58.37 76.85
C GLU P 91 15.14 -58.26 78.14
N SER P 92 16.42 -57.91 78.01
CA SER P 92 17.29 -57.77 79.18
C SER P 92 16.99 -56.49 79.94
N ALA P 93 17.32 -56.48 81.23
CA ALA P 93 17.10 -55.32 82.07
C ALA P 93 18.15 -54.24 81.82
N TYR P 94 19.33 -54.67 81.41
CA TYR P 94 20.42 -53.74 81.14
C TYR P 94 20.46 -53.35 79.66
N MET P 95 19.50 -53.88 78.89
CA MET P 95 19.42 -53.60 77.46
C MET P 95 19.13 -52.12 77.20
N HIS P 96 18.07 -51.62 77.81
CA HIS P 96 17.68 -50.22 77.66
C HIS P 96 18.72 -49.29 78.28
N GLN P 97 19.46 -49.81 79.26
CA GLN P 97 20.50 -49.04 79.93
C GLN P 97 21.70 -48.85 79.01
N LEU P 98 22.18 -49.95 78.42
CA LEU P 98 23.31 -49.89 77.50
C LEU P 98 22.91 -49.14 76.23
N LEU P 99 21.64 -49.26 75.84
CA LEU P 99 21.11 -48.47 74.74
C LEU P 99 21.14 -46.99 75.11
N GLY P 100 20.87 -46.70 76.38
CA GLY P 100 20.96 -45.34 76.89
C GLY P 100 22.39 -44.83 76.79
N LEU P 101 23.35 -45.72 77.05
CA LEU P 101 24.75 -45.38 76.90
C LEU P 101 25.09 -45.12 75.43
N ASN P 102 24.40 -45.83 74.54
CA ASN P 102 24.55 -45.61 73.11
C ASN P 102 24.03 -44.23 72.73
N LEU P 103 22.92 -43.83 73.36
CA LEU P 103 22.36 -42.50 73.16
C LEU P 103 23.34 -41.46 73.67
N LEU P 104 24.01 -41.78 74.77
CA LEU P 104 25.04 -40.91 75.33
C LEU P 104 26.20 -40.74 74.35
N PHE P 105 26.57 -41.84 73.69
CA PHE P 105 27.64 -41.81 72.71
C PHE P 105 27.25 -40.98 71.49
N LEU P 106 26.03 -41.17 71.02
CA LEU P 106 25.51 -40.44 69.87
C LEU P 106 25.41 -38.95 70.19
N LEU P 107 25.13 -38.63 71.44
CA LEU P 107 25.04 -37.24 71.87
C LEU P 107 26.42 -36.61 72.01
N SER P 108 27.39 -37.42 72.44
CA SER P 108 28.75 -36.94 72.65
C SER P 108 29.51 -36.77 71.34
N GLN P 109 29.15 -37.58 70.35
CA GLN P 109 29.85 -37.56 69.06
C GLN P 109 29.19 -36.63 68.05
N ASN P 110 28.18 -35.89 68.50
CA ASN P 110 27.39 -34.99 67.65
C ASN P 110 26.66 -35.79 66.57
N ARG P 111 26.33 -37.02 66.91
CA ARG P 111 25.56 -37.92 66.04
C ARG P 111 24.07 -37.77 66.33
N VAL P 112 23.74 -36.78 67.15
CA VAL P 112 22.40 -36.60 67.71
C VAL P 112 21.28 -36.57 66.67
N ALA P 113 21.62 -36.33 65.40
CA ALA P 113 20.65 -36.47 64.32
C ALA P 113 20.21 -37.92 64.20
N GLU P 114 21.18 -38.83 64.23
CA GLU P 114 20.92 -40.26 64.21
C GLU P 114 20.15 -40.67 65.46
N PHE P 115 20.33 -39.91 66.54
CA PHE P 115 19.56 -40.11 67.75
C PHE P 115 18.11 -39.72 67.51
N HIS P 116 17.91 -38.61 66.81
CA HIS P 116 16.58 -38.13 66.47
C HIS P 116 15.84 -39.14 65.60
N THR P 117 16.56 -39.77 64.68
CA THR P 117 15.94 -40.79 63.84
C THR P 117 15.88 -42.13 64.58
N GLU P 118 16.57 -42.23 65.70
CA GLU P 118 16.53 -43.43 66.52
C GLU P 118 15.43 -43.32 67.58
N LEU P 119 14.84 -42.14 67.69
CA LEU P 119 13.83 -41.87 68.71
C LEU P 119 12.54 -42.69 68.54
N GLU P 120 12.42 -43.39 67.41
CA GLU P 120 11.20 -44.13 67.11
C GLU P 120 11.10 -45.47 67.84
N ARG P 121 12.21 -46.19 67.94
CA ARG P 121 12.19 -47.54 68.49
C ARG P 121 12.15 -47.59 70.02
N LEU P 122 12.79 -46.63 70.67
CA LEU P 122 12.92 -46.65 72.12
C LEU P 122 11.58 -46.62 72.90
N PRO P 123 10.56 -45.89 72.41
CA PRO P 123 9.32 -46.02 73.18
C PRO P 123 8.55 -47.29 72.81
N ALA P 124 9.03 -48.43 73.27
CA ALA P 124 8.40 -49.72 72.97
C ALA P 124 7.30 -50.04 73.97
N LYS P 125 7.08 -49.13 74.91
CA LYS P 125 6.06 -49.28 75.95
C LYS P 125 6.31 -50.55 76.77
N ASP P 126 7.58 -50.89 76.95
CA ASP P 126 7.95 -52.07 77.73
C ASP P 126 7.84 -51.79 79.23
N ILE P 127 8.34 -50.64 79.65
CA ILE P 127 8.31 -50.25 81.06
C ILE P 127 7.66 -48.87 81.21
N GLN P 128 8.39 -47.85 80.77
CA GLN P 128 7.90 -46.46 80.71
C GLN P 128 7.60 -45.83 82.06
N THR P 129 7.66 -46.62 83.14
CA THR P 129 7.40 -46.10 84.48
C THR P 129 8.70 -45.69 85.17
N ASN P 130 9.82 -45.89 84.48
CA ASN P 130 11.12 -45.54 85.02
C ASN P 130 11.60 -44.18 84.51
N VAL P 131 12.22 -43.41 85.39
CA VAL P 131 12.69 -42.08 85.05
C VAL P 131 13.96 -42.17 84.19
N TYR P 132 14.68 -43.28 84.31
CA TYR P 132 15.91 -43.48 83.56
C TYR P 132 15.63 -43.67 82.07
N ILE P 133 14.45 -44.17 81.75
CA ILE P 133 14.05 -44.38 80.36
C ILE P 133 13.73 -43.05 79.69
N LYS P 134 13.06 -42.16 80.43
CA LYS P 134 12.66 -40.87 79.90
C LYS P 134 13.75 -39.83 80.11
N HIS P 135 14.83 -40.24 80.76
CA HIS P 135 15.94 -39.33 81.06
C HIS P 135 16.70 -38.84 79.81
N PRO P 136 17.14 -39.75 78.92
CA PRO P 136 17.93 -39.25 77.79
C PRO P 136 17.14 -38.36 76.83
N VAL P 137 15.87 -38.71 76.60
CA VAL P 137 15.04 -37.95 75.67
C VAL P 137 14.70 -36.57 76.24
N SER P 138 14.55 -36.49 77.55
CA SER P 138 14.24 -35.22 78.21
C SER P 138 15.50 -34.35 78.29
N LEU P 139 16.64 -34.99 78.47
CA LEU P 139 17.91 -34.29 78.52
C LEU P 139 18.25 -33.72 77.14
N GLU P 140 17.99 -34.51 76.11
CA GLU P 140 18.23 -34.08 74.74
C GLU P 140 17.19 -33.04 74.33
N GLN P 141 16.00 -33.13 74.91
CA GLN P 141 14.97 -32.14 74.66
C GLN P 141 15.38 -30.81 75.27
N TYR P 142 16.00 -30.88 76.45
CA TYR P 142 16.55 -29.70 77.10
C TYR P 142 17.75 -29.17 76.30
N LEU P 143 18.43 -30.07 75.61
CA LEU P 143 19.53 -29.68 74.73
C LEU P 143 18.97 -28.91 73.53
N MET P 144 17.81 -29.32 73.04
CA MET P 144 17.13 -28.61 71.98
C MET P 144 16.65 -27.26 72.48
N GLU P 145 16.26 -27.21 73.75
CA GLU P 145 15.94 -25.94 74.40
C GLU P 145 17.20 -25.10 74.53
N GLY P 146 18.32 -25.76 74.77
CA GLY P 146 19.60 -25.09 74.86
C GLY P 146 19.94 -24.62 76.26
N SER P 147 18.99 -24.74 77.18
CA SER P 147 19.17 -24.26 78.54
C SER P 147 20.01 -25.22 79.37
N TYR P 148 21.13 -24.72 79.88
CA TYR P 148 22.03 -25.52 80.71
C TYR P 148 21.67 -25.37 82.18
N ASN P 149 20.79 -24.42 82.49
CA ASN P 149 20.39 -24.15 83.86
C ASN P 149 19.51 -25.27 84.43
N LYS P 150 18.54 -25.71 83.63
CA LYS P 150 17.63 -26.76 84.05
C LYS P 150 18.37 -28.06 84.32
N VAL P 151 19.38 -28.34 83.51
CA VAL P 151 20.20 -29.53 83.67
C VAL P 151 21.00 -29.47 84.97
N PHE P 152 21.55 -28.30 85.26
CA PHE P 152 22.35 -28.09 86.46
C PHE P 152 21.50 -28.16 87.72
N LEU P 153 20.25 -27.68 87.61
CA LEU P 153 19.33 -27.71 88.75
C LEU P 153 18.77 -29.11 88.97
N ALA P 154 18.66 -29.87 87.88
CA ALA P 154 18.14 -31.24 87.96
C ALA P 154 19.28 -32.24 88.11
N LYS P 155 20.50 -31.73 88.24
CA LYS P 155 21.68 -32.58 88.37
C LYS P 155 21.65 -33.38 89.68
N GLY P 156 20.98 -32.83 90.68
CA GLY P 156 20.87 -33.50 91.98
C GLY P 156 19.71 -34.47 92.03
N ASN P 157 18.89 -34.48 90.98
CA ASN P 157 17.74 -35.37 90.93
C ASN P 157 18.11 -36.79 90.52
N ILE P 158 19.28 -36.93 89.91
CA ILE P 158 19.77 -38.25 89.50
C ILE P 158 20.04 -39.13 90.71
N PRO P 159 19.46 -40.34 90.71
CA PRO P 159 19.57 -41.31 91.81
C PRO P 159 21.00 -41.80 92.06
N ALA P 160 21.13 -42.75 92.98
CA ALA P 160 22.43 -43.28 93.39
C ALA P 160 23.15 -44.03 92.26
N GLU P 161 22.45 -44.21 91.14
CA GLU P 161 22.99 -44.93 89.99
C GLU P 161 24.31 -44.32 89.52
N SER P 162 25.20 -45.16 89.00
CA SER P 162 26.60 -44.80 88.84
C SER P 162 26.99 -44.15 87.51
N TYR P 163 26.01 -43.86 86.66
CA TYR P 163 26.30 -43.24 85.37
C TYR P 163 26.30 -41.72 85.46
N THR P 164 26.13 -41.20 86.68
CA THR P 164 26.21 -39.76 86.93
C THR P 164 27.54 -39.20 86.46
N PHE P 165 28.60 -39.97 86.66
CA PHE P 165 29.93 -39.59 86.20
C PHE P 165 29.97 -39.50 84.68
N PHE P 166 29.25 -40.41 84.02
CA PHE P 166 29.16 -40.39 82.57
C PHE P 166 28.36 -39.18 82.09
N ILE P 167 27.40 -38.76 82.92
CA ILE P 167 26.65 -37.54 82.63
C ILE P 167 27.59 -36.34 82.74
N ASP P 168 28.48 -36.39 83.72
CA ASP P 168 29.50 -35.36 83.88
C ASP P 168 30.45 -35.34 82.68
N ILE P 169 30.71 -36.52 82.13
CA ILE P 169 31.51 -36.64 80.92
C ILE P 169 30.76 -36.01 79.74
N LEU P 170 29.45 -36.20 79.71
CA LEU P 170 28.62 -35.60 78.67
C LEU P 170 28.67 -34.08 78.75
N LEU P 171 28.54 -33.54 79.96
CA LEU P 171 28.65 -32.10 80.16
C LEU P 171 30.04 -31.62 79.75
N ASP P 172 31.04 -32.45 80.02
CA ASP P 172 32.42 -32.13 79.70
C ASP P 172 32.66 -32.08 78.18
N THR P 173 31.97 -32.93 77.44
CA THR P 173 32.15 -32.94 75.99
C THR P 173 31.21 -31.98 75.26
N ILE P 174 30.17 -31.52 75.94
CA ILE P 174 29.29 -30.50 75.34
C ILE P 174 29.64 -29.08 75.79
N ARG P 175 30.55 -28.95 76.76
CA ARG P 175 30.88 -27.63 77.30
C ARG P 175 31.58 -26.76 76.26
N ASP P 176 32.31 -27.39 75.34
CA ASP P 176 32.98 -26.65 74.28
C ASP P 176 31.96 -26.14 73.26
N GLU P 177 30.86 -26.87 73.13
CA GLU P 177 29.77 -26.46 72.25
C GLU P 177 28.99 -25.31 72.87
N ILE P 178 28.64 -25.44 74.15
CA ILE P 178 27.90 -24.41 74.85
C ILE P 178 28.71 -23.11 74.95
N ALA P 179 29.93 -23.22 75.46
CA ALA P 179 30.80 -22.06 75.59
C ALA P 179 31.17 -21.51 74.22
N GLY P 180 31.33 -22.40 73.25
CA GLY P 180 31.64 -21.99 71.89
C GLY P 180 30.53 -21.18 71.26
N CYS P 181 29.29 -21.53 71.59
CA CYS P 181 28.14 -20.84 71.06
C CYS P 181 27.87 -19.52 71.79
N ILE P 182 28.07 -19.51 73.11
CA ILE P 182 27.78 -18.32 73.90
C ILE P 182 28.88 -17.26 73.75
N GLU P 183 30.08 -17.69 73.38
CA GLU P 183 31.20 -16.77 73.19
C GLU P 183 31.34 -16.33 71.75
N LYS P 184 30.39 -16.74 70.91
CA LYS P 184 30.40 -16.39 69.49
C LYS P 184 30.55 -14.88 69.27
N ALA P 185 29.74 -14.10 70.00
CA ALA P 185 29.86 -12.65 70.03
C ALA P 185 29.77 -12.01 68.64
N TYR P 186 28.57 -12.01 68.08
CA TYR P 186 28.31 -11.35 66.79
C TYR P 186 28.67 -9.86 66.85
N GLU P 187 28.47 -9.25 68.01
CA GLU P 187 28.83 -7.86 68.21
C GLU P 187 29.75 -7.71 69.42
N LYS P 188 29.20 -7.91 70.61
CA LYS P 188 29.93 -7.82 71.87
C LYS P 188 29.06 -8.20 73.06
N ILE P 189 29.70 -8.48 74.19
CA ILE P 189 29.00 -8.87 75.41
C ILE P 189 29.66 -8.23 76.63
N LEU P 190 28.97 -8.28 77.77
CA LEU P 190 29.51 -7.73 79.01
C LEU P 190 29.81 -8.88 79.98
N PHE P 191 30.81 -8.68 80.83
CA PHE P 191 31.32 -9.74 81.69
C PHE P 191 30.32 -10.20 82.75
N THR P 192 29.32 -9.37 83.05
CA THR P 192 28.37 -9.69 84.11
C THR P 192 27.48 -10.89 83.75
N GLU P 193 27.26 -11.09 82.45
CA GLU P 193 26.54 -12.27 81.98
C GLU P 193 27.50 -13.46 81.94
N ALA P 194 28.74 -13.19 81.57
CA ALA P 194 29.76 -14.22 81.49
C ALA P 194 30.00 -14.87 82.85
N THR P 195 29.88 -14.09 83.91
CA THR P 195 30.04 -14.60 85.26
C THR P 195 28.98 -15.67 85.56
N ARG P 196 27.76 -15.43 85.09
CA ARG P 196 26.66 -16.35 85.31
C ARG P 196 26.70 -17.58 84.41
N ILE P 197 26.97 -17.37 83.13
CA ILE P 197 26.97 -18.46 82.15
C ILE P 197 28.19 -19.37 82.31
N LEU P 198 29.37 -18.77 82.38
CA LEU P 198 30.61 -19.54 82.50
C LEU P 198 30.72 -20.23 83.87
N PHE P 199 31.60 -21.20 83.95
CA PHE P 199 31.77 -22.01 85.16
C PHE P 199 32.52 -21.24 86.25
N PHE P 200 32.89 -21.94 87.31
CA PHE P 200 33.43 -21.32 88.52
C PHE P 200 34.82 -20.71 88.31
N ASN P 201 35.38 -20.20 89.40
CA ASN P 201 36.61 -19.41 89.37
C ASN P 201 37.84 -20.14 88.81
N THR P 202 37.73 -21.45 88.64
CA THR P 202 38.83 -22.24 88.08
C THR P 202 39.14 -21.78 86.66
N PRO P 203 40.37 -21.26 86.45
CA PRO P 203 40.77 -20.66 85.18
C PRO P 203 41.04 -21.66 84.06
N LYS P 204 40.10 -22.55 83.80
CA LYS P 204 40.23 -23.48 82.68
C LYS P 204 39.83 -22.82 81.37
N LYS P 205 38.72 -22.08 81.40
CA LYS P 205 38.19 -21.45 80.19
C LYS P 205 39.02 -20.27 79.74
N MET P 206 39.34 -19.37 80.67
CA MET P 206 40.11 -18.17 80.35
C MET P 206 41.52 -18.52 79.89
N THR P 207 41.96 -19.74 80.21
CA THR P 207 43.26 -20.24 79.76
C THR P 207 43.14 -20.90 78.39
N ASP P 208 42.37 -21.98 78.33
CA ASP P 208 42.24 -22.78 77.11
C ASP P 208 41.68 -21.97 75.92
N TYR P 209 40.58 -21.27 76.15
CA TYR P 209 39.92 -20.53 75.07
C TYR P 209 40.76 -19.35 74.58
N ALA P 210 41.69 -18.89 75.42
CA ALA P 210 42.58 -17.80 75.04
C ALA P 210 43.57 -18.28 73.96
N LYS P 211 44.03 -19.51 74.12
CA LYS P 211 44.95 -20.11 73.15
C LYS P 211 44.20 -20.83 72.04
N LYS P 212 42.88 -20.94 72.21
CA LYS P 212 42.05 -21.60 71.21
C LYS P 212 41.50 -20.59 70.20
N ARG P 213 40.66 -19.68 70.68
CA ARG P 213 40.05 -18.67 69.83
C ARG P 213 41.09 -17.66 69.34
N GLY P 214 42.05 -17.33 70.20
CA GLY P 214 43.09 -16.40 69.86
C GLY P 214 42.59 -14.99 69.63
N TRP P 215 41.90 -14.44 70.63
CA TRP P 215 41.34 -13.09 70.53
C TRP P 215 42.05 -12.14 71.49
N VAL P 216 41.62 -10.88 71.47
CA VAL P 216 42.22 -9.86 72.32
C VAL P 216 41.41 -9.63 73.60
N LEU P 217 42.12 -9.39 74.69
CA LEU P 217 41.48 -9.15 75.98
C LEU P 217 41.71 -7.71 76.45
N GLY P 218 40.63 -7.02 76.78
CA GLY P 218 40.71 -5.64 77.24
C GLY P 218 40.58 -5.52 78.73
N PRO P 219 40.07 -4.36 79.20
CA PRO P 219 39.88 -4.10 80.63
C PRO P 219 38.69 -4.86 81.21
N ASN P 220 38.89 -6.14 81.50
CA ASN P 220 37.86 -7.01 82.05
C ASN P 220 36.63 -7.05 81.14
N ASN P 221 36.86 -7.15 79.83
CA ASN P 221 35.79 -7.21 78.86
C ASN P 221 36.21 -8.01 77.62
N TYR P 222 35.24 -8.69 77.00
CA TYR P 222 35.52 -9.50 75.82
C TYR P 222 35.21 -8.72 74.54
N TYR P 223 36.23 -8.48 73.73
CA TYR P 223 36.07 -7.76 72.47
C TYR P 223 35.96 -8.72 71.29
N SER P 224 35.08 -8.41 70.36
CA SER P 224 34.88 -9.25 69.18
C SER P 224 35.24 -8.49 67.91
N PHE P 225 35.95 -9.17 67.01
CA PHE P 225 36.36 -8.56 65.74
C PHE P 225 35.93 -9.43 64.56
N ALA P 226 36.27 -8.96 63.35
CA ALA P 226 35.94 -9.65 62.11
C ALA P 226 34.45 -9.95 61.99
N SER P 227 33.63 -8.99 62.42
CA SER P 227 32.18 -9.15 62.36
C SER P 227 31.57 -8.17 61.37
N GLN P 228 31.06 -8.71 60.26
CA GLN P 228 30.46 -7.92 59.19
C GLN P 228 31.40 -6.84 58.66
N GLN P 229 32.71 -7.11 58.75
CA GLN P 229 33.72 -6.18 58.26
C GLN P 229 34.15 -6.57 56.85
N GLN P 230 33.54 -7.64 56.33
CA GLN P 230 33.88 -8.15 55.01
C GLN P 230 33.55 -7.16 53.91
N LYS P 231 34.54 -6.88 53.06
CA LYS P 231 34.36 -5.97 51.93
C LYS P 231 33.79 -6.73 50.73
N PRO P 232 32.75 -6.17 50.09
CA PRO P 232 32.13 -6.80 48.92
C PRO P 232 33.06 -6.86 47.72
N GLU P 233 32.59 -7.44 46.63
CA GLU P 233 33.40 -7.62 45.44
C GLU P 233 33.54 -6.32 44.63
N ASP P 234 34.29 -6.38 43.54
CA ASP P 234 34.48 -5.23 42.68
C ASP P 234 33.47 -5.25 41.53
N THR P 235 32.57 -6.23 41.57
CA THR P 235 31.50 -6.42 40.59
C THR P 235 32.03 -6.80 39.20
N THR P 236 33.35 -6.84 39.06
CA THR P 236 33.98 -7.19 37.79
C THR P 236 33.87 -8.69 37.51
N ILE P 237 34.21 -9.50 38.51
CA ILE P 237 34.17 -10.95 38.38
C ILE P 237 32.75 -11.51 38.18
N PRO P 238 31.77 -11.08 39.00
CA PRO P 238 30.43 -11.61 38.75
C PRO P 238 29.86 -11.19 37.40
N SER P 239 30.33 -10.06 36.88
CA SER P 239 29.92 -9.62 35.55
C SER P 239 30.48 -10.56 34.50
N THR P 240 31.71 -11.03 34.73
CA THR P 240 32.35 -11.96 33.81
C THR P 240 31.67 -13.33 33.85
N GLU P 241 31.36 -13.81 35.04
CA GLU P 241 30.68 -15.10 35.16
C GLU P 241 29.26 -15.00 34.63
N LEU P 242 28.67 -13.81 34.70
CA LEU P 242 27.36 -13.56 34.12
C LEU P 242 27.45 -13.56 32.60
N ALA P 243 28.58 -13.08 32.09
CA ALA P 243 28.84 -13.11 30.66
C ALA P 243 28.98 -14.56 30.18
N LYS P 244 29.68 -15.36 30.98
CA LYS P 244 29.81 -16.78 30.71
C LYS P 244 28.44 -17.46 30.72
N GLN P 245 27.60 -17.03 31.66
CA GLN P 245 26.22 -17.53 31.73
C GLN P 245 25.44 -17.12 30.49
N VAL P 246 25.74 -15.95 29.95
CA VAL P 246 25.11 -15.49 28.71
C VAL P 246 25.55 -16.37 27.55
N ILE P 247 26.83 -16.74 27.53
CA ILE P 247 27.35 -17.65 26.53
C ILE P 247 26.63 -19.00 26.62
N GLU P 248 26.49 -19.50 27.84
CA GLU P 248 25.78 -20.75 28.08
C GLU P 248 24.32 -20.66 27.62
N TYR P 249 23.74 -19.48 27.79
CA TYR P 249 22.38 -19.22 27.33
C TYR P 249 22.32 -19.28 25.81
N ALA P 250 23.34 -18.76 25.15
CA ALA P 250 23.43 -18.80 23.70
C ALA P 250 23.55 -20.24 23.23
N ARG P 251 24.28 -21.05 23.99
CA ARG P 251 24.44 -22.47 23.68
C ARG P 251 23.12 -23.22 23.80
N GLN P 252 22.49 -23.11 24.97
CA GLN P 252 21.27 -23.85 25.26
C GLN P 252 20.11 -23.39 24.37
N LEU P 253 20.00 -22.09 24.13
CA LEU P 253 18.99 -21.57 23.22
C LEU P 253 19.27 -22.05 21.81
N GLU P 254 20.49 -21.80 21.31
CA GLU P 254 20.89 -22.35 20.04
C GLU P 254 22.14 -23.23 20.17
N MET P 255 21.92 -24.54 20.06
CA MET P 255 22.98 -25.52 19.87
C MET P 255 22.63 -26.39 18.67
N ILE P 256 21.53 -27.13 18.80
CA ILE P 256 20.99 -27.91 17.70
C ILE P 256 20.51 -26.96 16.60
N VAL P 257 19.94 -25.83 17.02
CA VAL P 257 19.48 -24.77 16.13
C VAL P 257 18.42 -25.28 15.13
N MET Q 1 -22.46 43.46 21.55
CA MET Q 1 -21.98 44.27 22.66
C MET Q 1 -22.99 45.34 23.05
N GLU Q 2 -22.69 46.08 24.11
CA GLU Q 2 -23.57 47.15 24.59
C GLU Q 2 -22.91 48.51 24.46
N GLY Q 3 -23.61 49.55 24.88
CA GLY Q 3 -23.10 50.90 24.81
C GLY Q 3 -24.20 51.94 24.69
N CYS Q 4 -23.84 53.13 24.20
CA CYS Q 4 -24.80 54.20 24.03
C CYS Q 4 -25.81 53.87 22.93
N VAL Q 5 -27.09 54.08 23.23
CA VAL Q 5 -28.15 53.78 22.26
C VAL Q 5 -28.36 54.92 21.29
N SER Q 6 -27.67 56.05 21.54
CA SER Q 6 -27.80 57.22 20.68
C SER Q 6 -26.54 58.08 20.75
N ASN Q 7 -26.35 58.93 19.75
CA ASN Q 7 -25.19 59.80 19.68
C ASN Q 7 -25.33 61.03 20.59
N LEU Q 8 -26.57 61.48 20.78
CA LEU Q 8 -26.85 62.64 21.61
C LEU Q 8 -26.58 62.35 23.09
N MET Q 9 -26.12 63.36 23.81
CA MET Q 9 -25.81 63.22 25.22
C MET Q 9 -27.07 63.20 26.09
N VAL Q 10 -27.98 64.12 25.81
CA VAL Q 10 -29.19 64.26 26.62
C VAL Q 10 -30.10 63.02 26.50
N CYS Q 11 -30.02 62.34 25.36
CA CYS Q 11 -30.83 61.14 25.14
C CYS Q 11 -30.29 59.98 25.98
N ASN Q 12 -28.97 59.81 25.96
CA ASN Q 12 -28.33 58.77 26.76
C ASN Q 12 -28.46 59.05 28.25
N LEU Q 13 -28.48 60.33 28.60
CA LEU Q 13 -28.67 60.74 29.99
C LEU Q 13 -30.11 60.50 30.43
N ALA Q 14 -31.04 60.68 29.51
CA ALA Q 14 -32.46 60.42 29.79
C ALA Q 14 -32.71 58.93 29.90
N TYR Q 15 -31.92 58.15 29.15
CA TYR Q 15 -32.05 56.69 29.17
C TYR Q 15 -31.38 56.11 30.42
N SER Q 16 -30.34 56.78 30.90
CA SER Q 16 -29.63 56.32 32.09
C SER Q 16 -30.40 56.67 33.36
N GLY Q 17 -31.33 57.61 33.24
CA GLY Q 17 -32.16 58.02 34.35
C GLY Q 17 -31.46 58.92 35.35
N LYS Q 18 -30.62 59.83 34.84
CA LYS Q 18 -29.95 60.80 35.68
C LYS Q 18 -30.74 62.11 35.71
N LEU Q 19 -31.30 62.43 36.88
CA LEU Q 19 -32.15 63.60 37.02
C LEU Q 19 -31.36 64.90 37.13
N GLU Q 20 -30.34 64.90 37.99
CA GLU Q 20 -29.57 66.12 38.28
C GLU Q 20 -28.75 66.59 37.09
N GLU Q 21 -28.12 65.66 36.38
CA GLU Q 21 -27.28 66.02 35.24
C GLU Q 21 -28.13 66.48 34.06
N LEU Q 22 -29.32 65.90 33.95
CA LEU Q 22 -30.26 66.28 32.89
C LEU Q 22 -30.83 67.67 33.17
N LYS Q 23 -31.22 67.92 34.41
CA LYS Q 23 -31.72 69.23 34.82
C LYS Q 23 -30.63 70.29 34.65
N GLU Q 24 -29.39 69.92 34.97
CA GLU Q 24 -28.26 70.82 34.79
C GLU Q 24 -28.04 71.10 33.30
N SER Q 25 -28.23 70.08 32.47
CA SER Q 25 -28.09 70.22 31.03
C SER Q 25 -29.14 71.16 30.46
N ILE Q 26 -30.36 71.05 30.96
CA ILE Q 26 -31.46 71.91 30.52
C ILE Q 26 -31.24 73.34 30.98
N LEU Q 27 -30.84 73.52 32.24
CA LEU Q 27 -30.58 74.83 32.79
C LEU Q 27 -29.42 75.52 32.07
N ALA Q 28 -28.45 74.72 31.62
CA ALA Q 28 -27.31 75.25 30.88
C ALA Q 28 -27.73 75.66 29.47
N ASP Q 29 -28.43 74.76 28.78
CA ASP Q 29 -28.91 75.04 27.43
C ASP Q 29 -30.34 74.54 27.24
N LYS Q 30 -31.21 75.40 26.72
CA LYS Q 30 -32.60 75.06 26.51
C LYS Q 30 -32.84 74.46 25.13
N SER Q 31 -31.82 74.47 24.29
CA SER Q 31 -31.95 73.98 22.92
C SER Q 31 -31.54 72.51 22.79
N LEU Q 32 -31.12 71.92 23.90
CA LEU Q 32 -30.68 70.52 23.91
C LEU Q 32 -31.86 69.57 23.79
N ALA Q 33 -33.03 70.00 24.28
CA ALA Q 33 -34.23 69.18 24.24
C ALA Q 33 -34.87 69.22 22.84
N THR Q 34 -34.50 70.22 22.05
CA THR Q 34 -35.05 70.37 20.71
C THR Q 34 -34.17 69.70 19.65
N ARG Q 35 -33.05 69.14 20.08
CA ARG Q 35 -32.14 68.47 19.18
C ARG Q 35 -32.69 67.12 18.74
N THR Q 36 -32.21 66.63 17.60
CA THR Q 36 -32.64 65.34 17.07
C THR Q 36 -31.45 64.45 16.72
N ASP Q 37 -31.58 63.16 17.02
CA ASP Q 37 -30.52 62.19 16.73
C ASP Q 37 -30.71 61.55 15.37
N GLN Q 38 -29.90 60.53 15.08
CA GLN Q 38 -30.01 59.79 13.83
C GLN Q 38 -31.30 58.96 13.80
N ASP Q 39 -31.82 58.65 14.98
CA ASP Q 39 -33.06 57.91 15.11
C ASP Q 39 -34.26 58.87 15.09
N SER Q 40 -33.97 60.16 14.95
CA SER Q 40 -34.98 61.22 14.89
C SER Q 40 -35.87 61.24 16.13
N ARG Q 41 -35.26 61.04 17.28
CA ARG Q 41 -35.99 61.09 18.55
C ARG Q 41 -35.36 62.08 19.52
N THR Q 42 -36.12 62.45 20.55
CA THR Q 42 -35.65 63.39 21.56
C THR Q 42 -35.46 62.69 22.90
N ALA Q 43 -35.07 63.45 23.91
CA ALA Q 43 -34.84 62.90 25.25
C ALA Q 43 -36.13 62.44 25.89
N LEU Q 44 -37.26 63.00 25.45
CA LEU Q 44 -38.56 62.65 25.99
C LEU Q 44 -38.92 61.20 25.72
N HIS Q 45 -38.58 60.71 24.53
CA HIS Q 45 -38.87 59.34 24.14
C HIS Q 45 -38.11 58.34 25.00
N TRP Q 46 -36.81 58.58 25.16
CA TRP Q 46 -35.97 57.71 25.97
C TRP Q 46 -36.34 57.81 27.45
N ALA Q 47 -36.84 58.97 27.85
CA ALA Q 47 -37.29 59.17 29.23
C ALA Q 47 -38.57 58.38 29.49
N CYS Q 48 -39.48 58.38 28.53
CA CYS Q 48 -40.71 57.60 28.64
C CYS Q 48 -40.40 56.11 28.56
N SER Q 49 -39.32 55.78 27.85
CA SER Q 49 -38.88 54.38 27.73
C SER Q 49 -38.24 53.90 29.03
N ALA Q 50 -37.56 54.80 29.72
CA ALA Q 50 -36.89 54.47 30.97
C ALA Q 50 -37.89 54.22 32.09
N GLY Q 51 -39.02 54.92 32.03
CA GLY Q 51 -40.08 54.75 33.01
C GLY Q 51 -39.95 55.68 34.20
N HIS Q 52 -39.23 56.78 34.02
CA HIS Q 52 -39.06 57.76 35.08
C HIS Q 52 -40.15 58.83 35.00
N THR Q 53 -40.87 59.01 36.11
CA THR Q 53 -42.00 59.94 36.15
C THR Q 53 -41.56 61.40 36.29
N GLU Q 54 -40.57 61.63 37.15
CA GLU Q 54 -40.11 62.99 37.44
C GLU Q 54 -39.59 63.70 36.19
N ILE Q 55 -38.78 63.01 35.42
CA ILE Q 55 -38.17 63.58 34.23
C ILE Q 55 -39.22 63.97 33.18
N VAL Q 56 -40.12 63.05 32.87
CA VAL Q 56 -41.14 63.30 31.86
C VAL Q 56 -42.14 64.35 32.35
N GLU Q 57 -42.37 64.41 33.66
CA GLU Q 57 -43.25 65.43 34.22
C GLU Q 57 -42.60 66.80 34.10
N PHE Q 58 -41.28 66.84 34.29
CA PHE Q 58 -40.53 68.09 34.15
C PHE Q 58 -40.53 68.56 32.70
N LEU Q 59 -40.29 67.64 31.79
CA LEU Q 59 -40.29 67.95 30.36
C LEU Q 59 -41.66 68.43 29.89
N LEU Q 60 -42.71 67.72 30.29
CA LEU Q 60 -44.07 68.11 29.95
C LEU Q 60 -44.45 69.42 30.64
N GLN Q 61 -43.77 69.73 31.74
CA GLN Q 61 -43.96 71.01 32.40
C GLN Q 61 -43.30 72.12 31.58
N LEU Q 62 -42.21 71.78 30.91
CA LEU Q 62 -41.53 72.73 30.04
C LEU Q 62 -42.32 73.00 28.76
N GLY Q 63 -43.26 72.10 28.45
CA GLY Q 63 -44.14 72.30 27.31
C GLY Q 63 -43.66 71.70 26.01
N VAL Q 64 -42.80 70.69 26.10
CA VAL Q 64 -42.29 70.01 24.91
C VAL Q 64 -43.42 69.33 24.14
N PRO Q 65 -43.49 69.56 22.82
CA PRO Q 65 -44.52 68.96 21.96
C PRO Q 65 -44.53 67.44 22.01
N VAL Q 66 -45.72 66.86 22.21
CA VAL Q 66 -45.88 65.42 22.30
C VAL Q 66 -46.16 64.84 20.92
N ASN Q 67 -46.36 65.72 19.94
CA ASN Q 67 -46.70 65.31 18.59
C ASN Q 67 -45.47 65.05 17.73
N ASP Q 68 -44.29 65.18 18.33
CA ASP Q 68 -43.03 64.95 17.64
C ASP Q 68 -42.86 63.46 17.33
N LYS Q 69 -42.59 63.15 16.07
CA LYS Q 69 -42.42 61.77 15.63
C LYS Q 69 -41.06 61.55 14.97
N ASP Q 70 -40.62 60.29 14.94
CA ASP Q 70 -39.36 59.94 14.30
C ASP Q 70 -39.59 59.54 12.84
N ASP Q 71 -38.55 59.00 12.21
CA ASP Q 71 -38.63 58.57 10.82
C ASP Q 71 -39.62 57.42 10.65
N ALA Q 72 -39.79 56.63 11.71
CA ALA Q 72 -40.72 55.52 11.67
C ALA Q 72 -42.08 55.92 12.23
N GLY Q 73 -42.19 57.18 12.67
CA GLY Q 73 -43.45 57.73 13.13
C GLY Q 73 -43.88 57.27 14.52
N TRP Q 74 -42.94 56.78 15.31
CA TRP Q 74 -43.24 56.36 16.68
C TRP Q 74 -43.51 57.56 17.59
N SER Q 75 -44.68 57.55 18.21
CA SER Q 75 -45.04 58.57 19.20
C SER Q 75 -44.61 58.13 20.59
N PRO Q 76 -44.38 59.10 21.49
CA PRO Q 76 -44.04 58.78 22.89
C PRO Q 76 -45.12 57.95 23.58
N LEU Q 77 -46.36 58.06 23.11
CA LEU Q 77 -47.47 57.30 23.68
C LEU Q 77 -47.32 55.82 23.38
N HIS Q 78 -46.84 55.49 22.19
CA HIS Q 78 -46.61 54.10 21.80
C HIS Q 78 -45.52 53.49 22.67
N ILE Q 79 -44.45 54.24 22.90
CA ILE Q 79 -43.34 53.79 23.74
C ILE Q 79 -43.80 53.63 25.18
N ALA Q 80 -44.66 54.54 25.63
CA ALA Q 80 -45.20 54.48 26.99
C ALA Q 80 -46.10 53.27 27.17
N ALA Q 81 -46.86 52.94 26.13
CA ALA Q 81 -47.74 51.78 26.16
C ALA Q 81 -46.94 50.48 26.08
N SER Q 82 -45.83 50.53 25.37
CA SER Q 82 -44.97 49.35 25.20
C SER Q 82 -44.12 49.11 26.45
N ALA Q 83 -43.86 50.16 27.21
CA ALA Q 83 -43.06 50.05 28.42
C ALA Q 83 -43.86 49.44 29.56
N GLY Q 84 -45.17 49.63 29.53
CA GLY Q 84 -46.04 49.10 30.56
C GLY Q 84 -46.05 49.96 31.81
N ARG Q 85 -45.86 51.26 31.63
CA ARG Q 85 -45.86 52.20 32.75
C ARG Q 85 -47.14 53.02 32.76
N ASP Q 86 -47.86 52.98 33.88
CA ASP Q 86 -49.13 53.66 33.99
C ASP Q 86 -48.98 55.17 34.17
N GLU Q 87 -48.02 55.57 34.99
CA GLU Q 87 -47.80 56.99 35.31
C GLU Q 87 -47.47 57.82 34.07
N ILE Q 88 -46.66 57.25 33.19
CA ILE Q 88 -46.28 57.93 31.95
C ILE Q 88 -47.50 58.18 31.09
N VAL Q 89 -48.37 57.18 31.00
CA VAL Q 89 -49.62 57.29 30.25
C VAL Q 89 -50.52 58.35 30.88
N LYS Q 90 -50.54 58.38 32.20
CA LYS Q 90 -51.32 59.39 32.93
C LYS Q 90 -50.82 60.79 32.62
N ALA Q 91 -49.50 60.94 32.50
CA ALA Q 91 -48.90 62.23 32.20
C ALA Q 91 -49.22 62.66 30.77
N LEU Q 92 -48.95 61.78 29.82
CA LEU Q 92 -49.18 62.07 28.40
C LEU Q 92 -50.64 62.38 28.11
N LEU Q 93 -51.53 61.53 28.58
CA LEU Q 93 -52.96 61.76 28.41
C LEU Q 93 -53.43 62.97 29.21
N GLY Q 94 -52.70 63.27 30.28
CA GLY Q 94 -52.99 64.43 31.11
C GLY Q 94 -52.60 65.72 30.41
N LYS Q 95 -51.66 65.63 29.47
CA LYS Q 95 -51.22 66.80 28.72
C LYS Q 95 -52.02 66.99 27.43
N GLY Q 96 -52.93 66.06 27.15
CA GLY Q 96 -53.78 66.17 25.98
C GLY Q 96 -53.21 65.54 24.73
N ALA Q 97 -52.31 64.57 24.92
CA ALA Q 97 -51.68 63.88 23.79
C ALA Q 97 -52.71 63.19 22.90
N GLN Q 98 -52.45 63.17 21.60
CA GLN Q 98 -53.35 62.57 20.63
C GLN Q 98 -53.30 61.04 20.67
N VAL Q 99 -54.46 60.42 20.80
CA VAL Q 99 -54.55 58.97 20.80
C VAL Q 99 -54.77 58.42 19.40
N ASN Q 100 -55.00 59.33 18.44
CA ASN Q 100 -55.24 58.95 17.05
C ASN Q 100 -53.95 58.95 16.24
N ALA Q 101 -52.84 59.24 16.89
CA ALA Q 101 -51.53 59.26 16.24
C ALA Q 101 -51.14 57.86 15.76
N VAL Q 102 -50.65 57.77 14.53
CA VAL Q 102 -50.31 56.48 13.95
C VAL Q 102 -48.83 56.38 13.59
N ASN Q 103 -48.27 55.18 13.74
CA ASN Q 103 -46.89 54.92 13.39
C ASN Q 103 -46.76 54.41 11.96
N GLN Q 104 -45.56 53.90 11.61
CA GLN Q 104 -45.27 53.42 10.27
C GLN Q 104 -46.30 52.41 9.76
N ASN Q 105 -46.65 51.45 10.60
CA ASN Q 105 -47.65 50.46 10.23
C ASN Q 105 -49.06 50.91 10.60
N GLY Q 106 -49.16 52.10 11.18
CA GLY Q 106 -50.45 52.70 11.50
C GLY Q 106 -51.14 52.06 12.69
N CYS Q 107 -50.39 51.35 13.50
CA CYS Q 107 -50.95 50.67 14.67
C CYS Q 107 -51.14 51.63 15.84
N THR Q 108 -52.38 51.71 16.33
CA THR Q 108 -52.71 52.56 17.47
C THR Q 108 -52.05 52.04 18.74
N PRO Q 109 -51.83 52.93 19.72
CA PRO Q 109 -51.25 52.53 21.02
C PRO Q 109 -52.06 51.43 21.73
N LEU Q 110 -53.33 51.29 21.37
CA LEU Q 110 -54.18 50.26 21.95
C LEU Q 110 -53.67 48.86 21.58
N HIS Q 111 -53.11 48.75 20.38
CA HIS Q 111 -52.54 47.49 19.92
C HIS Q 111 -51.38 47.05 20.80
N TYR Q 112 -50.46 47.98 21.08
CA TYR Q 112 -49.31 47.71 21.93
C TYR Q 112 -49.74 47.55 23.39
N ALA Q 113 -50.87 48.16 23.73
CA ALA Q 113 -51.41 48.04 25.08
C ALA Q 113 -51.96 46.63 25.31
N ALA Q 114 -52.57 46.07 24.26
CA ALA Q 114 -53.08 44.71 24.32
C ALA Q 114 -51.97 43.70 24.09
N SER Q 115 -50.86 44.17 23.51
CA SER Q 115 -49.71 43.32 23.23
C SER Q 115 -48.91 43.04 24.50
N LYS Q 116 -48.80 44.05 25.36
CA LYS Q 116 -48.08 43.93 26.61
C LYS Q 116 -49.03 43.48 27.72
N ASN Q 117 -50.30 43.28 27.35
CA ASN Q 117 -51.34 42.86 28.27
C ASN Q 117 -51.48 43.83 29.45
N ARG Q 118 -51.64 45.11 29.13
CA ARG Q 118 -51.83 46.13 30.15
C ARG Q 118 -53.28 46.62 30.16
N HIS Q 119 -54.00 46.29 31.22
CA HIS Q 119 -55.41 46.62 31.33
C HIS Q 119 -55.63 48.10 31.61
N GLU Q 120 -54.90 48.61 32.61
CA GLU Q 120 -55.05 50.00 33.04
C GLU Q 120 -54.73 50.98 31.92
N ILE Q 121 -53.64 50.72 31.20
CA ILE Q 121 -53.22 51.57 30.10
C ILE Q 121 -54.29 51.61 29.01
N ALA Q 122 -54.81 50.44 28.66
CA ALA Q 122 -55.85 50.34 27.63
C ALA Q 122 -57.12 51.07 28.04
N VAL Q 123 -57.53 50.88 29.28
CA VAL Q 123 -58.72 51.54 29.82
C VAL Q 123 -58.57 53.06 29.80
N MET Q 124 -57.43 53.55 30.27
CA MET Q 124 -57.16 54.98 30.31
C MET Q 124 -57.06 55.59 28.91
N LEU Q 125 -56.50 54.83 27.98
CA LEU Q 125 -56.40 55.29 26.60
C LEU Q 125 -57.77 55.37 25.93
N LEU Q 126 -58.60 54.36 26.17
CA LEU Q 126 -59.94 54.32 25.59
C LEU Q 126 -60.87 55.30 26.30
N GLU Q 127 -60.47 55.74 27.48
CA GLU Q 127 -61.27 56.70 28.24
C GLU Q 127 -61.10 58.11 27.68
N GLY Q 128 -59.98 58.34 27.00
CA GLY Q 128 -59.68 59.64 26.44
C GLY Q 128 -60.42 59.96 25.14
N GLY Q 129 -61.33 59.07 24.76
CA GLY Q 129 -62.12 59.26 23.56
C GLY Q 129 -61.57 58.53 22.35
N ALA Q 130 -60.66 57.59 22.60
CA ALA Q 130 -60.06 56.80 21.53
C ALA Q 130 -61.09 55.87 20.88
N ASN Q 131 -60.87 55.54 19.62
CA ASN Q 131 -61.77 54.67 18.89
C ASN Q 131 -61.25 53.25 18.79
N PRO Q 132 -61.93 52.30 19.45
CA PRO Q 132 -61.55 50.88 19.43
C PRO Q 132 -61.75 50.26 18.05
N ASP Q 133 -62.55 50.89 17.21
CA ASP Q 133 -62.85 50.37 15.89
C ASP Q 133 -61.86 50.87 14.84
N ALA Q 134 -60.88 51.65 15.30
CA ALA Q 134 -59.85 52.18 14.41
C ALA Q 134 -59.01 51.07 13.80
N LYS Q 135 -58.65 51.21 12.53
CA LYS Q 135 -57.88 50.20 11.83
C LYS Q 135 -56.51 50.73 11.40
N ASP Q 136 -55.54 49.83 11.32
CA ASP Q 136 -54.19 50.19 10.89
C ASP Q 136 -54.04 50.04 9.38
N HIS Q 137 -52.80 50.15 8.89
CA HIS Q 137 -52.53 49.98 7.47
C HIS Q 137 -52.80 48.56 7.03
N TYR Q 138 -52.72 47.62 7.97
CA TYR Q 138 -53.02 46.23 7.69
C TYR Q 138 -54.49 45.92 7.95
N GLU Q 139 -55.24 46.96 8.30
CA GLU Q 139 -56.68 46.86 8.55
C GLU Q 139 -57.00 45.84 9.64
N ALA Q 140 -56.34 45.96 10.78
CA ALA Q 140 -56.56 45.06 11.89
C ALA Q 140 -56.64 45.83 13.21
N THR Q 141 -57.55 45.40 14.10
CA THR Q 141 -57.71 46.05 15.39
C THR Q 141 -56.89 45.36 16.47
N ALA Q 142 -56.99 45.85 17.70
CA ALA Q 142 -56.24 45.31 18.81
C ALA Q 142 -56.83 43.98 19.30
N MET Q 143 -58.09 43.74 18.93
CA MET Q 143 -58.77 42.51 19.31
C MET Q 143 -58.10 41.30 18.68
N HIS Q 144 -57.51 41.51 17.51
CA HIS Q 144 -56.77 40.45 16.81
C HIS Q 144 -55.60 39.96 17.64
N ARG Q 145 -54.74 40.90 18.05
CA ARG Q 145 -53.56 40.57 18.84
C ARG Q 145 -53.96 40.08 20.23
N ALA Q 146 -55.05 40.63 20.76
CA ALA Q 146 -55.56 40.24 22.06
C ALA Q 146 -56.00 38.79 22.07
N ALA Q 147 -56.67 38.37 20.98
CA ALA Q 147 -57.11 36.99 20.85
C ALA Q 147 -55.96 36.08 20.44
N ALA Q 148 -54.92 36.68 19.85
CA ALA Q 148 -53.76 35.93 19.39
C ALA Q 148 -52.83 35.58 20.56
N LYS Q 149 -52.76 36.47 21.55
CA LYS Q 149 -51.91 36.24 22.70
C LYS Q 149 -52.67 35.54 23.83
N GLY Q 150 -53.93 35.22 23.58
CA GLY Q 150 -54.74 34.49 24.54
C GLY Q 150 -55.05 35.28 25.80
N ASN Q 151 -55.58 36.48 25.63
CA ASN Q 151 -55.96 37.32 26.76
C ASN Q 151 -57.47 37.50 26.85
N LEU Q 152 -58.08 36.89 27.86
CA LEU Q 152 -59.53 36.96 28.04
C LEU Q 152 -59.95 38.30 28.62
N LYS Q 153 -59.22 38.76 29.63
CA LYS Q 153 -59.54 40.00 30.32
C LYS Q 153 -59.38 41.21 29.40
N MET Q 154 -58.42 41.12 28.49
CA MET Q 154 -58.18 42.20 27.53
C MET Q 154 -59.37 42.37 26.59
N ILE Q 155 -59.82 41.25 26.01
CA ILE Q 155 -60.98 41.26 25.14
C ILE Q 155 -62.21 41.69 25.92
N HIS Q 156 -62.26 41.31 27.20
CA HIS Q 156 -63.39 41.64 28.06
C HIS Q 156 -63.49 43.16 28.27
N ILE Q 157 -62.38 43.78 28.66
CA ILE Q 157 -62.38 45.22 28.89
C ILE Q 157 -62.46 45.99 27.59
N LEU Q 158 -62.11 45.33 26.48
CA LEU Q 158 -62.31 45.92 25.17
C LEU Q 158 -63.79 45.86 24.80
N LEU Q 159 -64.49 44.90 25.35
CA LEU Q 159 -65.93 44.75 25.13
C LEU Q 159 -66.73 45.58 26.14
N TYR Q 160 -66.04 46.08 27.16
CA TYR Q 160 -66.68 47.01 28.10
C TYR Q 160 -67.03 48.33 27.40
N TYR Q 161 -66.28 48.65 26.35
CA TYR Q 161 -66.53 49.86 25.57
C TYR Q 161 -67.44 49.55 24.39
N LYS Q 162 -67.92 48.32 24.32
CA LYS Q 162 -68.82 47.86 23.27
C LYS Q 162 -68.17 47.96 21.89
N ALA Q 163 -66.93 47.51 21.80
CA ALA Q 163 -66.21 47.50 20.53
C ALA Q 163 -66.82 46.47 19.58
N SER Q 164 -66.92 46.83 18.30
CA SER Q 164 -67.51 45.96 17.30
C SER Q 164 -66.60 44.78 16.98
N THR Q 165 -67.17 43.58 16.92
CA THR Q 165 -66.43 42.38 16.56
C THR Q 165 -66.55 42.08 15.07
N ASN Q 166 -67.24 42.96 14.35
CA ASN Q 166 -67.52 42.75 12.93
C ASN Q 166 -66.42 43.29 12.03
N ILE Q 167 -65.35 43.82 12.64
CA ILE Q 167 -64.21 44.33 11.87
C ILE Q 167 -63.53 43.18 11.12
N GLN Q 168 -63.35 43.36 9.81
CA GLN Q 168 -62.76 42.33 8.97
C GLN Q 168 -61.34 42.72 8.54
N ASP Q 169 -60.40 41.81 8.72
CA ASP Q 169 -59.03 42.02 8.29
C ASP Q 169 -58.94 41.96 6.77
N THR Q 170 -57.89 42.57 6.21
CA THR Q 170 -57.69 42.57 4.77
C THR Q 170 -57.40 41.16 4.26
N GLU Q 171 -56.93 40.30 5.14
CA GLU Q 171 -56.70 38.89 4.81
C GLU Q 171 -58.01 38.13 4.83
N GLY Q 172 -58.98 38.65 5.60
CA GLY Q 172 -60.28 38.02 5.70
C GLY Q 172 -60.48 37.28 7.01
N ASN Q 173 -59.47 37.34 7.88
CA ASN Q 173 -59.51 36.63 9.14
C ASN Q 173 -60.08 37.49 10.27
N THR Q 174 -61.22 37.07 10.80
CA THR Q 174 -61.84 37.75 11.93
C THR Q 174 -61.12 37.36 13.23
N PRO Q 175 -61.27 38.18 14.28
CA PRO Q 175 -60.70 37.83 15.59
C PRO Q 175 -61.15 36.46 16.11
N LEU Q 176 -62.31 36.01 15.65
CA LEU Q 176 -62.83 34.70 16.01
C LEU Q 176 -61.95 33.60 15.41
N HIS Q 177 -61.48 33.82 14.19
CA HIS Q 177 -60.58 32.89 13.52
C HIS Q 177 -59.26 32.78 14.28
N LEU Q 178 -58.79 33.91 14.78
CA LEU Q 178 -57.55 33.93 15.56
C LEU Q 178 -57.77 33.29 16.92
N ALA Q 179 -59.01 33.38 17.41
CA ALA Q 179 -59.37 32.76 18.68
C ALA Q 179 -59.41 31.25 18.54
N CYS Q 180 -59.83 30.78 17.36
CA CYS Q 180 -59.86 29.35 17.07
C CYS Q 180 -58.47 28.82 16.76
N ASP Q 181 -57.64 29.67 16.18
CA ASP Q 181 -56.26 29.30 15.84
C ASP Q 181 -55.42 29.16 17.10
N GLU Q 182 -55.78 29.93 18.12
CA GLU Q 182 -55.09 29.89 19.40
C GLU Q 182 -55.63 28.76 20.27
N GLU Q 183 -56.67 28.10 19.76
CA GLU Q 183 -57.33 26.99 20.45
C GLU Q 183 -57.83 27.39 21.83
N ARG Q 184 -58.38 28.60 21.92
CA ARG Q 184 -58.95 29.09 23.17
C ARG Q 184 -60.46 28.84 23.19
N VAL Q 185 -60.90 27.97 24.08
CA VAL Q 185 -62.31 27.59 24.17
C VAL Q 185 -63.16 28.71 24.78
N GLU Q 186 -62.68 29.25 25.90
CA GLU Q 186 -63.41 30.29 26.61
C GLU Q 186 -63.61 31.55 25.76
N GLU Q 187 -62.53 31.99 25.11
CA GLU Q 187 -62.59 33.18 24.26
C GLU Q 187 -63.54 32.98 23.09
N ALA Q 188 -63.48 31.79 22.49
CA ALA Q 188 -64.34 31.46 21.36
C ALA Q 188 -65.80 31.45 21.75
N LYS Q 189 -66.12 30.73 22.83
CA LYS Q 189 -67.49 30.64 23.32
C LYS Q 189 -68.02 32.02 23.71
N LEU Q 190 -67.16 32.83 24.32
CA LEU Q 190 -67.55 34.18 24.74
C LEU Q 190 -67.88 35.05 23.53
N LEU Q 191 -66.93 35.12 22.59
CA LEU Q 191 -67.11 35.93 21.38
C LEU Q 191 -68.34 35.50 20.59
N VAL Q 192 -68.54 34.19 20.48
CA VAL Q 192 -69.70 33.66 19.78
C VAL Q 192 -70.99 34.05 20.51
N SER Q 193 -70.97 33.95 21.84
CA SER Q 193 -72.13 34.30 22.65
C SER Q 193 -72.42 35.80 22.62
N GLN Q 194 -71.42 36.59 22.21
CA GLN Q 194 -71.58 38.04 22.14
C GLN Q 194 -72.21 38.47 20.82
N GLY Q 195 -72.49 37.51 19.95
CA GLY Q 195 -73.17 37.80 18.70
C GLY Q 195 -72.28 37.89 17.47
N ALA Q 196 -71.04 37.42 17.61
CA ALA Q 196 -70.09 37.43 16.50
C ALA Q 196 -70.57 36.54 15.35
N SER Q 197 -70.56 37.08 14.14
CA SER Q 197 -71.02 36.35 12.97
C SER Q 197 -70.00 35.33 12.50
N ILE Q 198 -70.42 34.08 12.39
CA ILE Q 198 -69.55 33.01 11.93
C ILE Q 198 -69.68 32.78 10.43
N TYR Q 199 -70.50 33.61 9.78
CA TYR Q 199 -70.76 33.46 8.35
C TYR Q 199 -69.75 34.23 7.51
N ILE Q 200 -68.78 34.87 8.18
CA ILE Q 200 -67.76 35.64 7.48
C ILE Q 200 -66.66 34.72 6.95
N GLU Q 201 -66.44 34.77 5.64
CA GLU Q 201 -65.44 33.93 5.01
C GLU Q 201 -64.20 34.73 4.59
N ASN Q 202 -63.04 34.10 4.67
CA ASN Q 202 -61.79 34.76 4.30
C ASN Q 202 -61.45 34.54 2.83
N LYS Q 203 -60.24 34.94 2.44
CA LYS Q 203 -59.78 34.76 1.06
C LYS Q 203 -59.55 33.27 0.76
N GLU Q 204 -59.33 32.49 1.80
CA GLU Q 204 -59.14 31.05 1.65
C GLU Q 204 -60.48 30.32 1.62
N GLU Q 205 -61.56 31.07 1.83
CA GLU Q 205 -62.92 30.52 1.86
C GLU Q 205 -63.03 29.42 2.91
N LYS Q 206 -62.61 29.72 4.13
CA LYS Q 206 -62.65 28.76 5.22
C LYS Q 206 -63.50 29.24 6.39
N THR Q 207 -64.54 28.47 6.70
CA THR Q 207 -65.43 28.79 7.81
C THR Q 207 -64.70 28.60 9.15
N PRO Q 208 -65.06 29.40 10.16
CA PRO Q 208 -64.47 29.30 11.49
C PRO Q 208 -64.56 27.90 12.10
N LEU Q 209 -65.57 27.13 11.68
CA LEU Q 209 -65.74 25.76 12.16
C LEU Q 209 -64.61 24.86 11.66
N GLN Q 210 -64.17 25.10 10.43
CA GLN Q 210 -63.09 24.32 9.84
C GLN Q 210 -61.73 24.77 10.38
N VAL Q 211 -61.68 25.99 10.89
CA VAL Q 211 -60.44 26.54 11.44
C VAL Q 211 -60.06 25.82 12.74
N ALA Q 212 -61.02 25.69 13.65
CA ALA Q 212 -60.80 25.02 14.91
C ALA Q 212 -60.83 23.50 14.76
N LYS Q 213 -60.04 22.81 15.56
CA LYS Q 213 -59.98 21.35 15.52
C LYS Q 213 -60.43 20.74 16.85
N GLY Q 214 -60.90 19.50 16.80
CA GLY Q 214 -61.35 18.80 17.98
C GLY Q 214 -62.83 18.97 18.23
N GLY Q 215 -63.56 19.38 17.20
CA GLY Q 215 -65.00 19.56 17.29
C GLY Q 215 -65.36 20.81 18.08
N LEU Q 216 -64.49 21.82 18.02
CA LEU Q 216 -64.72 23.07 18.73
C LEU Q 216 -65.74 23.92 17.97
N GLY Q 217 -65.64 23.90 16.64
CA GLY Q 217 -66.58 24.61 15.80
C GLY Q 217 -67.98 24.06 15.93
N LEU Q 218 -68.07 22.80 16.33
CA LEU Q 218 -69.37 22.15 16.56
C LEU Q 218 -70.10 22.78 17.74
N ILE Q 219 -69.40 22.92 18.86
CA ILE Q 219 -70.00 23.52 20.05
C ILE Q 219 -70.13 25.04 19.87
N LEU Q 220 -69.31 25.61 18.99
CA LEU Q 220 -69.46 27.01 18.63
C LEU Q 220 -70.78 27.22 17.90
N LYS Q 221 -71.06 26.35 16.93
CA LYS Q 221 -72.31 26.40 16.20
C LYS Q 221 -73.47 26.09 17.14
N ARG Q 222 -73.21 25.25 18.13
CA ARG Q 222 -74.21 24.94 19.16
C ARG Q 222 -74.54 26.18 19.97
N MET Q 223 -73.52 27.01 20.23
CA MET Q 223 -73.71 28.26 20.94
C MET Q 223 -74.41 29.29 20.05
N VAL Q 224 -74.20 29.17 18.74
CA VAL Q 224 -74.84 30.06 17.79
C VAL Q 224 -76.34 29.78 17.72
N GLU Q 225 -76.69 28.52 17.52
CA GLU Q 225 -78.09 28.11 17.44
C GLU Q 225 -78.76 28.16 18.80
N GLY Q 226 -77.96 27.99 19.85
CA GLY Q 226 -78.48 28.01 21.21
C GLY Q 226 -78.60 29.41 21.76
N MET R 1 -0.55 -47.17 39.55
CA MET R 1 -1.12 -48.22 40.38
C MET R 1 -2.33 -47.72 41.15
N SER R 2 -2.11 -46.76 42.05
CA SER R 2 -3.17 -46.10 42.82
C SER R 2 -3.86 -47.03 43.81
N GLU R 3 -3.47 -48.30 43.81
CA GLU R 3 -4.09 -49.31 44.67
C GLU R 3 -3.79 -49.10 46.15
N LYS R 4 -2.89 -48.17 46.45
CA LYS R 4 -2.51 -47.89 47.83
C LYS R 4 -3.50 -46.95 48.51
N LYS R 5 -4.48 -46.49 47.75
CA LYS R 5 -5.50 -45.58 48.28
C LYS R 5 -6.59 -46.35 49.02
N GLN R 6 -6.65 -47.66 48.80
CA GLN R 6 -7.67 -48.51 49.40
C GLN R 6 -7.62 -48.55 50.93
N PRO R 7 -6.44 -48.82 51.54
CA PRO R 7 -6.45 -48.85 53.01
C PRO R 7 -6.70 -47.47 53.63
N VAL R 8 -6.34 -46.43 52.90
CA VAL R 8 -6.60 -45.07 53.35
C VAL R 8 -8.09 -44.78 53.33
N ASP R 9 -8.75 -45.20 52.26
CA ASP R 9 -10.20 -45.05 52.14
C ASP R 9 -10.92 -45.85 53.21
N LEU R 10 -10.40 -47.05 53.50
CA LEU R 10 -10.94 -47.87 54.58
C LEU R 10 -10.75 -47.19 55.93
N GLY R 11 -9.63 -46.48 56.07
CA GLY R 11 -9.37 -45.70 57.27
C GLY R 11 -10.39 -44.59 57.43
N LEU R 12 -10.72 -43.94 56.30
CA LEU R 12 -11.75 -42.91 56.29
C LEU R 12 -13.09 -43.50 56.66
N LEU R 13 -13.34 -44.73 56.20
CA LEU R 13 -14.57 -45.43 56.54
C LEU R 13 -14.63 -45.74 58.04
N GLU R 14 -13.47 -46.01 58.63
CA GLU R 14 -13.39 -46.21 60.07
C GLU R 14 -13.66 -44.91 60.82
N GLU R 15 -13.12 -43.82 60.29
CA GLU R 15 -13.36 -42.49 60.84
C GLU R 15 -14.84 -42.14 60.79
N ASP R 16 -15.52 -42.64 59.76
CA ASP R 16 -16.96 -42.45 59.63
C ASP R 16 -17.72 -43.43 60.52
N ASP R 17 -17.05 -44.52 60.89
CA ASP R 17 -17.64 -45.52 61.77
C ASP R 17 -17.56 -45.10 63.23
N GLU R 18 -16.63 -44.19 63.53
CA GLU R 18 -16.49 -43.65 64.87
C GLU R 18 -17.79 -42.98 65.32
N PHE R 19 -18.12 -41.86 64.69
CA PHE R 19 -19.37 -41.16 64.93
C PHE R 19 -20.18 -41.05 63.65
N GLU R 20 -21.50 -41.05 63.75
CA GLU R 20 -22.33 -40.97 62.56
C GLU R 20 -22.90 -39.57 62.35
N GLU R 21 -22.34 -38.86 61.37
CA GLU R 21 -22.80 -37.56 60.92
C GLU R 21 -22.85 -36.51 62.03
N PHE R 22 -22.11 -36.72 63.10
CA PHE R 22 -22.01 -35.70 64.16
C PHE R 22 -21.18 -34.48 63.73
N PRO R 23 -19.92 -34.70 63.27
CA PRO R 23 -19.15 -33.50 62.93
C PRO R 23 -19.67 -32.82 61.67
N ALA R 24 -20.36 -33.59 60.83
CA ALA R 24 -20.96 -33.06 59.61
C ALA R 24 -21.93 -31.93 59.94
N GLU R 25 -22.90 -32.22 60.80
CA GLU R 25 -23.90 -31.24 61.20
C GLU R 25 -23.33 -30.19 62.15
N ASP R 26 -22.53 -30.64 63.12
CA ASP R 26 -21.93 -29.73 64.10
C ASP R 26 -21.11 -28.65 63.41
N TRP R 27 -20.39 -29.02 62.35
CA TRP R 27 -19.64 -28.04 61.58
C TRP R 27 -20.50 -27.41 60.48
N ALA R 28 -21.65 -28.02 60.20
CA ALA R 28 -22.59 -27.45 59.24
C ALA R 28 -23.27 -26.23 59.84
N GLY R 29 -23.32 -26.20 61.17
CA GLY R 29 -23.85 -25.04 61.89
C GLY R 29 -23.08 -23.77 61.52
N LEU R 30 -21.75 -23.89 61.46
CA LEU R 30 -20.91 -22.78 61.04
C LEU R 30 -20.86 -22.65 59.52
N ASP R 31 -20.78 -23.78 58.83
CA ASP R 31 -20.60 -23.80 57.38
C ASP R 31 -21.79 -23.22 56.63
N GLU R 32 -22.99 -23.31 57.21
CA GLU R 32 -24.17 -22.77 56.56
C GLU R 32 -24.07 -21.25 56.46
N ASP R 33 -23.46 -20.64 57.48
CA ASP R 33 -23.18 -19.21 57.45
C ASP R 33 -21.92 -18.93 56.65
N GLU R 34 -21.05 -19.93 56.56
CA GLU R 34 -19.78 -19.79 55.85
C GLU R 34 -19.92 -20.19 54.38
N ASP R 35 -21.08 -20.73 54.02
CA ASP R 35 -21.33 -21.18 52.65
C ASP R 35 -21.32 -20.00 51.68
N ALA R 36 -20.97 -20.28 50.43
CA ALA R 36 -20.92 -19.30 49.34
C ALA R 36 -19.83 -18.24 49.54
N HIS R 37 -19.16 -18.29 50.69
CA HIS R 37 -18.10 -17.33 51.01
C HIS R 37 -16.73 -17.90 50.65
N VAL R 38 -15.84 -17.04 50.17
CA VAL R 38 -14.49 -17.45 49.79
C VAL R 38 -13.72 -17.99 50.99
N TRP R 39 -13.15 -19.18 50.84
CA TRP R 39 -12.43 -19.84 51.93
C TRP R 39 -11.01 -19.31 52.10
N GLU R 40 -10.59 -18.44 51.19
CA GLU R 40 -9.28 -17.82 51.26
C GLU R 40 -9.26 -16.77 52.37
N ASP R 41 -10.32 -15.98 52.44
CA ASP R 41 -10.42 -14.93 53.44
C ASP R 41 -10.83 -15.48 54.81
N ASN R 42 -11.44 -16.65 54.80
CA ASN R 42 -11.92 -17.28 56.04
C ASN R 42 -10.78 -17.75 56.94
N TRP R 43 -9.57 -17.79 56.40
CA TRP R 43 -8.40 -18.22 57.16
C TRP R 43 -8.06 -17.21 58.25
N ASP R 44 -7.89 -15.95 57.85
CA ASP R 44 -7.60 -14.88 58.80
C ASP R 44 -8.81 -14.61 59.70
N ASP R 45 -10.00 -14.78 59.14
CA ASP R 45 -11.24 -14.57 59.89
C ASP R 45 -11.34 -15.57 61.04
N ASP R 46 -11.14 -16.85 60.73
CA ASP R 46 -11.19 -17.90 61.74
C ASP R 46 -10.00 -17.76 62.69
N ASN R 47 -8.89 -17.25 62.17
CA ASN R 47 -7.71 -17.00 63.00
C ASN R 47 -8.01 -15.99 64.11
N VAL R 48 -8.52 -14.82 63.72
CA VAL R 48 -8.85 -13.78 64.67
C VAL R 48 -10.01 -14.20 65.58
N GLU R 49 -10.98 -14.90 65.00
CA GLU R 49 -12.15 -15.36 65.76
C GLU R 49 -11.74 -16.33 66.86
N ASP R 50 -10.81 -17.23 66.54
CA ASP R 50 -10.32 -18.20 67.51
C ASP R 50 -9.35 -17.57 68.49
N ASP R 51 -8.66 -16.52 68.05
CA ASP R 51 -7.71 -15.81 68.89
C ASP R 51 -8.43 -15.02 69.97
N PHE R 52 -9.54 -14.39 69.60
CA PHE R 52 -10.32 -13.59 70.54
C PHE R 52 -11.43 -14.40 71.19
N SER R 53 -11.47 -15.70 70.87
CA SER R 53 -12.49 -16.59 71.42
C SER R 53 -12.37 -16.74 72.93
N ASN R 54 -11.14 -16.64 73.43
CA ASN R 54 -10.89 -16.76 74.86
C ASN R 54 -11.27 -15.49 75.62
N GLN R 55 -10.52 -14.42 75.38
CA GLN R 55 -10.76 -13.15 76.05
C GLN R 55 -10.77 -11.99 75.04
N LEU R 56 -11.26 -10.84 75.50
CA LEU R 56 -11.32 -9.59 74.72
C LEU R 56 -11.87 -9.81 73.30
N ARG R 57 -12.98 -10.52 73.21
CA ARG R 57 -13.61 -10.82 71.92
C ARG R 57 -14.05 -9.55 71.21
N ALA R 58 -14.71 -8.66 71.95
CA ALA R 58 -15.16 -7.38 71.39
C ALA R 58 -14.13 -6.28 71.63
N GLU R 59 -14.04 -5.86 72.89
CA GLU R 59 -13.03 -4.90 73.35
C GLU R 59 -13.25 -3.48 72.81
N LEU R 60 -14.14 -3.35 71.82
CA LEU R 60 -14.43 -2.05 71.23
C LEU R 60 -15.20 -1.15 72.20
N GLU R 61 -16.08 -1.77 72.99
CA GLU R 61 -16.87 -1.03 73.96
C GLU R 61 -16.06 -0.74 75.22
N LYS R 62 -14.98 -1.48 75.40
CA LYS R 62 -14.13 -1.32 76.57
C LYS R 62 -13.19 -0.13 76.42
N HIS R 63 -12.96 0.29 75.18
CA HIS R 63 -12.07 1.42 74.88
C HIS R 63 -12.53 2.69 75.58
N GLY R 64 -13.84 2.94 75.56
CA GLY R 64 -14.40 4.11 76.21
C GLY R 64 -14.13 4.14 77.69
N TYR R 65 -14.12 2.96 78.30
CA TYR R 65 -13.81 2.83 79.72
C TYR R 65 -12.30 2.88 79.95
N LYS R 66 -11.54 2.64 78.89
CA LYS R 66 -10.08 2.68 78.96
C LYS R 66 -9.53 4.04 78.55
N MET R 67 -10.42 4.97 78.23
CA MET R 67 -10.01 6.31 77.86
C MET R 67 -9.46 7.09 79.04
N GLU R 68 -10.20 7.08 80.15
CA GLU R 68 -9.80 7.81 81.34
C GLU R 68 -8.75 7.06 82.15
N THR R 69 -8.75 5.73 82.05
CA THR R 69 -7.84 4.90 82.83
C THR R 69 -6.51 4.66 82.11
N SER R 70 -6.45 5.03 80.83
CA SER R 70 -5.24 4.84 80.05
C SER R 70 -5.12 5.88 78.94
N ARG S 1 -74.31 -37.09 -17.12
CA ARG S 1 -74.49 -37.40 -15.70
C ARG S 1 -73.23 -38.03 -15.11
N ASP S 2 -73.31 -38.42 -13.85
CA ASP S 2 -72.17 -39.03 -13.16
C ASP S 2 -72.06 -40.51 -13.51
N LYS S 3 -70.83 -41.01 -13.57
CA LYS S 3 -70.57 -42.40 -13.93
C LYS S 3 -70.61 -43.32 -12.71
N ALA S 4 -70.88 -42.73 -11.54
CA ALA S 4 -70.92 -43.47 -10.28
C ALA S 4 -72.00 -44.57 -10.25
N PRO S 5 -73.27 -44.25 -10.63
CA PRO S 5 -74.27 -45.33 -10.55
C PRO S 5 -74.02 -46.45 -11.56
N VAL S 6 -73.44 -46.13 -12.70
CA VAL S 6 -73.20 -47.13 -13.74
C VAL S 6 -71.82 -47.78 -13.59
N GLN S 7 -71.07 -47.34 -12.59
CA GLN S 7 -69.74 -47.88 -12.32
C GLN S 7 -69.77 -49.35 -11.85
N PRO S 8 -70.61 -49.70 -10.87
CA PRO S 8 -70.62 -51.11 -10.44
C PRO S 8 -71.16 -52.07 -11.50
N GLN S 9 -71.87 -51.54 -12.50
CA GLN S 9 -72.52 -52.36 -13.51
C GLN S 9 -71.55 -53.20 -14.33
N GLN S 10 -70.32 -52.71 -14.49
CA GLN S 10 -69.32 -53.40 -15.30
C GLN S 10 -68.59 -54.48 -14.51
N SER S 11 -68.77 -54.47 -13.19
CA SER S 11 -68.10 -55.43 -12.31
C SER S 11 -68.55 -56.88 -12.50
N PRO S 12 -69.88 -57.15 -12.53
CA PRO S 12 -70.26 -58.56 -12.69
C PRO S 12 -69.94 -59.11 -14.07
N ALA S 13 -69.60 -60.40 -14.13
CA ALA S 13 -69.31 -61.06 -15.40
C ALA S 13 -70.57 -61.70 -15.98
N ALA S 14 -71.69 -61.47 -15.30
CA ALA S 14 -72.98 -62.03 -15.73
C ALA S 14 -73.36 -61.55 -17.13
N ALA S 15 -73.94 -62.46 -17.91
CA ALA S 15 -74.33 -62.16 -19.29
C ALA S 15 -75.46 -61.13 -19.42
N PRO S 16 -76.58 -61.30 -18.67
CA PRO S 16 -77.68 -60.34 -18.88
C PRO S 16 -77.29 -58.89 -18.62
N GLY S 17 -76.53 -58.66 -17.56
CA GLY S 17 -76.06 -57.32 -17.21
C GLY S 17 -75.29 -56.68 -18.34
N GLY S 18 -74.38 -57.43 -18.94
CA GLY S 18 -73.61 -56.92 -20.07
C GLY S 18 -74.49 -56.66 -21.27
N THR S 19 -75.38 -57.61 -21.57
CA THR S 19 -76.23 -57.52 -22.74
C THR S 19 -77.17 -56.34 -22.71
N ASP S 20 -77.72 -56.00 -21.53
CA ASP S 20 -78.60 -54.84 -21.46
C ASP S 20 -77.85 -53.57 -21.08
N GLU S 21 -76.57 -53.69 -20.73
CA GLU S 21 -75.74 -52.51 -20.50
C GLU S 21 -75.23 -51.95 -21.83
N LYS S 22 -74.84 -52.84 -22.74
CA LYS S 22 -74.25 -52.44 -24.02
C LYS S 22 -75.06 -51.44 -24.86
N PRO S 23 -76.39 -51.58 -24.95
CA PRO S 23 -77.12 -50.58 -25.73
C PRO S 23 -77.02 -49.17 -25.15
N SER S 24 -77.00 -49.07 -23.82
CA SER S 24 -76.86 -47.77 -23.17
C SER S 24 -75.50 -47.15 -23.48
N GLY S 25 -74.45 -47.97 -23.40
CA GLY S 25 -73.11 -47.53 -23.75
C GLY S 25 -73.02 -47.11 -25.19
N LYS S 26 -73.78 -47.78 -26.05
CA LYS S 26 -73.84 -47.43 -27.46
C LYS S 26 -74.54 -46.10 -27.65
N GLU S 27 -75.54 -45.83 -26.82
CA GLU S 27 -76.26 -44.56 -26.86
C GLU S 27 -75.35 -43.42 -26.38
N ARG S 28 -74.48 -43.73 -25.43
CA ARG S 28 -73.54 -42.74 -24.90
C ARG S 28 -72.22 -42.76 -25.67
N ARG S 29 -72.16 -43.56 -26.74
CA ARG S 29 -70.94 -43.71 -27.52
C ARG S 29 -70.83 -42.62 -28.58
N ASP S 30 -71.78 -41.68 -28.59
CA ASP S 30 -71.79 -40.59 -29.56
C ASP S 30 -70.48 -39.81 -29.53
N ALA S 31 -70.15 -39.26 -28.38
CA ALA S 31 -68.84 -38.64 -28.18
C ALA S 31 -67.88 -39.69 -27.62
N GLY S 32 -68.43 -40.82 -27.23
CA GLY S 32 -67.67 -41.93 -26.68
C GLY S 32 -67.50 -41.83 -25.18
N ASP S 33 -67.57 -40.60 -24.67
CA ASP S 33 -67.45 -40.29 -23.24
C ASP S 33 -67.51 -38.78 -23.03
N LYS S 34 -67.74 -38.37 -21.79
CA LYS S 34 -67.60 -36.97 -21.41
C LYS S 34 -66.21 -36.74 -20.82
N ASP S 35 -65.41 -37.80 -20.83
CA ASP S 35 -64.08 -37.77 -20.23
C ASP S 35 -63.05 -38.49 -21.09
N LYS S 36 -61.85 -38.68 -20.56
CA LYS S 36 -60.74 -39.25 -21.30
C LYS S 36 -60.73 -40.78 -21.28
N GLU S 37 -61.74 -41.37 -20.66
CA GLU S 37 -61.86 -42.83 -20.55
C GLU S 37 -60.67 -43.46 -19.84
N GLN S 38 -60.56 -43.20 -18.54
CA GLN S 38 -59.49 -43.79 -17.73
C GLN S 38 -59.95 -45.14 -17.18
N GLU S 39 -61.15 -45.55 -17.56
CA GLU S 39 -61.75 -46.79 -17.08
C GLU S 39 -61.04 -48.04 -17.61
N LEU S 40 -60.13 -47.84 -18.55
CA LEU S 40 -59.39 -48.94 -19.16
C LEU S 40 -58.65 -49.79 -18.13
N SER S 41 -58.05 -49.13 -17.15
CA SER S 41 -57.30 -49.83 -16.10
C SER S 41 -58.20 -50.69 -15.24
N GLU S 42 -59.46 -50.27 -15.11
CA GLU S 42 -60.44 -51.02 -14.33
C GLU S 42 -61.03 -52.19 -15.14
N GLU S 43 -61.26 -51.96 -16.43
CA GLU S 43 -61.91 -52.95 -17.28
C GLU S 43 -60.91 -53.86 -17.99
N ASP S 44 -59.63 -53.70 -17.67
CA ASP S 44 -58.58 -54.51 -18.30
C ASP S 44 -58.73 -56.00 -18.01
N LYS S 45 -59.46 -56.32 -16.93
CA LYS S 45 -59.66 -57.70 -16.53
C LYS S 45 -60.71 -58.39 -17.42
N GLN S 46 -61.44 -57.58 -18.20
CA GLN S 46 -62.48 -58.11 -19.07
C GLN S 46 -61.92 -58.59 -20.39
N LEU S 47 -60.60 -58.47 -20.57
CA LEU S 47 -59.94 -58.92 -21.79
C LEU S 47 -59.99 -60.44 -21.91
N GLN S 48 -59.82 -61.13 -20.78
CA GLN S 48 -59.85 -62.58 -20.76
C GLN S 48 -61.28 -63.11 -20.89
N ASP S 49 -62.24 -62.31 -20.46
CA ASP S 49 -63.64 -62.69 -20.52
C ASP S 49 -64.18 -62.59 -21.94
N GLU S 50 -64.91 -63.61 -22.36
CA GLU S 50 -65.49 -63.65 -23.71
C GLU S 50 -66.95 -63.21 -23.70
N LEU S 65 -73.14 -64.94 -30.23
CA LEU S 65 -74.31 -64.30 -29.66
C LEU S 65 -74.16 -62.78 -29.65
N TYR S 66 -74.21 -62.18 -28.46
CA TYR S 66 -74.06 -60.74 -28.32
C TYR S 66 -72.61 -60.37 -28.02
N ARG S 67 -71.74 -61.37 -28.00
CA ARG S 67 -70.32 -61.15 -27.76
C ARG S 67 -69.59 -60.26 -28.79
N PRO S 68 -69.97 -60.31 -30.08
CA PRO S 68 -69.28 -59.37 -30.98
C PRO S 68 -69.54 -57.91 -30.65
N ALA S 69 -70.63 -57.61 -29.93
CA ALA S 69 -70.90 -56.26 -29.48
C ALA S 69 -69.92 -55.88 -28.37
N LEU S 70 -69.58 -56.85 -27.53
CA LEU S 70 -68.58 -56.66 -26.48
C LEU S 70 -67.22 -56.46 -27.13
N GLU S 71 -66.99 -57.16 -28.24
CA GLU S 71 -65.78 -56.97 -29.02
C GLU S 71 -65.75 -55.57 -29.63
N GLU S 72 -66.94 -55.08 -29.98
CA GLU S 72 -67.07 -53.74 -30.53
C GLU S 72 -66.76 -52.68 -29.47
N LEU S 73 -67.18 -52.94 -28.24
CA LEU S 73 -66.88 -52.03 -27.13
C LEU S 73 -65.39 -52.05 -26.82
N ARG S 74 -64.80 -53.26 -26.82
CA ARG S 74 -63.39 -53.42 -26.53
C ARG S 74 -62.53 -52.70 -27.57
N ARG S 75 -62.84 -52.91 -28.84
CA ARG S 75 -62.11 -52.24 -29.91
C ARG S 75 -62.40 -50.74 -29.88
N GLN S 76 -63.56 -50.37 -29.36
CA GLN S 76 -63.93 -48.96 -29.24
C GLN S 76 -63.02 -48.26 -28.24
N ILE S 77 -62.85 -48.85 -27.06
CA ILE S 77 -62.02 -48.22 -26.03
C ILE S 77 -60.52 -48.35 -26.37
N ARG S 78 -60.14 -49.47 -26.98
CA ARG S 78 -58.75 -49.67 -27.37
C ARG S 78 -58.35 -48.70 -28.47
N SER S 79 -59.30 -48.37 -29.35
CA SER S 79 -59.07 -47.36 -30.36
C SER S 79 -59.27 -45.97 -29.78
N SER S 80 -59.89 -45.92 -28.60
CA SER S 80 -60.13 -44.65 -27.93
C SER S 80 -58.88 -44.14 -27.24
N THR S 81 -58.13 -45.03 -26.59
CA THR S 81 -56.89 -44.59 -25.96
C THR S 81 -55.71 -44.61 -26.94
N THR S 82 -55.16 -45.81 -27.21
CA THR S 82 -54.08 -46.01 -28.18
C THR S 82 -53.59 -47.45 -28.21
N SER S 83 -52.92 -47.81 -29.29
CA SER S 83 -52.09 -49.01 -29.41
C SER S 83 -51.51 -49.09 -30.81
N MET S 84 -50.40 -49.82 -30.96
CA MET S 84 -49.81 -50.03 -32.27
C MET S 84 -50.22 -51.37 -32.90
N THR S 85 -50.84 -52.24 -32.11
CA THR S 85 -51.09 -53.61 -32.54
C THR S 85 -52.52 -54.10 -32.34
N SER S 86 -52.93 -54.19 -31.07
CA SER S 86 -54.13 -54.91 -30.69
C SER S 86 -55.46 -54.25 -31.05
N VAL S 87 -55.42 -53.02 -31.56
CA VAL S 87 -56.66 -52.28 -31.84
C VAL S 87 -57.55 -52.93 -32.92
N PRO S 88 -57.01 -53.19 -34.14
CA PRO S 88 -57.92 -53.74 -35.16
C PRO S 88 -58.35 -55.19 -34.94
N LYS S 89 -57.63 -55.92 -34.09
CA LYS S 89 -57.87 -57.35 -33.90
C LYS S 89 -59.32 -57.71 -33.50
N PRO S 90 -59.90 -57.00 -32.52
CA PRO S 90 -61.30 -57.32 -32.22
C PRO S 90 -62.24 -57.02 -33.39
N LEU S 91 -61.87 -56.07 -34.24
CA LEU S 91 -62.69 -55.71 -35.39
C LEU S 91 -62.63 -56.78 -36.47
N LYS S 92 -61.41 -57.26 -36.76
CA LYS S 92 -61.25 -58.30 -37.77
C LYS S 92 -61.80 -59.62 -37.27
N PHE S 93 -61.85 -59.78 -35.95
CA PHE S 93 -62.45 -60.96 -35.34
C PHE S 93 -63.97 -60.81 -35.25
N LEU S 94 -64.45 -59.58 -35.34
CA LEU S 94 -65.85 -59.27 -35.17
C LEU S 94 -66.71 -59.70 -36.35
N ARG S 95 -66.22 -59.41 -37.56
CA ARG S 95 -67.01 -59.57 -38.78
C ARG S 95 -68.35 -58.84 -38.65
N PRO S 96 -68.31 -57.50 -38.72
CA PRO S 96 -69.45 -56.61 -38.46
C PRO S 96 -70.71 -56.96 -39.24
N HIS S 97 -71.85 -56.93 -38.56
CA HIS S 97 -73.13 -57.24 -39.18
C HIS S 97 -74.24 -56.49 -38.43
N TYR S 98 -75.49 -56.76 -38.81
CA TYR S 98 -76.66 -56.14 -38.19
C TYR S 98 -76.60 -54.61 -38.27
N ASN S 113 -76.71 -39.67 -42.98
CA ASN S 113 -75.69 -38.73 -42.50
C ASN S 113 -76.02 -38.21 -41.10
N LYS S 114 -75.40 -38.82 -40.10
CA LYS S 114 -75.63 -38.43 -38.72
C LYS S 114 -74.30 -38.17 -38.00
N ARG S 115 -74.38 -37.48 -36.86
CA ARG S 115 -73.19 -37.19 -36.07
C ARG S 115 -72.61 -38.47 -35.46
N PHE S 116 -73.48 -39.25 -34.82
CA PHE S 116 -73.09 -40.52 -34.21
C PHE S 116 -72.43 -41.44 -35.22
N ALA S 117 -73.05 -41.58 -36.39
CA ALA S 117 -72.53 -42.42 -37.45
C ALA S 117 -71.15 -41.96 -37.91
N ALA S 118 -71.05 -40.69 -38.30
CA ALA S 118 -69.79 -40.12 -38.78
C ALA S 118 -68.68 -40.26 -37.73
N ASP S 119 -69.07 -40.20 -36.45
CA ASP S 119 -68.10 -40.30 -35.37
C ASP S 119 -67.60 -41.74 -35.23
N ILE S 120 -68.52 -42.65 -34.92
CA ILE S 120 -68.15 -44.05 -34.69
C ILE S 120 -67.63 -44.75 -35.95
N ILE S 121 -67.74 -44.10 -37.10
CA ILE S 121 -67.26 -44.70 -38.35
C ILE S 121 -66.04 -43.99 -38.96
N SER S 122 -66.22 -42.74 -39.38
CA SER S 122 -65.26 -42.09 -40.27
C SER S 122 -63.81 -42.09 -39.75
N VAL S 123 -63.54 -41.27 -38.73
CA VAL S 123 -62.18 -41.10 -38.24
C VAL S 123 -61.64 -42.36 -37.58
N LEU S 124 -62.49 -43.03 -36.80
CA LEU S 124 -62.11 -44.23 -36.09
C LEU S 124 -61.64 -45.31 -37.05
N ALA S 125 -62.47 -45.67 -38.02
CA ALA S 125 -62.11 -46.70 -38.99
C ALA S 125 -61.00 -46.19 -39.93
N MET S 126 -60.90 -44.87 -40.06
CA MET S 126 -59.83 -44.27 -40.86
C MET S 126 -58.46 -44.62 -40.26
N THR S 127 -58.28 -44.28 -38.99
CA THR S 127 -57.02 -44.55 -38.31
C THR S 127 -56.82 -46.05 -38.09
N MET S 128 -57.90 -46.74 -37.76
CA MET S 128 -57.87 -48.16 -37.43
C MET S 128 -57.47 -49.02 -38.64
N SER S 129 -58.23 -48.89 -39.72
CA SER S 129 -57.94 -49.62 -40.94
C SER S 129 -56.73 -49.04 -41.65
N GLY S 130 -56.39 -47.80 -41.30
CA GLY S 130 -55.19 -47.17 -41.82
C GLY S 130 -53.95 -47.87 -41.30
N GLU S 131 -53.87 -48.00 -39.98
CA GLU S 131 -52.72 -48.66 -39.36
C GLU S 131 -52.77 -50.17 -39.61
N ARG S 132 -53.98 -50.72 -39.79
CA ARG S 132 -54.11 -52.13 -40.12
C ARG S 132 -53.53 -52.42 -41.50
N GLU S 133 -53.96 -51.65 -42.50
CA GLU S 133 -53.45 -51.82 -43.86
C GLU S 133 -51.97 -51.50 -43.93
N CYS S 134 -51.53 -50.52 -43.15
CA CYS S 134 -50.12 -50.15 -43.10
C CYS S 134 -49.28 -51.30 -42.57
N LEU S 135 -49.65 -51.84 -41.42
CA LEU S 135 -48.93 -52.94 -40.81
C LEU S 135 -48.96 -54.19 -41.69
N LYS S 136 -50.12 -54.48 -42.27
CA LYS S 136 -50.25 -55.63 -43.15
C LYS S 136 -49.40 -55.48 -44.40
N TYR S 137 -49.26 -54.25 -44.89
CA TYR S 137 -48.45 -53.99 -46.07
C TYR S 137 -46.96 -54.04 -45.72
N ARG S 138 -46.65 -53.76 -44.47
CA ARG S 138 -45.26 -53.77 -44.01
C ARG S 138 -44.86 -55.10 -43.39
N LEU S 139 -45.79 -56.05 -43.38
CA LEU S 139 -45.51 -57.37 -42.82
C LEU S 139 -45.65 -58.48 -43.86
N VAL S 140 -46.88 -58.78 -44.25
CA VAL S 140 -47.14 -59.85 -45.20
C VAL S 140 -47.19 -59.31 -46.63
N GLY S 141 -46.58 -60.03 -47.55
CA GLY S 141 -46.55 -59.63 -48.95
C GLY S 141 -46.27 -60.80 -49.88
N ALA S 158 -54.99 -60.96 -46.40
CA ALA S 158 -56.19 -61.78 -46.43
C ALA S 158 -57.32 -61.05 -47.17
N GLY S 159 -58.46 -61.74 -47.33
CA GLY S 159 -59.60 -61.16 -48.01
C GLY S 159 -60.52 -60.41 -47.07
N GLU S 160 -60.42 -60.71 -45.78
CA GLU S 160 -61.25 -60.06 -44.76
C GLU S 160 -60.96 -58.57 -44.69
N VAL S 161 -59.68 -58.23 -44.55
CA VAL S 161 -59.26 -56.83 -44.49
C VAL S 161 -59.53 -56.12 -45.80
N ALA S 162 -59.58 -56.88 -46.89
CA ALA S 162 -59.90 -56.33 -48.20
C ALA S 162 -61.38 -55.94 -48.28
N LYS S 163 -62.24 -56.83 -47.83
CA LYS S 163 -63.68 -56.56 -47.78
C LYS S 163 -63.98 -55.41 -46.83
N GLU S 164 -63.26 -55.36 -45.71
CA GLU S 164 -63.41 -54.27 -44.75
C GLU S 164 -62.91 -52.96 -45.34
N TRP S 165 -61.90 -53.05 -46.20
CA TRP S 165 -61.36 -51.86 -46.86
C TRP S 165 -62.32 -51.34 -47.91
N GLN S 166 -63.03 -52.26 -48.55
CA GLN S 166 -64.04 -51.88 -49.54
C GLN S 166 -65.26 -51.27 -48.86
N GLU S 167 -65.65 -51.86 -47.73
CA GLU S 167 -66.76 -51.33 -46.94
C GLU S 167 -66.42 -49.95 -46.42
N LEU S 168 -65.17 -49.78 -45.98
CA LEU S 168 -64.68 -48.48 -45.56
C LEU S 168 -64.69 -47.49 -46.72
N ASP S 169 -64.33 -47.98 -47.90
CA ASP S 169 -64.34 -47.16 -49.10
C ASP S 169 -65.74 -46.64 -49.40
N ASP S 170 -66.72 -47.53 -49.32
CA ASP S 170 -68.12 -47.17 -49.56
C ASP S 170 -68.61 -46.18 -48.51
N ALA S 171 -68.24 -46.43 -47.26
CA ALA S 171 -68.63 -45.55 -46.16
C ALA S 171 -68.08 -44.15 -46.36
N GLU S 172 -66.82 -44.06 -46.79
CA GLU S 172 -66.19 -42.77 -47.05
C GLU S 172 -66.80 -42.12 -48.29
N LYS S 173 -67.30 -42.94 -49.21
CA LYS S 173 -68.01 -42.43 -50.37
C LYS S 173 -69.33 -41.80 -49.93
N VAL S 174 -69.92 -42.37 -48.89
CA VAL S 174 -71.13 -41.80 -48.29
C VAL S 174 -70.79 -40.50 -47.57
N GLN S 175 -69.62 -40.48 -46.91
CA GLN S 175 -69.16 -39.29 -46.20
C GLN S 175 -68.86 -38.15 -47.15
N ARG S 176 -68.47 -38.49 -48.38
CA ARG S 176 -68.27 -37.54 -49.48
C ARG S 176 -67.09 -36.57 -49.29
N GLU S 177 -66.41 -36.63 -48.15
CA GLU S 177 -65.21 -35.82 -47.96
C GLU S 177 -64.00 -36.49 -48.60
N PRO S 178 -63.45 -35.88 -49.66
CA PRO S 178 -62.38 -36.50 -50.45
C PRO S 178 -60.97 -36.14 -49.99
N LEU S 179 -59.99 -36.74 -50.68
CA LEU S 179 -58.57 -36.41 -50.59
C LEU S 179 -57.91 -36.88 -49.29
N LEU S 180 -58.71 -37.15 -48.26
CA LEU S 180 -58.18 -37.66 -47.01
C LEU S 180 -57.99 -39.18 -47.13
N THR S 181 -59.00 -39.83 -47.69
CA THR S 181 -58.95 -41.26 -47.94
C THR S 181 -57.95 -41.53 -49.06
N LEU S 182 -57.84 -40.58 -49.98
CA LEU S 182 -56.87 -40.66 -51.05
C LEU S 182 -55.45 -40.58 -50.51
N VAL S 183 -55.17 -39.52 -49.75
CA VAL S 183 -53.83 -39.30 -49.21
C VAL S 183 -53.47 -40.40 -48.22
N LYS S 184 -54.48 -41.06 -47.64
CA LYS S 184 -54.24 -42.20 -46.77
C LYS S 184 -53.97 -43.47 -47.57
N GLU S 185 -54.62 -43.60 -48.72
CA GLU S 185 -54.50 -44.80 -49.53
C GLU S 185 -53.38 -44.70 -50.57
N ILE S 186 -52.62 -43.61 -50.53
CA ILE S 186 -51.50 -43.43 -51.44
C ILE S 186 -50.48 -44.58 -51.36
N VAL S 187 -49.94 -44.80 -50.16
CA VAL S 187 -48.92 -45.84 -49.97
C VAL S 187 -49.42 -47.29 -50.12
N PRO S 188 -50.59 -47.65 -49.55
CA PRO S 188 -50.95 -49.06 -49.76
C PRO S 188 -51.48 -49.32 -51.16
N LEU S 202 -52.38 -55.18 -53.73
CA LEU S 202 -53.02 -53.93 -53.35
C LEU S 202 -54.22 -53.63 -54.24
N LEU S 203 -55.20 -52.91 -53.70
CA LEU S 203 -56.40 -52.55 -54.45
C LEU S 203 -56.41 -51.06 -54.78
N MET S 204 -56.25 -50.73 -56.06
CA MET S 204 -56.20 -49.34 -56.49
C MET S 204 -57.18 -49.09 -57.64
N GLU S 205 -56.95 -49.74 -58.76
CA GLU S 205 -57.76 -49.58 -59.96
C GLU S 205 -59.26 -49.76 -59.70
N ILE S 206 -59.65 -50.96 -59.30
CA ILE S 206 -61.05 -51.29 -59.06
C ILE S 206 -61.68 -50.36 -58.03
N GLU S 207 -60.91 -49.92 -57.06
CA GLU S 207 -61.39 -49.00 -56.05
C GLU S 207 -61.69 -47.63 -56.65
N GLN S 208 -60.76 -47.12 -57.43
CA GLN S 208 -60.91 -45.80 -58.05
C GLN S 208 -62.04 -45.78 -59.06
N VAL S 209 -62.23 -46.87 -59.78
CA VAL S 209 -63.31 -46.93 -60.77
C VAL S 209 -64.64 -47.23 -60.08
N ASP S 210 -64.58 -47.77 -58.86
CA ASP S 210 -65.78 -47.98 -58.06
C ASP S 210 -66.21 -46.69 -57.38
N MET S 211 -65.25 -45.78 -57.18
CA MET S 211 -65.53 -44.51 -56.51
C MET S 211 -66.19 -43.50 -57.44
N LEU S 212 -65.81 -43.51 -58.72
CA LEU S 212 -66.29 -42.50 -59.66
C LEU S 212 -67.52 -42.95 -60.43
N GLU S 213 -68.64 -42.28 -60.17
CA GLU S 213 -69.89 -42.53 -60.90
C GLU S 213 -70.51 -41.22 -61.41
N LYS S 214 -70.99 -40.40 -60.49
CA LYS S 214 -71.68 -39.17 -60.85
C LYS S 214 -70.72 -38.00 -61.06
N ASP S 215 -70.13 -37.52 -59.97
CA ASP S 215 -69.20 -36.40 -60.04
C ASP S 215 -67.96 -36.78 -60.85
N ILE S 216 -67.49 -35.85 -61.67
CA ILE S 216 -66.38 -36.13 -62.57
C ILE S 216 -65.22 -35.16 -62.42
N ASP S 217 -65.45 -33.90 -62.79
CA ASP S 217 -64.39 -32.91 -62.92
C ASP S 217 -63.56 -32.73 -61.65
N GLU S 218 -64.21 -32.39 -60.55
CA GLU S 218 -63.52 -32.11 -59.29
C GLU S 218 -62.69 -33.29 -58.80
N ASN S 219 -63.35 -34.45 -58.66
CA ASN S 219 -62.69 -35.66 -58.19
C ASN S 219 -61.53 -36.08 -59.08
N ALA S 220 -61.78 -36.18 -60.38
CA ALA S 220 -60.74 -36.52 -61.35
C ALA S 220 -59.56 -35.58 -61.22
N TYR S 221 -59.80 -34.29 -61.46
CA TYR S 221 -58.75 -33.27 -61.36
C TYR S 221 -57.93 -33.38 -60.09
N ALA S 222 -58.59 -33.21 -58.94
CA ALA S 222 -57.90 -33.22 -57.65
C ALA S 222 -57.11 -34.52 -57.41
N LYS S 223 -57.81 -35.65 -57.48
CA LYS S 223 -57.20 -36.95 -57.18
C LYS S 223 -56.01 -37.26 -58.10
N VAL S 224 -56.21 -37.11 -59.40
CA VAL S 224 -55.16 -37.42 -60.37
C VAL S 224 -53.99 -36.45 -60.23
N CYS S 225 -54.28 -35.19 -59.94
CA CYS S 225 -53.24 -34.19 -59.75
C CYS S 225 -52.36 -34.53 -58.55
N LEU S 226 -52.99 -34.78 -57.40
CA LEU S 226 -52.24 -35.07 -56.18
C LEU S 226 -51.51 -36.41 -56.28
N TYR S 227 -52.11 -37.37 -56.98
CA TYR S 227 -51.54 -38.71 -57.08
C TYR S 227 -50.39 -38.73 -58.09
N LEU S 228 -50.45 -37.85 -59.08
CA LEU S 228 -49.38 -37.73 -60.06
C LEU S 228 -48.23 -36.93 -59.47
N THR S 229 -48.58 -35.95 -58.64
CA THR S 229 -47.58 -35.18 -57.91
C THR S 229 -46.82 -36.10 -56.96
N SER S 230 -47.56 -36.94 -56.25
CA SER S 230 -46.96 -37.95 -55.39
C SER S 230 -46.19 -38.96 -56.22
N CYS S 231 -46.64 -39.20 -57.44
CA CYS S 231 -45.98 -40.15 -58.33
C CYS S 231 -44.62 -39.64 -58.75
N VAL S 232 -44.50 -38.34 -58.96
CA VAL S 232 -43.23 -37.74 -59.37
C VAL S 232 -42.39 -37.35 -58.16
N ASN S 233 -42.99 -37.40 -56.96
CA ASN S 233 -42.24 -37.03 -55.75
C ASN S 233 -42.06 -38.19 -54.77
N TYR S 234 -43.13 -38.53 -54.05
CA TYR S 234 -43.06 -39.56 -53.02
C TYR S 234 -43.18 -40.99 -53.55
N VAL S 235 -44.09 -41.22 -54.49
CA VAL S 235 -44.39 -42.57 -54.97
C VAL S 235 -43.31 -43.09 -55.91
N PRO S 236 -42.83 -44.32 -55.65
CA PRO S 236 -41.80 -44.98 -56.46
C PRO S 236 -42.27 -45.29 -57.89
N GLU S 237 -41.29 -45.58 -58.76
CA GLU S 237 -41.54 -45.84 -60.17
C GLU S 237 -42.53 -46.99 -60.52
N PRO S 238 -42.41 -48.17 -59.87
CA PRO S 238 -43.23 -49.28 -60.35
C PRO S 238 -44.74 -49.09 -60.24
N GLU S 239 -45.19 -48.16 -59.39
CA GLU S 239 -46.62 -47.92 -59.23
C GLU S 239 -47.17 -47.03 -60.34
N ASN S 240 -46.26 -46.33 -61.02
CA ASN S 240 -46.64 -45.41 -62.10
C ASN S 240 -47.38 -46.10 -63.23
N SER S 241 -47.05 -47.36 -63.49
CA SER S 241 -47.67 -48.12 -64.56
C SER S 241 -49.15 -48.35 -64.27
N ALA S 242 -49.45 -48.93 -63.12
CA ALA S 242 -50.83 -49.19 -62.73
C ALA S 242 -51.60 -47.87 -62.55
N LEU S 243 -50.91 -46.86 -62.03
CA LEU S 243 -51.49 -45.54 -61.86
C LEU S 243 -51.96 -45.00 -63.22
N LEU S 244 -51.10 -45.10 -64.21
CA LEU S 244 -51.39 -44.57 -65.54
C LEU S 244 -52.39 -45.44 -66.30
N ARG S 245 -52.49 -46.72 -65.92
CA ARG S 245 -53.48 -47.60 -66.52
C ARG S 245 -54.88 -47.28 -65.99
N CYS S 246 -54.99 -47.16 -64.69
CA CYS S 246 -56.25 -46.78 -64.06
C CYS S 246 -56.69 -45.39 -64.52
N ALA S 247 -55.72 -44.49 -64.59
CA ALA S 247 -55.97 -43.14 -65.09
C ALA S 247 -56.41 -43.19 -66.55
N LEU S 248 -55.81 -44.11 -67.31
CA LEU S 248 -56.19 -44.31 -68.71
C LEU S 248 -57.65 -44.74 -68.80
N GLY S 249 -58.05 -45.64 -67.91
CA GLY S 249 -59.42 -46.13 -67.89
C GLY S 249 -60.43 -45.05 -67.52
N VAL S 250 -60.18 -44.38 -66.39
CA VAL S 250 -61.12 -43.37 -65.90
C VAL S 250 -61.18 -42.17 -66.83
N PHE S 251 -60.09 -41.88 -67.53
CA PHE S 251 -60.09 -40.79 -68.51
C PHE S 251 -60.70 -41.25 -69.83
N ARG S 252 -60.72 -42.56 -70.05
CA ARG S 252 -61.39 -43.12 -71.21
C ARG S 252 -62.89 -43.03 -71.00
N LYS S 253 -63.32 -43.18 -69.76
CA LYS S 253 -64.74 -43.06 -69.43
C LYS S 253 -65.17 -41.61 -69.31
N PHE S 254 -64.20 -40.71 -69.11
CA PHE S 254 -64.50 -39.29 -68.92
C PHE S 254 -64.17 -38.43 -70.13
N SER S 255 -64.43 -37.14 -69.99
CA SER S 255 -64.19 -36.14 -71.04
C SER S 255 -62.85 -35.44 -70.85
N ARG S 256 -62.65 -34.36 -71.62
CA ARG S 256 -61.44 -33.53 -71.54
C ARG S 256 -60.19 -34.33 -71.88
N PHE S 257 -60.04 -34.64 -73.17
CA PHE S 257 -58.91 -35.43 -73.70
C PHE S 257 -57.49 -35.04 -73.23
N PRO S 258 -57.19 -33.72 -73.08
CA PRO S 258 -55.81 -33.44 -72.69
C PRO S 258 -55.47 -33.78 -71.24
N GLU S 259 -55.80 -35.01 -70.83
CA GLU S 259 -55.30 -35.60 -69.60
C GLU S 259 -54.76 -36.98 -69.97
N ALA S 260 -55.63 -37.83 -70.50
CA ALA S 260 -55.23 -39.10 -71.11
C ALA S 260 -54.24 -38.86 -72.25
N LEU S 261 -54.29 -37.65 -72.82
CA LEU S 261 -53.29 -37.27 -73.81
C LEU S 261 -51.92 -37.15 -73.16
N ARG S 262 -51.88 -36.56 -71.97
CA ARG S 262 -50.65 -36.48 -71.20
C ARG S 262 -50.22 -37.88 -70.77
N LEU S 263 -51.20 -38.76 -70.58
CA LEU S 263 -50.91 -40.16 -70.28
C LEU S 263 -50.27 -40.83 -71.49
N ALA S 264 -50.65 -40.37 -72.69
CA ALA S 264 -50.03 -40.86 -73.91
C ALA S 264 -48.62 -40.30 -74.03
N LEU S 265 -48.41 -39.12 -73.47
CA LEU S 265 -47.09 -38.51 -73.42
C LEU S 265 -46.15 -39.31 -72.51
N MET S 266 -46.65 -39.70 -71.34
CA MET S 266 -45.83 -40.39 -70.35
C MET S 266 -45.64 -41.88 -70.66
N LEU S 267 -46.72 -42.55 -71.05
CA LEU S 267 -46.68 -43.99 -71.29
C LEU S 267 -46.03 -44.37 -72.61
N ASN S 268 -46.14 -43.47 -73.59
CA ASN S 268 -45.65 -43.72 -74.94
C ASN S 268 -46.28 -44.98 -75.54
N ASP S 269 -47.58 -44.91 -75.79
CA ASP S 269 -48.32 -46.04 -76.33
C ASP S 269 -48.92 -45.73 -77.69
N MET S 270 -48.96 -46.74 -78.55
CA MET S 270 -49.44 -46.56 -79.93
C MET S 270 -50.97 -46.53 -80.03
N GLU S 271 -51.64 -47.27 -79.15
CA GLU S 271 -53.08 -47.44 -79.24
C GLU S 271 -53.85 -46.24 -78.68
N LEU S 272 -53.25 -45.55 -77.71
CA LEU S 272 -53.91 -44.46 -77.01
C LEU S 272 -54.25 -43.31 -77.95
N VAL S 273 -53.31 -42.96 -78.83
CA VAL S 273 -53.52 -41.86 -79.76
C VAL S 273 -54.59 -42.23 -80.80
N GLU S 274 -54.67 -43.52 -81.13
CA GLU S 274 -55.69 -44.01 -82.03
C GLU S 274 -57.06 -43.89 -81.36
N ASP S 275 -57.09 -44.18 -80.05
CA ASP S 275 -58.31 -44.08 -79.27
C ASP S 275 -58.77 -42.63 -79.16
N ILE S 276 -57.82 -41.72 -78.99
CA ILE S 276 -58.16 -40.31 -78.84
C ILE S 276 -58.55 -39.71 -80.19
N PHE S 277 -58.05 -40.30 -81.27
CA PHE S 277 -58.43 -39.86 -82.62
C PHE S 277 -59.82 -40.34 -83.01
N THR S 278 -60.12 -41.60 -82.71
CA THR S 278 -61.45 -42.13 -83.00
C THR S 278 -62.46 -41.52 -82.03
N SER S 279 -61.98 -41.04 -80.90
CA SER S 279 -62.84 -40.32 -79.96
C SER S 279 -63.09 -38.90 -80.45
N CYS S 280 -62.07 -38.30 -81.07
CA CYS S 280 -62.21 -36.99 -81.68
C CYS S 280 -63.16 -37.06 -82.86
N LYS S 281 -63.13 -38.18 -83.57
CA LYS S 281 -64.06 -38.40 -84.68
C LYS S 281 -65.46 -38.73 -84.16
N ASP S 282 -65.51 -39.34 -82.97
CA ASP S 282 -66.79 -39.67 -82.35
C ASP S 282 -67.56 -38.41 -81.97
N VAL S 283 -66.91 -37.54 -81.20
CA VAL S 283 -67.52 -36.28 -80.80
C VAL S 283 -66.69 -35.09 -81.27
N VAL S 284 -67.29 -34.27 -82.14
CA VAL S 284 -66.60 -33.10 -82.67
C VAL S 284 -67.10 -31.82 -82.01
N MET S 292 -59.30 -25.94 -80.29
CA MET S 292 -59.93 -26.31 -81.55
C MET S 292 -59.24 -27.53 -82.16
N LEU S 293 -59.39 -27.69 -83.47
CA LEU S 293 -58.84 -28.85 -84.18
C LEU S 293 -57.34 -28.71 -84.34
N GLY S 294 -56.93 -27.71 -85.10
CA GLY S 294 -55.52 -27.45 -85.38
C GLY S 294 -54.67 -27.36 -84.13
N ARG S 295 -55.23 -26.80 -83.06
CA ARG S 295 -54.49 -26.63 -81.81
C ARG S 295 -54.23 -27.96 -81.12
N HIS S 296 -55.28 -28.76 -80.96
CA HIS S 296 -55.11 -30.05 -80.29
C HIS S 296 -54.20 -30.92 -81.13
N GLY S 297 -54.24 -30.71 -82.45
CA GLY S 297 -53.30 -31.37 -83.34
C GLY S 297 -51.88 -30.91 -83.07
N VAL S 298 -51.73 -29.61 -82.80
CA VAL S 298 -50.42 -29.03 -82.53
C VAL S 298 -49.79 -29.63 -81.28
N PHE S 299 -50.49 -29.60 -80.14
CA PHE S 299 -49.86 -30.14 -78.94
C PHE S 299 -50.02 -31.66 -78.86
N LEU S 300 -50.73 -32.25 -79.83
CA LEU S 300 -50.66 -33.70 -80.02
C LEU S 300 -49.30 -34.02 -80.62
N GLU S 301 -48.93 -33.28 -81.65
CA GLU S 301 -47.62 -33.44 -82.27
C GLU S 301 -46.51 -33.12 -81.27
N LEU S 302 -46.80 -32.16 -80.39
CA LEU S 302 -45.84 -31.80 -79.34
C LEU S 302 -45.77 -32.88 -78.26
N SER S 303 -46.87 -33.59 -78.05
CA SER S 303 -46.91 -34.63 -77.04
C SER S 303 -46.24 -35.92 -77.52
N GLU S 304 -46.48 -36.30 -78.77
CA GLU S 304 -46.01 -37.58 -79.29
C GLU S 304 -44.50 -37.57 -79.57
N ASP S 305 -43.83 -38.63 -79.15
CA ASP S 305 -42.40 -38.79 -79.44
C ASP S 305 -42.21 -39.60 -80.72
N VAL S 306 -40.98 -40.02 -80.97
CA VAL S 306 -40.62 -40.67 -82.24
C VAL S 306 -41.36 -41.97 -82.52
N GLU S 307 -41.33 -42.91 -81.57
CA GLU S 307 -41.85 -44.26 -81.80
C GLU S 307 -43.36 -44.29 -82.05
N GLU S 308 -44.13 -43.74 -81.11
CA GLU S 308 -45.57 -43.84 -81.17
C GLU S 308 -46.17 -43.01 -82.30
N TYR S 309 -45.43 -42.01 -82.77
CA TYR S 309 -45.89 -41.19 -83.88
C TYR S 309 -45.65 -41.94 -85.19
N GLU S 310 -44.64 -42.80 -85.20
CA GLU S 310 -44.37 -43.65 -86.36
C GLU S 310 -45.34 -44.82 -86.43
N ASP S 311 -45.67 -45.39 -85.27
CA ASP S 311 -46.70 -46.42 -85.20
C ASP S 311 -48.03 -45.81 -85.62
N LEU S 312 -48.31 -44.63 -85.09
CA LEU S 312 -49.50 -43.88 -85.44
C LEU S 312 -49.58 -43.65 -86.95
N THR S 313 -48.52 -43.09 -87.53
CA THR S 313 -48.56 -42.74 -88.94
C THR S 313 -48.54 -43.98 -89.84
N GLU S 314 -48.06 -45.12 -89.33
CA GLU S 314 -48.06 -46.33 -90.14
C GLU S 314 -49.44 -47.01 -90.12
N ILE S 315 -50.13 -46.98 -88.98
CA ILE S 315 -51.47 -47.57 -88.95
C ILE S 315 -52.49 -46.63 -89.61
N MET S 316 -52.23 -45.33 -89.52
CA MET S 316 -53.08 -44.35 -90.19
C MET S 316 -52.84 -44.43 -91.70
N SER S 317 -51.57 -44.58 -92.10
CA SER S 317 -51.27 -44.79 -93.51
C SER S 317 -51.91 -46.09 -93.98
N ASN S 318 -52.03 -47.05 -93.07
CA ASN S 318 -52.71 -48.29 -93.37
C ASN S 318 -54.19 -48.03 -93.69
N VAL S 319 -54.95 -47.47 -92.75
CA VAL S 319 -56.34 -47.11 -93.08
C VAL S 319 -56.72 -45.66 -92.79
N GLN S 320 -56.99 -45.36 -91.52
CA GLN S 320 -57.34 -44.05 -90.95
C GLN S 320 -58.66 -43.46 -91.48
N LEU S 321 -59.08 -43.91 -92.65
CA LEU S 321 -60.40 -43.65 -93.23
C LEU S 321 -60.73 -42.18 -93.51
N ASN S 322 -60.03 -41.24 -92.88
CA ASN S 322 -60.40 -39.82 -93.00
C ASN S 322 -59.53 -38.96 -93.94
N SER S 323 -58.42 -39.51 -94.41
CA SER S 323 -57.44 -38.80 -95.25
C SER S 323 -56.77 -37.60 -94.54
N ASN S 324 -57.34 -37.19 -93.41
CA ASN S 324 -56.85 -36.02 -92.69
C ASN S 324 -55.70 -36.37 -91.76
N PHE S 325 -55.56 -37.65 -91.45
CA PHE S 325 -54.47 -38.12 -90.61
C PHE S 325 -53.20 -38.24 -91.44
N LEU S 326 -53.37 -38.55 -92.72
CA LEU S 326 -52.26 -38.50 -93.67
C LEU S 326 -52.01 -37.05 -94.07
N ALA S 327 -53.06 -36.23 -94.01
CA ALA S 327 -52.88 -34.78 -94.16
C ALA S 327 -52.02 -34.25 -93.02
N LEU S 328 -52.16 -34.84 -91.84
CA LEU S 328 -51.34 -34.50 -90.69
C LEU S 328 -49.96 -35.14 -90.79
N ALA S 329 -49.87 -36.27 -91.48
CA ALA S 329 -48.62 -37.02 -91.59
C ALA S 329 -47.62 -36.33 -92.52
N ARG S 330 -48.13 -35.41 -93.33
CA ARG S 330 -47.28 -34.63 -94.22
C ARG S 330 -46.82 -33.37 -93.48
N GLU S 331 -47.22 -33.29 -92.21
CA GLU S 331 -46.95 -32.16 -91.34
C GLU S 331 -47.46 -30.84 -91.93
N LEU S 332 -46.68 -29.78 -91.76
CA LEU S 332 -47.00 -28.44 -92.26
C LEU S 332 -48.24 -27.84 -91.61
N ASP S 333 -49.01 -28.65 -90.89
CA ASP S 333 -50.23 -28.21 -90.25
C ASP S 333 -49.95 -27.50 -88.94
N ILE S 334 -48.89 -27.93 -88.26
CA ILE S 334 -48.45 -27.28 -87.03
C ILE S 334 -47.67 -26.02 -87.40
N MET S 335 -47.07 -26.04 -88.57
CA MET S 335 -46.23 -24.94 -89.04
C MET S 335 -47.06 -23.78 -89.61
N GLU S 336 -48.15 -24.11 -90.30
CA GLU S 336 -48.93 -23.11 -91.01
C GLU S 336 -49.61 -22.01 -90.15
N PRO S 337 -50.12 -22.34 -88.94
CA PRO S 337 -50.79 -21.22 -88.25
C PRO S 337 -49.82 -20.15 -87.74
N LYS S 338 -48.59 -20.54 -87.47
CA LYS S 338 -47.63 -19.67 -86.80
C LYS S 338 -47.22 -18.44 -87.61
N VAL S 339 -46.77 -18.67 -88.84
CA VAL S 339 -46.18 -17.60 -89.66
C VAL S 339 -47.11 -16.39 -89.91
N PRO S 340 -48.32 -16.59 -90.44
CA PRO S 340 -49.13 -15.40 -90.74
C PRO S 340 -49.55 -14.65 -89.50
N ASP S 341 -49.77 -15.37 -88.40
CA ASP S 341 -50.12 -14.73 -87.13
C ASP S 341 -48.95 -13.91 -86.61
N ASP S 342 -47.75 -14.48 -86.70
CA ASP S 342 -46.53 -13.80 -86.27
C ASP S 342 -46.26 -12.56 -87.11
N ILE S 343 -46.65 -12.61 -88.38
CA ILE S 343 -46.50 -11.45 -89.26
C ILE S 343 -47.54 -10.38 -88.93
N TYR S 344 -48.76 -10.81 -88.63
CA TYR S 344 -49.87 -9.89 -88.42
C TYR S 344 -49.86 -9.22 -87.05
N LYS S 345 -50.11 -10.00 -86.00
CA LYS S 345 -50.34 -9.44 -84.66
C LYS S 345 -49.05 -8.92 -84.02
N THR S 346 -47.90 -9.35 -84.51
CA THR S 346 -46.62 -8.91 -83.96
C THR S 346 -45.80 -8.15 -84.99
N HIS S 347 -45.09 -7.12 -84.54
CA HIS S 347 -44.27 -6.29 -85.42
C HIS S 347 -42.87 -6.08 -84.83
N LEU S 348 -41.97 -5.58 -85.66
CA LEU S 348 -40.60 -5.30 -85.23
C LEU S 348 -40.00 -4.15 -86.04
N GLU S 349 -39.00 -3.48 -85.47
CA GLU S 349 -38.38 -2.34 -86.13
C GLU S 349 -37.04 -2.74 -86.75
N ASN S 350 -36.41 -1.80 -87.45
CA ASN S 350 -35.13 -2.06 -88.11
C ASN S 350 -33.94 -1.60 -87.26
N ASN S 351 -34.24 -1.02 -86.10
CA ASN S 351 -33.20 -0.48 -85.22
C ASN S 351 -32.29 -1.58 -84.67
N ARG S 352 -32.88 -2.69 -84.26
CA ARG S 352 -32.12 -3.82 -83.73
C ARG S 352 -31.22 -4.42 -84.80
N PHE S 353 -31.77 -4.64 -85.99
CA PHE S 353 -31.02 -5.22 -87.09
C PHE S 353 -29.89 -4.29 -87.53
N GLY S 354 -30.16 -2.99 -87.53
CA GLY S 354 -29.18 -1.99 -87.90
C GLY S 354 -28.03 -1.91 -86.91
N GLY S 355 -28.36 -1.78 -85.64
CA GLY S 355 -27.36 -1.69 -84.59
C GLY S 355 -26.53 -2.95 -84.45
N SER S 356 -27.21 -4.08 -84.29
CA SER S 356 -26.53 -5.36 -84.13
C SER S 356 -25.80 -5.77 -85.41
N GLY S 357 -26.26 -5.26 -86.55
CA GLY S 357 -25.62 -5.54 -87.81
C GLY S 357 -24.38 -4.69 -88.01
N SER S 358 -24.40 -3.49 -87.43
CA SER S 358 -23.27 -2.56 -87.56
C SER S 358 -22.25 -2.68 -86.43
N GLN S 359 -22.57 -3.43 -85.38
CA GLN S 359 -21.65 -3.57 -84.26
C GLN S 359 -20.79 -4.83 -84.34
N VAL S 360 -20.95 -5.60 -85.41
CA VAL S 360 -20.21 -6.85 -85.55
C VAL S 360 -18.98 -6.69 -86.44
N ASP S 361 -17.90 -7.37 -86.06
CA ASP S 361 -16.62 -7.25 -86.77
C ASP S 361 -15.65 -8.37 -86.37
N SER S 362 -14.43 -8.29 -86.91
CA SER S 362 -13.33 -9.18 -86.55
C SER S 362 -13.61 -10.66 -86.82
N ALA S 363 -14.52 -10.93 -87.76
CA ALA S 363 -14.80 -12.28 -88.26
C ALA S 363 -15.38 -13.23 -87.21
N ARG S 364 -15.45 -12.78 -85.96
CA ARG S 364 -16.02 -13.57 -84.88
C ARG S 364 -17.44 -13.10 -84.59
N MET S 365 -17.56 -11.83 -84.22
CA MET S 365 -18.86 -11.18 -84.10
C MET S 365 -19.66 -11.31 -85.40
N ASN S 366 -18.94 -11.50 -86.51
CA ASN S 366 -19.57 -11.81 -87.79
C ASN S 366 -20.27 -13.17 -87.73
N LEU S 367 -19.60 -14.15 -87.13
CA LEU S 367 -20.20 -15.46 -86.91
C LEU S 367 -21.40 -15.31 -85.99
N ALA S 368 -21.27 -14.43 -85.01
CA ALA S 368 -22.37 -14.12 -84.11
C ALA S 368 -23.54 -13.51 -84.89
N SER S 369 -23.22 -12.80 -85.97
CA SER S 369 -24.23 -12.18 -86.81
C SER S 369 -24.87 -13.22 -87.71
N SER S 370 -24.13 -14.27 -88.04
CA SER S 370 -24.68 -15.39 -88.79
C SER S 370 -25.65 -16.16 -87.91
N PHE S 371 -25.28 -16.33 -86.64
CA PHE S 371 -26.14 -16.98 -85.65
C PHE S 371 -27.41 -16.17 -85.43
N VAL S 372 -27.24 -14.86 -85.28
CA VAL S 372 -28.36 -13.95 -85.03
C VAL S 372 -29.31 -13.91 -86.23
N ASN S 373 -28.77 -13.68 -87.42
CA ASN S 373 -29.58 -13.63 -88.64
C ASN S 373 -30.23 -14.99 -88.91
N GLY S 374 -29.57 -16.05 -88.46
CA GLY S 374 -30.10 -17.40 -88.63
C GLY S 374 -31.28 -17.71 -87.73
N PHE S 375 -31.15 -17.39 -86.45
CA PHE S 375 -32.19 -17.72 -85.48
C PHE S 375 -33.19 -16.59 -85.21
N VAL S 376 -33.06 -15.49 -85.92
CA VAL S 376 -33.98 -14.37 -85.75
C VAL S 376 -35.38 -14.74 -86.29
N ASN S 377 -35.41 -15.71 -87.20
CA ASN S 377 -36.66 -16.17 -87.79
C ASN S 377 -36.80 -17.68 -87.71
N GLN S 382 -39.59 -12.62 -89.19
CA GLN S 382 -40.59 -11.81 -89.86
C GLN S 382 -39.94 -10.92 -90.92
N ASP S 383 -38.71 -10.48 -90.64
CA ASP S 383 -37.99 -9.62 -91.57
C ASP S 383 -36.91 -10.41 -92.30
N LYS S 384 -37.11 -10.61 -93.61
CA LYS S 384 -36.18 -11.37 -94.43
C LYS S 384 -35.21 -10.46 -95.17
N LEU S 385 -35.34 -9.16 -94.94
CA LEU S 385 -34.54 -8.16 -95.65
C LEU S 385 -33.07 -8.22 -95.24
N LEU S 386 -32.82 -8.58 -93.99
CA LEU S 386 -31.45 -8.66 -93.46
C LEU S 386 -30.61 -9.68 -94.22
N THR S 387 -31.23 -10.79 -94.59
CA THR S 387 -30.54 -11.83 -95.35
C THR S 387 -30.25 -11.36 -96.76
N ASP S 388 -31.08 -10.46 -97.28
CA ASP S 388 -30.93 -9.95 -98.63
C ASP S 388 -30.13 -8.65 -98.67
N ASP S 389 -29.67 -8.21 -97.52
CA ASP S 389 -28.89 -6.97 -97.43
C ASP S 389 -27.45 -7.17 -97.90
N GLY S 390 -27.04 -6.39 -98.90
CA GLY S 390 -25.69 -6.42 -99.41
C GLY S 390 -25.26 -7.73 -100.00
N ASN S 391 -23.95 -7.88 -100.21
CA ASN S 391 -23.38 -9.11 -100.75
C ASN S 391 -21.95 -9.30 -100.25
N LYS S 392 -21.31 -10.40 -100.67
CA LYS S 392 -19.91 -10.70 -100.35
C LYS S 392 -19.68 -10.97 -98.86
N TRP S 393 -20.73 -10.84 -98.07
CA TRP S 393 -20.66 -11.08 -96.63
C TRP S 393 -20.25 -12.51 -96.34
N LEU S 394 -20.73 -13.45 -97.15
CA LEU S 394 -20.36 -14.86 -97.01
C LEU S 394 -19.00 -15.12 -97.63
N TYR S 395 -18.58 -14.24 -98.53
CA TYR S 395 -17.31 -14.39 -99.23
C TYR S 395 -16.13 -13.98 -98.35
N LYS S 396 -16.30 -12.90 -97.60
CA LYS S 396 -15.25 -12.42 -96.70
C LYS S 396 -15.02 -13.39 -95.55
N ASN S 397 -16.07 -14.07 -95.14
CA ASN S 397 -16.01 -15.02 -94.03
C ASN S 397 -15.28 -16.30 -94.44
N LYS S 398 -14.78 -17.03 -93.45
CA LYS S 398 -14.16 -18.33 -93.68
C LYS S 398 -15.14 -19.43 -93.28
N ASP S 399 -14.74 -20.69 -93.44
CA ASP S 399 -15.62 -21.86 -93.30
C ASP S 399 -16.25 -21.97 -91.91
N HIS S 400 -15.81 -21.08 -91.02
CA HIS S 400 -15.89 -21.16 -89.57
C HIS S 400 -17.27 -20.80 -89.06
N GLY S 401 -18.16 -20.77 -90.03
CA GLY S 401 -19.55 -20.37 -89.95
C GLY S 401 -20.04 -20.14 -91.38
N MET S 402 -19.12 -20.14 -92.35
CA MET S 402 -19.42 -20.05 -93.77
C MET S 402 -20.23 -21.31 -93.79
N LEU S 403 -19.89 -22.20 -92.85
CA LEU S 403 -20.73 -23.38 -92.68
C LEU S 403 -22.07 -22.98 -92.07
N SER S 404 -22.01 -22.19 -91.00
CA SER S 404 -23.22 -21.71 -90.32
C SER S 404 -23.95 -20.67 -91.15
N ALA S 405 -23.24 -20.04 -92.07
CA ALA S 405 -23.87 -19.08 -92.99
C ALA S 405 -24.64 -19.82 -94.07
N ALA S 406 -24.14 -21.00 -94.43
CA ALA S 406 -24.82 -21.85 -95.41
C ALA S 406 -26.00 -22.56 -94.76
N ALA S 407 -25.86 -22.84 -93.46
CA ALA S 407 -26.95 -23.45 -92.71
C ALA S 407 -27.97 -22.39 -92.29
N SER S 408 -27.56 -21.12 -92.39
CA SER S 408 -28.41 -20.00 -92.00
C SER S 408 -29.68 -19.94 -92.84
N LEU S 409 -29.55 -20.23 -94.13
CA LEU S 409 -30.70 -20.26 -95.03
C LEU S 409 -31.68 -21.35 -94.63
N GLY S 410 -31.18 -22.38 -93.95
CA GLY S 410 -32.02 -23.44 -93.44
C GLY S 410 -32.63 -23.08 -92.10
N MET S 411 -31.91 -22.27 -91.33
CA MET S 411 -32.38 -21.86 -90.01
C MET S 411 -33.44 -20.76 -90.08
N ILE S 412 -33.38 -19.94 -91.12
CA ILE S 412 -34.30 -18.81 -91.25
C ILE S 412 -35.69 -19.22 -91.73
N LEU S 413 -35.76 -20.27 -92.56
CA LEU S 413 -37.02 -20.67 -93.15
C LEU S 413 -37.46 -22.06 -92.72
N LEU S 414 -38.53 -22.12 -91.94
CA LEU S 414 -39.14 -23.38 -91.56
C LEU S 414 -40.32 -23.66 -92.49
N TRP S 415 -40.53 -22.74 -93.44
CA TRP S 415 -41.63 -22.85 -94.39
C TRP S 415 -41.14 -22.73 -95.82
N ASP S 416 -42.07 -22.67 -96.77
CA ASP S 416 -41.77 -22.54 -98.19
C ASP S 416 -40.90 -23.67 -98.71
N VAL S 417 -41.47 -24.86 -98.79
CA VAL S 417 -40.76 -26.05 -99.28
C VAL S 417 -40.25 -25.83 -100.70
N ASP S 418 -41.13 -25.36 -101.58
CA ASP S 418 -40.77 -25.09 -102.96
C ASP S 418 -39.82 -23.89 -103.06
N GLY S 419 -39.97 -22.95 -102.15
CA GLY S 419 -39.12 -21.77 -102.12
C GLY S 419 -37.74 -22.09 -101.57
N GLY S 420 -37.69 -22.97 -100.58
CA GLY S 420 -36.43 -23.40 -100.01
C GLY S 420 -35.52 -24.03 -101.03
N LEU S 421 -36.12 -24.74 -101.98
CA LEU S 421 -35.37 -25.38 -103.05
C LEU S 421 -34.64 -24.36 -103.91
N THR S 422 -35.36 -23.34 -104.36
CA THR S 422 -34.77 -22.31 -105.23
C THR S 422 -33.92 -21.33 -104.42
N GLN S 423 -34.03 -21.39 -103.10
CA GLN S 423 -33.12 -20.62 -102.25
C GLN S 423 -31.78 -21.33 -102.07
N ILE S 424 -31.82 -22.64 -101.85
CA ILE S 424 -30.62 -23.42 -101.58
C ILE S 424 -29.85 -23.78 -102.85
N ASP S 425 -30.58 -24.05 -103.94
CA ASP S 425 -29.98 -24.57 -105.17
C ASP S 425 -28.83 -23.72 -105.70
N LYS S 426 -28.85 -22.43 -105.39
CA LYS S 426 -27.78 -21.52 -105.79
C LYS S 426 -26.47 -21.90 -105.11
N TYR S 427 -26.56 -22.43 -103.89
CA TYR S 427 -25.38 -22.83 -103.15
C TYR S 427 -25.08 -24.32 -103.32
N LEU S 428 -25.93 -25.01 -104.07
CA LEU S 428 -25.72 -26.44 -104.33
C LEU S 428 -24.71 -26.64 -105.45
N TYR S 429 -23.91 -27.70 -105.32
CA TYR S 429 -22.86 -28.06 -106.29
C TYR S 429 -22.03 -26.86 -106.76
N SER S 430 -21.72 -25.98 -105.81
CA SER S 430 -20.95 -24.77 -106.11
C SER S 430 -19.45 -25.07 -106.16
N SER S 431 -18.66 -24.00 -106.24
CA SER S 431 -17.20 -24.14 -106.31
C SER S 431 -16.62 -24.49 -104.95
N GLU S 432 -17.31 -24.11 -103.89
CA GLU S 432 -16.83 -24.37 -102.53
C GLU S 432 -17.51 -25.60 -101.91
N ASP S 433 -16.74 -26.37 -101.17
CA ASP S 433 -17.22 -27.61 -100.56
C ASP S 433 -18.08 -27.35 -99.31
N TYR S 434 -17.60 -26.48 -98.44
CA TYR S 434 -18.28 -26.18 -97.18
C TYR S 434 -19.62 -25.48 -97.43
N ILE S 435 -19.70 -24.73 -98.52
CA ILE S 435 -20.93 -24.04 -98.88
C ILE S 435 -22.03 -25.04 -99.25
N LYS S 436 -21.70 -26.00 -100.09
CA LYS S 436 -22.69 -26.99 -100.53
C LYS S 436 -22.98 -27.99 -99.41
N SER S 437 -22.01 -28.24 -98.55
CA SER S 437 -22.22 -29.13 -97.40
C SER S 437 -23.20 -28.47 -96.44
N GLY S 438 -22.96 -27.20 -96.14
CA GLY S 438 -23.86 -26.44 -95.30
C GLY S 438 -25.21 -26.25 -95.96
N ALA S 439 -25.23 -26.33 -97.28
CA ALA S 439 -26.47 -26.24 -98.04
C ALA S 439 -27.29 -27.51 -97.86
N LEU S 440 -26.62 -28.66 -97.88
CA LEU S 440 -27.28 -29.93 -97.60
C LEU S 440 -27.78 -29.95 -96.16
N LEU S 441 -26.97 -29.42 -95.25
CA LEU S 441 -27.37 -29.29 -93.85
C LEU S 441 -28.63 -28.44 -93.74
N ALA S 442 -28.67 -27.35 -94.51
CA ALA S 442 -29.84 -26.48 -94.55
C ALA S 442 -31.05 -27.23 -95.09
N CYS S 443 -30.82 -28.09 -96.07
CA CYS S 443 -31.88 -28.92 -96.63
C CYS S 443 -32.40 -29.90 -95.59
N GLY S 444 -31.53 -30.31 -94.67
CA GLY S 444 -31.93 -31.18 -93.60
C GLY S 444 -32.68 -30.43 -92.51
N ILE S 445 -32.36 -29.15 -92.34
CA ILE S 445 -32.97 -28.33 -91.30
C ILE S 445 -34.37 -27.83 -91.68
N VAL S 446 -34.52 -27.38 -92.92
CA VAL S 446 -35.75 -26.71 -93.36
C VAL S 446 -37.03 -27.54 -93.17
N ASN S 447 -37.01 -28.80 -93.59
CA ASN S 447 -38.20 -29.63 -93.56
C ASN S 447 -37.92 -31.04 -93.06
N SER S 448 -38.67 -31.46 -92.05
CA SER S 448 -38.51 -32.79 -91.47
C SER S 448 -39.34 -33.85 -92.20
N GLY S 449 -40.30 -33.40 -93.00
CA GLY S 449 -41.21 -34.32 -93.67
C GLY S 449 -40.92 -34.58 -95.14
N VAL S 450 -40.09 -33.73 -95.75
CA VAL S 450 -39.78 -33.88 -97.17
C VAL S 450 -38.88 -35.09 -97.45
N ARG S 451 -37.74 -35.13 -96.77
CA ARG S 451 -36.78 -36.24 -96.82
C ARG S 451 -36.49 -36.75 -98.23
N ASN S 452 -36.51 -35.85 -99.21
CA ASN S 452 -36.25 -36.24 -100.60
C ASN S 452 -34.80 -36.00 -101.02
N GLU S 453 -34.00 -35.49 -100.09
CA GLU S 453 -32.59 -35.24 -100.37
C GLU S 453 -31.72 -36.40 -99.91
N CYS S 454 -32.37 -37.46 -99.41
CA CYS S 454 -31.68 -38.65 -98.93
C CYS S 454 -30.81 -39.30 -100.00
N ASP S 455 -31.45 -39.83 -101.03
CA ASP S 455 -30.78 -40.62 -102.08
C ASP S 455 -29.52 -39.99 -102.73
N PRO S 456 -29.55 -38.69 -103.08
CA PRO S 456 -28.31 -38.18 -103.68
C PRO S 456 -27.16 -38.11 -102.68
N ALA S 457 -27.48 -37.92 -101.40
CA ALA S 457 -26.47 -37.92 -100.34
C ALA S 457 -26.24 -39.34 -99.86
N LEU S 458 -27.14 -40.24 -100.23
CA LEU S 458 -27.05 -41.64 -99.84
C LEU S 458 -26.06 -42.37 -100.73
N ALA S 459 -26.07 -42.03 -102.03
CA ALA S 459 -25.19 -42.67 -102.99
C ALA S 459 -23.74 -42.23 -102.81
N LEU S 460 -23.56 -41.03 -102.25
CA LEU S 460 -22.23 -40.44 -102.10
C LEU S 460 -21.61 -40.70 -100.73
N LEU S 461 -22.28 -41.51 -99.92
CA LEU S 461 -21.87 -41.76 -98.54
C LEU S 461 -20.42 -42.22 -98.38
N SER S 462 -20.02 -43.26 -99.11
CA SER S 462 -18.67 -43.80 -98.94
C SER S 462 -17.63 -42.95 -99.67
N ASP S 463 -16.74 -42.34 -98.91
CA ASP S 463 -15.68 -41.51 -99.45
C ASP S 463 -14.33 -42.19 -99.54
N TYR S 464 -14.27 -43.47 -99.16
CA TYR S 464 -13.01 -44.15 -98.93
C TYR S 464 -12.21 -43.39 -97.88
N VAL S 465 -11.06 -42.83 -98.28
CA VAL S 465 -10.21 -42.13 -97.33
C VAL S 465 -10.79 -40.77 -96.91
N LEU S 466 -10.86 -39.81 -97.83
CA LEU S 466 -11.36 -38.48 -97.50
C LEU S 466 -12.00 -37.78 -98.69
N HIS S 467 -13.06 -37.02 -98.43
CA HIS S 467 -13.74 -36.23 -99.46
C HIS S 467 -14.73 -35.24 -98.83
N ASN S 468 -15.41 -34.46 -99.67
CA ASN S 468 -16.39 -33.49 -99.21
C ASN S 468 -17.70 -34.14 -98.76
N SER S 469 -17.96 -35.34 -99.27
CA SER S 469 -19.20 -36.05 -98.97
C SER S 469 -19.19 -36.55 -97.52
N ASN S 470 -18.07 -36.36 -96.84
CA ASN S 470 -18.01 -36.58 -95.39
C ASN S 470 -18.74 -35.45 -94.68
N THR S 471 -18.48 -34.21 -95.08
CA THR S 471 -19.18 -33.06 -94.54
C THR S 471 -20.63 -33.09 -95.02
N MET S 472 -20.84 -33.53 -96.25
CA MET S 472 -22.19 -33.73 -96.77
C MET S 472 -22.89 -34.79 -95.94
N ARG S 473 -22.13 -35.76 -95.44
CA ARG S 473 -22.65 -36.79 -94.57
C ARG S 473 -23.04 -36.18 -93.22
N LEU S 474 -22.20 -35.27 -92.73
CA LEU S 474 -22.53 -34.52 -91.52
C LEU S 474 -23.90 -33.86 -91.68
N GLY S 475 -23.99 -32.95 -92.64
CA GLY S 475 -25.23 -32.21 -92.88
C GLY S 475 -26.45 -33.07 -93.13
N SER S 476 -26.31 -34.07 -94.00
CA SER S 476 -27.44 -34.90 -94.40
C SER S 476 -27.91 -35.84 -93.28
N ILE S 477 -26.97 -36.51 -92.63
CA ILE S 477 -27.31 -37.46 -91.57
C ILE S 477 -27.85 -36.72 -90.34
N PHE S 478 -27.22 -35.61 -89.98
CA PHE S 478 -27.69 -34.82 -88.85
C PHE S 478 -29.06 -34.21 -89.14
N GLY S 479 -29.23 -33.75 -90.38
CA GLY S 479 -30.50 -33.20 -90.81
C GLY S 479 -31.60 -34.24 -90.79
N LEU S 480 -31.25 -35.47 -91.14
CA LEU S 480 -32.19 -36.58 -91.10
C LEU S 480 -32.50 -36.96 -89.66
N GLY S 481 -31.52 -36.76 -88.78
CA GLY S 481 -31.71 -36.99 -87.36
C GLY S 481 -32.68 -35.97 -86.79
N LEU S 482 -32.62 -34.75 -87.32
CA LEU S 482 -33.57 -33.72 -86.95
C LEU S 482 -34.92 -33.97 -87.59
N ALA S 483 -34.91 -34.74 -88.69
CA ALA S 483 -36.13 -35.04 -89.42
C ALA S 483 -36.95 -36.14 -88.73
N TYR S 484 -36.25 -37.16 -88.25
CA TYR S 484 -36.91 -38.29 -87.60
C TYR S 484 -37.33 -37.94 -86.17
N ASN S 488 -36.13 -46.96 -85.07
CA ASN S 488 -35.64 -48.32 -85.35
C ASN S 488 -35.65 -48.62 -86.85
N ARG S 489 -35.21 -47.65 -87.65
CA ARG S 489 -35.17 -47.82 -89.09
C ARG S 489 -33.92 -48.59 -89.50
N GLU S 490 -34.10 -49.66 -90.26
CA GLU S 490 -33.02 -50.59 -90.54
C GLU S 490 -32.05 -50.13 -91.63
N ASP S 491 -32.58 -49.57 -92.71
CA ASP S 491 -31.76 -49.23 -93.87
C ASP S 491 -30.76 -48.10 -93.56
N VAL S 492 -31.24 -47.07 -92.87
CA VAL S 492 -30.40 -45.94 -92.52
C VAL S 492 -29.33 -46.38 -91.52
N LEU S 493 -29.66 -47.37 -90.70
CA LEU S 493 -28.72 -47.92 -89.73
C LEU S 493 -27.62 -48.70 -90.44
N THR S 494 -28.02 -49.55 -91.38
CA THR S 494 -27.07 -50.34 -92.16
C THR S 494 -26.19 -49.44 -93.01
N LEU S 495 -26.73 -48.29 -93.43
CA LEU S 495 -25.94 -47.32 -94.18
C LEU S 495 -25.07 -46.48 -93.26
N LEU S 496 -25.42 -46.45 -91.97
CA LEU S 496 -24.63 -45.73 -90.99
C LEU S 496 -23.57 -46.65 -90.36
N LEU S 497 -23.64 -47.93 -90.71
CA LEU S 497 -22.64 -48.89 -90.26
C LEU S 497 -21.24 -48.60 -90.83
N PRO S 498 -21.14 -48.34 -92.15
CA PRO S 498 -19.79 -47.99 -92.64
C PRO S 498 -19.33 -46.63 -92.13
N VAL S 499 -20.27 -45.79 -91.71
CA VAL S 499 -19.94 -44.47 -91.17
C VAL S 499 -19.15 -44.60 -89.87
N MET S 500 -19.69 -45.35 -88.93
CA MET S 500 -19.01 -45.59 -87.66
C MET S 500 -17.84 -46.54 -87.84
N GLY S 501 -17.92 -47.40 -88.85
CA GLY S 501 -16.87 -48.36 -89.13
C GLY S 501 -15.68 -47.73 -89.82
N ASP S 502 -15.85 -46.52 -90.33
CA ASP S 502 -14.79 -45.81 -91.03
C ASP S 502 -13.77 -45.26 -90.03
N SER S 503 -14.28 -44.71 -88.93
CA SER S 503 -13.45 -44.13 -87.87
C SER S 503 -12.52 -43.05 -88.41
N LYS S 504 -13.10 -41.95 -88.87
CA LYS S 504 -12.33 -40.83 -89.40
C LYS S 504 -11.72 -40.03 -88.25
N SER S 505 -10.59 -39.38 -88.52
CA SER S 505 -9.90 -38.57 -87.51
C SER S 505 -10.75 -37.38 -87.06
N SER S 506 -11.67 -36.95 -87.91
CA SER S 506 -12.56 -35.85 -87.59
C SER S 506 -13.56 -36.25 -86.52
N MET S 507 -13.60 -35.47 -85.44
CA MET S 507 -14.51 -35.74 -84.32
C MET S 507 -15.95 -35.44 -84.70
N GLU S 508 -16.13 -34.44 -85.56
CA GLU S 508 -17.45 -33.98 -85.96
C GLU S 508 -18.28 -35.08 -86.62
N VAL S 509 -17.62 -36.00 -87.31
CA VAL S 509 -18.31 -37.08 -88.01
C VAL S 509 -19.06 -37.99 -87.03
N ALA S 510 -18.34 -38.57 -86.08
CA ALA S 510 -18.94 -39.45 -85.10
C ALA S 510 -19.78 -38.66 -84.10
N GLY S 511 -19.49 -37.36 -83.99
CA GLY S 511 -20.26 -36.48 -83.15
C GLY S 511 -21.67 -36.33 -83.67
N VAL S 512 -21.80 -35.91 -84.93
CA VAL S 512 -23.11 -35.74 -85.54
C VAL S 512 -23.76 -37.09 -85.83
N THR S 513 -22.93 -38.14 -85.89
CA THR S 513 -23.46 -39.48 -86.04
C THR S 513 -24.18 -39.90 -84.76
N ALA S 514 -23.52 -39.69 -83.64
CA ALA S 514 -24.09 -40.01 -82.33
C ALA S 514 -25.29 -39.13 -82.02
N LEU S 515 -25.22 -37.86 -82.44
CA LEU S 515 -26.33 -36.93 -82.23
C LEU S 515 -27.54 -37.31 -83.07
N ALA S 516 -27.31 -37.60 -84.35
CA ALA S 516 -28.39 -37.97 -85.25
C ALA S 516 -29.04 -39.28 -84.84
N CYS S 517 -28.23 -40.33 -84.71
CA CYS S 517 -28.73 -41.65 -84.32
C CYS S 517 -29.37 -41.58 -82.93
N GLY S 518 -28.84 -40.71 -82.09
CA GLY S 518 -29.39 -40.50 -80.76
C GLY S 518 -30.80 -39.92 -80.82
N MET S 519 -30.96 -38.85 -81.59
CA MET S 519 -32.26 -38.20 -81.74
C MET S 519 -33.23 -39.07 -82.54
N ILE S 520 -32.70 -40.05 -83.26
CA ILE S 520 -33.51 -41.02 -83.97
C ILE S 520 -34.02 -42.11 -83.02
N ALA S 521 -33.17 -42.54 -82.10
CA ALA S 521 -33.46 -43.69 -81.26
C ALA S 521 -34.16 -43.32 -79.95
N VAL S 522 -34.48 -42.05 -79.75
CA VAL S 522 -35.16 -41.62 -78.52
C VAL S 522 -36.61 -42.10 -78.51
N GLY S 523 -37.10 -42.43 -77.32
CA GLY S 523 -38.47 -42.88 -77.16
C GLY S 523 -38.63 -44.38 -77.32
N SER S 524 -37.49 -45.08 -77.43
CA SER S 524 -37.50 -46.52 -77.62
C SER S 524 -37.97 -47.25 -76.37
N CYS S 525 -38.45 -48.47 -76.54
CA CYS S 525 -38.93 -49.29 -75.43
C CYS S 525 -37.84 -50.22 -74.92
N ASN S 526 -37.40 -49.96 -73.68
CA ASN S 526 -36.40 -50.79 -73.00
C ASN S 526 -35.06 -50.85 -73.75
N GLY S 527 -34.80 -49.84 -74.57
CA GLY S 527 -33.56 -49.75 -75.30
C GLY S 527 -33.29 -50.93 -76.22
N ASP S 528 -32.03 -51.10 -76.61
CA ASP S 528 -31.62 -52.25 -77.41
C ASP S 528 -30.27 -52.78 -76.96
N VAL S 529 -30.19 -54.09 -76.74
CA VAL S 529 -28.95 -54.74 -76.34
C VAL S 529 -28.23 -55.31 -77.57
N THR S 530 -28.78 -55.01 -78.74
CA THR S 530 -28.39 -55.67 -79.98
C THR S 530 -27.03 -55.24 -80.55
N SER S 531 -26.76 -55.75 -81.75
CA SER S 531 -25.48 -55.54 -82.43
C SER S 531 -25.19 -54.07 -82.73
N THR S 532 -26.19 -53.21 -82.64
CA THR S 532 -25.98 -51.77 -82.76
C THR S 532 -25.01 -51.31 -81.67
N ILE S 533 -25.47 -51.35 -80.43
CA ILE S 533 -24.66 -50.93 -79.30
C ILE S 533 -23.49 -51.88 -79.09
N LEU S 534 -23.69 -53.15 -79.44
CA LEU S 534 -22.62 -54.14 -79.29
C LEU S 534 -21.41 -53.77 -80.15
N GLN S 535 -21.65 -53.60 -81.45
CA GLN S 535 -20.59 -53.27 -82.39
C GLN S 535 -20.06 -51.86 -82.18
N THR S 536 -20.92 -50.93 -81.76
CA THR S 536 -20.44 -49.56 -81.53
C THR S 536 -19.55 -49.53 -80.28
N ILE S 537 -19.81 -50.43 -79.33
CA ILE S 537 -18.98 -50.52 -78.14
C ILE S 537 -17.66 -51.22 -78.48
N MET S 538 -17.73 -52.26 -79.30
CA MET S 538 -16.52 -52.95 -79.75
C MET S 538 -15.60 -52.01 -80.51
N GLU S 539 -16.18 -51.20 -81.39
CA GLU S 539 -15.42 -50.25 -82.19
C GLU S 539 -14.94 -49.06 -81.34
N LYS S 540 -15.71 -48.72 -80.31
CA LYS S 540 -15.30 -47.68 -79.38
C LYS S 540 -14.10 -48.14 -78.56
N SER S 541 -14.07 -49.43 -78.24
CA SER S 541 -13.00 -50.01 -77.44
C SER S 541 -11.89 -50.59 -78.30
N GLU S 542 -12.03 -50.45 -79.62
CA GLU S 542 -11.01 -50.92 -80.55
C GLU S 542 -9.69 -50.20 -80.31
N THR S 543 -9.74 -48.88 -80.21
CA THR S 543 -8.57 -48.06 -79.91
C THR S 543 -9.00 -46.80 -79.16
N GLU S 544 -8.13 -46.28 -78.30
CA GLU S 544 -8.47 -45.12 -77.51
C GLU S 544 -7.66 -43.88 -77.90
N LEU S 545 -8.31 -42.94 -78.57
CA LEU S 545 -7.73 -41.66 -78.93
C LEU S 545 -8.84 -40.60 -78.96
N LYS S 546 -8.48 -39.36 -78.64
CA LYS S 546 -9.43 -38.25 -78.71
C LYS S 546 -10.67 -38.51 -77.85
N ASP S 547 -10.51 -38.40 -76.54
CA ASP S 547 -11.54 -38.76 -75.57
C ASP S 547 -12.90 -38.09 -75.81
N THR S 548 -12.90 -37.03 -76.62
CA THR S 548 -14.13 -36.37 -77.03
C THR S 548 -15.13 -37.37 -77.62
N TYR S 549 -14.62 -38.39 -78.31
CA TYR S 549 -15.45 -39.48 -78.79
C TYR S 549 -16.14 -40.17 -77.62
N ALA S 550 -15.32 -40.57 -76.63
CA ALA S 550 -15.83 -41.24 -75.44
C ALA S 550 -16.72 -40.33 -74.60
N ARG S 551 -16.76 -39.05 -74.96
CA ARG S 551 -17.66 -38.10 -74.34
C ARG S 551 -19.01 -38.06 -75.06
N TRP S 552 -18.97 -37.69 -76.34
CA TRP S 552 -20.20 -37.49 -77.11
C TRP S 552 -20.94 -38.78 -77.47
N LEU S 553 -20.24 -39.92 -77.49
CA LEU S 553 -20.91 -41.19 -77.81
C LEU S 553 -21.90 -41.64 -76.73
N PRO S 554 -21.52 -41.60 -75.43
CA PRO S 554 -22.52 -41.97 -74.41
C PRO S 554 -23.74 -41.06 -74.38
N LEU S 555 -23.62 -39.86 -74.95
CA LEU S 555 -24.78 -39.00 -75.15
C LEU S 555 -25.84 -39.71 -75.99
N GLY S 556 -25.49 -39.98 -77.24
CA GLY S 556 -26.38 -40.67 -78.15
C GLY S 556 -26.79 -42.05 -77.67
N LEU S 557 -25.86 -42.74 -77.00
CA LEU S 557 -26.16 -44.05 -76.42
C LEU S 557 -27.24 -43.92 -75.36
N GLY S 558 -27.14 -42.88 -74.53
CA GLY S 558 -28.13 -42.62 -73.50
C GLY S 558 -29.46 -42.22 -74.11
N LEU S 559 -29.39 -41.53 -75.25
CA LEU S 559 -30.59 -41.17 -76.00
C LEU S 559 -31.28 -42.42 -76.53
N ASN S 560 -30.47 -43.42 -76.86
CA ASN S 560 -30.99 -44.70 -77.32
C ASN S 560 -31.55 -45.53 -76.18
N HIS S 561 -30.96 -45.37 -75.00
CA HIS S 561 -31.38 -46.12 -73.81
C HIS S 561 -32.44 -45.37 -73.01
N LEU S 562 -32.90 -44.24 -73.55
CA LEU S 562 -33.90 -43.43 -72.85
C LEU S 562 -35.26 -44.12 -72.83
N GLY S 563 -35.96 -43.98 -71.70
CA GLY S 563 -37.30 -44.52 -71.56
C GLY S 563 -37.38 -46.00 -71.31
N LYS S 564 -36.51 -46.51 -70.44
CA LYS S 564 -36.53 -47.93 -70.08
C LYS S 564 -36.99 -48.16 -68.64
N GLY S 565 -38.20 -48.69 -68.48
CA GLY S 565 -38.75 -48.94 -67.17
C GLY S 565 -38.10 -50.07 -66.38
N GLU S 566 -38.11 -51.27 -66.95
CA GLU S 566 -37.64 -52.46 -66.23
C GLU S 566 -36.22 -52.88 -66.58
N ALA S 567 -35.55 -52.13 -67.46
CA ALA S 567 -34.24 -52.53 -67.95
C ALA S 567 -33.17 -52.47 -66.87
N ILE S 568 -32.33 -53.50 -66.84
CA ILE S 568 -31.24 -53.60 -65.87
C ILE S 568 -29.95 -53.06 -66.49
N GLU S 569 -30.09 -52.47 -67.68
CA GLU S 569 -28.95 -52.10 -68.52
C GLU S 569 -27.88 -51.25 -67.83
N ALA S 570 -28.25 -50.55 -66.76
CA ALA S 570 -27.27 -49.81 -65.98
C ALA S 570 -26.30 -50.76 -65.30
N ILE S 571 -26.84 -51.70 -64.53
CA ILE S 571 -26.04 -52.70 -63.84
C ILE S 571 -25.37 -53.63 -64.85
N LEU S 572 -26.09 -53.94 -65.92
CA LEU S 572 -25.56 -54.77 -67.00
C LEU S 572 -24.33 -54.12 -67.63
N ALA S 573 -24.35 -52.80 -67.72
CA ALA S 573 -23.21 -52.05 -68.24
C ALA S 573 -22.08 -52.06 -67.22
N ALA S 574 -22.43 -51.79 -65.97
CA ALA S 574 -21.45 -51.79 -64.88
C ALA S 574 -20.70 -53.12 -64.80
N LEU S 575 -21.38 -54.20 -65.19
CA LEU S 575 -20.76 -55.51 -65.31
C LEU S 575 -19.93 -55.60 -66.58
N GLU S 576 -20.60 -55.44 -67.72
CA GLU S 576 -20.00 -55.62 -69.04
C GLU S 576 -18.69 -54.87 -69.24
N VAL S 577 -18.63 -53.60 -68.83
CA VAL S 577 -17.40 -52.83 -69.02
C VAL S 577 -16.72 -52.47 -67.69
N VAL S 578 -15.49 -52.95 -67.54
CA VAL S 578 -14.64 -52.59 -66.42
C VAL S 578 -13.27 -52.17 -66.96
N SER S 579 -12.91 -50.92 -66.74
CA SER S 579 -11.75 -50.33 -67.41
C SER S 579 -11.24 -49.06 -66.74
N GLU S 580 -10.36 -48.36 -67.42
CA GLU S 580 -9.74 -47.14 -66.92
C GLU S 580 -10.80 -46.04 -66.72
N PRO S 581 -10.41 -44.88 -66.14
CA PRO S 581 -11.39 -43.81 -65.91
C PRO S 581 -12.08 -43.25 -67.15
N PHE S 582 -11.57 -43.54 -68.34
CA PHE S 582 -12.16 -43.02 -69.57
C PHE S 582 -13.49 -43.71 -69.90
N ARG S 583 -13.41 -45.00 -70.19
CA ARG S 583 -14.61 -45.77 -70.49
C ARG S 583 -15.46 -45.97 -69.24
N SER S 584 -14.87 -45.69 -68.07
CA SER S 584 -15.63 -45.67 -66.83
C SER S 584 -16.42 -44.38 -66.72
N PHE S 585 -15.86 -43.31 -67.29
CA PHE S 585 -16.58 -42.04 -67.41
C PHE S 585 -17.72 -42.22 -68.38
N ALA S 586 -17.46 -42.93 -69.47
CA ALA S 586 -18.50 -43.27 -70.43
C ALA S 586 -19.60 -44.11 -69.77
N ASN S 587 -19.19 -45.09 -68.98
CA ASN S 587 -20.11 -45.99 -68.30
C ASN S 587 -20.97 -45.27 -67.27
N THR S 588 -20.36 -44.37 -66.51
CA THR S 588 -21.09 -43.63 -65.50
C THR S 588 -21.94 -42.55 -66.15
N LEU S 589 -21.61 -42.19 -67.39
CA LEU S 589 -22.46 -41.30 -68.18
C LEU S 589 -23.70 -42.05 -68.63
N VAL S 590 -23.51 -43.30 -69.05
CA VAL S 590 -24.62 -44.19 -69.38
C VAL S 590 -25.50 -44.38 -68.13
N ASP S 591 -24.85 -44.48 -66.98
CA ASP S 591 -25.56 -44.60 -65.70
C ASP S 591 -26.37 -43.34 -65.42
N VAL S 592 -25.79 -42.18 -65.72
CA VAL S 592 -26.48 -40.90 -65.56
C VAL S 592 -27.72 -40.86 -66.45
N CYS S 593 -27.58 -41.32 -67.68
CA CYS S 593 -28.67 -41.29 -68.65
C CYS S 593 -29.63 -42.47 -68.49
N ALA S 594 -29.34 -43.35 -67.54
CA ALA S 594 -30.18 -44.52 -67.31
C ALA S 594 -31.25 -44.26 -66.26
N TYR S 595 -31.18 -43.10 -65.62
CA TYR S 595 -32.14 -42.76 -64.57
C TYR S 595 -33.15 -41.71 -65.02
N ALA S 596 -34.41 -42.12 -65.14
CA ALA S 596 -35.49 -41.19 -65.42
C ALA S 596 -35.87 -40.46 -64.14
N GLY S 597 -35.66 -41.14 -63.01
CA GLY S 597 -35.86 -40.54 -61.70
C GLY S 597 -37.17 -40.89 -61.04
N SER S 598 -37.14 -40.99 -59.71
CA SER S 598 -38.31 -41.22 -58.88
C SER S 598 -37.93 -40.97 -57.43
N GLY S 599 -38.90 -41.06 -56.52
CA GLY S 599 -38.60 -40.86 -55.12
C GLY S 599 -37.73 -41.97 -54.55
N ASN S 600 -36.55 -41.60 -54.05
CA ASN S 600 -35.66 -42.55 -53.39
C ASN S 600 -34.61 -41.82 -52.55
N VAL S 601 -34.02 -42.53 -51.59
CA VAL S 601 -32.88 -42.01 -50.85
C VAL S 601 -31.59 -42.54 -51.48
N LEU S 602 -31.77 -43.42 -52.46
CA LEU S 602 -30.65 -44.12 -53.09
C LEU S 602 -29.78 -43.18 -53.91
N LYS S 603 -30.40 -42.44 -54.82
CA LYS S 603 -29.66 -41.52 -55.67
C LYS S 603 -29.17 -40.33 -54.85
N VAL S 604 -29.81 -40.08 -53.72
CA VAL S 604 -29.41 -39.00 -52.82
C VAL S 604 -28.10 -39.36 -52.10
N GLN S 605 -28.08 -40.54 -51.49
CA GLN S 605 -26.88 -40.99 -50.79
C GLN S 605 -25.76 -41.28 -51.78
N GLN S 606 -26.14 -41.70 -52.99
CA GLN S 606 -25.18 -41.94 -54.06
C GLN S 606 -24.58 -40.60 -54.52
N LEU S 607 -25.40 -39.57 -54.56
CA LEU S 607 -24.96 -38.23 -54.90
C LEU S 607 -23.97 -37.70 -53.87
N LEU S 608 -24.36 -37.81 -52.60
CA LEU S 608 -23.54 -37.33 -51.50
C LEU S 608 -22.23 -38.11 -51.39
N HIS S 609 -22.27 -39.38 -51.79
CA HIS S 609 -21.08 -40.22 -51.76
C HIS S 609 -20.14 -39.96 -52.93
N ILE S 610 -20.72 -39.71 -54.10
CA ILE S 610 -19.92 -39.51 -55.32
C ILE S 610 -19.49 -38.05 -55.45
N CYS S 611 -20.01 -37.19 -54.58
CA CYS S 611 -19.66 -35.77 -54.60
C CYS S 611 -18.19 -35.55 -54.21
N SER S 612 -17.60 -36.56 -53.58
CA SER S 612 -16.22 -36.47 -53.11
C SER S 612 -15.22 -37.02 -54.14
N GLU S 613 -15.73 -37.40 -55.31
CA GLU S 613 -14.91 -37.98 -56.37
C GLU S 613 -13.77 -37.04 -56.79
N HIS S 614 -12.61 -37.61 -57.09
CA HIS S 614 -11.44 -36.83 -57.47
C HIS S 614 -11.52 -36.35 -58.91
N PHE S 615 -12.25 -37.08 -59.74
CA PHE S 615 -12.37 -36.75 -61.16
C PHE S 615 -13.38 -35.62 -61.36
N ASP S 616 -12.93 -34.54 -61.98
CA ASP S 616 -13.73 -33.33 -62.11
C ASP S 616 -14.81 -33.40 -63.18
N SER S 617 -14.60 -34.24 -64.19
CA SER S 617 -15.53 -34.32 -65.31
C SER S 617 -16.80 -35.05 -64.93
N LYS S 618 -16.67 -36.32 -64.55
CA LYS S 618 -17.79 -37.13 -64.10
C LYS S 618 -18.55 -36.47 -62.96
N GLU S 619 -17.84 -35.67 -62.17
CA GLU S 619 -18.48 -34.83 -61.16
C GLU S 619 -19.44 -33.85 -61.81
N LYS S 620 -18.93 -33.11 -62.79
CA LYS S 620 -19.74 -32.13 -63.51
C LYS S 620 -20.96 -32.75 -64.16
N GLU S 621 -20.77 -33.91 -64.78
CA GLU S 621 -21.86 -34.60 -65.49
C GLU S 621 -22.91 -35.14 -64.52
N GLU S 622 -22.46 -35.90 -63.52
CA GLU S 622 -23.36 -36.54 -62.56
C GLU S 622 -24.11 -35.49 -61.73
N ASP S 623 -23.45 -34.37 -61.47
CA ASP S 623 -24.10 -33.28 -60.75
C ASP S 623 -24.98 -32.46 -61.69
N LYS S 624 -24.73 -32.58 -62.99
CA LYS S 624 -25.58 -31.94 -63.98
C LYS S 624 -26.86 -32.74 -64.16
N ASP S 625 -26.79 -34.03 -63.81
CA ASP S 625 -27.97 -34.90 -63.85
C ASP S 625 -29.07 -34.39 -62.91
N LYS S 626 -28.66 -33.59 -61.93
CA LYS S 626 -29.59 -33.02 -60.96
C LYS S 626 -30.69 -32.22 -61.64
N LYS S 627 -30.32 -31.34 -62.56
CA LYS S 627 -31.30 -30.53 -63.27
C LYS S 627 -32.10 -31.37 -64.25
N GLU S 628 -31.61 -32.56 -64.56
CA GLU S 628 -32.33 -33.50 -65.42
C GLU S 628 -33.40 -34.21 -64.59
N LYS S 629 -33.14 -34.36 -63.30
CA LYS S 629 -34.06 -35.06 -62.40
C LYS S 629 -35.13 -34.16 -61.80
N LYS S 630 -34.70 -33.17 -61.03
CA LYS S 630 -35.61 -32.36 -60.21
C LYS S 630 -36.19 -31.14 -60.94
N ASP S 631 -35.94 -31.04 -62.25
CA ASP S 631 -36.37 -29.90 -63.04
C ASP S 631 -37.84 -29.52 -62.86
N LYS S 632 -38.68 -30.52 -62.61
CA LYS S 632 -40.12 -30.28 -62.42
C LYS S 632 -40.39 -29.36 -61.22
N ASP S 633 -39.89 -29.76 -60.06
CA ASP S 633 -40.07 -28.95 -58.85
C ASP S 633 -38.83 -28.08 -58.60
N LYS S 634 -39.01 -26.77 -58.69
CA LYS S 634 -37.92 -25.83 -58.55
C LYS S 634 -37.70 -25.40 -57.10
N LYS S 635 -38.49 -25.98 -56.19
CA LYS S 635 -38.38 -25.66 -54.78
C LYS S 635 -37.07 -26.19 -54.19
N GLU S 636 -36.69 -27.39 -54.61
CA GLU S 636 -35.47 -28.02 -54.12
C GLU S 636 -34.30 -27.76 -55.07
N ALA S 637 -34.57 -26.99 -56.12
CA ALA S 637 -33.55 -26.67 -57.13
C ALA S 637 -32.35 -25.90 -56.56
N PRO S 638 -32.58 -24.87 -55.72
CA PRO S 638 -31.39 -24.21 -55.16
C PRO S 638 -30.61 -25.13 -54.22
N ALA S 639 -29.29 -25.09 -54.31
CA ALA S 639 -28.44 -25.93 -53.48
C ALA S 639 -27.27 -25.16 -52.90
N ASP S 640 -26.43 -25.84 -52.13
CA ASP S 640 -25.26 -25.23 -51.51
C ASP S 640 -24.03 -25.34 -52.40
N MET S 641 -24.22 -25.88 -53.60
CA MET S 641 -23.13 -26.10 -54.54
C MET S 641 -22.40 -24.80 -54.89
N GLY S 642 -23.14 -23.69 -54.90
CA GLY S 642 -22.55 -22.40 -55.21
C GLY S 642 -21.73 -21.84 -54.08
N ALA S 643 -21.87 -22.42 -52.90
CA ALA S 643 -21.16 -21.95 -51.71
C ALA S 643 -19.86 -22.72 -51.48
N HIS S 644 -19.58 -23.70 -52.34
CA HIS S 644 -18.37 -24.51 -52.21
C HIS S 644 -17.15 -23.82 -52.81
N GLN S 645 -16.00 -24.48 -52.71
CA GLN S 645 -14.76 -23.94 -53.23
C GLN S 645 -14.47 -24.44 -54.63
N GLY S 646 -15.35 -25.28 -55.16
CA GLY S 646 -15.19 -25.85 -56.48
C GLY S 646 -15.29 -24.80 -57.57
N VAL S 647 -14.41 -24.89 -58.57
CA VAL S 647 -14.39 -23.92 -59.66
C VAL S 647 -15.54 -24.16 -60.64
N ALA S 648 -15.78 -25.42 -60.99
CA ALA S 648 -16.82 -25.75 -61.96
C ALA S 648 -18.13 -26.14 -61.27
N VAL S 649 -18.11 -26.20 -59.95
CA VAL S 649 -19.30 -26.56 -59.18
C VAL S 649 -20.32 -25.43 -59.22
N LEU S 650 -19.84 -24.20 -59.08
CA LEU S 650 -20.68 -23.02 -59.23
C LEU S 650 -21.26 -22.98 -60.64
N GLY S 651 -20.49 -23.51 -61.60
CA GLY S 651 -20.97 -23.64 -62.96
C GLY S 651 -21.99 -24.76 -63.09
N ILE S 652 -21.80 -25.81 -62.30
CA ILE S 652 -22.77 -26.90 -62.25
C ILE S 652 -24.13 -26.39 -61.80
N ALA S 653 -24.14 -25.62 -60.72
CA ALA S 653 -25.37 -25.01 -60.22
C ALA S 653 -25.90 -23.99 -61.22
N LEU S 654 -24.97 -23.27 -61.86
CA LEU S 654 -25.30 -22.25 -62.84
C LEU S 654 -26.11 -22.84 -63.99
N ILE S 655 -25.72 -24.03 -64.44
CA ILE S 655 -26.46 -24.74 -65.47
C ILE S 655 -27.73 -25.34 -64.86
N ALA S 656 -27.62 -25.75 -63.59
CA ALA S 656 -28.72 -26.39 -62.89
C ALA S 656 -29.87 -25.42 -62.59
N MET S 657 -29.65 -24.13 -62.85
CA MET S 657 -30.69 -23.12 -62.71
C MET S 657 -31.93 -23.49 -63.52
N GLY S 658 -31.72 -24.02 -64.72
CA GLY S 658 -32.82 -24.53 -65.52
C GLY S 658 -33.30 -23.65 -66.65
N GLU S 659 -34.22 -24.17 -67.44
CA GLU S 659 -34.82 -23.45 -68.55
C GLU S 659 -36.11 -22.75 -68.12
N GLU S 660 -36.41 -22.80 -66.83
CA GLU S 660 -37.69 -22.36 -66.30
C GLU S 660 -37.84 -20.84 -66.29
N ILE S 661 -38.92 -20.37 -65.65
CA ILE S 661 -39.31 -18.96 -65.67
C ILE S 661 -38.20 -18.01 -65.21
N GLY S 662 -37.28 -18.49 -64.40
CA GLY S 662 -36.19 -17.65 -63.93
C GLY S 662 -36.65 -16.54 -63.01
N ALA S 663 -37.30 -16.91 -61.91
CA ALA S 663 -37.86 -15.93 -60.97
C ALA S 663 -36.75 -15.20 -60.20
N GLU S 664 -37.18 -14.35 -59.27
CA GLU S 664 -36.27 -13.48 -58.52
C GLU S 664 -35.14 -14.24 -57.82
N MET S 665 -35.40 -15.48 -57.44
CA MET S 665 -34.37 -16.32 -56.82
C MET S 665 -33.30 -16.69 -57.84
N ALA S 666 -33.76 -17.13 -59.01
CA ALA S 666 -32.85 -17.48 -60.10
C ALA S 666 -32.03 -16.27 -60.53
N LEU S 667 -32.69 -15.12 -60.63
CA LEU S 667 -32.02 -13.88 -60.98
C LEU S 667 -31.00 -13.50 -59.91
N ARG S 668 -31.34 -13.80 -58.66
CA ARG S 668 -30.44 -13.54 -57.54
C ARG S 668 -29.19 -14.42 -57.66
N THR S 669 -29.38 -15.65 -58.13
CA THR S 669 -28.27 -16.57 -58.32
C THR S 669 -27.38 -16.13 -59.49
N PHE S 670 -28.01 -15.74 -60.59
CA PHE S 670 -27.28 -15.27 -61.77
C PHE S 670 -26.53 -13.98 -61.48
N GLY S 671 -27.06 -13.17 -60.56
CA GLY S 671 -26.41 -11.93 -60.18
C GLY S 671 -25.08 -12.18 -59.48
N HIS S 672 -25.06 -13.22 -58.64
CA HIS S 672 -23.84 -13.59 -57.92
C HIS S 672 -22.89 -14.38 -58.81
N LEU S 673 -23.46 -15.14 -59.75
CA LEU S 673 -22.66 -15.99 -60.63
C LEU S 673 -22.21 -15.27 -61.89
N LEU S 674 -22.59 -14.00 -62.01
CA LEU S 674 -22.21 -13.20 -63.17
C LEU S 674 -20.73 -12.83 -63.12
N ARG S 675 -20.30 -12.33 -61.97
CA ARG S 675 -18.91 -11.89 -61.80
C ARG S 675 -18.02 -13.03 -61.32
N TYR S 676 -16.99 -13.34 -62.11
CA TYR S 676 -16.04 -14.38 -61.75
C TYR S 676 -14.70 -14.14 -62.44
N GLY S 677 -13.65 -14.76 -61.94
CA GLY S 677 -12.31 -14.54 -62.46
C GLY S 677 -11.93 -15.46 -63.61
N GLU S 678 -12.60 -16.60 -63.70
CA GLU S 678 -12.33 -17.56 -64.76
C GLU S 678 -13.17 -17.30 -66.00
N PRO S 679 -12.58 -17.42 -67.19
CA PRO S 679 -13.27 -17.18 -68.46
C PRO S 679 -14.32 -18.25 -68.75
N THR S 680 -14.15 -19.44 -68.19
CA THR S 680 -15.09 -20.53 -68.40
C THR S 680 -16.44 -20.23 -67.76
N LEU S 681 -16.41 -19.69 -66.55
CA LEU S 681 -17.63 -19.31 -65.85
C LEU S 681 -18.28 -18.09 -66.49
N ARG S 682 -17.44 -17.14 -66.89
CA ARG S 682 -17.91 -15.92 -67.56
C ARG S 682 -18.57 -16.26 -68.89
N ARG S 683 -18.11 -17.34 -69.52
CA ARG S 683 -18.72 -17.85 -70.74
C ARG S 683 -19.91 -18.75 -70.42
N ALA S 684 -19.97 -19.22 -69.17
CA ALA S 684 -21.03 -20.12 -68.75
C ALA S 684 -22.32 -19.38 -68.43
N VAL S 685 -22.19 -18.23 -67.77
CA VAL S 685 -23.37 -17.50 -67.29
C VAL S 685 -24.31 -16.94 -68.38
N PRO S 686 -23.79 -16.33 -69.47
CA PRO S 686 -24.76 -15.68 -70.36
C PRO S 686 -25.66 -16.66 -71.11
N LEU S 687 -25.16 -17.87 -71.35
CA LEU S 687 -25.93 -18.89 -72.06
C LEU S 687 -27.12 -19.34 -71.22
N ALA S 688 -26.85 -19.63 -69.94
CA ALA S 688 -27.90 -20.06 -69.03
C ALA S 688 -28.87 -18.91 -68.73
N LEU S 689 -28.33 -17.70 -68.67
CA LEU S 689 -29.15 -16.52 -68.41
C LEU S 689 -30.09 -16.25 -69.58
N ALA S 690 -29.60 -16.51 -70.80
CA ALA S 690 -30.39 -16.30 -72.00
C ALA S 690 -31.40 -17.44 -72.20
N LEU S 691 -31.04 -18.63 -71.73
CA LEU S 691 -31.91 -19.79 -71.85
C LEU S 691 -33.02 -19.77 -70.80
N ILE S 692 -32.74 -19.15 -69.65
CA ILE S 692 -33.72 -19.10 -68.57
C ILE S 692 -34.64 -17.89 -68.71
N SER S 693 -34.30 -17.00 -69.63
CA SER S 693 -35.08 -15.77 -69.82
C SER S 693 -35.56 -15.63 -71.26
N VAL S 694 -36.87 -15.60 -71.45
CA VAL S 694 -37.45 -15.45 -72.78
C VAL S 694 -38.81 -14.78 -72.72
N SER S 709 -36.07 -4.52 -68.83
CA SER S 709 -34.67 -4.18 -68.67
C SER S 709 -33.94 -5.22 -67.81
N HIS S 710 -34.72 -6.06 -67.14
CA HIS S 710 -34.15 -7.13 -66.33
C HIS S 710 -33.42 -8.16 -67.18
N ASP S 711 -33.86 -8.30 -68.43
CA ASP S 711 -33.20 -9.18 -69.38
C ASP S 711 -31.94 -8.52 -69.92
N ALA S 712 -31.98 -7.20 -70.05
CA ALA S 712 -30.86 -6.44 -70.58
C ALA S 712 -29.91 -5.98 -69.48
N ASP S 713 -30.30 -6.18 -68.22
CA ASP S 713 -29.47 -5.80 -67.09
C ASP S 713 -28.14 -6.57 -67.03
N PRO S 714 -28.18 -7.91 -67.17
CA PRO S 714 -26.89 -8.59 -67.20
C PRO S 714 -26.08 -8.24 -68.45
N GLU S 715 -26.77 -7.81 -69.50
CA GLU S 715 -26.12 -7.40 -70.74
C GLU S 715 -25.33 -6.12 -70.53
N VAL S 716 -25.98 -5.12 -69.92
CA VAL S 716 -25.32 -3.87 -69.56
C VAL S 716 -24.20 -4.15 -68.57
N SER S 717 -24.41 -5.15 -67.71
CA SER S 717 -23.39 -5.58 -66.78
C SER S 717 -22.17 -6.12 -67.52
N TYR S 718 -22.41 -6.87 -68.59
CA TYR S 718 -21.34 -7.38 -69.43
C TYR S 718 -20.62 -6.23 -70.12
N ASN S 719 -21.38 -5.22 -70.51
CA ASN S 719 -20.80 -4.03 -71.13
C ASN S 719 -19.93 -3.27 -70.13
N SER S 720 -20.27 -3.38 -68.85
CA SER S 720 -19.52 -2.73 -67.79
C SER S 720 -18.25 -3.49 -67.47
N ILE S 721 -18.34 -4.82 -67.45
CA ILE S 721 -17.18 -5.67 -67.19
C ILE S 721 -16.17 -5.58 -68.32
N PHE S 722 -16.66 -5.67 -69.56
CA PHE S 722 -15.80 -5.60 -70.73
C PHE S 722 -15.34 -4.17 -71.00
N ALA S 723 -16.28 -3.32 -71.37
CA ALA S 723 -15.97 -1.93 -71.66
C ALA S 723 -16.16 -1.05 -70.43
N ALA S 734 -13.86 -10.19 -73.55
CA ALA S 734 -13.10 -10.23 -74.79
C ALA S 734 -14.00 -10.46 -75.99
N ARG S 735 -13.47 -11.12 -77.01
CA ARG S 735 -14.23 -11.42 -78.22
C ARG S 735 -15.32 -12.44 -77.95
N LEU S 736 -15.00 -13.45 -77.15
CA LEU S 736 -15.97 -14.45 -76.72
C LEU S 736 -17.12 -13.80 -75.98
N ALA S 737 -16.79 -12.84 -75.13
CA ALA S 737 -17.78 -12.12 -74.34
C ALA S 737 -18.76 -11.37 -75.24
N ALA S 738 -18.23 -10.71 -76.27
CA ALA S 738 -19.05 -9.95 -77.20
C ALA S 738 -19.94 -10.86 -78.04
N MET S 739 -19.33 -11.88 -78.64
CA MET S 739 -20.06 -12.84 -79.46
C MET S 739 -21.20 -13.47 -78.67
N LEU S 740 -20.90 -13.87 -77.44
CA LEU S 740 -21.87 -14.57 -76.61
C LEU S 740 -22.93 -13.63 -76.03
N ARG S 741 -22.57 -12.36 -75.82
CA ARG S 741 -23.53 -11.41 -75.27
C ARG S 741 -24.50 -10.95 -76.35
N GLN S 742 -24.04 -10.92 -77.60
CA GLN S 742 -24.94 -10.64 -78.72
C GLN S 742 -25.81 -11.87 -78.98
N LEU S 743 -25.18 -13.03 -78.93
CA LEU S 743 -25.89 -14.31 -79.06
C LEU S 743 -27.01 -14.40 -78.02
N ALA S 744 -26.73 -13.89 -76.82
CA ALA S 744 -27.71 -13.87 -75.75
C ALA S 744 -28.76 -12.77 -75.99
N GLN S 745 -28.31 -11.66 -76.56
CA GLN S 745 -29.21 -10.56 -76.91
C GLN S 745 -30.32 -11.03 -77.83
N TYR S 746 -29.96 -11.88 -78.80
CA TYR S 746 -30.97 -12.42 -79.70
C TYR S 746 -31.48 -13.79 -79.25
N HIS S 747 -30.92 -14.31 -78.15
CA HIS S 747 -31.48 -15.49 -77.50
C HIS S 747 -32.60 -15.09 -76.55
N ALA S 748 -32.65 -13.80 -76.22
CA ALA S 748 -33.69 -13.28 -75.34
C ALA S 748 -35.00 -13.13 -76.10
N LYS S 749 -35.02 -12.23 -77.08
CA LYS S 749 -36.21 -12.00 -77.90
C LYS S 749 -36.12 -12.76 -79.22
N LYS S 768 -42.05 -34.46 -70.83
CA LYS S 768 -40.62 -34.19 -70.90
C LYS S 768 -40.05 -34.58 -72.26
N GLY S 769 -40.21 -33.69 -73.24
CA GLY S 769 -39.72 -33.92 -74.58
C GLY S 769 -38.21 -33.98 -74.64
N THR S 770 -37.68 -35.06 -75.20
CA THR S 770 -36.23 -35.25 -75.29
C THR S 770 -35.63 -34.34 -76.37
N LEU S 771 -36.48 -33.89 -77.29
CA LEU S 771 -36.06 -33.03 -78.40
C LEU S 771 -35.36 -31.77 -77.90
N THR S 772 -35.87 -31.19 -76.82
CA THR S 772 -35.24 -30.02 -76.22
C THR S 772 -34.23 -30.40 -75.15
N LEU S 773 -34.21 -31.67 -74.78
CA LEU S 773 -33.27 -32.16 -73.77
C LEU S 773 -31.88 -32.41 -74.34
N CYS S 774 -31.84 -32.99 -75.54
CA CYS S 774 -30.58 -33.37 -76.18
C CYS S 774 -29.60 -32.21 -76.46
N PRO S 775 -30.05 -31.12 -77.10
CA PRO S 775 -29.08 -30.11 -77.55
C PRO S 775 -28.22 -29.48 -76.45
N TYR S 776 -28.82 -29.06 -75.35
CA TYR S 776 -28.06 -28.39 -74.30
C TYR S 776 -27.27 -29.38 -73.45
N HIS S 777 -27.83 -30.57 -73.27
CA HIS S 777 -27.16 -31.64 -72.55
C HIS S 777 -25.89 -32.03 -73.30
N SER S 778 -25.94 -31.94 -74.63
CA SER S 778 -24.78 -32.17 -75.46
C SER S 778 -23.95 -30.89 -75.58
N ASP S 779 -24.53 -29.77 -75.17
CA ASP S 779 -23.86 -28.48 -75.22
C ASP S 779 -23.14 -28.20 -73.90
N ARG S 780 -23.23 -29.15 -72.97
CA ARG S 780 -22.46 -29.06 -71.74
C ARG S 780 -20.99 -29.37 -72.02
N GLN S 781 -20.71 -29.81 -73.24
CA GLN S 781 -19.36 -30.12 -73.70
C GLN S 781 -18.74 -28.91 -74.39
N LEU S 782 -19.42 -27.77 -74.29
CA LEU S 782 -19.10 -26.55 -75.03
C LEU S 782 -17.63 -26.14 -74.95
N MET S 783 -16.94 -26.49 -73.87
CA MET S 783 -15.52 -26.20 -73.78
C MET S 783 -14.74 -27.20 -74.62
N SER S 784 -14.05 -26.68 -75.64
CA SER S 784 -13.43 -27.49 -76.68
C SER S 784 -12.75 -26.59 -77.71
N GLN S 785 -12.13 -27.22 -78.71
CA GLN S 785 -11.53 -26.49 -79.83
C GLN S 785 -12.58 -25.64 -80.52
N VAL S 786 -12.16 -24.50 -81.08
CA VAL S 786 -13.06 -23.53 -81.68
C VAL S 786 -13.79 -24.05 -82.92
N ALA S 787 -13.39 -25.23 -83.40
CA ALA S 787 -14.00 -25.81 -84.60
C ALA S 787 -15.42 -26.32 -84.34
N VAL S 788 -15.82 -26.35 -83.09
CA VAL S 788 -17.16 -26.82 -82.71
C VAL S 788 -18.17 -25.68 -82.78
N ALA S 789 -17.66 -24.46 -82.95
CA ALA S 789 -18.51 -23.27 -83.02
C ALA S 789 -19.51 -23.34 -84.17
N GLY S 790 -19.13 -24.04 -85.23
CA GLY S 790 -20.03 -24.26 -86.36
C GLY S 790 -21.10 -25.28 -86.02
N LEU S 791 -20.80 -26.14 -85.07
CA LEU S 791 -21.74 -27.17 -84.62
C LEU S 791 -22.52 -26.67 -83.40
N LEU S 792 -22.25 -25.43 -82.99
CA LEU S 792 -22.93 -24.84 -81.86
C LEU S 792 -24.31 -24.32 -82.26
N THR S 793 -24.48 -24.02 -83.55
CA THR S 793 -25.70 -23.39 -84.04
C THR S 793 -26.75 -24.39 -84.53
N VAL S 794 -26.48 -25.68 -84.39
CA VAL S 794 -27.40 -26.69 -84.88
C VAL S 794 -28.40 -27.15 -83.82
N LEU S 795 -28.36 -26.51 -82.66
CA LEU S 795 -29.26 -26.84 -81.56
C LEU S 795 -30.72 -26.65 -81.94
N VAL S 796 -31.53 -27.69 -81.74
CA VAL S 796 -32.94 -27.65 -82.12
C VAL S 796 -33.81 -27.26 -80.92
N SER S 797 -33.19 -27.08 -79.77
CA SER S 797 -33.91 -26.76 -78.54
C SER S 797 -34.45 -25.33 -78.55
N PHE S 798 -33.95 -24.51 -79.47
CA PHE S 798 -34.36 -23.12 -79.54
C PHE S 798 -35.60 -22.95 -80.40
N LEU S 799 -36.67 -22.43 -79.80
CA LEU S 799 -37.92 -22.21 -80.50
C LEU S 799 -38.00 -20.80 -81.07
ZN ZN T . 14.73 5.32 -27.89
#